data_3JBT
#
_entry.id   3JBT
#
_cell.length_a   1.00
_cell.length_b   1.00
_cell.length_c   1.00
_cell.angle_alpha   90
_cell.angle_beta   90
_cell.angle_gamma   90
#
_symmetry.space_group_name_H-M   'P 1'
#
loop_
_entity.id
_entity.type
_entity.pdbx_description
1 polymer 'Apoptotic protease-activating factor 1'
2 polymer 'Cytochrome c'
3 non-polymer "2'-DEOXYADENOSINE 5'-TRIPHOSPHATE"
4 non-polymer 'MAGNESIUM ION'
5 non-polymer 'PROTOPORPHYRIN IX CONTAINING FE'
#
loop_
_entity_poly.entity_id
_entity_poly.type
_entity_poly.pdbx_seq_one_letter_code
_entity_poly.pdbx_strand_id
1 'polypeptide(L)'
;MDAKARNCLLQHREALEKDIKTSYIMDHMISDGFLTISEEEKVRNEPTQQQRAAMLIKMILKKDNDSYVSFYNALLHEGY
KDLAALLHDGIPVVSSSSGKDSVSGITSYVRTVLCEGGVPQRPVVFVTRKKLVNAIQQKLSKLKGEPGWVTIHGMAGCGK
SVLAAEAVRDHSLLEGCFPGGVHWVSVGKQDKSGLLMKLQNLCTRLDQDESFSQRLPLNIEEAKDRLRILMLRKHPRSLL
ILDDVWDSWVLKAFDSQCQILLTTRDKSVTDSVMGPKYVVPVESSLGKEKGLEILSLFVNMKKADLPEQAHSIIKECKGS
PLVVSLIGALLRDFPNRWEYYLKQLQNKQFKRIRKSSSYDYEALDEAMSISVEMLREDIKDYYTDLSILQKDVKVPTKVL
CILWDMETEEVEDILQEFVNKSLLFCDRNGKSFRYYLHDLQVDFLTEKNCSQLQDLHKKIITQFQRYHQPHTLSPDQEDC
MYWYNFLAYHMASAKMHKELCALMFSLDWIKAKTELVGPAHLIHEFVEYRHILDEKDCAVSENFQEFLSLNGHLLGRQPF
PNIVQLGLCEPETSEVYQQAKLQAKQEVDNGMLYLEWINKKNITNLSRLVVRPHTDAVYHACFSEDGQRIASCGADKTLQ
VFKAETGEKLLEIKAHEDEVLCCAFSTDDRFIATCSVDKKVKIWNSMTGELVHTYDEHSEQVNCCHFTNSSHHLLLATGS
SDCFLKLWDLNQKECRNTMFGHTNSVNHCRFSPDDKLLASCSADGTLKLWDATSANERKSINVKQFFLNLEDPQEDMEVI
VKCCSWSADGARIMVAAKNKIFLFDIHTSGLLGEIHTGHHSTIQYCDFSPQNHLAVVALSQYCVELWNTDSRSKVADCRG
HLSWVHGVMFSPDGSSFLTSSDDQTIRLWETKKVCKNSAVMLKQEVDVVFQENEVMVLAVDHIRRLQLINGRTGQIDYLT
EAQVSCCCLSPHLQYIAFGDENGAIEILELVNNRIFQSRFQHKKTVWHIQFTADEKTLISSSDDAEIQVWNWQLDKCIFL
RGHQETVKDFRLLKNSRLLSWSFDGTVKVWNIITGNKEKDFVCHQGTVLSCDISHDATKFSSTSADKTAKIWSFDLLLPL
HELRGHNGCVRCSAFSVDSTLLATGDDNGEIRIWNVSNGELLHLCAPLSEEGAATHGGWVTDLCFSPDGKMLISAGGYIK
WWNVVTGESSQTFYTNGTNLKKIHVSPDFKTYVTVDNLGILYILQTLELEHHHHHHHHHH
;
A,C,E,G,I,K,M
2 'polypeptide(L)'
;MGDVEKGKKIFVQKCAQCHTVEKGGKHKTGPNLHGLFGRKTGQAPGFTYTDANKNKGITWKEETLMEYLENPKKYIPGTK
MIFAGIKKKTEREDLIAYLKKATNE
;
B,D,F,H,J,L,N
#
# COMPACT_ATOMS: atom_id res chain seq x y z
N GLY A 105 -25.39 -0.46 -51.56
CA GLY A 105 -25.45 -1.87 -51.25
C GLY A 105 -24.28 -2.34 -50.42
N ILE A 106 -24.49 -2.42 -49.11
CA ILE A 106 -23.45 -2.91 -48.21
C ILE A 106 -23.14 -4.38 -48.48
N THR A 107 -21.87 -4.71 -48.61
CA THR A 107 -21.47 -6.11 -48.67
C THR A 107 -21.60 -6.68 -47.26
N SER A 108 -21.80 -7.99 -47.14
CA SER A 108 -21.88 -8.60 -45.83
C SER A 108 -20.53 -8.38 -45.14
N TYR A 109 -19.47 -8.54 -45.92
CA TYR A 109 -18.12 -8.41 -45.41
C TYR A 109 -17.86 -7.02 -44.85
N VAL A 110 -18.32 -6.00 -45.55
CA VAL A 110 -18.10 -4.64 -45.10
C VAL A 110 -18.55 -4.48 -43.66
N ARG A 111 -19.72 -5.01 -43.35
CA ARG A 111 -20.28 -4.93 -42.01
C ARG A 111 -19.39 -5.64 -41.00
N THR A 112 -18.78 -6.73 -41.43
CA THR A 112 -17.91 -7.51 -40.57
C THR A 112 -16.65 -6.72 -40.22
N VAL A 113 -16.06 -6.04 -41.20
CA VAL A 113 -14.91 -5.19 -40.90
C VAL A 113 -15.32 -4.01 -40.01
N LEU A 114 -16.45 -3.43 -40.36
CA LEU A 114 -16.96 -2.27 -39.67
C LEU A 114 -17.29 -2.57 -38.23
N CYS A 115 -17.82 -3.76 -37.96
CA CYS A 115 -18.16 -4.12 -36.60
C CYS A 115 -16.90 -4.15 -35.75
N GLU A 116 -15.83 -4.71 -36.31
CA GLU A 116 -14.57 -4.79 -35.61
C GLU A 116 -14.05 -3.39 -35.36
N GLY A 117 -14.21 -2.53 -36.34
CA GLY A 117 -13.79 -1.15 -36.22
C GLY A 117 -14.52 -0.42 -35.11
N GLY A 118 -15.81 -0.68 -34.99
CA GLY A 118 -16.62 -0.03 -33.97
C GLY A 118 -17.32 1.26 -34.33
N VAL A 119 -17.22 1.69 -35.58
CA VAL A 119 -18.02 2.81 -36.06
C VAL A 119 -19.50 2.54 -35.82
N PRO A 120 -20.23 3.58 -35.39
CA PRO A 120 -21.68 3.41 -35.24
C PRO A 120 -22.34 3.10 -36.56
N GLN A 121 -23.41 2.31 -36.53
CA GLN A 121 -24.22 2.08 -37.72
C GLN A 121 -25.06 3.33 -37.98
N ARG A 122 -25.25 3.67 -39.25
CA ARG A 122 -25.98 4.88 -39.62
C ARG A 122 -27.41 4.85 -39.08
N PRO A 123 -27.93 6.01 -38.70
CA PRO A 123 -29.29 6.08 -38.17
C PRO A 123 -30.25 5.55 -39.22
N VAL A 124 -31.30 4.86 -38.76
CA VAL A 124 -32.24 4.23 -39.68
C VAL A 124 -32.90 5.29 -40.57
N VAL A 125 -33.09 6.49 -40.03
CA VAL A 125 -33.68 7.56 -40.83
C VAL A 125 -32.64 8.49 -41.42
N PHE A 126 -31.96 8.05 -42.49
CA PHE A 126 -30.90 8.87 -43.10
C PHE A 126 -31.13 9.14 -44.58
N VAL A 127 -30.39 10.10 -45.14
CA VAL A 127 -30.51 10.39 -46.55
C VAL A 127 -29.17 10.75 -47.15
N THR A 128 -28.64 9.83 -47.95
CA THR A 128 -27.31 9.98 -48.54
C THR A 128 -27.03 11.39 -49.03
N ARG A 129 -25.77 11.78 -49.03
CA ARG A 129 -25.40 13.06 -49.60
C ARG A 129 -24.36 12.65 -50.59
N LYS A 130 -24.80 12.23 -51.76
CA LYS A 130 -23.91 11.51 -52.63
C LYS A 130 -22.72 12.36 -52.97
N LYS A 131 -22.94 13.63 -53.31
CA LYS A 131 -21.83 14.45 -53.77
C LYS A 131 -20.81 14.57 -52.66
N LEU A 132 -21.26 14.88 -51.45
CA LEU A 132 -20.32 15.07 -50.36
C LEU A 132 -19.58 13.80 -50.02
N VAL A 133 -20.30 12.69 -49.97
CA VAL A 133 -19.66 11.44 -49.57
C VAL A 133 -18.62 11.11 -50.60
N ASN A 134 -18.97 11.36 -51.85
CA ASN A 134 -18.10 11.06 -52.96
C ASN A 134 -16.85 11.89 -52.86
N ALA A 135 -17.02 13.16 -52.47
CA ALA A 135 -15.85 14.01 -52.42
C ALA A 135 -14.92 13.53 -51.34
N ILE A 136 -15.45 13.24 -50.16
CA ILE A 136 -14.55 12.86 -49.07
C ILE A 136 -13.83 11.60 -49.51
N GLN A 137 -14.60 10.65 -50.04
CA GLN A 137 -14.07 9.34 -50.39
C GLN A 137 -12.98 9.42 -51.45
N GLN A 138 -13.18 10.28 -52.44
CA GLN A 138 -12.21 10.40 -53.51
C GLN A 138 -10.97 11.06 -52.96
N LYS A 139 -11.19 12.10 -52.16
CA LYS A 139 -10.10 12.75 -51.47
C LYS A 139 -9.52 11.78 -50.49
N LEU A 140 -10.38 11.03 -49.82
CA LEU A 140 -9.88 10.17 -48.77
C LEU A 140 -8.97 9.16 -49.42
N SER A 141 -9.27 8.86 -50.67
CA SER A 141 -8.49 7.93 -51.47
C SER A 141 -7.08 8.46 -51.72
N LYS A 142 -6.97 9.78 -51.67
CA LYS A 142 -5.80 10.50 -52.17
C LYS A 142 -4.50 10.14 -51.47
N LEU A 143 -4.55 10.00 -50.16
CA LEU A 143 -3.34 9.63 -49.43
C LEU A 143 -3.23 8.12 -49.53
N LYS A 144 -2.94 7.65 -50.73
CA LYS A 144 -2.89 6.21 -50.98
C LYS A 144 -1.92 5.53 -50.01
N GLY A 145 -0.85 6.24 -49.67
CA GLY A 145 0.14 5.73 -48.75
C GLY A 145 0.84 6.88 -48.06
N GLU A 146 1.69 6.55 -47.09
CA GLU A 146 2.40 7.58 -46.34
C GLU A 146 1.40 8.38 -45.51
N PRO A 147 1.81 8.75 -44.30
CA PRO A 147 0.95 9.48 -43.37
C PRO A 147 -0.01 10.45 -44.09
N GLY A 148 -0.83 11.15 -43.30
CA GLY A 148 -1.77 12.10 -43.87
C GLY A 148 -2.99 12.30 -42.98
N TRP A 149 -3.46 13.55 -42.91
CA TRP A 149 -4.61 13.88 -42.09
C TRP A 149 -5.69 14.57 -42.91
N VAL A 150 -6.95 14.25 -42.60
CA VAL A 150 -8.09 14.85 -43.30
C VAL A 150 -8.92 15.50 -42.21
N THR A 151 -9.38 16.75 -42.38
CA THR A 151 -10.18 17.46 -41.37
C THR A 151 -11.54 17.67 -42.03
N ILE A 152 -12.66 17.48 -41.33
CA ILE A 152 -13.97 17.78 -41.91
C ILE A 152 -14.65 18.75 -40.96
N HIS A 153 -15.21 19.89 -41.39
CA HIS A 153 -15.88 20.78 -40.40
C HIS A 153 -17.11 21.58 -40.75
N GLY A 154 -17.91 21.92 -39.75
CA GLY A 154 -19.16 22.59 -39.96
C GLY A 154 -19.68 23.18 -38.68
N MET A 155 -20.67 24.06 -38.79
CA MET A 155 -21.30 24.60 -37.60
C MET A 155 -22.03 23.42 -37.03
N ALA A 156 -22.38 23.48 -35.75
CA ALA A 156 -22.83 22.31 -35.05
C ALA A 156 -24.04 21.66 -35.70
N GLY A 157 -23.95 20.35 -35.83
CA GLY A 157 -24.98 19.51 -36.39
C GLY A 157 -25.15 19.70 -37.87
N CYS A 158 -24.07 19.43 -38.61
CA CYS A 158 -24.08 19.57 -40.06
C CYS A 158 -23.99 18.23 -40.79
N GLY A 159 -24.14 17.15 -40.05
CA GLY A 159 -23.97 15.82 -40.60
C GLY A 159 -22.52 15.40 -40.65
N LYS A 160 -21.69 16.05 -39.84
CA LYS A 160 -20.26 15.81 -39.87
C LYS A 160 -19.85 14.38 -39.53
N SER A 161 -20.38 13.79 -38.47
CA SER A 161 -20.04 12.39 -38.17
C SER A 161 -20.63 11.40 -39.14
N VAL A 162 -21.89 11.61 -39.47
CA VAL A 162 -22.60 10.62 -40.26
C VAL A 162 -21.88 10.48 -41.57
N LEU A 163 -21.40 11.58 -42.11
CA LEU A 163 -20.66 11.50 -43.36
C LEU A 163 -19.43 10.65 -43.15
N ALA A 164 -18.75 10.84 -42.03
CA ALA A 164 -17.54 10.08 -41.79
C ALA A 164 -17.89 8.62 -41.74
N ALA A 165 -18.96 8.29 -41.05
CA ALA A 165 -19.41 6.91 -40.97
C ALA A 165 -19.84 6.43 -42.34
N GLU A 166 -20.57 7.27 -43.05
CA GLU A 166 -21.08 6.96 -44.38
C GLU A 166 -20.00 6.76 -45.45
N ALA A 167 -18.98 7.63 -45.44
CA ALA A 167 -17.92 7.55 -46.43
C ALA A 167 -17.26 6.18 -46.40
N VAL A 168 -16.99 5.68 -45.20
CA VAL A 168 -16.30 4.41 -45.06
C VAL A 168 -17.29 3.27 -45.24
N ARG A 169 -18.58 3.62 -45.25
CA ARG A 169 -19.64 2.62 -45.29
C ARG A 169 -19.59 1.76 -46.54
N ASP A 170 -19.14 2.39 -47.63
CA ASP A 170 -18.93 1.76 -48.94
C ASP A 170 -17.76 0.77 -49.02
N HIS A 171 -17.97 -0.31 -49.78
CA HIS A 171 -16.93 -1.30 -50.10
C HIS A 171 -15.75 -0.88 -50.99
N SER A 172 -16.01 -0.14 -52.06
CA SER A 172 -14.98 0.07 -53.08
C SER A 172 -13.74 0.79 -52.58
N LEU A 173 -13.95 1.96 -52.01
CA LEU A 173 -12.84 2.75 -51.51
C LEU A 173 -12.16 2.02 -50.38
N LEU A 174 -12.94 1.48 -49.47
CA LEU A 174 -12.38 0.79 -48.33
C LEU A 174 -11.64 -0.50 -48.65
N GLU A 175 -12.27 -1.37 -49.44
CA GLU A 175 -11.69 -2.69 -49.64
C GLU A 175 -10.40 -2.75 -50.43
N GLY A 176 -10.38 -2.10 -51.59
CA GLY A 176 -9.17 -2.10 -52.40
C GLY A 176 -8.08 -1.28 -51.75
N CYS A 177 -8.47 -0.10 -51.30
CA CYS A 177 -7.57 0.86 -50.67
C CYS A 177 -7.02 0.44 -49.32
N PHE A 178 -7.87 -0.15 -48.49
CA PHE A 178 -7.57 -0.22 -47.06
C PHE A 178 -7.49 -1.65 -46.50
N PRO A 179 -6.45 -2.38 -46.84
CA PRO A 179 -6.28 -3.74 -46.30
C PRO A 179 -6.34 -3.72 -44.77
N GLY A 180 -5.86 -2.65 -44.17
CA GLY A 180 -5.98 -2.49 -42.74
C GLY A 180 -7.40 -2.19 -42.36
N GLY A 181 -7.80 -2.55 -41.15
CA GLY A 181 -9.18 -2.41 -40.74
C GLY A 181 -9.31 -0.94 -40.42
N VAL A 182 -10.51 -0.46 -40.12
CA VAL A 182 -10.76 0.93 -39.72
C VAL A 182 -11.00 0.99 -38.22
N HIS A 183 -10.39 1.92 -37.51
CA HIS A 183 -10.63 2.04 -36.08
C HIS A 183 -11.21 3.41 -35.83
N TRP A 184 -12.23 3.51 -35.00
CA TRP A 184 -12.92 4.77 -34.77
C TRP A 184 -12.59 5.12 -33.34
N VAL A 185 -12.24 6.36 -33.03
CA VAL A 185 -12.09 6.73 -31.65
C VAL A 185 -12.96 7.92 -31.33
N SER A 186 -13.72 7.86 -30.25
CA SER A 186 -14.55 9.01 -29.89
C SER A 186 -13.84 9.94 -28.90
N VAL A 187 -13.06 10.88 -29.39
CA VAL A 187 -12.26 11.73 -28.51
C VAL A 187 -13.02 12.65 -27.56
N GLY A 188 -14.08 13.28 -28.01
CA GLY A 188 -14.81 14.21 -27.17
C GLY A 188 -13.96 15.40 -26.78
N LYS A 189 -14.19 15.95 -25.59
CA LYS A 189 -13.44 17.09 -25.07
C LYS A 189 -12.71 16.61 -23.81
N GLN A 190 -11.42 16.89 -23.67
CA GLN A 190 -10.72 16.23 -22.57
C GLN A 190 -9.66 17.07 -21.84
N ASP A 191 -9.65 16.94 -20.51
CA ASP A 191 -8.57 17.39 -19.65
C ASP A 191 -7.47 16.38 -19.86
N LYS A 192 -6.26 16.71 -19.43
CA LYS A 192 -5.10 15.90 -19.77
C LYS A 192 -5.26 14.48 -19.25
N SER A 193 -5.83 14.35 -18.06
CA SER A 193 -6.00 13.03 -17.45
C SER A 193 -6.98 12.19 -18.24
N GLY A 194 -8.07 12.80 -18.66
CA GLY A 194 -9.11 12.08 -19.38
C GLY A 194 -8.58 11.53 -20.68
N LEU A 195 -7.76 12.33 -21.35
CA LEU A 195 -7.22 11.97 -22.63
C LEU A 195 -6.39 10.71 -22.46
N LEU A 196 -5.74 10.61 -21.33
CA LEU A 196 -4.81 9.53 -21.13
C LEU A 196 -5.53 8.20 -21.25
N MET A 197 -6.72 8.10 -20.65
CA MET A 197 -7.43 6.84 -20.63
C MET A 197 -7.81 6.35 -22.02
N LYS A 198 -8.21 7.29 -22.88
CA LYS A 198 -8.67 6.91 -24.21
C LYS A 198 -7.53 6.20 -24.88
N LEU A 199 -6.32 6.67 -24.65
CA LEU A 199 -5.17 6.08 -25.28
C LEU A 199 -4.96 4.64 -24.85
N GLN A 200 -5.06 4.40 -23.56
CA GLN A 200 -4.88 3.06 -23.06
C GLN A 200 -5.98 2.20 -23.66
N ASN A 201 -7.20 2.73 -23.73
CA ASN A 201 -8.30 1.96 -24.24
C ASN A 201 -8.10 1.60 -25.69
N LEU A 202 -7.53 2.52 -26.46
CA LEU A 202 -7.20 2.23 -27.85
C LEU A 202 -6.09 1.18 -27.92
N CYS A 203 -5.22 1.20 -26.92
CA CYS A 203 -4.17 0.22 -26.82
C CYS A 203 -4.75 -1.17 -26.65
N THR A 204 -5.66 -1.29 -25.69
CA THR A 204 -6.32 -2.56 -25.43
C THR A 204 -7.13 -3.00 -26.63
N ARG A 205 -7.78 -2.05 -27.30
CA ARG A 205 -8.60 -2.43 -28.45
C ARG A 205 -7.78 -2.98 -29.60
N LEU A 206 -6.70 -2.28 -29.93
CA LEU A 206 -5.86 -2.65 -31.06
C LEU A 206 -5.12 -3.97 -30.89
N ASP A 207 -4.60 -4.18 -29.69
CA ASP A 207 -3.89 -5.41 -29.36
C ASP A 207 -4.84 -6.49 -28.88
N GLN A 208 -5.58 -7.10 -29.81
CA GLN A 208 -6.49 -8.17 -29.46
C GLN A 208 -5.75 -9.43 -29.02
N ASP A 209 -4.60 -9.68 -29.64
CA ASP A 209 -3.78 -10.85 -29.34
C ASP A 209 -3.27 -10.83 -27.92
N GLU A 210 -2.87 -9.64 -27.46
CA GLU A 210 -2.32 -9.47 -26.12
C GLU A 210 -0.83 -9.82 -26.06
N SER A 211 -0.23 -10.07 -27.21
CA SER A 211 1.18 -10.42 -27.26
C SER A 211 2.00 -9.32 -26.60
N PHE A 212 1.61 -8.07 -26.84
CA PHE A 212 2.26 -6.93 -26.23
C PHE A 212 1.94 -6.91 -24.75
N SER A 213 2.80 -6.26 -23.98
CA SER A 213 2.71 -6.28 -22.51
C SER A 213 1.31 -5.96 -22.01
N GLN A 214 0.81 -6.78 -21.10
CA GLN A 214 -0.49 -6.53 -20.49
C GLN A 214 -0.47 -5.23 -19.73
N ARG A 215 0.69 -4.88 -19.18
CA ARG A 215 0.84 -3.61 -18.48
C ARG A 215 0.57 -2.47 -19.45
N LEU A 216 -0.06 -1.41 -18.95
CA LEU A 216 -0.41 -0.28 -19.80
C LEU A 216 0.49 0.88 -19.44
N PRO A 217 0.85 1.70 -20.45
CA PRO A 217 1.71 2.86 -20.20
C PRO A 217 1.06 3.89 -19.28
N LEU A 218 1.85 4.50 -18.42
CA LEU A 218 1.36 5.60 -17.58
C LEU A 218 1.70 6.93 -18.23
N ASN A 219 2.42 6.87 -19.35
CA ASN A 219 2.87 8.04 -20.08
C ASN A 219 2.31 8.11 -21.50
N ILE A 220 1.84 9.30 -21.89
CA ILE A 220 1.16 9.49 -23.15
C ILE A 220 2.01 9.05 -24.32
N GLU A 221 3.27 9.47 -24.30
CA GLU A 221 4.21 9.17 -25.38
C GLU A 221 4.37 7.68 -25.59
N GLU A 222 4.45 6.95 -24.48
CA GLU A 222 4.63 5.50 -24.54
C GLU A 222 3.45 4.89 -25.27
N ALA A 223 2.27 5.44 -25.02
CA ALA A 223 1.06 5.02 -25.71
C ALA A 223 1.17 5.37 -27.19
N LYS A 224 1.81 6.50 -27.46
CA LYS A 224 2.03 6.93 -28.82
C LYS A 224 2.91 5.91 -29.53
N ASP A 225 3.87 5.37 -28.79
CA ASP A 225 4.78 4.35 -29.33
C ASP A 225 4.01 3.08 -29.62
N ARG A 226 3.18 2.65 -28.67
CA ARG A 226 2.37 1.46 -28.85
C ARG A 226 1.43 1.60 -30.04
N LEU A 227 0.96 2.82 -30.30
CA LEU A 227 0.06 3.04 -31.42
C LEU A 227 0.80 2.97 -32.73
N ARG A 228 1.93 3.67 -32.78
CA ARG A 228 2.72 3.78 -33.99
C ARG A 228 3.20 2.41 -34.40
N ILE A 229 3.71 1.67 -33.41
CA ILE A 229 4.27 0.35 -33.63
C ILE A 229 3.19 -0.63 -34.06
N LEU A 230 2.05 -0.54 -33.37
CA LEU A 230 0.88 -1.37 -33.69
C LEU A 230 0.32 -1.07 -35.08
N MET A 231 0.26 0.22 -35.41
CA MET A 231 -0.18 0.65 -36.73
C MET A 231 0.84 0.20 -37.78
N LEU A 232 2.11 0.30 -37.43
CA LEU A 232 3.19 -0.05 -38.34
C LEU A 232 3.26 -1.53 -38.69
N ARG A 233 3.11 -2.39 -37.70
CA ARG A 233 3.24 -3.83 -37.91
C ARG A 233 1.91 -4.57 -37.81
N LYS A 234 1.22 -4.39 -36.69
CA LYS A 234 -0.01 -5.12 -36.42
C LYS A 234 -1.11 -4.79 -37.42
N HIS A 235 -1.27 -3.52 -37.76
CA HIS A 235 -2.31 -3.18 -38.70
C HIS A 235 -1.80 -2.29 -39.82
N PRO A 236 -1.12 -2.83 -40.81
CA PRO A 236 -0.32 -2.00 -41.71
C PRO A 236 -1.09 -0.92 -42.47
N ARG A 237 -2.28 -1.24 -42.98
CA ARG A 237 -3.04 -0.31 -43.79
C ARG A 237 -4.31 0.17 -43.08
N SER A 238 -4.18 0.47 -41.79
CA SER A 238 -5.29 0.97 -41.01
C SER A 238 -5.53 2.47 -41.13
N LEU A 239 -6.80 2.86 -41.07
CA LEU A 239 -7.22 4.25 -41.01
C LEU A 239 -7.91 4.45 -39.66
N LEU A 240 -7.61 5.56 -38.99
CA LEU A 240 -8.18 5.92 -37.70
C LEU A 240 -9.10 7.12 -37.94
N ILE A 241 -10.30 7.15 -37.38
CA ILE A 241 -11.22 8.30 -37.52
C ILE A 241 -11.42 8.91 -36.14
N LEU A 242 -11.47 10.22 -36.01
CA LEU A 242 -11.73 10.77 -34.71
C LEU A 242 -13.02 11.54 -34.69
N ASP A 243 -13.59 11.68 -33.50
CA ASP A 243 -14.87 12.39 -33.35
C ASP A 243 -14.65 13.63 -32.50
N ASP A 244 -15.14 14.77 -32.99
CA ASP A 244 -14.85 16.03 -32.32
C ASP A 244 -13.35 16.31 -32.31
N VAL A 245 -12.83 16.57 -31.11
CA VAL A 245 -11.47 17.06 -30.90
C VAL A 245 -11.56 18.56 -30.71
N TRP A 246 -11.10 19.04 -29.57
CA TRP A 246 -11.18 20.47 -29.29
C TRP A 246 -9.88 21.19 -28.98
N ASP A 247 -8.76 20.48 -28.96
CA ASP A 247 -7.52 21.18 -28.72
C ASP A 247 -6.34 20.47 -29.35
N SER A 248 -5.31 21.23 -29.72
CA SER A 248 -4.21 20.65 -30.48
C SER A 248 -3.41 19.56 -29.76
N TRP A 249 -3.04 19.75 -28.50
CA TRP A 249 -2.19 18.73 -27.88
C TRP A 249 -2.79 17.35 -28.10
N VAL A 250 -4.10 17.30 -28.24
CA VAL A 250 -4.81 16.04 -28.41
C VAL A 250 -4.31 15.32 -29.66
N LEU A 251 -4.35 16.01 -30.80
CA LEU A 251 -3.80 15.45 -32.03
C LEU A 251 -2.29 15.31 -31.94
N LYS A 252 -1.68 16.10 -31.07
CA LYS A 252 -0.26 15.94 -30.87
C LYS A 252 -0.07 14.52 -30.36
N ALA A 253 -0.94 14.11 -29.45
CA ALA A 253 -0.88 12.79 -28.86
C ALA A 253 -1.09 11.68 -29.88
N PHE A 254 -2.01 11.89 -30.80
CA PHE A 254 -2.39 10.86 -31.76
C PHE A 254 -1.51 10.91 -32.99
N ASP A 255 -0.52 11.79 -32.97
CA ASP A 255 0.24 12.07 -34.17
C ASP A 255 1.25 10.97 -34.36
N SER A 256 0.74 9.85 -34.84
CA SER A 256 1.50 8.61 -34.92
C SER A 256 2.27 8.45 -36.22
N GLN A 257 2.10 9.40 -37.13
CA GLN A 257 2.76 9.32 -38.44
C GLN A 257 1.99 8.35 -39.32
N CYS A 258 0.85 7.90 -38.83
CA CYS A 258 -0.01 6.96 -39.54
C CYS A 258 -1.32 7.67 -39.76
N GLN A 259 -1.96 7.46 -40.89
CA GLN A 259 -3.09 8.29 -41.24
C GLN A 259 -4.15 8.21 -40.17
N ILE A 260 -4.64 9.37 -39.76
CA ILE A 260 -5.69 9.52 -38.81
C ILE A 260 -6.47 10.65 -39.44
N LEU A 261 -7.79 10.56 -39.49
CA LEU A 261 -8.60 11.67 -39.97
C LEU A 261 -9.47 12.15 -38.84
N LEU A 262 -9.50 13.45 -38.57
CA LEU A 262 -10.23 14.00 -37.43
C LEU A 262 -11.40 14.77 -37.98
N THR A 263 -12.59 14.60 -37.41
CA THR A 263 -13.74 15.34 -37.90
C THR A 263 -14.28 16.25 -36.79
N THR A 264 -14.57 17.51 -37.08
CA THR A 264 -14.77 18.46 -35.99
C THR A 264 -15.60 19.69 -36.19
N ARG A 265 -15.43 20.60 -35.23
CA ARG A 265 -15.88 21.99 -35.43
C ARG A 265 -14.83 23.09 -35.72
N ASP A 266 -13.73 23.08 -34.97
CA ASP A 266 -12.63 23.98 -35.24
C ASP A 266 -11.77 23.38 -36.33
N LYS A 267 -11.27 24.22 -37.22
CA LYS A 267 -10.37 23.79 -38.27
C LYS A 267 -8.95 24.20 -37.94
N SER A 268 -8.83 24.97 -36.86
CA SER A 268 -7.56 25.36 -36.29
C SER A 268 -6.84 24.17 -35.67
N VAL A 269 -7.59 23.14 -35.32
CA VAL A 269 -7.05 22.09 -34.48
C VAL A 269 -5.86 21.42 -35.13
N THR A 270 -5.95 21.08 -36.40
CA THR A 270 -4.85 20.40 -37.05
C THR A 270 -3.85 21.41 -37.58
N ASP A 271 -3.23 22.17 -36.69
CA ASP A 271 -2.16 23.06 -37.10
C ASP A 271 -0.83 22.62 -36.50
N SER A 272 -0.88 21.99 -35.35
CA SER A 272 0.30 21.43 -34.72
C SER A 272 0.88 20.32 -35.57
N VAL A 273 0.00 19.54 -36.18
CA VAL A 273 0.39 18.35 -36.93
C VAL A 273 1.17 18.66 -38.20
N MET A 274 1.91 17.65 -38.62
CA MET A 274 2.83 17.66 -39.76
C MET A 274 2.45 16.60 -40.77
N GLY A 275 2.65 16.89 -42.05
CA GLY A 275 2.25 16.00 -43.11
C GLY A 275 1.13 16.62 -43.90
N PRO A 276 0.81 16.06 -45.07
CA PRO A 276 -0.22 16.65 -45.92
C PRO A 276 -1.59 16.75 -45.25
N LYS A 277 -2.23 17.91 -45.28
CA LYS A 277 -3.56 18.05 -44.71
C LYS A 277 -4.57 18.56 -45.74
N TYR A 278 -5.74 17.93 -45.79
CA TYR A 278 -6.79 18.38 -46.68
C TYR A 278 -8.05 18.58 -45.87
N VAL A 279 -8.87 19.55 -46.22
CA VAL A 279 -10.12 19.75 -45.51
C VAL A 279 -11.30 19.75 -46.45
N VAL A 280 -12.35 19.02 -46.09
CA VAL A 280 -13.60 19.05 -46.83
C VAL A 280 -14.54 19.79 -45.91
N PRO A 281 -15.26 20.79 -46.40
CA PRO A 281 -15.93 21.67 -45.46
C PRO A 281 -17.40 21.48 -45.69
N VAL A 282 -18.12 21.09 -44.65
CA VAL A 282 -19.53 20.82 -44.80
C VAL A 282 -20.33 22.01 -44.32
N GLU A 283 -20.89 22.76 -45.26
CA GLU A 283 -21.84 23.82 -44.94
C GLU A 283 -23.13 23.17 -44.48
N SER A 284 -23.81 23.79 -43.52
CA SER A 284 -25.05 23.22 -43.05
C SER A 284 -26.15 23.79 -43.92
N SER A 285 -26.64 22.97 -44.84
CA SER A 285 -27.68 23.41 -45.76
C SER A 285 -28.75 22.36 -45.95
N LEU A 286 -28.37 21.29 -46.63
CA LEU A 286 -29.28 20.21 -46.98
C LEU A 286 -30.08 20.63 -48.20
N GLY A 287 -30.99 19.78 -48.63
CA GLY A 287 -31.80 20.07 -49.81
C GLY A 287 -33.29 19.97 -49.50
N LYS A 288 -34.06 20.90 -50.06
CA LYS A 288 -35.49 20.92 -49.78
C LYS A 288 -36.10 19.61 -50.25
N GLU A 289 -35.63 19.10 -51.38
CA GLU A 289 -36.09 17.83 -51.89
C GLU A 289 -35.78 16.71 -50.90
N LYS A 290 -34.54 16.73 -50.39
CA LYS A 290 -34.06 15.73 -49.43
C LYS A 290 -34.76 15.74 -48.07
N GLY A 291 -35.02 16.93 -47.53
CA GLY A 291 -35.62 17.03 -46.22
C GLY A 291 -37.03 16.50 -46.27
N LEU A 292 -37.71 16.77 -47.38
CA LEU A 292 -39.03 16.20 -47.59
C LEU A 292 -38.91 14.68 -47.62
N GLU A 293 -37.80 14.21 -48.16
CA GLU A 293 -37.49 12.80 -48.20
C GLU A 293 -37.32 12.28 -46.79
N ILE A 294 -36.56 13.05 -45.99
CA ILE A 294 -36.32 12.76 -44.59
C ILE A 294 -37.59 12.85 -43.74
N LEU A 295 -38.41 13.87 -44.01
CA LEU A 295 -39.62 14.06 -43.23
C LEU A 295 -40.55 12.90 -43.50
N SER A 296 -40.59 12.45 -44.75
CA SER A 296 -41.48 11.36 -45.09
C SER A 296 -41.09 10.13 -44.30
N LEU A 297 -39.80 9.86 -44.22
CA LEU A 297 -39.33 8.68 -43.51
C LEU A 297 -39.69 8.79 -42.04
N PHE A 298 -39.58 10.00 -41.50
CA PHE A 298 -39.87 10.24 -40.09
C PHE A 298 -41.33 9.94 -39.77
N VAL A 299 -42.22 10.33 -40.66
CA VAL A 299 -43.66 10.09 -40.47
C VAL A 299 -44.25 9.00 -41.37
N ASN A 300 -43.40 8.36 -42.17
CA ASN A 300 -43.82 7.21 -42.98
C ASN A 300 -44.94 7.38 -44.03
N MET A 301 -44.96 8.48 -44.78
CA MET A 301 -45.98 8.65 -45.82
C MET A 301 -45.47 9.09 -47.19
N LYS A 302 -46.14 8.66 -48.26
CA LYS A 302 -45.78 9.08 -49.61
C LYS A 302 -45.58 10.57 -49.50
N LYS A 303 -44.59 11.10 -50.19
CA LYS A 303 -44.20 12.48 -49.97
C LYS A 303 -45.35 13.44 -50.25
N ALA A 304 -46.10 13.18 -51.31
CA ALA A 304 -47.23 14.03 -51.64
C ALA A 304 -48.28 13.99 -50.53
N ASP A 305 -48.54 12.80 -50.00
CA ASP A 305 -49.51 12.65 -48.92
C ASP A 305 -49.22 13.56 -47.75
N LEU A 306 -48.03 14.15 -47.75
CA LEU A 306 -47.63 15.02 -46.65
C LEU A 306 -48.39 16.33 -46.65
N PRO A 307 -48.74 16.79 -45.46
CA PRO A 307 -49.63 17.93 -45.26
C PRO A 307 -49.01 19.23 -45.72
N GLU A 308 -49.87 20.20 -45.99
CA GLU A 308 -49.44 21.48 -46.51
C GLU A 308 -48.53 22.16 -45.52
N GLN A 309 -48.71 21.86 -44.23
CA GLN A 309 -47.93 22.51 -43.21
C GLN A 309 -46.46 22.19 -43.40
N ALA A 310 -46.17 20.96 -43.81
CA ALA A 310 -44.81 20.44 -43.79
C ALA A 310 -43.81 21.28 -44.56
N HIS A 311 -44.23 21.83 -45.69
CA HIS A 311 -43.30 22.52 -46.57
C HIS A 311 -42.64 23.70 -45.88
N SER A 312 -43.39 24.39 -45.04
CA SER A 312 -42.99 25.66 -44.46
C SER A 312 -41.99 25.50 -43.33
N ILE A 313 -42.18 24.46 -42.54
CA ILE A 313 -41.31 24.25 -41.40
C ILE A 313 -39.89 23.96 -41.86
N ILE A 314 -39.76 23.33 -43.02
CA ILE A 314 -38.44 23.01 -43.51
C ILE A 314 -37.68 24.29 -43.82
N LYS A 315 -38.42 25.34 -44.16
CA LYS A 315 -37.78 26.61 -44.46
C LYS A 315 -37.08 27.14 -43.23
N GLU A 316 -37.73 26.93 -42.09
CA GLU A 316 -37.19 27.27 -40.79
C GLU A 316 -35.97 26.42 -40.51
N CYS A 317 -36.04 25.15 -40.88
CA CYS A 317 -34.96 24.23 -40.57
C CYS A 317 -33.64 24.74 -41.12
N LYS A 318 -33.65 25.28 -42.32
CA LYS A 318 -32.44 25.82 -42.91
C LYS A 318 -31.42 24.71 -43.10
N GLY A 319 -31.88 23.48 -43.23
CA GLY A 319 -31.02 22.36 -43.53
C GLY A 319 -30.15 21.83 -42.40
N SER A 320 -30.40 22.24 -41.17
CA SER A 320 -29.58 21.66 -40.14
C SER A 320 -30.30 20.37 -39.90
N PRO A 321 -29.77 19.29 -40.47
CA PRO A 321 -30.41 17.97 -40.38
C PRO A 321 -30.72 17.62 -38.94
N LEU A 322 -30.00 18.26 -38.02
CA LEU A 322 -30.23 18.02 -36.62
C LEU A 322 -31.61 18.57 -36.29
N VAL A 323 -31.95 19.73 -36.84
CA VAL A 323 -33.30 20.27 -36.64
C VAL A 323 -34.42 19.41 -37.24
N VAL A 324 -34.18 18.87 -38.42
CA VAL A 324 -35.11 18.02 -39.12
C VAL A 324 -35.34 16.70 -38.38
N SER A 325 -34.26 16.05 -38.01
CA SER A 325 -34.42 14.86 -37.22
C SER A 325 -35.07 15.27 -35.92
N LEU A 326 -34.66 16.41 -35.37
CA LEU A 326 -35.21 16.85 -34.11
C LEU A 326 -36.70 17.13 -34.18
N ILE A 327 -37.14 17.84 -35.21
CA ILE A 327 -38.57 17.98 -35.46
C ILE A 327 -39.16 16.63 -35.82
N GLY A 328 -38.48 15.87 -36.66
CA GLY A 328 -39.08 14.67 -37.21
C GLY A 328 -39.42 13.65 -36.14
N ALA A 329 -38.47 13.36 -35.26
CA ALA A 329 -38.71 12.43 -34.18
C ALA A 329 -39.80 13.00 -33.30
N LEU A 330 -39.75 14.31 -33.11
CA LEU A 330 -40.66 14.97 -32.20
C LEU A 330 -42.06 14.71 -32.69
N LEU A 331 -42.23 14.70 -34.00
CA LEU A 331 -43.52 14.39 -34.59
C LEU A 331 -43.89 12.92 -34.48
N ARG A 332 -42.96 12.02 -34.24
CA ARG A 332 -43.37 10.63 -34.31
C ARG A 332 -44.41 10.38 -33.24
N ASP A 333 -44.17 10.95 -32.06
CA ASP A 333 -45.09 10.86 -30.94
C ASP A 333 -46.45 11.53 -31.14
N PHE A 334 -46.46 12.72 -31.74
CA PHE A 334 -47.69 13.49 -31.81
C PHE A 334 -48.00 13.96 -33.22
N PRO A 335 -48.48 13.05 -34.06
CA PRO A 335 -48.79 13.38 -35.46
C PRO A 335 -49.84 14.49 -35.59
N ASN A 336 -50.71 14.61 -34.59
CA ASN A 336 -51.77 15.60 -34.60
C ASN A 336 -51.29 17.04 -34.42
N ARG A 337 -50.30 17.26 -33.57
CA ARG A 337 -49.85 18.62 -33.29
C ARG A 337 -48.87 19.10 -34.35
N TRP A 338 -49.26 18.96 -35.62
CA TRP A 338 -48.40 19.38 -36.72
C TRP A 338 -48.12 20.88 -36.88
N GLU A 339 -49.15 21.72 -36.85
CA GLU A 339 -48.95 23.16 -37.02
C GLU A 339 -48.13 23.79 -35.89
N TYR A 340 -48.41 23.33 -34.68
CA TYR A 340 -47.88 23.82 -33.42
C TYR A 340 -46.40 24.10 -33.53
N TYR A 341 -45.64 23.09 -33.97
CA TYR A 341 -44.20 23.26 -34.09
C TYR A 341 -43.86 24.21 -35.22
N LEU A 342 -44.75 24.32 -36.20
CA LEU A 342 -44.54 25.25 -37.29
C LEU A 342 -44.51 26.66 -36.74
N LYS A 343 -45.54 27.00 -35.96
CA LYS A 343 -45.60 28.31 -35.33
C LYS A 343 -44.51 28.44 -34.28
N GLN A 344 -44.08 27.31 -33.74
CA GLN A 344 -43.06 27.30 -32.71
C GLN A 344 -41.73 27.79 -33.29
N LEU A 345 -41.36 27.23 -34.44
CA LEU A 345 -40.17 27.70 -35.14
C LEU A 345 -40.39 29.09 -35.72
N GLN A 346 -41.65 29.43 -35.98
CA GLN A 346 -41.96 30.81 -36.35
C GLN A 346 -41.69 31.74 -35.18
N ASN A 347 -41.82 31.19 -33.97
CA ASN A 347 -41.48 31.89 -32.73
C ASN A 347 -39.99 32.19 -32.67
N LYS A 348 -39.18 31.27 -33.18
CA LYS A 348 -37.73 31.42 -33.17
C LYS A 348 -37.02 30.93 -31.90
N GLN A 349 -37.78 30.35 -30.96
CA GLN A 349 -37.16 29.77 -29.78
C GLN A 349 -37.04 28.24 -29.85
N PHE A 350 -35.85 27.74 -29.54
CA PHE A 350 -35.57 26.32 -29.74
C PHE A 350 -35.62 25.55 -28.45
N LYS A 351 -36.02 26.23 -27.38
CA LYS A 351 -36.17 25.60 -26.07
C LYS A 351 -37.35 24.62 -26.09
N ARG A 352 -38.30 24.88 -26.97
CA ARG A 352 -39.49 24.05 -27.10
C ARG A 352 -39.19 22.69 -27.73
N ILE A 353 -38.27 22.65 -28.69
CA ILE A 353 -37.97 21.41 -29.37
C ILE A 353 -36.94 20.57 -28.61
N ARG A 354 -37.31 19.37 -28.20
CA ARG A 354 -36.36 18.48 -27.56
C ARG A 354 -36.66 17.02 -27.84
N LYS A 355 -35.62 16.24 -28.07
CA LYS A 355 -35.78 14.82 -28.20
C LYS A 355 -34.55 14.14 -27.66
N SER A 356 -34.71 13.02 -26.97
CA SER A 356 -33.58 12.18 -26.67
C SER A 356 -33.23 11.60 -28.02
N SER A 357 -31.95 11.46 -28.31
CA SER A 357 -31.55 10.99 -29.62
C SER A 357 -30.17 10.38 -29.57
N SER A 358 -29.77 9.72 -30.65
CA SER A 358 -28.45 9.12 -30.68
C SER A 358 -27.48 10.27 -30.51
N TYR A 359 -27.80 11.39 -31.16
CA TYR A 359 -27.02 12.60 -31.03
C TYR A 359 -26.96 13.05 -29.57
N ASP A 360 -25.88 13.72 -29.21
CA ASP A 360 -25.48 13.95 -27.81
C ASP A 360 -26.06 15.21 -27.14
N TYR A 361 -27.23 15.66 -27.57
CA TYR A 361 -27.76 16.87 -26.99
C TYR A 361 -29.27 16.94 -27.10
N GLU A 362 -29.92 17.50 -26.09
CA GLU A 362 -31.38 17.51 -26.08
C GLU A 362 -31.92 18.26 -27.29
N ALA A 363 -31.23 19.34 -27.63
CA ALA A 363 -31.66 20.31 -28.65
C ALA A 363 -30.57 21.19 -29.30
N LEU A 364 -30.99 21.79 -30.41
CA LEU A 364 -30.12 22.58 -31.26
C LEU A 364 -29.54 23.75 -30.48
N ASP A 365 -30.34 24.34 -29.60
CA ASP A 365 -29.81 25.38 -28.75
C ASP A 365 -28.70 24.74 -27.93
N GLU A 366 -28.90 23.47 -27.60
CA GLU A 366 -27.98 22.75 -26.74
C GLU A 366 -26.61 22.68 -27.37
N ALA A 367 -26.57 22.46 -28.68
CA ALA A 367 -25.27 22.35 -29.38
C ALA A 367 -24.40 23.64 -29.41
N MET A 368 -25.07 24.75 -29.67
CA MET A 368 -24.42 26.05 -29.80
C MET A 368 -23.77 26.46 -28.50
N SER A 369 -24.45 26.20 -27.38
CA SER A 369 -23.90 26.58 -26.08
C SER A 369 -22.52 25.97 -25.87
N ILE A 370 -22.38 24.71 -26.31
CA ILE A 370 -21.13 23.98 -26.19
C ILE A 370 -20.02 24.65 -26.99
N SER A 371 -20.33 25.13 -28.19
CA SER A 371 -19.34 25.84 -28.99
C SER A 371 -18.87 27.16 -28.38
N VAL A 372 -19.78 27.94 -27.81
CA VAL A 372 -19.43 29.27 -27.33
C VAL A 372 -18.38 29.29 -26.23
N GLU A 373 -18.41 28.29 -25.34
CA GLU A 373 -17.64 28.35 -24.11
C GLU A 373 -16.12 28.43 -24.32
N MET A 374 -15.62 27.71 -25.32
CA MET A 374 -14.18 27.51 -25.48
C MET A 374 -13.36 28.78 -25.62
N LEU A 375 -13.93 29.80 -26.23
CA LEU A 375 -13.17 30.97 -26.60
C LEU A 375 -12.55 31.59 -25.37
N ARG A 376 -11.32 32.05 -25.55
CA ARG A 376 -10.53 32.68 -24.50
C ARG A 376 -11.23 33.95 -24.06
N GLU A 377 -11.15 34.25 -22.77
CA GLU A 377 -12.03 35.24 -22.19
C GLU A 377 -11.98 36.54 -22.96
N ASP A 378 -10.80 36.93 -23.41
CA ASP A 378 -10.69 38.19 -24.12
C ASP A 378 -11.53 38.17 -25.39
N ILE A 379 -11.48 37.07 -26.12
CA ILE A 379 -12.30 36.92 -27.32
C ILE A 379 -13.80 36.88 -27.01
N LYS A 380 -14.15 36.27 -25.88
CA LYS A 380 -15.51 35.86 -25.62
C LYS A 380 -16.49 37.04 -25.61
N ASP A 381 -16.05 38.15 -25.05
CA ASP A 381 -16.87 39.35 -24.97
C ASP A 381 -17.21 39.83 -26.38
N TYR A 382 -16.23 39.75 -27.27
CA TYR A 382 -16.38 40.28 -28.60
C TYR A 382 -17.50 39.60 -29.35
N TYR A 383 -17.60 38.28 -29.24
CA TYR A 383 -18.63 37.61 -30.01
C TYR A 383 -19.99 38.25 -29.80
N THR A 384 -20.29 38.64 -28.57
CA THR A 384 -21.62 39.15 -28.26
C THR A 384 -21.93 40.40 -29.08
N ASP A 385 -20.92 41.22 -29.28
CA ASP A 385 -21.10 42.42 -30.07
C ASP A 385 -21.53 41.91 -31.43
N LEU A 386 -20.95 40.78 -31.82
CA LEU A 386 -21.20 40.21 -33.13
C LEU A 386 -22.66 39.81 -33.26
N SER A 387 -23.34 39.80 -32.12
CA SER A 387 -24.74 39.38 -32.01
C SER A 387 -25.67 40.29 -32.79
N ILE A 388 -25.38 41.59 -32.78
CA ILE A 388 -26.27 42.57 -33.35
C ILE A 388 -26.49 42.34 -34.84
N LEU A 389 -25.50 41.82 -35.55
CA LEU A 389 -25.56 41.76 -37.01
C LEU A 389 -26.74 40.96 -37.59
N GLN A 390 -27.29 41.48 -38.69
CA GLN A 390 -28.51 40.99 -39.32
C GLN A 390 -28.35 39.50 -39.60
N LYS A 391 -29.46 38.81 -39.82
CA LYS A 391 -29.42 37.39 -40.17
C LYS A 391 -28.67 37.26 -41.48
N ASP A 392 -28.97 38.13 -42.43
CA ASP A 392 -28.43 37.98 -43.78
C ASP A 392 -27.80 39.25 -44.35
N VAL A 393 -26.73 39.70 -43.72
CA VAL A 393 -25.97 40.82 -44.21
C VAL A 393 -24.51 40.42 -44.23
N LYS A 394 -23.86 40.62 -45.37
CA LYS A 394 -22.43 40.45 -45.40
C LYS A 394 -21.90 41.83 -45.14
N VAL A 395 -21.47 42.08 -43.91
CA VAL A 395 -20.97 43.41 -43.59
C VAL A 395 -19.51 43.56 -43.95
N PRO A 396 -19.19 44.72 -44.52
CA PRO A 396 -17.80 45.07 -44.81
C PRO A 396 -17.05 45.16 -43.50
N THR A 397 -15.83 44.62 -43.47
CA THR A 397 -15.05 44.52 -42.25
C THR A 397 -15.01 45.79 -41.41
N LYS A 398 -14.96 46.93 -42.09
CA LYS A 398 -14.76 48.22 -41.42
C LYS A 398 -15.72 48.46 -40.27
N VAL A 399 -17.00 48.21 -40.50
CA VAL A 399 -18.02 48.52 -39.49
C VAL A 399 -17.71 47.75 -38.21
N LEU A 400 -17.14 46.57 -38.37
CA LEU A 400 -16.72 45.80 -37.21
C LEU A 400 -15.53 46.51 -36.56
N CYS A 401 -14.72 47.16 -37.38
CA CYS A 401 -13.59 47.91 -36.85
C CYS A 401 -14.10 49.07 -36.02
N ILE A 402 -15.14 49.73 -36.52
CA ILE A 402 -15.70 50.88 -35.84
C ILE A 402 -16.33 50.54 -34.50
N LEU A 403 -17.09 49.46 -34.46
CA LEU A 403 -17.73 49.09 -33.21
C LEU A 403 -16.68 48.70 -32.19
N TRP A 404 -15.71 47.91 -32.65
CA TRP A 404 -14.60 47.51 -31.81
C TRP A 404 -13.69 48.66 -31.43
N ASP A 405 -13.49 49.58 -32.38
CA ASP A 405 -12.58 50.70 -32.18
C ASP A 405 -11.15 50.17 -32.20
N MET A 406 -10.96 49.01 -32.83
CA MET A 406 -9.65 48.38 -32.89
C MET A 406 -9.12 48.27 -34.31
N GLU A 407 -7.83 48.51 -34.49
CA GLU A 407 -7.26 48.71 -35.83
C GLU A 407 -7.44 47.49 -36.75
N THR A 408 -7.59 47.76 -38.03
CA THR A 408 -8.06 46.78 -39.01
C THR A 408 -7.21 45.52 -39.22
N GLU A 409 -5.88 45.67 -39.21
CA GLU A 409 -5.01 44.53 -39.44
C GLU A 409 -5.27 43.51 -38.33
N GLU A 410 -5.46 44.03 -37.12
CA GLU A 410 -5.80 43.23 -35.96
C GLU A 410 -7.18 42.62 -35.99
N VAL A 411 -8.17 43.42 -36.41
CA VAL A 411 -9.56 43.00 -36.31
C VAL A 411 -9.87 41.77 -37.14
N GLU A 412 -9.24 41.69 -38.31
CA GLU A 412 -9.49 40.59 -39.23
C GLU A 412 -9.11 39.26 -38.59
N ASP A 413 -8.02 39.26 -37.83
CA ASP A 413 -7.43 38.01 -37.38
C ASP A 413 -8.30 37.33 -36.34
N ILE A 414 -8.89 38.13 -35.47
CA ILE A 414 -9.78 37.56 -34.47
C ILE A 414 -10.95 36.91 -35.18
N LEU A 415 -11.42 37.57 -36.23
CA LEU A 415 -12.51 37.03 -37.02
C LEU A 415 -12.08 35.76 -37.73
N GLN A 416 -10.82 35.72 -38.13
CA GLN A 416 -10.29 34.53 -38.75
C GLN A 416 -10.34 33.38 -37.77
N GLU A 417 -10.03 33.68 -36.51
CA GLU A 417 -10.11 32.67 -35.47
C GLU A 417 -11.54 32.19 -35.29
N PHE A 418 -12.49 33.09 -35.40
CA PHE A 418 -13.88 32.70 -35.33
C PHE A 418 -14.19 31.77 -36.49
N VAL A 419 -13.77 32.14 -37.69
CA VAL A 419 -14.23 31.40 -38.84
C VAL A 419 -13.78 29.99 -38.61
N ASN A 420 -12.58 29.83 -38.07
CA ASN A 420 -12.11 28.50 -37.74
C ASN A 420 -13.01 27.86 -36.71
N LYS A 421 -13.39 28.61 -35.68
CA LYS A 421 -14.34 28.08 -34.73
C LYS A 421 -15.67 27.75 -35.40
N SER A 422 -15.74 28.02 -36.70
CA SER A 422 -16.94 27.76 -37.49
C SER A 422 -18.15 28.45 -36.88
N LEU A 423 -17.93 29.65 -36.35
CA LEU A 423 -19.01 30.42 -35.74
C LEU A 423 -19.32 31.67 -36.55
N LEU A 424 -18.72 31.76 -37.73
CA LEU A 424 -18.87 32.94 -38.58
C LEU A 424 -18.25 32.69 -39.94
N PHE A 425 -19.10 32.50 -40.94
CA PHE A 425 -18.64 32.14 -42.26
C PHE A 425 -17.89 33.23 -43.01
N CYS A 426 -16.82 32.81 -43.69
CA CYS A 426 -15.98 33.70 -44.48
C CYS A 426 -16.56 34.04 -45.83
N ASP A 427 -16.16 35.18 -46.37
CA ASP A 427 -16.53 35.57 -47.72
C ASP A 427 -15.36 36.23 -48.44
N ARG A 428 -14.61 35.44 -49.19
CA ARG A 428 -13.48 35.97 -49.93
C ARG A 428 -13.94 36.56 -51.26
N ASN A 429 -14.66 37.67 -51.19
CA ASN A 429 -15.02 38.40 -52.38
C ASN A 429 -13.99 39.50 -52.52
N GLY A 430 -13.07 39.31 -53.46
CA GLY A 430 -12.07 40.32 -53.75
C GLY A 430 -11.30 40.61 -52.47
N LYS A 431 -10.71 41.80 -52.41
CA LYS A 431 -9.99 42.22 -51.21
C LYS A 431 -10.98 42.26 -50.06
N SER A 432 -12.18 42.73 -50.36
CA SER A 432 -13.22 42.87 -49.35
C SER A 432 -13.62 41.53 -48.76
N PHE A 433 -13.94 41.54 -47.48
CA PHE A 433 -14.45 40.39 -46.78
C PHE A 433 -15.78 40.72 -46.13
N ARG A 434 -16.77 39.88 -46.38
CA ARG A 434 -18.03 39.99 -45.69
C ARG A 434 -18.20 38.71 -44.90
N TYR A 435 -18.30 38.86 -43.58
CA TYR A 435 -18.64 37.74 -42.74
C TYR A 435 -20.12 37.72 -42.40
N TYR A 436 -20.69 36.52 -42.27
CA TYR A 436 -22.11 36.38 -42.00
C TYR A 436 -22.41 35.04 -41.37
N LEU A 437 -23.64 34.87 -40.92
CA LEU A 437 -24.04 33.73 -40.11
C LEU A 437 -25.15 32.92 -40.74
N HIS A 438 -25.37 31.74 -40.20
CA HIS A 438 -26.54 30.95 -40.50
C HIS A 438 -27.72 31.50 -39.72
N ASP A 439 -28.92 31.29 -40.25
CA ASP A 439 -30.13 31.75 -39.59
C ASP A 439 -30.23 31.14 -38.19
N LEU A 440 -29.72 29.93 -38.05
CA LEU A 440 -29.71 29.24 -36.77
C LEU A 440 -28.73 29.90 -35.81
N GLN A 441 -27.57 30.27 -36.33
CA GLN A 441 -26.54 30.92 -35.53
C GLN A 441 -27.03 32.26 -35.01
N VAL A 442 -27.74 32.99 -35.86
CA VAL A 442 -28.26 34.30 -35.47
C VAL A 442 -29.32 34.15 -34.40
N ASP A 443 -30.20 33.18 -34.61
CA ASP A 443 -31.32 32.95 -33.70
C ASP A 443 -30.79 32.58 -32.33
N PHE A 444 -29.73 31.79 -32.29
CA PHE A 444 -29.18 31.36 -31.03
C PHE A 444 -28.74 32.63 -30.29
N LEU A 445 -28.17 33.57 -31.02
CA LEU A 445 -27.59 34.74 -30.38
C LEU A 445 -28.63 35.53 -29.63
N THR A 446 -29.75 35.81 -30.29
CA THR A 446 -30.82 36.56 -29.66
C THR A 446 -31.38 35.74 -28.51
N GLU A 447 -31.39 34.42 -28.68
CA GLU A 447 -31.87 33.53 -27.64
C GLU A 447 -31.01 33.66 -26.39
N LYS A 448 -29.70 33.78 -26.60
CA LYS A 448 -28.74 33.85 -25.49
C LYS A 448 -28.17 35.24 -25.15
N ASN A 449 -28.39 36.23 -26.00
CA ASN A 449 -27.88 37.58 -25.77
C ASN A 449 -28.88 38.72 -25.81
N CYS A 450 -30.16 38.40 -25.73
CA CYS A 450 -31.20 39.39 -26.03
C CYS A 450 -31.20 40.64 -25.14
N SER A 451 -30.98 40.46 -23.84
CA SER A 451 -31.00 41.59 -22.92
C SER A 451 -29.91 42.62 -23.24
N GLN A 452 -28.74 42.11 -23.57
CA GLN A 452 -27.62 42.98 -23.95
C GLN A 452 -27.91 43.76 -25.23
N LEU A 453 -28.57 43.11 -26.19
CA LEU A 453 -28.65 43.62 -27.54
C LEU A 453 -29.28 45.00 -27.63
N GLN A 454 -30.34 45.23 -26.86
CA GLN A 454 -30.98 46.53 -26.82
C GLN A 454 -29.97 47.55 -26.31
N ASP A 455 -29.20 47.14 -25.31
CA ASP A 455 -28.20 48.00 -24.69
C ASP A 455 -27.05 48.34 -25.64
N LEU A 456 -26.54 47.33 -26.34
CA LEU A 456 -25.44 47.53 -27.27
C LEU A 456 -25.88 48.36 -28.47
N HIS A 457 -27.10 48.14 -28.92
CA HIS A 457 -27.64 48.87 -30.07
C HIS A 457 -27.34 50.36 -29.95
N LYS A 458 -27.15 50.83 -28.73
CA LYS A 458 -26.84 52.23 -28.48
C LYS A 458 -25.34 52.47 -28.44
N LYS A 459 -24.58 51.40 -28.30
CA LYS A 459 -23.12 51.48 -28.24
C LYS A 459 -22.53 51.77 -29.61
N ILE A 460 -22.94 50.98 -30.61
CA ILE A 460 -22.46 51.15 -31.97
C ILE A 460 -22.67 52.56 -32.52
N ILE A 461 -23.83 53.13 -32.26
CA ILE A 461 -24.15 54.43 -32.82
C ILE A 461 -23.21 55.51 -32.30
N THR A 462 -22.91 55.46 -31.01
CA THR A 462 -22.10 56.51 -30.41
C THR A 462 -20.68 56.48 -30.99
N GLN A 463 -20.20 55.27 -31.26
CA GLN A 463 -18.90 55.08 -31.88
C GLN A 463 -18.89 55.67 -33.28
N PHE A 464 -19.97 55.46 -34.02
CA PHE A 464 -20.07 56.02 -35.36
C PHE A 464 -20.09 57.52 -35.29
N GLN A 465 -20.68 58.04 -34.21
CA GLN A 465 -20.69 59.46 -33.94
C GLN A 465 -19.29 59.97 -33.63
N ARG A 466 -18.46 59.13 -33.03
CA ARG A 466 -17.09 59.52 -32.74
C ARG A 466 -16.29 59.56 -34.03
N TYR A 467 -16.84 58.93 -35.07
CA TYR A 467 -16.27 59.05 -36.38
C TYR A 467 -17.22 59.79 -37.30
N HIS A 468 -17.54 59.21 -38.44
CA HIS A 468 -18.29 59.91 -39.47
C HIS A 468 -19.69 60.31 -39.02
N GLN A 469 -20.05 61.57 -39.29
CA GLN A 469 -21.43 62.00 -39.16
C GLN A 469 -22.18 61.61 -40.42
N PRO A 470 -23.52 61.43 -40.32
CA PRO A 470 -24.27 60.97 -41.50
C PRO A 470 -24.13 61.89 -42.71
N HIS A 471 -24.03 63.20 -42.47
CA HIS A 471 -23.73 64.13 -43.55
C HIS A 471 -22.28 64.02 -43.96
N THR A 472 -21.45 63.57 -43.01
CA THR A 472 -20.01 63.46 -43.23
C THR A 472 -19.70 62.13 -43.93
N LEU A 473 -20.74 61.33 -44.14
CA LEU A 473 -20.62 60.08 -44.90
C LEU A 473 -20.28 60.35 -46.36
N SER A 474 -19.56 59.43 -47.00
CA SER A 474 -19.11 59.59 -48.38
C SER A 474 -19.36 58.38 -49.28
N PRO A 475 -19.46 58.61 -50.58
CA PRO A 475 -19.76 57.53 -51.53
C PRO A 475 -18.65 56.49 -51.71
N ASP A 476 -17.40 56.92 -51.59
CA ASP A 476 -16.25 56.07 -51.84
C ASP A 476 -16.05 55.03 -50.74
N GLN A 477 -16.22 55.45 -49.50
CA GLN A 477 -16.02 54.57 -48.35
C GLN A 477 -16.81 53.28 -48.52
N GLU A 478 -16.17 52.15 -48.25
CA GLU A 478 -16.80 50.83 -48.40
C GLU A 478 -18.00 50.59 -47.48
N ASP A 479 -17.88 51.02 -46.23
CA ASP A 479 -18.86 50.73 -45.20
C ASP A 479 -20.20 51.43 -45.37
N CYS A 480 -20.19 52.54 -46.09
CA CYS A 480 -21.29 53.50 -46.02
C CYS A 480 -22.64 52.90 -46.40
N MET A 481 -22.66 52.03 -47.40
CA MET A 481 -23.93 51.50 -47.89
C MET A 481 -24.59 50.69 -46.79
N TYR A 482 -23.79 50.01 -45.99
CA TYR A 482 -24.31 49.29 -44.85
C TYR A 482 -24.94 50.24 -43.86
N TRP A 483 -24.24 51.37 -43.78
CA TRP A 483 -24.59 52.54 -43.02
C TRP A 483 -25.89 53.14 -43.51
N TYR A 484 -26.09 53.25 -44.83
CA TYR A 484 -27.39 53.72 -45.28
C TYR A 484 -28.34 52.62 -44.86
N ASN A 485 -28.08 51.45 -45.42
CA ASN A 485 -29.09 50.43 -45.48
C ASN A 485 -29.49 50.02 -44.10
N PHE A 486 -28.51 49.92 -43.22
CA PHE A 486 -28.82 49.46 -41.89
C PHE A 486 -28.57 50.42 -40.73
N LEU A 487 -27.96 51.59 -40.94
CA LEU A 487 -27.67 52.42 -39.75
C LEU A 487 -29.02 52.78 -39.21
N ALA A 488 -29.90 53.08 -40.16
CA ALA A 488 -31.28 53.37 -39.86
C ALA A 488 -31.73 52.30 -38.90
N TYR A 489 -31.30 51.07 -39.17
CA TYR A 489 -31.73 49.94 -38.38
C TYR A 489 -31.32 50.03 -36.90
N HIS A 490 -30.08 50.40 -36.62
CA HIS A 490 -29.57 50.30 -35.24
C HIS A 490 -30.25 51.21 -34.24
N MET A 491 -30.45 52.45 -34.66
CA MET A 491 -31.14 53.49 -33.91
C MET A 491 -32.51 53.03 -33.44
N ALA A 492 -33.13 52.17 -34.21
CA ALA A 492 -34.46 51.69 -33.87
C ALA A 492 -34.38 50.82 -32.64
N SER A 493 -33.43 49.89 -32.63
CA SER A 493 -33.21 49.05 -31.47
C SER A 493 -32.81 49.95 -30.31
N ALA A 494 -32.02 50.98 -30.61
CA ALA A 494 -31.49 51.84 -29.59
C ALA A 494 -32.69 52.32 -28.80
N LYS A 495 -33.80 52.53 -29.50
CA LYS A 495 -35.02 53.00 -28.88
C LYS A 495 -34.96 54.52 -28.70
N MET A 496 -33.91 55.13 -29.24
CA MET A 496 -33.75 56.56 -29.15
C MET A 496 -34.47 57.16 -30.32
N HIS A 497 -35.59 57.81 -30.03
CA HIS A 497 -36.44 58.38 -31.07
C HIS A 497 -36.00 59.77 -31.50
N LYS A 498 -35.46 60.54 -30.57
CA LYS A 498 -34.97 61.87 -30.90
C LYS A 498 -33.76 61.76 -31.82
N GLU A 499 -32.90 60.78 -31.57
CA GLU A 499 -31.77 60.52 -32.44
C GLU A 499 -32.25 60.02 -33.79
N LEU A 500 -33.35 59.28 -33.76
CA LEU A 500 -33.93 58.74 -34.97
C LEU A 500 -34.40 59.91 -35.83
N CYS A 501 -34.91 60.93 -35.16
CA CYS A 501 -35.26 62.19 -35.80
C CYS A 501 -34.03 62.90 -36.31
N ALA A 502 -32.93 62.73 -35.59
CA ALA A 502 -31.67 63.36 -35.96
C ALA A 502 -31.14 62.77 -37.26
N LEU A 503 -31.53 61.52 -37.54
CA LEU A 503 -31.06 60.87 -38.76
C LEU A 503 -32.09 60.81 -39.87
N MET A 504 -33.11 59.95 -39.71
CA MET A 504 -33.98 59.61 -40.83
C MET A 504 -34.72 60.80 -41.40
N PHE A 505 -35.07 61.74 -40.54
CA PHE A 505 -35.85 62.90 -40.94
C PHE A 505 -35.06 63.73 -41.95
N SER A 506 -33.76 63.83 -41.72
CA SER A 506 -32.93 64.74 -42.47
C SER A 506 -33.16 64.54 -43.96
N LEU A 507 -33.67 65.57 -44.62
CA LEU A 507 -34.02 65.49 -46.03
C LEU A 507 -32.80 65.25 -46.91
N ASP A 508 -31.67 65.81 -46.52
CA ASP A 508 -30.45 65.64 -47.29
C ASP A 508 -29.96 64.20 -47.20
N TRP A 509 -30.21 63.58 -46.06
CA TRP A 509 -29.89 62.17 -45.87
C TRP A 509 -30.75 61.34 -46.81
N ILE A 510 -31.98 61.80 -46.99
CA ILE A 510 -32.88 61.20 -47.95
C ILE A 510 -32.33 61.39 -49.35
N LYS A 511 -31.69 62.53 -49.58
CA LYS A 511 -31.17 62.85 -50.89
C LYS A 511 -30.05 61.90 -51.26
N ALA A 512 -29.08 61.77 -50.37
CA ALA A 512 -27.97 60.87 -50.63
C ALA A 512 -28.44 59.43 -50.70
N LYS A 513 -29.40 59.08 -49.84
CA LYS A 513 -29.87 57.70 -49.82
C LYS A 513 -30.58 57.34 -51.11
N THR A 514 -31.32 58.30 -51.65
CA THR A 514 -32.04 58.11 -52.90
C THR A 514 -31.09 58.24 -54.08
N GLU A 515 -29.88 58.74 -53.83
CA GLU A 515 -28.89 58.90 -54.88
C GLU A 515 -28.27 57.57 -55.31
N LEU A 516 -27.93 56.71 -54.35
CA LEU A 516 -27.38 55.38 -54.65
C LEU A 516 -28.23 54.17 -54.24
N VAL A 517 -29.11 54.37 -53.26
CA VAL A 517 -30.04 53.35 -52.77
C VAL A 517 -31.30 53.21 -53.61
N GLY A 518 -31.83 54.35 -54.05
CA GLY A 518 -33.12 54.37 -54.71
C GLY A 518 -34.21 54.66 -53.69
N PRO A 519 -35.39 55.03 -54.18
CA PRO A 519 -36.47 55.49 -53.31
C PRO A 519 -37.37 54.39 -52.76
N ALA A 520 -36.91 53.15 -52.72
CA ALA A 520 -37.70 52.09 -52.11
C ALA A 520 -37.29 51.76 -50.69
N HIS A 521 -36.00 51.74 -50.42
CA HIS A 521 -35.54 51.34 -49.09
C HIS A 521 -36.08 52.28 -48.01
N LEU A 522 -36.11 53.57 -48.33
CA LEU A 522 -36.57 54.58 -47.38
C LEU A 522 -38.03 54.35 -47.02
N ILE A 523 -38.85 53.99 -48.01
CA ILE A 523 -40.25 53.69 -47.76
C ILE A 523 -40.40 52.49 -46.83
N HIS A 524 -39.58 51.47 -47.06
CA HIS A 524 -39.60 50.27 -46.23
C HIS A 524 -39.20 50.61 -44.80
N GLU A 525 -38.20 51.47 -44.67
CA GLU A 525 -37.72 51.92 -43.37
C GLU A 525 -38.81 52.69 -42.65
N PHE A 526 -39.56 53.49 -43.40
CA PHE A 526 -40.60 54.34 -42.82
C PHE A 526 -41.69 53.52 -42.15
N VAL A 527 -42.06 52.40 -42.74
CA VAL A 527 -43.09 51.56 -42.15
C VAL A 527 -42.62 51.07 -40.78
N GLU A 528 -41.35 50.67 -40.71
CA GLU A 528 -40.71 50.31 -39.46
C GLU A 528 -40.66 51.53 -38.56
N TYR A 529 -40.44 52.67 -39.19
CA TYR A 529 -40.24 53.95 -38.50
C TYR A 529 -41.46 54.36 -37.68
N ARG A 530 -42.64 54.09 -38.21
CA ARG A 530 -43.89 54.59 -37.63
C ARG A 530 -44.16 54.11 -36.21
N HIS A 531 -43.94 52.83 -35.96
CA HIS A 531 -44.07 52.26 -34.63
C HIS A 531 -43.05 52.85 -33.65
N ILE A 532 -41.83 53.03 -34.14
CA ILE A 532 -40.69 53.42 -33.32
C ILE A 532 -40.82 54.78 -32.63
N LEU A 533 -41.36 55.77 -33.34
CA LEU A 533 -41.39 57.14 -32.82
C LEU A 533 -42.72 57.51 -32.17
N ASP A 534 -43.47 58.42 -32.78
CA ASP A 534 -44.72 58.90 -32.20
C ASP A 534 -45.85 58.96 -33.22
N GLU A 535 -47.08 58.84 -32.75
CA GLU A 535 -48.25 58.89 -33.61
C GLU A 535 -48.37 60.23 -34.31
N LYS A 536 -48.10 61.31 -33.58
CA LYS A 536 -48.17 62.65 -34.14
C LYS A 536 -47.17 62.82 -35.28
N ASP A 537 -45.96 62.31 -35.08
CA ASP A 537 -44.95 62.31 -36.13
C ASP A 537 -45.43 61.45 -37.28
N CYS A 538 -46.06 60.33 -36.95
CA CYS A 538 -46.60 59.40 -37.93
C CYS A 538 -47.27 60.20 -39.04
N ALA A 539 -47.95 61.27 -38.67
CA ALA A 539 -48.56 62.16 -39.62
C ALA A 539 -47.46 62.81 -40.45
N VAL A 540 -46.37 63.17 -39.80
CA VAL A 540 -45.25 63.76 -40.49
C VAL A 540 -44.74 62.74 -41.49
N SER A 541 -44.70 61.49 -41.06
CA SER A 541 -44.32 60.38 -41.93
C SER A 541 -45.35 60.22 -43.04
N GLU A 542 -46.62 60.48 -42.71
CA GLU A 542 -47.69 60.41 -43.69
C GLU A 542 -47.51 61.52 -44.72
N ASN A 543 -47.07 62.68 -44.25
CA ASN A 543 -46.80 63.81 -45.14
C ASN A 543 -45.61 63.54 -46.04
N PHE A 544 -44.60 62.87 -45.50
CA PHE A 544 -43.40 62.53 -46.25
C PHE A 544 -43.70 61.47 -47.31
N GLN A 545 -44.50 60.48 -46.93
CA GLN A 545 -44.87 59.42 -47.87
C GLN A 545 -45.63 60.06 -49.01
N GLU A 546 -46.49 61.02 -48.67
CA GLU A 546 -47.23 61.78 -49.66
C GLU A 546 -46.24 62.56 -50.53
N PHE A 547 -45.14 63.00 -49.93
CA PHE A 547 -44.11 63.70 -50.68
C PHE A 547 -43.34 62.74 -51.58
N LEU A 548 -43.37 61.46 -51.23
CA LEU A 548 -42.69 60.43 -52.01
C LEU A 548 -43.51 60.03 -53.23
N SER A 549 -44.84 60.00 -53.06
CA SER A 549 -45.74 59.64 -54.14
C SER A 549 -45.35 60.37 -55.43
N LEU A 550 -44.88 61.60 -55.30
CA LEU A 550 -44.47 62.39 -56.44
C LEU A 550 -43.03 62.06 -56.84
N ASN A 551 -42.29 61.47 -55.91
CA ASN A 551 -40.90 61.10 -56.15
C ASN A 551 -40.63 59.95 -57.13
N GLY A 552 -41.43 58.89 -57.06
CA GLY A 552 -41.11 57.68 -57.79
C GLY A 552 -41.04 57.78 -59.31
N HIS A 553 -41.98 58.53 -59.88
CA HIS A 553 -42.16 58.58 -61.33
C HIS A 553 -41.01 59.15 -62.14
N LEU A 554 -40.48 60.29 -61.70
CA LEU A 554 -39.40 60.95 -62.42
C LEU A 554 -38.14 61.17 -61.60
N LEU A 555 -38.21 60.93 -60.29
CA LEU A 555 -37.13 61.29 -59.37
C LEU A 555 -35.79 60.58 -59.64
N GLY A 556 -35.85 59.30 -59.96
CA GLY A 556 -34.66 58.50 -60.16
C GLY A 556 -33.81 58.79 -61.38
N ARG A 557 -34.46 59.07 -62.50
CA ARG A 557 -33.77 59.36 -63.75
C ARG A 557 -32.31 59.72 -63.52
N GLN A 558 -32.02 61.02 -63.47
CA GLN A 558 -30.67 61.51 -63.25
C GLN A 558 -30.68 62.97 -62.80
N PRO A 559 -31.00 63.88 -63.71
CA PRO A 559 -31.10 65.29 -63.38
C PRO A 559 -31.95 65.48 -62.12
N PHE A 560 -31.51 64.89 -61.02
CA PHE A 560 -32.22 64.97 -59.75
C PHE A 560 -32.75 66.37 -59.48
N PRO A 561 -33.68 66.81 -60.33
CA PRO A 561 -34.26 68.16 -60.19
C PRO A 561 -34.17 68.68 -58.75
N ASN A 562 -33.72 69.93 -58.59
CA ASN A 562 -33.64 70.53 -57.26
C ASN A 562 -34.91 70.31 -56.46
N ILE A 563 -34.97 69.18 -55.76
CA ILE A 563 -36.14 68.85 -54.94
C ILE A 563 -36.60 70.05 -54.12
N VAL A 564 -35.65 70.73 -53.49
CA VAL A 564 -35.97 71.90 -52.68
C VAL A 564 -36.95 72.83 -53.39
N GLN A 565 -36.95 72.78 -54.71
CA GLN A 565 -37.83 73.61 -55.52
C GLN A 565 -39.11 72.86 -55.87
N LEU A 566 -38.98 71.58 -56.17
CA LEU A 566 -40.14 70.76 -56.53
C LEU A 566 -40.90 70.32 -55.29
N GLY A 567 -40.30 70.53 -54.12
CA GLY A 567 -40.92 70.16 -52.87
C GLY A 567 -42.07 71.07 -52.49
N LEU A 568 -41.88 72.37 -52.69
CA LEU A 568 -42.91 73.35 -52.37
C LEU A 568 -44.14 73.16 -53.24
N CYS A 569 -44.78 72.00 -53.11
CA CYS A 569 -45.97 71.68 -53.88
C CYS A 569 -47.01 70.97 -53.02
N GLU A 570 -46.57 70.44 -51.89
CA GLU A 570 -47.46 69.73 -50.98
C GLU A 570 -48.53 70.67 -50.40
N PRO A 571 -49.59 70.09 -49.85
CA PRO A 571 -50.68 70.89 -49.29
C PRO A 571 -50.72 70.82 -47.77
N GLU A 572 -51.61 71.60 -47.15
CA GLU A 572 -51.74 71.63 -45.70
C GLU A 572 -50.57 72.34 -45.05
N THR A 573 -49.56 71.57 -44.65
CA THR A 573 -48.38 72.13 -44.00
C THR A 573 -47.51 71.04 -43.41
N SER A 574 -48.05 70.31 -42.44
CA SER A 574 -47.32 69.23 -41.78
C SER A 574 -45.89 69.65 -41.44
N GLU A 575 -44.99 68.69 -41.38
CA GLU A 575 -43.59 68.96 -41.07
C GLU A 575 -42.73 68.98 -42.33
N VAL A 576 -43.23 68.36 -43.39
CA VAL A 576 -42.50 68.30 -44.65
C VAL A 576 -42.58 69.64 -45.39
N TYR A 577 -43.75 70.26 -45.35
CA TYR A 577 -43.96 71.54 -46.02
C TYR A 577 -43.27 72.68 -45.26
N GLN A 578 -43.32 72.62 -43.94
CA GLN A 578 -42.72 73.63 -43.10
C GLN A 578 -41.24 73.69 -43.43
N GLN A 579 -40.63 72.52 -43.59
CA GLN A 579 -39.20 72.46 -43.90
C GLN A 579 -38.89 73.15 -45.22
N ALA A 580 -39.78 72.95 -46.20
CA ALA A 580 -39.55 73.40 -47.55
C ALA A 580 -39.58 74.91 -47.66
N LYS A 581 -40.55 75.56 -47.01
CA LYS A 581 -40.68 76.99 -47.15
C LYS A 581 -39.45 77.70 -46.61
N LEU A 582 -38.98 77.25 -45.46
CA LEU A 582 -37.81 77.84 -44.85
C LEU A 582 -36.57 77.65 -45.72
N GLN A 583 -36.46 76.45 -46.29
CA GLN A 583 -35.31 76.16 -47.14
C GLN A 583 -35.33 77.10 -48.33
N ALA A 584 -36.53 77.30 -48.87
CA ALA A 584 -36.72 78.15 -50.03
C ALA A 584 -36.35 79.58 -49.70
N LYS A 585 -36.74 80.04 -48.52
CA LYS A 585 -36.43 81.40 -48.08
C LYS A 585 -34.92 81.58 -47.97
N GLN A 586 -34.25 80.55 -47.46
CA GLN A 586 -32.79 80.57 -47.34
C GLN A 586 -32.13 80.63 -48.71
N GLU A 587 -32.65 79.85 -49.66
CA GLU A 587 -32.13 79.85 -51.02
C GLU A 587 -32.32 81.21 -51.69
N VAL A 588 -33.48 81.81 -51.42
CA VAL A 588 -33.97 82.97 -52.16
C VAL A 588 -33.10 84.21 -52.05
N ASP A 589 -32.60 84.52 -50.86
CA ASP A 589 -31.80 85.72 -50.69
C ASP A 589 -30.53 85.62 -51.53
N ASN A 590 -29.92 84.44 -51.52
CA ASN A 590 -28.74 84.18 -52.32
C ASN A 590 -29.01 84.26 -53.82
N GLY A 591 -30.16 83.75 -54.23
CA GLY A 591 -30.48 83.66 -55.65
C GLY A 591 -31.26 82.40 -55.96
N MET A 592 -31.12 81.88 -57.18
CA MET A 592 -31.77 80.64 -57.57
C MET A 592 -33.17 80.80 -58.18
N LEU A 593 -33.70 82.02 -58.12
CA LEU A 593 -34.82 82.39 -58.97
C LEU A 593 -35.97 81.38 -58.86
N TYR A 594 -36.22 80.89 -57.66
CA TYR A 594 -37.31 79.94 -57.46
C TYR A 594 -38.64 80.63 -57.75
N LEU A 595 -39.56 79.93 -58.40
CA LEU A 595 -40.87 80.50 -58.64
C LEU A 595 -41.90 79.92 -57.69
N GLU A 596 -42.55 80.79 -56.91
CA GLU A 596 -43.61 80.33 -56.02
C GLU A 596 -44.83 79.84 -56.80
N TRP A 597 -45.55 78.86 -56.24
CA TRP A 597 -46.80 78.40 -56.85
C TRP A 597 -48.00 78.66 -55.94
N ILE A 598 -49.00 79.34 -56.48
CA ILE A 598 -50.16 79.79 -55.68
C ILE A 598 -51.50 79.03 -55.78
N ASN A 599 -51.56 77.99 -56.60
CA ASN A 599 -52.83 77.27 -56.83
C ASN A 599 -52.98 75.82 -56.35
N LYS A 600 -52.08 75.32 -55.51
CA LYS A 600 -52.04 73.88 -55.24
C LYS A 600 -53.36 73.35 -54.69
N LYS A 601 -53.93 74.07 -53.72
CA LYS A 601 -55.16 73.62 -53.08
C LYS A 601 -56.32 73.58 -54.07
N ASN A 602 -56.16 74.33 -55.17
CA ASN A 602 -57.16 74.40 -56.22
C ASN A 602 -56.95 73.34 -57.30
N ILE A 603 -55.81 72.63 -57.24
CA ILE A 603 -55.40 71.72 -58.31
C ILE A 603 -54.75 70.41 -57.85
N THR A 604 -54.79 69.42 -58.75
CA THR A 604 -54.20 68.09 -58.53
C THR A 604 -54.98 67.18 -57.61
N ASN A 605 -55.57 66.13 -58.19
CA ASN A 605 -56.08 64.99 -57.44
C ASN A 605 -55.02 63.90 -57.39
N LEU A 606 -54.21 63.91 -56.34
CA LEU A 606 -53.00 63.09 -56.27
C LEU A 606 -53.28 61.58 -56.26
N SER A 607 -52.51 60.84 -57.06
CA SER A 607 -52.49 59.38 -56.98
C SER A 607 -51.67 58.92 -55.79
N ARG A 608 -52.01 57.77 -55.23
CA ARG A 608 -51.30 57.25 -54.06
C ARG A 608 -49.86 56.85 -54.34
N LEU A 609 -49.57 56.44 -55.57
CA LEU A 609 -48.23 55.98 -55.90
C LEU A 609 -47.96 55.98 -57.41
N VAL A 610 -46.69 56.13 -57.79
CA VAL A 610 -46.29 56.04 -59.19
C VAL A 610 -44.99 55.25 -59.31
N VAL A 611 -44.89 54.43 -60.35
CA VAL A 611 -43.69 53.63 -60.59
C VAL A 611 -43.25 53.74 -62.05
N ARG A 612 -41.94 53.94 -62.21
CA ARG A 612 -41.28 53.77 -63.46
C ARG A 612 -40.32 52.63 -63.23
N PRO A 613 -40.66 51.48 -63.81
CA PRO A 613 -39.75 50.32 -63.85
C PRO A 613 -38.75 50.38 -64.98
N HIS A 614 -39.13 51.00 -66.11
CA HIS A 614 -38.33 50.91 -67.31
C HIS A 614 -38.19 52.25 -68.03
N THR A 615 -37.00 52.56 -68.52
CA THR A 615 -36.81 53.72 -69.39
C THR A 615 -37.49 53.48 -70.72
N ASP A 616 -37.72 52.21 -71.02
CA ASP A 616 -38.33 51.76 -72.28
C ASP A 616 -39.81 51.39 -72.10
N ALA A 617 -40.62 51.73 -73.10
CA ALA A 617 -42.07 51.68 -72.98
C ALA A 617 -42.56 50.34 -72.43
N VAL A 618 -43.49 50.43 -71.49
CA VAL A 618 -44.10 49.24 -70.87
C VAL A 618 -45.03 48.52 -71.86
N TYR A 619 -45.06 47.20 -71.84
CA TYR A 619 -46.04 46.50 -72.65
C TYR A 619 -47.09 45.68 -71.89
N HIS A 620 -46.73 45.18 -70.71
CA HIS A 620 -47.72 44.47 -69.90
C HIS A 620 -47.29 44.41 -68.44
N ALA A 621 -48.28 44.25 -67.55
CA ALA A 621 -48.04 44.14 -66.12
C ALA A 621 -49.11 43.26 -65.49
N CYS A 622 -48.76 42.59 -64.39
CA CYS A 622 -49.71 41.70 -63.72
C CYS A 622 -49.48 41.58 -62.22
N PHE A 623 -50.57 41.53 -61.47
CA PHE A 623 -50.53 41.31 -60.02
C PHE A 623 -50.11 39.89 -59.70
N SER A 624 -49.40 39.74 -58.58
CA SER A 624 -49.22 38.42 -57.99
C SER A 624 -50.60 37.94 -57.54
N GLU A 625 -50.82 36.63 -57.61
CA GLU A 625 -52.10 36.07 -57.20
C GLU A 625 -52.33 36.38 -55.72
N ASP A 626 -51.24 36.41 -54.97
CA ASP A 626 -51.28 36.79 -53.57
C ASP A 626 -51.56 38.29 -53.42
N GLY A 627 -51.21 39.06 -54.45
CA GLY A 627 -51.38 40.49 -54.46
C GLY A 627 -50.23 41.23 -53.80
N GLN A 628 -49.26 40.48 -53.31
CA GLN A 628 -48.10 41.05 -52.64
C GLN A 628 -47.13 41.76 -53.59
N ARG A 629 -47.16 41.40 -54.87
CA ARG A 629 -46.19 41.97 -55.81
C ARG A 629 -46.73 42.06 -57.24
N ILE A 630 -46.04 42.83 -58.07
CA ILE A 630 -46.46 43.06 -59.44
C ILE A 630 -45.29 42.95 -60.41
N ALA A 631 -45.51 42.35 -61.58
CA ALA A 631 -44.50 42.34 -62.65
C ALA A 631 -44.94 43.11 -63.92
N SER A 632 -44.10 44.02 -64.39
CA SER A 632 -44.31 44.76 -65.65
C SER A 632 -43.14 44.44 -66.59
N CYS A 633 -43.41 44.28 -67.88
CA CYS A 633 -42.39 44.22 -68.92
C CYS A 633 -42.22 45.58 -69.64
N GLY A 634 -41.75 45.56 -70.88
CA GLY A 634 -41.58 46.80 -71.65
C GLY A 634 -41.04 46.60 -73.07
N ALA A 635 -40.85 47.69 -73.81
CA ALA A 635 -40.34 47.60 -75.18
C ALA A 635 -38.93 47.04 -75.19
N ASP A 636 -38.16 47.36 -74.17
CA ASP A 636 -36.79 46.88 -74.10
C ASP A 636 -36.88 45.37 -74.09
N LYS A 637 -37.89 44.87 -73.39
CA LYS A 637 -38.15 43.42 -73.31
C LYS A 637 -37.58 42.77 -72.05
N THR A 638 -36.90 43.55 -71.22
CA THR A 638 -36.56 43.14 -69.87
C THR A 638 -37.87 43.18 -69.11
N LEU A 639 -38.02 42.32 -68.11
CA LEU A 639 -39.19 42.33 -67.24
C LEU A 639 -38.71 42.62 -65.83
N GLN A 640 -39.38 43.52 -65.11
CA GLN A 640 -39.00 43.83 -63.74
C GLN A 640 -40.11 43.43 -62.78
N VAL A 641 -39.76 42.71 -61.71
CA VAL A 641 -40.77 42.21 -60.78
C VAL A 641 -40.65 42.94 -59.44
N PHE A 642 -41.74 43.45 -58.87
CA PHE A 642 -41.60 44.29 -57.67
C PHE A 642 -42.67 44.11 -56.60
N LYS A 643 -42.37 44.45 -55.35
CA LYS A 643 -43.41 44.40 -54.34
C LYS A 643 -43.90 45.83 -54.15
N ALA A 644 -45.17 46.05 -54.45
CA ALA A 644 -45.70 47.40 -54.57
C ALA A 644 -45.69 48.26 -53.32
N GLU A 645 -46.11 47.67 -52.19
CA GLU A 645 -46.14 48.39 -50.92
C GLU A 645 -44.90 49.25 -50.74
N THR A 646 -43.90 48.70 -50.08
CA THR A 646 -42.65 49.42 -49.82
C THR A 646 -42.07 49.99 -51.12
N GLY A 647 -42.65 49.57 -52.25
CA GLY A 647 -42.20 50.04 -53.55
C GLY A 647 -40.69 49.99 -53.69
N GLU A 648 -40.13 48.78 -53.65
CA GLU A 648 -38.70 48.60 -53.77
C GLU A 648 -38.36 47.42 -54.68
N LYS A 649 -37.38 47.60 -55.56
CA LYS A 649 -36.96 46.56 -56.47
C LYS A 649 -36.84 45.21 -55.76
N LEU A 650 -37.57 44.22 -56.25
CA LEU A 650 -37.54 42.88 -55.65
C LEU A 650 -37.07 41.84 -56.66
N LEU A 651 -36.97 42.24 -57.93
CA LEU A 651 -36.52 41.33 -58.99
C LEU A 651 -35.95 42.10 -60.20
N GLU A 652 -34.85 41.60 -60.77
CA GLU A 652 -34.29 42.13 -62.02
C GLU A 652 -34.20 40.95 -63.01
N ILE A 653 -34.63 41.10 -64.26
CA ILE A 653 -34.56 40.02 -65.27
C ILE A 653 -33.65 40.48 -66.42
N LYS A 654 -32.70 39.66 -66.87
CA LYS A 654 -31.61 40.22 -67.65
C LYS A 654 -32.12 40.62 -69.03
N ALA A 655 -32.83 39.70 -69.67
CA ALA A 655 -33.38 39.94 -71.00
C ALA A 655 -34.46 38.92 -71.38
N HIS A 656 -35.29 39.27 -72.34
CA HIS A 656 -36.20 38.33 -72.98
C HIS A 656 -35.95 38.43 -74.48
N GLU A 657 -35.81 37.30 -75.17
CA GLU A 657 -35.55 37.40 -76.60
C GLU A 657 -36.74 38.06 -77.27
N ASP A 658 -36.47 39.04 -78.13
CA ASP A 658 -37.52 39.78 -78.79
C ASP A 658 -38.25 40.66 -77.78
N GLU A 659 -39.03 41.61 -78.28
CA GLU A 659 -39.76 42.52 -77.39
C GLU A 659 -40.86 41.77 -76.63
N VAL A 660 -40.98 42.01 -75.32
CA VAL A 660 -41.99 41.32 -74.54
C VAL A 660 -43.35 41.62 -75.11
N LEU A 661 -44.23 40.63 -75.19
CA LEU A 661 -45.59 40.91 -75.61
C LEU A 661 -46.58 40.93 -74.44
N CYS A 662 -46.38 40.02 -73.49
CA CYS A 662 -47.11 40.03 -72.23
C CYS A 662 -46.54 38.97 -71.28
N CYS A 663 -46.84 39.09 -70.00
CA CYS A 663 -46.33 38.16 -69.00
C CYS A 663 -47.37 37.92 -67.93
N ALA A 664 -47.21 36.85 -67.16
CA ALA A 664 -48.18 36.54 -66.11
C ALA A 664 -47.66 35.56 -65.06
N PHE A 665 -48.10 35.76 -63.82
CA PHE A 665 -47.77 34.86 -62.72
C PHE A 665 -48.52 33.54 -62.74
N SER A 666 -47.90 32.52 -62.15
CA SER A 666 -48.56 31.26 -61.88
C SER A 666 -49.59 31.45 -60.77
N THR A 667 -50.58 30.57 -60.72
CA THR A 667 -51.68 30.70 -59.78
C THR A 667 -51.20 30.71 -58.33
N ASP A 668 -50.10 30.00 -58.07
CA ASP A 668 -49.46 30.04 -56.77
C ASP A 668 -48.25 30.95 -56.77
N ASP A 669 -48.14 31.76 -57.82
CA ASP A 669 -47.05 32.73 -57.96
C ASP A 669 -45.68 32.07 -57.89
N ARG A 670 -45.61 30.84 -58.39
CA ARG A 670 -44.37 30.08 -58.40
C ARG A 670 -43.69 30.11 -59.77
N PHE A 671 -44.37 30.73 -60.74
CA PHE A 671 -43.86 30.80 -62.11
C PHE A 671 -44.29 32.08 -62.79
N ILE A 672 -43.52 32.47 -63.81
CA ILE A 672 -43.85 33.65 -64.60
C ILE A 672 -43.67 33.37 -66.09
N ALA A 673 -44.77 33.13 -66.78
CA ALA A 673 -44.75 32.99 -68.22
C ALA A 673 -44.43 34.33 -68.87
N THR A 674 -43.69 34.31 -69.97
CA THR A 674 -43.34 35.53 -70.69
C THR A 674 -43.54 35.37 -72.19
N CYS A 675 -44.54 36.04 -72.74
CA CYS A 675 -44.81 36.00 -74.17
C CYS A 675 -43.87 36.92 -74.92
N SER A 676 -43.60 36.60 -76.18
CA SER A 676 -42.67 37.40 -76.98
C SER A 676 -42.81 37.23 -78.49
N VAL A 677 -42.32 38.23 -79.21
CA VAL A 677 -42.29 38.21 -80.67
C VAL A 677 -41.41 37.08 -81.20
N ASP A 678 -40.37 36.73 -80.47
CA ASP A 678 -39.46 35.69 -80.92
C ASP A 678 -40.25 34.40 -81.05
N LYS A 679 -41.17 34.22 -80.12
CA LYS A 679 -41.87 32.96 -79.88
C LYS A 679 -41.17 32.11 -78.82
N LYS A 680 -40.45 32.75 -77.92
CA LYS A 680 -39.84 32.06 -76.79
C LYS A 680 -40.70 32.20 -75.55
N VAL A 681 -41.59 31.24 -75.31
CA VAL A 681 -42.43 31.30 -74.13
C VAL A 681 -41.58 30.90 -72.93
N LYS A 682 -40.89 31.89 -72.37
CA LYS A 682 -39.97 31.67 -71.26
C LYS A 682 -40.65 31.77 -69.90
N ILE A 683 -41.01 30.61 -69.35
CA ILE A 683 -41.56 30.54 -68.01
C ILE A 683 -40.44 30.44 -66.98
N TRP A 684 -39.97 31.61 -66.55
CA TRP A 684 -38.96 31.75 -65.53
C TRP A 684 -39.58 31.46 -64.16
N ASN A 685 -38.78 31.00 -63.20
CA ASN A 685 -39.28 30.85 -61.83
C ASN A 685 -39.55 32.22 -61.23
N SER A 686 -40.58 32.31 -60.41
CA SER A 686 -40.95 33.58 -59.79
C SER A 686 -40.14 33.90 -58.54
N MET A 687 -39.40 32.91 -58.05
CA MET A 687 -38.64 33.10 -56.82
C MET A 687 -37.15 33.19 -57.09
N THR A 688 -36.57 32.06 -57.51
CA THR A 688 -35.16 32.02 -57.86
C THR A 688 -34.88 32.94 -59.05
N GLY A 689 -35.90 33.09 -59.91
CA GLY A 689 -35.80 33.93 -61.08
C GLY A 689 -35.17 33.19 -62.24
N GLU A 690 -34.74 31.97 -61.97
CA GLU A 690 -34.15 31.13 -63.01
C GLU A 690 -35.25 30.51 -63.86
N LEU A 691 -34.94 30.24 -65.13
CA LEU A 691 -35.91 29.67 -66.04
C LEU A 691 -36.31 28.26 -65.60
N VAL A 692 -37.57 27.92 -65.79
CA VAL A 692 -38.03 26.57 -65.53
C VAL A 692 -38.66 25.97 -66.80
N HIS A 693 -39.84 26.47 -67.16
CA HIS A 693 -40.54 25.96 -68.35
C HIS A 693 -40.25 26.82 -69.58
N THR A 694 -40.44 26.24 -70.75
CA THR A 694 -40.29 26.99 -71.99
C THR A 694 -41.10 26.33 -73.10
N TYR A 695 -41.66 27.13 -73.99
CA TYR A 695 -42.53 26.57 -75.03
C TYR A 695 -42.51 27.39 -76.33
N ASP A 696 -42.86 26.72 -77.42
CA ASP A 696 -43.06 27.38 -78.72
C ASP A 696 -43.91 26.49 -79.62
N GLU A 697 -44.81 27.09 -80.40
CA GLU A 697 -45.66 26.33 -81.31
C GLU A 697 -46.32 27.24 -82.34
N HIS A 698 -46.50 28.51 -81.95
CA HIS A 698 -47.25 29.47 -82.76
C HIS A 698 -46.62 29.73 -84.12
N SER A 699 -47.46 29.83 -85.14
CA SER A 699 -47.01 30.24 -86.47
C SER A 699 -46.65 31.72 -86.49
N GLU A 700 -47.22 32.47 -85.55
CA GLU A 700 -47.01 33.91 -85.48
C GLU A 700 -46.68 34.35 -84.06
N GLN A 701 -46.55 35.64 -83.85
CA GLN A 701 -46.26 36.17 -82.52
C GLN A 701 -47.41 35.89 -81.56
N VAL A 702 -47.08 35.56 -80.32
CA VAL A 702 -48.08 35.24 -79.31
C VAL A 702 -48.92 36.46 -78.94
N ASN A 703 -50.23 36.27 -78.77
CA ASN A 703 -51.09 37.36 -78.32
C ASN A 703 -51.24 37.40 -76.81
N CYS A 704 -51.23 36.24 -76.18
CA CYS A 704 -51.45 36.19 -74.73
C CYS A 704 -51.01 34.89 -74.09
N CYS A 705 -50.63 34.97 -72.83
CA CYS A 705 -50.25 33.81 -72.05
C CYS A 705 -50.90 33.88 -70.68
N HIS A 706 -51.24 32.71 -70.14
CA HIS A 706 -51.86 32.63 -68.82
C HIS A 706 -51.69 31.23 -68.24
N PHE A 707 -51.40 31.16 -66.95
CA PHE A 707 -51.41 29.88 -66.23
C PHE A 707 -52.84 29.51 -65.85
N THR A 708 -53.09 28.22 -65.68
CA THR A 708 -54.42 27.74 -65.32
C THR A 708 -54.81 28.29 -63.95
N ASN A 709 -56.04 28.79 -63.84
CA ASN A 709 -56.54 29.27 -62.57
C ASN A 709 -56.71 28.15 -61.55
N SER A 710 -56.93 26.94 -62.04
CA SER A 710 -56.99 25.77 -61.17
C SER A 710 -55.62 25.48 -60.57
N SER A 711 -55.61 25.16 -59.28
CA SER A 711 -54.38 24.77 -58.60
C SER A 711 -53.90 23.42 -59.10
N HIS A 712 -54.84 22.60 -59.57
CA HIS A 712 -54.53 21.24 -59.99
C HIS A 712 -53.93 21.20 -61.39
N HIS A 713 -54.78 21.37 -62.40
CA HIS A 713 -54.34 21.29 -63.78
C HIS A 713 -53.34 22.37 -64.11
N LEU A 714 -52.30 22.01 -64.86
CA LEU A 714 -51.29 22.96 -65.27
C LEU A 714 -51.30 23.11 -66.78
N LEU A 715 -51.95 24.16 -67.26
CA LEU A 715 -52.08 24.36 -68.69
C LEU A 715 -51.67 25.77 -69.06
N LEU A 716 -51.31 25.96 -70.33
CA LEU A 716 -50.91 27.27 -70.81
C LEU A 716 -51.63 27.60 -72.10
N ALA A 717 -52.83 28.15 -71.98
CA ALA A 717 -53.55 28.66 -73.14
C ALA A 717 -52.81 29.86 -73.70
N THR A 718 -52.65 29.90 -75.02
CA THR A 718 -51.91 30.99 -75.66
C THR A 718 -52.49 31.34 -77.02
N GLY A 719 -53.03 32.54 -77.13
CA GLY A 719 -53.46 33.07 -78.41
C GLY A 719 -52.28 33.64 -79.18
N SER A 720 -52.47 33.89 -80.46
CA SER A 720 -51.41 34.42 -81.31
C SER A 720 -51.95 34.97 -82.62
N SER A 721 -51.10 35.68 -83.38
CA SER A 721 -51.52 36.36 -84.59
C SER A 721 -51.91 35.37 -85.69
N ASP A 722 -51.50 34.11 -85.52
CA ASP A 722 -51.81 33.06 -86.49
C ASP A 722 -53.24 32.55 -86.32
N CYS A 723 -53.91 33.10 -85.29
CA CYS A 723 -55.31 32.83 -84.94
C CYS A 723 -55.47 31.53 -84.14
N PHE A 724 -54.55 30.59 -84.34
CA PHE A 724 -54.59 29.32 -83.60
C PHE A 724 -54.41 29.54 -82.10
N LEU A 725 -55.26 28.90 -81.31
CA LEU A 725 -54.99 28.78 -79.88
C LEU A 725 -53.97 27.67 -79.66
N LYS A 726 -53.18 27.78 -78.60
CA LYS A 726 -52.32 26.69 -78.19
C LYS A 726 -52.54 26.40 -76.71
N LEU A 727 -53.26 25.31 -76.43
CA LEU A 727 -53.47 24.86 -75.06
C LEU A 727 -52.33 23.95 -74.64
N TRP A 728 -51.30 24.55 -74.06
CA TRP A 728 -50.14 23.79 -73.59
C TRP A 728 -50.49 22.94 -72.39
N ASP A 729 -49.86 21.77 -72.30
CA ASP A 729 -49.86 21.01 -71.06
C ASP A 729 -48.55 21.35 -70.36
N LEU A 730 -48.62 22.08 -69.27
CA LEU A 730 -47.42 22.58 -68.61
C LEU A 730 -46.53 21.46 -68.10
N ASN A 731 -47.13 20.30 -67.87
CA ASN A 731 -46.38 19.13 -67.43
C ASN A 731 -45.66 18.44 -68.59
N GLN A 732 -45.93 18.88 -69.81
CA GLN A 732 -45.30 18.28 -70.99
C GLN A 732 -44.68 19.32 -71.91
N LYS A 733 -43.58 18.95 -72.56
CA LYS A 733 -42.83 19.87 -73.41
C LYS A 733 -43.64 20.29 -74.64
N GLU A 734 -44.52 19.41 -75.12
CA GLU A 734 -45.32 19.73 -76.28
C GLU A 734 -46.78 20.00 -75.92
N CYS A 735 -47.47 20.72 -76.79
CA CYS A 735 -48.82 21.22 -76.54
C CYS A 735 -49.86 20.13 -76.31
N ARG A 736 -50.71 20.33 -75.31
CA ARG A 736 -51.82 19.41 -75.07
C ARG A 736 -52.84 19.44 -76.18
N ASN A 737 -53.04 20.62 -76.78
CA ASN A 737 -54.01 20.76 -77.87
C ASN A 737 -53.94 22.07 -78.64
N THR A 738 -53.58 21.98 -79.91
CA THR A 738 -53.77 23.08 -80.84
C THR A 738 -55.26 23.30 -81.05
N MET A 739 -55.69 24.56 -81.09
CA MET A 739 -57.11 24.85 -81.25
C MET A 739 -57.39 25.95 -82.25
N PHE A 740 -57.52 25.58 -83.52
CA PHE A 740 -58.03 26.51 -84.51
C PHE A 740 -59.50 26.75 -84.22
N GLY A 741 -59.95 27.99 -84.38
CA GLY A 741 -61.34 28.33 -84.12
C GLY A 741 -61.62 29.77 -84.48
N HIS A 742 -60.83 30.69 -83.95
CA HIS A 742 -61.01 32.10 -84.25
C HIS A 742 -60.75 32.37 -85.72
N THR A 743 -61.63 33.17 -86.31
CA THR A 743 -61.48 33.56 -87.71
C THR A 743 -60.52 34.75 -87.83
N ASN A 744 -60.16 35.31 -86.68
CA ASN A 744 -59.25 36.44 -86.61
C ASN A 744 -58.25 36.26 -85.47
N SER A 745 -57.21 37.08 -85.47
CA SER A 745 -56.15 36.97 -84.47
C SER A 745 -56.72 37.17 -83.07
N VAL A 746 -56.25 36.36 -82.13
CA VAL A 746 -56.73 36.40 -80.75
C VAL A 746 -56.46 37.76 -80.12
N ASN A 747 -57.47 38.31 -79.46
CA ASN A 747 -57.31 39.59 -78.77
C ASN A 747 -56.87 39.43 -77.32
N HIS A 748 -57.34 38.37 -76.68
CA HIS A 748 -57.03 38.13 -75.28
C HIS A 748 -57.29 36.67 -74.94
N CYS A 749 -56.72 36.20 -73.83
CA CYS A 749 -56.89 34.82 -73.40
C CYS A 749 -56.88 34.67 -71.88
N ARG A 750 -57.81 33.88 -71.36
CA ARG A 750 -57.89 33.61 -69.93
C ARG A 750 -58.46 32.23 -69.69
N PHE A 751 -57.95 31.52 -68.68
CA PHE A 751 -58.61 30.30 -68.22
C PHE A 751 -59.91 30.60 -67.48
N SER A 752 -60.91 29.75 -67.68
CA SER A 752 -62.19 29.90 -66.99
C SER A 752 -62.11 29.23 -65.61
N PRO A 753 -62.88 29.74 -64.66
CA PRO A 753 -62.84 29.17 -63.30
C PRO A 753 -63.06 27.67 -63.34
N ASP A 754 -63.86 27.21 -64.29
CA ASP A 754 -63.97 25.79 -64.58
C ASP A 754 -62.84 25.43 -65.54
N ASP A 755 -61.82 24.77 -65.00
CA ASP A 755 -60.61 24.46 -65.77
C ASP A 755 -60.92 23.55 -66.96
N LYS A 756 -62.02 22.80 -66.86
CA LYS A 756 -62.48 21.95 -67.95
C LYS A 756 -62.84 22.81 -69.17
N LEU A 757 -63.34 24.01 -68.90
CA LEU A 757 -63.64 24.99 -69.93
C LEU A 757 -62.45 25.91 -70.20
N LEU A 758 -62.39 26.46 -71.40
CA LEU A 758 -61.37 27.44 -71.74
C LEU A 758 -61.91 28.46 -72.73
N ALA A 759 -62.31 29.62 -72.21
CA ALA A 759 -62.82 30.70 -73.03
C ALA A 759 -61.71 31.40 -73.79
N SER A 760 -62.07 32.02 -74.92
CA SER A 760 -61.11 32.80 -75.69
C SER A 760 -61.80 33.88 -76.52
N CYS A 761 -61.06 34.93 -76.85
CA CYS A 761 -61.61 36.05 -77.60
C CYS A 761 -60.72 36.41 -78.78
N SER A 762 -61.30 37.10 -79.75
CA SER A 762 -60.57 37.51 -80.94
C SER A 762 -61.29 38.63 -81.70
N ALA A 763 -60.64 39.14 -82.75
CA ALA A 763 -61.12 40.31 -83.47
C ALA A 763 -62.49 40.09 -84.12
N ASP A 764 -62.83 38.86 -84.41
CA ASP A 764 -64.17 38.53 -84.90
C ASP A 764 -65.21 38.88 -83.84
N GLY A 765 -64.75 38.87 -82.58
CA GLY A 765 -65.54 39.36 -81.47
C GLY A 765 -66.37 38.29 -80.79
N THR A 766 -66.62 37.18 -81.49
CA THR A 766 -67.37 36.09 -80.91
C THR A 766 -66.59 35.46 -79.76
N LEU A 767 -67.29 35.19 -78.66
CA LEU A 767 -66.68 34.46 -77.56
C LEU A 767 -66.51 33.01 -77.96
N LYS A 768 -65.49 32.34 -77.43
CA LYS A 768 -65.35 30.92 -77.70
C LYS A 768 -65.03 30.12 -76.44
N LEU A 769 -66.07 29.55 -75.85
CA LEU A 769 -65.93 28.70 -74.68
C LEU A 769 -65.60 27.27 -75.11
N TRP A 770 -64.30 27.00 -75.22
CA TRP A 770 -63.80 25.70 -75.65
C TRP A 770 -63.93 24.66 -74.54
N ASP A 771 -64.08 23.40 -74.94
CA ASP A 771 -64.06 22.31 -73.96
C ASP A 771 -62.65 21.71 -73.91
N ALA A 772 -61.84 22.19 -72.98
CA ALA A 772 -60.45 21.75 -72.89
C ALA A 772 -60.32 20.28 -72.54
N THR A 773 -61.27 19.75 -71.78
CA THR A 773 -61.23 18.35 -71.35
C THR A 773 -61.34 17.38 -72.52
N SER A 774 -62.15 17.74 -73.50
CA SER A 774 -62.31 16.92 -74.70
C SER A 774 -61.33 17.35 -75.79
N ALA A 775 -60.60 18.43 -75.53
CA ALA A 775 -59.73 19.06 -76.51
C ALA A 775 -60.51 19.44 -77.77
N ASN A 776 -61.76 19.85 -77.57
CA ASN A 776 -62.69 20.14 -78.66
C ASN A 776 -63.61 21.32 -78.35
N GLU A 777 -64.26 21.82 -79.38
CA GLU A 777 -65.24 22.90 -79.24
C GLU A 777 -66.44 22.47 -78.42
N ARG A 778 -66.95 23.39 -77.60
CA ARG A 778 -68.18 23.15 -76.85
C ARG A 778 -69.19 24.24 -77.12
N LYS A 779 -68.78 25.48 -76.89
CA LYS A 779 -69.67 26.62 -77.07
C LYS A 779 -68.94 27.81 -77.66
N SER A 780 -69.68 28.70 -78.32
CA SER A 780 -69.11 29.90 -78.92
C SER A 780 -70.19 30.92 -79.26
N ILE A 781 -70.47 31.83 -78.32
CA ILE A 781 -71.48 32.86 -78.54
C ILE A 781 -71.09 33.78 -79.69
N ASN A 782 -72.02 34.05 -80.59
CA ASN A 782 -71.83 35.08 -81.60
C ASN A 782 -72.05 36.46 -81.01
N VAL A 783 -71.34 37.46 -81.52
CA VAL A 783 -71.47 38.81 -80.97
C VAL A 783 -71.78 39.81 -82.07
N LYS A 784 -73.05 39.94 -82.39
CA LYS A 784 -73.56 41.00 -83.25
C LYS A 784 -74.53 41.83 -82.41
N GLN A 785 -74.45 41.63 -81.10
CA GLN A 785 -75.38 42.24 -80.15
C GLN A 785 -75.24 43.76 -80.14
N PHE A 786 -74.08 44.24 -80.57
CA PHE A 786 -73.91 45.67 -80.81
C PHE A 786 -74.62 46.02 -82.11
N PHE A 787 -75.94 46.00 -82.06
CA PHE A 787 -76.75 46.36 -83.22
C PHE A 787 -76.63 47.86 -83.49
N LEU A 788 -76.57 48.23 -84.76
CA LEU A 788 -76.39 49.62 -85.15
C LEU A 788 -76.73 49.80 -86.62
N ASN A 789 -77.93 50.36 -86.88
CA ASN A 789 -78.42 50.50 -88.24
C ASN A 789 -77.93 51.81 -88.88
N LEU A 790 -76.66 51.85 -89.26
CA LEU A 790 -76.09 52.99 -89.94
C LEU A 790 -76.34 52.96 -91.44
N GLU A 791 -75.93 54.03 -92.11
CA GLU A 791 -75.98 54.13 -93.57
C GLU A 791 -74.75 53.45 -94.18
N ASP A 792 -73.94 52.86 -93.31
CA ASP A 792 -72.74 52.13 -93.71
C ASP A 792 -73.13 50.95 -94.60
N PRO A 793 -72.47 50.83 -95.77
CA PRO A 793 -72.74 49.74 -96.74
C PRO A 793 -72.58 48.34 -96.14
N GLN A 794 -71.67 48.18 -95.19
CA GLN A 794 -71.52 46.91 -94.48
C GLN A 794 -72.84 46.60 -93.77
N GLU A 795 -73.15 45.31 -93.64
CA GLU A 795 -74.42 44.89 -93.04
C GLU A 795 -74.40 45.09 -91.54
N ASP A 796 -74.76 44.05 -90.79
CA ASP A 796 -74.64 44.10 -89.33
C ASP A 796 -73.19 44.26 -88.95
N MET A 797 -72.93 45.10 -87.95
CA MET A 797 -71.57 45.47 -87.58
C MET A 797 -70.75 44.29 -87.08
N GLU A 798 -69.48 44.26 -87.48
CA GLU A 798 -68.56 43.22 -87.05
C GLU A 798 -67.87 43.61 -85.76
N VAL A 799 -68.43 43.18 -84.63
CA VAL A 799 -67.93 43.54 -83.31
C VAL A 799 -66.50 43.03 -83.11
N ILE A 800 -65.67 43.83 -82.47
CA ILE A 800 -64.29 43.45 -82.21
C ILE A 800 -64.03 43.55 -80.70
N VAL A 801 -64.36 42.46 -79.98
CA VAL A 801 -64.15 42.41 -78.54
C VAL A 801 -62.66 42.45 -78.19
N LYS A 802 -62.31 43.18 -77.13
CA LYS A 802 -60.93 43.24 -76.67
C LYS A 802 -60.75 42.48 -75.36
N CYS A 803 -61.05 43.14 -74.24
CA CYS A 803 -60.87 42.53 -72.93
C CYS A 803 -61.81 41.35 -72.75
N CYS A 804 -61.31 40.28 -72.16
CA CYS A 804 -62.13 39.11 -71.84
C CYS A 804 -62.43 39.08 -70.35
N SER A 805 -63.25 40.02 -69.90
CA SER A 805 -63.56 40.16 -68.48
C SER A 805 -64.38 38.98 -67.94
N TRP A 806 -64.16 38.65 -66.68
CA TRP A 806 -64.92 37.59 -66.02
C TRP A 806 -65.74 38.10 -64.86
N SER A 807 -66.85 37.43 -64.59
CA SER A 807 -67.61 37.64 -63.36
C SER A 807 -66.76 37.11 -62.21
N ALA A 808 -67.02 37.60 -61.00
CA ALA A 808 -66.18 37.24 -59.86
C ALA A 808 -66.18 35.73 -59.62
N ASP A 809 -67.30 35.08 -59.93
CA ASP A 809 -67.35 33.63 -59.94
C ASP A 809 -66.82 33.06 -61.26
N GLY A 810 -66.78 33.89 -62.29
CA GLY A 810 -66.30 33.48 -63.59
C GLY A 810 -67.30 32.64 -64.37
N ALA A 811 -68.54 32.62 -63.89
CA ALA A 811 -69.58 31.80 -64.50
C ALA A 811 -70.12 32.41 -65.80
N ARG A 812 -69.78 33.67 -66.03
CA ARG A 812 -70.25 34.40 -67.20
C ARG A 812 -69.15 35.32 -67.69
N ILE A 813 -69.20 35.70 -68.96
CA ILE A 813 -68.12 36.54 -69.50
C ILE A 813 -68.53 37.96 -69.84
N MET A 814 -68.03 38.90 -69.04
CA MET A 814 -68.09 40.32 -69.36
C MET A 814 -67.10 40.62 -70.49
N VAL A 815 -67.47 41.53 -71.39
CA VAL A 815 -66.62 41.92 -72.50
C VAL A 815 -66.90 43.37 -72.84
N ALA A 816 -66.10 43.94 -73.73
CA ALA A 816 -66.38 45.30 -74.20
C ALA A 816 -65.81 45.51 -75.61
N ALA A 817 -66.55 46.24 -76.43
CA ALA A 817 -66.12 46.51 -77.79
C ALA A 817 -66.87 47.68 -78.39
N LYS A 818 -66.22 48.37 -79.33
CA LYS A 818 -66.82 49.49 -80.05
C LYS A 818 -67.39 50.55 -79.10
N ASN A 819 -68.71 50.55 -78.96
CA ASN A 819 -69.36 51.53 -78.10
C ASN A 819 -70.08 50.91 -76.91
N LYS A 820 -69.99 49.60 -76.76
CA LYS A 820 -70.74 48.92 -75.70
C LYS A 820 -69.98 47.80 -75.00
N ILE A 821 -70.12 47.78 -73.68
CA ILE A 821 -69.78 46.63 -72.87
C ILE A 821 -70.93 45.62 -72.98
N PHE A 822 -70.62 44.34 -72.88
CA PHE A 822 -71.64 43.29 -72.85
C PHE A 822 -71.36 42.33 -71.69
N LEU A 823 -72.39 41.64 -71.23
CA LEU A 823 -72.20 40.57 -70.25
C LEU A 823 -72.85 39.30 -70.78
N PHE A 824 -72.11 38.56 -71.58
CA PHE A 824 -72.62 37.32 -72.15
C PHE A 824 -72.64 36.20 -71.12
N ASP A 825 -73.64 35.32 -71.27
CA ASP A 825 -73.74 34.11 -70.46
C ASP A 825 -73.35 32.91 -71.30
N ILE A 826 -72.07 32.55 -71.25
CA ILE A 826 -71.54 31.46 -72.04
C ILE A 826 -72.11 30.10 -71.68
N HIS A 827 -72.49 29.92 -70.42
CA HIS A 827 -73.07 28.65 -70.01
C HIS A 827 -74.42 28.39 -70.66
N THR A 828 -75.15 29.47 -70.98
CA THR A 828 -76.41 29.36 -71.69
C THR A 828 -76.27 29.78 -73.15
N SER A 829 -75.07 30.21 -73.51
CA SER A 829 -74.76 30.67 -74.86
C SER A 829 -75.69 31.80 -75.31
N GLY A 830 -75.92 32.76 -74.45
CA GLY A 830 -76.77 33.89 -74.78
C GLY A 830 -76.38 35.19 -74.09
N LEU A 831 -76.77 36.30 -74.71
CA LEU A 831 -76.53 37.63 -74.16
C LEU A 831 -77.33 37.87 -72.89
N LEU A 832 -76.74 38.61 -71.95
CA LEU A 832 -77.50 39.12 -70.81
C LEU A 832 -77.28 40.63 -70.64
N GLY A 833 -76.13 40.99 -70.06
CA GLY A 833 -75.85 42.39 -69.81
C GLY A 833 -75.38 43.14 -71.05
N GLU A 834 -75.38 44.47 -70.95
CA GLU A 834 -74.97 45.32 -72.06
C GLU A 834 -74.80 46.76 -71.58
N ILE A 835 -73.58 47.11 -71.19
CA ILE A 835 -73.31 48.44 -70.64
C ILE A 835 -72.72 49.36 -71.71
N HIS A 836 -73.53 50.29 -72.20
CA HIS A 836 -73.08 51.22 -73.23
C HIS A 836 -71.97 52.13 -72.69
N THR A 837 -70.98 52.41 -73.53
CA THR A 837 -69.86 53.27 -73.14
C THR A 837 -70.17 54.73 -73.43
N GLY A 838 -69.33 55.63 -72.91
CA GLY A 838 -69.53 57.05 -73.10
C GLY A 838 -69.50 57.49 -74.55
N HIS A 839 -70.52 58.25 -74.95
CA HIS A 839 -70.66 58.74 -76.32
C HIS A 839 -70.50 57.62 -77.34
N HIS A 840 -69.79 57.91 -78.43
CA HIS A 840 -69.58 56.92 -79.49
C HIS A 840 -68.20 57.04 -80.12
N SER A 841 -67.59 55.90 -80.37
CA SER A 841 -66.27 55.80 -80.98
C SER A 841 -65.93 54.34 -81.23
N THR A 842 -64.81 53.89 -80.67
CA THR A 842 -64.43 52.49 -80.67
C THR A 842 -63.47 52.26 -79.51
N ILE A 843 -63.79 51.30 -78.64
CA ILE A 843 -63.01 51.10 -77.41
C ILE A 843 -61.56 50.73 -77.72
N GLN A 844 -60.64 51.40 -77.02
CA GLN A 844 -59.23 51.07 -77.10
C GLN A 844 -58.82 50.20 -75.92
N TYR A 845 -59.53 50.38 -74.80
CA TYR A 845 -59.27 49.61 -73.60
C TYR A 845 -60.49 49.56 -72.66
N CYS A 846 -60.58 48.50 -71.86
CA CYS A 846 -61.67 48.35 -70.92
C CYS A 846 -61.27 47.43 -69.76
N ASP A 847 -61.97 47.55 -68.63
CA ASP A 847 -61.67 46.73 -67.46
C ASP A 847 -62.84 46.68 -66.48
N PHE A 848 -63.50 45.53 -66.41
CA PHE A 848 -64.54 45.28 -65.42
C PHE A 848 -64.00 45.12 -64.00
N SER A 849 -64.74 45.63 -63.02
CA SER A 849 -64.41 45.42 -61.61
C SER A 849 -65.48 44.61 -60.90
N PRO A 850 -65.11 43.43 -60.38
CA PRO A 850 -66.06 42.55 -59.68
C PRO A 850 -66.70 43.22 -58.46
N GLN A 851 -65.96 44.07 -57.76
CA GLN A 851 -66.54 44.89 -56.70
C GLN A 851 -67.38 46.04 -57.27
N ASN A 852 -68.45 46.37 -56.57
CA ASN A 852 -69.29 47.52 -56.89
C ASN A 852 -69.78 47.56 -58.33
N HIS A 853 -69.61 46.46 -59.05
CA HIS A 853 -69.93 46.36 -60.47
C HIS A 853 -69.26 47.48 -61.27
N LEU A 854 -68.08 47.91 -60.85
CA LEU A 854 -67.37 49.00 -61.50
C LEU A 854 -66.75 48.62 -62.85
N ALA A 855 -66.57 49.62 -63.69
CA ALA A 855 -65.96 49.44 -64.99
C ALA A 855 -65.00 50.58 -65.31
N VAL A 856 -63.72 50.37 -65.03
CA VAL A 856 -62.71 51.35 -65.41
C VAL A 856 -62.36 51.15 -66.87
N VAL A 857 -62.92 52.01 -67.71
CA VAL A 857 -62.77 51.85 -69.15
C VAL A 857 -62.05 53.03 -69.78
N ALA A 858 -60.93 52.74 -70.44
CA ALA A 858 -60.23 53.72 -71.24
C ALA A 858 -60.73 53.66 -72.67
N LEU A 859 -61.76 54.46 -72.96
CA LEU A 859 -62.40 54.43 -74.28
C LEU A 859 -61.41 54.79 -75.38
N SER A 860 -61.02 56.07 -75.42
CA SER A 860 -60.02 56.53 -76.36
C SER A 860 -59.37 57.82 -75.84
N GLN A 861 -58.11 58.05 -76.18
CA GLN A 861 -57.41 59.23 -75.68
C GLN A 861 -57.37 59.22 -74.15
N TYR A 862 -56.92 58.10 -73.59
CA TYR A 862 -56.81 57.94 -72.15
C TYR A 862 -58.09 58.35 -71.43
N CYS A 863 -59.24 58.12 -72.06
CA CYS A 863 -60.51 58.45 -71.43
C CYS A 863 -60.86 57.36 -70.44
N VAL A 864 -60.14 57.35 -69.33
CA VAL A 864 -60.25 56.29 -68.32
C VAL A 864 -61.41 56.60 -67.36
N GLU A 865 -62.63 56.47 -67.87
CA GLU A 865 -63.80 56.75 -67.04
C GLU A 865 -64.12 55.60 -66.09
N LEU A 866 -64.68 55.94 -64.94
CA LEU A 866 -65.17 54.94 -64.00
C LEU A 866 -66.68 54.82 -64.12
N TRP A 867 -67.10 53.80 -64.86
CA TRP A 867 -68.50 53.46 -65.06
C TRP A 867 -68.96 52.45 -64.02
N ASN A 868 -70.25 52.15 -64.01
CA ASN A 868 -70.77 51.13 -63.11
C ASN A 868 -71.63 50.15 -63.91
N THR A 869 -71.17 48.90 -64.00
CA THR A 869 -71.80 47.88 -64.83
C THR A 869 -73.17 47.46 -64.31
N ASP A 870 -74.00 46.98 -65.23
CA ASP A 870 -75.37 46.53 -64.96
C ASP A 870 -76.28 47.71 -64.63
N SER A 871 -75.87 48.53 -63.67
CA SER A 871 -76.54 49.79 -63.39
C SER A 871 -76.40 50.72 -64.59
N ARG A 872 -75.34 50.51 -65.37
CA ARG A 872 -75.13 51.19 -66.64
C ARG A 872 -75.08 52.71 -66.51
N SER A 873 -74.34 53.18 -65.52
CA SER A 873 -74.10 54.61 -65.35
C SER A 873 -72.69 54.88 -64.83
N LYS A 874 -72.10 55.96 -65.31
CA LYS A 874 -70.75 56.35 -64.89
C LYS A 874 -70.70 56.73 -63.42
N VAL A 875 -69.62 56.35 -62.74
CA VAL A 875 -69.42 56.74 -61.36
C VAL A 875 -68.62 58.04 -61.27
N ALA A 876 -67.43 58.06 -61.86
CA ALA A 876 -66.62 59.28 -61.83
C ALA A 876 -65.52 59.32 -62.88
N ASP A 877 -65.12 60.53 -63.26
CA ASP A 877 -64.03 60.72 -64.20
C ASP A 877 -62.68 60.47 -63.53
N CYS A 878 -61.71 60.03 -64.32
CA CYS A 878 -60.36 59.82 -63.81
C CYS A 878 -59.31 60.42 -64.75
N ARG A 879 -59.10 61.73 -64.67
CA ARG A 879 -57.95 62.38 -65.33
C ARG A 879 -56.57 62.08 -64.68
N GLY A 880 -55.49 62.16 -65.47
CA GLY A 880 -54.14 61.91 -64.98
C GLY A 880 -53.11 60.95 -65.58
N HIS A 881 -53.36 60.36 -66.74
CA HIS A 881 -52.30 59.63 -67.44
C HIS A 881 -51.92 60.39 -68.74
N LEU A 882 -50.62 60.46 -69.01
CA LEU A 882 -50.04 61.15 -70.16
C LEU A 882 -49.59 60.05 -71.16
N SER A 883 -49.78 60.29 -72.47
CA SER A 883 -49.53 59.32 -73.56
C SER A 883 -50.73 58.46 -73.97
N TRP A 884 -51.91 58.80 -73.47
CA TRP A 884 -53.08 57.92 -73.61
C TRP A 884 -52.76 56.56 -72.98
N VAL A 885 -53.47 56.19 -71.93
CA VAL A 885 -53.17 54.97 -71.21
C VAL A 885 -52.66 53.87 -72.12
N HIS A 886 -52.02 52.89 -71.52
CA HIS A 886 -51.59 51.71 -72.25
C HIS A 886 -52.20 50.51 -71.55
N GLY A 887 -52.61 50.69 -70.30
CA GLY A 887 -53.33 49.60 -69.63
C GLY A 887 -53.60 49.79 -68.14
N VAL A 888 -54.59 49.07 -67.65
CA VAL A 888 -55.05 49.16 -66.28
C VAL A 888 -55.50 47.77 -65.81
N MET A 889 -55.34 47.47 -64.52
CA MET A 889 -55.93 46.24 -63.99
C MET A 889 -56.04 46.31 -62.47
N PHE A 890 -57.12 45.76 -61.94
CA PHE A 890 -57.42 45.80 -60.51
C PHE A 890 -56.60 44.83 -59.69
N SER A 891 -56.43 45.16 -58.42
CA SER A 891 -55.82 44.27 -57.45
C SER A 891 -56.71 43.05 -57.24
N PRO A 892 -56.12 41.90 -56.86
CA PRO A 892 -56.94 40.72 -56.56
C PRO A 892 -57.92 41.00 -55.44
N ASP A 893 -57.53 41.86 -54.49
CA ASP A 893 -58.45 42.35 -53.48
C ASP A 893 -59.53 43.24 -54.12
N GLY A 894 -59.17 43.88 -55.23
CA GLY A 894 -60.09 44.75 -55.92
C GLY A 894 -60.14 46.14 -55.30
N SER A 895 -59.34 46.33 -54.26
CA SER A 895 -59.32 47.60 -53.53
C SER A 895 -58.46 48.64 -54.23
N SER A 896 -57.74 48.23 -55.27
CA SER A 896 -56.85 49.11 -55.99
C SER A 896 -56.60 48.62 -57.41
N PHE A 897 -55.99 49.47 -58.24
CA PHE A 897 -55.65 49.07 -59.60
C PHE A 897 -54.43 49.79 -60.15
N LEU A 898 -53.60 49.06 -60.89
CA LEU A 898 -52.47 49.64 -61.60
C LEU A 898 -52.93 50.37 -62.85
N THR A 899 -52.14 51.35 -63.29
CA THR A 899 -52.43 52.04 -64.55
C THR A 899 -51.18 52.20 -65.40
N SER A 900 -50.86 51.18 -66.19
CA SER A 900 -49.75 51.26 -67.14
C SER A 900 -50.09 52.32 -68.20
N SER A 901 -49.07 53.03 -68.67
CA SER A 901 -49.31 54.11 -69.64
C SER A 901 -48.17 54.28 -70.62
N ASP A 902 -48.45 54.93 -71.73
CA ASP A 902 -47.46 55.12 -72.79
C ASP A 902 -46.28 55.98 -72.34
N ASP A 903 -46.46 56.80 -71.32
CA ASP A 903 -45.38 57.67 -70.88
C ASP A 903 -44.22 56.77 -70.45
N GLN A 904 -44.59 55.57 -69.99
CA GLN A 904 -43.75 54.71 -69.15
C GLN A 904 -44.04 54.81 -67.63
N THR A 905 -45.31 54.98 -67.27
CA THR A 905 -45.74 55.31 -65.93
C THR A 905 -46.85 54.39 -65.42
N ILE A 906 -46.72 53.95 -64.18
CA ILE A 906 -47.75 53.12 -63.56
C ILE A 906 -48.28 53.77 -62.28
N ARG A 907 -49.51 54.24 -62.33
CA ARG A 907 -50.08 54.93 -61.18
C ARG A 907 -51.02 54.02 -60.40
N LEU A 908 -50.65 53.79 -59.15
CA LEU A 908 -51.51 53.13 -58.19
C LEU A 908 -52.70 54.00 -57.82
N TRP A 909 -53.85 53.37 -57.59
CA TRP A 909 -55.05 54.12 -57.19
C TRP A 909 -55.94 53.34 -56.24
N GLU A 910 -56.41 54.01 -55.20
CA GLU A 910 -57.40 53.46 -54.29
C GLU A 910 -58.77 53.37 -54.97
N THR A 911 -59.53 52.33 -54.64
CA THR A 911 -60.86 52.14 -55.22
C THR A 911 -61.83 53.25 -54.84
N LYS A 912 -61.75 53.70 -53.59
CA LYS A 912 -62.68 54.69 -53.05
C LYS A 912 -62.61 56.04 -53.75
N LYS A 913 -61.40 56.47 -54.10
CA LYS A 913 -61.18 57.80 -54.67
C LYS A 913 -61.90 58.03 -55.99
N VAL A 914 -61.93 57.00 -56.85
CA VAL A 914 -62.50 57.12 -58.18
C VAL A 914 -63.98 57.47 -58.19
N CYS A 915 -64.74 56.87 -57.28
CA CYS A 915 -66.19 57.07 -57.24
C CYS A 915 -66.58 58.51 -56.96
N LYS A 916 -65.86 59.16 -56.06
CA LYS A 916 -66.13 60.55 -55.69
C LYS A 916 -65.89 61.46 -56.88
N ASN A 917 -66.72 62.49 -57.04
CA ASN A 917 -66.59 63.35 -58.20
C ASN A 917 -65.48 64.38 -57.99
N SER A 918 -64.83 64.77 -59.08
CA SER A 918 -63.74 65.74 -59.01
C SER A 918 -63.69 66.61 -60.26
N ALA A 919 -64.73 67.41 -60.47
CA ALA A 919 -64.80 68.29 -61.62
C ALA A 919 -63.71 69.35 -61.57
N VAL A 920 -62.48 68.95 -61.92
CA VAL A 920 -61.35 69.85 -61.90
C VAL A 920 -60.47 69.67 -63.14
N MET A 921 -59.17 69.94 -63.00
CA MET A 921 -58.23 69.81 -64.11
C MET A 921 -58.76 70.48 -65.37
N LEU A 922 -58.50 71.77 -65.50
CA LEU A 922 -58.93 72.54 -66.66
C LEU A 922 -58.59 71.84 -67.98
N LYS A 923 -59.33 72.20 -69.02
CA LYS A 923 -59.19 71.65 -70.37
C LYS A 923 -57.85 72.01 -70.97
N GLN A 924 -57.34 71.12 -71.81
CA GLN A 924 -55.94 71.16 -72.24
C GLN A 924 -55.46 72.43 -72.96
N GLU A 925 -56.29 72.93 -73.88
CA GLU A 925 -55.93 74.14 -74.61
C GLU A 925 -56.81 75.29 -74.18
N VAL A 926 -56.19 76.37 -73.72
CA VAL A 926 -56.91 77.55 -73.26
C VAL A 926 -56.13 78.82 -73.60
N ASP A 927 -56.83 79.93 -73.69
CA ASP A 927 -56.20 81.22 -73.91
C ASP A 927 -56.35 82.07 -72.66
N VAL A 928 -55.23 82.65 -72.19
CA VAL A 928 -55.25 83.53 -71.02
C VAL A 928 -54.81 84.96 -71.36
N VAL A 929 -55.58 85.95 -70.92
CA VAL A 929 -55.25 87.37 -71.18
C VAL A 929 -54.88 88.11 -69.89
N PHE A 930 -53.71 88.76 -69.90
CA PHE A 930 -53.20 89.40 -68.69
C PHE A 930 -53.29 90.92 -68.68
N GLN A 931 -54.06 91.42 -67.72
CA GLN A 931 -54.38 92.84 -67.62
C GLN A 931 -53.78 93.56 -66.42
N GLU A 932 -52.72 92.99 -65.84
CA GLU A 932 -52.07 93.55 -64.64
C GLU A 932 -51.84 92.64 -63.40
N ASN A 933 -52.36 93.08 -62.24
CA ASN A 933 -52.26 92.44 -60.90
C ASN A 933 -52.94 91.08 -60.66
N GLU A 934 -53.99 90.83 -61.43
CA GLU A 934 -54.69 89.55 -61.47
C GLU A 934 -54.65 89.05 -62.91
N VAL A 935 -54.38 87.75 -63.09
CA VAL A 935 -54.35 87.13 -64.42
C VAL A 935 -55.53 86.17 -64.55
N MET A 936 -56.27 86.27 -65.65
CA MET A 936 -57.45 85.43 -65.89
C MET A 936 -57.15 84.39 -66.99
N VAL A 937 -57.44 83.12 -66.73
CA VAL A 937 -57.15 82.05 -67.68
C VAL A 937 -58.44 81.55 -68.34
N LEU A 938 -58.44 81.49 -69.67
CA LEU A 938 -59.59 80.97 -70.40
C LEU A 938 -59.77 79.50 -70.08
N ALA A 939 -61.03 79.07 -69.93
CA ALA A 939 -61.32 77.69 -69.57
C ALA A 939 -62.51 77.11 -70.34
N VAL A 940 -62.52 75.79 -70.48
CA VAL A 940 -63.64 75.09 -71.10
C VAL A 940 -64.34 74.26 -70.03
N ASP A 941 -65.65 74.41 -69.92
CA ASP A 941 -66.39 73.78 -68.84
C ASP A 941 -66.22 72.27 -68.91
N HIS A 942 -66.19 71.64 -67.74
CA HIS A 942 -66.01 70.19 -67.65
C HIS A 942 -67.15 69.46 -68.33
N ILE A 943 -68.31 70.11 -68.41
CA ILE A 943 -69.47 69.51 -69.04
C ILE A 943 -69.80 70.13 -70.40
N ARG A 944 -69.90 71.45 -70.45
CA ARG A 944 -70.38 72.13 -71.66
C ARG A 944 -69.45 73.23 -72.18
N ARG A 945 -69.73 74.48 -71.80
CA ARG A 945 -69.06 75.63 -72.40
C ARG A 945 -67.79 76.02 -71.66
N LEU A 946 -67.94 76.90 -70.66
CA LEU A 946 -66.77 77.46 -70.00
C LEU A 946 -67.06 78.08 -68.62
N GLN A 947 -65.99 78.24 -67.85
CA GLN A 947 -66.00 79.01 -66.61
C GLN A 947 -64.71 79.80 -66.51
N LEU A 948 -64.82 81.07 -66.13
CA LEU A 948 -63.64 81.88 -65.97
C LEU A 948 -63.34 81.93 -64.49
N ILE A 949 -62.23 81.31 -64.11
CA ILE A 949 -61.73 81.41 -62.74
C ILE A 949 -60.48 82.27 -62.68
N ASN A 950 -60.59 83.43 -62.05
CA ASN A 950 -59.44 84.28 -61.83
C ASN A 950 -58.51 83.61 -60.83
N GLY A 951 -57.22 83.91 -60.95
CA GLY A 951 -56.26 83.40 -59.99
C GLY A 951 -56.43 84.10 -58.66
N ARG A 952 -55.94 83.45 -57.60
CA ARG A 952 -56.02 84.00 -56.25
C ARG A 952 -57.46 84.31 -55.81
N THR A 953 -58.42 83.54 -56.32
CA THR A 953 -59.82 83.67 -55.92
C THR A 953 -60.65 82.45 -56.34
N GLY A 954 -61.80 82.30 -55.70
CA GLY A 954 -62.73 81.23 -56.04
C GLY A 954 -63.85 81.73 -56.93
N GLN A 955 -63.62 82.84 -57.60
CA GLN A 955 -64.65 83.50 -58.40
C GLN A 955 -64.83 82.85 -59.78
N ILE A 956 -65.61 81.78 -59.80
CA ILE A 956 -65.98 81.12 -61.06
C ILE A 956 -66.88 82.04 -61.90
N ASP A 957 -66.71 82.02 -63.22
CA ASP A 957 -67.54 82.81 -64.11
C ASP A 957 -68.07 81.94 -65.26
N TYR A 958 -69.12 81.18 -64.97
CA TYR A 958 -69.71 80.26 -65.94
C TYR A 958 -70.51 80.99 -67.02
N LEU A 959 -70.53 80.42 -68.23
CA LEU A 959 -71.32 80.95 -69.33
C LEU A 959 -71.91 79.79 -70.14
N THR A 960 -72.99 80.06 -70.86
CA THR A 960 -73.67 79.00 -71.62
C THR A 960 -73.61 79.18 -73.14
N GLU A 961 -73.34 78.07 -73.83
CA GLU A 961 -73.35 77.98 -75.28
C GLU A 961 -73.28 76.49 -75.65
N ALA A 962 -73.66 76.14 -76.87
CA ALA A 962 -73.60 74.75 -77.29
C ALA A 962 -72.16 74.35 -77.61
N GLN A 963 -71.35 74.23 -76.56
CA GLN A 963 -69.95 73.85 -76.65
C GLN A 963 -69.16 74.77 -77.58
N VAL A 964 -68.55 75.81 -77.02
CA VAL A 964 -67.71 76.71 -77.79
C VAL A 964 -66.47 75.98 -78.31
N SER A 965 -66.08 76.31 -79.54
CA SER A 965 -64.91 75.68 -80.15
C SER A 965 -63.61 76.35 -79.74
N CYS A 966 -63.67 77.68 -79.59
CA CYS A 966 -62.51 78.48 -79.22
C CYS A 966 -63.02 79.84 -78.75
N CYS A 967 -62.16 80.62 -78.09
CA CYS A 967 -62.62 81.89 -77.52
C CYS A 967 -61.57 83.00 -77.62
N CYS A 968 -62.05 84.25 -77.59
CA CYS A 968 -61.16 85.41 -77.63
C CYS A 968 -61.84 86.65 -77.04
N LEU A 969 -61.16 87.31 -76.11
CA LEU A 969 -61.63 88.58 -75.56
C LEU A 969 -61.35 89.75 -76.49
N SER A 970 -62.20 90.77 -76.41
CA SER A 970 -62.05 91.99 -77.19
C SER A 970 -60.93 92.89 -76.64
N PRO A 971 -60.35 93.73 -77.52
CA PRO A 971 -59.40 94.74 -77.08
C PRO A 971 -60.08 95.75 -76.16
N HIS A 972 -59.35 96.25 -75.16
CA HIS A 972 -59.89 97.17 -74.17
C HIS A 972 -61.13 96.60 -73.48
N LEU A 973 -61.14 95.28 -73.31
CA LEU A 973 -62.21 94.57 -72.61
C LEU A 973 -63.59 94.83 -73.23
N GLN A 974 -64.60 94.94 -72.36
CA GLN A 974 -65.97 95.31 -72.73
C GLN A 974 -66.72 94.28 -73.55
N TYR A 975 -66.04 93.23 -73.99
CA TYR A 975 -66.68 92.18 -74.78
C TYR A 975 -65.99 90.84 -74.57
N ILE A 976 -66.65 89.79 -75.05
CA ILE A 976 -66.13 88.43 -75.03
C ILE A 976 -66.55 87.77 -76.34
N ALA A 977 -65.81 86.77 -76.82
CA ALA A 977 -66.16 86.15 -78.09
C ALA A 977 -65.78 84.67 -78.14
N PHE A 978 -66.43 83.96 -79.05
CA PHE A 978 -66.16 82.54 -79.23
C PHE A 978 -66.47 82.06 -80.66
N GLY A 979 -65.78 81.00 -81.07
CA GLY A 979 -66.02 80.37 -82.36
C GLY A 979 -67.08 79.29 -82.27
N ASP A 980 -67.23 78.51 -83.33
CA ASP A 980 -68.22 77.44 -83.37
C ASP A 980 -67.80 76.35 -84.35
N GLU A 981 -68.43 75.19 -84.23
CA GLU A 981 -68.13 74.04 -85.08
C GLU A 981 -68.43 74.34 -86.54
N ASN A 982 -69.40 75.22 -86.77
CA ASN A 982 -69.74 75.67 -88.12
C ASN A 982 -68.82 76.79 -88.60
N GLY A 983 -67.95 77.26 -87.71
CA GLY A 983 -67.07 78.37 -88.00
C GLY A 983 -67.71 79.71 -87.71
N ALA A 984 -68.95 79.69 -87.23
CA ALA A 984 -69.64 80.89 -86.78
C ALA A 984 -68.93 81.47 -85.56
N ILE A 985 -68.87 82.79 -85.46
CA ILE A 985 -68.17 83.41 -84.35
C ILE A 985 -68.99 84.52 -83.71
N GLU A 986 -69.53 84.25 -82.53
CA GLU A 986 -70.28 85.24 -81.75
C GLU A 986 -69.36 86.14 -80.93
N ILE A 987 -69.78 87.38 -80.70
CA ILE A 987 -69.07 88.26 -79.78
C ILE A 987 -70.05 88.86 -78.76
N LEU A 988 -70.31 88.11 -77.70
CA LEU A 988 -71.20 88.57 -76.64
C LEU A 988 -70.67 89.80 -75.93
N GLU A 989 -71.54 90.80 -75.71
CA GLU A 989 -71.16 91.96 -74.93
C GLU A 989 -71.16 91.63 -73.44
N LEU A 990 -70.27 92.26 -72.67
CA LEU A 990 -70.23 92.07 -71.23
C LEU A 990 -71.35 92.82 -70.53
N VAL A 991 -71.65 94.02 -71.02
CA VAL A 991 -72.64 94.88 -70.41
C VAL A 991 -74.04 94.26 -70.47
N ASN A 992 -74.30 93.52 -71.54
CA ASN A 992 -75.61 92.91 -71.73
C ASN A 992 -75.50 91.60 -72.51
N ASN A 993 -76.05 90.54 -71.95
CA ASN A 993 -76.07 89.23 -72.60
C ASN A 993 -76.97 89.18 -73.84
N ARG A 994 -77.95 90.08 -73.91
CA ARG A 994 -78.86 90.12 -75.05
C ARG A 994 -78.17 90.54 -76.35
N ILE A 995 -77.15 91.38 -76.24
CA ILE A 995 -76.46 91.92 -77.42
C ILE A 995 -75.32 91.01 -77.88
N PHE A 996 -75.38 90.61 -79.14
CA PHE A 996 -74.35 89.77 -79.72
C PHE A 996 -74.38 89.89 -81.25
N GLN A 997 -73.29 89.51 -81.88
CA GLN A 997 -73.24 89.37 -83.34
C GLN A 997 -72.76 87.95 -83.60
N SER A 998 -73.40 87.23 -84.52
CA SER A 998 -72.97 85.88 -84.88
C SER A 998 -72.53 85.89 -86.33
N ARG A 999 -71.37 85.33 -86.63
CA ARG A 999 -70.88 85.30 -88.01
C ARG A 999 -70.87 83.87 -88.54
N PHE A 1000 -71.48 83.66 -89.70
CA PHE A 1000 -71.52 82.31 -90.27
C PHE A 1000 -70.51 82.21 -91.41
N GLN A 1001 -69.53 81.33 -91.27
CA GLN A 1001 -68.43 81.34 -92.22
C GLN A 1001 -67.58 80.08 -92.01
N HIS A 1002 -66.74 79.76 -92.99
CA HIS A 1002 -65.81 78.63 -92.96
C HIS A 1002 -66.51 77.29 -93.10
N LYS A 1003 -65.93 76.43 -93.92
CA LYS A 1003 -66.47 75.11 -94.19
C LYS A 1003 -66.52 74.24 -92.93
N LYS A 1004 -65.58 74.48 -92.02
CA LYS A 1004 -65.49 73.71 -90.79
C LYS A 1004 -65.32 74.63 -89.60
N THR A 1005 -64.83 74.08 -88.50
CA THR A 1005 -64.57 74.87 -87.30
C THR A 1005 -63.50 75.93 -87.58
N VAL A 1006 -63.72 77.14 -87.09
CA VAL A 1006 -62.77 78.23 -87.30
C VAL A 1006 -61.44 77.96 -86.60
N TRP A 1007 -60.34 78.31 -87.27
CA TRP A 1007 -59.01 78.16 -86.67
C TRP A 1007 -58.67 79.39 -85.85
N HIS A 1008 -57.62 80.09 -86.28
CA HIS A 1008 -57.11 81.26 -85.56
C HIS A 1008 -58.13 82.39 -85.54
N ILE A 1009 -58.19 83.09 -84.41
CA ILE A 1009 -59.05 84.26 -84.26
C ILE A 1009 -58.27 85.39 -83.62
N GLN A 1010 -58.38 86.58 -84.19
CA GLN A 1010 -57.67 87.72 -83.63
C GLN A 1010 -58.40 89.02 -83.96
N PHE A 1011 -58.34 89.96 -83.04
CA PHE A 1011 -59.02 91.24 -83.17
C PHE A 1011 -58.04 92.35 -83.57
N THR A 1012 -58.56 93.39 -84.21
CA THR A 1012 -57.75 94.55 -84.58
C THR A 1012 -57.48 95.41 -83.34
N ALA A 1013 -56.60 96.39 -83.48
CA ALA A 1013 -56.32 97.33 -82.41
C ALA A 1013 -57.58 98.10 -82.06
N ASP A 1014 -58.45 98.28 -83.05
CA ASP A 1014 -59.78 98.79 -82.83
C ASP A 1014 -60.62 97.74 -82.10
N GLU A 1015 -61.58 98.18 -81.31
CA GLU A 1015 -62.48 97.26 -80.63
C GLU A 1015 -63.31 96.49 -81.64
N LYS A 1016 -63.50 97.09 -82.82
CA LYS A 1016 -64.26 96.49 -83.91
C LYS A 1016 -63.41 95.55 -84.75
N THR A 1017 -64.10 94.83 -85.64
CA THR A 1017 -63.50 93.99 -86.68
C THR A 1017 -62.89 92.68 -86.15
N LEU A 1018 -63.67 91.61 -86.26
CA LEU A 1018 -63.17 90.25 -86.06
C LEU A 1018 -62.26 89.83 -87.21
N ILE A 1019 -61.24 89.03 -86.93
CA ILE A 1019 -60.47 88.41 -88.00
C ILE A 1019 -60.33 86.93 -87.66
N SER A 1020 -60.44 86.07 -88.67
CA SER A 1020 -60.41 84.63 -88.44
C SER A 1020 -59.96 83.86 -89.68
N SER A 1021 -59.76 82.55 -89.54
CA SER A 1021 -59.43 81.69 -90.66
C SER A 1021 -59.79 80.25 -90.35
N SER A 1022 -59.89 79.42 -91.38
CA SER A 1022 -60.15 77.99 -91.22
C SER A 1022 -59.79 77.22 -92.49
N ASP A 1023 -60.68 76.31 -92.89
CA ASP A 1023 -60.42 75.47 -94.05
C ASP A 1023 -60.42 76.28 -95.34
N ASP A 1024 -61.08 77.43 -95.34
CA ASP A 1024 -61.11 78.29 -96.52
C ASP A 1024 -59.73 78.83 -96.85
N ALA A 1025 -59.44 78.94 -98.15
CA ALA A 1025 -58.18 79.50 -98.60
C ALA A 1025 -58.06 80.97 -98.19
N GLU A 1026 -59.21 81.64 -98.15
CA GLU A 1026 -59.26 83.05 -97.78
C GLU A 1026 -59.10 83.24 -96.28
N ILE A 1027 -58.53 84.37 -95.89
CA ILE A 1027 -58.50 84.74 -94.48
C ILE A 1027 -59.66 85.68 -94.18
N GLN A 1028 -60.62 85.19 -93.39
CA GLN A 1028 -61.78 85.97 -93.03
C GLN A 1028 -61.44 87.23 -92.24
N VAL A 1029 -62.10 88.32 -92.59
CA VAL A 1029 -62.11 89.52 -91.77
C VAL A 1029 -63.55 90.00 -91.68
N TRP A 1030 -64.21 89.60 -90.60
CA TRP A 1030 -65.62 89.94 -90.41
C TRP A 1030 -65.79 90.99 -89.33
N ASN A 1031 -65.97 92.23 -89.73
CA ASN A 1031 -66.26 93.27 -88.77
C ASN A 1031 -67.62 92.98 -88.14
N TRP A 1032 -67.72 93.08 -86.83
CA TRP A 1032 -68.97 92.79 -86.13
C TRP A 1032 -69.83 94.04 -86.06
N GLN A 1033 -71.09 93.87 -85.65
CA GLN A 1033 -72.08 94.95 -85.63
C GLN A 1033 -72.37 95.43 -87.05
N LEU A 1034 -71.34 95.97 -87.69
CA LEU A 1034 -71.41 96.38 -89.09
C LEU A 1034 -71.62 95.15 -89.97
N ASP A 1035 -71.22 93.99 -89.45
CA ASP A 1035 -71.34 92.71 -90.14
C ASP A 1035 -70.61 92.71 -91.47
N LYS A 1036 -69.49 93.44 -91.54
CA LYS A 1036 -68.70 93.50 -92.77
C LYS A 1036 -67.96 92.21 -93.00
N CYS A 1037 -67.71 91.86 -94.26
CA CYS A 1037 -67.12 90.58 -94.60
C CYS A 1037 -65.94 90.71 -95.57
N ILE A 1038 -64.95 91.51 -95.22
CA ILE A 1038 -63.77 91.64 -96.08
C ILE A 1038 -63.01 90.31 -96.07
N PHE A 1039 -62.51 89.89 -97.23
CA PHE A 1039 -61.77 88.63 -97.30
C PHE A 1039 -60.34 88.83 -97.81
N LEU A 1040 -59.43 88.01 -97.29
CA LEU A 1040 -58.06 87.95 -97.78
C LEU A 1040 -57.91 86.79 -98.76
N ARG A 1041 -58.04 87.08 -100.05
CA ARG A 1041 -58.05 86.02 -101.06
C ARG A 1041 -56.64 85.57 -101.40
N GLY A 1042 -56.10 84.69 -100.55
CA GLY A 1042 -54.73 84.21 -100.71
C GLY A 1042 -54.52 83.10 -101.73
N HIS A 1043 -55.61 82.49 -102.19
CA HIS A 1043 -55.55 81.40 -103.16
C HIS A 1043 -54.64 80.25 -102.74
N GLN A 1044 -54.51 80.08 -101.42
CA GLN A 1044 -53.82 78.95 -100.82
C GLN A 1044 -54.76 77.74 -100.69
N GLU A 1045 -54.20 76.57 -100.45
CA GLU A 1045 -55.02 75.39 -100.17
C GLU A 1045 -55.78 75.71 -98.89
N THR A 1046 -55.07 76.32 -97.96
CA THR A 1046 -55.66 77.02 -96.84
C THR A 1046 -54.58 77.92 -96.25
N VAL A 1047 -54.97 78.96 -95.51
CA VAL A 1047 -53.99 79.68 -94.72
C VAL A 1047 -53.88 79.06 -93.34
N LYS A 1048 -52.66 78.68 -92.96
CA LYS A 1048 -52.45 77.97 -91.71
C LYS A 1048 -52.66 78.85 -90.50
N ASP A 1049 -52.11 80.05 -90.52
CA ASP A 1049 -52.21 80.94 -89.37
C ASP A 1049 -51.89 82.38 -89.77
N PHE A 1050 -52.24 83.32 -88.91
CA PHE A 1050 -51.95 84.73 -89.15
C PHE A 1050 -51.79 85.48 -87.84
N ARG A 1051 -51.12 86.62 -87.90
CA ARG A 1051 -50.88 87.46 -86.73
C ARG A 1051 -50.90 88.94 -87.07
N LEU A 1052 -51.20 89.78 -86.08
CA LEU A 1052 -51.17 91.22 -86.23
C LEU A 1052 -49.75 91.79 -86.33
N LEU A 1053 -49.57 92.74 -87.23
CA LEU A 1053 -48.34 93.52 -87.29
C LEU A 1053 -48.59 94.91 -86.71
N LYS A 1054 -47.51 95.61 -86.34
CA LYS A 1054 -47.64 96.91 -85.70
C LYS A 1054 -48.33 97.92 -86.62
N ASN A 1055 -48.16 97.74 -87.93
CA ASN A 1055 -48.82 98.60 -88.91
C ASN A 1055 -50.25 98.15 -89.16
N SER A 1056 -50.82 98.58 -90.28
CA SER A 1056 -52.12 98.10 -90.70
C SER A 1056 -51.95 96.74 -91.38
N ARG A 1057 -50.70 96.35 -91.57
CA ARG A 1057 -50.37 95.06 -92.18
C ARG A 1057 -50.81 93.88 -91.32
N LEU A 1058 -51.20 92.79 -91.98
CA LEU A 1058 -51.58 91.56 -91.27
C LEU A 1058 -50.75 90.37 -91.73
N LEU A 1059 -49.77 89.97 -90.92
CA LEU A 1059 -48.89 88.85 -91.26
C LEU A 1059 -49.69 87.55 -91.34
N SER A 1060 -49.26 86.66 -92.23
CA SER A 1060 -49.91 85.35 -92.37
C SER A 1060 -49.00 84.33 -93.03
N TRP A 1061 -49.35 83.05 -92.88
CA TRP A 1061 -48.65 81.97 -93.57
C TRP A 1061 -49.54 80.74 -93.71
N SER A 1062 -49.28 79.96 -94.76
CA SER A 1062 -50.13 78.82 -95.08
C SER A 1062 -49.33 77.52 -95.16
N PHE A 1063 -49.93 76.52 -95.79
CA PHE A 1063 -49.27 75.25 -95.99
C PHE A 1063 -48.30 75.24 -97.17
N ASP A 1064 -48.34 76.29 -97.99
CA ASP A 1064 -47.32 76.44 -99.03
C ASP A 1064 -46.06 77.09 -98.45
N GLY A 1065 -46.16 77.56 -97.21
CA GLY A 1065 -45.03 78.12 -96.51
C GLY A 1065 -44.74 79.56 -96.89
N THR A 1066 -45.61 80.15 -97.68
CA THR A 1066 -45.49 81.56 -97.99
C THR A 1066 -45.67 82.39 -96.73
N VAL A 1067 -44.80 83.37 -96.54
CA VAL A 1067 -44.93 84.30 -95.43
C VAL A 1067 -45.52 85.60 -95.98
N LYS A 1068 -46.84 85.60 -96.13
CA LYS A 1068 -47.56 86.75 -96.68
C LYS A 1068 -47.64 87.89 -95.68
N VAL A 1069 -47.59 89.11 -96.20
CA VAL A 1069 -47.83 90.29 -95.40
C VAL A 1069 -49.01 91.05 -95.99
N TRP A 1070 -50.18 90.83 -95.40
CA TRP A 1070 -51.43 91.42 -95.85
C TRP A 1070 -51.68 92.75 -95.15
N ASN A 1071 -52.96 93.09 -95.00
CA ASN A 1071 -53.39 94.27 -94.24
C ASN A 1071 -54.58 93.95 -93.34
N ILE A 1072 -54.66 94.61 -92.20
CA ILE A 1072 -55.76 94.40 -91.27
C ILE A 1072 -57.04 95.00 -91.84
N ILE A 1073 -58.17 94.44 -91.42
CA ILE A 1073 -59.49 94.86 -91.88
C ILE A 1073 -59.58 94.68 -93.40
N THR A 1074 -59.00 95.61 -94.15
CA THR A 1074 -58.95 95.50 -95.60
C THR A 1074 -57.95 94.45 -96.06
N GLY A 1075 -58.41 93.49 -96.85
CA GLY A 1075 -57.53 92.50 -97.43
C GLY A 1075 -56.67 93.08 -98.54
N ASN A 1076 -55.35 92.99 -98.37
CA ASN A 1076 -54.42 93.50 -99.38
C ASN A 1076 -53.02 92.95 -99.13
N LYS A 1077 -52.60 92.03 -99.99
CA LYS A 1077 -51.32 91.36 -99.83
C LYS A 1077 -50.18 92.27 -100.26
N GLU A 1078 -49.81 93.21 -99.39
CA GLU A 1078 -48.77 94.21 -99.67
C GLU A 1078 -47.32 93.73 -99.87
N LYS A 1079 -46.86 92.83 -99.01
CA LYS A 1079 -45.52 92.25 -99.11
C LYS A 1079 -45.70 90.73 -99.09
N ASP A 1080 -45.09 90.00 -100.02
CA ASP A 1080 -45.27 88.55 -100.03
C ASP A 1080 -43.93 87.81 -99.91
N PHE A 1081 -43.84 86.81 -99.05
CA PHE A 1081 -42.58 86.07 -98.85
C PHE A 1081 -42.73 84.56 -99.04
N VAL A 1082 -41.77 83.92 -99.71
CA VAL A 1082 -41.85 82.48 -99.91
C VAL A 1082 -40.65 81.84 -99.19
N CYS A 1083 -40.66 81.94 -97.87
CA CYS A 1083 -39.54 81.52 -97.04
C CYS A 1083 -39.37 80.00 -97.04
N HIS A 1084 -40.43 79.26 -97.32
CA HIS A 1084 -40.36 77.80 -97.29
C HIS A 1084 -41.26 77.17 -98.34
N GLN A 1085 -40.70 76.24 -99.12
CA GLN A 1085 -41.50 75.45 -100.04
C GLN A 1085 -42.47 74.57 -99.24
N GLY A 1086 -42.02 74.14 -98.06
CA GLY A 1086 -42.85 73.43 -97.12
C GLY A 1086 -43.60 74.40 -96.23
N THR A 1087 -44.44 73.89 -95.36
CA THR A 1087 -45.25 74.73 -94.48
C THR A 1087 -44.39 75.51 -93.52
N VAL A 1088 -44.79 76.74 -93.21
CA VAL A 1088 -44.14 77.49 -92.15
C VAL A 1088 -44.40 76.81 -90.81
N LEU A 1089 -43.37 76.18 -90.25
CA LEU A 1089 -43.58 75.40 -89.04
C LEU A 1089 -43.92 76.15 -87.73
N SER A 1090 -43.13 77.17 -87.42
CA SER A 1090 -43.40 78.10 -86.33
C SER A 1090 -42.77 79.36 -86.92
N CYS A 1091 -43.45 80.49 -86.84
CA CYS A 1091 -42.85 81.76 -87.25
C CYS A 1091 -43.08 82.70 -86.07
N ASP A 1092 -42.05 83.43 -85.63
CA ASP A 1092 -42.23 84.38 -84.55
C ASP A 1092 -41.85 85.77 -85.03
N ILE A 1093 -42.64 86.78 -84.60
CA ILE A 1093 -42.33 88.20 -84.83
C ILE A 1093 -41.89 88.92 -83.54
N SER A 1094 -40.85 89.74 -83.65
CA SER A 1094 -40.17 90.36 -82.49
C SER A 1094 -40.96 91.32 -81.57
N HIS A 1095 -41.78 92.18 -82.16
CA HIS A 1095 -42.66 93.11 -81.41
C HIS A 1095 -42.15 94.51 -81.03
N ASP A 1096 -40.89 94.83 -81.32
CA ASP A 1096 -40.44 96.22 -81.34
C ASP A 1096 -40.53 96.73 -82.76
N ALA A 1097 -41.11 97.92 -82.93
CA ALA A 1097 -41.41 98.48 -84.25
C ALA A 1097 -41.99 97.41 -85.18
N THR A 1098 -41.43 97.31 -86.38
CA THR A 1098 -41.68 96.19 -87.28
C THR A 1098 -40.35 95.83 -87.90
N LYS A 1099 -39.29 96.11 -87.14
CA LYS A 1099 -37.91 96.08 -87.62
C LYS A 1099 -37.45 94.69 -88.06
N PHE A 1100 -38.01 93.64 -87.45
CA PHE A 1100 -37.65 92.28 -87.82
C PHE A 1100 -38.78 91.26 -87.65
N SER A 1101 -38.66 90.17 -88.38
CA SER A 1101 -39.49 88.99 -88.20
C SER A 1101 -38.74 87.79 -88.79
N SER A 1102 -39.01 86.61 -88.27
CA SER A 1102 -38.28 85.43 -88.72
C SER A 1102 -39.12 84.17 -88.61
N THR A 1103 -38.72 83.15 -89.37
CA THR A 1103 -39.38 81.86 -89.33
C THR A 1103 -38.40 80.74 -89.64
N SER A 1104 -38.72 79.56 -89.14
CA SER A 1104 -37.96 78.35 -89.43
C SER A 1104 -38.94 77.21 -89.63
N ALA A 1105 -38.66 76.34 -90.59
CA ALA A 1105 -39.63 75.33 -90.97
C ALA A 1105 -38.99 74.07 -91.54
N ASP A 1106 -38.13 73.45 -90.73
CA ASP A 1106 -37.44 72.22 -91.11
C ASP A 1106 -36.70 72.42 -92.43
N LYS A 1107 -35.98 73.53 -92.51
CA LYS A 1107 -35.24 73.88 -93.72
C LYS A 1107 -34.17 74.90 -93.40
N THR A 1108 -34.57 76.16 -93.30
CA THR A 1108 -33.64 77.25 -92.95
C THR A 1108 -34.32 78.26 -92.04
N ALA A 1109 -33.55 78.85 -91.13
CA ALA A 1109 -34.09 79.87 -90.25
C ALA A 1109 -33.99 81.26 -90.88
N LYS A 1110 -34.94 81.58 -91.75
CA LYS A 1110 -34.92 82.87 -92.43
C LYS A 1110 -35.37 84.03 -91.54
N ILE A 1111 -34.84 85.21 -91.81
CA ILE A 1111 -35.16 86.43 -91.07
C ILE A 1111 -35.15 87.64 -92.01
N TRP A 1112 -36.07 88.56 -91.77
CA TRP A 1112 -36.31 89.69 -92.66
C TRP A 1112 -36.73 90.93 -91.89
N SER A 1113 -36.68 92.08 -92.56
CA SER A 1113 -37.12 93.34 -91.97
C SER A 1113 -38.35 93.88 -92.70
N PHE A 1114 -39.00 93.02 -93.48
CA PHE A 1114 -40.18 93.35 -94.30
C PHE A 1114 -39.88 94.27 -95.48
N ASP A 1115 -38.83 95.07 -95.38
CA ASP A 1115 -38.50 96.01 -96.45
C ASP A 1115 -38.16 95.30 -97.75
N LEU A 1116 -37.59 94.11 -97.64
CA LEU A 1116 -37.27 93.31 -98.82
C LEU A 1116 -38.29 92.20 -99.04
N LEU A 1117 -38.45 91.78 -100.29
CA LEU A 1117 -39.38 90.71 -100.64
C LEU A 1117 -38.78 89.35 -100.29
N LEU A 1118 -37.50 89.35 -99.95
CA LEU A 1118 -36.79 88.15 -99.53
C LEU A 1118 -36.12 88.42 -98.19
N PRO A 1119 -35.91 87.37 -97.37
CA PRO A 1119 -35.38 87.58 -96.02
C PRO A 1119 -33.98 88.17 -96.01
N LEU A 1120 -33.71 89.01 -95.02
CA LEU A 1120 -32.40 89.67 -94.91
C LEU A 1120 -31.29 88.66 -94.65
N HIS A 1121 -31.63 87.52 -94.08
CA HIS A 1121 -30.67 86.44 -93.95
C HIS A 1121 -31.38 85.10 -93.90
N GLU A 1122 -30.68 84.05 -94.32
CA GLU A 1122 -31.25 82.71 -94.34
C GLU A 1122 -30.36 81.78 -93.53
N LEU A 1123 -30.63 81.69 -92.22
CA LEU A 1123 -29.76 80.92 -91.35
C LEU A 1123 -29.73 79.45 -91.75
N ARG A 1124 -28.53 78.88 -91.77
CA ARG A 1124 -28.32 77.50 -92.19
C ARG A 1124 -27.31 76.81 -91.29
N GLY A 1125 -27.42 77.08 -89.99
CA GLY A 1125 -26.50 76.51 -89.02
C GLY A 1125 -26.92 75.15 -88.49
N HIS A 1126 -28.05 74.64 -88.99
CA HIS A 1126 -28.58 73.38 -88.47
C HIS A 1126 -28.95 72.42 -89.59
N ASN A 1127 -28.12 71.38 -89.76
CA ASN A 1127 -28.37 70.34 -90.75
C ASN A 1127 -29.60 69.51 -90.43
N GLY A 1128 -29.96 69.46 -89.16
CA GLY A 1128 -31.15 68.77 -88.72
C GLY A 1128 -32.37 69.66 -88.87
N CYS A 1129 -32.12 70.90 -89.30
CA CYS A 1129 -33.15 71.89 -89.61
C CYS A 1129 -33.94 72.34 -88.38
N VAL A 1130 -33.88 73.64 -88.10
CA VAL A 1130 -34.59 74.24 -86.97
C VAL A 1130 -36.11 74.14 -87.12
N ARG A 1131 -36.79 73.80 -86.03
CA ARG A 1131 -38.24 73.60 -86.05
C ARG A 1131 -39.05 74.85 -85.69
N CYS A 1132 -38.49 75.69 -84.82
CA CYS A 1132 -39.22 76.86 -84.35
C CYS A 1132 -38.28 77.95 -83.85
N SER A 1133 -38.81 79.17 -83.72
CA SER A 1133 -37.99 80.31 -83.33
C SER A 1133 -38.81 81.37 -82.58
N ALA A 1134 -38.14 82.16 -81.75
CA ALA A 1134 -38.79 83.24 -81.01
C ALA A 1134 -37.84 84.41 -80.76
N PHE A 1135 -38.34 85.63 -80.95
CA PHE A 1135 -37.56 86.85 -80.73
C PHE A 1135 -37.36 87.26 -79.28
N SER A 1136 -36.28 88.00 -79.07
CA SER A 1136 -35.94 88.57 -77.77
C SER A 1136 -36.96 89.59 -77.32
N VAL A 1137 -37.07 89.75 -76.01
CA VAL A 1137 -37.98 90.72 -75.44
C VAL A 1137 -37.36 92.12 -75.63
N ASP A 1138 -37.56 92.66 -76.83
CA ASP A 1138 -37.01 93.96 -77.24
C ASP A 1138 -35.49 94.05 -77.04
N SER A 1139 -34.79 93.01 -77.46
CA SER A 1139 -33.33 92.99 -77.41
C SER A 1139 -32.72 92.69 -78.78
N THR A 1140 -31.79 91.75 -78.84
CA THR A 1140 -31.15 91.38 -80.10
C THR A 1140 -30.98 89.86 -80.21
N LEU A 1141 -31.51 89.14 -79.22
CA LEU A 1141 -31.48 87.69 -79.23
C LEU A 1141 -32.57 87.11 -80.14
N LEU A 1142 -32.34 85.89 -80.63
CA LEU A 1142 -33.35 85.21 -81.43
C LEU A 1142 -33.17 83.69 -81.37
N ALA A 1143 -33.94 83.05 -80.50
CA ALA A 1143 -33.87 81.61 -80.32
C ALA A 1143 -34.31 80.86 -81.58
N THR A 1144 -33.70 79.70 -81.82
CA THR A 1144 -34.12 78.82 -82.89
C THR A 1144 -34.24 77.40 -82.34
N GLY A 1145 -35.49 76.99 -82.09
CA GLY A 1145 -35.78 75.71 -81.46
C GLY A 1145 -35.70 74.49 -82.35
N ASP A 1146 -35.06 73.44 -81.83
CA ASP A 1146 -34.94 72.17 -82.56
C ASP A 1146 -36.03 71.20 -82.14
N ASP A 1147 -36.21 70.14 -82.92
CA ASP A 1147 -37.24 69.13 -82.64
C ASP A 1147 -36.98 68.41 -81.32
N ASN A 1148 -35.71 68.30 -80.94
CA ASN A 1148 -35.32 67.63 -79.71
C ASN A 1148 -35.24 68.61 -78.54
N GLY A 1149 -35.79 69.81 -78.74
CA GLY A 1149 -35.85 70.80 -77.68
C GLY A 1149 -34.58 71.62 -77.60
N GLU A 1150 -33.62 71.31 -78.46
CA GLU A 1150 -32.39 72.08 -78.54
C GLU A 1150 -32.69 73.49 -79.01
N ILE A 1151 -32.01 74.46 -78.42
CA ILE A 1151 -32.21 75.85 -78.80
C ILE A 1151 -30.90 76.44 -79.28
N ARG A 1152 -30.93 77.16 -80.39
CA ARG A 1152 -29.74 77.87 -80.85
C ARG A 1152 -30.03 79.36 -80.92
N ILE A 1153 -29.47 80.12 -80.01
CA ILE A 1153 -29.64 81.56 -80.00
C ILE A 1153 -28.88 82.18 -81.17
N TRP A 1154 -29.48 83.19 -81.80
CA TRP A 1154 -28.85 83.88 -82.90
C TRP A 1154 -29.04 85.38 -82.74
N ASN A 1155 -27.95 86.14 -82.82
CA ASN A 1155 -28.03 87.58 -82.69
C ASN A 1155 -28.86 88.16 -83.84
N VAL A 1156 -29.69 89.15 -83.57
CA VAL A 1156 -30.50 89.76 -84.61
C VAL A 1156 -29.62 90.74 -85.38
N SER A 1157 -28.79 90.17 -86.25
CA SER A 1157 -27.88 90.92 -87.10
C SER A 1157 -27.38 89.98 -88.18
N ASN A 1158 -28.22 89.73 -89.18
CA ASN A 1158 -27.99 88.68 -90.18
C ASN A 1158 -27.85 87.34 -89.48
N GLY A 1159 -26.65 87.07 -88.97
CA GLY A 1159 -26.39 85.84 -88.23
C GLY A 1159 -24.90 85.60 -88.04
N GLU A 1160 -24.56 84.96 -86.93
CA GLU A 1160 -23.19 84.58 -86.64
C GLU A 1160 -23.19 83.38 -85.72
N LEU A 1161 -22.10 82.61 -85.73
CA LEU A 1161 -22.06 81.36 -84.98
C LEU A 1161 -22.03 81.60 -83.48
N LEU A 1162 -23.14 82.12 -82.96
CA LEU A 1162 -23.31 82.31 -81.53
C LEU A 1162 -23.38 80.97 -80.82
N HIS A 1163 -22.88 80.93 -79.59
CA HIS A 1163 -22.83 79.66 -78.88
C HIS A 1163 -24.26 79.19 -78.80
N LEU A 1164 -24.49 77.92 -79.10
CA LEU A 1164 -25.83 77.38 -79.02
C LEU A 1164 -26.29 77.42 -77.58
N CYS A 1165 -27.56 77.74 -77.36
CA CYS A 1165 -28.09 77.74 -76.01
C CYS A 1165 -27.95 76.32 -75.52
N ALA A 1166 -28.24 75.40 -76.43
CA ALA A 1166 -27.98 73.98 -76.22
C ALA A 1166 -28.69 73.44 -74.98
N PRO A 1167 -29.94 73.81 -74.78
CA PRO A 1167 -30.58 73.64 -73.47
C PRO A 1167 -30.60 72.19 -72.94
N LEU A 1168 -30.85 71.21 -73.80
CA LEU A 1168 -30.88 69.82 -73.34
C LEU A 1168 -29.79 68.96 -74.00
N SER A 1169 -28.97 68.31 -73.19
CA SER A 1169 -27.90 67.47 -73.71
C SER A 1169 -28.04 65.99 -73.41
N GLU A 1170 -28.19 65.65 -72.12
CA GLU A 1170 -28.36 64.27 -71.70
C GLU A 1170 -29.76 64.05 -71.11
N GLU A 1171 -30.44 63.01 -71.60
CA GLU A 1171 -31.79 62.73 -71.13
C GLU A 1171 -32.23 61.35 -71.62
N GLY A 1172 -32.66 61.30 -72.87
CA GLY A 1172 -33.08 60.05 -73.49
C GLY A 1172 -34.53 60.14 -73.91
N ALA A 1173 -35.19 58.98 -73.98
CA ALA A 1173 -36.58 58.92 -74.41
C ALA A 1173 -37.53 58.65 -73.25
N ALA A 1174 -36.99 58.78 -72.03
CA ALA A 1174 -37.74 58.57 -70.82
C ALA A 1174 -39.21 58.97 -71.01
N THR A 1175 -39.58 60.15 -70.54
CA THR A 1175 -40.97 60.59 -70.63
C THR A 1175 -41.13 62.09 -70.54
N HIS A 1176 -42.28 62.58 -70.99
CA HIS A 1176 -42.58 64.02 -70.98
C HIS A 1176 -41.37 64.82 -71.45
N GLY A 1177 -41.06 64.70 -72.74
CA GLY A 1177 -39.89 65.36 -73.29
C GLY A 1177 -40.05 65.86 -74.71
N GLY A 1178 -40.96 65.26 -75.46
CA GLY A 1178 -41.12 65.66 -76.86
C GLY A 1178 -41.66 67.06 -77.15
N TRP A 1179 -41.19 67.64 -78.24
CA TRP A 1179 -41.71 68.92 -78.73
C TRP A 1179 -41.02 70.15 -78.14
N VAL A 1180 -40.62 71.06 -79.02
CA VAL A 1180 -40.07 72.35 -78.61
C VAL A 1180 -41.14 73.41 -78.82
N THR A 1181 -42.19 73.33 -78.00
CA THR A 1181 -43.38 74.16 -78.16
C THR A 1181 -43.18 75.68 -78.16
N ASP A 1182 -42.41 76.17 -77.21
CA ASP A 1182 -42.26 77.61 -77.05
C ASP A 1182 -40.99 78.00 -76.30
N LEU A 1183 -40.62 79.26 -76.45
CA LEU A 1183 -39.55 79.85 -75.66
C LEU A 1183 -40.04 81.14 -75.02
N CYS A 1184 -39.84 81.25 -73.71
CA CYS A 1184 -40.18 82.48 -72.98
C CYS A 1184 -38.97 83.20 -72.41
N PHE A 1185 -38.44 84.15 -73.18
CA PHE A 1185 -37.30 84.95 -72.72
C PHE A 1185 -37.63 85.79 -71.48
N SER A 1186 -36.67 85.90 -70.58
CA SER A 1186 -36.78 86.75 -69.41
C SER A 1186 -36.69 88.22 -69.85
N PRO A 1187 -37.34 89.12 -69.09
CA PRO A 1187 -37.27 90.55 -69.43
C PRO A 1187 -35.85 91.05 -69.46
N ASP A 1188 -35.00 90.49 -68.60
CA ASP A 1188 -33.58 90.80 -68.60
C ASP A 1188 -32.93 90.32 -69.90
N GLY A 1189 -33.50 89.27 -70.47
CA GLY A 1189 -32.99 88.70 -71.70
C GLY A 1189 -31.83 87.76 -71.42
N LYS A 1190 -31.50 87.64 -70.14
CA LYS A 1190 -30.40 86.77 -69.72
C LYS A 1190 -30.87 85.33 -69.53
N MET A 1191 -32.17 85.11 -69.61
CA MET A 1191 -32.72 83.78 -69.39
C MET A 1191 -33.75 83.38 -70.44
N LEU A 1192 -33.71 82.12 -70.85
CA LEU A 1192 -34.73 81.57 -71.71
C LEU A 1192 -35.51 80.50 -70.95
N ILE A 1193 -36.82 80.67 -70.88
CA ILE A 1193 -37.70 79.68 -70.28
C ILE A 1193 -38.10 78.68 -71.36
N SER A 1194 -37.32 77.62 -71.49
CA SER A 1194 -37.65 76.53 -72.39
C SER A 1194 -38.80 75.71 -71.80
N ALA A 1195 -39.70 75.26 -72.67
CA ALA A 1195 -40.83 74.47 -72.22
C ALA A 1195 -41.15 73.36 -73.20
N GLY A 1196 -40.67 72.15 -72.88
CA GLY A 1196 -40.94 70.98 -73.68
C GLY A 1196 -41.57 69.88 -72.85
N GLY A 1197 -40.73 68.98 -72.35
CA GLY A 1197 -41.20 67.97 -71.42
C GLY A 1197 -41.46 68.62 -70.06
N TYR A 1198 -40.75 69.72 -69.81
CA TYR A 1198 -40.97 70.51 -68.61
C TYR A 1198 -40.20 71.83 -68.71
N ILE A 1199 -40.59 72.81 -67.92
CA ILE A 1199 -39.90 74.09 -67.91
C ILE A 1199 -38.46 73.97 -67.43
N LYS A 1200 -37.55 74.65 -68.13
CA LYS A 1200 -36.16 74.79 -67.71
C LYS A 1200 -35.61 76.17 -68.11
N TRP A 1201 -35.16 76.94 -67.12
CA TRP A 1201 -34.68 78.29 -67.38
C TRP A 1201 -33.22 78.25 -67.82
N TRP A 1202 -32.97 77.90 -69.07
CA TRP A 1202 -31.60 77.82 -69.57
C TRP A 1202 -30.97 79.20 -69.72
N ASN A 1203 -29.81 79.40 -69.09
CA ASN A 1203 -29.09 80.66 -69.20
C ASN A 1203 -28.75 80.90 -70.66
N VAL A 1204 -28.93 82.15 -71.11
CA VAL A 1204 -28.61 82.47 -72.49
C VAL A 1204 -27.12 82.31 -72.71
N VAL A 1205 -26.76 81.67 -73.82
CA VAL A 1205 -25.37 81.41 -74.19
C VAL A 1205 -24.61 80.64 -73.11
N THR A 1206 -24.39 79.35 -73.37
CA THR A 1206 -23.60 78.47 -72.52
C THR A 1206 -24.20 78.23 -71.13
N GLY A 1207 -24.52 76.98 -70.84
CA GLY A 1207 -24.99 76.60 -69.52
C GLY A 1207 -26.45 76.93 -69.27
N GLU A 1208 -26.87 76.79 -68.01
CA GLU A 1208 -28.25 77.08 -67.63
C GLU A 1208 -28.31 77.96 -66.38
N SER A 1209 -29.41 78.70 -66.25
CA SER A 1209 -29.69 79.46 -65.04
C SER A 1209 -30.63 78.65 -64.15
N SER A 1210 -31.88 79.08 -64.01
CA SER A 1210 -32.86 78.37 -63.20
C SER A 1210 -33.56 77.25 -63.98
N GLN A 1211 -32.81 76.18 -64.26
CA GLN A 1211 -33.34 75.03 -64.99
C GLN A 1211 -34.45 74.28 -64.25
N THR A 1212 -34.28 74.14 -62.94
CA THR A 1212 -35.07 73.27 -62.06
C THR A 1212 -36.51 72.90 -62.47
N PHE A 1213 -37.48 73.29 -61.64
CA PHE A 1213 -38.86 72.92 -61.90
C PHE A 1213 -39.07 71.42 -62.16
N TYR A 1214 -39.70 71.12 -63.29
CA TYR A 1214 -40.24 69.80 -63.60
C TYR A 1214 -41.75 69.85 -63.42
N THR A 1215 -42.47 69.89 -64.55
CA THR A 1215 -43.92 70.00 -64.53
C THR A 1215 -44.64 68.69 -64.24
N ASN A 1216 -45.80 68.79 -63.60
CA ASN A 1216 -46.60 67.59 -63.36
C ASN A 1216 -47.24 67.01 -64.62
N GLY A 1217 -47.89 67.87 -65.39
CA GLY A 1217 -48.50 67.49 -66.65
C GLY A 1217 -47.57 67.14 -67.78
N THR A 1218 -46.53 67.96 -67.93
CA THR A 1218 -45.61 67.88 -69.05
C THR A 1218 -46.29 68.52 -70.27
N ASN A 1219 -45.58 68.58 -71.39
CA ASN A 1219 -46.18 68.92 -72.68
C ASN A 1219 -46.95 70.24 -72.75
N LEU A 1220 -46.43 71.29 -72.12
CA LEU A 1220 -47.05 72.60 -72.24
C LEU A 1220 -46.95 73.05 -73.70
N LYS A 1221 -48.03 73.63 -74.21
CA LYS A 1221 -48.04 74.15 -75.58
C LYS A 1221 -48.25 75.66 -75.69
N LYS A 1222 -48.26 76.39 -74.58
CA LYS A 1222 -48.51 77.84 -74.69
C LYS A 1222 -47.66 78.67 -73.74
N ILE A 1223 -47.36 79.91 -74.11
CA ILE A 1223 -46.63 80.73 -73.19
C ILE A 1223 -47.38 82.05 -72.92
N HIS A 1224 -47.58 82.32 -71.64
CA HIS A 1224 -48.16 83.58 -71.20
C HIS A 1224 -47.20 84.30 -70.24
N VAL A 1225 -46.95 85.56 -70.51
CA VAL A 1225 -46.09 86.36 -69.64
C VAL A 1225 -46.73 87.69 -69.25
N SER A 1226 -46.66 88.05 -67.97
CA SER A 1226 -47.18 89.33 -67.53
C SER A 1226 -46.26 90.46 -67.99
N PRO A 1227 -46.84 91.62 -68.31
CA PRO A 1227 -46.04 92.77 -68.74
C PRO A 1227 -44.81 92.89 -67.86
N ASP A 1228 -45.03 92.77 -66.56
CA ASP A 1228 -43.95 92.75 -65.57
C ASP A 1228 -43.05 91.55 -65.85
N PHE A 1229 -43.65 90.45 -66.28
CA PHE A 1229 -42.91 89.22 -66.52
C PHE A 1229 -42.71 88.42 -65.23
N LYS A 1230 -43.29 88.90 -64.14
CA LYS A 1230 -43.18 88.24 -62.85
C LYS A 1230 -43.81 86.85 -62.81
N THR A 1231 -44.99 86.68 -63.41
CA THR A 1231 -45.73 85.42 -63.34
C THR A 1231 -46.10 84.81 -64.70
N TYR A 1232 -45.73 83.59 -64.87
CA TYR A 1232 -46.18 82.75 -65.97
C TYR A 1232 -46.73 81.47 -65.38
N VAL A 1233 -47.94 81.10 -65.78
CA VAL A 1233 -48.54 79.86 -65.32
C VAL A 1233 -48.74 78.98 -66.53
N THR A 1234 -48.34 77.71 -66.46
CA THR A 1234 -48.51 76.80 -67.60
C THR A 1234 -49.51 75.72 -67.21
N VAL A 1235 -50.42 75.40 -68.13
CA VAL A 1235 -51.19 74.16 -68.02
C VAL A 1235 -50.73 73.25 -69.16
N ASP A 1236 -50.16 72.10 -68.82
CA ASP A 1236 -49.67 71.16 -69.81
C ASP A 1236 -50.24 69.76 -69.64
N ASN A 1237 -50.69 69.17 -70.74
CA ASN A 1237 -51.14 67.78 -70.75
C ASN A 1237 -52.41 67.60 -69.94
N LEU A 1238 -53.05 68.73 -69.62
CA LEU A 1238 -54.28 68.70 -68.84
C LEU A 1238 -53.96 68.37 -67.39
N GLY A 1239 -52.68 68.44 -67.03
CA GLY A 1239 -52.27 68.13 -65.67
C GLY A 1239 -53.03 69.07 -64.76
N ILE A 1240 -53.15 70.31 -65.21
CA ILE A 1240 -53.86 71.40 -64.52
C ILE A 1240 -53.17 72.68 -64.94
N LEU A 1241 -53.63 73.81 -64.41
CA LEU A 1241 -52.90 75.07 -64.66
C LEU A 1241 -51.99 75.33 -63.44
N TYR A 1242 -50.71 75.66 -63.66
CA TYR A 1242 -49.77 75.95 -62.55
C TYR A 1242 -49.37 77.45 -62.61
N ILE A 1243 -49.45 78.18 -61.50
CA ILE A 1243 -49.09 79.62 -61.47
C ILE A 1243 -47.79 79.81 -60.68
N LEU A 1244 -46.86 80.61 -61.21
CA LEU A 1244 -45.61 80.90 -60.54
C LEU A 1244 -45.49 82.38 -60.14
N GLN A 1245 -45.11 82.63 -58.89
CA GLN A 1245 -44.96 83.99 -58.40
C GLN A 1245 -43.72 84.12 -57.53
N THR A 1246 -42.56 84.21 -58.17
CA THR A 1246 -41.29 84.34 -57.45
C THR A 1246 -41.39 85.37 -56.33
N LEU A 1247 -40.67 85.11 -55.24
CA LEU A 1247 -40.67 86.00 -54.09
C LEU A 1247 -39.39 86.82 -54.02
N GLU A 1248 -39.00 87.21 -52.81
CA GLU A 1248 -37.79 88.00 -52.60
C GLU A 1248 -36.57 87.10 -52.46
N GLY B 2 -35.47 49.27 -101.27
CA GLY B 2 -36.06 48.16 -100.48
C GLY B 2 -36.67 47.01 -101.21
N ASP B 3 -36.80 45.91 -100.50
CA ASP B 3 -37.55 44.75 -100.95
C ASP B 3 -39.08 44.96 -100.75
N VAL B 4 -39.74 45.26 -101.86
CA VAL B 4 -41.17 45.57 -101.86
C VAL B 4 -42.01 44.41 -101.31
N GLU B 5 -41.62 43.18 -101.65
CA GLU B 5 -42.34 42.01 -101.20
C GLU B 5 -42.27 41.88 -99.68
N LYS B 6 -41.10 42.09 -99.09
CA LYS B 6 -40.96 42.04 -97.63
C LYS B 6 -41.70 43.20 -96.99
N GLY B 7 -41.56 44.38 -97.65
CA GLY B 7 -42.31 45.56 -97.22
C GLY B 7 -43.81 45.28 -97.11
N LYS B 8 -44.35 44.61 -98.12
CA LYS B 8 -45.74 44.20 -98.12
C LYS B 8 -46.06 43.34 -96.90
N LYS B 9 -45.22 42.35 -96.65
CA LYS B 9 -45.39 41.48 -95.48
C LYS B 9 -45.46 42.33 -94.21
N ILE B 10 -44.49 43.23 -94.10
CA ILE B 10 -44.45 44.10 -92.90
C ILE B 10 -45.74 44.93 -92.82
N PHE B 11 -46.18 45.49 -93.94
CA PHE B 11 -47.42 46.26 -93.93
C PHE B 11 -48.62 45.43 -93.46
N VAL B 12 -48.71 44.21 -94.02
CA VAL B 12 -49.80 43.29 -93.69
C VAL B 12 -49.74 42.97 -92.21
N GLN B 13 -48.55 42.63 -91.71
CA GLN B 13 -48.35 42.31 -90.29
C GLN B 13 -48.54 43.44 -89.26
N LYS B 14 -48.06 44.63 -89.58
CA LYS B 14 -47.91 45.68 -88.64
C LYS B 14 -48.74 46.97 -88.92
N CYS B 15 -49.30 47.14 -90.11
CA CYS B 15 -50.00 48.38 -90.45
C CYS B 15 -51.45 48.19 -90.89
N ALA B 16 -51.73 47.04 -91.49
CA ALA B 16 -53.01 46.78 -92.12
C ALA B 16 -54.18 46.76 -91.14
N GLN B 17 -53.92 46.37 -89.91
CA GLN B 17 -54.96 46.39 -88.91
C GLN B 17 -55.50 47.79 -88.60
N CYS B 18 -54.75 48.85 -88.92
CA CYS B 18 -55.27 50.21 -88.75
C CYS B 18 -55.25 51.06 -90.04
N HIS B 19 -54.73 50.57 -91.15
CA HIS B 19 -54.66 51.42 -92.34
C HIS B 19 -54.76 50.70 -93.67
N THR B 20 -55.52 51.28 -94.60
CA THR B 20 -55.53 50.82 -96.00
C THR B 20 -54.57 51.67 -96.85
N VAL B 21 -54.11 51.10 -97.97
CA VAL B 21 -53.25 51.80 -98.90
C VAL B 21 -53.90 52.01 -100.28
N GLU B 22 -54.98 51.28 -100.55
CA GLU B 22 -55.65 51.35 -101.86
C GLU B 22 -56.52 52.59 -101.96
N LYS B 23 -56.63 53.06 -103.20
CA LYS B 23 -57.44 54.18 -103.56
C LYS B 23 -58.87 53.95 -103.18
N GLY B 24 -59.46 54.92 -102.51
CA GLY B 24 -60.81 54.76 -101.98
C GLY B 24 -60.95 53.72 -100.87
N GLY B 25 -59.85 53.09 -100.44
CA GLY B 25 -59.88 52.22 -99.26
C GLY B 25 -60.41 53.01 -98.07
N LYS B 26 -61.15 52.32 -97.20
CA LYS B 26 -61.87 52.98 -96.10
C LYS B 26 -60.93 53.43 -95.01
N HIS B 27 -61.33 54.46 -94.29
CA HIS B 27 -60.58 54.82 -93.09
C HIS B 27 -60.89 53.71 -92.06
N LYS B 28 -59.87 53.19 -91.44
CA LYS B 28 -60.03 52.27 -90.33
C LYS B 28 -59.67 53.10 -89.09
N THR B 29 -59.01 52.51 -88.09
CA THR B 29 -58.56 53.28 -86.93
C THR B 29 -57.68 54.46 -87.39
N GLY B 30 -56.81 54.19 -88.34
CA GLY B 30 -56.00 55.21 -88.97
C GLY B 30 -56.46 55.60 -90.36
N PRO B 31 -55.97 56.71 -90.87
CA PRO B 31 -56.30 57.23 -92.18
C PRO B 31 -55.80 56.36 -93.34
N ASN B 32 -56.52 56.41 -94.44
CA ASN B 32 -56.09 55.75 -95.68
C ASN B 32 -54.79 56.41 -96.09
N LEU B 33 -53.83 55.60 -96.52
CA LEU B 33 -52.51 56.07 -96.88
C LEU B 33 -52.31 56.27 -98.37
N HIS B 34 -53.35 56.07 -99.18
CA HIS B 34 -53.16 56.32 -100.62
C HIS B 34 -52.81 57.80 -100.85
N GLY B 35 -51.81 58.03 -101.70
CA GLY B 35 -51.34 59.39 -101.99
C GLY B 35 -50.47 60.00 -100.90
N LEU B 36 -49.96 59.17 -99.98
CA LEU B 36 -49.21 59.66 -98.83
C LEU B 36 -47.94 60.45 -99.19
N PHE B 37 -47.21 59.97 -100.18
CA PHE B 37 -45.90 60.55 -100.50
C PHE B 37 -46.07 61.90 -101.15
N GLY B 38 -45.34 62.88 -100.63
CA GLY B 38 -45.42 64.26 -101.12
C GLY B 38 -46.60 65.02 -100.53
N ARG B 39 -47.26 64.45 -99.53
CA ARG B 39 -48.41 65.11 -98.93
C ARG B 39 -48.02 65.57 -97.53
N LYS B 40 -48.55 66.70 -97.11
CA LYS B 40 -48.31 67.20 -95.75
C LYS B 40 -49.05 66.39 -94.68
N THR B 41 -48.49 66.31 -93.48
CA THR B 41 -49.17 65.65 -92.38
C THR B 41 -50.61 66.12 -92.18
N GLY B 42 -51.49 65.19 -91.84
CA GLY B 42 -52.84 65.55 -91.39
C GLY B 42 -53.79 65.98 -92.47
N GLN B 43 -53.62 65.48 -93.69
CA GLN B 43 -54.43 65.98 -94.81
C GLN B 43 -55.41 65.01 -95.43
N ALA B 44 -55.44 63.74 -95.02
CA ALA B 44 -56.41 62.82 -95.64
C ALA B 44 -57.80 63.45 -95.38
N PRO B 45 -58.52 63.85 -96.44
CA PRO B 45 -59.83 64.41 -96.15
C PRO B 45 -60.69 63.28 -95.60
N GLY B 46 -61.57 63.62 -94.69
CA GLY B 46 -62.42 62.59 -94.10
C GLY B 46 -61.83 61.82 -92.93
N PHE B 47 -60.59 62.07 -92.55
CA PHE B 47 -60.05 61.59 -91.30
C PHE B 47 -59.86 62.71 -90.26
N THR B 48 -60.25 62.40 -89.03
CA THR B 48 -60.14 63.32 -87.90
C THR B 48 -58.88 63.01 -87.17
N TYR B 49 -57.88 63.87 -87.34
CA TYR B 49 -56.58 63.68 -86.75
C TYR B 49 -56.52 64.32 -85.37
N THR B 50 -55.52 63.98 -84.58
CA THR B 50 -55.15 64.82 -83.44
C THR B 50 -54.61 66.15 -83.99
N ASP B 51 -54.67 67.18 -83.16
CA ASP B 51 -54.02 68.43 -83.43
C ASP B 51 -52.50 68.27 -83.64
N ALA B 52 -51.89 67.37 -82.89
CA ALA B 52 -50.46 67.13 -83.08
C ALA B 52 -50.14 66.66 -84.53
N ASN B 53 -50.83 65.61 -84.96
CA ASN B 53 -50.64 65.08 -86.32
C ASN B 53 -51.08 66.13 -87.35
N LYS B 54 -52.17 66.81 -87.04
CA LYS B 54 -52.71 67.83 -87.94
C LYS B 54 -51.78 69.04 -88.11
N ASN B 55 -50.95 69.32 -87.11
CA ASN B 55 -50.08 70.50 -87.17
C ASN B 55 -48.60 70.18 -87.16
N LYS B 56 -48.19 68.92 -87.29
CA LYS B 56 -46.77 68.59 -87.37
C LYS B 56 -46.03 69.40 -88.45
N GLY B 57 -46.70 69.67 -89.56
CA GLY B 57 -46.17 70.55 -90.57
C GLY B 57 -45.01 70.02 -91.40
N ILE B 58 -44.95 68.70 -91.60
CA ILE B 58 -43.95 68.11 -92.47
C ILE B 58 -44.59 67.42 -93.68
N THR B 59 -43.75 67.16 -94.68
CA THR B 59 -44.17 66.46 -95.90
C THR B 59 -43.73 65.02 -95.78
N TRP B 60 -44.68 64.10 -96.01
CA TRP B 60 -44.34 62.68 -95.96
C TRP B 60 -43.49 62.33 -97.16
N LYS B 61 -42.35 61.70 -96.91
CA LYS B 61 -41.45 61.23 -97.96
C LYS B 61 -40.54 60.28 -97.25
N GLU B 62 -39.58 59.74 -97.96
CA GLU B 62 -38.75 58.69 -97.42
C GLU B 62 -38.02 59.08 -96.14
N GLU B 63 -37.40 60.27 -96.15
CA GLU B 63 -36.61 60.76 -95.02
C GLU B 63 -37.51 60.89 -93.81
N THR B 64 -38.66 61.56 -93.97
CA THR B 64 -39.56 61.78 -92.84
C THR B 64 -40.19 60.47 -92.34
N LEU B 65 -40.56 59.59 -93.28
CA LEU B 65 -41.07 58.27 -92.91
C LEU B 65 -40.03 57.41 -92.16
N MET B 66 -38.77 57.44 -92.62
CA MET B 66 -37.69 56.70 -91.97
C MET B 66 -37.59 57.10 -90.51
N GLU B 67 -37.67 58.40 -90.24
CA GLU B 67 -37.61 58.91 -88.85
C GLU B 67 -38.90 58.59 -88.08
N TYR B 68 -40.05 58.93 -88.65
CA TYR B 68 -41.35 58.60 -88.01
C TYR B 68 -41.49 57.16 -87.57
N LEU B 69 -41.26 56.26 -88.54
CA LEU B 69 -41.49 54.83 -88.33
C LEU B 69 -40.55 54.19 -87.32
N GLU B 70 -39.41 54.81 -87.08
CA GLU B 70 -38.52 54.38 -86.02
C GLU B 70 -39.18 54.64 -84.66
N ASN B 71 -39.92 55.74 -84.53
CA ASN B 71 -40.56 56.03 -83.25
C ASN B 71 -41.61 57.10 -83.40
N PRO B 72 -42.82 56.70 -83.79
CA PRO B 72 -43.90 57.67 -84.04
C PRO B 72 -44.12 58.69 -82.91
N LYS B 73 -44.16 58.25 -81.66
CA LYS B 73 -44.50 59.16 -80.56
C LYS B 73 -43.48 60.30 -80.42
N LYS B 74 -42.21 59.94 -80.58
CA LYS B 74 -41.11 60.88 -80.54
C LYS B 74 -41.21 61.90 -81.68
N TYR B 75 -41.56 61.45 -82.90
CA TYR B 75 -41.69 62.36 -84.04
C TYR B 75 -42.96 63.20 -83.97
N ILE B 76 -44.07 62.64 -83.49
CA ILE B 76 -45.33 63.39 -83.32
C ILE B 76 -45.90 63.10 -81.93
N PRO B 77 -45.31 63.77 -80.91
CA PRO B 77 -45.75 63.59 -79.54
C PRO B 77 -47.21 63.88 -79.47
N GLY B 78 -47.93 63.03 -78.76
CA GLY B 78 -49.37 63.17 -78.66
C GLY B 78 -50.13 62.51 -79.81
N THR B 79 -49.47 61.93 -80.82
CA THR B 79 -50.24 61.16 -81.79
C THR B 79 -51.12 60.09 -81.13
N LYS B 80 -52.30 59.84 -81.67
CA LYS B 80 -53.12 58.70 -81.17
C LYS B 80 -52.82 57.37 -81.91
N MET B 81 -51.87 57.39 -82.81
CA MET B 81 -51.40 56.15 -83.43
C MET B 81 -50.61 55.34 -82.41
N ILE B 82 -51.02 54.11 -82.14
CA ILE B 82 -50.27 53.20 -81.28
C ILE B 82 -49.34 52.34 -82.15
N PHE B 83 -48.03 52.60 -82.05
CA PHE B 83 -47.03 51.81 -82.73
C PHE B 83 -45.69 52.06 -82.08
N ALA B 84 -45.02 51.01 -81.60
CA ALA B 84 -43.72 51.21 -80.91
C ALA B 84 -42.69 51.81 -81.85
N GLY B 85 -42.56 51.19 -83.01
CA GLY B 85 -41.60 51.60 -84.03
C GLY B 85 -40.84 50.41 -84.58
N ILE B 86 -40.32 50.54 -85.79
CA ILE B 86 -39.53 49.51 -86.42
C ILE B 86 -38.07 49.89 -86.20
N LYS B 87 -37.39 49.13 -85.35
CA LYS B 87 -36.04 49.50 -84.91
C LYS B 87 -35.02 49.20 -86.02
N LYS B 88 -35.22 48.13 -86.79
CA LYS B 88 -34.26 47.77 -87.87
C LYS B 88 -34.43 48.64 -89.13
N LYS B 89 -33.35 49.25 -89.58
CA LYS B 89 -33.40 50.11 -90.76
C LYS B 89 -33.83 49.36 -92.02
N THR B 90 -33.31 48.15 -92.21
CA THR B 90 -33.62 47.36 -93.41
C THR B 90 -35.15 47.17 -93.61
N GLU B 91 -35.80 46.74 -92.52
CA GLU B 91 -37.24 46.57 -92.49
C GLU B 91 -37.99 47.89 -92.78
N ARG B 92 -37.52 48.98 -92.18
CA ARG B 92 -38.06 50.32 -92.46
C ARG B 92 -37.95 50.67 -93.94
N GLU B 93 -36.77 50.43 -94.50
CA GLU B 93 -36.57 50.68 -95.95
C GLU B 93 -37.50 49.81 -96.79
N ASP B 94 -37.62 48.53 -96.41
CA ASP B 94 -38.52 47.63 -97.15
C ASP B 94 -39.98 48.11 -97.11
N LEU B 95 -40.45 48.42 -95.91
CA LEU B 95 -41.83 48.90 -95.72
C LEU B 95 -42.03 50.18 -96.50
N ILE B 96 -41.09 51.11 -96.38
CA ILE B 96 -41.19 52.39 -97.07
C ILE B 96 -41.22 52.20 -98.60
N ALA B 97 -40.36 51.29 -99.10
CA ALA B 97 -40.39 50.97 -100.51
C ALA B 97 -41.74 50.35 -100.91
N TYR B 98 -42.26 49.45 -100.09
CA TYR B 98 -43.59 48.90 -100.41
C TYR B 98 -44.66 50.05 -100.46
N LEU B 99 -44.68 50.90 -99.43
CA LEU B 99 -45.69 51.98 -99.36
C LEU B 99 -45.56 52.94 -100.55
N LYS B 100 -44.31 53.23 -100.93
CA LYS B 100 -44.11 54.08 -102.08
C LYS B 100 -44.77 53.53 -103.33
N LYS B 101 -44.70 52.21 -103.53
CA LYS B 101 -45.35 51.60 -104.66
C LYS B 101 -46.87 51.57 -104.46
N ALA B 102 -47.30 51.00 -103.35
CA ALA B 102 -48.71 50.70 -103.22
C ALA B 102 -49.57 51.98 -103.08
N THR B 103 -49.05 52.99 -102.39
CA THR B 103 -49.86 54.21 -102.18
C THR B 103 -49.97 55.10 -103.39
N ASN B 104 -49.29 54.76 -104.48
CA ASN B 104 -49.51 55.48 -105.73
C ASN B 104 -50.42 54.64 -106.64
N GLU B 105 -50.06 53.37 -106.79
CA GLU B 105 -50.83 52.46 -107.62
C GLU B 105 -52.28 52.90 -107.72
N GLY C 105 14.85 11.42 -54.34
CA GLY C 105 13.94 10.31 -54.57
C GLY C 105 13.97 9.30 -53.44
N ILE C 106 13.00 9.42 -52.53
CA ILE C 106 12.88 8.47 -51.43
C ILE C 106 12.53 7.08 -51.94
N THR C 107 13.26 6.07 -51.49
CA THR C 107 12.86 4.70 -51.77
C THR C 107 11.65 4.39 -50.89
N SER C 108 10.83 3.44 -51.31
CA SER C 108 9.69 3.05 -50.49
C SER C 108 10.23 2.49 -49.18
N TYR C 109 11.31 1.72 -49.29
CA TYR C 109 11.91 1.07 -48.14
C TYR C 109 12.40 2.09 -47.13
N VAL C 110 13.03 3.15 -47.61
CA VAL C 110 13.56 4.16 -46.71
C VAL C 110 12.47 4.63 -45.76
N ARG C 111 11.29 4.89 -46.29
CA ARG C 111 10.16 5.34 -45.48
C ARG C 111 9.77 4.30 -44.44
N THR C 112 9.89 3.03 -44.80
CA THR C 112 9.54 1.94 -43.90
C THR C 112 10.52 1.89 -42.74
N VAL C 113 11.81 2.06 -42.99
CA VAL C 113 12.77 2.11 -41.88
C VAL C 113 12.54 3.35 -41.02
N LEU C 114 12.32 4.46 -41.71
CA LEU C 114 12.14 5.74 -41.06
C LEU C 114 10.91 5.76 -40.18
N CYS C 115 9.85 5.11 -40.62
CA CYS C 115 8.63 5.08 -39.83
C CYS C 115 8.90 4.38 -38.51
N GLU C 116 9.64 3.28 -38.58
CA GLU C 116 9.98 2.53 -37.38
C GLU C 116 10.83 3.39 -36.47
N GLY C 117 11.75 4.13 -37.07
CA GLY C 117 12.60 5.03 -36.32
C GLY C 117 11.81 6.10 -35.60
N GLY C 118 10.80 6.63 -36.25
CA GLY C 118 9.99 7.68 -35.65
C GLY C 118 10.38 9.12 -35.90
N VAL C 119 11.41 9.35 -36.71
CA VAL C 119 11.73 10.70 -37.16
C VAL C 119 10.52 11.33 -37.81
N PRO C 120 10.30 12.62 -37.54
CA PRO C 120 9.21 13.33 -38.22
C PRO C 120 9.44 13.38 -39.72
N GLN C 121 8.36 13.34 -40.49
CA GLN C 121 8.45 13.56 -41.93
C GLN C 121 8.68 15.05 -42.19
N ARG C 122 9.49 15.36 -43.19
CA ARG C 122 9.84 16.76 -43.49
C ARG C 122 8.59 17.58 -43.81
N PRO C 123 8.60 18.85 -43.41
CA PRO C 123 7.44 19.70 -43.68
C PRO C 123 7.20 19.77 -45.18
N VAL C 124 5.94 19.84 -45.58
CA VAL C 124 5.59 19.81 -47.00
C VAL C 124 6.22 21.00 -47.71
N VAL C 125 6.36 22.13 -47.01
CA VAL C 125 6.98 23.29 -47.62
C VAL C 125 8.45 23.42 -47.25
N PHE C 126 9.31 22.63 -47.89
CA PHE C 126 10.74 22.65 -47.56
C PHE C 126 11.63 22.92 -48.78
N VAL C 127 12.90 23.25 -48.54
CA VAL C 127 13.82 23.49 -49.64
C VAL C 127 15.20 22.98 -49.30
N THR C 128 15.58 21.88 -49.94
CA THR C 128 16.85 21.22 -49.68
C THR C 128 18.00 22.19 -49.48
N ARG C 129 18.99 21.78 -48.71
CA ARG C 129 20.18 22.58 -48.56
C ARG C 129 21.24 21.60 -48.94
N LYS C 130 21.47 21.45 -50.23
CA LYS C 130 22.22 20.30 -50.68
C LYS C 130 23.59 20.30 -50.06
N LYS C 131 24.26 21.45 -50.05
CA LYS C 131 25.64 21.46 -49.59
C LYS C 131 25.68 21.03 -48.13
N LEU C 132 24.81 21.61 -47.31
CA LEU C 132 24.83 21.28 -45.89
C LEU C 132 24.49 19.83 -45.63
N VAL C 133 23.47 19.34 -46.32
CA VAL C 133 23.03 17.98 -46.06
C VAL C 133 24.15 17.06 -46.43
N ASN C 134 24.80 17.40 -47.54
CA ASN C 134 25.88 16.59 -48.06
C ASN C 134 27.01 16.56 -47.07
N ALA C 135 27.28 17.72 -46.45
CA ALA C 135 28.40 17.75 -45.54
C ALA C 135 28.12 16.88 -44.35
N ILE C 136 26.92 17.01 -43.77
CA ILE C 136 26.65 16.24 -42.56
C ILE C 136 26.76 14.78 -42.93
N GLN C 137 26.14 14.41 -44.04
CA GLN C 137 26.04 13.01 -44.45
C GLN C 137 27.42 12.40 -44.71
N GLN C 138 28.31 13.17 -45.32
CA GLN C 138 29.63 12.65 -45.64
C GLN C 138 30.40 12.51 -44.34
N LYS C 139 30.28 13.52 -43.50
CA LYS C 139 30.87 13.48 -42.19
C LYS C 139 30.18 12.40 -41.41
N LEU C 140 28.87 12.31 -41.55
CA LEU C 140 28.12 11.38 -40.73
C LEU C 140 28.61 10.00 -41.08
N SER C 141 29.02 9.85 -42.33
CA SER C 141 29.56 8.61 -42.85
C SER C 141 30.85 8.23 -42.16
N LYS C 142 31.54 9.24 -41.63
CA LYS C 142 32.93 9.13 -41.20
C LYS C 142 33.16 8.14 -40.09
N LEU C 143 32.27 8.12 -39.11
CA LEU C 143 32.41 7.17 -38.02
C LEU C 143 31.81 5.86 -38.51
N LYS C 144 32.49 5.25 -39.46
CA LYS C 144 31.98 4.02 -40.08
C LYS C 144 31.69 2.97 -39.03
N GLY C 145 32.50 2.96 -37.97
CA GLY C 145 32.33 2.01 -36.89
C GLY C 145 32.91 2.59 -35.61
N GLU C 146 32.70 1.89 -34.50
CA GLU C 146 33.19 2.37 -33.22
C GLU C 146 32.45 3.64 -32.83
N PRO C 147 32.14 3.77 -31.54
CA PRO C 147 31.39 4.92 -31.02
C PRO C 147 31.69 6.21 -31.78
N GLY C 148 31.04 7.30 -31.37
CA GLY C 148 31.23 8.58 -32.01
C GLY C 148 30.03 9.50 -31.88
N TRP C 149 30.29 10.79 -31.67
CA TRP C 149 29.22 11.76 -31.52
C TRP C 149 29.36 12.90 -32.52
N VAL C 150 28.22 13.37 -33.02
CA VAL C 150 28.21 14.48 -33.98
C VAL C 150 27.35 15.55 -33.35
N THR C 151 27.76 16.82 -33.34
CA THR C 151 26.98 17.92 -32.73
C THR C 151 26.61 18.83 -33.90
N ILE C 152 25.40 19.35 -33.99
CA ILE C 152 25.06 20.31 -35.03
C ILE C 152 24.52 21.55 -34.33
N HIS C 153 24.98 22.78 -34.60
CA HIS C 153 24.38 23.94 -33.88
C HIS C 153 24.20 25.28 -34.56
N GLY C 154 23.25 26.07 -34.07
CA GLY C 154 22.92 27.33 -34.68
C GLY C 154 22.09 28.18 -33.75
N MET C 155 21.97 29.45 -34.07
CA MET C 155 21.11 30.32 -33.29
C MET C 155 19.71 29.80 -33.58
N ALA C 156 18.76 30.12 -32.72
CA ALA C 156 17.48 29.45 -32.77
C ALA C 156 16.80 29.58 -34.13
N GLY C 157 16.29 28.45 -34.59
CA GLY C 157 15.58 28.33 -35.83
C GLY C 157 16.46 28.49 -37.03
N CYS C 158 17.46 27.62 -37.15
CA CYS C 158 18.41 27.66 -38.27
C CYS C 158 18.25 26.48 -39.21
N GLY C 159 17.18 25.72 -39.04
CA GLY C 159 16.99 24.51 -39.80
C GLY C 159 17.73 23.33 -39.22
N LYS C 160 18.08 23.43 -37.94
CA LYS C 160 18.88 22.42 -37.30
C LYS C 160 18.25 21.03 -37.27
N SER C 161 16.99 20.90 -36.87
CA SER C 161 16.35 19.58 -36.90
C SER C 161 16.08 19.05 -38.28
N VAL C 162 15.59 19.93 -39.14
CA VAL C 162 15.14 19.48 -40.44
C VAL C 162 16.32 18.89 -41.16
N LEU C 163 17.49 19.48 -40.99
CA LEU C 163 18.67 18.93 -41.62
C LEU C 163 18.90 17.54 -41.08
N ALA C 164 18.75 17.37 -39.77
CA ALA C 164 19.01 16.07 -39.19
C ALA C 164 18.05 15.07 -39.79
N ALA C 165 16.79 15.46 -39.91
CA ALA C 165 15.80 14.59 -40.51
C ALA C 165 16.12 14.36 -41.97
N GLU C 166 16.50 15.44 -42.65
CA GLU C 166 16.83 15.40 -44.08
C GLU C 166 18.06 14.57 -44.43
N ALA C 167 19.12 14.69 -43.61
CA ALA C 167 20.35 13.96 -43.87
C ALA C 167 20.09 12.47 -43.93
N VAL C 168 19.30 11.97 -43.00
CA VAL C 168 19.04 10.55 -42.92
C VAL C 168 17.97 10.17 -43.94
N ARG C 169 17.32 11.19 -44.50
CA ARG C 169 16.18 10.98 -45.40
C ARG C 169 16.56 10.17 -46.63
N ASP C 170 17.81 10.37 -47.07
CA ASP C 170 18.43 9.67 -48.20
C ASP C 170 18.75 8.19 -47.96
N HIS C 171 18.55 7.39 -49.01
CA HIS C 171 18.93 5.96 -49.03
C HIS C 171 20.42 5.58 -49.00
N SER C 172 21.26 6.29 -49.75
CA SER C 172 22.63 5.81 -49.96
C SER C 172 23.46 5.71 -48.69
N LEU C 173 23.55 6.82 -47.98
CA LEU C 173 24.33 6.86 -46.77
C LEU C 173 23.74 5.93 -45.74
N LEU C 174 22.42 5.99 -45.59
CA LEU C 174 21.76 5.16 -44.60
C LEU C 174 21.79 3.66 -44.88
N GLU C 175 21.45 3.28 -46.11
CA GLU C 175 21.29 1.85 -46.38
C GLU C 175 22.57 1.02 -46.35
N GLY C 176 23.60 1.48 -47.06
CA GLY C 176 24.85 0.75 -47.07
C GLY C 176 25.54 0.82 -45.73
N CYS C 177 25.59 2.04 -45.21
CA CYS C 177 26.25 2.34 -43.95
C CYS C 177 25.59 1.75 -42.71
N PHE C 178 24.25 1.80 -42.68
CA PHE C 178 23.55 1.65 -41.41
C PHE C 178 22.57 0.47 -41.37
N PRO C 179 23.08 -0.75 -41.33
CA PRO C 179 22.21 -1.92 -41.24
C PRO C 179 21.25 -1.80 -40.05
N GLY C 180 21.71 -1.17 -38.98
CA GLY C 180 20.84 -0.89 -37.85
C GLY C 180 19.85 0.20 -38.21
N GLY C 181 18.70 0.19 -37.56
CA GLY C 181 17.65 1.12 -37.91
C GLY C 181 18.09 2.41 -37.26
N VAL C 182 17.36 3.51 -37.50
CA VAL C 182 17.64 4.81 -36.88
C VAL C 182 16.61 5.07 -35.80
N HIS C 183 17.03 5.53 -34.63
CA HIS C 183 16.06 5.83 -33.57
C HIS C 183 16.20 7.29 -33.24
N TRP C 184 15.10 8.01 -33.09
CA TRP C 184 15.13 9.45 -32.87
C TRP C 184 14.65 9.63 -31.46
N VAL C 185 15.28 10.46 -30.64
CA VAL C 185 14.72 10.74 -29.34
C VAL C 185 14.54 12.23 -29.18
N SER C 186 13.38 12.68 -28.74
CA SER C 186 13.19 14.11 -28.51
C SER C 186 13.49 14.52 -27.07
N VAL C 187 14.74 14.82 -26.75
CA VAL C 187 15.12 15.10 -25.38
C VAL C 187 14.52 16.33 -24.72
N GLY C 188 14.41 17.44 -25.45
CA GLY C 188 13.90 18.66 -24.87
C GLY C 188 14.77 19.17 -23.74
N LYS C 189 14.17 19.82 -22.74
CA LYS C 189 14.88 20.34 -21.58
C LYS C 189 14.36 19.60 -20.35
N GLN C 190 15.22 19.10 -19.48
CA GLN C 190 14.68 18.21 -18.44
C GLN C 190 15.32 18.34 -17.06
N ASP C 191 14.46 18.30 -16.04
CA ASP C 191 14.83 18.09 -14.65
C ASP C 191 15.18 16.62 -14.56
N LYS C 192 15.84 16.22 -13.49
CA LYS C 192 16.39 14.88 -13.40
C LYS C 192 15.29 13.83 -13.52
N SER C 193 14.15 14.12 -12.90
CA SER C 193 13.04 13.17 -12.92
C SER C 193 12.48 12.99 -14.32
N GLY C 194 12.35 14.11 -15.04
CA GLY C 194 11.78 14.07 -16.37
C GLY C 194 12.62 13.25 -17.30
N LEU C 195 13.93 13.40 -17.15
CA LEU C 195 14.88 12.72 -18.01
C LEU C 195 14.69 11.24 -17.83
N LEU C 196 14.38 10.83 -16.62
CA LEU C 196 14.32 9.43 -16.32
C LEU C 196 13.29 8.74 -17.21
N MET C 197 12.14 9.38 -17.38
CA MET C 197 11.06 8.75 -18.12
C MET C 197 11.43 8.49 -19.58
N LYS C 198 12.14 9.44 -20.18
CA LYS C 198 12.47 9.33 -21.59
C LYS C 198 13.26 8.06 -21.76
N LEU C 199 14.11 7.77 -20.80
CA LEU C 199 14.95 6.59 -20.88
C LEU C 199 14.12 5.32 -20.89
N GLN C 200 13.15 5.24 -19.99
CA GLN C 200 12.32 4.07 -19.92
C GLN C 200 11.57 3.96 -21.23
N ASN C 201 11.09 5.08 -21.75
CA ASN C 201 10.33 5.07 -22.98
C ASN C 201 11.17 4.57 -24.14
N LEU C 202 12.45 4.96 -24.16
CA LEU C 202 13.35 4.46 -25.18
C LEU C 202 13.59 2.97 -24.99
N CYS C 203 13.54 2.54 -23.74
CA CYS C 203 13.68 1.14 -23.41
C CYS C 203 12.53 0.34 -24.02
N THR C 204 11.31 0.81 -23.77
CA THR C 204 10.13 0.16 -24.30
C THR C 204 10.13 0.21 -25.81
N ARG C 205 10.58 1.32 -26.39
CA ARG C 205 10.58 1.42 -27.84
C ARG C 205 11.52 0.43 -28.50
N LEU C 206 12.75 0.38 -28.00
CA LEU C 206 13.78 -0.47 -28.57
C LEU C 206 13.51 -1.96 -28.45
N ASP C 207 13.01 -2.37 -27.29
CA ASP C 207 12.68 -3.76 -27.05
C ASP C 207 11.25 -4.08 -27.51
N GLN C 208 11.06 -4.20 -28.81
CA GLN C 208 9.75 -4.54 -29.34
C GLN C 208 9.35 -5.97 -29.01
N ASP C 209 10.34 -6.87 -28.96
CA ASP C 209 10.10 -8.27 -28.68
C ASP C 209 9.58 -8.48 -27.27
N GLU C 210 10.13 -7.70 -26.33
CA GLU C 210 9.75 -7.81 -24.93
C GLU C 210 10.49 -8.95 -24.21
N SER C 211 11.45 -9.56 -24.89
CA SER C 211 12.20 -10.65 -24.31
C SER C 211 12.85 -10.19 -23.01
N PHE C 212 13.35 -8.96 -23.02
CA PHE C 212 13.94 -8.36 -21.83
C PHE C 212 12.85 -8.09 -20.82
N SER C 213 13.24 -8.01 -19.55
CA SER C 213 12.31 -7.88 -18.45
C SER C 213 11.26 -6.80 -18.67
N GLN C 214 10.00 -7.14 -18.46
CA GLN C 214 8.92 -6.16 -18.58
C GLN C 214 9.11 -5.06 -17.56
N ARG C 215 9.69 -5.41 -16.41
CA ARG C 215 9.97 -4.42 -15.37
C ARG C 215 10.93 -3.38 -15.94
N LEU C 216 10.74 -2.13 -15.54
CA LEU C 216 11.58 -1.05 -16.03
C LEU C 216 12.50 -0.59 -14.92
N PRO C 217 13.72 -0.18 -15.28
CA PRO C 217 14.68 0.29 -14.28
C PRO C 217 14.20 1.55 -13.56
N LEU C 218 14.49 1.65 -12.27
CA LEU C 218 14.20 2.87 -11.52
C LEU C 218 15.44 3.73 -11.44
N ASN C 219 16.54 3.20 -11.97
CA ASN C 219 17.85 3.87 -11.95
C ASN C 219 18.38 4.17 -13.35
N ILE C 220 18.88 5.39 -13.54
CA ILE C 220 19.31 5.87 -14.83
C ILE C 220 20.34 4.95 -15.46
N GLU C 221 21.34 4.58 -14.65
CA GLU C 221 22.44 3.76 -15.13
C GLU C 221 21.94 2.42 -15.66
N GLU C 222 20.97 1.84 -14.97
CA GLU C 222 20.43 0.55 -15.38
C GLU C 222 19.82 0.69 -16.77
N ALA C 223 19.19 1.83 -17.02
CA ALA C 223 18.64 2.14 -18.32
C ALA C 223 19.77 2.28 -19.32
N LYS C 224 20.89 2.82 -18.85
CA LYS C 224 22.06 2.99 -19.69
C LYS C 224 22.55 1.60 -20.11
N ASP C 225 22.45 0.65 -19.19
CA ASP C 225 22.86 -0.72 -19.47
C ASP C 225 21.93 -1.35 -20.50
N ARG C 226 20.62 -1.18 -20.30
CA ARG C 226 19.64 -1.70 -21.24
C ARG C 226 19.83 -1.11 -22.63
N LEU C 227 20.29 0.14 -22.70
CA LEU C 227 20.50 0.79 -23.99
C LEU C 227 21.72 0.24 -24.68
N ARG C 228 22.81 0.16 -23.91
CA ARG C 228 24.09 -0.27 -24.43
C ARG C 228 23.98 -1.69 -24.93
N ILE C 229 23.36 -2.53 -24.11
CA ILE C 229 23.21 -3.95 -24.39
C ILE C 229 22.30 -4.15 -25.61
N LEU C 230 21.21 -3.39 -25.63
CA LEU C 230 20.26 -3.42 -26.75
C LEU C 230 20.90 -2.92 -28.04
N MET C 231 21.68 -1.85 -27.94
CA MET C 231 22.41 -1.32 -29.08
C MET C 231 23.47 -2.33 -29.53
N LEU C 232 24.11 -2.95 -28.55
CA LEU C 232 25.17 -3.90 -28.83
C LEU C 232 24.72 -5.18 -29.53
N ARG C 233 23.60 -5.73 -29.10
CA ARG C 233 23.13 -7.00 -29.64
C ARG C 233 21.86 -6.85 -30.48
N LYS C 234 20.84 -6.24 -29.90
CA LYS C 234 19.54 -6.12 -30.55
C LYS C 234 19.60 -5.27 -31.82
N HIS C 235 20.33 -4.16 -31.77
CA HIS C 235 20.40 -3.33 -32.96
C HIS C 235 21.83 -2.96 -33.30
N PRO C 236 22.60 -3.85 -33.91
CA PRO C 236 24.04 -3.67 -33.94
C PRO C 236 24.54 -2.38 -34.61
N ARG C 237 23.94 -2.00 -35.73
CA ARG C 237 24.40 -0.83 -36.48
C ARG C 237 23.40 0.31 -36.42
N SER C 238 22.84 0.54 -35.24
CA SER C 238 21.89 1.64 -35.05
C SER C 238 22.55 3.00 -34.80
N LEU C 239 21.90 4.04 -35.28
CA LEU C 239 22.26 5.43 -35.03
C LEU C 239 21.11 6.07 -34.26
N LEU C 240 21.43 6.83 -33.21
CA LEU C 240 20.46 7.53 -32.37
C LEU C 240 20.61 9.02 -32.66
N ILE C 241 19.51 9.77 -32.84
CA ILE C 241 19.58 11.22 -33.07
C ILE C 241 18.91 11.90 -31.89
N LEU C 242 19.43 13.02 -31.41
CA LEU C 242 18.74 13.68 -30.33
C LEU C 242 18.28 15.05 -30.74
N ASP C 243 17.27 15.56 -30.05
CA ASP C 243 16.71 16.87 -30.37
C ASP C 243 16.95 17.81 -29.20
N ASP C 244 17.47 18.99 -29.48
CA ASP C 244 17.85 19.90 -28.41
C ASP C 244 18.93 19.26 -27.53
N VAL C 245 18.67 19.25 -26.23
CA VAL C 245 19.65 18.88 -25.20
C VAL C 245 20.20 20.17 -24.63
N TRP C 246 20.03 20.37 -23.34
CA TRP C 246 20.50 21.59 -22.71
C TRP C 246 21.48 21.46 -21.57
N ASP C 247 21.83 20.23 -21.18
CA ASP C 247 22.83 20.11 -20.13
C ASP C 247 23.60 18.82 -20.23
N SER C 248 24.84 18.83 -19.76
CA SER C 248 25.71 17.69 -19.97
C SER C 248 25.27 16.37 -19.32
N TRP C 249 24.83 16.39 -18.06
CA TRP C 249 24.50 15.10 -17.45
C TRP C 249 23.60 14.30 -18.36
N VAL C 250 22.81 15.01 -19.18
CA VAL C 250 21.88 14.37 -20.08
C VAL C 250 22.60 13.43 -21.03
N LEU C 251 23.58 13.95 -21.75
CA LEU C 251 24.40 13.11 -22.61
C LEU C 251 25.24 12.15 -21.80
N LYS C 252 25.48 12.48 -20.54
CA LYS C 252 26.19 11.55 -19.69
C LYS C 252 25.32 10.31 -19.63
N ALA C 253 24.02 10.52 -19.50
CA ALA C 253 23.06 9.43 -19.40
C ALA C 253 23.00 8.59 -20.67
N PHE C 254 23.08 9.24 -21.82
CA PHE C 254 22.93 8.57 -23.09
C PHE C 254 24.25 8.04 -23.60
N ASP C 255 25.29 8.19 -22.80
CA ASP C 255 26.63 7.92 -23.26
C ASP C 255 26.85 6.43 -23.23
N SER C 256 26.28 5.78 -24.23
CA SER C 256 26.22 4.33 -24.29
C SER C 256 27.42 3.69 -24.97
N GLN C 257 28.32 4.52 -25.48
CA GLN C 257 29.49 4.00 -26.20
C GLN C 257 29.07 3.59 -27.60
N CYS C 258 27.82 3.92 -27.96
CA CYS C 258 27.26 3.60 -29.25
C CYS C 258 26.90 4.92 -29.89
N GLN C 259 27.06 5.05 -31.19
CA GLN C 259 26.97 6.36 -31.80
C GLN C 259 25.61 6.96 -31.52
N ILE C 260 25.62 8.21 -31.09
CA ILE C 260 24.45 8.98 -30.84
C ILE C 260 24.88 10.32 -31.38
N LEU C 261 24.03 11.00 -32.15
CA LEU C 261 24.34 12.35 -32.60
C LEU C 261 23.34 13.30 -32.01
N LEU C 262 23.78 14.39 -31.40
CA LEU C 262 22.91 15.32 -30.70
C LEU C 262 22.86 16.59 -31.50
N THR C 263 21.69 17.16 -31.72
CA THR C 263 21.60 18.40 -32.48
C THR C 263 21.04 19.51 -31.59
N THR C 264 21.63 20.69 -31.58
CA THR C 264 21.30 21.65 -30.53
C THR C 264 21.50 23.12 -30.73
N ARG C 265 21.45 23.81 -29.60
CA ARG C 265 21.96 25.20 -29.57
C ARG C 265 23.33 25.49 -28.90
N ASP C 266 23.57 24.89 -27.74
CA ASP C 266 24.88 24.98 -27.10
C ASP C 266 25.78 23.93 -27.70
N LYS C 267 27.04 24.30 -27.88
CA LYS C 267 28.04 23.36 -28.38
C LYS C 267 28.94 22.90 -27.25
N SER C 268 28.74 23.53 -26.10
CA SER C 268 29.38 23.15 -24.86
C SER C 268 28.89 21.80 -24.37
N VAL C 269 27.70 21.41 -24.80
CA VAL C 269 27.03 20.28 -24.18
C VAL C 269 27.85 19.01 -24.28
N THR C 270 28.41 18.73 -25.45
CA THR C 270 29.17 17.50 -25.60
C THR C 270 30.62 17.73 -25.19
N ASP C 271 30.83 18.05 -23.92
CA ASP C 271 32.18 18.13 -23.41
C ASP C 271 32.45 17.05 -22.38
N SER C 272 31.41 16.62 -21.69
CA SER C 272 31.53 15.52 -20.74
C SER C 272 31.87 14.23 -21.47
N VAL C 273 31.30 14.07 -22.66
CA VAL C 273 31.43 12.83 -23.42
C VAL C 273 32.84 12.57 -23.93
N MET C 274 33.08 11.30 -24.19
CA MET C 274 34.35 10.72 -24.61
C MET C 274 34.21 10.01 -25.95
N GLY C 275 35.25 10.07 -26.76
CA GLY C 275 35.20 9.51 -28.09
C GLY C 275 35.27 10.62 -29.11
N PRO C 276 35.51 10.28 -30.38
CA PRO C 276 35.65 11.32 -31.42
C PRO C 276 34.42 12.21 -31.56
N LYS C 277 34.61 13.53 -31.56
CA LYS C 277 33.48 14.43 -31.75
C LYS C 277 33.71 15.38 -32.94
N TYR C 278 32.70 15.52 -33.78
CA TYR C 278 32.79 16.45 -34.90
C TYR C 278 31.59 17.37 -34.84
N VAL C 279 31.76 18.63 -35.25
CA VAL C 279 30.63 19.54 -35.27
C VAL C 279 30.44 20.17 -36.64
N VAL C 280 29.21 20.18 -37.12
CA VAL C 280 28.87 20.88 -38.35
C VAL C 280 28.09 22.08 -37.87
N PRO C 281 28.41 23.28 -38.33
CA PRO C 281 27.84 24.43 -37.66
C PRO C 281 26.96 25.11 -38.66
N VAL C 282 25.69 25.26 -38.33
CA VAL C 282 24.75 25.84 -39.27
C VAL C 282 24.53 27.29 -38.93
N GLU C 283 25.10 28.17 -39.74
CA GLU C 283 24.82 29.60 -39.64
C GLU C 283 23.40 29.84 -40.16
N SER C 284 22.70 30.78 -39.55
CA SER C 284 21.35 31.05 -40.00
C SER C 284 21.46 32.09 -41.08
N SER C 285 21.31 31.66 -42.33
CA SER C 285 21.41 32.56 -43.46
C SER C 285 20.35 32.31 -44.50
N LEU C 286 20.47 31.18 -45.18
CA LEU C 286 19.59 30.80 -46.27
C LEU C 286 20.03 31.54 -47.52
N GLY C 287 19.30 31.34 -48.60
CA GLY C 287 19.64 31.97 -49.87
C GLY C 287 18.47 32.76 -50.43
N LYS C 288 18.75 33.93 -50.99
CA LYS C 288 17.69 34.78 -51.50
C LYS C 288 16.96 34.03 -52.60
N GLU C 289 17.70 33.29 -53.40
CA GLU C 289 17.09 32.49 -54.46
C GLU C 289 16.15 31.44 -53.85
N LYS C 290 16.63 30.78 -52.80
CA LYS C 290 15.88 29.74 -52.10
C LYS C 290 14.62 30.22 -51.38
N GLY C 291 14.70 31.36 -50.71
CA GLY C 291 13.58 31.87 -49.95
C GLY C 291 12.45 32.24 -50.89
N LEU C 292 12.83 32.78 -52.04
CA LEU C 292 11.85 33.06 -53.08
C LEU C 292 11.21 31.75 -53.51
N GLU C 293 12.02 30.70 -53.51
CA GLU C 293 11.56 29.37 -53.81
C GLU C 293 10.56 28.92 -52.77
N ILE C 294 10.92 29.15 -51.51
CA ILE C 294 10.08 28.85 -50.36
C ILE C 294 8.81 29.71 -50.31
N LEU C 295 8.95 30.99 -50.63
CA LEU C 295 7.81 31.88 -50.58
C LEU C 295 6.82 31.45 -51.64
N SER C 296 7.33 31.04 -52.80
CA SER C 296 6.44 30.63 -53.87
C SER C 296 5.63 29.44 -53.43
N LEU C 297 6.27 28.49 -52.78
CA LEU C 297 5.56 27.30 -52.34
C LEU C 297 4.50 27.67 -51.33
N PHE C 298 4.82 28.63 -50.46
CA PHE C 298 3.90 29.06 -49.41
C PHE C 298 2.65 29.67 -50.01
N VAL C 299 2.81 30.46 -51.06
CA VAL C 299 1.67 31.09 -51.73
C VAL C 299 1.30 30.49 -53.10
N ASN C 300 2.01 29.43 -53.49
CA ASN C 300 1.69 28.70 -54.71
C ASN C 300 1.70 29.41 -56.08
N MET C 301 2.66 30.29 -56.33
CA MET C 301 2.73 30.96 -57.65
C MET C 301 4.10 30.95 -58.33
N LYS C 302 4.11 30.92 -59.66
CA LYS C 302 5.35 30.98 -60.42
C LYS C 302 6.13 32.10 -59.75
N LYS C 303 7.45 31.94 -59.63
CA LYS C 303 8.22 32.85 -58.81
C LYS C 303 8.12 34.28 -59.33
N ALA C 304 8.16 34.44 -60.65
CA ALA C 304 8.04 35.76 -61.23
C ALA C 304 6.69 36.39 -60.92
N ASP C 305 5.63 35.59 -61.01
CA ASP C 305 4.30 36.08 -60.70
C ASP C 305 4.22 36.73 -59.33
N LEU C 306 5.25 36.53 -58.52
CA LEU C 306 5.26 37.06 -57.17
C LEU C 306 5.40 38.58 -57.16
N PRO C 307 4.69 39.22 -56.25
CA PRO C 307 4.55 40.67 -56.20
C PRO C 307 5.85 41.35 -55.84
N GLU C 308 5.94 42.62 -56.20
CA GLU C 308 7.14 43.40 -55.99
C GLU C 308 7.45 43.48 -54.50
N GLN C 309 6.41 43.42 -53.69
CA GLN C 309 6.60 43.55 -52.25
C GLN C 309 7.50 42.44 -51.74
N ALA C 310 7.33 41.25 -52.30
CA ALA C 310 7.93 40.04 -51.74
C ALA C 310 9.44 40.12 -51.57
N HIS C 311 10.12 40.74 -52.51
CA HIS C 311 11.58 40.74 -52.52
C HIS C 311 12.15 41.36 -51.25
N SER C 312 11.49 42.39 -50.77
CA SER C 312 12.02 43.24 -49.70
C SER C 312 11.89 42.59 -48.33
N ILE C 313 10.78 41.89 -48.12
CA ILE C 313 10.53 41.28 -46.83
C ILE C 313 11.58 40.21 -46.55
N ILE C 314 12.06 39.56 -47.60
CA ILE C 314 13.04 38.51 -47.40
C ILE C 314 14.32 39.11 -46.85
N LYS C 315 14.57 40.36 -47.18
CA LYS C 315 15.77 41.03 -46.69
C LYS C 315 15.73 41.13 -45.18
N GLU C 316 14.53 41.39 -44.68
CA GLU C 316 14.25 41.44 -43.26
C GLU C 316 14.44 40.05 -42.67
N CYS C 317 14.01 39.04 -43.40
CA CYS C 317 14.05 37.68 -42.87
C CYS C 317 15.48 37.31 -42.45
N LYS C 318 16.45 37.69 -43.26
CA LYS C 318 17.83 37.40 -42.92
C LYS C 318 18.07 35.91 -42.89
N GLY C 319 17.26 35.17 -43.63
CA GLY C 319 17.45 33.73 -43.75
C GLY C 319 17.06 32.86 -42.57
N SER C 320 16.35 33.40 -41.60
CA SER C 320 15.97 32.52 -40.53
C SER C 320 14.74 31.89 -41.12
N PRO C 321 14.91 30.67 -41.64
CA PRO C 321 13.82 29.96 -42.30
C PRO C 321 12.57 29.93 -41.43
N LEU C 322 12.78 30.08 -40.12
CA LEU C 322 11.68 30.10 -39.21
C LEU C 322 10.87 31.36 -39.49
N VAL C 323 11.53 32.48 -39.75
CA VAL C 323 10.82 33.70 -40.12
C VAL C 323 10.06 33.60 -41.44
N VAL C 324 10.67 32.96 -42.43
CA VAL C 324 10.08 32.76 -43.74
C VAL C 324 8.87 31.85 -43.68
N SER C 325 9.00 30.72 -43.03
CA SER C 325 7.85 29.88 -42.85
C SER C 325 6.85 30.65 -42.02
N LEU C 326 7.33 31.38 -41.02
CA LEU C 326 6.43 32.13 -40.17
C LEU C 326 5.66 33.21 -40.92
N ILE C 327 6.35 33.99 -41.74
CA ILE C 327 5.66 34.90 -42.64
C ILE C 327 4.86 34.12 -43.66
N GLY C 328 5.44 33.05 -44.20
CA GLY C 328 4.79 32.39 -45.33
C GLY C 328 3.44 31.81 -44.98
N ALA C 329 3.38 31.08 -43.88
CA ALA C 329 2.12 30.51 -43.43
C ALA C 329 1.18 31.65 -43.11
N LEU C 330 1.72 32.70 -42.54
CA LEU C 330 0.92 33.81 -42.08
C LEU C 330 0.20 34.37 -43.27
N LEU C 331 0.89 34.39 -44.41
CA LEU C 331 0.27 34.84 -45.64
C LEU C 331 -0.74 33.86 -46.21
N ARG C 332 -0.73 32.60 -45.81
CA ARG C 332 -1.63 31.69 -46.52
C ARG C 332 -3.05 32.15 -46.28
N ASP C 333 -3.33 32.54 -45.05
CA ASP C 333 -4.64 33.05 -44.67
C ASP C 333 -5.05 34.37 -45.32
N PHE C 334 -4.12 35.31 -45.43
CA PHE C 334 -4.49 36.64 -45.88
C PHE C 334 -3.61 37.13 -47.02
N PRO C 335 -3.84 36.61 -48.22
CA PRO C 335 -3.03 36.98 -49.39
C PRO C 335 -3.08 38.49 -49.69
N ASN C 336 -4.17 39.14 -49.32
CA ASN C 336 -4.37 40.56 -49.57
C ASN C 336 -3.48 41.47 -48.73
N ARG C 337 -3.27 41.12 -47.46
CA ARG C 337 -2.49 42.00 -46.59
C ARG C 337 -0.99 41.76 -46.77
N TRP C 338 -0.54 41.82 -48.02
CA TRP C 338 0.87 41.61 -48.32
C TRP C 338 1.87 42.66 -47.83
N GLU C 339 1.60 43.94 -48.09
CA GLU C 339 2.52 45.00 -47.67
C GLU C 339 2.67 45.11 -46.15
N TYR C 340 1.54 44.95 -45.47
CA TYR C 340 1.35 45.11 -44.04
C TYR C 340 2.49 44.49 -43.27
N TYR C 341 2.75 43.21 -43.54
CA TYR C 341 3.82 42.52 -42.83
C TYR C 341 5.18 43.04 -43.25
N LEU C 342 5.25 43.58 -44.46
CA LEU C 342 6.49 44.17 -44.93
C LEU C 342 6.86 45.33 -44.03
N LYS C 343 5.90 46.25 -43.85
CA LYS C 343 6.11 47.38 -42.97
C LYS C 343 6.23 46.92 -41.53
N GLN C 344 5.64 45.78 -41.23
CA GLN C 344 5.67 45.24 -39.88
C GLN C 344 7.08 44.85 -39.49
N LEU C 345 7.75 44.13 -40.40
CA LEU C 345 9.15 43.79 -40.18
C LEU C 345 10.03 45.01 -40.33
N GLN C 346 9.56 46.00 -41.08
CA GLN C 346 10.24 47.30 -41.10
C GLN C 346 10.16 47.96 -39.74
N ASN C 347 9.08 47.65 -39.03
CA ASN C 347 8.88 48.09 -37.64
C ASN C 347 9.95 47.49 -36.73
N LYS C 348 10.31 46.25 -36.99
CA LYS C 348 11.30 45.54 -36.19
C LYS C 348 10.74 44.81 -34.97
N GLN C 349 9.42 44.81 -34.79
CA GLN C 349 8.82 44.04 -33.71
C GLN C 349 8.19 42.72 -34.18
N PHE C 350 8.52 41.65 -33.48
CA PHE C 350 8.14 40.32 -33.93
C PHE C 350 6.94 39.78 -33.17
N LYS C 351 6.38 40.62 -32.31
CA LYS C 351 5.19 40.26 -31.55
C LYS C 351 3.98 40.13 -32.48
N ARG C 352 4.04 40.85 -33.60
CA ARG C 352 2.96 40.83 -34.58
C ARG C 352 2.87 39.52 -35.35
N ILE C 353 4.02 38.90 -35.64
CA ILE C 353 4.02 37.68 -36.42
C ILE C 353 3.81 36.45 -35.54
N ARG C 354 2.74 35.70 -35.78
CA ARG C 354 2.53 34.46 -35.05
C ARG C 354 1.82 33.43 -35.89
N LYS C 355 2.23 32.19 -35.78
CA LYS C 355 1.52 31.11 -36.41
C LYS C 355 1.65 29.87 -35.54
N SER C 356 0.58 29.09 -35.43
CA SER C 356 0.71 27.77 -34.87
C SER C 356 1.47 27.02 -35.94
N SER C 357 2.39 26.15 -35.55
CA SER C 357 3.22 25.47 -36.53
C SER C 357 3.76 24.18 -35.96
N SER C 358 4.35 23.36 -36.82
CA SER C 358 4.93 22.12 -36.34
C SER C 358 5.98 22.51 -35.35
N TYR C 359 6.71 23.57 -35.67
CA TYR C 359 7.72 24.12 -34.78
C TYR C 359 7.08 24.53 -33.45
N ASP C 360 7.87 24.49 -32.40
CA ASP C 360 7.40 24.53 -31.01
C ASP C 360 7.23 25.91 -30.38
N TYR C 361 6.97 26.93 -31.19
CA TYR C 361 6.87 28.26 -30.63
C TYR C 361 6.00 29.18 -31.48
N GLU C 362 5.25 30.06 -30.84
CA GLU C 362 4.33 30.90 -31.59
C GLU C 362 5.08 31.76 -32.59
N ALA C 363 6.25 32.23 -32.17
CA ALA C 363 7.05 33.21 -32.90
C ALA C 363 8.56 33.27 -32.58
N LEU C 364 9.26 33.95 -33.49
CA LEU C 364 10.71 34.05 -33.46
C LEU C 364 11.17 34.72 -32.18
N ASP C 365 10.41 35.70 -31.71
CA ASP C 365 10.73 36.30 -30.43
C ASP C 365 10.64 35.18 -29.41
N GLU C 366 9.69 34.28 -29.64
CA GLU C 366 9.40 33.21 -28.70
C GLU C 366 10.63 32.33 -28.52
N ALA C 367 11.34 32.06 -29.61
CA ALA C 367 12.53 31.19 -29.52
C ALA C 367 13.72 31.74 -28.69
N MET C 368 13.99 33.02 -28.89
CA MET C 368 15.11 33.71 -28.26
C MET C 368 14.93 33.74 -26.75
N SER C 369 13.69 33.98 -26.31
CA SER C 369 13.44 34.05 -24.87
C SER C 369 13.90 32.76 -24.18
N ILE C 370 13.65 31.63 -24.84
CA ILE C 370 14.02 30.33 -24.32
C ILE C 370 15.53 30.19 -24.17
N SER C 371 16.27 30.70 -25.14
CA SER C 371 17.74 30.68 -25.04
C SER C 371 18.31 31.52 -23.90
N VAL C 372 17.76 32.70 -23.67
CA VAL C 372 18.33 33.62 -22.70
C VAL C 372 18.34 33.08 -21.26
N GLU C 373 17.30 32.34 -20.89
CA GLU C 373 17.08 32.01 -19.49
C GLU C 373 18.21 31.21 -18.85
N MET C 374 18.77 30.27 -19.60
CA MET C 374 19.68 29.27 -19.05
C MET C 374 20.90 29.83 -18.32
N LEU C 375 21.40 30.96 -18.80
CA LEU C 375 22.67 31.47 -18.33
C LEU C 375 22.62 31.68 -16.83
N ARG C 376 23.74 31.35 -16.19
CA ARG C 376 23.90 31.47 -14.75
C ARG C 376 23.80 32.93 -14.36
N GLU C 377 23.22 33.21 -13.21
CA GLU C 377 22.78 34.55 -12.89
C GLU C 377 23.92 35.54 -13.07
N ASP C 378 25.12 35.16 -12.69
CA ASP C 378 26.24 36.09 -12.80
C ASP C 378 26.45 36.48 -14.26
N ILE C 379 26.40 35.52 -15.16
CA ILE C 379 26.53 35.80 -16.59
C ILE C 379 25.38 36.64 -17.13
N LYS C 380 24.18 36.40 -16.61
CA LYS C 380 22.96 36.86 -17.23
C LYS C 380 22.91 38.38 -17.37
N ASP C 381 23.38 39.07 -16.35
CA ASP C 381 23.38 40.53 -16.34
C ASP C 381 24.25 41.03 -17.48
N TYR C 382 25.37 40.36 -17.71
CA TYR C 382 26.35 40.82 -18.68
C TYR C 382 25.76 40.87 -20.07
N TYR C 383 24.99 39.85 -20.45
CA TYR C 383 24.48 39.84 -21.80
C TYR C 383 23.81 41.16 -22.15
N THR C 384 23.05 41.72 -21.21
CA THR C 384 22.28 42.91 -21.49
C THR C 384 23.17 44.06 -21.91
N ASP C 385 24.33 44.15 -21.29
CA ASP C 385 25.28 45.20 -21.64
C ASP C 385 25.58 44.94 -23.10
N LEU C 386 25.63 43.66 -23.46
CA LEU C 386 25.99 43.28 -24.81
C LEU C 386 24.95 43.78 -25.80
N SER C 387 23.83 44.22 -25.25
CA SER C 387 22.67 44.69 -26.02
C SER C 387 22.98 45.92 -26.84
N ILE C 388 23.79 46.81 -26.27
CA ILE C 388 24.05 48.10 -26.89
C ILE C 388 24.69 47.96 -28.25
N LEU C 389 25.51 46.93 -28.47
CA LEU C 389 26.32 46.83 -29.67
C LEU C 389 25.55 46.82 -31.00
N GLN C 390 26.11 47.50 -32.00
CA GLN C 390 25.48 47.76 -33.28
C GLN C 390 25.03 46.44 -33.89
N LYS C 391 24.13 46.51 -34.87
CA LYS C 391 23.68 45.30 -35.56
C LYS C 391 24.88 44.69 -36.25
N ASP C 392 25.69 45.53 -36.89
CA ASP C 392 26.78 45.02 -37.73
C ASP C 392 28.13 45.67 -37.46
N VAL C 393 28.63 45.46 -36.26
CA VAL C 393 29.96 45.92 -35.91
C VAL C 393 30.71 44.76 -35.30
N LYS C 394 31.90 44.48 -35.80
CA LYS C 394 32.75 43.52 -35.12
C LYS C 394 33.60 44.36 -34.21
N VAL C 395 33.25 44.39 -32.93
CA VAL C 395 34.00 45.21 -32.01
C VAL C 395 35.23 44.48 -31.49
N PRO C 396 36.32 45.21 -31.40
CA PRO C 396 37.55 44.68 -30.81
C PRO C 396 37.28 44.39 -29.34
N THR C 397 37.77 43.27 -28.86
CA THR C 397 37.48 42.79 -27.51
C THR C 397 37.61 43.86 -26.43
N LYS C 398 38.60 44.72 -26.57
CA LYS C 398 38.95 45.70 -25.55
C LYS C 398 37.76 46.51 -25.06
N VAL C 399 36.97 47.02 -25.98
CA VAL C 399 35.87 47.92 -25.62
C VAL C 399 34.92 47.18 -24.68
N LEU C 400 34.79 45.88 -24.88
CA LEU C 400 34.00 45.07 -23.97
C LEU C 400 34.69 45.00 -22.61
N CYS C 401 36.02 45.03 -22.65
CA CYS C 401 36.79 45.03 -21.41
C CYS C 401 36.51 46.31 -20.65
N ILE C 402 36.47 47.41 -21.37
CA ILE C 402 36.27 48.72 -20.77
C ILE C 402 34.89 48.87 -20.14
N LEU C 403 33.86 48.42 -20.84
CA LEU C 403 32.52 48.55 -20.29
C LEU C 403 32.39 47.68 -19.06
N TRP C 404 32.90 46.47 -19.16
CA TRP C 404 32.90 45.54 -18.04
C TRP C 404 33.81 45.98 -16.91
N ASP C 405 34.94 46.57 -17.28
CA ASP C 405 35.94 46.98 -16.29
C ASP C 405 36.61 45.73 -15.73
N MET C 406 36.55 44.64 -16.50
CA MET C 406 37.10 43.36 -16.05
C MET C 406 38.25 42.89 -16.94
N GLU C 407 39.30 42.35 -16.34
CA GLU C 407 40.56 42.10 -17.05
C GLU C 407 40.41 41.17 -18.25
N THR C 408 41.22 41.41 -19.27
CA THR C 408 41.05 40.82 -20.59
C THR C 408 41.11 39.29 -20.70
N GLU C 409 42.02 38.66 -19.97
CA GLU C 409 42.15 37.21 -20.05
C GLU C 409 40.83 36.59 -19.62
N GLU C 410 40.23 37.19 -18.60
CA GLU C 410 38.92 36.77 -18.09
C GLU C 410 37.77 37.08 -19.03
N VAL C 411 37.78 38.27 -19.62
CA VAL C 411 36.64 38.73 -20.41
C VAL C 411 36.36 37.85 -21.61
N GLU C 412 37.42 37.37 -22.24
CA GLU C 412 37.28 36.56 -23.45
C GLU C 412 36.50 35.29 -23.16
N ASP C 413 36.73 34.70 -21.99
CA ASP C 413 36.23 33.37 -21.71
C ASP C 413 34.72 33.37 -21.55
N ILE C 414 34.20 34.41 -20.91
CA ILE C 414 32.76 34.50 -20.76
C ILE C 414 32.14 34.60 -22.13
N LEU C 415 32.79 35.35 -23.00
CA LEU C 415 32.32 35.49 -24.37
C LEU C 415 32.41 34.17 -25.11
N GLN C 416 33.42 33.39 -24.78
CA GLN C 416 33.57 32.08 -25.38
C GLN C 416 32.39 31.23 -24.98
N GLU C 417 31.96 31.36 -23.73
CA GLU C 417 30.80 30.63 -23.25
C GLU C 417 29.55 31.06 -24.00
N PHE C 418 29.45 32.35 -24.30
CA PHE C 418 28.33 32.83 -25.10
C PHE C 418 28.39 32.18 -26.47
N VAL C 419 29.57 32.18 -27.08
CA VAL C 419 29.61 31.78 -28.47
C VAL C 419 29.08 30.37 -28.49
N ASN C 420 29.43 29.58 -27.50
CA ASN C 420 28.89 28.25 -27.41
C ASN C 420 27.39 28.29 -27.24
N LYS C 421 26.90 29.18 -26.40
CA LYS C 421 25.45 29.34 -26.30
C LYS C 421 24.85 29.79 -27.63
N SER C 422 25.73 29.99 -28.62
CA SER C 422 25.32 30.42 -29.94
C SER C 422 24.52 31.71 -29.87
N LEU C 423 24.92 32.59 -28.96
CA LEU C 423 24.23 33.87 -28.80
C LEU C 423 25.13 35.03 -29.21
N LEU C 424 26.27 34.70 -29.81
CA LEU C 424 27.25 35.71 -30.20
C LEU C 424 28.35 35.07 -31.03
N PHE C 425 28.33 35.36 -32.34
CA PHE C 425 29.24 34.72 -33.26
C PHE C 425 30.70 35.14 -33.11
N CYS C 426 31.58 34.15 -33.23
CA CYS C 426 33.02 34.36 -33.14
C CYS C 426 33.64 34.90 -34.42
N ASP C 427 34.77 35.58 -34.28
CA ASP C 427 35.54 36.03 -35.42
C ASP C 427 37.03 35.86 -35.19
N ARG C 428 37.58 34.74 -35.63
CA ARG C 428 39.00 34.50 -35.47
C ARG C 428 39.78 35.16 -36.58
N ASN C 429 39.83 36.50 -36.55
CA ASN C 429 40.67 37.24 -37.46
C ASN C 429 41.94 37.54 -36.70
N GLY C 430 43.00 36.80 -37.02
CA GLY C 430 44.29 37.04 -36.41
C GLY C 430 44.16 36.91 -34.91
N LYS C 431 45.07 37.55 -34.18
CA LYS C 431 45.00 37.54 -32.73
C LYS C 431 43.70 38.20 -32.31
N SER C 432 43.34 39.27 -33.03
CA SER C 432 42.14 40.03 -32.72
C SER C 432 40.88 39.19 -32.88
N PHE C 433 39.92 39.45 -32.02
CA PHE C 433 38.61 38.84 -32.08
C PHE C 433 37.54 39.90 -32.16
N ARG C 434 36.66 39.77 -33.14
CA ARG C 434 35.49 40.62 -33.21
C ARG C 434 34.28 39.71 -33.07
N TYR C 435 33.50 39.95 -32.02
CA TYR C 435 32.22 39.27 -31.88
C TYR C 435 31.08 40.13 -32.40
N TYR C 436 30.07 39.48 -32.96
CA TYR C 436 28.93 40.19 -33.53
C TYR C 436 27.70 39.29 -33.60
N LEU C 437 26.58 39.89 -33.94
CA LEU C 437 25.29 39.22 -33.86
C LEU C 437 24.58 39.17 -35.19
N HIS C 438 23.53 38.36 -35.25
CA HIS C 438 22.60 38.36 -36.34
C HIS C 438 21.65 39.53 -36.16
N ASP C 439 21.10 40.01 -37.27
CA ASP C 439 20.15 41.12 -37.23
C ASP C 439 18.96 40.76 -36.37
N LEU C 440 18.61 39.48 -36.36
CA LEU C 440 17.50 38.97 -35.56
C LEU C 440 17.86 39.00 -34.08
N GLN C 441 19.09 38.61 -33.76
CA GLN C 441 19.58 38.59 -32.39
C GLN C 441 19.60 40.00 -31.81
N VAL C 442 20.02 40.97 -32.64
CA VAL C 442 20.08 42.35 -32.18
C VAL C 442 18.69 42.90 -31.94
N ASP C 443 17.79 42.60 -32.86
CA ASP C 443 16.42 43.09 -32.79
C ASP C 443 15.75 42.56 -31.54
N PHE C 444 16.01 41.30 -31.21
CA PHE C 444 15.39 40.71 -30.05
C PHE C 444 15.84 41.54 -28.84
N LEU C 445 17.09 41.94 -28.84
CA LEU C 445 17.64 42.61 -27.66
C LEU C 445 16.90 43.89 -27.35
N THR C 446 16.73 44.72 -28.37
CA THR C 446 16.03 45.97 -28.19
C THR C 446 14.59 45.69 -27.83
N GLU C 447 14.06 44.61 -28.38
CA GLU C 447 12.69 44.21 -28.08
C GLU C 447 12.54 43.89 -26.60
N LYS C 448 13.56 43.23 -26.05
CA LYS C 448 13.52 42.79 -24.65
C LYS C 448 14.36 43.62 -23.65
N ASN C 449 15.21 44.52 -24.13
CA ASN C 449 16.04 45.33 -23.25
C ASN C 449 15.98 46.84 -23.45
N CYS C 450 14.96 47.32 -24.16
CA CYS C 450 14.98 48.71 -24.62
C CYS C 450 15.03 49.77 -23.52
N SER C 451 14.30 49.57 -22.43
CA SER C 451 14.27 50.56 -21.36
C SER C 451 15.65 50.76 -20.73
N GLN C 452 16.36 49.66 -20.53
CA GLN C 452 17.71 49.70 -19.99
C GLN C 452 18.67 50.44 -20.91
N LEU C 453 18.52 50.23 -22.21
CA LEU C 453 19.53 50.63 -23.18
C LEU C 453 19.85 52.11 -23.14
N GLN C 454 18.83 52.95 -23.01
CA GLN C 454 19.03 54.38 -22.91
C GLN C 454 19.84 54.67 -21.66
N ASP C 455 19.54 53.94 -20.59
CA ASP C 455 20.22 54.11 -19.31
C ASP C 455 21.68 53.67 -19.36
N LEU C 456 21.94 52.52 -19.97
CA LEU C 456 23.29 52.00 -20.07
C LEU C 456 24.15 52.87 -20.99
N HIS C 457 23.54 53.37 -22.06
CA HIS C 457 24.23 54.21 -23.03
C HIS C 457 25.08 55.27 -22.31
N LYS C 458 24.69 55.60 -21.09
CA LYS C 458 25.41 56.60 -20.30
C LYS C 458 26.45 55.93 -19.41
N LYS C 459 26.33 54.62 -19.23
CA LYS C 459 27.25 53.86 -18.40
C LYS C 459 28.60 53.68 -19.10
N ILE C 460 28.55 53.22 -20.34
CA ILE C 460 29.77 53.01 -21.13
C ILE C 460 30.66 54.25 -21.23
N ILE C 461 30.04 55.41 -21.45
CA ILE C 461 30.79 56.62 -21.66
C ILE C 461 31.60 56.99 -20.42
N THR C 462 30.99 56.86 -19.25
CA THR C 462 31.65 57.27 -18.02
C THR C 462 32.88 56.41 -17.76
N GLN C 463 32.76 55.13 -18.10
CA GLN C 463 33.86 54.19 -17.97
C GLN C 463 35.01 54.60 -18.90
N PHE C 464 34.67 55.01 -20.11
CA PHE C 464 35.68 55.45 -21.06
C PHE C 464 36.36 56.69 -20.54
N GLN C 465 35.57 57.51 -19.83
CA GLN C 465 36.10 58.69 -19.17
C GLN C 465 37.05 58.33 -18.05
N ARG C 466 36.80 57.19 -17.40
CA ARG C 466 37.68 56.74 -16.33
C ARG C 466 38.98 56.25 -16.93
N TYR C 467 38.96 56.00 -18.23
CA TYR C 467 40.18 55.70 -18.95
C TYR C 467 40.49 56.81 -19.94
N HIS C 468 40.69 56.44 -21.19
CA HIS C 468 41.18 57.40 -22.18
C HIS C 468 40.21 58.55 -22.42
N GLN C 469 40.75 59.77 -22.44
CA GLN C 469 40.02 60.93 -22.92
C GLN C 469 40.10 60.97 -24.44
N PRO C 470 39.11 61.58 -25.10
CA PRO C 470 39.12 61.58 -26.58
C PRO C 470 40.39 62.18 -27.18
N HIS C 471 40.93 63.21 -26.53
CA HIS C 471 42.22 63.74 -26.94
C HIS C 471 43.34 62.80 -26.54
N THR C 472 43.09 62.01 -25.50
CA THR C 472 44.07 61.08 -24.95
C THR C 472 44.05 59.79 -25.77
N LEU C 473 43.13 59.71 -26.73
CA LEU C 473 43.07 58.58 -27.66
C LEU C 473 44.30 58.53 -28.56
N SER C 474 44.69 57.33 -28.98
CA SER C 474 45.89 57.13 -29.79
C SER C 474 45.69 56.23 -31.01
N PRO C 475 46.53 56.41 -32.03
CA PRO C 475 46.39 55.65 -33.28
C PRO C 475 46.70 54.15 -33.16
N ASP C 476 47.63 53.80 -32.29
CA ASP C 476 48.09 52.42 -32.15
C ASP C 476 47.05 51.52 -31.49
N GLN C 477 46.40 52.03 -30.47
CA GLN C 477 45.40 51.26 -29.73
C GLN C 477 44.39 50.64 -30.68
N GLU C 478 44.09 49.36 -30.48
CA GLU C 478 43.14 48.64 -31.34
C GLU C 478 41.70 49.17 -31.30
N ASP C 479 41.23 49.52 -30.12
CA ASP C 479 39.84 49.90 -29.90
C ASP C 479 39.44 51.23 -30.51
N CYS C 480 40.42 52.10 -30.74
CA CYS C 480 40.14 53.52 -30.96
C CYS C 480 39.22 53.78 -32.14
N MET C 481 39.40 53.03 -33.22
CA MET C 481 38.63 53.29 -34.43
C MET C 481 37.15 53.07 -34.16
N TYR C 482 36.86 52.10 -33.32
CA TYR C 482 35.49 51.85 -32.90
C TYR C 482 34.95 53.06 -32.15
N TRP C 483 35.90 53.59 -31.38
CA TRP C 483 35.77 54.78 -30.59
C TRP C 483 35.54 55.99 -31.46
N TYR C 484 36.26 56.12 -32.58
CA TYR C 484 35.93 57.23 -33.47
C TYR C 484 34.54 56.89 -33.97
N ASN C 485 34.49 55.76 -34.65
CA ASN C 485 33.39 55.50 -35.54
C ASN C 485 32.11 55.47 -34.78
N PHE C 486 32.15 54.87 -33.61
CA PHE C 486 30.93 54.74 -32.85
C PHE C 486 30.84 55.45 -31.50
N LEU C 487 31.93 56.04 -30.98
CA LEU C 487 31.78 56.62 -29.63
C LEU C 487 30.78 57.72 -29.79
N ALA C 488 30.95 58.41 -30.90
CA ALA C 488 30.02 59.46 -31.29
C ALA C 488 28.64 58.89 -31.10
N TYR C 489 28.49 57.62 -31.48
CA TYR C 489 27.18 56.99 -31.42
C TYR C 489 26.59 56.91 -30.01
N HIS C 490 27.39 56.51 -29.02
CA HIS C 490 26.84 56.21 -27.70
C HIS C 490 26.24 57.40 -26.96
N MET C 491 26.96 58.51 -27.02
CA MET C 491 26.57 59.79 -26.45
C MET C 491 25.20 60.22 -26.93
N ALA C 492 24.86 59.83 -28.14
CA ALA C 492 23.58 60.22 -28.71
C ALA C 492 22.45 59.52 -27.96
N SER C 493 22.61 58.23 -27.75
CA SER C 493 21.64 57.47 -26.98
C SER C 493 21.63 58.04 -25.57
N ALA C 494 22.80 58.41 -25.08
CA ALA C 494 22.94 58.87 -23.72
C ALA C 494 21.94 60.00 -23.57
N LYS C 495 21.76 60.76 -24.63
CA LYS C 495 20.84 61.88 -24.62
C LYS C 495 21.50 63.09 -23.98
N MET C 496 22.79 62.96 -23.67
CA MET C 496 23.52 64.05 -23.07
C MET C 496 24.06 64.90 -24.19
N HIS C 497 23.49 66.08 -24.34
CA HIS C 497 23.85 66.98 -25.43
C HIS C 497 25.06 67.84 -25.10
N LYS C 498 25.22 68.21 -23.84
CA LYS C 498 26.37 69.00 -23.43
C LYS C 498 27.64 68.17 -23.57
N GLU C 499 27.56 66.89 -23.23
CA GLU C 499 28.68 65.98 -23.42
C GLU C 499 28.95 65.78 -24.90
N LEU C 500 27.87 65.80 -25.68
CA LEU C 500 27.99 65.63 -27.11
C LEU C 500 28.75 66.81 -27.67
N CYS C 501 28.53 67.97 -27.09
CA CYS C 501 29.29 69.17 -27.39
C CYS C 501 30.73 69.01 -26.93
N ALA C 502 30.91 68.29 -25.83
CA ALA C 502 32.24 68.06 -25.28
C ALA C 502 33.07 67.20 -26.22
N LEU C 503 32.39 66.39 -27.03
CA LEU C 503 33.12 65.53 -27.96
C LEU C 503 33.10 66.01 -29.40
N MET C 504 31.95 65.90 -30.07
CA MET C 504 31.91 66.05 -31.52
C MET C 504 32.35 67.42 -31.99
N PHE C 505 32.07 68.44 -31.19
CA PHE C 505 32.38 69.82 -31.56
C PHE C 505 33.88 69.99 -31.69
N SER C 506 34.61 69.34 -30.80
CA SER C 506 36.05 69.57 -30.67
C SER C 506 36.69 69.45 -32.04
N LEU C 507 37.28 70.55 -32.51
CA LEU C 507 37.86 70.61 -33.84
C LEU C 507 39.05 69.67 -33.98
N ASP C 508 39.80 69.51 -32.91
CA ASP C 508 40.96 68.63 -32.93
C ASP C 508 40.52 67.18 -33.06
N TRP C 509 39.38 66.87 -32.48
CA TRP C 509 38.78 65.55 -32.60
C TRP C 509 38.41 65.30 -34.04
N ILE C 510 37.96 66.37 -34.69
CA ILE C 510 37.67 66.35 -36.11
C ILE C 510 38.96 66.12 -36.88
N LYS C 511 40.06 66.67 -36.37
CA LYS C 511 41.33 66.56 -37.04
C LYS C 511 41.81 65.13 -37.06
N ALA C 512 41.83 64.52 -35.88
CA ALA C 512 42.25 63.13 -35.79
C ALA C 512 41.30 62.22 -36.54
N LYS C 513 40.01 62.52 -36.47
CA LYS C 513 39.03 61.65 -37.12
C LYS C 513 39.19 61.71 -38.63
N THR C 514 39.51 62.89 -39.15
CA THR C 514 39.72 63.08 -40.57
C THR C 514 41.09 62.58 -40.98
N GLU C 515 41.94 62.31 -39.99
CA GLU C 515 43.28 61.81 -40.26
C GLU C 515 43.30 60.35 -40.70
N LEU C 516 42.51 59.50 -40.03
CA LEU C 516 42.41 58.08 -40.39
C LEU C 516 41.03 57.60 -40.88
N VAL C 517 39.97 58.32 -40.51
CA VAL C 517 38.60 58.04 -40.91
C VAL C 517 38.25 58.61 -42.29
N GLY C 518 38.72 59.81 -42.55
CA GLY C 518 38.31 60.53 -43.74
C GLY C 518 37.15 61.45 -43.41
N PRO C 519 36.87 62.39 -44.29
CA PRO C 519 35.89 63.45 -44.03
C PRO C 519 34.44 63.09 -44.40
N ALA C 520 34.12 61.81 -44.51
CA ALA C 520 32.74 61.43 -44.77
C ALA C 520 31.98 61.00 -43.53
N HIS C 521 32.63 60.26 -42.64
CA HIS C 521 31.93 59.75 -41.49
C HIS C 521 31.38 60.87 -40.61
N LEU C 522 32.18 61.93 -40.47
CA LEU C 522 31.80 63.07 -39.65
C LEU C 522 30.55 63.73 -40.19
N ILE C 523 30.45 63.85 -41.51
CA ILE C 523 29.27 64.44 -42.14
C ILE C 523 28.03 63.59 -41.85
N HIS C 524 28.20 62.27 -41.93
CA HIS C 524 27.11 61.34 -41.65
C HIS C 524 26.66 61.46 -40.20
N GLU C 525 27.63 61.61 -39.30
CA GLU C 525 27.36 61.77 -37.89
C GLU C 525 26.60 63.06 -37.64
N PHE C 526 26.96 64.10 -38.38
CA PHE C 526 26.37 65.42 -38.20
C PHE C 526 24.87 65.41 -38.48
N VAL C 527 24.46 64.68 -39.50
CA VAL C 527 23.04 64.61 -39.82
C VAL C 527 22.28 64.01 -38.64
N GLU C 528 22.85 62.97 -38.05
CA GLU C 528 22.32 62.37 -36.83
C GLU C 528 22.40 63.39 -35.71
N TYR C 529 23.48 64.16 -35.74
CA TYR C 529 23.81 65.14 -34.69
C TYR C 529 22.73 66.21 -34.55
N ARG C 530 22.17 66.64 -35.67
CA ARG C 530 21.28 67.79 -35.70
C ARG C 530 20.01 67.64 -34.87
N HIS C 531 19.38 66.47 -34.95
CA HIS C 531 18.21 66.15 -34.14
C HIS C 531 18.56 66.09 -32.65
N ILE C 532 19.72 65.53 -32.35
CA ILE C 532 20.12 65.23 -30.98
C ILE C 532 20.28 66.46 -30.08
N LEU C 533 20.85 67.53 -30.61
CA LEU C 533 21.18 68.70 -29.79
C LEU C 533 20.11 69.80 -29.85
N ASP C 534 20.45 70.94 -30.43
CA ASP C 534 19.54 72.08 -30.48
C ASP C 534 19.47 72.72 -31.86
N GLU C 535 18.34 73.35 -32.15
CA GLU C 535 18.14 74.02 -33.43
C GLU C 535 19.14 75.15 -33.64
N LYS C 536 19.40 75.90 -32.57
CA LYS C 536 20.34 77.02 -32.64
C LYS C 536 21.74 76.53 -32.97
N ASP C 537 22.14 75.42 -32.33
CA ASP C 537 23.42 74.79 -32.65
C ASP C 537 23.40 74.30 -34.09
N CYS C 538 22.26 73.76 -34.49
CA CYS C 538 22.05 73.26 -35.85
C CYS C 538 22.69 74.24 -36.83
N ALA C 539 22.55 75.52 -36.54
CA ALA C 539 23.17 76.55 -37.35
C ALA C 539 24.67 76.41 -37.24
N VAL C 540 25.15 76.11 -36.04
CA VAL C 540 26.56 75.92 -35.82
C VAL C 540 26.99 74.74 -36.67
N SER C 541 26.15 73.72 -36.70
CA SER C 541 26.40 72.55 -37.53
C SER C 541 26.33 72.94 -39.00
N GLU C 542 25.45 73.89 -39.32
CA GLU C 542 25.33 74.40 -40.67
C GLU C 542 26.61 75.15 -41.05
N ASN C 543 27.16 75.88 -40.09
CA ASN C 543 28.41 76.61 -40.31
C ASN C 543 29.59 75.65 -40.48
N PHE C 544 29.57 74.56 -39.74
CA PHE C 544 30.62 73.55 -39.82
C PHE C 544 30.56 72.79 -41.14
N GLN C 545 29.35 72.47 -41.58
CA GLN C 545 29.17 71.76 -42.85
C GLN C 545 29.68 72.67 -43.95
N GLU C 546 29.40 73.95 -43.82
CA GLU C 546 29.91 74.95 -44.76
C GLU C 546 31.43 74.97 -44.69
N PHE C 547 31.97 74.73 -43.50
CA PHE C 547 33.42 74.67 -43.33
C PHE C 547 33.99 73.40 -43.96
N LEU C 548 33.14 72.39 -44.10
CA LEU C 548 33.54 71.12 -44.69
C LEU C 548 33.56 71.20 -46.21
N SER C 549 32.61 71.93 -46.77
CA SER C 549 32.52 72.11 -48.22
C SER C 549 33.89 72.41 -48.81
N LEU C 550 34.71 73.15 -48.07
CA LEU C 550 36.04 73.50 -48.51
C LEU C 550 37.03 72.39 -48.18
N ASN C 551 36.66 71.53 -47.25
CA ASN C 551 37.50 70.42 -46.84
C ASN C 551 37.71 69.27 -47.83
N GLY C 552 36.64 68.87 -48.52
CA GLY C 552 36.71 67.65 -49.31
C GLY C 552 37.73 67.62 -50.45
N HIS C 553 37.83 68.73 -51.16
CA HIS C 553 38.61 68.81 -52.40
C HIS C 553 40.12 68.57 -52.26
N LEU C 554 40.73 69.22 -51.28
CA LEU C 554 42.18 69.11 -51.08
C LEU C 554 42.58 68.61 -49.71
N LEU C 555 41.63 68.52 -48.78
CA LEU C 555 41.94 68.25 -47.37
C LEU C 555 42.61 66.89 -47.11
N GLY C 556 42.14 65.85 -47.79
CA GLY C 556 42.63 64.50 -47.59
C GLY C 556 44.05 64.20 -48.02
N ARG C 557 44.45 64.73 -49.16
CA ARG C 557 45.78 64.51 -49.71
C ARG C 557 46.74 63.98 -48.64
N GLN C 558 47.51 64.89 -48.06
CA GLN C 558 48.47 64.52 -47.02
C GLN C 558 48.90 65.75 -46.22
N PRO C 559 49.68 66.63 -46.83
CA PRO C 559 50.10 67.86 -46.17
C PRO C 559 48.90 68.57 -45.55
N PHE C 560 48.23 67.88 -44.63
CA PHE C 560 47.04 68.42 -43.97
C PHE C 560 47.22 69.90 -43.60
N PRO C 561 47.36 70.74 -44.61
CA PRO C 561 47.55 72.18 -44.38
C PRO C 561 47.00 72.64 -43.03
N ASN C 562 47.79 73.41 -42.28
CA ASN C 562 47.33 73.92 -40.99
C ASN C 562 45.93 74.51 -41.09
N ILE C 563 44.92 73.66 -40.91
CA ILE C 563 43.53 74.10 -40.97
C ILE C 563 43.32 75.40 -40.19
N VAL C 564 43.87 75.45 -38.98
CA VAL C 564 43.74 76.62 -38.13
C VAL C 564 44.00 77.91 -38.92
N GLN C 565 44.78 77.79 -39.98
CA GLN C 565 45.10 78.94 -40.83
C GLN C 565 44.14 79.04 -42.01
N LEU C 566 43.79 77.90 -42.59
CA LEU C 566 42.88 77.87 -43.72
C LEU C 566 41.43 78.01 -43.27
N GLY C 567 41.21 77.91 -41.96
CA GLY C 567 39.88 78.02 -41.41
C GLY C 567 39.36 79.45 -41.42
N LEU C 568 40.22 80.39 -41.07
CA LEU C 568 39.85 81.80 -41.05
C LEU C 568 39.51 82.30 -42.44
N CYS C 569 38.46 81.72 -43.03
CA CYS C 569 38.02 82.10 -44.36
C CYS C 569 36.50 82.16 -44.44
N GLU C 570 35.83 81.54 -43.48
CA GLU C 570 34.37 81.51 -43.44
C GLU C 570 33.81 82.92 -43.25
N PRO C 571 32.53 83.09 -43.54
CA PRO C 571 31.87 84.40 -43.41
C PRO C 571 30.90 84.44 -42.24
N GLU C 572 30.34 85.62 -41.98
CA GLU C 572 29.40 85.79 -40.88
C GLU C 572 30.09 85.74 -39.53
N THR C 573 30.11 84.55 -38.93
CA THR C 573 30.74 84.37 -37.63
C THR C 573 30.40 83.00 -37.04
N SER C 574 29.13 82.77 -36.78
CA SER C 574 28.67 81.51 -36.21
C SER C 574 29.56 81.06 -35.07
N GLU C 575 29.65 79.75 -34.85
CA GLU C 575 30.48 79.20 -33.79
C GLU C 575 31.78 78.65 -34.34
N VAL C 576 31.81 78.37 -35.64
CA VAL C 576 33.01 77.84 -36.28
C VAL C 576 34.05 78.94 -36.49
N TYR C 577 33.58 80.13 -36.88
CA TYR C 577 34.47 81.26 -37.11
C TYR C 577 35.00 81.83 -35.80
N GLN C 578 34.14 81.88 -34.79
CA GLN C 578 34.51 82.41 -33.50
C GLN C 578 35.67 81.59 -32.97
N GLN C 579 35.60 80.28 -33.14
CA GLN C 579 36.65 79.39 -32.66
C GLN C 579 37.98 79.71 -33.34
N ALA C 580 37.92 80.01 -34.64
CA ALA C 580 39.09 80.17 -35.46
C ALA C 580 39.88 81.43 -35.09
N LYS C 581 39.18 82.53 -34.87
CA LYS C 581 39.87 83.78 -34.61
C LYS C 581 40.67 83.68 -33.32
N LEU C 582 40.05 83.10 -32.29
CA LEU C 582 40.71 82.95 -31.01
C LEU C 582 41.93 82.04 -31.12
N GLN C 583 41.76 80.97 -31.90
CA GLN C 583 42.87 80.02 -32.06
C GLN C 583 44.03 80.75 -32.73
N ALA C 584 43.69 81.57 -33.71
CA ALA C 584 44.68 82.31 -34.47
C ALA C 584 45.41 83.29 -33.56
N LYS C 585 44.66 83.94 -32.68
CA LYS C 585 45.26 84.90 -31.75
C LYS C 585 46.23 84.19 -30.83
N GLN C 586 45.86 83.00 -30.39
CA GLN C 586 46.71 82.18 -29.54
C GLN C 586 48.00 81.78 -30.26
N GLU C 587 47.86 81.39 -31.52
CA GLU C 587 49.00 81.02 -32.34
C GLU C 587 49.94 82.20 -32.54
N VAL C 588 49.34 83.37 -32.75
CA VAL C 588 50.04 84.56 -33.22
C VAL C 588 51.13 85.09 -32.30
N ASP C 589 50.86 85.11 -31.00
CA ASP C 589 51.85 85.65 -30.07
C ASP C 589 53.11 84.80 -30.12
N ASN C 590 52.92 83.49 -30.15
CA ASN C 590 54.03 82.56 -30.25
C ASN C 590 54.80 82.69 -31.56
N GLY C 591 54.07 82.91 -32.65
CA GLY C 591 54.69 82.95 -33.97
C GLY C 591 53.78 82.34 -35.01
N MET C 592 54.35 81.77 -36.07
CA MET C 592 53.57 81.11 -37.11
C MET C 592 53.13 82.01 -38.27
N LEU C 593 53.35 83.32 -38.13
CA LEU C 593 53.33 84.21 -39.26
C LEU C 593 52.05 84.05 -40.09
N TYR C 594 50.92 83.86 -39.42
CA TYR C 594 49.66 83.72 -40.12
C TYR C 594 49.32 85.02 -40.83
N LEU C 595 48.79 84.94 -42.04
CA LEU C 595 48.39 86.15 -42.74
C LEU C 595 46.88 86.31 -42.70
N GLU C 596 46.42 87.43 -42.14
CA GLU C 596 44.98 87.72 -42.13
C GLU C 596 44.45 87.97 -43.54
N TRP C 597 43.18 87.61 -43.78
CA TRP C 597 42.54 87.91 -45.06
C TRP C 597 41.35 88.86 -44.88
N ILE C 598 41.37 89.97 -45.62
CA ILE C 598 40.36 91.04 -45.44
C ILE C 598 39.22 91.19 -46.46
N ASN C 599 39.16 90.32 -47.46
CA ASN C 599 38.16 90.45 -48.53
C ASN C 599 37.07 89.36 -48.68
N LYS C 600 36.89 88.49 -47.69
CA LYS C 600 36.06 87.30 -47.91
C LYS C 600 34.63 87.66 -48.33
N LYS C 601 34.04 88.63 -47.64
CA LYS C 601 32.65 88.99 -47.91
C LYS C 601 32.50 89.57 -49.30
N ASN C 602 33.62 90.03 -49.86
CA ASN C 602 33.66 90.60 -51.19
C ASN C 602 33.93 89.56 -52.28
N ILE C 603 34.27 88.34 -51.86
CA ILE C 603 34.74 87.29 -52.78
C ILE C 603 34.25 85.88 -52.48
N THR C 604 34.28 85.04 -53.52
CA THR C 604 33.89 83.63 -53.46
C THR C 604 32.38 83.38 -53.42
N ASN C 605 31.86 82.83 -54.52
CA ASN C 605 30.54 82.22 -54.54
C ASN C 605 30.65 80.72 -54.29
N LEU C 606 30.54 80.33 -53.04
CA LEU C 606 30.86 78.97 -52.61
C LEU C 606 29.95 77.89 -53.21
N SER C 607 30.57 76.80 -53.67
CA SER C 607 29.83 75.60 -54.05
C SER C 607 29.41 74.81 -52.83
N ARG C 608 28.29 74.10 -52.92
CA ARG C 608 27.79 73.34 -51.79
C ARG C 608 28.68 72.16 -51.38
N LEU C 609 29.41 71.60 -52.34
CA LEU C 609 30.23 70.43 -52.04
C LEU C 609 31.32 70.20 -53.11
N VAL C 610 32.42 69.57 -52.70
CA VAL C 610 33.48 69.20 -53.63
C VAL C 610 34.01 67.81 -53.30
N VAL C 611 34.29 67.02 -54.34
CA VAL C 611 34.81 65.67 -54.15
C VAL C 611 36.03 65.43 -55.04
N ARG C 612 37.05 64.84 -54.43
CA ARG C 612 38.14 64.25 -55.14
C ARG C 612 38.06 62.78 -54.80
N PRO C 613 37.64 62.00 -55.79
CA PRO C 613 37.68 60.54 -55.72
C PRO C 613 39.04 59.95 -56.08
N HIS C 614 39.77 60.61 -56.98
CA HIS C 614 40.96 60.01 -57.54
C HIS C 614 42.12 61.00 -57.62
N THR C 615 43.34 60.54 -57.30
CA THR C 615 44.54 61.34 -57.53
C THR C 615 44.79 61.46 -59.02
N ASP C 616 44.21 60.53 -59.78
CA ASP C 616 44.37 60.45 -61.23
C ASP C 616 43.16 61.00 -61.97
N ALA C 617 43.41 61.69 -63.08
CA ALA C 617 42.39 62.49 -63.76
C ALA C 617 41.10 61.71 -64.00
N VAL C 618 39.97 62.35 -63.71
CA VAL C 618 38.65 61.77 -63.91
C VAL C 618 38.32 61.66 -65.40
N TYR C 619 37.64 60.59 -65.80
CA TYR C 619 37.18 60.54 -67.18
C TYR C 619 35.66 60.51 -67.38
N HIS C 620 34.92 59.96 -66.41
CA HIS C 620 33.47 59.99 -66.50
C HIS C 620 32.82 59.77 -65.14
N ALA C 621 31.59 60.25 -65.00
CA ALA C 621 30.82 60.09 -63.77
C ALA C 621 29.33 60.02 -64.10
N CYS C 622 28.57 59.33 -63.26
CA CYS C 622 27.14 59.19 -63.50
C CYS C 622 26.32 59.03 -62.21
N PHE C 623 25.15 59.66 -62.21
CA PHE C 623 24.19 59.54 -61.11
C PHE C 623 23.56 58.15 -61.07
N SER C 624 23.27 57.68 -59.86
CA SER C 624 22.39 56.53 -59.71
C SER C 624 21.03 56.94 -60.22
N GLU C 625 20.29 56.00 -60.80
CA GLU C 625 18.96 56.29 -61.31
C GLU C 625 18.07 56.75 -60.16
N ASP C 626 18.31 56.19 -58.99
CA ASP C 626 17.63 56.60 -57.77
C ASP C 626 18.09 58.00 -57.33
N GLY C 627 19.31 58.37 -57.73
CA GLY C 627 19.90 59.65 -57.38
C GLY C 627 20.58 59.63 -56.03
N GLN C 628 20.53 58.48 -55.36
CA GLN C 628 21.14 58.32 -54.05
C GLN C 628 22.67 58.30 -54.09
N ARG C 629 23.26 57.95 -55.23
CA ARG C 629 24.71 57.81 -55.29
C ARG C 629 25.28 58.12 -56.68
N ILE C 630 26.59 58.31 -56.74
CA ILE C 630 27.26 58.67 -57.98
C ILE C 630 28.53 57.85 -58.17
N ALA C 631 28.82 57.43 -59.40
CA ALA C 631 30.10 56.78 -59.72
C ALA C 631 30.95 57.59 -60.73
N SER C 632 32.22 57.84 -60.38
CA SER C 632 33.20 58.50 -61.26
C SER C 632 34.35 57.50 -61.49
N CYS C 633 34.88 57.47 -62.71
CA CYS C 633 36.14 56.77 -63.02
C CYS C 633 37.33 57.76 -63.09
N GLY C 634 38.37 57.42 -63.84
CA GLY C 634 39.54 58.28 -63.97
C GLY C 634 40.65 57.73 -64.89
N ALA C 635 41.74 58.48 -65.03
CA ALA C 635 42.84 58.05 -65.88
C ALA C 635 43.48 56.77 -65.33
N ASP C 636 43.50 56.64 -64.01
CA ASP C 636 44.10 55.48 -63.40
C ASP C 636 43.30 54.29 -63.91
N LYS C 637 42.00 54.50 -64.03
CA LYS C 637 41.09 53.47 -64.55
C LYS C 637 40.37 52.67 -63.46
N THR C 638 40.68 52.97 -62.21
CA THR C 638 39.88 52.51 -61.09
C THR C 638 38.61 53.33 -61.15
N LEU C 639 37.49 52.77 -60.70
CA LEU C 639 36.23 53.50 -60.63
C LEU C 639 35.82 53.52 -59.15
N GLN C 640 35.40 54.69 -58.65
CA GLN C 640 34.96 54.80 -57.27
C GLN C 640 33.48 55.15 -57.21
N VAL C 641 32.72 54.42 -56.40
CA VAL C 641 31.26 54.64 -56.34
C VAL C 641 30.89 55.24 -54.99
N PHE C 642 30.09 56.31 -54.95
CA PHE C 642 29.86 56.97 -53.65
C PHE C 642 28.45 57.51 -53.42
N LYS C 643 28.05 57.68 -52.16
CA LYS C 643 26.76 58.29 -51.91
C LYS C 643 27.03 59.74 -51.58
N ALA C 644 26.51 60.64 -52.40
CA ALA C 644 26.89 62.04 -52.36
C ALA C 644 26.56 62.80 -51.08
N GLU C 645 25.33 62.62 -50.59
CA GLU C 645 24.89 63.30 -49.37
C GLU C 645 25.98 63.30 -48.32
N THR C 646 25.95 62.31 -47.43
CA THR C 646 26.94 62.20 -46.36
C THR C 646 28.35 62.27 -46.92
N GLY C 647 28.47 62.19 -48.25
CA GLY C 647 29.77 62.26 -48.90
C GLY C 647 30.79 61.34 -48.24
N GLU C 648 30.54 60.03 -48.29
CA GLU C 648 31.43 59.05 -47.70
C GLU C 648 31.62 57.85 -48.62
N LYS C 649 32.86 57.39 -48.74
CA LYS C 649 33.17 56.25 -49.59
C LYS C 649 32.17 55.12 -49.37
N LEU C 650 31.53 54.69 -50.45
CA LEU C 650 30.54 53.62 -50.38
C LEU C 650 30.95 52.44 -51.26
N LEU C 651 31.97 52.64 -52.08
CA LEU C 651 32.46 51.59 -52.99
C LEU C 651 33.92 51.83 -53.42
N GLU C 652 34.72 50.76 -53.45
CA GLU C 652 36.09 50.80 -53.99
C GLU C 652 36.17 49.73 -55.09
N ILE C 653 36.73 50.04 -56.26
CA ILE C 653 36.86 49.06 -57.36
C ILE C 653 38.36 48.85 -57.66
N LYS C 654 38.83 47.61 -57.78
CA LYS C 654 40.26 47.42 -57.67
C LYS C 654 40.97 47.95 -58.90
N ALA C 655 40.46 47.57 -60.06
CA ALA C 655 41.03 48.01 -61.33
C ALA C 655 40.08 47.77 -62.51
N HIS C 656 40.31 48.49 -63.60
CA HIS C 656 39.67 48.20 -64.87
C HIS C 656 40.78 48.05 -65.90
N GLU C 657 40.75 47.02 -66.73
CA GLU C 657 41.82 46.87 -67.70
C GLU C 657 41.79 48.06 -68.65
N ASP C 658 42.95 48.66 -68.88
CA ASP C 658 43.04 49.84 -69.73
C ASP C 658 42.40 51.02 -69.03
N GLU C 659 42.66 52.23 -69.53
CA GLU C 659 42.09 53.43 -68.93
C GLU C 659 40.58 53.50 -69.13
N VAL C 660 39.83 53.82 -68.07
CA VAL C 660 38.38 53.88 -68.19
C VAL C 660 38.01 54.88 -69.26
N LEU C 661 37.02 54.55 -70.09
CA LEU C 661 36.55 55.55 -71.05
C LEU C 661 35.23 56.20 -70.62
N CYS C 662 34.34 55.38 -70.05
CA CYS C 662 33.11 55.88 -69.43
C CYS C 662 32.40 54.73 -68.70
N CYS C 663 31.49 55.07 -67.81
CA CYS C 663 30.77 54.07 -67.03
C CYS C 663 29.34 54.53 -66.80
N ALA C 664 28.46 53.60 -66.44
CA ALA C 664 27.06 53.96 -66.21
C ALA C 664 26.27 52.91 -65.41
N PHE C 665 25.35 53.40 -64.59
CA PHE C 665 24.46 52.53 -63.81
C PHE C 665 23.36 51.88 -64.64
N SER C 666 22.90 50.72 -64.17
CA SER C 666 21.71 50.09 -64.70
C SER C 666 20.49 50.89 -64.28
N THR C 667 19.40 50.74 -65.04
CA THR C 667 18.20 51.53 -64.82
C THR C 667 17.63 51.33 -63.41
N ASP C 668 17.83 50.13 -62.86
CA ASP C 668 17.45 49.87 -61.48
C ASP C 668 18.67 49.92 -60.56
N ASP C 669 19.77 50.46 -61.08
CA ASP C 669 21.01 50.62 -60.33
C ASP C 669 21.51 49.31 -59.77
N ARG C 670 21.27 48.24 -60.51
CA ARG C 670 21.69 46.90 -60.11
C ARG C 670 22.96 46.47 -60.84
N PHE C 671 23.42 47.31 -61.77
CA PHE C 671 24.60 47.00 -62.57
C PHE C 671 25.37 48.26 -62.93
N ILE C 672 26.66 48.09 -63.22
CA ILE C 672 27.50 49.20 -63.66
C ILE C 672 28.37 48.78 -64.83
N ALA C 673 27.98 49.19 -66.03
CA ALA C 673 28.80 48.98 -67.20
C ALA C 673 30.04 49.85 -67.14
N THR C 674 31.16 49.36 -67.64
CA THR C 674 32.40 50.12 -67.65
C THR C 674 33.11 50.03 -69.00
N CYS C 675 33.13 51.12 -69.74
CA CYS C 675 33.81 51.16 -71.03
C CYS C 675 35.30 51.33 -70.84
N SER C 676 36.08 50.85 -71.81
CA SER C 676 37.54 50.93 -71.70
C SER C 676 38.28 50.78 -73.03
N VAL C 677 39.51 51.29 -73.04
CA VAL C 677 40.40 51.18 -74.19
C VAL C 677 40.73 49.73 -74.51
N ASP C 678 40.79 48.88 -73.50
CA ASP C 678 41.13 47.49 -73.71
C ASP C 678 40.08 46.87 -74.62
N LYS C 679 38.84 47.31 -74.41
CA LYS C 679 37.65 46.68 -74.98
C LYS C 679 37.04 45.64 -74.04
N LYS C 680 37.27 45.80 -72.75
CA LYS C 680 36.64 44.95 -71.76
C LYS C 680 35.41 45.63 -71.17
N VAL C 681 34.25 45.36 -71.75
CA VAL C 681 33.03 45.95 -71.22
C VAL C 681 32.65 45.20 -69.95
N LYS C 682 33.22 45.65 -68.84
CA LYS C 682 33.03 45.00 -67.54
C LYS C 682 31.82 45.55 -66.79
N ILE C 683 30.71 44.83 -66.89
CA ILE C 683 29.51 45.17 -66.15
C ILE C 683 29.54 44.50 -64.78
N TRP C 684 30.15 45.20 -63.83
CA TRP C 684 30.23 44.79 -62.44
C TRP C 684 28.88 44.98 -61.76
N ASN C 685 28.58 44.20 -60.74
CA ASN C 685 27.37 44.43 -59.95
C ASN C 685 27.49 45.75 -59.19
N SER C 686 26.38 46.46 -59.05
CA SER C 686 26.39 47.74 -58.35
C SER C 686 26.30 47.60 -56.83
N MET C 687 26.00 46.39 -56.36
CA MET C 687 25.83 46.18 -54.92
C MET C 687 26.97 45.38 -54.34
N THR C 688 27.06 44.11 -54.73
CA THR C 688 28.14 43.25 -54.29
C THR C 688 29.48 43.78 -54.80
N GLY C 689 29.43 44.43 -55.96
CA GLY C 689 30.60 45.01 -56.58
C GLY C 689 31.34 43.98 -57.41
N GLU C 690 30.88 42.75 -57.35
CA GLU C 690 31.47 41.67 -58.13
C GLU C 690 30.99 41.75 -59.58
N LEU C 691 31.82 41.28 -60.50
CA LEU C 691 31.49 41.31 -61.91
C LEU C 691 30.28 40.42 -62.21
N VAL C 692 29.43 40.85 -63.12
CA VAL C 692 28.33 40.02 -63.58
C VAL C 692 28.41 39.83 -65.10
N HIS C 693 28.12 40.89 -65.85
CA HIS C 693 28.15 40.81 -67.30
C HIS C 693 29.48 41.28 -67.87
N THR C 694 29.80 40.86 -69.09
CA THR C 694 31.00 41.31 -69.76
C THR C 694 30.84 41.17 -71.26
N TYR C 695 31.42 42.11 -72.02
CA TYR C 695 31.22 42.09 -73.47
C TYR C 695 32.40 42.68 -74.24
N ASP C 696 32.52 42.28 -75.50
CA ASP C 696 33.50 42.87 -76.43
C ASP C 696 33.08 42.57 -77.86
N GLU C 697 33.27 43.53 -78.76
CA GLU C 697 32.92 43.35 -80.16
C GLU C 697 33.56 44.42 -81.04
N HIS C 698 33.82 45.58 -80.44
CA HIS C 698 34.30 46.75 -81.16
C HIS C 698 35.65 46.53 -81.83
N SER C 699 35.78 47.04 -83.05
CA SER C 699 37.06 47.06 -83.74
C SER C 699 38.02 48.06 -83.11
N GLU C 700 37.45 49.05 -82.43
CA GLU C 700 38.24 50.11 -81.82
C GLU C 700 37.80 50.35 -80.38
N GLN C 701 38.39 51.35 -79.74
CA GLN C 701 38.03 51.69 -78.37
C GLN C 701 36.57 52.17 -78.29
N VAL C 702 35.87 51.77 -77.23
CA VAL C 702 34.46 52.13 -77.05
C VAL C 702 34.31 53.63 -76.82
N ASN C 703 33.29 54.24 -77.42
CA ASN C 703 32.99 55.64 -77.17
C ASN C 703 32.00 55.85 -76.04
N CYS C 704 31.06 54.92 -75.89
CA CYS C 704 30.03 55.09 -74.87
C CYS C 704 29.30 53.80 -74.54
N CYS C 705 28.81 53.72 -73.31
CA CYS C 705 28.02 52.59 -72.85
C CYS C 705 26.81 53.10 -72.09
N HIS C 706 25.70 52.36 -72.19
CA HIS C 706 24.48 52.72 -71.50
C HIS C 706 23.56 51.51 -71.38
N PHE C 707 22.92 51.35 -70.23
CA PHE C 707 21.87 50.36 -70.07
C PHE C 707 20.56 50.89 -70.62
N THR C 708 19.67 49.98 -71.02
CA THR C 708 18.38 50.37 -71.58
C THR C 708 17.57 51.11 -70.52
N ASN C 709 16.97 52.23 -70.91
CA ASN C 709 16.11 52.98 -70.01
C ASN C 709 14.85 52.22 -69.64
N SER C 710 14.42 51.33 -70.53
CA SER C 710 13.30 50.45 -70.23
C SER C 710 13.65 49.46 -69.12
N SER C 711 12.73 49.26 -68.19
CA SER C 711 12.90 48.28 -67.14
C SER C 711 12.86 46.87 -67.71
N HIS C 712 12.16 46.71 -68.82
CA HIS C 712 11.95 45.40 -69.42
C HIS C 712 13.16 44.95 -70.23
N HIS C 713 13.31 45.52 -71.43
CA HIS C 713 14.38 45.13 -72.33
C HIS C 713 15.74 45.42 -71.72
N LEU C 714 16.68 44.50 -71.90
CA LEU C 714 18.04 44.67 -71.39
C LEU C 714 19.00 44.72 -72.56
N LEU C 715 19.38 45.93 -72.95
CA LEU C 715 20.26 46.09 -74.09
C LEU C 715 21.43 46.99 -73.73
N LEU C 716 22.51 46.87 -74.49
CA LEU C 716 23.70 47.68 -74.25
C LEU C 716 24.18 48.29 -75.55
N ALA C 717 23.61 49.44 -75.91
CA ALA C 717 24.11 50.20 -77.05
C ALA C 717 25.49 50.74 -76.72
N THR C 718 26.41 50.61 -77.68
CA THR C 718 27.79 51.04 -77.47
C THR C 718 28.41 51.59 -78.74
N GLY C 719 28.72 52.88 -78.74
CA GLY C 719 29.47 53.49 -79.81
C GLY C 719 30.95 53.23 -79.63
N SER C 720 31.74 53.49 -80.67
CA SER C 720 33.18 53.26 -80.63
C SER C 720 33.89 53.96 -81.79
N SER C 721 35.22 54.00 -81.72
CA SER C 721 36.02 54.74 -82.69
C SER C 721 35.96 54.09 -84.08
N ASP C 722 35.51 52.84 -84.13
CA ASP C 722 35.40 52.10 -85.38
C ASP C 722 34.14 52.51 -86.14
N CYS C 723 33.36 53.41 -85.51
CA CYS C 723 32.13 54.00 -86.04
C CYS C 723 30.92 53.07 -85.89
N PHE C 724 31.16 51.77 -85.87
CA PHE C 724 30.09 50.80 -85.70
C PHE C 724 29.40 50.94 -84.34
N LEU C 725 28.07 50.95 -84.35
CA LEU C 725 27.32 50.77 -83.11
C LEU C 725 27.30 49.29 -82.76
N LYS C 726 27.21 48.99 -81.47
CA LYS C 726 26.99 47.62 -81.04
C LYS C 726 25.81 47.59 -80.07
N LEU C 727 24.67 47.13 -80.55
CA LEU C 727 23.49 46.95 -79.72
C LEU C 727 23.51 45.58 -79.08
N TRP C 728 24.11 45.51 -77.90
CA TRP C 728 24.18 44.25 -77.16
C TRP C 728 22.83 43.81 -76.63
N ASP C 729 22.61 42.50 -76.61
CA ASP C 729 21.50 41.95 -75.87
C ASP C 729 22.07 41.51 -74.52
N LEU C 730 21.71 42.22 -73.46
CA LEU C 730 22.32 41.97 -72.16
C LEU C 730 22.03 40.57 -71.64
N ASN C 731 20.95 39.97 -72.13
CA ASN C 731 20.60 38.61 -71.76
C ASN C 731 21.42 37.57 -72.52
N GLN C 732 22.21 38.03 -73.50
CA GLN C 732 23.02 37.10 -74.28
C GLN C 732 24.49 37.55 -74.37
N LYS C 733 25.38 36.59 -74.43
CA LYS C 733 26.82 36.87 -74.43
C LYS C 733 27.25 37.61 -75.69
N GLU C 734 26.57 37.37 -76.81
CA GLU C 734 26.90 38.03 -78.06
C GLU C 734 25.89 39.10 -78.44
N CYS C 735 26.33 40.04 -79.27
CA CYS C 735 25.57 41.24 -79.61
C CYS C 735 24.25 40.95 -80.31
N ARG C 736 23.19 41.66 -79.90
CA ARG C 736 21.90 41.55 -80.57
C ARG C 736 21.94 42.10 -81.98
N ASN C 737 22.74 43.15 -82.19
CA ASN C 737 22.85 43.76 -83.51
C ASN C 737 23.99 44.75 -83.68
N THR C 738 24.96 44.40 -84.53
CA THR C 738 25.93 45.36 -85.02
C THR C 738 25.22 46.38 -85.90
N MET C 739 25.57 47.65 -85.77
CA MET C 739 24.90 48.70 -86.54
C MET C 739 25.86 49.70 -87.14
N PHE C 740 26.37 49.41 -88.33
CA PHE C 740 27.10 50.41 -89.09
C PHE C 740 26.10 51.46 -89.55
N GLY C 741 26.52 52.72 -89.52
CA GLY C 741 25.64 53.81 -89.92
C GLY C 741 26.37 55.14 -89.92
N HIS C 742 26.99 55.46 -88.79
CA HIS C 742 27.75 56.71 -88.69
C HIS C 742 28.94 56.70 -89.63
N THR C 743 29.12 57.83 -90.32
CA THR C 743 30.25 57.98 -91.23
C THR C 743 31.50 58.40 -90.45
N ASN C 744 31.31 58.72 -89.17
CA ASN C 744 32.39 59.12 -88.28
C ASN C 744 32.25 58.46 -86.92
N SER C 745 33.31 58.54 -86.12
CA SER C 745 33.31 57.90 -84.81
C SER C 745 32.19 58.46 -83.94
N VAL C 746 31.54 57.57 -83.20
CA VAL C 746 30.42 57.96 -82.34
C VAL C 746 30.86 58.95 -81.28
N ASN C 747 30.09 60.02 -81.10
CA ASN C 747 30.39 61.01 -80.07
C ASN C 747 29.72 60.70 -78.73
N HIS C 748 28.53 60.14 -78.80
CA HIS C 748 27.76 59.83 -77.60
C HIS C 748 26.68 58.80 -77.92
N CYS C 749 26.15 58.15 -76.88
CA CYS C 749 25.12 57.15 -77.08
C CYS C 749 24.14 57.10 -75.90
N ARG C 750 22.85 57.02 -76.22
CA ARG C 750 21.80 56.92 -75.21
C ARG C 750 20.62 56.12 -75.75
N PHE C 751 19.99 55.31 -74.90
CA PHE C 751 18.72 54.70 -75.25
C PHE C 751 17.59 55.74 -75.26
N SER C 752 16.67 55.61 -76.20
CA SER C 752 15.50 56.50 -76.26
C SER C 752 14.40 55.98 -75.35
N PRO C 753 13.58 56.88 -74.82
CA PRO C 753 12.51 56.48 -73.91
C PRO C 753 11.66 55.36 -74.52
N ASP C 754 11.52 55.40 -75.83
CA ASP C 754 10.94 54.28 -76.57
C ASP C 754 12.06 53.29 -76.85
N ASP C 755 12.06 52.19 -76.10
CA ASP C 755 13.14 51.20 -76.18
C ASP C 755 13.23 50.57 -77.56
N LYS C 756 12.11 50.60 -78.29
CA LYS C 756 12.07 50.11 -79.67
C LYS C 756 12.99 50.95 -80.55
N LEU C 757 13.09 52.24 -80.23
CA LEU C 757 14.00 53.15 -80.89
C LEU C 757 15.35 53.20 -80.20
N LEU C 758 16.38 53.56 -80.95
CA LEU C 758 17.72 53.76 -80.38
C LEU C 758 18.46 54.85 -81.14
N ALA C 759 18.45 56.05 -80.57
CA ALA C 759 19.14 57.19 -81.15
C ALA C 759 20.64 57.09 -80.96
N SER C 760 21.40 57.74 -81.85
CA SER C 760 22.85 57.78 -81.72
C SER C 760 23.43 59.03 -82.40
N CYS C 761 24.60 59.44 -81.94
CA CYS C 761 25.25 60.63 -82.47
C CYS C 761 26.70 60.35 -82.84
N SER C 762 27.26 61.20 -83.70
CA SER C 762 28.64 61.06 -84.14
C SER C 762 29.18 62.34 -84.77
N ALA C 763 30.47 62.33 -85.11
CA ALA C 763 31.16 63.53 -85.57
C ALA C 763 30.60 64.10 -86.86
N ASP C 764 29.95 63.26 -87.65
CA ASP C 764 29.24 63.74 -88.84
C ASP C 764 28.12 64.67 -88.42
N GLY C 765 27.63 64.47 -87.20
CA GLY C 765 26.70 65.39 -86.57
C GLY C 765 25.25 65.02 -86.79
N THR C 766 24.98 64.23 -87.83
CA THR C 766 23.62 63.79 -88.09
C THR C 766 23.12 62.89 -86.97
N LEU C 767 21.88 63.12 -86.55
CA LEU C 767 21.25 62.23 -85.58
C LEU C 767 20.89 60.93 -86.27
N LYS C 768 20.90 59.83 -85.52
CA LYS C 768 20.46 58.57 -86.11
C LYS C 768 19.53 57.80 -85.19
N LEU C 769 18.23 57.96 -85.44
CA LEU C 769 17.20 57.25 -84.70
C LEU C 769 16.98 55.86 -85.31
N TRP C 770 17.75 54.89 -84.81
CA TRP C 770 17.70 53.52 -85.30
C TRP C 770 16.44 52.80 -84.81
N ASP C 771 15.98 51.83 -85.60
CA ASP C 771 14.88 50.98 -85.15
C ASP C 771 15.44 49.69 -84.57
N ALA C 772 15.62 49.67 -83.26
CA ALA C 772 16.24 48.53 -82.60
C ALA C 772 15.39 47.25 -82.71
N THR C 773 14.08 47.41 -82.77
CA THR C 773 13.18 46.27 -82.84
C THR C 773 13.35 45.47 -84.13
N SER C 774 13.61 46.18 -85.22
CA SER C 774 13.84 45.54 -86.51
C SER C 774 15.31 45.27 -86.74
N ALA C 775 16.13 45.74 -85.81
CA ALA C 775 17.59 45.71 -85.94
C ALA C 775 18.04 46.40 -87.23
N ASN C 776 17.33 47.47 -87.59
CA ASN C 776 17.52 48.17 -88.86
C ASN C 776 17.33 49.67 -88.72
N GLU C 777 17.79 50.42 -89.72
CA GLU C 777 17.61 51.86 -89.78
C GLU C 777 16.13 52.24 -89.90
N ARG C 778 15.75 53.32 -89.21
CA ARG C 778 14.41 53.87 -89.33
C ARG C 778 14.46 55.33 -89.73
N LYS C 779 15.19 56.13 -88.95
CA LYS C 779 15.28 57.56 -89.20
C LYS C 779 16.68 58.08 -88.92
N SER C 780 17.03 59.19 -89.54
CA SER C 780 18.33 59.82 -89.34
C SER C 780 18.34 61.26 -89.86
N ILE C 781 18.04 62.21 -88.99
CA ILE C 781 18.03 63.62 -89.36
C ILE C 781 19.42 64.09 -89.79
N ASN C 782 19.49 64.80 -90.90
CA ASN C 782 20.73 65.48 -91.29
C ASN C 782 20.89 66.76 -90.49
N VAL C 783 22.14 67.15 -90.22
CA VAL C 783 22.37 68.35 -89.43
C VAL C 783 23.33 69.29 -90.15
N LYS C 784 22.77 70.11 -91.03
CA LYS C 784 23.48 71.22 -91.64
C LYS C 784 22.77 72.50 -91.22
N GLN C 785 21.92 72.36 -90.20
CA GLN C 785 21.06 73.45 -89.74
C GLN C 785 21.87 74.61 -89.18
N PHE C 786 23.10 74.32 -88.78
CA PHE C 786 24.04 75.37 -88.43
C PHE C 786 24.55 76.00 -89.72
N PHE C 787 23.67 76.75 -90.38
CA PHE C 787 24.04 77.44 -91.61
C PHE C 787 24.99 78.58 -91.29
N LEU C 788 25.98 78.78 -92.16
CA LEU C 788 27.00 79.79 -91.94
C LEU C 788 27.76 80.07 -93.23
N ASN C 789 27.43 81.18 -93.88
CA ASN C 789 28.01 81.52 -95.17
C ASN C 789 29.33 82.28 -95.02
N LEU C 790 30.39 81.55 -94.64
CA LEU C 790 31.71 82.13 -94.53
C LEU C 790 32.45 82.16 -95.86
N GLU C 791 33.62 82.77 -95.85
CA GLU C 791 34.52 82.80 -97.01
C GLU C 791 35.34 81.51 -97.06
N ASP C 792 35.05 80.61 -96.13
CA ASP C 792 35.70 79.30 -96.05
C ASP C 792 35.42 78.52 -97.33
N PRO C 793 36.49 77.98 -97.96
CA PRO C 793 36.37 77.19 -99.21
C PRO C 793 35.44 75.99 -99.09
N GLN C 794 35.37 75.38 -97.91
CA GLN C 794 34.42 74.30 -97.66
C GLN C 794 33.01 74.83 -97.87
N GLU C 795 32.11 73.97 -98.35
CA GLU C 795 30.74 74.37 -98.66
C GLU C 795 29.94 74.61 -97.39
N ASP C 796 28.76 74.00 -97.31
CA ASP C 796 27.97 74.06 -96.08
C ASP C 796 28.75 73.38 -94.95
N MET C 797 28.71 73.97 -93.77
CA MET C 797 29.52 73.51 -92.66
C MET C 797 29.17 72.10 -92.20
N GLU C 798 30.20 71.32 -91.86
CA GLU C 798 30.02 69.97 -91.37
C GLU C 798 29.87 69.97 -89.86
N VAL C 799 28.62 70.00 -89.40
CA VAL C 799 28.32 70.07 -87.97
C VAL C 799 28.84 68.85 -87.23
N ILE C 800 29.39 69.07 -86.04
CA ILE C 800 29.92 67.98 -85.22
C ILE C 800 29.21 67.98 -83.86
N VAL C 801 28.05 67.33 -83.80
CA VAL C 801 27.29 67.24 -82.55
C VAL C 801 28.04 66.44 -81.50
N LYS C 802 27.96 66.89 -80.24
CA LYS C 802 28.59 66.17 -79.14
C LYS C 802 27.54 65.52 -78.25
N CYS C 803 27.01 66.29 -77.30
CA CYS C 803 26.03 65.76 -76.37
C CYS C 803 24.75 65.34 -77.08
N CYS C 804 24.19 64.21 -76.67
CA CYS C 804 22.92 63.74 -77.21
C CYS C 804 21.81 63.96 -76.20
N SER C 805 21.48 65.23 -75.97
CA SER C 805 20.49 65.60 -74.96
C SER C 805 19.08 65.13 -75.32
N TRP C 806 18.29 64.80 -74.31
CA TRP C 806 16.91 64.40 -74.52
C TRP C 806 15.93 65.35 -73.86
N SER C 807 14.73 65.45 -74.43
CA SER C 807 13.61 66.12 -73.79
C SER C 807 13.20 65.27 -72.59
N ALA C 808 12.54 65.88 -71.61
CA ALA C 808 12.21 65.17 -70.38
C ALA C 808 11.33 63.94 -70.67
N ASP C 809 10.50 64.04 -71.70
CA ASP C 809 9.77 62.87 -72.18
C ASP C 809 10.63 62.04 -73.14
N GLY C 810 11.68 62.64 -73.68
CA GLY C 810 12.58 61.95 -74.59
C GLY C 810 12.00 61.80 -75.99
N ALA C 811 10.92 62.52 -76.27
CA ALA C 811 10.23 62.41 -77.55
C ALA C 811 10.97 63.15 -78.66
N ARG C 812 11.93 63.98 -78.28
CA ARG C 812 12.70 64.79 -79.23
C ARG C 812 14.14 64.88 -78.75
N ILE C 813 15.07 65.15 -79.67
CA ILE C 813 16.47 65.18 -79.27
C ILE C 813 17.09 66.57 -79.32
N MET C 814 17.38 67.09 -78.13
CA MET C 814 18.23 68.27 -77.96
C MET C 814 19.68 67.89 -78.26
N VAL C 815 20.42 68.79 -78.87
CA VAL C 815 21.83 68.58 -79.21
C VAL C 815 22.56 69.91 -79.17
N ALA C 816 23.89 69.87 -79.27
CA ALA C 816 24.65 71.11 -79.37
C ALA C 816 25.95 70.88 -80.13
N ALA C 817 26.33 71.86 -80.95
CA ALA C 817 27.56 71.76 -81.71
C ALA C 817 28.02 73.13 -82.22
N LYS C 818 29.33 73.26 -82.41
CA LYS C 818 29.92 74.48 -82.95
C LYS C 818 29.50 75.73 -82.16
N ASN C 819 28.57 76.49 -82.72
CA ASN C 819 28.12 77.71 -82.07
C ASN C 819 26.65 77.68 -81.70
N LYS C 820 25.97 76.56 -81.94
CA LYS C 820 24.54 76.50 -81.71
C LYS C 820 24.05 75.18 -81.10
N ILE C 821 23.16 75.31 -80.13
CA ILE C 821 22.32 74.22 -79.67
C ILE C 821 21.18 74.04 -80.67
N PHE C 822 20.69 72.81 -80.83
CA PHE C 822 19.52 72.54 -81.66
C PHE C 822 18.54 71.66 -80.90
N LEU C 823 17.27 71.71 -81.28
CA LEU C 823 16.28 70.78 -80.74
C LEU C 823 15.57 70.09 -81.89
N PHE C 824 16.18 69.01 -82.37
CA PHE C 824 15.60 68.26 -83.48
C PHE C 824 14.41 67.42 -83.03
N ASP C 825 13.45 67.25 -83.94
CA ASP C 825 12.32 66.37 -83.72
C ASP C 825 12.50 65.11 -84.56
N ILE C 826 13.10 64.10 -83.96
CA ILE C 826 13.39 62.85 -84.66
C ILE C 826 12.15 62.08 -85.09
N HIS C 827 11.06 62.22 -84.35
CA HIS C 827 9.83 61.53 -84.72
C HIS C 827 9.24 62.07 -86.03
N THR C 828 9.50 63.34 -86.32
CA THR C 828 9.08 63.95 -87.58
C THR C 828 10.25 64.13 -88.53
N SER C 829 11.44 63.77 -88.05
CA SER C 829 12.67 63.90 -88.83
C SER C 829 12.89 65.32 -89.31
N GLY C 830 12.69 66.30 -88.44
CA GLY C 830 12.90 67.70 -88.80
C GLY C 830 13.36 68.57 -87.65
N LEU C 831 14.02 69.67 -87.99
CA LEU C 831 14.48 70.64 -87.01
C LEU C 831 13.33 71.37 -86.34
N LEU C 832 13.49 71.69 -85.06
CA LEU C 832 12.56 72.60 -84.39
C LEU C 832 13.32 73.71 -83.67
N GLY C 833 13.88 73.39 -82.51
CA GLY C 833 14.58 74.38 -81.72
C GLY C 833 15.98 74.66 -82.22
N GLU C 834 16.56 75.76 -81.73
CA GLU C 834 17.91 76.17 -82.14
C GLU C 834 18.43 77.27 -81.21
N ILE C 835 19.13 76.87 -80.16
CA ILE C 835 19.61 77.83 -79.16
C ILE C 835 21.08 78.20 -79.42
N HIS C 836 21.31 79.40 -79.95
CA HIS C 836 22.67 79.85 -80.24
C HIS C 836 23.48 79.98 -78.95
N THR C 837 24.75 79.60 -79.01
CA THR C 837 25.63 79.68 -77.85
C THR C 837 26.33 81.03 -77.79
N GLY C 838 26.98 81.32 -76.66
CA GLY C 838 27.65 82.59 -76.47
C GLY C 838 28.76 82.85 -77.47
N HIS C 839 28.72 84.04 -78.07
CA HIS C 839 29.69 84.44 -79.08
C HIS C 839 29.88 83.38 -80.16
N HIS C 840 31.12 83.16 -80.57
CA HIS C 840 31.41 82.18 -81.62
C HIS C 840 32.73 81.45 -81.36
N SER C 841 32.71 80.15 -81.59
CA SER C 841 33.87 79.28 -81.42
C SER C 841 33.54 77.88 -81.90
N THR C 842 33.70 76.90 -81.02
CA THR C 842 33.25 75.54 -81.25
C THR C 842 33.05 74.86 -79.90
N ILE C 843 31.87 74.31 -79.68
CA ILE C 843 31.51 73.76 -78.37
C ILE C 843 32.44 72.61 -77.97
N GLN C 844 32.92 72.67 -76.73
CA GLN C 844 33.71 71.59 -76.16
C GLN C 844 32.83 70.71 -75.28
N TYR C 845 31.80 71.32 -74.69
CA TYR C 845 30.85 70.60 -73.85
C TYR C 845 29.50 71.31 -73.75
N CYS C 846 28.45 70.53 -73.49
CA CYS C 846 27.11 71.08 -73.36
C CYS C 846 26.23 70.17 -72.52
N ASP C 847 25.16 70.73 -71.95
CA ASP C 847 24.24 69.95 -71.12
C ASP C 847 22.88 70.63 -70.96
N PHE C 848 21.87 70.07 -71.61
CA PHE C 848 20.48 70.51 -71.44
C PHE C 848 19.90 70.15 -70.08
N SER C 849 19.08 71.03 -69.53
CA SER C 849 18.34 70.76 -68.30
C SER C 849 16.83 70.74 -68.55
N PRO C 850 16.19 69.59 -68.32
CA PRO C 850 14.74 69.45 -68.52
C PRO C 850 13.92 70.43 -67.67
N GLN C 851 14.37 70.74 -66.47
CA GLN C 851 13.77 71.80 -65.67
C GLN C 851 14.13 73.18 -66.20
N ASN C 852 13.18 74.11 -66.10
CA ASN C 852 13.40 75.52 -66.44
C ASN C 852 13.99 75.75 -67.82
N HIS C 853 13.99 74.71 -68.65
CA HIS C 853 14.61 74.75 -69.97
C HIS C 853 16.05 75.24 -69.92
N LEU C 854 16.75 74.93 -68.83
CA LEU C 854 18.12 75.39 -68.64
C LEU C 854 19.14 74.64 -69.50
N ALA C 855 20.25 75.32 -69.77
CA ALA C 855 21.34 74.75 -70.55
C ALA C 855 22.69 75.11 -69.94
N VAL C 856 23.24 74.23 -69.12
CA VAL C 856 24.58 74.43 -68.59
C VAL C 856 25.59 73.99 -69.63
N VAL C 857 26.14 74.96 -70.32
CA VAL C 857 27.03 74.68 -71.44
C VAL C 857 28.44 75.19 -71.19
N ALA C 858 29.41 74.28 -71.22
CA ALA C 858 30.82 74.64 -71.19
C ALA C 858 31.34 74.81 -72.61
N LEU C 859 31.24 76.03 -73.13
CA LEU C 859 31.61 76.30 -74.51
C LEU C 859 33.09 75.97 -74.76
N SER C 860 33.97 76.79 -74.19
CA SER C 860 35.40 76.55 -74.27
C SER C 860 36.11 77.26 -73.13
N GLN C 861 37.23 76.70 -72.66
CA GLN C 861 37.94 77.30 -71.53
C GLN C 861 37.04 77.35 -70.29
N TYR C 862 36.44 76.21 -69.97
CA TYR C 862 35.56 76.09 -68.81
C TYR C 862 34.52 77.20 -68.78
N CYS C 863 34.06 77.64 -69.95
CA CYS C 863 33.04 78.66 -70.01
C CYS C 863 31.68 78.03 -69.75
N VAL C 864 31.46 77.66 -68.49
CA VAL C 864 30.28 76.91 -68.08
C VAL C 864 29.12 77.88 -67.82
N GLU C 865 28.58 78.44 -68.89
CA GLU C 865 27.48 79.39 -68.77
C GLU C 865 26.15 78.68 -68.53
N LEU C 866 25.26 79.33 -67.80
CA LEU C 866 23.90 78.86 -67.63
C LEU C 866 22.94 79.61 -68.55
N TRP C 867 22.64 78.98 -69.67
CA TRP C 867 21.70 79.49 -70.66
C TRP C 867 20.30 78.98 -70.39
N ASN C 868 19.33 79.48 -71.15
CA ASN C 868 17.97 78.99 -71.02
C ASN C 868 17.44 78.62 -72.40
N THR C 869 17.18 77.34 -72.62
CA THR C 869 16.79 76.82 -73.94
C THR C 869 15.41 77.29 -74.37
N ASP C 870 15.20 77.32 -75.69
CA ASP C 870 13.95 77.76 -76.32
C ASP C 870 13.75 79.26 -76.17
N SER C 871 13.82 79.74 -74.92
CA SER C 871 13.83 81.18 -74.67
C SER C 871 15.10 81.80 -75.26
N ARG C 872 16.13 80.97 -75.39
CA ARG C 872 17.36 81.34 -76.08
C ARG C 872 18.06 82.56 -75.47
N SER C 873 18.15 82.58 -74.15
CA SER C 873 18.88 83.62 -73.45
C SER C 873 19.60 83.06 -72.22
N LYS C 874 20.79 83.58 -71.95
CA LYS C 874 21.58 83.16 -70.80
C LYS C 874 20.90 83.52 -69.48
N VAL C 875 20.98 82.62 -68.51
CA VAL C 875 20.47 82.90 -67.18
C VAL C 875 21.54 83.51 -66.29
N ALA C 876 22.67 82.82 -66.13
CA ALA C 876 23.75 83.35 -65.31
C ALA C 876 25.11 82.69 -65.55
N ASP C 877 26.17 83.44 -65.27
CA ASP C 877 27.52 82.92 -65.39
C ASP C 877 27.85 81.98 -64.24
N CYS C 878 28.74 81.02 -64.49
CA CYS C 878 29.18 80.10 -63.45
C CYS C 878 30.70 79.94 -63.45
N ARG C 879 31.42 80.90 -62.87
CA ARG C 879 32.86 80.74 -62.60
C ARG C 879 33.20 79.75 -61.47
N GLY C 880 34.40 79.14 -61.50
CA GLY C 880 34.84 78.19 -60.50
C GLY C 880 35.39 76.79 -60.73
N HIS C 881 35.64 76.38 -61.97
CA HIS C 881 36.39 75.14 -62.20
C HIS C 881 37.78 75.48 -62.79
N LEU C 882 38.81 74.77 -62.31
CA LEU C 882 40.20 74.94 -62.71
C LEU C 882 40.56 73.74 -63.61
N SER C 883 41.35 73.98 -64.68
CA SER C 883 41.69 72.98 -65.72
C SER C 883 40.77 72.94 -66.94
N TRP C 884 39.88 73.92 -67.05
CA TRP C 884 38.81 73.86 -68.03
C TRP C 884 37.98 72.60 -67.80
N VAL C 885 36.70 72.76 -67.45
CA VAL C 885 35.87 71.62 -67.10
C VAL C 885 36.22 70.39 -67.91
N HIS C 886 35.79 69.24 -67.40
CA HIS C 886 35.91 68.00 -68.13
C HIS C 886 34.53 67.40 -68.26
N GLY C 887 33.60 67.85 -67.42
CA GLY C 887 32.22 67.41 -67.60
C GLY C 887 31.25 67.79 -66.50
N VAL C 888 29.97 67.80 -66.86
CA VAL C 888 28.89 68.22 -65.98
C VAL C 888 27.65 67.36 -66.27
N MET C 889 26.83 67.08 -65.26
CA MET C 889 25.55 66.45 -65.52
C MET C 889 24.59 66.64 -64.35
N PHE C 890 23.31 66.84 -64.67
CA PHE C 890 22.29 67.12 -63.68
C PHE C 890 21.85 65.90 -62.90
N SER C 891 21.33 66.14 -61.70
CA SER C 891 20.70 65.11 -60.88
C SER C 891 19.43 64.64 -61.56
N PRO C 892 19.02 63.39 -61.31
CA PRO C 892 17.76 62.90 -61.86
C PRO C 892 16.58 63.75 -61.40
N ASP C 893 16.67 64.28 -60.18
CA ASP C 893 15.72 65.27 -59.70
C ASP C 893 15.84 66.57 -60.49
N GLY C 894 17.06 66.84 -60.98
CA GLY C 894 17.31 68.04 -61.74
C GLY C 894 17.58 69.23 -60.84
N SER C 895 17.55 68.99 -59.54
CA SER C 895 17.73 70.05 -58.55
C SER C 895 19.20 70.38 -58.33
N SER C 896 20.07 69.57 -58.92
CA SER C 896 21.51 69.75 -58.75
C SER C 896 22.29 69.13 -59.90
N PHE C 897 23.59 69.43 -59.97
CA PHE C 897 24.43 68.84 -61.01
C PHE C 897 25.89 68.69 -60.58
N LEU C 898 26.50 67.59 -60.97
CA LEU C 898 27.94 67.37 -60.76
C LEU C 898 28.75 68.17 -61.77
N THR C 899 29.99 68.49 -61.41
CA THR C 899 30.90 69.15 -62.34
C THR C 899 32.29 68.52 -62.31
N SER C 900 32.47 67.46 -63.10
CA SER C 900 33.79 66.86 -63.25
C SER C 900 34.73 67.85 -63.93
N SER C 901 36.00 67.83 -63.55
CA SER C 901 36.94 68.79 -64.11
C SER C 901 38.35 68.23 -64.24
N ASP C 902 39.17 68.87 -65.07
CA ASP C 902 40.52 68.40 -65.34
C ASP C 902 41.41 68.45 -64.10
N ASP C 903 41.07 69.28 -63.13
CA ASP C 903 41.91 69.39 -61.94
C ASP C 903 41.96 68.01 -61.28
N GLN C 904 40.86 67.27 -61.48
CA GLN C 904 40.47 66.13 -60.64
C GLN C 904 39.42 66.46 -59.56
N THR C 905 38.47 67.35 -59.88
CA THR C 905 37.55 67.94 -58.93
C THR C 905 36.11 67.84 -59.39
N ILE C 906 35.22 67.48 -58.48
CA ILE C 906 33.79 67.41 -58.78
C ILE C 906 32.99 68.32 -57.83
N ARG C 907 32.47 69.41 -58.37
CA ARG C 907 31.75 70.36 -57.54
C ARG C 907 30.24 70.19 -57.68
N LEU C 908 29.61 69.86 -56.57
CA LEU C 908 28.16 69.86 -56.47
C LEU C 908 27.60 71.28 -56.52
N TRP C 909 26.43 71.44 -57.14
CA TRP C 909 25.79 72.75 -57.21
C TRP C 909 24.28 72.67 -57.15
N GLU C 910 23.68 73.55 -56.36
CA GLU C 910 22.23 73.71 -56.32
C GLU C 910 21.74 74.39 -57.61
N THR C 911 20.55 73.98 -58.06
CA THR C 911 19.97 74.55 -59.28
C THR C 911 19.66 76.05 -59.13
N LYS C 912 19.16 76.43 -57.96
CA LYS C 912 18.73 77.81 -57.70
C LYS C 912 19.86 78.84 -57.81
N LYS C 913 21.03 78.47 -57.32
CA LYS C 913 22.16 79.41 -57.24
C LYS C 913 22.61 79.94 -58.60
N VAL C 914 22.61 79.06 -59.60
CA VAL C 914 23.13 79.41 -60.92
C VAL C 914 22.36 80.55 -61.60
N CYS C 915 21.04 80.55 -61.46
CA CYS C 915 20.19 81.54 -62.12
C CYS C 915 20.47 82.96 -61.65
N LYS C 916 20.69 83.12 -60.35
CA LYS C 916 20.96 84.43 -59.76
C LYS C 916 22.28 84.98 -60.30
N ASN C 917 22.34 86.28 -60.54
CA ASN C 917 23.54 86.86 -61.13
C ASN C 917 24.62 87.07 -60.06
N SER C 918 25.88 86.96 -60.47
CA SER C 918 27.00 87.14 -59.54
C SER C 918 28.21 87.75 -60.24
N ALA C 919 28.05 88.99 -60.69
CA ALA C 919 29.13 89.70 -61.37
C ALA C 919 30.30 89.93 -60.43
N VAL C 920 31.10 88.89 -60.21
CA VAL C 920 32.25 88.98 -59.31
C VAL C 920 33.46 88.26 -59.89
N MET C 921 34.33 87.75 -59.03
CA MET C 921 35.52 87.04 -59.46
C MET C 921 36.28 87.82 -60.53
N LEU C 922 37.15 88.73 -60.09
CA LEU C 922 37.95 89.54 -61.00
C LEU C 922 38.62 88.70 -62.08
N LYS C 923 38.95 89.37 -63.19
CA LYS C 923 39.59 88.76 -64.36
C LYS C 923 40.98 88.25 -64.02
N GLN C 924 41.39 87.19 -64.71
CA GLN C 924 42.55 86.40 -64.30
C GLN C 924 43.89 87.13 -64.23
N GLU C 925 44.18 87.96 -65.23
CA GLU C 925 45.43 88.71 -65.25
C GLU C 925 45.16 90.19 -65.01
N VAL C 926 45.80 90.73 -63.99
CA VAL C 926 45.64 92.14 -63.63
C VAL C 926 46.94 92.70 -63.10
N ASP C 927 47.09 94.02 -63.19
CA ASP C 927 48.26 94.70 -62.63
C ASP C 927 47.81 95.55 -61.45
N VAL C 928 48.51 95.40 -60.31
CA VAL C 928 48.22 96.20 -59.12
C VAL C 928 49.40 97.10 -58.71
N VAL C 929 49.12 98.37 -58.45
CA VAL C 929 50.16 99.33 -58.05
C VAL C 929 49.98 99.79 -56.60
N PHE C 930 51.04 99.66 -55.79
CA PHE C 930 50.94 99.95 -54.36
C PHE C 930 51.62 101.26 -53.93
N GLN C 931 50.80 102.15 -53.41
CA GLN C 931 51.20 103.50 -53.06
C GLN C 931 51.20 103.80 -51.56
N GLU C 932 51.26 102.77 -50.73
CA GLU C 932 51.21 102.91 -49.26
C GLU C 932 50.17 102.11 -48.43
N ASN C 933 49.35 102.82 -47.65
CA ASN C 933 48.29 102.32 -46.73
C ASN C 933 47.06 101.61 -47.32
N GLU C 934 46.75 101.97 -48.56
CA GLU C 934 45.71 101.31 -49.35
C GLU C 934 46.35 100.81 -50.64
N VAL C 935 46.02 99.58 -51.04
CA VAL C 935 46.53 98.97 -52.27
C VAL C 935 45.40 98.87 -53.30
N MET C 936 45.65 99.32 -54.53
CA MET C 936 44.64 99.29 -55.59
C MET C 936 45.01 98.20 -56.62
N VAL C 937 44.04 97.34 -56.97
CA VAL C 937 44.28 96.25 -57.91
C VAL C 937 43.63 96.55 -59.26
N LEU C 938 44.40 96.43 -60.34
CA LEU C 938 43.86 96.62 -61.68
C LEU C 938 42.84 95.54 -61.98
N ALA C 939 41.75 95.91 -62.64
CA ALA C 939 40.67 94.97 -62.95
C ALA C 939 40.12 95.14 -64.36
N VAL C 940 39.55 94.06 -64.89
CA VAL C 940 38.88 94.09 -66.18
C VAL C 940 37.39 93.87 -65.95
N ASP C 941 36.57 94.75 -66.50
CA ASP C 941 35.13 94.71 -66.23
C ASP C 941 34.55 93.37 -66.66
N HIS C 942 33.56 92.91 -65.92
CA HIS C 942 32.92 91.62 -66.20
C HIS C 942 32.25 91.64 -67.57
N ILE C 943 31.89 92.84 -68.03
CA ILE C 943 31.24 92.97 -69.32
C ILE C 943 32.15 93.60 -70.38
N ARG C 944 32.77 94.73 -70.05
CA ARG C 944 33.51 95.49 -71.05
C ARG C 944 34.94 95.83 -70.64
N ARG C 945 35.15 97.04 -70.10
CA ARG C 945 36.48 97.56 -69.86
C ARG C 945 37.03 97.20 -68.50
N LEU C 946 36.76 98.05 -67.50
CA LEU C 946 37.37 97.88 -66.19
C LEU C 946 36.66 98.63 -65.06
N GLN C 947 36.94 98.19 -63.84
CA GLN C 947 36.56 98.88 -62.62
C GLN C 947 37.71 98.80 -61.62
N LEU C 948 38.00 99.92 -60.98
CA LEU C 948 39.05 99.92 -59.98
C LEU C 948 38.38 99.86 -58.63
N ILE C 949 38.55 98.74 -57.94
CA ILE C 949 38.08 98.61 -56.57
C ILE C 949 39.25 98.60 -55.61
N ASN C 950 39.36 99.65 -54.80
CA ASN C 950 40.37 99.69 -53.75
C ASN C 950 40.03 98.67 -52.68
N GLY C 951 41.06 98.17 -52.02
CA GLY C 951 40.85 97.25 -50.91
C GLY C 951 40.27 98.00 -49.73
N ARG C 952 39.63 97.25 -48.83
CA ARG C 952 39.02 97.81 -47.63
C ARG C 952 38.00 98.90 -47.93
N THR C 953 37.33 98.79 -49.08
CA THR C 953 36.26 99.72 -49.44
C THR C 953 35.41 99.19 -50.59
N GLY C 954 34.22 99.75 -50.73
CA GLY C 954 33.31 99.39 -51.82
C GLY C 954 33.37 100.39 -52.95
N GLN C 955 34.48 101.13 -53.02
CA GLN C 955 34.62 102.22 -53.98
C GLN C 955 35.02 101.72 -55.37
N ILE C 956 34.03 101.29 -56.14
CA ILE C 956 34.24 100.90 -57.54
C ILE C 956 34.62 102.11 -58.38
N ASP C 957 35.51 101.93 -59.34
CA ASP C 957 35.90 103.01 -60.24
C ASP C 957 35.85 102.54 -61.70
N TYR C 958 34.64 102.53 -62.26
CA TYR C 958 34.41 102.07 -63.62
C TYR C 958 34.91 103.07 -64.66
N LEU C 959 35.35 102.55 -65.81
CA LEU C 959 35.77 103.38 -66.95
C LEU C 959 35.32 102.72 -68.26
N THR C 960 35.20 103.52 -69.30
CA THR C 960 34.72 103.01 -70.59
C THR C 960 35.77 103.03 -71.71
N GLU C 961 35.81 101.93 -72.47
CA GLU C 961 36.65 101.78 -73.64
C GLU C 961 36.19 100.51 -74.37
N ALA C 962 36.53 100.38 -75.65
CA ALA C 962 36.14 99.18 -76.39
C ALA C 962 37.05 98.01 -76.02
N GLN C 963 36.87 97.51 -74.80
CA GLN C 963 37.64 96.39 -74.26
C GLN C 963 39.14 96.63 -74.30
N VAL C 964 39.69 97.17 -73.21
CA VAL C 964 41.12 97.39 -73.11
C VAL C 964 41.88 96.06 -73.10
N SER C 965 43.03 96.03 -73.78
CA SER C 965 43.84 94.82 -73.86
C SER C 965 44.73 94.64 -72.63
N CYS C 966 45.24 95.77 -72.14
CA CYS C 966 46.13 95.78 -70.98
C CYS C 966 46.19 97.21 -70.45
N CYS C 967 46.70 97.39 -69.24
CA CYS C 967 46.70 98.73 -68.63
C CYS C 967 47.95 99.03 -67.82
N CYS C 968 48.23 100.33 -67.65
CA CYS C 968 49.38 100.77 -66.86
C CYS C 968 49.19 102.20 -66.36
N LEU C 969 49.37 102.39 -65.05
CA LEU C 969 49.36 103.74 -64.47
C LEU C 969 50.67 104.49 -64.69
N SER C 970 50.57 105.81 -64.75
CA SER C 970 51.72 106.68 -64.91
C SER C 970 52.53 106.82 -63.62
N PRO C 971 53.83 107.11 -63.75
CA PRO C 971 54.67 107.42 -62.59
C PRO C 971 54.16 108.68 -61.89
N HIS C 972 54.27 108.73 -60.57
CA HIS C 972 53.76 109.85 -59.78
C HIS C 972 52.28 110.13 -60.06
N LEU C 973 51.54 109.06 -60.33
CA LEU C 973 50.10 109.13 -60.55
C LEU C 973 49.72 110.10 -61.68
N GLN C 974 48.61 110.81 -61.48
CA GLN C 974 48.14 111.88 -62.37
C GLN C 974 47.67 111.42 -63.74
N TYR C 975 47.86 110.16 -64.06
CA TYR C 975 47.42 109.61 -65.34
C TYR C 975 47.08 108.13 -65.24
N ILE C 976 46.45 107.63 -66.30
CA ILE C 976 46.11 106.22 -66.43
C ILE C 976 46.32 105.86 -67.91
N ALA C 977 46.59 104.59 -68.21
CA ALA C 977 46.83 104.20 -69.59
C ALA C 977 46.40 102.79 -69.90
N PHE C 978 46.19 102.52 -71.18
CA PHE C 978 45.79 101.19 -71.63
C PHE C 978 46.23 100.90 -73.07
N GLY C 979 46.40 99.62 -73.38
CA GLY C 979 46.72 99.18 -74.72
C GLY C 979 45.47 98.90 -75.54
N ASP C 980 45.64 98.29 -76.70
CA ASP C 980 44.53 97.98 -77.58
C ASP C 980 44.86 96.80 -78.48
N GLU C 981 43.83 96.21 -79.08
CA GLU C 981 43.98 95.06 -79.96
C GLU C 981 44.82 95.40 -81.18
N ASN C 982 44.77 96.66 -81.59
CA ASN C 982 45.58 97.15 -82.70
C ASN C 982 46.99 97.52 -82.26
N GLY C 983 47.23 97.45 -80.95
CA GLY C 983 48.50 97.84 -80.38
C GLY C 983 48.57 99.32 -80.05
N ALA C 984 47.48 100.03 -80.32
CA ALA C 984 47.36 101.44 -79.96
C ALA C 984 47.35 101.57 -78.44
N ILE C 985 47.96 102.63 -77.92
CA ILE C 985 48.02 102.79 -76.47
C ILE C 985 47.66 104.20 -76.04
N GLU C 986 46.47 104.35 -75.47
CA GLU C 986 46.01 105.63 -74.94
C GLU C 986 46.52 105.88 -73.52
N ILE C 987 46.72 107.14 -73.17
CA ILE C 987 47.04 107.51 -71.79
C ILE C 987 46.09 108.61 -71.30
N LEU C 988 44.92 108.21 -70.83
CA LEU C 988 43.93 109.15 -70.31
C LEU C 988 44.44 109.89 -69.08
N GLU C 989 44.24 111.21 -69.04
CA GLU C 989 44.56 111.99 -67.86
C GLU C 989 43.51 111.80 -66.78
N LEU C 990 43.92 111.85 -65.52
CA LEU C 990 42.97 111.75 -64.41
C LEU C 990 42.20 113.04 -64.20
N VAL C 991 42.89 114.17 -64.38
CA VAL C 991 42.30 115.48 -64.14
C VAL C 991 41.15 115.76 -65.11
N ASN C 992 41.28 115.25 -66.33
CA ASN C 992 40.27 115.48 -67.34
C ASN C 992 40.18 114.32 -68.33
N ASN C 993 38.98 113.79 -68.50
CA ASN C 993 38.73 112.70 -69.43
C ASN C 993 38.89 113.10 -70.89
N ARG C 994 38.73 114.39 -71.18
CA ARG C 994 38.87 114.88 -72.54
C ARG C 994 40.30 114.77 -73.09
N ILE C 995 41.28 114.87 -72.20
CA ILE C 995 42.68 114.86 -72.62
C ILE C 995 43.26 113.44 -72.67
N PHE C 996 43.79 113.08 -73.83
CA PHE C 996 44.39 111.78 -74.03
C PHE C 996 45.34 111.81 -75.22
N GLN C 997 46.24 110.84 -75.27
CA GLN C 997 47.07 110.61 -76.44
C GLN C 997 46.86 109.16 -76.84
N SER C 998 46.66 108.90 -78.14
CA SER C 998 46.49 107.53 -78.61
C SER C 998 47.66 107.20 -79.54
N ARG C 999 48.30 106.06 -79.35
CA ARG C 999 49.43 105.69 -80.21
C ARG C 999 49.07 104.49 -81.07
N PHE C 1000 49.29 104.60 -82.37
CA PHE C 1000 48.96 103.48 -83.26
C PHE C 1000 50.24 102.77 -83.68
N GLN C 1001 50.34 101.49 -83.33
CA GLN C 1001 51.62 100.81 -83.50
C GLN C 1001 51.42 99.32 -83.29
N HIS C 1002 52.40 98.52 -83.73
CA HIS C 1002 52.43 97.06 -83.57
C HIS C 1002 51.42 96.36 -84.47
N LYS C 1003 51.86 95.28 -85.10
CA LYS C 1003 51.05 94.50 -86.01
C LYS C 1003 49.84 93.88 -85.29
N LYS C 1004 50.00 93.59 -84.01
CA LYS C 1004 48.95 92.97 -83.23
C LYS C 1004 48.77 93.69 -81.90
N THR C 1005 48.15 93.02 -80.94
CA THR C 1005 47.98 93.58 -79.61
C THR C 1005 49.33 93.82 -78.95
N VAL C 1006 49.48 94.96 -78.29
CA VAL C 1006 50.73 95.30 -77.62
C VAL C 1006 51.02 94.35 -76.45
N TRP C 1007 52.29 93.97 -76.31
CA TRP C 1007 52.70 93.12 -75.19
C TRP C 1007 53.03 93.98 -73.97
N HIS C 1008 54.28 93.93 -73.55
CA HIS C 1008 54.73 94.63 -72.35
C HIS C 1008 54.63 96.14 -72.51
N ILE C 1009 54.23 96.80 -71.43
CA ILE C 1009 54.15 98.26 -71.39
C ILE C 1009 54.81 98.78 -70.12
N GLN C 1010 55.67 99.79 -70.25
CA GLN C 1010 56.33 100.35 -69.09
C GLN C 1010 56.69 101.80 -69.32
N PHE C 1011 56.64 102.59 -68.26
CA PHE C 1011 56.89 104.02 -68.33
C PHE C 1011 58.29 104.35 -67.79
N THR C 1012 58.86 105.46 -68.24
CA THR C 1012 60.15 105.92 -67.75
C THR C 1012 59.99 106.54 -66.36
N ALA C 1013 61.10 106.83 -65.71
CA ALA C 1013 61.08 107.49 -64.41
C ALA C 1013 60.44 108.87 -64.55
N ASP C 1014 60.58 109.45 -65.73
CA ASP C 1014 59.85 110.65 -66.09
C ASP C 1014 58.38 110.31 -66.28
N GLU C 1015 57.50 111.26 -66.01
CA GLU C 1015 56.07 111.06 -66.23
C GLU C 1015 55.78 110.85 -67.70
N LYS C 1016 56.67 111.39 -68.55
CA LYS C 1016 56.56 111.27 -70.00
C LYS C 1016 57.15 109.97 -70.53
N THR C 1017 56.91 109.74 -71.82
CA THR C 1017 57.51 108.64 -72.59
C THR C 1017 56.94 107.26 -72.26
N LEU C 1018 55.99 106.81 -73.09
CA LEU C 1018 55.53 105.43 -73.09
C LEU C 1018 56.61 104.51 -73.67
N ILE C 1019 56.69 103.29 -73.16
CA ILE C 1019 57.53 102.28 -73.80
C ILE C 1019 56.70 101.00 -73.92
N SER C 1020 56.82 100.31 -75.05
CA SER C 1020 56.01 99.13 -75.31
C SER C 1020 56.67 98.18 -76.30
N SER C 1021 56.09 97.00 -76.49
CA SER C 1021 56.56 96.04 -77.48
C SER C 1021 55.44 95.08 -77.87
N SER C 1022 55.61 94.41 -79.00
CA SER C 1022 54.65 93.40 -79.45
C SER C 1022 55.27 92.49 -80.51
N ASP C 1023 54.51 92.23 -81.57
CA ASP C 1023 54.97 91.34 -82.63
C ASP C 1023 56.15 91.93 -83.40
N ASP C 1024 56.28 93.25 -83.38
CA ASP C 1024 57.38 93.91 -84.07
C ASP C 1024 58.74 93.54 -83.45
N ALA C 1025 59.74 93.40 -84.29
CA ALA C 1025 61.09 93.12 -83.83
C ALA C 1025 61.62 94.26 -82.97
N GLU C 1026 61.20 95.47 -83.33
CA GLU C 1026 61.61 96.67 -82.62
C GLU C 1026 60.90 96.82 -81.28
N ILE C 1027 61.57 97.44 -80.33
CA ILE C 1027 60.92 97.80 -79.07
C ILE C 1027 60.46 99.25 -79.15
N GLN C 1028 59.15 99.44 -79.17
CA GLN C 1028 58.56 100.77 -79.25
C GLN C 1028 58.91 101.64 -78.04
N VAL C 1029 59.23 102.89 -78.33
CA VAL C 1029 59.30 103.92 -77.30
C VAL C 1029 58.56 105.14 -77.83
N TRP C 1030 57.30 105.25 -77.45
CA TRP C 1030 56.46 106.33 -77.92
C TRP C 1030 56.20 107.36 -76.82
N ASN C 1031 56.93 108.46 -76.85
CA ASN C 1031 56.67 109.52 -75.90
C ASN C 1031 55.29 110.10 -76.22
N TRP C 1032 54.49 110.30 -75.18
CA TRP C 1032 53.13 110.82 -75.37
C TRP C 1032 53.15 112.35 -75.37
N GLN C 1033 52.01 112.94 -75.75
CA GLN C 1033 51.88 114.39 -75.92
C GLN C 1033 52.80 114.88 -77.05
N LEU C 1034 54.11 114.70 -76.85
CA LEU C 1034 55.10 115.00 -77.87
C LEU C 1034 54.90 114.07 -79.07
N ASP C 1035 54.28 112.92 -78.80
CA ASP C 1035 54.00 111.90 -79.82
C ASP C 1035 55.27 111.41 -80.49
N LYS C 1036 56.37 111.37 -79.75
CA LYS C 1036 57.65 110.90 -80.29
C LYS C 1036 57.64 109.40 -80.49
N CYS C 1037 58.39 108.92 -81.47
CA CYS C 1037 58.35 107.50 -81.82
C CYS C 1037 59.74 106.89 -81.96
N ILE C 1038 60.55 106.99 -80.91
CA ILE C 1038 61.87 106.38 -80.93
C ILE C 1038 61.72 104.85 -80.95
N PHE C 1039 62.53 104.16 -81.75
CA PHE C 1039 62.43 102.71 -81.80
C PHE C 1039 63.74 102.02 -81.40
N LEU C 1040 63.61 100.85 -80.77
CA LEU C 1040 64.75 100.00 -80.46
C LEU C 1040 64.87 98.92 -81.53
N ARG C 1041 65.71 99.15 -82.53
CA ARG C 1041 65.80 98.24 -83.67
C ARG C 1041 66.68 97.04 -83.34
N GLY C 1042 66.09 96.06 -82.67
CA GLY C 1042 66.82 94.88 -82.24
C GLY C 1042 67.03 93.79 -83.28
N HIS C 1043 66.34 93.89 -84.40
CA HIS C 1043 66.43 92.92 -85.49
C HIS C 1043 66.20 91.48 -85.03
N GLN C 1044 65.41 91.33 -83.98
CA GLN C 1044 64.93 90.04 -83.49
C GLN C 1044 63.67 89.61 -84.25
N GLU C 1045 63.32 88.33 -84.13
CA GLU C 1045 62.06 87.85 -84.70
C GLU C 1045 60.96 88.62 -83.99
N THR C 1046 61.14 88.77 -82.68
CA THR C 1046 60.42 89.74 -81.88
C THR C 1046 61.19 89.89 -80.58
N VAL C 1047 61.00 90.99 -79.86
CA VAL C 1047 61.49 91.07 -78.50
C VAL C 1047 60.42 90.57 -77.54
N LYS C 1048 60.78 89.58 -76.72
CA LYS C 1048 59.82 88.94 -75.84
C LYS C 1048 59.37 89.84 -74.71
N ASP C 1049 60.32 90.51 -74.06
CA ASP C 1049 59.99 91.36 -72.93
C ASP C 1049 61.13 92.33 -72.63
N PHE C 1050 60.84 93.35 -71.83
CA PHE C 1050 61.85 94.32 -71.44
C PHE C 1050 61.51 94.92 -70.07
N ARG C 1051 62.53 95.47 -69.42
CA ARG C 1051 62.38 96.07 -68.10
C ARG C 1051 63.29 97.29 -67.93
N LEU C 1052 62.90 98.18 -67.02
CA LEU C 1052 63.71 99.35 -66.68
C LEU C 1052 64.94 99.00 -65.85
N LEU C 1053 66.06 99.63 -66.17
CA LEU C 1053 67.26 99.55 -65.33
C LEU C 1053 67.42 100.86 -64.56
N LYS C 1054 68.21 100.84 -63.49
CA LYS C 1054 68.38 102.02 -62.65
C LYS C 1054 68.99 103.19 -63.42
N ASN C 1055 69.79 102.87 -64.43
CA ASN C 1055 70.38 103.89 -65.29
C ASN C 1055 69.40 104.34 -66.37
N SER C 1056 69.93 104.94 -67.42
CA SER C 1056 69.13 105.28 -68.58
C SER C 1056 68.99 104.04 -69.46
N ARG C 1057 69.70 102.99 -69.08
CA ARG C 1057 69.67 101.72 -69.79
C ARG C 1057 68.30 101.04 -69.71
N LEU C 1058 67.92 100.34 -70.78
CA LEU C 1058 66.67 99.59 -70.78
C LEU C 1058 66.90 98.12 -71.10
N LEU C 1059 66.82 97.28 -70.07
CA LEU C 1059 67.06 95.84 -70.23
C LEU C 1059 65.97 95.22 -71.11
N SER C 1060 66.34 94.20 -71.88
CA SER C 1060 65.38 93.49 -72.74
C SER C 1060 65.87 92.10 -73.11
N TRP C 1061 64.94 91.27 -73.57
CA TRP C 1061 65.28 89.94 -74.09
C TRP C 1061 64.20 89.44 -75.05
N SER C 1062 64.63 88.60 -75.99
CA SER C 1062 63.74 88.14 -77.05
C SER C 1062 63.67 86.61 -77.10
N PHE C 1063 63.18 86.10 -78.22
CA PHE C 1063 63.10 84.67 -78.44
C PHE C 1063 64.44 84.04 -78.87
N ASP C 1064 65.41 84.88 -79.22
CA ASP C 1064 66.75 84.37 -79.46
C ASP C 1064 67.51 84.21 -78.14
N GLY C 1065 66.93 84.72 -77.07
CA GLY C 1065 67.50 84.57 -75.75
C GLY C 1065 68.60 85.55 -75.44
N THR C 1066 68.80 86.51 -76.35
CA THR C 1066 69.77 87.57 -76.09
C THR C 1066 69.29 88.42 -74.92
N VAL C 1067 70.20 88.73 -74.00
CA VAL C 1067 69.89 89.63 -72.90
C VAL C 1067 70.47 91.00 -73.24
N LYS C 1068 69.73 91.74 -74.06
CA LYS C 1068 70.16 93.06 -74.50
C LYS C 1068 70.05 94.10 -73.39
N VAL C 1069 70.99 95.04 -73.39
CA VAL C 1069 70.91 96.19 -72.52
C VAL C 1069 70.90 97.45 -73.37
N TRP C 1070 69.69 97.97 -73.58
CA TRP C 1070 69.46 99.15 -74.40
C TRP C 1070 69.53 100.42 -73.56
N ASN C 1071 68.78 101.44 -74.00
CA ASN C 1071 68.62 102.68 -73.24
C ASN C 1071 67.17 103.15 -73.25
N ILE C 1072 66.74 103.80 -72.18
CA ILE C 1072 65.38 104.31 -72.09
C ILE C 1072 65.20 105.50 -73.02
N ILE C 1073 63.96 105.72 -73.45
CA ILE C 1073 63.61 106.79 -74.37
C ILE C 1073 64.38 106.61 -75.68
N THR C 1074 65.65 106.99 -75.68
CA THR C 1074 66.50 106.81 -76.85
C THR C 1074 66.91 105.35 -77.02
N GLY C 1075 66.64 104.79 -78.18
CA GLY C 1075 67.07 103.44 -78.49
C GLY C 1075 68.57 103.37 -78.75
N ASN C 1076 69.26 102.55 -77.95
CA ASN C 1076 70.70 102.38 -78.12
C ASN C 1076 71.17 101.14 -77.36
N LYS C 1077 71.52 100.10 -78.11
CA LYS C 1077 71.90 98.82 -77.53
C LYS C 1077 73.33 98.90 -76.99
N GLU C 1078 73.49 99.50 -75.81
CA GLU C 1078 74.81 99.71 -75.19
C GLU C 1078 75.60 98.47 -74.74
N LYS C 1079 74.94 97.51 -74.10
CA LYS C 1079 75.58 96.27 -73.66
C LYS C 1079 74.72 95.14 -74.21
N ASP C 1080 75.31 94.14 -74.86
CA ASP C 1080 74.50 93.05 -75.42
C ASP C 1080 74.93 91.68 -74.85
N PHE C 1081 73.97 90.86 -74.42
CA PHE C 1081 74.30 89.54 -73.85
C PHE C 1081 73.59 88.39 -74.56
N VAL C 1082 74.30 87.28 -74.78
CA VAL C 1082 73.67 86.13 -75.43
C VAL C 1082 73.68 84.96 -74.44
N CYS C 1083 72.92 85.13 -73.36
CA CYS C 1083 72.93 84.17 -72.25
C CYS C 1083 72.32 82.83 -72.63
N HIS C 1084 71.45 82.82 -73.64
CA HIS C 1084 70.77 81.60 -74.04
C HIS C 1084 70.54 81.54 -75.54
N GLN C 1085 70.91 80.41 -76.15
CA GLN C 1085 70.57 80.17 -77.55
C GLN C 1085 69.06 80.05 -77.69
N GLY C 1086 68.42 79.50 -76.65
CA GLY C 1086 66.98 79.45 -76.56
C GLY C 1086 66.45 80.72 -75.94
N THR C 1087 65.13 80.83 -75.85
CA THR C 1087 64.49 82.03 -75.31
C THR C 1087 64.83 82.22 -73.85
N VAL C 1088 64.98 83.48 -73.43
CA VAL C 1088 65.11 83.78 -72.02
C VAL C 1088 63.81 83.44 -71.29
N LEU C 1089 63.83 82.36 -70.51
CA LEU C 1089 62.58 81.90 -69.90
C LEU C 1089 61.94 82.78 -68.80
N SER C 1090 62.75 83.18 -67.82
CA SER C 1090 62.37 84.16 -66.81
C SER C 1090 63.72 84.79 -66.56
N CYS C 1091 63.80 86.11 -66.50
CA CYS C 1091 65.04 86.79 -66.12
C CYS C 1091 64.64 87.75 -65.01
N ASP C 1092 65.36 87.79 -63.90
CA ASP C 1092 65.05 88.72 -62.82
C ASP C 1092 66.26 89.63 -62.59
N ILE C 1093 65.99 90.91 -62.33
CA ILE C 1093 67.00 91.89 -61.92
C ILE C 1093 66.85 92.29 -60.44
N SER C 1094 67.98 92.37 -59.72
CA SER C 1094 68.02 92.54 -58.25
C SER C 1094 67.42 93.83 -57.64
N HIS C 1095 67.66 94.97 -58.26
CA HIS C 1095 67.10 96.28 -57.84
C HIS C 1095 67.88 97.15 -56.83
N ASP C 1096 69.00 96.68 -56.30
CA ASP C 1096 69.97 97.55 -55.64
C ASP C 1096 71.01 97.95 -56.67
N ALA C 1097 71.33 99.24 -56.73
CA ALA C 1097 72.21 99.81 -57.76
C ALA C 1097 71.88 99.21 -59.14
N THR C 1098 72.91 98.75 -59.83
CA THR C 1098 72.75 97.93 -61.02
C THR C 1098 73.80 96.83 -60.93
N LYS C 1099 74.16 96.50 -59.69
CA LYS C 1099 75.31 95.66 -59.37
C LYS C 1099 75.18 94.23 -59.90
N PHE C 1100 73.96 93.73 -60.05
CA PHE C 1100 73.75 92.39 -60.58
C PHE C 1100 72.44 92.21 -61.35
N SER C 1101 72.44 91.21 -62.21
CA SER C 1101 71.23 90.73 -62.87
C SER C 1101 71.48 89.29 -63.32
N SER C 1102 70.43 88.50 -63.41
CA SER C 1102 70.60 87.10 -63.76
C SER C 1102 69.38 86.56 -64.50
N THR C 1103 69.61 85.45 -65.21
CA THR C 1103 68.55 84.77 -65.93
C THR C 1103 68.81 83.28 -66.02
N SER C 1104 67.73 82.53 -66.16
CA SER C 1104 67.80 81.09 -66.37
C SER C 1104 66.76 80.71 -67.39
N ALA C 1105 67.09 79.79 -68.29
CA ALA C 1105 66.21 79.49 -69.41
C ALA C 1105 66.36 78.06 -69.91
N ASP C 1106 66.12 77.10 -69.02
CA ASP C 1106 66.20 75.68 -69.35
C ASP C 1106 67.56 75.35 -69.95
N LYS C 1107 68.60 75.84 -69.30
CA LYS C 1107 69.96 75.65 -69.76
C LYS C 1107 70.94 75.88 -68.62
N THR C 1108 71.24 77.15 -68.36
CA THR C 1108 72.14 77.52 -67.26
C THR C 1108 71.65 78.79 -66.57
N ALA C 1109 71.87 78.88 -65.26
CA ALA C 1109 71.48 80.08 -64.53
C ALA C 1109 72.60 81.11 -64.55
N LYS C 1110 72.69 81.88 -65.63
CA LYS C 1110 73.73 82.89 -65.77
C LYS C 1110 73.46 84.14 -64.93
N ILE C 1111 74.54 84.79 -64.50
CA ILE C 1111 74.47 86.01 -63.69
C ILE C 1111 75.64 86.94 -64.05
N TRP C 1112 75.35 88.24 -64.06
CA TRP C 1112 76.29 89.25 -64.54
C TRP C 1112 76.15 90.55 -63.75
N SER C 1113 77.14 91.42 -63.91
CA SER C 1113 77.11 92.74 -63.27
C SER C 1113 77.03 93.85 -64.32
N PHE C 1114 76.68 93.46 -65.54
CA PHE C 1114 76.58 94.37 -66.70
C PHE C 1114 77.93 94.90 -67.21
N ASP C 1115 78.93 94.95 -66.33
CA ASP C 1115 80.23 95.47 -66.71
C ASP C 1115 80.89 94.63 -67.80
N LEU C 1116 80.61 93.33 -67.78
CA LEU C 1116 81.14 92.43 -68.80
C LEU C 1116 80.09 92.09 -69.85
N LEU C 1117 80.54 91.77 -71.06
CA LEU C 1117 79.65 91.41 -72.15
C LEU C 1117 79.16 89.97 -71.98
N LEU C 1118 79.77 89.26 -71.04
CA LEU C 1118 79.38 87.90 -70.73
C LEU C 1118 79.12 87.81 -69.23
N PRO C 1119 78.26 86.88 -68.80
CA PRO C 1119 77.87 86.81 -67.39
C PRO C 1119 79.05 86.50 -66.47
N LEU C 1120 79.02 87.08 -65.27
CA LEU C 1120 80.11 86.87 -64.30
C LEU C 1120 80.16 85.43 -63.83
N HIS C 1121 79.05 84.73 -63.91
CA HIS C 1121 79.07 83.29 -63.64
C HIS C 1121 77.94 82.61 -64.38
N GLU C 1122 78.13 81.32 -64.69
CA GLU C 1122 77.13 80.55 -65.41
C GLU C 1122 76.76 79.32 -64.60
N LEU C 1123 75.76 79.48 -63.73
CA LEU C 1123 75.40 78.39 -62.83
C LEU C 1123 74.95 77.16 -63.59
N ARG C 1124 75.45 76.00 -63.15
CA ARG C 1124 75.17 74.73 -63.82
C ARG C 1124 74.93 73.63 -62.79
N GLY C 1125 74.21 73.98 -61.72
CA GLY C 1125 73.94 73.04 -60.65
C GLY C 1125 72.70 72.20 -60.88
N HIS C 1126 72.03 72.39 -62.02
CA HIS C 1126 70.78 71.70 -62.27
C HIS C 1126 70.75 71.06 -63.65
N ASN C 1127 70.87 69.73 -63.69
CA ASN C 1127 70.82 68.97 -64.93
C ASN C 1127 69.44 69.02 -65.58
N GLY C 1128 68.42 69.24 -64.76
CA GLY C 1128 67.07 69.39 -65.26
C GLY C 1128 66.82 70.81 -65.73
N CYS C 1129 67.83 71.65 -65.55
CA CYS C 1129 67.84 73.04 -66.03
C CYS C 1129 66.82 73.92 -65.32
N VAL C 1130 67.31 74.97 -64.66
CA VAL C 1130 66.46 75.92 -63.94
C VAL C 1130 65.55 76.71 -64.89
N ARG C 1131 64.29 76.87 -64.49
CA ARG C 1131 63.29 77.54 -65.31
C ARG C 1131 63.17 79.04 -65.06
N CYS C 1132 63.40 79.45 -63.81
CA CYS C 1132 63.22 80.85 -63.45
C CYS C 1132 64.04 81.24 -62.22
N SER C 1133 64.21 82.54 -62.01
CA SER C 1133 65.04 83.03 -60.92
C SER C 1133 64.57 84.40 -60.42
N ALA C 1134 64.89 84.71 -59.16
CA ALA C 1134 64.55 86.01 -58.58
C ALA C 1134 65.57 86.43 -57.53
N PHE C 1135 65.95 87.71 -57.55
CA PHE C 1135 66.91 88.27 -56.60
C PHE C 1135 66.35 88.57 -55.21
N SER C 1136 67.27 88.57 -54.25
CA SER C 1136 66.97 88.91 -52.86
C SER C 1136 66.54 90.36 -52.71
N VAL C 1137 65.76 90.62 -51.69
CA VAL C 1137 65.31 91.97 -51.40
C VAL C 1137 66.49 92.74 -50.79
N ASP C 1138 67.36 93.23 -51.67
CA ASP C 1138 68.57 93.96 -51.31
C ASP C 1138 69.46 93.18 -50.34
N SER C 1139 69.66 91.91 -50.63
CA SER C 1139 70.54 91.05 -49.83
C SER C 1139 71.61 90.39 -50.70
N THR C 1140 71.78 89.08 -50.56
CA THR C 1140 72.77 88.35 -51.34
C THR C 1140 72.21 87.00 -51.82
N LEU C 1141 70.93 86.77 -51.53
CA LEU C 1141 70.26 85.56 -51.98
C LEU C 1141 69.84 85.66 -53.44
N LEU C 1142 69.70 84.51 -54.10
CA LEU C 1142 69.21 84.48 -55.47
C LEU C 1142 68.55 83.14 -55.81
N ALA C 1143 67.23 83.11 -55.71
CA ALA C 1143 66.46 81.90 -55.99
C ALA C 1143 66.59 81.47 -57.44
N THR C 1144 66.56 80.16 -57.68
CA THR C 1144 66.52 79.62 -59.02
C THR C 1144 65.42 78.56 -59.10
N GLY C 1145 64.28 78.95 -59.67
CA GLY C 1145 63.10 78.10 -59.73
C GLY C 1145 63.09 77.01 -60.77
N ASP C 1146 62.68 75.82 -60.36
CA ASP C 1146 62.59 74.67 -61.26
C ASP C 1146 61.16 74.51 -61.80
N ASP C 1147 61.02 73.71 -62.85
CA ASP C 1147 59.71 73.49 -63.47
C ASP C 1147 58.73 72.81 -62.51
N ASN C 1148 59.26 72.03 -61.59
CA ASN C 1148 58.42 71.32 -60.61
C ASN C 1148 58.26 72.14 -59.33
N GLY C 1149 58.60 73.42 -59.40
CA GLY C 1149 58.40 74.32 -58.29
C GLY C 1149 59.55 74.27 -57.30
N GLU C 1150 60.53 73.42 -57.59
CA GLU C 1150 61.72 73.34 -56.77
C GLU C 1150 62.49 74.65 -56.87
N ILE C 1151 63.05 75.09 -55.74
CA ILE C 1151 63.82 76.32 -55.71
C ILE C 1151 65.23 76.02 -55.22
N ARG C 1152 66.23 76.57 -55.89
CA ARG C 1152 67.60 76.45 -55.42
C ARG C 1152 68.17 77.83 -55.17
N ILE C 1153 68.34 78.17 -53.90
CA ILE C 1153 68.93 79.45 -53.54
C ILE C 1153 70.41 79.46 -53.88
N TRP C 1154 70.90 80.60 -54.38
CA TRP C 1154 72.31 80.74 -54.71
C TRP C 1154 72.81 82.09 -54.21
N ASN C 1155 73.91 82.08 -53.48
CA ASN C 1155 74.49 83.32 -52.97
C ASN C 1155 74.93 84.20 -54.13
N VAL C 1156 74.72 85.50 -54.03
CA VAL C 1156 75.13 86.40 -55.09
C VAL C 1156 76.62 86.67 -54.95
N SER C 1157 77.40 85.68 -55.37
CA SER C 1157 78.86 85.73 -55.35
C SER C 1157 79.37 84.61 -56.24
N ASN C 1158 79.33 84.84 -57.55
CA ASN C 1158 79.57 83.79 -58.55
C ASN C 1158 78.59 82.65 -58.34
N GLY C 1159 78.90 81.77 -57.40
CA GLY C 1159 78.03 80.66 -57.06
C GLY C 1159 78.73 79.62 -56.21
N GLU C 1160 77.98 78.96 -55.34
CA GLU C 1160 78.49 77.88 -54.52
C GLU C 1160 77.35 76.95 -54.17
N LEU C 1161 77.69 75.69 -53.84
CA LEU C 1161 76.65 74.68 -53.62
C LEU C 1161 75.87 74.94 -52.33
N LEU C 1162 75.11 76.04 -52.34
CA LEU C 1162 74.23 76.37 -51.23
C LEU C 1162 73.11 75.34 -51.11
N HIS C 1163 72.66 75.09 -49.90
CA HIS C 1163 71.66 74.06 -49.70
C HIS C 1163 70.47 74.50 -50.53
N LEU C 1164 69.89 73.57 -51.29
CA LEU C 1164 68.74 73.91 -52.09
C LEU C 1164 67.60 74.28 -51.17
N CYS C 1165 66.81 75.28 -51.55
CA CYS C 1165 65.66 75.66 -50.76
C CYS C 1165 64.77 74.44 -50.74
N ALA C 1166 64.68 73.80 -51.90
CA ALA C 1166 64.03 72.50 -52.04
C ALA C 1166 62.58 72.53 -51.59
N PRO C 1167 61.85 73.56 -51.96
CA PRO C 1167 60.57 73.85 -51.31
C PRO C 1167 59.53 72.71 -51.36
N LEU C 1168 59.42 72.01 -52.47
CA LEU C 1168 58.46 70.91 -52.56
C LEU C 1168 59.13 69.55 -52.78
N SER C 1169 58.84 68.59 -51.92
CA SER C 1169 59.43 67.26 -52.03
C SER C 1169 58.44 66.14 -52.33
N GLU C 1170 57.41 66.03 -51.50
CA GLU C 1170 56.38 65.02 -51.68
C GLU C 1170 55.04 65.67 -52.00
N GLU C 1171 54.39 65.18 -53.07
CA GLU C 1171 53.11 65.74 -53.49
C GLU C 1171 52.48 64.84 -54.54
N GLY C 1172 52.94 64.98 -55.77
CA GLY C 1172 52.44 64.17 -56.87
C GLY C 1172 51.80 65.04 -57.93
N ALA C 1173 50.88 64.47 -58.69
CA ALA C 1173 50.22 65.19 -59.78
C ALA C 1173 48.79 65.57 -59.43
N ALA C 1174 48.46 65.44 -58.15
CA ALA C 1174 47.14 65.77 -57.64
C ALA C 1174 46.52 66.92 -58.42
N THR C 1175 46.57 68.12 -57.87
CA THR C 1175 45.96 69.27 -58.54
C THR C 1175 46.54 70.60 -58.08
N HIS C 1176 46.32 71.64 -58.89
CA HIS C 1176 46.80 72.98 -58.58
C HIS C 1176 48.25 72.93 -58.08
N GLY C 1177 49.17 72.57 -58.98
CA GLY C 1177 50.56 72.42 -58.60
C GLY C 1177 51.56 72.84 -59.65
N GLY C 1178 51.15 72.84 -60.92
CA GLY C 1178 52.08 73.18 -61.99
C GLY C 1178 52.59 74.61 -62.06
N TRP C 1179 53.83 74.76 -62.49
CA TRP C 1179 54.41 76.08 -62.76
C TRP C 1179 55.09 76.72 -61.54
N VAL C 1180 56.31 77.20 -61.75
CA VAL C 1180 57.03 77.96 -60.74
C VAL C 1180 56.99 79.43 -61.13
N THR C 1181 55.80 80.01 -61.05
CA THR C 1181 55.54 81.36 -61.54
C THR C 1181 56.40 82.48 -60.96
N ASP C 1182 56.55 82.50 -59.65
CA ASP C 1182 57.24 83.59 -58.99
C ASP C 1182 57.78 83.24 -57.62
N LEU C 1183 58.72 84.04 -57.15
CA LEU C 1183 59.21 83.96 -55.78
C LEU C 1183 59.12 85.33 -55.13
N CYS C 1184 58.51 85.37 -53.95
CA CYS C 1184 58.44 86.61 -53.16
C CYS C 1184 59.22 86.54 -51.85
N PHE C 1185 60.48 86.97 -51.89
CA PHE C 1185 61.30 87.00 -50.68
C PHE C 1185 60.75 87.94 -49.61
N SER C 1186 60.87 87.52 -48.35
CA SER C 1186 60.51 88.36 -47.22
C SER C 1186 61.53 89.48 -47.07
N PRO C 1187 61.10 90.62 -46.52
CA PRO C 1187 62.03 91.74 -46.31
C PRO C 1187 63.20 91.32 -45.43
N ASP C 1188 62.94 90.43 -44.48
CA ASP C 1188 64.00 89.88 -43.65
C ASP C 1188 64.96 89.04 -44.49
N GLY C 1189 64.44 88.47 -45.57
CA GLY C 1189 65.23 87.65 -46.46
C GLY C 1189 65.34 86.24 -45.93
N LYS C 1190 64.73 86.01 -44.77
CA LYS C 1190 64.75 84.70 -44.14
C LYS C 1190 63.65 83.80 -44.68
N MET C 1191 62.76 84.36 -45.50
CA MET C 1191 61.63 83.60 -46.03
C MET C 1191 61.42 83.81 -47.52
N LEU C 1192 61.09 82.72 -48.21
CA LEU C 1192 60.70 82.81 -49.60
C LEU C 1192 59.23 82.42 -49.73
N ILE C 1193 58.44 83.32 -50.31
CA ILE C 1193 57.04 83.05 -50.60
C ILE C 1193 56.94 82.40 -51.98
N SER C 1194 57.02 81.08 -52.00
CA SER C 1194 56.82 80.33 -53.24
C SER C 1194 55.36 80.35 -53.62
N ALA C 1195 55.09 80.44 -54.91
CA ALA C 1195 53.71 80.47 -55.40
C ALA C 1195 53.56 79.69 -56.69
N GLY C 1196 53.09 78.44 -56.56
CA GLY C 1196 52.84 77.60 -57.71
C GLY C 1196 51.41 77.10 -57.71
N GLY C 1197 51.20 75.91 -57.15
CA GLY C 1197 49.86 75.41 -56.98
C GLY C 1197 49.19 76.15 -55.83
N TYR C 1198 50.01 76.67 -54.92
CA TYR C 1198 49.53 77.49 -53.83
C TYR C 1198 50.72 78.13 -53.11
N ILE C 1199 50.47 79.20 -52.37
CA ILE C 1199 51.52 79.85 -51.60
C ILE C 1199 52.09 78.95 -50.50
N LYS C 1200 53.41 78.96 -50.38
CA LYS C 1200 54.10 78.29 -49.27
C LYS C 1200 55.35 79.08 -48.88
N TRP C 1201 55.42 79.52 -47.62
CA TRP C 1201 56.53 80.33 -47.16
C TRP C 1201 57.70 79.45 -46.76
N TRP C 1202 58.44 78.94 -47.73
CA TRP C 1202 59.58 78.07 -47.44
C TRP C 1202 60.74 78.83 -46.81
N ASN C 1203 61.18 78.36 -45.64
CA ASN C 1203 62.31 78.98 -44.95
C ASN C 1203 63.53 78.90 -45.86
N VAL C 1204 64.28 79.99 -45.92
CA VAL C 1204 65.47 80.01 -46.75
C VAL C 1204 66.49 79.01 -46.20
N VAL C 1205 67.07 78.23 -47.10
CA VAL C 1205 68.05 77.19 -46.75
C VAL C 1205 67.51 76.19 -45.74
N THR C 1206 67.18 74.99 -46.23
CA THR C 1206 66.74 73.86 -45.41
C THR C 1206 65.41 74.09 -44.70
N GLY C 1207 64.41 73.26 -45.03
CA GLY C 1207 63.14 73.29 -44.35
C GLY C 1207 62.22 74.41 -44.80
N GLU C 1208 61.13 74.61 -44.06
CA GLU C 1208 60.17 75.65 -44.39
C GLU C 1208 59.81 76.48 -43.15
N SER C 1209 59.39 77.71 -43.39
CA SER C 1209 58.84 78.56 -42.34
C SER C 1209 57.31 78.48 -42.37
N SER C 1210 56.65 79.56 -42.78
CA SER C 1210 55.19 79.57 -42.86
C SER C 1210 54.69 79.01 -44.19
N GLN C 1211 54.81 77.70 -44.36
CA GLN C 1211 54.36 77.02 -45.57
C GLN C 1211 52.85 77.08 -45.80
N THR C 1212 52.09 76.94 -44.71
CA THR C 1212 50.64 76.74 -44.70
C THR C 1212 49.80 77.22 -45.89
N PHE C 1213 48.88 78.14 -45.61
CA PHE C 1213 47.97 78.62 -46.66
C PHE C 1213 47.28 77.50 -47.43
N TYR C 1214 47.41 77.55 -48.75
CA TYR C 1214 46.62 76.76 -49.69
C TYR C 1214 45.58 77.68 -50.33
N THR C 1215 45.83 78.06 -51.57
CA THR C 1215 44.96 78.99 -52.29
C THR C 1215 43.69 78.34 -52.84
N ASN C 1216 42.61 79.12 -52.91
CA ASN C 1216 41.38 78.61 -53.51
C ASN C 1216 41.45 78.43 -55.02
N GLY C 1217 41.93 79.47 -55.70
CA GLY C 1217 42.11 79.45 -57.14
C GLY C 1217 43.22 78.56 -57.66
N THR C 1218 44.36 78.64 -56.99
CA THR C 1218 45.59 77.99 -57.43
C THR C 1218 46.20 78.83 -58.55
N ASN C 1219 47.36 78.40 -59.04
CA ASN C 1219 47.93 78.96 -60.27
C ASN C 1219 48.11 80.48 -60.31
N LEU C 1220 48.57 81.07 -59.22
CA LEU C 1220 48.89 82.50 -59.23
C LEU C 1220 50.05 82.74 -60.20
N LYS C 1221 49.95 83.80 -60.98
CA LYS C 1221 51.03 84.15 -61.91
C LYS C 1221 51.68 85.50 -61.64
N LYS C 1222 51.36 86.16 -60.54
CA LYS C 1222 51.96 87.49 -60.30
C LYS C 1222 52.33 87.73 -58.84
N ILE C 1223 53.35 88.55 -58.59
CA ILE C 1223 53.64 88.85 -57.23
C ILE C 1223 53.64 90.38 -56.99
N HIS C 1224 52.87 90.79 -55.99
CA HIS C 1224 52.85 92.17 -55.55
C HIS C 1224 53.22 92.26 -54.07
N VAL C 1225 54.15 93.14 -53.76
CA VAL C 1225 54.57 93.35 -52.36
C VAL C 1225 54.56 94.82 -51.98
N SER C 1226 54.00 95.14 -50.82
CA SER C 1226 54.02 96.52 -50.34
C SER C 1226 55.42 96.89 -49.86
N PRO C 1227 55.81 98.14 -50.05
CA PRO C 1227 57.14 98.61 -49.63
C PRO C 1227 57.45 98.05 -48.25
N ASP C 1228 56.46 98.15 -47.37
CA ASP C 1228 56.53 97.57 -46.03
C ASP C 1228 56.70 96.05 -46.16
N PHE C 1229 56.04 95.47 -47.15
CA PHE C 1229 56.07 94.03 -47.34
C PHE C 1229 55.03 93.32 -46.46
N LYS C 1230 54.24 94.12 -45.75
CA LYS C 1230 53.20 93.58 -44.86
C LYS C 1230 52.11 92.81 -45.60
N THR C 1231 51.65 93.31 -46.74
CA THR C 1231 50.52 92.71 -47.47
C THR C 1231 50.82 92.35 -48.92
N TYR C 1232 50.56 91.12 -49.25
CA TYR C 1232 50.55 90.64 -50.62
C TYR C 1232 49.21 89.94 -50.84
N VAL C 1233 48.52 90.30 -51.90
CA VAL C 1233 47.25 89.65 -52.24
C VAL C 1233 47.44 88.99 -53.59
N THR C 1234 47.04 87.73 -53.72
CA THR C 1234 47.17 87.02 -54.99
C THR C 1234 45.78 86.73 -55.54
N VAL C 1235 45.60 86.94 -56.85
CA VAL C 1235 44.46 86.37 -57.54
C VAL C 1235 45.00 85.30 -58.50
N ASP C 1236 44.60 84.05 -58.28
CA ASP C 1236 45.06 82.94 -59.11
C ASP C 1236 43.91 82.13 -59.71
N ASN C 1237 44.01 81.85 -61.01
CA ASN C 1237 43.07 80.97 -61.67
C ASN C 1237 41.68 81.60 -61.75
N LEU C 1238 41.62 82.90 -61.48
CA LEU C 1238 40.36 83.62 -61.50
C LEU C 1238 39.52 83.25 -60.29
N GLY C 1239 40.15 82.59 -59.32
CA GLY C 1239 39.44 82.18 -58.12
C GLY C 1239 38.86 83.42 -57.50
N ILE C 1240 39.66 84.48 -57.53
CA ILE C 1240 39.32 85.82 -57.02
C ILE C 1240 40.63 86.45 -56.58
N LEU C 1241 40.57 87.67 -56.06
CA LEU C 1241 41.78 88.27 -55.48
C LEU C 1241 41.75 88.03 -53.96
N TYR C 1242 42.85 87.55 -53.36
CA TYR C 1242 42.91 87.31 -51.90
C TYR C 1242 43.92 88.31 -51.28
N ILE C 1243 43.55 89.01 -50.20
CA ILE C 1243 44.46 89.98 -49.55
C ILE C 1243 44.90 89.43 -48.18
N LEU C 1244 46.20 89.53 -47.87
CA LEU C 1244 46.73 89.09 -46.59
C LEU C 1244 47.28 90.25 -45.75
N GLN C 1245 46.88 90.31 -44.48
CA GLN C 1245 47.33 91.36 -43.58
C GLN C 1245 47.66 90.80 -42.21
N THR C 1246 48.83 90.17 -42.08
CA THR C 1246 49.26 89.59 -40.81
C THR C 1246 49.01 90.55 -39.65
N LEU C 1247 48.68 89.98 -38.49
CA LEU C 1247 48.41 90.78 -37.30
C LEU C 1247 49.58 90.72 -36.33
N GLU C 1248 49.28 90.88 -35.03
CA GLU C 1248 50.30 90.84 -34.00
C GLU C 1248 50.57 89.42 -33.53
N GLY D 2 62.51 55.24 -83.57
CA GLY D 2 61.13 54.71 -83.59
C GLY D 2 60.63 54.08 -84.85
N ASP D 3 59.59 53.28 -84.69
CA ASP D 3 58.82 52.75 -85.80
C ASP D 3 57.83 53.79 -86.37
N VAL D 4 58.23 54.36 -87.51
CA VAL D 4 57.47 55.44 -88.16
C VAL D 4 56.04 55.00 -88.52
N GLU D 5 55.91 53.75 -88.96
CA GLU D 5 54.62 53.23 -89.35
C GLU D 5 53.67 53.16 -88.15
N LYS D 6 54.16 52.69 -87.00
CA LYS D 6 53.34 52.65 -85.78
C LYS D 6 53.05 54.06 -85.30
N GLY D 7 54.10 54.91 -85.39
CA GLY D 7 53.94 56.33 -85.05
C GLY D 7 52.79 56.97 -85.84
N LYS D 8 52.72 56.66 -87.13
CA LYS D 8 51.65 57.14 -87.99
C LYS D 8 50.29 56.68 -87.45
N LYS D 9 50.20 55.39 -87.12
CA LYS D 9 48.96 54.85 -86.56
C LYS D 9 48.56 55.64 -85.32
N ILE D 10 49.54 55.84 -84.44
CA ILE D 10 49.26 56.58 -83.20
C ILE D 10 48.79 58.01 -83.55
N PHE D 11 49.46 58.66 -84.49
CA PHE D 11 49.04 59.99 -84.89
C PHE D 11 47.60 60.03 -85.40
N VAL D 12 47.28 59.05 -86.28
CA VAL D 12 45.97 58.94 -86.86
C VAL D 12 44.94 58.72 -85.76
N GLN D 13 45.24 57.80 -84.85
CA GLN D 13 44.36 57.49 -83.71
C GLN D 13 44.15 58.58 -82.64
N LYS D 14 45.23 59.27 -82.28
CA LYS D 14 45.26 60.09 -81.12
C LYS D 14 45.53 61.60 -81.37
N CYS D 15 45.97 61.99 -82.56
CA CYS D 15 46.32 63.40 -82.80
C CYS D 15 45.59 64.05 -83.97
N ALA D 16 45.21 63.23 -84.95
CA ALA D 16 44.65 63.73 -86.20
C ALA D 16 43.32 64.43 -86.04
N GLN D 17 42.55 64.02 -85.04
CA GLN D 17 41.29 64.68 -84.78
C GLN D 17 41.44 66.16 -84.38
N CYS D 18 42.62 66.58 -83.91
CA CYS D 18 42.84 67.99 -83.62
C CYS D 18 44.05 68.62 -84.38
N HIS D 19 44.82 67.85 -85.13
CA HIS D 19 45.99 68.46 -85.78
C HIS D 19 46.39 67.85 -87.11
N THR D 20 46.75 68.71 -88.06
CA THR D 20 47.36 68.26 -89.33
C THR D 20 48.89 68.36 -89.24
N VAL D 21 49.58 67.58 -90.07
CA VAL D 21 51.04 67.61 -90.15
C VAL D 21 51.55 68.07 -91.51
N GLU D 22 50.68 68.08 -92.52
CA GLU D 22 51.07 68.45 -93.89
C GLU D 22 51.19 69.96 -94.03
N LYS D 23 52.10 70.34 -94.92
CA LYS D 23 52.33 71.71 -95.29
C LYS D 23 51.09 72.35 -95.80
N GLY D 24 50.78 73.52 -95.27
CA GLY D 24 49.54 74.19 -95.59
C GLY D 24 48.27 73.48 -95.12
N GLY D 25 48.40 72.36 -94.39
CA GLY D 25 47.25 71.72 -93.75
C GLY D 25 46.57 72.73 -92.82
N LYS D 26 45.25 72.65 -92.75
CA LYS D 26 44.44 73.66 -92.04
C LYS D 26 44.60 73.54 -90.54
N HIS D 27 44.40 74.65 -89.85
CA HIS D 27 44.33 74.57 -88.39
C HIS D 27 42.97 73.91 -88.09
N LYS D 28 42.99 72.92 -87.22
CA LYS D 28 41.79 72.33 -86.72
C LYS D 28 41.66 72.86 -85.28
N THR D 29 41.18 72.05 -84.32
CA THR D 29 41.15 72.50 -82.93
C THR D 29 42.54 72.93 -82.47
N GLY D 30 43.54 72.16 -82.86
CA GLY D 30 44.94 72.50 -82.62
C GLY D 30 45.67 73.01 -83.84
N PRO D 31 46.82 73.61 -83.64
CA PRO D 31 47.66 74.14 -84.70
C PRO D 31 48.25 73.09 -85.62
N ASN D 32 48.48 73.49 -86.86
CA ASN D 32 49.19 72.64 -87.83
C ASN D 32 50.58 72.41 -87.27
N LEU D 33 51.05 71.17 -87.36
CA LEU D 33 52.33 70.79 -86.82
C LEU D 33 53.45 70.76 -87.84
N HIS D 34 53.20 71.14 -89.08
CA HIS D 34 54.30 71.17 -90.06
C HIS D 34 55.38 72.17 -89.60
N GLY D 35 56.63 71.73 -89.67
CA GLY D 35 57.77 72.55 -89.23
C GLY D 35 57.95 72.62 -87.73
N LEU D 36 57.33 71.70 -86.99
CA LEU D 36 57.34 71.73 -85.54
C LEU D 36 58.76 71.64 -84.92
N PHE D 37 59.57 70.77 -85.46
CA PHE D 37 60.87 70.48 -84.86
C PHE D 37 61.82 71.64 -85.04
N GLY D 38 62.43 72.06 -83.94
CA GLY D 38 63.36 73.20 -83.94
C GLY D 38 62.61 74.53 -83.85
N ARG D 39 61.31 74.49 -83.58
CA ARG D 39 60.54 75.72 -83.48
C ARG D 39 60.16 75.94 -82.03
N LYS D 40 60.12 77.20 -81.62
CA LYS D 40 59.69 77.55 -80.26
C LYS D 40 58.19 77.37 -80.05
N THR D 41 57.77 77.04 -78.82
CA THR D 41 56.36 76.95 -78.51
C THR D 41 55.56 78.17 -78.96
N GLY D 42 54.34 77.93 -79.43
CA GLY D 42 53.39 79.02 -79.67
C GLY D 42 53.64 79.86 -80.89
N GLN D 43 54.25 79.29 -81.92
CA GLN D 43 54.65 80.10 -83.07
C GLN D 43 53.94 79.83 -84.38
N ALA D 44 53.06 78.84 -84.48
CA ALA D 44 52.37 78.60 -85.75
C ALA D 44 51.64 79.92 -86.07
N PRO D 45 52.01 80.62 -87.17
CA PRO D 45 51.28 81.84 -87.45
C PRO D 45 49.87 81.43 -87.80
N GLY D 46 48.92 82.26 -87.43
CA GLY D 46 47.52 81.94 -87.73
C GLY D 46 46.81 81.03 -86.74
N PHE D 47 47.51 80.55 -85.71
CA PHE D 47 46.85 79.91 -84.58
C PHE D 47 46.88 80.77 -83.31
N THR D 48 45.74 80.82 -82.63
CA THR D 48 45.57 81.56 -81.39
C THR D 48 45.78 80.62 -80.25
N TYR D 49 46.94 80.75 -79.59
CA TYR D 49 47.31 79.88 -78.50
C TYR D 49 46.82 80.45 -77.18
N THR D 50 46.80 79.63 -76.13
CA THR D 50 46.76 80.18 -74.79
C THR D 50 48.08 80.92 -74.51
N ASP D 51 48.04 81.84 -73.57
CA ASP D 51 49.22 82.47 -73.05
C ASP D 51 50.22 81.47 -72.49
N ALA D 52 49.73 80.42 -71.84
CA ALA D 52 50.63 79.39 -71.33
C ALA D 52 51.49 78.75 -72.46
N ASN D 53 50.81 78.27 -73.50
CA ASN D 53 51.50 77.65 -74.64
C ASN D 53 52.34 78.69 -75.35
N LYS D 54 51.80 79.90 -75.47
CA LYS D 54 52.48 81.00 -76.14
C LYS D 54 53.75 81.45 -75.42
N ASN D 55 53.82 81.26 -74.11
CA ASN D 55 54.97 81.72 -73.34
C ASN D 55 55.75 80.62 -72.65
N LYS D 56 55.48 79.34 -72.94
CA LYS D 56 56.27 78.25 -72.36
C LYS D 56 57.78 78.44 -72.59
N GLY D 57 58.16 78.98 -73.74
CA GLY D 57 59.53 79.35 -73.98
C GLY D 57 60.50 78.20 -74.21
N ILE D 58 60.03 77.07 -74.74
CA ILE D 58 60.92 75.97 -75.10
C ILE D 58 60.91 75.72 -76.61
N THR D 59 61.91 74.96 -77.05
CA THR D 59 62.04 74.56 -78.45
C THR D 59 61.56 73.14 -78.58
N TRP D 60 60.65 72.91 -79.54
CA TRP D 60 60.14 71.56 -79.77
C TRP D 60 61.24 70.72 -80.39
N LYS D 61 61.52 69.57 -79.79
CA LYS D 61 62.49 68.63 -80.31
C LYS D 61 62.17 67.35 -79.56
N GLU D 62 62.96 66.34 -79.80
CA GLU D 62 62.64 65.02 -79.26
C GLU D 62 62.53 64.99 -77.75
N GLU D 63 63.50 65.61 -77.07
CA GLU D 63 63.56 65.62 -75.60
C GLU D 63 62.31 66.31 -75.07
N THR D 64 62.01 67.50 -75.58
CA THR D 64 60.86 68.26 -75.09
C THR D 64 59.53 67.57 -75.43
N LEU D 65 59.44 67.02 -76.63
CA LEU D 65 58.25 66.24 -77.02
C LEU D 65 58.04 64.99 -76.16
N MET D 66 59.13 64.27 -75.85
CA MET D 66 59.07 63.08 -75.01
C MET D 66 58.44 63.42 -73.67
N GLU D 67 58.86 64.55 -73.09
CA GLU D 67 58.30 65.00 -71.80
C GLU D 67 56.86 65.53 -71.95
N TYR D 68 56.64 66.44 -72.91
CA TYR D 68 55.27 66.94 -73.17
C TYR D 68 54.22 65.86 -73.35
N LEU D 69 54.52 64.95 -74.28
CA LEU D 69 53.55 63.93 -74.68
C LEU D 69 53.23 62.90 -73.58
N GLU D 70 54.10 62.78 -72.61
CA GLU D 70 53.82 61.98 -71.43
C GLU D 70 52.71 62.64 -70.62
N ASN D 71 52.69 63.96 -70.56
CA ASN D 71 51.65 64.63 -69.78
C ASN D 71 51.60 66.11 -70.11
N PRO D 72 50.87 66.46 -71.18
CA PRO D 72 50.80 67.84 -71.62
C PRO D 72 50.48 68.87 -70.53
N LYS D 73 49.47 68.60 -69.70
CA LYS D 73 49.05 69.59 -68.71
C LYS D 73 50.15 69.95 -67.72
N LYS D 74 50.89 68.92 -67.29
CA LYS D 74 52.00 69.06 -66.40
C LYS D 74 53.13 69.90 -67.04
N TYR D 75 53.42 69.66 -68.33
CA TYR D 75 54.47 70.42 -69.02
C TYR D 75 54.03 71.85 -69.37
N ILE D 76 52.77 72.04 -69.72
CA ILE D 76 52.23 73.39 -70.01
C ILE D 76 50.89 73.55 -69.30
N PRO D 77 50.96 73.82 -67.97
CA PRO D 77 49.77 73.99 -67.17
C PRO D 77 48.95 75.07 -67.78
N GLY D 78 47.65 74.83 -67.86
CA GLY D 78 46.74 75.77 -68.49
C GLY D 78 46.63 75.60 -70.00
N THR D 79 47.38 74.69 -70.64
CA THR D 79 47.11 74.45 -72.05
C THR D 79 45.63 74.11 -72.32
N LYS D 80 45.10 74.56 -73.45
CA LYS D 80 43.72 74.11 -73.83
C LYS D 80 43.72 72.82 -74.67
N MET D 81 44.88 72.24 -74.89
CA MET D 81 44.95 70.93 -75.53
C MET D 81 44.45 69.87 -74.55
N ILE D 82 43.43 69.11 -74.94
CA ILE D 82 42.94 67.98 -74.15
C ILE D 82 43.65 66.70 -74.63
N PHE D 83 44.54 66.17 -73.78
CA PHE D 83 45.20 64.92 -74.05
C PHE D 83 45.77 64.39 -72.75
N ALA D 84 45.40 63.17 -72.36
CA ALA D 84 45.90 62.63 -71.07
C ALA D 84 47.43 62.48 -71.09
N GLY D 85 47.90 61.84 -72.15
CA GLY D 85 49.34 61.57 -72.33
C GLY D 85 49.56 60.13 -72.73
N ILE D 86 50.70 59.87 -73.38
CA ILE D 86 51.08 58.55 -73.81
C ILE D 86 52.06 58.03 -72.74
N LYS D 87 51.60 57.06 -71.96
CA LYS D 87 52.37 56.62 -70.79
C LYS D 87 53.54 55.73 -71.24
N LYS D 88 53.38 54.92 -72.28
CA LYS D 88 54.46 54.03 -72.75
C LYS D 88 55.52 54.76 -73.57
N LYS D 89 56.79 54.63 -73.18
CA LYS D 89 57.89 55.30 -73.87
C LYS D 89 58.00 54.86 -75.33
N THR D 90 57.86 53.57 -75.59
CA THR D 90 58.01 53.03 -76.95
C THR D 90 57.08 53.74 -77.96
N GLU D 91 55.80 53.82 -77.57
CA GLU D 91 54.78 54.50 -78.35
C GLU D 91 55.12 56.00 -78.55
N ARG D 92 55.58 56.65 -77.49
CA ARG D 92 56.06 58.04 -77.59
C ARG D 92 57.18 58.19 -78.59
N GLU D 93 58.15 57.28 -78.50
CA GLU D 93 59.27 57.30 -79.47
C GLU D 93 58.78 57.08 -80.88
N ASP D 94 57.85 56.12 -81.06
CA ASP D 94 57.29 55.86 -82.39
C ASP D 94 56.57 57.09 -82.97
N LEU D 95 55.70 57.68 -82.16
CA LEU D 95 54.95 58.86 -82.57
C LEU D 95 55.90 59.99 -82.90
N ILE D 96 56.88 60.20 -82.02
CA ILE D 96 57.85 61.29 -82.24
C ILE D 96 58.66 61.06 -83.52
N ALA D 97 59.08 59.80 -83.75
CA ALA D 97 59.76 59.48 -84.99
C ALA D 97 58.85 59.73 -86.20
N TYR D 98 57.57 59.33 -86.10
CA TYR D 98 56.67 59.63 -87.22
C TYR D 98 56.57 61.17 -87.46
N LEU D 99 56.34 61.94 -86.38
CA LEU D 99 56.19 63.41 -86.52
C LEU D 99 57.45 64.05 -87.09
N LYS D 100 58.61 63.55 -86.66
CA LYS D 100 59.85 64.07 -87.20
C LYS D 100 59.91 63.93 -88.72
N LYS D 101 59.44 62.80 -89.24
CA LYS D 101 59.41 62.62 -90.68
C LYS D 101 58.33 63.47 -91.31
N ALA D 102 57.10 63.31 -90.83
CA ALA D 102 55.98 63.89 -91.56
C ALA D 102 55.98 65.43 -91.50
N THR D 103 56.38 66.00 -90.37
CA THR D 103 56.32 67.46 -90.23
C THR D 103 57.41 68.19 -90.98
N ASN D 104 58.34 67.47 -91.60
CA ASN D 104 59.31 68.11 -92.48
C ASN D 104 58.88 67.90 -93.93
N GLU D 105 58.59 66.65 -94.26
CA GLU D 105 58.16 66.29 -95.61
C GLU D 105 57.51 67.48 -96.31
N GLY E 105 47.77 -2.05 -31.90
CA GLY E 105 46.81 -2.45 -32.89
C GLY E 105 45.65 -3.22 -32.31
N ILE E 106 44.55 -2.53 -32.04
CA ILE E 106 43.34 -3.17 -31.53
C ILE E 106 42.76 -4.13 -32.56
N THR E 107 42.45 -5.36 -32.13
CA THR E 107 41.70 -6.26 -32.99
C THR E 107 40.27 -5.79 -33.01
N SER E 108 39.54 -6.10 -34.08
CA SER E 108 38.13 -5.74 -34.14
C SER E 108 37.41 -6.43 -32.99
N TYR E 109 37.79 -7.68 -32.77
CA TYR E 109 37.17 -8.50 -31.73
C TYR E 109 37.36 -7.89 -30.35
N VAL E 110 38.56 -7.41 -30.08
CA VAL E 110 38.84 -6.83 -28.77
C VAL E 110 37.81 -5.79 -28.43
N ARG E 111 37.49 -4.92 -29.40
CA ARG E 111 36.52 -3.86 -29.19
C ARG E 111 35.14 -4.44 -28.89
N THR E 112 34.82 -5.56 -29.52
CA THR E 112 33.53 -6.21 -29.32
C THR E 112 33.41 -6.74 -27.91
N VAL E 113 34.47 -7.36 -27.39
CA VAL E 113 34.43 -7.81 -25.99
C VAL E 113 34.37 -6.61 -25.04
N LEU E 114 35.17 -5.62 -25.35
CA LEU E 114 35.29 -4.43 -24.53
C LEU E 114 33.98 -3.67 -24.47
N CYS E 115 33.26 -3.61 -25.57
CA CYS E 115 32.00 -2.90 -25.58
C CYS E 115 31.03 -3.56 -24.61
N GLU E 116 31.02 -4.89 -24.62
CA GLU E 116 30.14 -5.63 -23.73
C GLU E 116 30.55 -5.37 -22.29
N GLY E 117 31.84 -5.31 -22.07
CA GLY E 117 32.36 -5.03 -20.74
C GLY E 117 31.95 -3.66 -20.24
N GLY E 118 31.95 -2.68 -21.12
CA GLY E 118 31.59 -1.33 -20.74
C GLY E 118 32.69 -0.39 -20.29
N VAL E 119 33.94 -0.83 -20.32
CA VAL E 119 35.06 0.07 -20.09
C VAL E 119 35.00 1.24 -21.04
N PRO E 120 35.32 2.44 -20.54
CA PRO E 120 35.38 3.60 -21.42
C PRO E 120 36.45 3.44 -22.48
N GLN E 121 36.22 3.98 -23.67
CA GLN E 121 37.25 4.03 -24.70
C GLN E 121 38.27 5.11 -24.32
N ARG E 122 39.54 4.84 -24.59
CA ARG E 122 40.61 5.77 -24.21
C ARG E 122 40.41 7.13 -24.86
N PRO E 123 40.78 8.19 -24.15
CA PRO E 123 40.63 9.54 -24.69
C PRO E 123 41.42 9.65 -25.99
N VAL E 124 40.89 10.41 -26.94
CA VAL E 124 41.51 10.50 -28.26
C VAL E 124 42.92 11.08 -28.12
N VAL E 125 43.12 11.97 -27.15
CA VAL E 125 44.45 12.54 -26.95
C VAL E 125 45.23 11.81 -25.85
N PHE E 126 45.77 10.63 -26.15
CA PHE E 126 46.49 9.86 -25.14
C PHE E 126 47.91 9.51 -25.56
N VAL E 127 48.74 9.07 -24.61
CA VAL E 127 50.10 8.68 -24.93
C VAL E 127 50.53 7.49 -24.10
N THR E 128 50.62 6.33 -24.76
CA THR E 128 50.95 5.08 -24.09
C THR E 128 52.02 5.22 -23.03
N ARG E 129 51.99 4.37 -22.03
CA ARG E 129 53.05 4.35 -21.04
C ARG E 129 53.47 2.92 -21.10
N LYS E 130 54.32 2.59 -22.05
CA LYS E 130 54.51 1.21 -22.38
C LYS E 130 55.01 0.45 -21.17
N LYS E 131 55.98 1.01 -20.46
CA LYS E 131 56.57 0.25 -19.37
C LYS E 131 55.52 -0.05 -18.32
N LEU E 132 54.75 0.97 -17.95
CA LEU E 132 53.76 0.77 -16.91
C LEU E 132 52.68 -0.21 -17.34
N VAL E 133 52.20 -0.07 -18.56
CA VAL E 133 51.12 -0.91 -19.01
C VAL E 133 51.61 -2.33 -19.01
N ASN E 134 52.84 -2.48 -19.45
CA ASN E 134 53.46 -3.79 -19.55
C ASN E 134 53.57 -4.41 -18.18
N ALA E 135 53.92 -3.59 -17.19
CA ALA E 135 54.10 -4.15 -15.88
C ALA E 135 52.78 -4.64 -15.35
N ILE E 136 51.73 -3.81 -15.47
CA ILE E 136 50.46 -4.23 -14.89
C ILE E 136 50.03 -5.51 -15.58
N GLN E 137 50.15 -5.50 -16.90
CA GLN E 137 49.66 -6.62 -17.72
C GLN E 137 50.38 -7.92 -17.40
N GLN E 138 51.70 -7.83 -17.18
CA GLN E 138 52.48 -9.03 -16.91
C GLN E 138 52.11 -9.52 -15.52
N LYS E 139 52.01 -8.57 -14.60
CA LYS E 139 51.57 -8.87 -13.26
C LYS E 139 50.13 -9.33 -13.33
N LEU E 140 49.36 -8.65 -14.16
CA LEU E 140 47.94 -8.94 -14.18
C LEU E 140 47.80 -10.37 -14.65
N SER E 141 48.74 -10.80 -15.46
CA SER E 141 48.79 -12.15 -15.99
C SER E 141 49.01 -13.17 -14.88
N LYS E 142 49.62 -12.70 -13.80
CA LYS E 142 50.19 -13.56 -12.76
C LYS E 142 49.18 -14.44 -12.07
N LEU E 143 48.00 -13.90 -11.76
CA LEU E 143 46.99 -14.70 -11.12
C LEU E 143 46.27 -15.45 -12.23
N LYS E 144 46.98 -16.40 -12.82
CA LYS E 144 46.45 -17.14 -13.96
C LYS E 144 45.11 -17.79 -13.60
N GLY E 145 44.98 -18.20 -12.34
CA GLY E 145 43.76 -18.82 -11.87
C GLY E 145 43.64 -18.61 -10.37
N GLU E 146 42.50 -19.00 -9.82
CA GLU E 146 42.26 -18.82 -8.39
C GLU E 146 42.17 -17.33 -8.07
N PRO E 147 41.26 -16.99 -7.16
CA PRO E 147 41.02 -15.59 -6.78
C PRO E 147 42.29 -14.74 -6.83
N GLY E 148 42.16 -13.46 -6.50
CA GLY E 148 43.29 -12.55 -6.51
C GLY E 148 42.88 -11.11 -6.75
N TRP E 149 43.55 -10.19 -6.04
CA TRP E 149 43.25 -8.77 -6.17
C TRP E 149 44.49 -7.97 -6.54
N VAL E 150 44.31 -6.97 -7.38
CA VAL E 150 45.42 -6.10 -7.81
C VAL E 150 44.99 -4.70 -7.42
N THR E 151 45.86 -3.89 -6.81
CA THR E 151 45.53 -2.52 -6.38
C THR E 151 46.45 -1.62 -7.22
N ILE E 152 45.97 -0.51 -7.75
CA ILE E 152 46.86 0.41 -8.46
C ILE E 152 46.70 1.78 -7.79
N HIS E 153 47.73 2.51 -7.40
CA HIS E 153 47.48 3.84 -6.77
C HIS E 153 48.44 5.00 -6.98
N GLY E 154 47.91 6.21 -6.84
CA GLY E 154 48.68 7.40 -7.11
C GLY E 154 48.00 8.62 -6.52
N MET E 155 48.73 9.72 -6.45
CA MET E 155 48.13 10.97 -6.01
C MET E 155 47.18 11.32 -7.12
N ALA E 156 46.20 12.18 -6.84
CA ALA E 156 45.10 12.36 -7.75
C ALA E 156 45.54 12.78 -9.14
N GLY E 157 44.96 12.12 -10.12
CA GLY E 157 45.20 12.36 -11.53
C GLY E 157 46.57 11.93 -11.97
N CYS E 158 46.85 10.63 -11.81
CA CYS E 158 48.14 10.07 -12.20
C CYS E 158 48.05 9.14 -13.40
N GLY E 159 46.90 9.14 -14.06
CA GLY E 159 46.65 8.22 -15.14
C GLY E 159 46.20 6.86 -14.66
N LYS E 160 45.69 6.82 -13.44
CA LYS E 160 45.33 5.56 -12.82
C LYS E 160 44.24 4.79 -13.56
N SER E 161 43.14 5.42 -13.94
CA SER E 161 42.11 4.71 -14.71
C SER E 161 42.53 4.35 -16.11
N VAL E 162 43.16 5.30 -16.77
CA VAL E 162 43.44 5.13 -18.18
C VAL E 162 44.33 3.93 -18.33
N LEU E 163 45.27 3.76 -17.40
CA LEU E 163 46.13 2.60 -17.46
C LEU E 163 45.28 1.35 -17.33
N ALA E 164 44.31 1.37 -16.44
CA ALA E 164 43.50 0.18 -16.24
C ALA E 164 42.77 -0.11 -17.53
N ALA E 165 42.23 0.92 -18.15
CA ALA E 165 41.54 0.74 -19.42
C ALA E 165 42.52 0.29 -20.48
N GLU E 166 43.69 0.93 -20.50
CA GLU E 166 44.74 0.63 -21.47
C GLU E 166 45.33 -0.78 -21.36
N ALA E 167 45.57 -1.24 -20.14
CA ALA E 167 46.15 -2.55 -19.92
C ALA E 167 45.31 -3.63 -20.57
N VAL E 168 44.00 -3.54 -20.40
CA VAL E 168 43.11 -4.55 -20.91
C VAL E 168 42.85 -4.30 -22.40
N ARG E 169 43.27 -3.13 -22.86
CA ARG E 169 43.00 -2.70 -24.23
C ARG E 169 43.59 -3.64 -25.27
N ASP E 170 44.75 -4.21 -24.91
CA ASP E 170 45.48 -5.20 -25.70
C ASP E 170 44.83 -6.58 -25.81
N HIS E 171 44.95 -7.18 -26.99
CA HIS E 171 44.51 -8.56 -27.26
C HIS E 171 45.25 -9.72 -26.58
N SER E 172 46.58 -9.67 -26.52
CA SER E 172 47.35 -10.85 -26.13
C SER E 172 47.06 -11.34 -24.71
N LEU E 173 47.22 -10.45 -23.75
CA LEU E 173 47.01 -10.79 -22.37
C LEU E 173 45.56 -11.16 -22.16
N LEU E 174 44.66 -10.35 -22.71
CA LEU E 174 43.24 -10.60 -22.52
C LEU E 174 42.71 -11.86 -23.19
N GLU E 175 43.06 -12.05 -24.46
CA GLU E 175 42.43 -13.14 -25.20
C GLU E 175 42.82 -14.54 -24.78
N GLY E 176 44.12 -14.79 -24.67
CA GLY E 176 44.56 -16.11 -24.25
C GLY E 176 44.24 -16.38 -22.80
N CYS E 177 44.54 -15.38 -21.98
CA CYS E 177 44.33 -15.44 -20.54
C CYS E 177 42.89 -15.47 -20.09
N PHE E 178 42.04 -14.68 -20.74
CA PHE E 178 40.75 -14.34 -20.14
C PHE E 178 39.54 -14.73 -21.00
N PRO E 179 39.24 -16.02 -21.08
CA PRO E 179 38.07 -16.48 -21.82
C PRO E 179 36.81 -15.76 -21.33
N GLY E 180 36.77 -15.45 -20.05
CA GLY E 180 35.66 -14.67 -19.52
C GLY E 180 35.78 -13.23 -19.97
N GLY E 181 34.65 -12.55 -20.07
CA GLY E 181 34.64 -11.20 -20.60
C GLY E 181 35.15 -10.35 -19.46
N VAL E 182 35.37 -9.07 -19.67
CA VAL E 182 35.80 -8.12 -18.63
C VAL E 182 34.61 -7.26 -18.22
N HIS E 183 34.39 -7.06 -16.93
CA HIS E 183 33.28 -6.20 -16.51
C HIS E 183 33.88 -5.07 -15.71
N TRP E 184 33.43 -3.85 -15.94
CA TRP E 184 34.02 -2.67 -15.30
C TRP E 184 32.93 -2.18 -14.38
N VAL E 185 33.25 -1.81 -13.15
CA VAL E 185 32.25 -1.18 -12.31
C VAL E 185 32.76 0.13 -11.80
N SER E 186 31.97 1.19 -11.92
CA SER E 186 32.41 2.48 -11.39
C SER E 186 31.92 2.72 -9.96
N VAL E 187 32.67 2.26 -8.97
CA VAL E 187 32.21 2.35 -7.59
C VAL E 187 32.03 3.75 -7.00
N GLY E 188 32.94 4.66 -7.28
CA GLY E 188 32.84 6.00 -6.71
C GLY E 188 32.97 5.97 -5.19
N LYS E 189 32.29 6.90 -4.52
CA LYS E 189 32.29 6.98 -3.06
C LYS E 189 30.85 6.74 -2.59
N GLN E 190 30.64 5.88 -1.59
CA GLN E 190 29.24 5.52 -1.33
C GLN E 190 28.87 5.33 0.14
N ASP E 191 27.69 5.84 0.50
CA ASP E 191 26.98 5.54 1.73
C ASP E 191 26.44 4.14 1.51
N LYS E 192 26.02 3.50 2.59
CA LYS E 192 25.66 2.08 2.53
C LYS E 192 24.54 1.85 1.53
N SER E 193 23.57 2.77 1.51
CA SER E 193 22.43 2.63 0.63
C SER E 193 22.84 2.73 -0.83
N GLY E 194 23.72 3.68 -1.13
CA GLY E 194 24.15 3.91 -2.49
C GLY E 194 24.86 2.69 -3.04
N LEU E 195 25.67 2.08 -2.20
CA LEU E 195 26.46 0.94 -2.60
C LEU E 195 25.52 -0.16 -3.02
N LEU E 196 24.39 -0.25 -2.34
CA LEU E 196 23.50 -1.35 -2.57
C LEU E 196 23.04 -1.37 -4.03
N MET E 197 22.72 -0.20 -4.57
CA MET E 197 22.19 -0.13 -5.92
C MET E 197 23.18 -0.63 -6.96
N LYS E 198 24.45 -0.30 -6.77
CA LYS E 198 25.46 -0.65 -7.76
C LYS E 198 25.44 -2.16 -7.88
N LEU E 199 25.26 -2.83 -6.76
CA LEU E 199 25.28 -4.27 -6.76
C LEU E 199 24.14 -4.84 -7.59
N GLN E 200 22.95 -4.31 -7.40
CA GLN E 200 21.81 -4.78 -8.15
C GLN E 200 22.08 -4.51 -9.62
N ASN E 201 22.63 -3.34 -9.93
CA ASN E 201 22.89 -2.99 -11.30
C ASN E 201 23.89 -3.93 -11.94
N LEU E 202 24.89 -4.35 -11.18
CA LEU E 202 25.84 -5.33 -11.68
C LEU E 202 25.15 -6.67 -11.86
N CYS E 203 24.16 -6.93 -11.03
CA CYS E 203 23.37 -8.14 -11.14
C CYS E 203 22.63 -8.17 -12.47
N THR E 204 21.94 -7.07 -12.75
CA THR E 204 21.19 -6.95 -13.99
C THR E 204 22.13 -7.00 -15.18
N ARG E 205 23.29 -6.37 -15.06
CA ARG E 205 24.22 -6.37 -16.18
C ARG E 205 24.74 -7.75 -16.52
N LEU E 206 25.18 -8.47 -15.50
CA LEU E 206 25.78 -9.79 -15.68
C LEU E 206 24.82 -10.85 -16.20
N ASP E 207 23.60 -10.84 -15.66
CA ASP E 207 22.57 -11.77 -16.08
C ASP E 207 21.79 -11.24 -17.28
N GLN E 208 22.40 -11.30 -18.46
CA GLN E 208 21.73 -10.85 -19.67
C GLN E 208 20.58 -11.77 -20.06
N ASP E 209 20.74 -13.08 -19.79
CA ASP E 209 19.75 -14.08 -20.12
C ASP E 209 18.47 -13.87 -19.33
N GLU E 210 18.62 -13.50 -18.06
CA GLU E 210 17.48 -13.30 -17.18
C GLU E 210 16.96 -14.60 -16.58
N SER E 211 17.69 -15.69 -16.81
CA SER E 211 17.29 -16.99 -16.30
C SER E 211 17.14 -16.91 -14.78
N PHE E 212 18.06 -16.19 -14.15
CA PHE E 212 18.00 -15.98 -12.71
C PHE E 212 16.83 -15.08 -12.38
N SER E 213 16.35 -15.17 -11.15
CA SER E 213 15.14 -14.47 -10.72
C SER E 213 15.15 -13.00 -11.10
N GLN E 214 14.05 -12.54 -11.70
CA GLN E 214 13.92 -11.14 -12.04
C GLN E 214 13.95 -10.29 -10.79
N ARG E 215 13.45 -10.84 -9.69
CA ARG E 215 13.49 -10.14 -8.41
C ARG E 215 14.93 -9.87 -8.03
N LEU E 216 15.18 -8.71 -7.43
CA LEU E 216 16.52 -8.34 -7.05
C LEU E 216 16.65 -8.43 -5.54
N PRO E 217 17.84 -8.82 -5.06
CA PRO E 217 18.07 -8.92 -3.62
C PRO E 217 17.94 -7.57 -2.91
N LEU E 218 17.39 -7.59 -1.71
CA LEU E 218 17.34 -6.39 -0.88
C LEU E 218 18.51 -6.39 0.10
N ASN E 219 19.26 -7.48 0.09
CA ASN E 219 20.40 -7.68 1.00
C ASN E 219 21.74 -7.82 0.26
N ILE E 220 22.75 -7.12 0.76
CA ILE E 220 24.04 -7.03 0.09
C ILE E 220 24.63 -8.41 -0.15
N GLU E 221 24.59 -9.23 0.88
CA GLU E 221 25.18 -10.57 0.82
C GLU E 221 24.54 -11.41 -0.27
N GLU E 222 23.23 -11.29 -0.42
CA GLU E 222 22.50 -12.06 -1.42
C GLU E 222 23.03 -11.68 -2.80
N ALA E 223 23.33 -10.39 -2.96
CA ALA E 223 23.92 -9.90 -4.19
C ALA E 223 25.30 -10.48 -4.36
N LYS E 224 26.00 -10.65 -3.24
CA LYS E 224 27.32 -11.23 -3.24
C LYS E 224 27.23 -12.66 -3.75
N ASP E 225 26.15 -13.34 -3.37
CA ASP E 225 25.91 -14.71 -3.81
C ASP E 225 25.64 -14.75 -5.30
N ARG E 226 24.78 -13.85 -5.77
CA ARG E 226 24.47 -13.76 -7.19
C ARG E 226 25.72 -13.46 -8.02
N LEU E 227 26.66 -12.70 -7.44
CA LEU E 227 27.88 -12.36 -8.15
C LEU E 227 28.80 -13.55 -8.23
N ARG E 228 28.99 -14.19 -7.09
CA ARG E 228 29.90 -15.31 -6.96
C ARG E 228 29.45 -16.43 -7.86
N ILE E 229 28.15 -16.72 -7.79
CA ILE E 229 27.55 -17.81 -8.55
C ILE E 229 27.62 -17.52 -10.04
N LEU E 230 27.30 -16.27 -10.40
CA LEU E 230 27.36 -15.82 -11.78
C LEU E 230 28.79 -15.84 -12.33
N MET E 231 29.73 -15.40 -11.51
CA MET E 231 31.14 -15.45 -11.87
C MET E 231 31.60 -16.90 -11.99
N LEU E 232 31.12 -17.73 -11.07
CA LEU E 232 31.50 -19.13 -11.03
C LEU E 232 31.02 -19.95 -12.23
N ARG E 233 29.78 -19.75 -12.63
CA ARG E 233 29.20 -20.53 -13.72
C ARG E 233 28.98 -19.74 -14.99
N LYS E 234 28.27 -18.62 -14.87
CA LYS E 234 27.90 -17.82 -16.03
C LYS E 234 29.12 -17.22 -16.73
N HIS E 235 30.07 -16.73 -15.97
CA HIS E 235 31.25 -16.15 -16.62
C HIS E 235 32.54 -16.68 -16.04
N PRO E 236 32.96 -17.88 -16.39
CA PRO E 236 33.98 -18.57 -15.62
C PRO E 236 35.32 -17.84 -15.49
N ARG E 237 35.81 -17.24 -16.57
CA ARG E 237 37.11 -16.59 -16.56
C ARG E 237 37.00 -15.07 -16.68
N SER E 238 36.04 -14.50 -15.95
CA SER E 238 35.86 -13.06 -15.95
C SER E 238 36.78 -12.30 -14.99
N LEU E 239 37.16 -11.10 -15.39
CA LEU E 239 37.91 -10.16 -14.56
C LEU E 239 37.02 -8.94 -14.35
N LEU E 240 36.96 -8.44 -13.11
CA LEU E 240 36.16 -7.27 -12.73
C LEU E 240 37.16 -6.15 -12.43
N ILE E 241 36.93 -4.92 -12.90
CA ILE E 241 37.81 -3.78 -12.59
C ILE E 241 37.01 -2.78 -11.78
N LEU E 242 37.58 -2.13 -10.79
CA LEU E 242 36.82 -1.14 -10.08
C LEU E 242 37.44 0.22 -10.22
N ASP E 243 36.63 1.25 -10.04
CA ASP E 243 37.09 2.63 -10.18
C ASP E 243 36.99 3.32 -8.83
N ASP E 244 38.07 3.98 -8.42
CA ASP E 244 38.09 4.55 -7.08
C ASP E 244 37.94 3.47 -6.02
N VAL E 245 36.98 3.68 -5.13
CA VAL E 245 36.80 2.87 -3.91
C VAL E 245 37.43 3.64 -2.77
N TRP E 246 36.63 3.96 -1.77
CA TRP E 246 37.14 4.73 -0.64
C TRP E 246 37.00 4.12 0.74
N ASP E 247 36.41 2.94 0.84
CA ASP E 247 36.34 2.33 2.16
C ASP E 247 36.27 0.81 2.08
N SER E 248 36.77 0.14 3.10
CA SER E 248 36.91 -1.31 3.03
C SER E 248 35.60 -2.09 2.91
N TRP E 249 34.58 -1.76 3.68
CA TRP E 249 33.37 -2.59 3.59
C TRP E 249 32.95 -2.78 2.14
N VAL E 250 33.29 -1.80 1.32
CA VAL E 250 32.94 -1.83 -0.09
C VAL E 250 33.52 -3.06 -0.77
N LEU E 251 34.82 -3.23 -0.66
CA LEU E 251 35.45 -4.44 -1.18
C LEU E 251 35.03 -5.67 -0.40
N LYS E 252 34.60 -5.46 0.83
CA LYS E 252 34.08 -6.58 1.58
C LYS E 252 32.89 -7.10 0.79
N ALA E 253 32.08 -6.17 0.28
CA ALA E 253 30.89 -6.50 -0.48
C ALA E 253 31.21 -7.23 -1.78
N PHE E 254 32.27 -6.80 -2.45
CA PHE E 254 32.62 -7.33 -3.76
C PHE E 254 33.52 -8.55 -3.63
N ASP E 255 33.76 -8.98 -2.40
CA ASP E 255 34.77 -9.99 -2.15
C ASP E 255 34.17 -11.34 -2.48
N SER E 256 34.10 -11.60 -3.77
CA SER E 256 33.39 -12.75 -4.31
C SER E 256 34.26 -14.00 -4.43
N GLN E 257 35.54 -13.86 -4.11
CA GLN E 257 36.46 -14.99 -4.24
C GLN E 257 36.84 -15.16 -5.69
N CYS E 258 36.42 -14.21 -6.52
CA CYS E 258 36.71 -14.21 -7.95
C CYS E 258 37.50 -12.96 -8.22
N GLN E 259 38.45 -13.02 -9.13
CA GLN E 259 39.38 -11.92 -9.26
C GLN E 259 38.64 -10.64 -9.56
N ILE E 260 39.00 -9.59 -8.82
CA ILE E 260 38.47 -8.28 -8.99
C ILE E 260 39.72 -7.47 -8.77
N LEU E 261 39.98 -6.46 -9.61
CA LEU E 261 41.09 -5.56 -9.39
C LEU E 261 40.56 -4.17 -9.14
N LEU E 262 41.00 -3.50 -8.09
CA LEU E 262 40.47 -2.20 -7.70
C LEU E 262 41.54 -1.18 -7.97
N THR E 263 41.20 -0.05 -8.57
CA THR E 263 42.21 0.97 -8.83
C THR E 263 41.85 2.25 -8.08
N THR E 264 42.79 2.88 -7.39
CA THR E 264 42.40 3.90 -6.42
C THR E 264 43.35 4.98 -6.02
N ARG E 265 42.98 5.64 -4.93
CA ARG E 265 43.95 6.49 -4.20
C ARG E 265 44.56 5.97 -2.87
N ASP E 266 43.71 5.41 -2.01
CA ASP E 266 44.20 4.76 -0.79
C ASP E 266 44.64 3.36 -1.13
N LYS E 267 45.71 2.92 -0.50
CA LYS E 267 46.21 1.56 -0.67
C LYS E 267 45.86 0.73 0.55
N SER E 268 45.35 1.42 1.56
CA SER E 268 44.82 0.81 2.76
C SER E 268 43.55 0.01 2.47
N VAL E 269 42.88 0.34 1.39
CA VAL E 269 41.54 -0.16 1.18
C VAL E 269 41.51 -1.68 1.13
N THR E 270 42.42 -2.28 0.40
CA THR E 270 42.41 -3.73 0.30
C THR E 270 43.18 -4.35 1.44
N ASP E 271 42.71 -4.15 2.67
CA ASP E 271 43.30 -4.83 3.80
C ASP E 271 42.33 -5.81 4.42
N SER E 272 41.04 -5.53 4.29
CA SER E 272 40.01 -6.44 4.76
C SER E 272 40.05 -7.73 3.96
N VAL E 273 40.32 -7.61 2.67
CA VAL E 273 40.27 -8.73 1.75
C VAL E 273 41.34 -9.78 1.99
N MET E 274 41.04 -10.97 1.51
CA MET E 274 41.83 -12.19 1.66
C MET E 274 42.20 -12.77 0.30
N GLY E 275 43.38 -13.36 0.22
CA GLY E 275 43.88 -13.85 -1.05
C GLY E 275 45.08 -13.04 -1.47
N PRO E 276 45.83 -13.52 -2.46
CA PRO E 276 47.05 -12.82 -2.89
C PRO E 276 46.78 -11.39 -3.36
N LYS E 277 47.54 -10.41 -2.85
CA LYS E 277 47.38 -9.04 -3.30
C LYS E 277 48.69 -8.46 -3.84
N TYR E 278 48.64 -7.81 -4.99
CA TYR E 278 49.82 -7.16 -5.54
C TYR E 278 49.47 -5.72 -5.83
N VAL E 279 50.42 -4.81 -5.68
CA VAL E 279 50.16 -3.42 -5.99
C VAL E 279 51.17 -2.87 -6.98
N VAL E 280 50.69 -2.18 -8.00
CA VAL E 280 51.55 -1.48 -8.94
C VAL E 280 51.36 -0.02 -8.59
N PRO E 281 52.41 0.75 -8.42
CA PRO E 281 52.20 2.06 -7.82
C PRO E 281 52.57 3.06 -8.86
N VAL E 282 51.64 3.93 -9.21
CA VAL E 282 51.89 4.89 -10.26
C VAL E 282 52.25 6.22 -9.65
N GLU E 283 53.53 6.58 -9.73
CA GLU E 283 53.98 7.91 -9.35
C GLU E 283 53.51 8.88 -10.42
N SER E 284 53.15 10.10 -10.02
CA SER E 284 52.69 11.07 -10.99
C SER E 284 53.92 11.80 -11.47
N SER E 285 54.37 11.47 -12.68
CA SER E 285 55.56 12.08 -13.23
C SER E 285 55.39 12.43 -14.70
N LEU E 286 55.34 11.39 -15.52
CA LEU E 286 55.25 11.53 -16.96
C LEU E 286 56.64 11.82 -17.50
N GLY E 287 56.74 12.02 -18.81
CA GLY E 287 58.02 12.28 -19.44
C GLY E 287 58.00 13.56 -20.24
N LYS E 288 59.07 14.32 -20.17
CA LYS E 288 59.13 15.60 -20.87
C LYS E 288 58.97 15.35 -22.36
N GLU E 289 59.57 14.27 -22.84
CA GLU E 289 59.43 13.91 -24.24
C GLU E 289 57.97 13.63 -24.58
N LYS E 290 57.32 12.86 -23.70
CA LYS E 290 55.91 12.48 -23.86
C LYS E 290 54.91 13.63 -23.79
N GLY E 291 55.11 14.56 -22.86
CA GLY E 291 54.18 15.65 -22.69
C GLY E 291 54.21 16.55 -23.90
N LEU E 292 55.41 16.72 -24.46
CA LEU E 292 55.54 17.46 -25.70
C LEU E 292 54.77 16.72 -26.79
N GLU E 293 54.79 15.40 -26.69
CA GLU E 293 54.03 14.55 -27.59
C GLU E 293 52.54 14.82 -27.42
N ILE E 294 52.12 14.87 -26.16
CA ILE E 294 50.76 15.17 -25.77
C ILE E 294 50.34 16.59 -26.12
N LEU E 295 51.24 17.54 -25.90
CA LEU E 295 50.91 18.93 -26.19
C LEU E 295 50.72 19.09 -27.68
N SER E 296 51.54 18.40 -28.46
CA SER E 296 51.44 18.52 -29.90
C SER E 296 50.07 18.04 -30.35
N LEU E 297 49.62 16.92 -29.79
CA LEU E 297 48.34 16.37 -30.18
C LEU E 297 47.24 17.34 -29.81
N PHE E 298 47.37 17.99 -28.66
CA PHE E 298 46.37 18.92 -28.17
C PHE E 298 46.23 20.11 -29.11
N VAL E 299 47.35 20.60 -29.62
CA VAL E 299 47.33 21.74 -30.55
C VAL E 299 47.64 21.38 -32.01
N ASN E 300 47.81 20.09 -32.28
CA ASN E 300 47.99 19.61 -33.65
C ASN E 300 49.17 20.12 -34.51
N MET E 301 50.36 20.27 -33.93
CA MET E 301 51.51 20.71 -34.74
C MET E 301 52.80 19.88 -34.56
N LYS E 302 53.59 19.78 -35.63
CA LYS E 302 54.86 19.08 -35.56
C LYS E 302 55.50 19.58 -34.28
N LYS E 303 56.17 18.71 -33.55
CA LYS E 303 56.62 19.05 -32.21
C LYS E 303 57.55 20.25 -32.23
N ALA E 304 58.45 20.28 -33.21
CA ALA E 304 59.37 21.41 -33.32
C ALA E 304 58.62 22.71 -33.57
N ASP E 305 57.62 22.66 -34.44
CA ASP E 305 56.83 23.85 -34.75
C ASP E 305 56.26 24.49 -33.50
N LEU E 306 56.33 23.77 -32.38
CA LEU E 306 55.78 24.28 -31.13
C LEU E 306 56.60 25.44 -30.57
N PRO E 307 55.90 26.42 -30.02
CA PRO E 307 56.49 27.69 -29.61
C PRO E 307 57.42 27.52 -28.43
N GLU E 308 58.31 28.49 -28.27
CA GLU E 308 59.31 28.46 -27.24
C GLU E 308 58.65 28.42 -25.87
N GLN E 309 57.47 29.00 -25.77
CA GLN E 309 56.78 29.08 -24.49
C GLN E 309 56.50 27.69 -23.97
N ALA E 310 56.17 26.78 -24.87
CA ALA E 310 55.62 25.48 -24.50
C ALA E 310 56.52 24.68 -23.55
N HIS E 311 57.82 24.75 -23.75
CA HIS E 311 58.74 23.91 -23.00
C HIS E 311 58.63 24.17 -21.50
N SER E 312 58.42 25.41 -21.13
CA SER E 312 58.53 25.87 -19.75
C SER E 312 57.31 25.49 -18.93
N ILE E 313 56.14 25.56 -19.56
CA ILE E 313 54.91 25.26 -18.85
C ILE E 313 54.88 23.81 -18.42
N ILE E 314 55.51 22.94 -19.21
CA ILE E 314 55.51 21.53 -18.86
C ILE E 314 56.27 21.31 -17.57
N LYS E 315 57.24 22.18 -17.31
CA LYS E 315 58.01 22.07 -16.09
C LYS E 315 57.12 22.26 -14.88
N GLU E 316 56.19 23.19 -15.03
CA GLU E 316 55.17 23.45 -14.03
C GLU E 316 54.27 22.24 -13.89
N CYS E 317 53.94 21.62 -15.01
CA CYS E 317 53.00 20.51 -15.00
C CYS E 317 53.47 19.42 -14.04
N LYS E 318 54.76 19.13 -14.05
CA LYS E 318 55.30 18.12 -13.15
C LYS E 318 54.70 16.76 -13.47
N GLY E 319 54.28 16.58 -14.72
CA GLY E 319 53.78 15.29 -15.17
C GLY E 319 52.41 14.87 -14.70
N SER E 320 51.62 15.77 -14.13
CA SER E 320 50.31 15.32 -13.76
C SER E 320 49.59 15.48 -15.06
N PRO E 321 49.41 14.36 -15.76
CA PRO E 321 48.78 14.36 -17.08
C PRO E 321 47.46 15.09 -17.04
N LEU E 322 46.87 15.18 -15.86
CA LEU E 322 45.62 15.86 -15.69
C LEU E 322 45.89 17.34 -15.94
N VAL E 323 47.01 17.87 -15.46
CA VAL E 323 47.38 19.26 -15.73
C VAL E 323 47.64 19.54 -17.22
N VAL E 324 48.31 18.61 -17.88
CA VAL E 324 48.64 18.71 -19.29
C VAL E 324 47.40 18.67 -20.16
N SER E 325 46.53 17.69 -19.92
CA SER E 325 45.30 17.68 -20.64
C SER E 325 44.54 18.93 -20.26
N LEU E 326 44.59 19.30 -18.99
CA LEU E 326 43.86 20.48 -18.56
C LEU E 326 44.35 21.76 -19.21
N ILE E 327 45.67 21.96 -19.26
CA ILE E 327 46.21 23.06 -20.04
C ILE E 327 45.93 22.82 -21.52
N GLY E 328 46.12 21.59 -21.99
CA GLY E 328 46.07 21.35 -23.42
C GLY E 328 44.72 21.67 -24.03
N ALA E 329 43.67 21.17 -23.41
CA ALA E 329 42.32 21.45 -23.89
C ALA E 329 42.08 22.93 -23.77
N LEU E 330 42.59 23.52 -22.70
CA LEU E 330 42.33 24.91 -22.41
C LEU E 330 42.87 25.71 -23.56
N LEU E 331 44.00 25.28 -24.10
CA LEU E 331 44.58 25.93 -25.26
C LEU E 331 43.80 25.67 -26.54
N ARG E 332 42.96 24.66 -26.61
CA ARG E 332 42.39 24.39 -27.92
C ARG E 332 41.55 25.59 -28.33
N ASP E 333 40.82 26.14 -27.38
CA ASP E 333 40.01 27.32 -27.60
C ASP E 333 40.78 28.60 -27.91
N PHE E 334 41.89 28.84 -27.23
CA PHE E 334 42.58 30.11 -27.37
C PHE E 334 44.06 29.95 -27.66
N PRO E 335 44.38 29.59 -28.89
CA PRO E 335 45.78 29.38 -29.29
C PRO E 335 46.65 30.62 -29.08
N ASN E 336 46.05 31.79 -29.15
CA ASN E 336 46.76 33.05 -29.01
C ASN E 336 47.25 33.34 -27.60
N ARG E 337 46.46 33.00 -26.59
CA ARG E 337 46.84 33.31 -25.20
C ARG E 337 47.80 32.26 -24.65
N TRP E 338 48.86 31.97 -25.39
CA TRP E 338 49.84 30.97 -24.96
C TRP E 338 50.69 31.31 -23.72
N GLU E 339 51.29 32.48 -23.66
CA GLU E 339 52.13 32.85 -22.52
C GLU E 339 51.36 32.93 -21.20
N TYR E 340 50.15 33.49 -21.31
CA TYR E 340 49.25 33.80 -20.22
C TYR E 340 49.19 32.68 -19.20
N TYR E 341 48.92 31.47 -19.68
CA TYR E 341 48.84 30.34 -18.79
C TYR E 341 50.20 29.96 -18.24
N LEU E 342 51.23 30.30 -19.00
CA LEU E 342 52.59 30.04 -18.54
C LEU E 342 52.85 30.83 -17.27
N LYS E 343 52.57 32.13 -17.34
CA LYS E 343 52.71 32.99 -16.18
C LYS E 343 51.70 32.62 -15.11
N GLN E 344 50.59 32.05 -15.54
CA GLN E 344 49.53 31.66 -14.62
C GLN E 344 50.00 30.55 -13.70
N LEU E 345 50.62 29.53 -14.30
CA LEU E 345 51.22 28.46 -13.50
C LEU E 345 52.45 28.96 -12.78
N GLN E 346 53.09 30.00 -13.32
CA GLN E 346 54.16 30.66 -12.57
C GLN E 346 53.60 31.32 -11.33
N ASN E 347 52.34 31.72 -11.42
CA ASN E 347 51.59 32.27 -10.28
C ASN E 347 51.42 31.22 -9.20
N LYS E 348 51.21 29.98 -9.60
CA LYS E 348 51.02 28.88 -8.66
C LYS E 348 49.57 28.66 -8.21
N GLN E 349 48.62 29.43 -8.76
CA GLN E 349 47.21 29.20 -8.46
C GLN E 349 46.47 28.45 -9.56
N PHE E 350 45.73 27.43 -9.17
CA PHE E 350 45.12 26.53 -10.14
C PHE E 350 43.64 26.81 -10.33
N LYS E 351 43.17 27.88 -9.68
CA LYS E 351 41.78 28.30 -9.81
C LYS E 351 41.52 28.84 -11.22
N ARG E 352 42.58 29.33 -11.85
CA ARG E 352 42.48 29.88 -13.19
C ARG E 352 42.25 28.82 -14.26
N ILE E 353 42.87 27.65 -14.09
CA ILE E 353 42.74 26.60 -15.09
C ILE E 353 41.49 25.76 -14.88
N ARG E 354 40.59 25.75 -15.87
CA ARG E 354 39.43 24.89 -15.78
C ARG E 354 38.98 24.41 -17.15
N LYS E 355 38.57 23.16 -17.23
CA LYS E 355 37.97 22.65 -18.44
C LYS E 355 36.94 21.61 -18.06
N SER E 356 35.83 21.59 -18.78
CA SER E 356 34.93 20.46 -18.66
C SER E 356 35.69 19.35 -19.36
N SER E 357 35.63 18.14 -18.84
CA SER E 357 36.42 17.06 -19.41
C SER E 357 35.79 15.73 -19.08
N SER E 358 36.28 14.67 -19.71
CA SER E 358 35.77 13.35 -19.42
C SER E 358 36.02 13.11 -17.95
N TYR E 359 37.19 13.55 -17.50
CA TYR E 359 37.55 13.47 -16.10
C TYR E 359 36.55 14.25 -15.25
N ASP E 360 36.39 13.81 -14.01
CA ASP E 360 35.27 14.19 -13.15
C ASP E 360 35.45 15.46 -12.30
N TYR E 361 36.27 16.39 -12.75
CA TYR E 361 36.51 17.57 -11.95
C TYR E 361 36.91 18.76 -12.78
N GLU E 362 36.48 19.95 -12.39
CA GLU E 362 36.75 21.13 -13.21
C GLU E 362 38.25 21.35 -13.34
N ALA E 363 38.96 21.08 -12.25
CA ALA E 363 40.38 21.39 -12.11
C ALA E 363 41.17 20.60 -11.06
N LEU E 364 42.49 20.70 -11.20
CA LEU E 364 43.45 19.96 -10.39
C LEU E 364 43.28 20.31 -8.93
N ASP E 365 42.99 21.57 -8.64
CA ASP E 365 42.71 21.95 -7.27
C ASP E 365 41.50 21.14 -6.86
N GLU E 366 40.61 20.93 -7.81
CA GLU E 366 39.34 20.27 -7.55
C GLU E 366 39.57 18.86 -7.04
N ALA E 367 40.56 18.17 -7.62
CA ALA E 367 40.83 16.79 -7.21
C ALA E 367 41.36 16.60 -5.75
N MET E 368 42.27 17.49 -5.38
CA MET E 368 42.92 17.43 -4.08
C MET E 368 41.91 17.64 -2.97
N SER E 369 40.97 18.57 -3.18
CA SER E 369 39.98 18.84 -2.14
C SER E 369 39.23 17.57 -1.75
N ILE E 370 38.92 16.75 -2.77
CA ILE E 370 38.22 15.50 -2.57
C ILE E 370 39.03 14.54 -1.71
N SER E 371 40.32 14.47 -1.93
CA SER E 371 41.18 13.63 -1.10
C SER E 371 41.26 14.04 0.37
N VAL E 372 41.35 15.34 0.64
CA VAL E 372 41.57 15.81 2.00
C VAL E 372 40.45 15.45 2.97
N GLU E 373 39.20 15.46 2.50
CA GLU E 373 38.06 15.38 3.39
C GLU E 373 37.98 14.11 4.24
N MET E 374 38.35 12.98 3.63
CA MET E 374 38.11 11.68 4.24
C MET E 374 38.72 11.47 5.64
N LEU E 375 39.87 12.09 5.86
CA LEU E 375 40.64 11.81 7.05
C LEU E 375 39.80 12.09 8.28
N ARG E 376 39.96 11.21 9.27
CA ARG E 376 39.25 11.29 10.54
C ARG E 376 39.67 12.56 11.26
N GLU E 377 38.73 13.18 11.95
CA GLU E 377 38.91 14.55 12.39
C GLU E 377 40.21 14.70 13.15
N ASP E 378 40.56 13.72 13.97
CA ASP E 378 41.78 13.84 14.74
C ASP E 378 42.99 13.96 13.82
N ILE E 379 43.04 13.15 12.78
CA ILE E 379 44.12 13.23 11.80
C ILE E 379 44.12 14.55 11.03
N LYS E 380 42.92 15.07 10.75
CA LYS E 380 42.76 16.12 9.75
C LYS E 380 43.53 17.37 10.10
N ASP E 381 43.55 17.73 11.37
CA ASP E 381 44.25 18.92 11.83
C ASP E 381 45.75 18.77 11.54
N TYR E 382 46.27 17.57 11.74
CA TYR E 382 47.69 17.34 11.60
C TYR E 382 48.17 17.63 10.21
N TYR E 383 47.43 17.21 9.20
CA TYR E 383 47.92 17.43 7.85
C TYR E 383 48.33 18.88 7.64
N THR E 384 47.56 19.82 8.17
CA THR E 384 47.81 21.23 7.90
C THR E 384 49.20 21.63 8.41
N ASP E 385 49.60 21.07 9.53
CA ASP E 385 50.91 21.37 10.06
C ASP E 385 51.86 20.91 8.98
N LEU E 386 51.50 19.82 8.32
CA LEU E 386 52.35 19.22 7.31
C LEU E 386 52.54 20.18 6.15
N SER E 387 51.71 21.21 6.14
CA SER E 387 51.66 22.21 5.07
C SER E 387 52.96 22.99 4.97
N ILE E 388 53.55 23.29 6.12
CA ILE E 388 54.71 24.17 6.16
C ILE E 388 55.87 23.61 5.37
N LEU E 389 56.02 22.29 5.30
CA LEU E 389 57.22 21.68 4.74
C LEU E 389 57.52 22.05 3.27
N GLN E 390 58.81 22.23 2.98
CA GLN E 390 59.32 22.74 1.72
C GLN E 390 58.76 21.87 0.59
N LYS E 391 58.81 22.39 -0.63
CA LYS E 391 58.36 21.62 -1.79
C LYS E 391 59.25 20.40 -1.91
N ASP E 392 60.55 20.59 -1.74
CA ASP E 392 61.50 19.51 -2.00
C ASP E 392 62.51 19.29 -0.88
N VAL E 393 62.01 18.89 0.27
CA VAL E 393 62.86 18.52 1.39
C VAL E 393 62.40 17.17 1.90
N LYS E 394 63.33 16.24 2.04
CA LYS E 394 62.99 15.01 2.71
C LYS E 394 63.39 15.25 4.15
N VAL E 395 62.39 15.55 4.98
CA VAL E 395 62.70 15.84 6.37
C VAL E 395 62.82 14.56 7.19
N PRO E 396 63.83 14.54 8.06
CA PRO E 396 63.98 13.43 9.01
C PRO E 396 62.78 13.44 9.94
N THR E 397 62.26 12.26 10.22
CA THR E 397 61.04 12.11 11.00
C THR E 397 60.98 12.96 12.26
N LYS E 398 62.12 13.09 12.93
CA LYS E 398 62.19 13.75 14.23
C LYS E 398 61.53 15.12 14.26
N VAL E 399 61.83 15.95 13.27
CA VAL E 399 61.33 17.32 13.26
C VAL E 399 59.82 17.32 13.28
N LEU E 400 59.23 16.31 12.66
CA LEU E 400 57.79 16.15 12.71
C LEU E 400 57.38 15.77 14.13
N CYS E 401 58.25 15.03 14.80
CA CYS E 401 57.98 14.66 16.19
C CYS E 401 57.97 15.90 17.05
N ILE E 402 58.92 16.79 16.80
CA ILE E 402 59.05 18.01 17.57
C ILE E 402 57.87 18.95 17.41
N LEU E 403 57.43 19.14 16.17
CA LEU E 403 56.30 20.04 15.96
C LEU E 403 55.06 19.47 16.59
N TRP E 404 54.85 18.18 16.40
CA TRP E 404 53.73 17.48 17.00
C TRP E 404 53.84 17.38 18.51
N ASP E 405 55.06 17.19 18.99
CA ASP E 405 55.30 17.00 20.43
C ASP E 405 54.79 15.63 20.83
N MET E 406 54.67 14.73 19.85
CA MET E 406 54.15 13.39 20.09
C MET E 406 55.18 12.31 19.83
N GLU E 407 55.22 11.29 20.69
CA GLU E 407 56.33 10.33 20.70
C GLU E 407 56.51 9.59 19.38
N THR E 408 57.76 9.27 19.06
CA THR E 408 58.17 8.82 17.74
C THR E 408 57.53 7.53 17.20
N GLU E 409 57.36 6.53 18.06
CA GLU E 409 56.79 5.26 17.61
C GLU E 409 55.39 5.53 17.07
N GLU E 410 54.69 6.42 17.76
CA GLU E 410 53.36 6.86 17.35
C GLU E 410 53.34 7.72 16.10
N VAL E 411 54.27 8.65 16.01
CA VAL E 411 54.25 9.63 14.94
C VAL E 411 54.37 9.02 13.56
N GLU E 412 55.19 7.98 13.46
CA GLU E 412 55.44 7.34 12.18
C GLU E 412 54.15 6.76 11.60
N ASP E 413 53.32 6.21 12.47
CA ASP E 413 52.19 5.42 12.02
C ASP E 413 51.14 6.29 11.36
N ILE E 414 50.93 7.47 11.92
CA ILE E 414 49.96 8.38 11.32
C ILE E 414 50.44 8.75 9.93
N LEU E 415 51.75 8.94 9.82
CA LEU E 415 52.34 9.25 8.53
C LEU E 415 52.21 8.08 7.58
N GLN E 416 52.28 6.88 8.12
CA GLN E 416 52.10 5.69 7.32
C GLN E 416 50.70 5.69 6.75
N GLU E 417 49.73 6.11 7.56
CA GLU E 417 48.36 6.20 7.11
C GLU E 417 48.24 7.23 6.00
N PHE E 418 48.97 8.33 6.11
CA PHE E 418 48.98 9.31 5.05
C PHE E 418 49.52 8.68 3.78
N VAL E 419 50.64 7.98 3.90
CA VAL E 419 51.31 7.55 2.70
C VAL E 419 50.30 6.70 1.96
N ASN E 420 49.55 5.90 2.70
CA ASN E 420 48.51 5.12 2.08
C ASN E 420 47.48 6.03 1.44
N LYS E 421 47.08 7.08 2.13
CA LYS E 421 46.19 8.05 1.50
C LYS E 421 46.84 8.69 0.28
N SER E 422 48.07 8.30 0.01
CA SER E 422 48.83 8.81 -1.13
C SER E 422 48.90 10.33 -1.08
N LEU E 423 49.03 10.87 0.12
CA LEU E 423 49.12 12.32 0.29
C LEU E 423 50.48 12.73 0.79
N LEU E 424 51.42 11.77 0.81
CA LEU E 424 52.76 12.02 1.33
C LEU E 424 53.66 10.83 1.04
N PHE E 425 54.56 11.00 0.08
CA PHE E 425 55.39 9.91 -0.38
C PHE E 425 56.43 9.43 0.63
N CYS E 426 56.58 8.11 0.69
CA CYS E 426 57.54 7.45 1.57
C CYS E 426 58.96 7.48 1.04
N ASP E 427 59.93 7.39 1.96
CA ASP E 427 61.32 7.27 1.59
C ASP E 427 62.05 6.29 2.50
N ARG E 428 62.12 5.03 2.08
CA ARG E 428 62.80 4.03 2.87
C ARG E 428 64.31 4.07 2.61
N ASN E 429 64.96 5.13 3.07
CA ASN E 429 66.39 5.20 3.02
C ASN E 429 66.88 4.76 4.38
N GLY E 430 67.39 3.54 4.44
CA GLY E 430 67.95 3.03 5.67
C GLY E 430 66.90 3.08 6.75
N LYS E 431 67.34 3.12 8.01
CA LYS E 431 66.41 3.23 9.13
C LYS E 431 65.66 4.54 8.99
N SER E 432 66.38 5.58 8.56
CA SER E 432 65.80 6.90 8.42
C SER E 432 64.69 6.92 7.38
N PHE E 433 63.69 7.74 7.64
CA PHE E 433 62.60 7.97 6.72
C PHE E 433 62.49 9.46 6.43
N ARG E 434 62.45 9.80 5.15
CA ARG E 434 62.16 11.16 4.75
C ARG E 434 60.88 11.11 3.96
N TYR E 435 59.87 11.82 4.46
CA TYR E 435 58.65 12.01 3.69
C TYR E 435 58.65 13.33 2.95
N TYR E 436 58.03 13.35 1.78
CA TYR E 436 58.00 14.55 0.95
C TYR E 436 56.83 14.51 -0.02
N LEU E 437 56.61 15.63 -0.69
CA LEU E 437 55.42 15.82 -1.50
C LEU E 437 55.75 16.12 -2.95
N HIS E 438 54.72 16.05 -3.79
CA HIS E 438 54.80 16.53 -5.15
C HIS E 438 54.66 18.04 -5.13
N ASP E 439 55.21 18.69 -6.15
CA ASP E 439 55.12 20.14 -6.26
C ASP E 439 53.66 20.57 -6.31
N LEU E 440 52.82 19.73 -6.90
CA LEU E 440 51.40 19.98 -6.98
C LEU E 440 50.74 19.88 -5.61
N GLN E 441 51.15 18.88 -4.84
CA GLN E 441 50.62 18.66 -3.51
C GLN E 441 50.96 19.83 -2.60
N VAL E 442 52.18 20.34 -2.74
CA VAL E 442 52.62 21.46 -1.91
C VAL E 442 51.85 22.72 -2.27
N ASP E 443 51.69 22.94 -3.57
CA ASP E 443 51.03 24.12 -4.06
C ASP E 443 49.59 24.14 -3.59
N PHE E 444 48.95 22.98 -3.58
CA PHE E 444 47.56 22.91 -3.16
C PHE E 444 47.51 23.39 -1.72
N LEU E 445 48.51 23.01 -0.93
CA LEU E 445 48.46 23.30 0.50
C LEU E 445 48.43 24.78 0.76
N THR E 446 49.33 25.51 0.12
CA THR E 446 49.39 26.95 0.29
C THR E 446 48.11 27.55 -0.25
N GLU E 447 47.59 26.95 -1.31
CA GLU E 447 46.34 27.43 -1.92
C GLU E 447 45.20 27.32 -0.91
N LYS E 448 45.20 26.23 -0.15
CA LYS E 448 44.12 25.97 0.81
C LYS E 448 44.43 26.22 2.30
N ASN E 449 45.71 26.44 2.64
CA ASN E 449 46.10 26.68 4.02
C ASN E 449 46.91 27.94 4.30
N CYS E 450 46.92 28.87 3.37
CA CYS E 450 47.88 29.98 3.43
C CYS E 450 47.76 30.88 4.67
N SER E 451 46.55 31.19 5.09
CA SER E 451 46.36 32.07 6.24
C SER E 451 46.95 31.48 7.51
N GLN E 452 46.74 30.18 7.70
CA GLN E 452 47.29 29.48 8.85
C GLN E 452 48.82 29.48 8.85
N LEU E 453 49.40 29.32 7.66
CA LEU E 453 50.82 29.02 7.55
C LEU E 453 51.71 30.05 8.21
N GLN E 454 51.39 31.33 8.04
CA GLN E 454 52.16 32.39 8.67
C GLN E 454 52.05 32.23 10.18
N ASP E 455 50.86 31.87 10.65
CA ASP E 455 50.60 31.68 12.07
C ASP E 455 51.34 30.48 12.66
N LEU E 456 51.32 29.36 11.95
CA LEU E 456 51.99 28.15 12.41
C LEU E 456 53.51 28.33 12.39
N HIS E 457 54.01 29.03 11.37
CA HIS E 457 55.44 29.26 11.24
C HIS E 457 56.05 29.69 12.57
N LYS E 458 55.22 30.25 13.44
CA LYS E 458 55.68 30.69 14.76
C LYS E 458 55.48 29.59 15.80
N LYS E 459 54.67 28.61 15.47
CA LYS E 459 54.39 27.50 16.37
C LYS E 459 55.57 26.55 16.46
N ILE E 460 56.08 26.13 15.31
CA ILE E 460 57.22 25.22 15.25
C ILE E 460 58.44 25.73 16.02
N ILE E 461 58.74 27.01 15.88
CA ILE E 461 59.93 27.56 16.49
C ILE E 461 59.87 27.47 18.01
N THR E 462 58.72 27.76 18.58
CA THR E 462 58.59 27.80 20.02
C THR E 462 58.80 26.40 20.60
N GLN E 463 58.31 25.40 19.88
CA GLN E 463 58.48 24.01 20.26
C GLN E 463 59.95 23.64 20.25
N PHE E 464 60.68 24.11 19.23
CA PHE E 464 62.10 23.84 19.14
C PHE E 464 62.82 24.50 20.30
N GLN E 465 62.28 25.65 20.71
CA GLN E 465 62.80 26.36 21.87
C GLN E 465 62.53 25.57 23.14
N ARG E 466 61.44 24.82 23.17
CA ARG E 466 61.13 24.00 24.34
C ARG E 466 62.08 22.82 24.40
N TYR E 467 62.73 22.56 23.27
CA TYR E 467 63.80 21.58 23.24
C TYR E 467 65.12 22.26 22.96
N HIS E 468 65.83 21.78 21.95
CA HIS E 468 67.20 22.23 21.72
C HIS E 468 67.29 23.70 21.38
N GLN E 469 68.22 24.40 22.03
CA GLN E 469 68.62 25.74 21.63
C GLN E 469 69.60 25.64 20.48
N PRO E 470 69.68 26.68 19.62
CA PRO E 470 70.57 26.59 18.46
C PRO E 470 72.03 26.33 18.83
N HIS E 471 72.48 26.89 19.96
CA HIS E 471 73.80 26.56 20.47
C HIS E 471 73.81 25.17 21.07
N THR E 472 72.65 24.73 21.52
CA THR E 472 72.49 23.44 22.17
C THR E 472 72.34 22.35 21.11
N LEU E 473 72.31 22.76 19.85
CA LEU E 473 72.28 21.82 18.72
C LEU E 473 73.59 21.03 18.63
N SER E 474 73.50 19.79 18.13
CA SER E 474 74.66 18.90 18.04
C SER E 474 74.84 18.22 16.68
N PRO E 475 76.07 17.83 16.37
CA PRO E 475 76.38 17.23 15.06
C PRO E 475 75.77 15.83 14.85
N ASP E 476 75.67 15.05 15.91
CA ASP E 476 75.21 13.67 15.84
C ASP E 476 73.72 13.55 15.54
N GLN E 477 72.92 14.40 16.17
CA GLN E 477 71.48 14.39 16.00
C GLN E 477 71.11 14.41 14.52
N GLU E 478 70.18 13.54 14.13
CA GLU E 478 69.77 13.44 12.73
C GLU E 478 69.08 14.71 12.18
N ASP E 479 68.24 15.33 12.98
CA ASP E 479 67.40 16.45 12.55
C ASP E 479 68.16 17.73 12.27
N CYS E 480 69.33 17.87 12.87
CA CYS E 480 69.98 19.18 12.99
C CYS E 480 70.25 19.86 11.66
N MET E 481 70.64 19.08 10.65
CA MET E 481 71.01 19.67 9.38
C MET E 481 69.81 20.35 8.75
N TYR E 482 68.63 19.77 8.97
CA TYR E 482 67.41 20.38 8.50
C TYR E 482 67.19 21.71 9.20
N TRP E 483 67.57 21.65 10.47
CA TRP E 483 67.59 22.73 11.40
C TRP E 483 68.56 23.81 10.97
N TYR E 484 69.76 23.44 10.50
CA TYR E 484 70.62 24.49 9.97
C TYR E 484 69.88 24.98 8.74
N ASN E 485 69.71 24.05 7.82
CA ASN E 485 69.43 24.42 6.46
C ASN E 485 68.14 25.17 6.38
N PHE E 486 67.16 24.72 7.15
CA PHE E 486 65.87 25.35 7.08
C PHE E 486 65.34 26.05 8.32
N LEU E 487 66.01 25.95 9.48
CA LEU E 487 65.37 26.57 10.67
C LEU E 487 65.37 28.04 10.36
N ALA E 488 66.48 28.45 9.78
CA ALA E 488 66.64 29.81 9.32
C ALA E 488 65.37 30.14 8.57
N TYR E 489 64.89 29.18 7.80
CA TYR E 489 63.72 29.41 6.97
C TYR E 489 62.45 29.75 7.76
N HIS E 490 62.18 29.03 8.83
CA HIS E 490 60.87 29.16 9.51
C HIS E 490 60.63 30.52 10.15
N MET E 491 61.65 31.01 10.83
CA MET E 491 61.68 32.32 11.47
C MET E 491 61.31 33.42 10.51
N ALA E 492 61.64 33.25 9.24
CA ALA E 492 61.36 34.27 8.25
C ALA E 492 59.85 34.37 8.04
N SER E 493 59.20 33.23 7.89
CA SER E 493 57.76 33.21 7.76
C SER E 493 57.17 33.76 9.05
N ALA E 494 57.80 33.42 10.18
CA ALA E 494 57.29 33.79 11.47
C ALA E 494 57.09 35.29 11.42
N LYS E 495 58.00 35.96 10.71
CA LYS E 495 57.95 37.40 10.59
C LYS E 495 58.57 38.05 11.83
N MET E 496 59.14 37.22 12.70
CA MET E 496 59.75 37.73 13.90
C MET E 496 61.19 38.05 13.55
N HIS E 497 61.49 39.34 13.52
CA HIS E 497 62.80 39.81 13.11
C HIS E 497 63.79 39.84 14.27
N LYS E 498 63.31 40.12 15.47
CA LYS E 498 64.17 40.12 16.64
C LYS E 498 64.66 38.71 16.93
N GLU E 499 63.79 37.73 16.76
CA GLU E 499 64.17 36.34 16.91
C GLU E 499 65.13 35.94 15.81
N LEU E 500 64.94 36.53 14.64
CA LEU E 500 65.79 36.25 13.51
C LEU E 500 67.20 36.75 13.82
N CYS E 501 67.25 37.85 14.54
CA CYS E 501 68.50 38.38 15.08
C CYS E 501 69.06 37.45 16.14
N ALA E 502 68.15 36.82 16.88
CA ALA E 502 68.56 35.90 17.94
C ALA E 502 69.23 34.68 17.35
N LEU E 503 68.90 34.35 16.10
CA LEU E 503 69.51 33.18 15.47
C LEU E 503 70.61 33.52 14.46
N MET E 504 70.22 34.04 13.31
CA MET E 504 71.15 34.11 12.18
C MET E 504 72.38 34.96 12.46
N PHE E 505 72.20 35.99 13.26
CA PHE E 505 73.28 36.92 13.56
C PHE E 505 74.40 36.20 14.30
N SER E 506 74.01 35.29 15.19
CA SER E 506 74.96 34.66 16.10
C SER E 506 76.15 34.13 15.31
N LEU E 507 77.32 34.68 15.59
CA LEU E 507 78.52 34.32 14.86
C LEU E 507 78.92 32.86 15.06
N ASP E 508 78.66 32.35 16.26
CA ASP E 508 78.98 30.97 16.57
C ASP E 508 78.08 30.03 15.78
N TRP E 509 76.85 30.46 15.55
CA TRP E 509 75.92 29.71 14.74
C TRP E 509 76.44 29.65 13.32
N ILE E 510 77.06 30.75 12.91
CA ILE E 510 77.73 30.82 11.61
C ILE E 510 78.89 29.85 11.61
N LYS E 511 79.54 29.70 12.75
CA LYS E 511 80.70 28.85 12.85
C LYS E 511 80.32 27.40 12.64
N ALA E 512 79.32 26.95 13.39
CA ALA E 512 78.87 25.58 13.25
C ALA E 512 78.28 25.34 11.87
N LYS E 513 77.57 26.33 11.35
CA LYS E 513 76.93 26.15 10.06
C LYS E 513 77.97 26.02 8.95
N THR E 514 79.06 26.77 9.08
CA THR E 514 80.13 26.73 8.11
C THR E 514 81.01 25.51 8.36
N GLU E 515 80.82 24.86 9.49
CA GLU E 515 81.59 23.67 9.82
C GLU E 515 81.16 22.44 9.03
N LEU E 516 79.86 22.23 8.89
CA LEU E 516 79.33 21.11 8.10
C LEU E 516 78.52 21.48 6.84
N VAL E 517 77.96 22.69 6.82
CA VAL E 517 77.21 23.23 5.69
C VAL E 517 78.08 23.82 4.60
N GLY E 518 79.13 24.53 5.00
CA GLY E 518 79.93 25.28 4.07
C GLY E 518 79.44 26.72 4.02
N PRO E 519 80.26 27.61 3.46
CA PRO E 519 79.98 29.05 3.49
C PRO E 519 79.12 29.55 2.34
N ALA E 520 78.35 28.69 1.67
CA ALA E 520 77.45 29.16 0.63
C ALA E 520 76.02 29.30 1.09
N HIS E 521 75.54 28.37 1.90
CA HIS E 521 74.14 28.42 2.30
C HIS E 521 73.81 29.70 3.06
N LEU E 522 74.75 30.12 3.91
CA LEU E 522 74.56 31.31 4.73
C LEU E 522 74.41 32.54 3.85
N ILE E 523 75.21 32.62 2.79
CA ILE E 523 75.11 33.74 1.86
C ILE E 523 73.75 33.77 1.18
N HIS E 524 73.27 32.60 0.78
CA HIS E 524 71.96 32.48 0.15
C HIS E 524 70.86 32.91 1.11
N GLU E 525 71.00 32.51 2.38
CA GLU E 525 70.05 32.88 3.41
C GLU E 525 70.05 34.38 3.62
N PHE E 526 71.22 34.99 3.54
CA PHE E 526 71.38 36.42 3.79
C PHE E 526 70.60 37.25 2.78
N VAL E 527 70.59 36.83 1.53
CA VAL E 527 69.85 37.57 0.51
C VAL E 527 68.37 37.57 0.87
N GLU E 528 67.88 36.42 1.31
CA GLU E 528 66.52 36.31 1.81
C GLU E 528 66.37 37.15 3.06
N TYR E 529 67.45 37.17 3.85
CA TYR E 529 67.49 37.84 5.14
C TYR E 529 67.24 39.34 5.04
N ARG E 530 67.77 39.94 3.99
CA ARG E 530 67.78 41.40 3.87
C ARG E 530 66.40 42.04 3.82
N HIS E 531 65.48 41.44 3.06
CA HIS E 531 64.10 41.89 3.00
C HIS E 531 63.38 41.73 4.34
N ILE E 532 63.67 40.62 5.01
CA ILE E 532 62.96 40.22 6.22
C ILE E 532 63.11 41.18 7.40
N LEU E 533 64.31 41.71 7.60
CA LEU E 533 64.57 42.52 8.79
C LEU E 533 64.47 44.03 8.54
N ASP E 534 65.59 44.74 8.60
CA ASP E 534 65.59 46.18 8.46
C ASP E 534 66.68 46.67 7.52
N GLU E 535 66.46 47.82 6.89
CA GLU E 535 67.43 48.41 5.98
C GLU E 535 68.73 48.75 6.70
N LYS E 536 68.62 49.28 7.91
CA LYS E 536 69.79 49.65 8.69
C LYS E 536 70.64 48.43 9.00
N ASP E 537 69.97 47.34 9.37
CA ASP E 537 70.66 46.07 9.59
C ASP E 537 71.29 45.60 8.28
N CYS E 538 70.55 45.79 7.20
CA CYS E 538 71.00 45.43 5.86
C CYS E 538 72.47 45.80 5.71
N ALA E 539 72.82 46.95 6.27
CA ALA E 539 74.21 47.41 6.27
C ALA E 539 75.02 46.43 7.10
N VAL E 540 74.45 45.98 8.20
CA VAL E 540 75.12 45.02 9.06
C VAL E 540 75.35 43.76 8.24
N SER E 541 74.33 43.41 7.45
CA SER E 541 74.43 42.27 6.56
C SER E 541 75.47 42.55 5.48
N GLU E 542 75.56 43.81 5.07
CA GLU E 542 76.54 44.23 4.08
C GLU E 542 77.94 44.09 4.68
N ASN E 543 78.07 44.41 5.96
CA ASN E 543 79.34 44.29 6.66
C ASN E 543 79.74 42.82 6.84
N PHE E 544 78.73 41.97 7.09
CA PHE E 544 78.97 40.55 7.25
C PHE E 544 79.37 39.89 5.93
N GLN E 545 78.71 40.29 4.85
CA GLN E 545 79.01 39.75 3.53
C GLN E 545 80.45 40.14 3.20
N GLU E 546 80.81 41.36 3.56
CA GLU E 546 82.17 41.84 3.39
C GLU E 546 83.12 40.99 4.24
N PHE E 547 82.62 40.55 5.39
CA PHE E 547 83.41 39.68 6.26
C PHE E 547 83.53 38.28 5.66
N LEU E 548 82.58 37.93 4.79
CA LEU E 548 82.59 36.63 4.14
C LEU E 548 83.56 36.60 2.97
N SER E 549 83.66 37.72 2.26
CA SER E 549 84.55 37.83 1.12
C SER E 549 85.92 37.27 1.45
N LEU E 550 86.35 37.45 2.69
CA LEU E 550 87.64 36.95 3.14
C LEU E 550 87.53 35.49 3.58
N ASN E 551 86.31 35.04 3.86
CA ASN E 551 86.07 33.67 4.28
C ASN E 551 86.24 32.56 3.23
N GLY E 552 85.79 32.80 2.01
CA GLY E 552 85.73 31.73 1.03
C GLY E 552 87.04 31.06 0.65
N HIS E 553 88.07 31.88 0.48
CA HIS E 553 89.35 31.43 -0.07
C HIS E 553 90.11 30.38 0.75
N LEU E 554 90.22 30.61 2.05
CA LEU E 554 90.96 29.70 2.92
C LEU E 554 90.14 29.13 4.08
N LEU E 555 88.94 29.65 4.29
CA LEU E 555 88.15 29.33 5.48
C LEU E 555 87.75 27.85 5.61
N GLY E 556 87.37 27.23 4.50
CA GLY E 556 86.91 25.86 4.50
C GLY E 556 87.93 24.77 4.80
N ARG E 557 89.13 24.93 4.26
CA ARG E 557 90.19 23.95 4.45
C ARG E 557 89.90 23.02 5.63
N GLN E 558 90.47 23.36 6.79
CA GLN E 558 90.28 22.56 8.00
C GLN E 558 90.65 23.36 9.24
N PRO E 559 91.94 23.60 9.43
CA PRO E 559 92.41 24.40 10.56
C PRO E 559 91.62 25.70 10.65
N PHE E 560 90.30 25.57 10.83
CA PHE E 560 89.42 26.74 10.90
C PHE E 560 90.01 27.85 11.75
N PRO E 561 91.12 28.41 11.28
CA PRO E 561 91.80 29.50 12.01
C PRO E 561 90.86 30.26 12.94
N ASN E 562 91.27 30.48 14.18
CA ASN E 562 90.45 31.22 15.13
C ASN E 562 89.90 32.51 14.51
N ILE E 563 88.74 32.40 13.85
CA ILE E 563 88.11 33.55 13.22
C ILE E 563 88.13 34.77 14.14
N VAL E 564 87.77 34.56 15.40
CA VAL E 564 87.75 35.64 16.38
C VAL E 564 89.01 36.50 16.28
N GLN E 565 90.10 35.91 15.81
CA GLN E 565 91.36 36.61 15.67
C GLN E 565 91.51 37.19 14.26
N LEU E 566 91.09 36.43 13.26
CA LEU E 566 91.18 36.86 11.88
C LEU E 566 90.06 37.83 11.53
N GLY E 567 89.08 37.94 12.41
CA GLY E 567 87.95 38.83 12.20
C GLY E 567 88.32 40.29 12.36
N LEU E 568 89.11 40.58 13.39
CA LEU E 568 89.54 41.94 13.65
C LEU E 568 90.41 42.48 12.52
N CYS E 569 89.82 42.58 11.33
CA CYS E 569 90.53 43.07 10.16
C CYS E 569 89.64 43.99 9.32
N GLU E 570 88.34 43.91 9.55
CA GLU E 570 87.38 44.73 8.81
C GLU E 570 87.58 46.21 9.12
N PRO E 571 87.03 47.06 8.26
CA PRO E 571 87.17 48.52 8.43
C PRO E 571 85.87 49.17 8.87
N GLU E 572 85.92 50.46 9.16
CA GLU E 572 84.75 51.21 9.59
C GLU E 572 84.34 50.84 11.02
N THR E 573 83.41 49.89 11.13
CA THR E 573 82.94 49.45 12.44
C THR E 573 81.72 48.56 12.30
N SER E 574 80.64 49.11 11.77
CA SER E 574 79.40 48.37 11.58
C SER E 574 79.06 47.55 12.82
N GLU E 575 78.35 46.45 12.63
CA GLU E 575 77.96 45.57 13.73
C GLU E 575 78.85 44.35 13.80
N VAL E 576 79.53 44.04 12.70
CA VAL E 576 80.42 42.89 12.64
C VAL E 576 81.73 43.17 13.36
N TYR E 577 82.24 44.38 13.19
CA TYR E 577 83.49 44.79 13.82
C TYR E 577 83.32 45.03 15.31
N GLN E 578 82.18 45.62 15.68
CA GLN E 578 81.88 45.91 17.06
C GLN E 578 81.91 44.60 17.84
N GLN E 579 81.34 43.56 17.25
CA GLN E 579 81.29 42.26 17.90
C GLN E 579 82.69 41.72 18.15
N ALA E 580 83.57 41.93 17.18
CA ALA E 580 84.90 41.35 17.20
C ALA E 580 85.78 41.95 18.29
N LYS E 581 85.74 43.27 18.44
CA LYS E 581 86.62 43.90 19.40
C LYS E 581 86.30 43.44 20.81
N LEU E 582 85.01 43.37 21.12
CA LEU E 582 84.58 42.93 22.44
C LEU E 582 84.97 41.49 22.70
N GLN E 583 84.82 40.66 21.67
CA GLN E 583 85.17 39.25 21.81
C GLN E 583 86.66 39.14 22.11
N ALA E 584 87.43 39.96 21.40
CA ALA E 584 88.87 39.95 21.56
C ALA E 584 89.26 40.39 22.95
N LYS E 585 88.57 41.39 23.47
CA LYS E 585 88.84 41.89 24.82
C LYS E 585 88.56 40.80 25.84
N GLN E 586 87.48 40.06 25.62
CA GLN E 586 87.12 38.95 26.49
C GLN E 586 88.17 37.85 26.46
N GLU E 587 88.67 37.55 25.26
CA GLU E 587 89.70 36.53 25.09
C GLU E 587 90.99 36.96 25.79
N VAL E 588 91.30 38.24 25.68
CA VAL E 588 92.60 38.80 26.03
C VAL E 588 92.99 38.65 27.50
N ASP E 589 92.05 38.90 28.40
CA ASP E 589 92.38 38.82 29.83
C ASP E 589 92.79 37.40 30.18
N ASN E 590 92.05 36.43 29.64
CA ASN E 590 92.36 35.03 29.85
C ASN E 590 93.72 34.63 29.25
N GLY E 591 94.01 35.16 28.08
CA GLY E 591 95.22 34.78 27.36
C GLY E 591 94.98 34.75 25.86
N MET E 592 95.70 33.89 25.15
CA MET E 592 95.53 33.75 23.70
C MET E 592 96.39 34.67 22.84
N LEU E 593 97.06 35.62 23.47
CA LEU E 593 98.17 36.31 22.84
C LEU E 593 97.78 36.86 21.47
N TYR E 594 96.57 37.38 21.36
CA TYR E 594 96.13 37.95 20.09
C TYR E 594 96.96 39.18 19.76
N LEU E 595 97.33 39.35 18.49
CA LEU E 595 98.07 40.54 18.11
C LEU E 595 97.17 41.53 17.40
N GLU E 596 97.09 42.74 17.96
CA GLU E 596 96.31 43.80 17.31
C GLU E 596 96.94 44.24 15.99
N TRP E 597 96.12 44.66 15.03
CA TRP E 597 96.62 45.20 13.77
C TRP E 597 96.22 46.67 13.59
N ILE E 598 97.20 47.53 13.36
CA ILE E 598 96.98 48.98 13.32
C ILE E 598 96.94 49.70 11.96
N ASN E 599 97.09 48.98 10.86
CA ASN E 599 97.17 49.60 9.53
C ASN E 599 96.04 49.33 8.50
N LYS E 600 94.91 48.76 8.91
CA LYS E 600 93.95 48.26 7.94
C LYS E 600 93.47 49.34 6.98
N LYS E 601 93.13 50.51 7.52
CA LYS E 601 92.60 51.59 6.70
C LYS E 601 93.62 52.07 5.69
N ASN E 602 94.89 51.78 5.98
CA ASN E 602 96.00 52.16 5.11
C ASN E 602 96.32 51.09 4.07
N ILE E 603 95.70 49.92 4.20
CA ILE E 603 96.05 48.75 3.39
C ILE E 603 94.87 47.89 2.92
N THR E 604 95.11 47.13 1.84
CA THR E 604 94.15 46.19 1.26
C THR E 604 93.05 46.86 0.42
N ASN E 605 93.12 46.64 -0.88
CA ASN E 605 92.00 46.91 -1.79
C ASN E 605 91.20 45.63 -2.00
N LEU E 606 90.17 45.44 -1.19
CA LEU E 606 89.47 44.17 -1.10
C LEU E 606 88.73 43.77 -2.38
N SER E 607 88.88 42.50 -2.77
CA SER E 607 88.07 41.92 -3.84
C SER E 607 86.67 41.59 -3.33
N ARG E 608 85.69 41.64 -4.21
CA ARG E 608 84.31 41.36 -3.81
C ARG E 608 84.06 39.91 -3.38
N LEU E 609 84.82 38.98 -3.94
CA LEU E 609 84.61 37.56 -3.64
C LEU E 609 85.83 36.71 -4.00
N VAL E 610 85.98 35.59 -3.30
CA VAL E 610 87.04 34.62 -3.59
C VAL E 610 86.49 33.19 -3.50
N VAL E 611 86.92 32.33 -4.42
CA VAL E 611 86.49 30.94 -4.42
C VAL E 611 87.68 29.99 -4.57
N ARG E 612 87.67 28.96 -3.74
CA ARG E 612 88.51 27.82 -3.91
C ARG E 612 87.55 26.68 -4.15
N PRO E 613 87.50 26.23 -5.40
CA PRO E 613 86.78 25.01 -5.77
C PRO E 613 87.57 23.74 -5.54
N HIS E 614 88.90 23.81 -5.67
CA HIS E 614 89.71 22.61 -5.68
C HIS E 614 90.97 22.74 -4.83
N THR E 615 91.31 21.69 -4.09
CA THR E 615 92.60 21.65 -3.40
C THR E 615 93.73 21.52 -4.41
N ASP E 616 93.37 21.06 -5.61
CA ASP E 616 94.31 20.82 -6.70
C ASP E 616 94.25 21.92 -7.75
N ALA E 617 95.42 22.29 -8.29
CA ALA E 617 95.56 23.49 -9.11
C ALA E 617 94.51 23.57 -10.21
N VAL E 618 93.94 24.76 -10.37
CA VAL E 618 92.93 25.02 -11.39
C VAL E 618 93.57 25.04 -12.79
N TYR E 619 92.87 24.54 -13.80
CA TYR E 619 93.38 24.69 -15.15
C TYR E 619 92.53 25.53 -16.11
N HIS E 620 91.22 25.55 -15.89
CA HIS E 620 90.36 26.40 -16.71
C HIS E 620 89.01 26.67 -16.03
N ALA E 621 88.38 27.77 -16.41
CA ALA E 621 87.08 28.15 -15.88
C ALA E 621 86.30 28.92 -16.94
N CYS E 622 84.98 28.84 -16.89
CA CYS E 622 84.14 29.53 -17.87
C CYS E 622 82.77 29.94 -17.32
N PHE E 623 82.33 31.12 -17.73
CA PHE E 623 81.00 31.62 -17.39
C PHE E 623 79.91 30.85 -18.12
N SER E 624 78.77 30.70 -17.46
CA SER E 624 77.56 30.27 -18.16
C SER E 624 77.20 31.36 -19.14
N GLU E 625 76.64 30.98 -20.28
CA GLU E 625 76.24 31.96 -21.28
C GLU E 625 75.21 32.91 -20.70
N ASP E 626 74.38 32.36 -19.80
CA ASP E 626 73.41 33.16 -19.07
C ASP E 626 74.11 34.06 -18.05
N GLY E 627 75.30 33.65 -17.61
CA GLY E 627 76.07 34.37 -16.63
C GLY E 627 75.69 34.03 -15.20
N GLN E 628 74.70 33.16 -15.06
CA GLN E 628 74.22 32.75 -13.74
C GLN E 628 75.19 31.86 -12.99
N ARG E 629 76.08 31.17 -13.70
CA ARG E 629 76.98 30.23 -13.04
C ARG E 629 78.33 30.08 -13.75
N ILE E 630 79.29 29.49 -13.05
CA ILE E 630 80.64 29.33 -13.58
C ILE E 630 81.16 27.91 -13.32
N ALA E 631 81.89 27.35 -14.29
CA ALA E 631 82.58 26.07 -14.08
C ALA E 631 84.11 26.19 -14.18
N SER E 632 84.83 25.68 -13.16
CA SER E 632 86.30 25.62 -13.15
C SER E 632 86.69 24.13 -13.04
N CYS E 633 87.75 23.73 -13.75
CA CYS E 633 88.40 22.43 -13.56
C CYS E 633 89.66 22.55 -12.69
N GLY E 634 90.62 21.63 -12.85
CA GLY E 634 91.85 21.66 -12.07
C GLY E 634 92.84 20.54 -12.40
N ALA E 635 93.99 20.52 -11.71
CA ALA E 635 94.99 19.48 -11.95
C ALA E 635 94.45 18.11 -11.58
N ASP E 636 93.60 18.06 -10.56
CA ASP E 636 93.04 16.79 -10.12
C ASP E 636 92.28 16.25 -11.31
N LYS E 637 91.62 17.16 -12.03
CA LYS E 637 90.87 16.80 -13.23
C LYS E 637 89.37 16.62 -12.99
N THR E 638 88.95 16.76 -11.74
CA THR E 638 87.55 16.90 -11.40
C THR E 638 87.17 18.30 -11.86
N LEU E 639 85.93 18.50 -12.26
CA LEU E 639 85.42 19.83 -12.63
C LEU E 639 84.29 20.16 -11.66
N GLN E 640 84.28 21.38 -11.13
CA GLN E 640 83.22 21.79 -10.22
C GLN E 640 82.42 22.93 -10.83
N VAL E 641 81.09 22.81 -10.81
CA VAL E 641 80.24 23.82 -11.45
C VAL E 641 79.47 24.61 -10.38
N PHE E 642 79.46 25.94 -10.43
CA PHE E 642 78.85 26.68 -9.31
C PHE E 642 78.08 27.94 -9.70
N LYS E 643 77.14 28.37 -8.85
CA LYS E 643 76.46 29.63 -9.14
C LYS E 643 77.13 30.68 -8.28
N ALA E 644 77.74 31.67 -8.93
CA ALA E 644 78.63 32.60 -8.25
C ALA E 644 78.02 33.48 -7.18
N GLU E 645 76.85 34.06 -7.47
CA GLU E 645 76.17 34.94 -6.53
C GLU E 645 76.22 34.36 -5.12
N THR E 646 75.18 33.62 -4.74
CA THR E 646 75.11 33.02 -3.41
C THR E 646 76.39 32.23 -3.09
N GLY E 647 77.22 32.03 -4.11
CA GLY E 647 78.46 31.31 -3.94
C GLY E 647 78.27 30.02 -3.17
N GLU E 648 77.52 29.08 -3.75
CA GLU E 648 77.26 27.80 -3.11
C GLU E 648 77.35 26.66 -4.13
N LYS E 649 77.99 25.57 -3.72
CA LYS E 649 78.14 24.41 -4.59
C LYS E 649 76.83 24.07 -5.29
N LEU E 650 76.87 24.03 -6.62
CA LEU E 650 75.68 23.73 -7.41
C LEU E 650 75.91 22.48 -8.27
N LEU E 651 77.16 22.02 -8.33
CA LEU E 651 77.50 20.82 -9.12
C LEU E 651 78.80 20.16 -8.63
N GLU E 652 78.82 18.83 -8.57
CA GLU E 652 80.03 18.05 -8.27
C GLU E 652 80.22 17.06 -9.43
N ILE E 653 81.44 16.94 -9.99
CA ILE E 653 81.71 16.00 -11.09
C ILE E 653 82.74 14.96 -10.62
N LYS E 654 82.52 13.67 -10.85
CA LYS E 654 83.26 12.69 -10.07
C LYS E 654 84.71 12.66 -10.52
N ALA E 655 84.91 12.58 -11.83
CA ALA E 655 86.25 12.55 -12.41
C ALA E 655 86.24 12.83 -13.90
N HIS E 656 87.39 13.23 -14.44
CA HIS E 656 87.61 13.29 -15.87
C HIS E 656 88.87 12.49 -16.16
N GLU E 657 88.86 11.61 -17.16
CA GLU E 657 90.05 10.83 -17.42
C GLU E 657 91.18 11.76 -17.81
N ASP E 658 92.35 11.57 -17.20
CA ASP E 658 93.48 12.45 -17.46
C ASP E 658 93.22 13.82 -16.87
N GLU E 659 94.27 14.63 -16.76
CA GLU E 659 94.13 15.97 -16.19
C GLU E 659 93.32 16.88 -17.12
N VAL E 660 92.37 17.63 -16.57
CA VAL E 660 91.54 18.50 -17.41
C VAL E 660 92.45 19.47 -18.13
N LEU E 661 92.17 19.73 -19.41
CA LEU E 661 92.92 20.76 -20.10
C LEU E 661 92.14 22.07 -20.25
N CYS E 662 90.83 21.94 -20.51
CA CYS E 662 89.91 23.08 -20.50
C CYS E 662 88.48 22.59 -20.66
N CYS E 663 87.53 23.44 -20.31
CA CYS E 663 86.12 23.08 -20.39
C CYS E 663 85.28 24.29 -20.81
N ALA E 664 84.07 24.05 -21.26
CA ALA E 664 83.22 25.15 -21.70
C ALA E 664 81.73 24.79 -21.79
N PHE E 665 80.88 25.76 -21.48
CA PHE E 665 79.43 25.60 -21.59
C PHE E 665 78.91 25.65 -23.02
N SER E 666 77.78 24.99 -23.25
CA SER E 666 77.04 25.12 -24.49
C SER E 666 76.40 26.50 -24.54
N THR E 667 76.10 26.96 -25.76
CA THR E 667 75.58 28.31 -25.97
C THR E 667 74.27 28.54 -25.20
N ASP E 668 73.50 27.48 -25.02
CA ASP E 668 72.30 27.55 -24.21
C ASP E 668 72.53 26.95 -22.83
N ASP E 669 73.80 26.73 -22.51
CA ASP E 669 74.22 26.19 -21.21
C ASP E 669 73.55 24.86 -20.91
N ARG E 670 73.33 24.08 -21.96
CA ARG E 670 72.71 22.77 -21.84
C ARG E 670 73.76 21.65 -21.90
N PHE E 671 75.01 22.03 -22.13
CA PHE E 671 76.09 21.06 -22.25
C PHE E 671 77.41 21.63 -21.75
N ILE E 672 78.32 20.73 -21.36
CA ILE E 672 79.65 21.14 -20.93
C ILE E 672 80.71 20.23 -21.53
N ALA E 673 81.38 20.73 -22.56
CA ALA E 673 82.52 20.03 -23.14
C ALA E 673 83.69 20.04 -22.16
N THR E 674 84.46 18.96 -22.13
CA THR E 674 85.61 18.88 -21.26
C THR E 674 86.83 18.32 -21.99
N CYS E 675 87.82 19.16 -22.23
CA CYS E 675 89.05 18.74 -22.89
C CYS E 675 89.97 18.04 -21.91
N SER E 676 90.82 17.14 -22.42
CA SER E 676 91.72 16.38 -21.56
C SER E 676 92.92 15.77 -22.27
N VAL E 677 93.94 15.48 -21.48
CA VAL E 677 95.16 14.82 -21.97
C VAL E 677 94.86 13.42 -22.50
N ASP E 678 93.86 12.76 -21.93
CA ASP E 678 93.54 11.41 -22.36
C ASP E 678 93.13 11.45 -23.82
N LYS E 679 92.44 12.53 -24.16
CA LYS E 679 91.72 12.66 -25.43
C LYS E 679 90.26 12.22 -25.33
N LYS E 680 89.71 12.29 -24.13
CA LYS E 680 88.29 12.00 -23.94
C LYS E 680 87.48 13.29 -23.90
N VAL E 681 86.97 13.71 -25.04
CA VAL E 681 86.17 14.92 -25.08
C VAL E 681 84.80 14.59 -24.50
N LYS E 682 84.70 14.69 -23.18
CA LYS E 682 83.49 14.34 -22.45
C LYS E 682 82.52 15.51 -22.30
N ILE E 683 81.53 15.56 -23.20
CA ILE E 683 80.48 16.56 -23.12
C ILE E 683 79.35 16.06 -22.22
N TRP E 684 79.51 16.35 -20.93
CA TRP E 684 78.53 16.03 -19.91
C TRP E 684 77.35 17.00 -20.02
N ASN E 685 76.16 16.58 -19.60
CA ASN E 685 75.03 17.51 -19.54
C ASN E 685 75.28 18.55 -18.45
N SER E 686 74.83 19.78 -18.69
CA SER E 686 75.03 20.86 -17.74
C SER E 686 73.99 20.88 -16.62
N MET E 687 72.93 20.09 -16.78
CA MET E 687 71.85 20.09 -15.80
C MET E 687 71.85 18.81 -14.98
N THR E 688 71.52 17.70 -15.65
CA THR E 688 71.53 16.40 -15.00
C THR E 688 72.94 16.05 -14.55
N GLY E 689 73.92 16.54 -15.29
CA GLY E 689 75.32 16.31 -15.00
C GLY E 689 75.80 15.00 -15.59
N GLU E 690 74.86 14.26 -16.17
CA GLU E 690 75.19 13.00 -16.82
C GLU E 690 75.80 13.26 -18.19
N LEU E 691 76.66 12.35 -18.64
CA LEU E 691 77.32 12.50 -19.93
C LEU E 691 76.30 12.44 -21.06
N VAL E 692 76.53 13.23 -22.11
CA VAL E 692 75.70 13.16 -23.30
C VAL E 692 76.58 12.87 -24.52
N HIS E 693 77.35 13.87 -24.94
CA HIS E 693 78.22 13.70 -26.10
C HIS E 693 79.64 13.30 -25.71
N THR E 694 80.36 12.71 -26.65
CA THR E 694 81.75 12.36 -26.41
C THR E 694 82.49 12.26 -27.74
N TYR E 695 83.77 12.66 -27.75
CA TYR E 695 84.52 12.67 -29.00
C TYR E 695 86.01 12.44 -28.81
N ASP E 696 86.66 11.97 -29.88
CA ASP E 696 88.11 11.84 -29.93
C ASP E 696 88.58 11.77 -31.38
N GLU E 697 89.71 12.40 -31.69
CA GLU E 697 90.24 12.38 -33.05
C GLU E 697 91.70 12.84 -33.08
N HIS E 698 92.06 13.67 -32.10
CA HIS E 698 93.36 14.32 -32.07
C HIS E 698 94.52 13.33 -31.96
N SER E 699 95.58 13.60 -32.70
CA SER E 699 96.82 12.85 -32.59
C SER E 699 97.53 13.15 -31.27
N GLU E 700 97.23 14.33 -30.71
CA GLU E 700 97.87 14.76 -29.48
C GLU E 700 96.84 15.30 -28.50
N GLN E 701 97.30 15.81 -27.38
CA GLN E 701 96.42 16.37 -26.36
C GLN E 701 95.69 17.60 -26.90
N VAL E 702 94.40 17.73 -26.55
CA VAL E 702 93.58 18.84 -27.02
C VAL E 702 94.06 20.17 -26.46
N ASN E 703 94.06 21.22 -27.28
CA ASN E 703 94.41 22.55 -26.79
C ASN E 703 93.20 23.34 -26.35
N CYS E 704 92.07 23.14 -27.01
CA CYS E 704 90.88 23.91 -26.68
C CYS E 704 89.59 23.30 -27.20
N CYS E 705 88.50 23.57 -26.50
CA CYS E 705 87.17 23.13 -26.90
C CYS E 705 86.19 24.28 -26.77
N HIS E 706 85.19 24.30 -27.66
CA HIS E 706 84.17 25.34 -27.64
C HIS E 706 82.94 24.87 -28.39
N PHE E 707 81.76 25.17 -27.86
CA PHE E 707 80.52 24.97 -28.58
C PHE E 707 80.27 26.13 -29.55
N THR E 708 79.51 25.87 -30.60
CA THR E 708 79.22 26.89 -31.59
C THR E 708 78.43 28.02 -30.95
N ASN E 709 78.82 29.27 -31.23
CA ASN E 709 78.11 30.42 -30.72
C ASN E 709 76.71 30.53 -31.32
N SER E 710 76.54 30.00 -32.53
CA SER E 710 75.23 29.94 -33.14
C SER E 710 74.31 28.99 -32.40
N SER E 711 73.06 29.40 -32.20
CA SER E 711 72.06 28.55 -31.58
C SER E 711 71.70 27.39 -32.49
N HIS E 712 71.85 27.60 -33.79
CA HIS E 712 71.45 26.63 -34.79
C HIS E 712 72.49 25.52 -34.94
N HIS E 713 73.57 25.83 -35.63
CA HIS E 713 74.62 24.85 -35.91
C HIS E 713 75.26 24.35 -34.63
N LEU E 714 75.51 23.05 -34.57
CA LEU E 714 76.14 22.45 -33.42
C LEU E 714 77.49 21.87 -33.82
N LEU E 715 78.55 22.61 -33.55
CA LEU E 715 79.88 22.18 -33.95
C LEU E 715 80.83 22.27 -32.78
N LEU E 716 81.92 21.51 -32.86
CA LEU E 716 82.91 21.51 -31.80
C LEU E 716 84.30 21.66 -32.39
N ALA E 717 84.71 22.91 -32.61
CA ALA E 717 86.08 23.19 -33.02
C ALA E 717 87.02 22.85 -31.88
N THR E 718 88.12 22.17 -32.20
CA THR E 718 89.07 21.75 -31.18
C THR E 718 90.51 21.77 -31.69
N GLY E 719 91.32 22.65 -31.13
CA GLY E 719 92.74 22.67 -31.40
C GLY E 719 93.44 21.61 -30.56
N SER E 720 94.69 21.31 -30.90
CA SER E 720 95.47 20.31 -30.19
C SER E 720 96.96 20.41 -30.52
N SER E 721 97.78 19.69 -29.77
CA SER E 721 99.24 19.79 -29.89
C SER E 721 99.72 19.22 -31.23
N ASP E 722 98.86 18.44 -31.88
CA ASP E 722 99.20 17.84 -33.18
C ASP E 722 99.05 18.85 -34.31
N CYS E 723 98.61 20.07 -33.93
CA CYS E 723 98.44 21.23 -34.81
C CYS E 723 97.13 21.17 -35.60
N PHE E 724 96.64 19.96 -35.88
CA PHE E 724 95.38 19.80 -36.60
C PHE E 724 94.20 20.38 -35.83
N LEU E 725 93.37 21.14 -36.53
CA LEU E 725 92.06 21.49 -35.99
C LEU E 725 91.12 20.31 -36.18
N LYS E 726 90.14 20.18 -35.29
CA LYS E 726 89.07 19.22 -35.50
C LYS E 726 87.72 19.92 -35.35
N LEU E 727 87.07 20.17 -36.48
CA LEU E 727 85.74 20.74 -36.48
C LEU E 727 84.70 19.64 -36.39
N TRP E 728 84.32 19.30 -35.16
CA TRP E 728 83.33 18.27 -34.93
C TRP E 728 81.94 18.72 -35.36
N ASP E 729 81.15 17.77 -35.86
CA ASP E 729 79.72 17.99 -36.01
C ASP E 729 79.06 17.38 -34.79
N LEU E 730 78.54 18.22 -33.91
CA LEU E 730 78.01 17.74 -32.64
C LEU E 730 76.84 16.78 -32.81
N ASN E 731 76.16 16.89 -33.95
CA ASN E 731 75.07 16.00 -34.26
C ASN E 731 75.54 14.63 -34.77
N GLN E 732 76.85 14.50 -34.99
CA GLN E 732 77.40 13.23 -35.47
C GLN E 732 78.60 12.77 -34.65
N LYS E 733 78.73 11.46 -34.52
CA LYS E 733 79.79 10.87 -33.69
C LYS E 733 81.18 11.16 -34.24
N GLU E 734 81.30 11.29 -35.56
CA GLU E 734 82.59 11.57 -36.16
C GLU E 734 82.69 13.01 -36.66
N CYS E 735 83.93 13.48 -36.80
CA CYS E 735 84.23 14.88 -37.09
C CYS E 735 83.67 15.36 -38.43
N ARG E 736 83.10 16.57 -38.43
CA ARG E 736 82.63 17.18 -39.67
C ARG E 736 83.78 17.54 -40.60
N ASN E 737 84.92 17.92 -40.02
CA ASN E 737 86.08 18.29 -40.82
C ASN E 737 87.39 18.44 -40.05
N THR E 738 88.34 17.55 -40.34
CA THR E 738 89.72 17.75 -39.92
C THR E 738 90.29 18.96 -40.68
N MET E 739 91.04 19.80 -39.99
CA MET E 739 91.59 20.99 -40.62
C MET E 739 93.05 21.24 -40.28
N PHE E 740 93.96 20.64 -41.05
CA PHE E 740 95.35 21.01 -40.97
C PHE E 740 95.52 22.41 -41.52
N GLY E 741 96.37 23.21 -40.89
CA GLY E 741 96.58 24.58 -41.33
C GLY E 741 97.67 25.24 -40.53
N HIS E 742 97.55 25.22 -39.21
CA HIS E 742 98.56 25.80 -38.34
C HIS E 742 99.89 25.08 -38.49
N THR E 743 100.96 25.86 -38.58
CA THR E 743 102.30 25.28 -38.66
C THR E 743 102.82 24.96 -37.27
N ASN E 744 102.08 25.39 -36.26
CA ASN E 744 102.42 25.15 -34.86
C ASN E 744 101.19 24.76 -34.05
N SER E 745 101.41 24.26 -32.84
CA SER E 745 100.32 23.81 -32.00
C SER E 745 99.35 24.95 -31.71
N VAL E 746 98.07 24.64 -31.74
CA VAL E 746 97.02 25.64 -31.52
C VAL E 746 97.14 26.26 -30.13
N ASN E 747 97.06 27.58 -30.07
CA ASN E 747 97.11 28.27 -28.78
C ASN E 747 95.73 28.47 -28.16
N HIS E 748 94.73 28.70 -29.01
CA HIS E 748 93.38 28.96 -28.55
C HIS E 748 92.38 28.71 -29.69
N CYS E 749 91.11 28.54 -29.34
CA CYS E 749 90.08 28.30 -30.35
C CYS E 749 88.73 28.88 -29.94
N ARG E 750 88.06 29.53 -30.89
CA ARG E 750 86.75 30.10 -30.66
C ARG E 750 85.95 30.10 -31.95
N PHE E 751 84.64 29.83 -31.85
CA PHE E 751 83.75 30.06 -32.99
C PHE E 751 83.53 31.54 -33.26
N SER E 752 83.45 31.92 -34.53
CA SER E 752 83.19 33.31 -34.91
C SER E 752 81.69 33.56 -34.91
N PRO E 753 81.29 34.80 -34.64
CA PRO E 753 79.85 35.13 -34.60
C PRO E 753 79.15 34.67 -35.87
N ASP E 754 79.87 34.71 -36.99
CA ASP E 754 79.42 34.09 -38.21
C ASP E 754 79.82 32.62 -38.16
N ASP E 755 78.83 31.76 -37.92
CA ASP E 755 79.09 30.33 -37.73
C ASP E 755 79.67 29.69 -38.97
N LYS E 756 79.42 30.31 -40.12
CA LYS E 756 79.99 29.86 -41.39
C LYS E 756 81.51 29.97 -41.36
N LEU E 757 82.00 30.99 -40.65
CA LEU E 757 83.42 31.19 -40.42
C LEU E 757 83.88 30.49 -39.15
N LEU E 758 85.16 30.15 -39.09
CA LEU E 758 85.75 29.59 -37.89
C LEU E 758 87.22 30.01 -37.76
N ALA E 759 87.44 31.03 -36.93
CA ALA E 759 88.78 31.53 -36.68
C ALA E 759 89.58 30.60 -35.77
N SER E 760 90.90 30.65 -35.88
CA SER E 760 91.76 29.87 -35.02
C SER E 760 93.14 30.51 -34.86
N CYS E 761 93.81 30.20 -33.76
CA CYS E 761 95.12 30.78 -33.48
C CYS E 761 96.12 29.70 -33.11
N SER E 762 97.40 30.03 -33.23
CA SER E 762 98.47 29.11 -32.92
C SER E 762 99.82 29.81 -32.73
N ALA E 763 100.83 29.04 -32.33
CA ALA E 763 102.14 29.60 -31.95
C ALA E 763 102.83 30.32 -33.10
N ASP E 764 102.50 29.97 -34.33
CA ASP E 764 103.00 30.70 -35.49
C ASP E 764 102.48 32.13 -35.46
N GLY E 765 101.33 32.31 -34.80
CA GLY E 765 100.81 33.63 -34.50
C GLY E 765 99.84 34.14 -35.54
N THR E 766 99.91 33.59 -36.75
CA THR E 766 99.00 34.00 -37.81
C THR E 766 97.58 33.61 -37.47
N LEU E 767 96.64 34.53 -37.70
CA LEU E 767 95.23 34.22 -37.53
C LEU E 767 94.79 33.31 -38.66
N LYS E 768 93.81 32.45 -38.42
CA LYS E 768 93.28 31.64 -39.50
C LYS E 768 91.76 31.59 -39.50
N LEU E 769 91.17 32.45 -40.32
CA LEU E 769 89.73 32.51 -40.50
C LEU E 769 89.30 31.46 -41.53
N TRP E 770 89.00 30.26 -41.04
CA TRP E 770 88.61 29.13 -41.87
C TRP E 770 87.18 29.29 -42.36
N ASP E 771 86.88 28.72 -43.54
CA ASP E 771 85.50 28.68 -44.02
C ASP E 771 84.89 27.33 -43.67
N ALA E 772 84.20 27.28 -42.53
CA ALA E 772 83.64 26.02 -42.04
C ALA E 772 82.56 25.46 -42.97
N THR E 773 81.83 26.34 -43.65
CA THR E 773 80.75 25.91 -44.54
C THR E 773 81.26 25.09 -45.72
N SER E 774 82.42 25.47 -46.23
CA SER E 774 83.03 24.74 -47.34
C SER E 774 83.99 23.68 -46.84
N ALA E 775 84.17 23.64 -45.53
CA ALA E 775 85.16 22.77 -44.88
C ALA E 775 86.55 23.01 -45.46
N ASN E 776 86.84 24.28 -45.79
CA ASN E 776 88.06 24.66 -46.46
C ASN E 776 88.59 26.01 -45.98
N GLU E 777 89.84 26.31 -46.32
CA GLU E 777 90.46 27.59 -46.00
C GLU E 777 89.77 28.74 -46.74
N ARG E 778 89.65 29.87 -46.06
CA ARG E 778 89.13 31.09 -46.68
C ARG E 778 90.11 32.23 -46.52
N LYS E 779 90.47 32.51 -45.27
CA LYS E 779 91.38 33.61 -44.98
C LYS E 779 92.35 33.26 -43.86
N SER E 780 93.49 33.93 -43.82
CA SER E 780 94.49 33.71 -42.79
C SER E 780 95.50 34.85 -42.75
N ILE E 781 95.24 35.85 -41.91
CA ILE E 781 96.15 36.99 -41.78
C ILE E 781 97.51 36.56 -41.25
N ASN E 782 98.57 37.03 -41.87
CA ASN E 782 99.92 36.87 -41.33
C ASN E 782 100.17 37.86 -40.21
N VAL E 783 100.97 37.49 -39.22
CA VAL E 783 101.22 38.38 -38.10
C VAL E 783 102.72 38.56 -37.88
N LYS E 784 103.29 39.50 -38.61
CA LYS E 784 104.64 39.97 -38.38
C LYS E 784 104.56 41.45 -38.02
N GLN E 785 103.34 41.88 -37.69
CA GLN E 785 103.03 43.28 -37.43
C GLN E 785 103.78 43.80 -36.21
N PHE E 786 104.17 42.88 -35.34
CA PHE E 786 105.07 43.21 -34.23
C PHE E 786 106.47 43.37 -34.81
N PHE E 787 106.67 44.45 -35.56
CA PHE E 787 107.98 44.74 -36.12
C PHE E 787 108.94 45.15 -35.01
N LEU E 788 110.18 44.69 -35.13
CA LEU E 788 111.19 44.95 -34.10
C LEU E 788 112.59 44.68 -34.66
N ASN E 789 113.30 45.74 -34.99
CA ASN E 789 114.62 45.62 -35.62
C ASN E 789 115.74 45.49 -34.57
N LEU E 790 115.82 44.32 -33.95
CA LEU E 790 116.87 44.03 -32.99
C LEU E 790 118.16 43.57 -33.66
N GLU E 791 119.20 43.39 -32.84
CA GLU E 791 120.47 42.85 -33.29
C GLU E 791 120.41 41.32 -33.30
N ASP E 792 119.22 40.79 -33.00
CA ASP E 792 118.96 39.36 -33.01
C ASP E 792 119.18 38.81 -34.41
N PRO E 793 119.97 37.72 -34.53
CA PRO E 793 120.27 37.08 -35.83
C PRO E 793 119.03 36.63 -36.58
N GLN E 794 117.98 36.24 -35.88
CA GLN E 794 116.71 35.91 -36.51
C GLN E 794 116.19 37.15 -37.26
N GLU E 795 115.50 36.93 -38.37
CA GLU E 795 115.01 38.03 -39.20
C GLU E 795 113.85 38.75 -38.53
N ASP E 796 112.76 38.93 -39.27
CA ASP E 796 111.54 39.48 -38.68
C ASP E 796 111.03 38.54 -37.60
N MET E 797 110.57 39.12 -36.50
CA MET E 797 110.20 38.33 -35.33
C MET E 797 109.01 37.41 -35.59
N GLU E 798 109.09 36.20 -35.03
CA GLU E 798 108.03 35.22 -35.15
C GLU E 798 107.01 35.39 -34.03
N VAL E 799 105.95 36.15 -34.31
CA VAL E 799 104.94 36.46 -33.30
C VAL E 799 104.23 35.20 -32.82
N ILE E 800 103.97 35.13 -31.53
CA ILE E 800 103.27 33.98 -30.94
C ILE E 800 102.01 34.46 -30.23
N VAL E 801 100.93 34.59 -30.98
CA VAL E 801 99.64 35.02 -30.43
C VAL E 801 99.10 33.98 -29.44
N LYS E 802 98.52 34.47 -28.34
CA LYS E 802 97.90 33.58 -27.37
C LYS E 802 96.37 33.69 -27.40
N CYS E 803 95.83 34.68 -26.69
CA CYS E 803 94.39 34.85 -26.62
C CYS E 803 93.82 35.21 -27.98
N CYS E 804 92.67 34.63 -28.31
CA CYS E 804 91.96 34.94 -29.54
C CYS E 804 90.75 35.81 -29.24
N SER E 805 91.01 37.05 -28.84
CA SER E 805 89.95 37.97 -28.43
C SER E 805 89.06 38.38 -29.61
N TRP E 806 87.79 38.61 -29.31
CA TRP E 806 86.84 39.06 -30.32
C TRP E 806 86.27 40.44 -30.02
N SER E 807 85.92 41.17 -31.06
CA SER E 807 85.14 42.39 -30.91
C SER E 807 83.74 42.00 -30.45
N ALA E 808 83.02 42.92 -29.82
CA ALA E 808 81.72 42.60 -29.24
C ALA E 808 80.77 42.08 -30.30
N ASP E 809 80.90 42.58 -31.53
CA ASP E 809 80.17 42.02 -32.66
C ASP E 809 80.88 40.79 -33.23
N GLY E 810 82.17 40.66 -32.92
CA GLY E 810 82.96 39.54 -33.40
C GLY E 810 83.36 39.66 -34.86
N ALA E 811 83.20 40.86 -35.42
CA ALA E 811 83.48 41.09 -36.82
C ALA E 811 84.98 41.22 -37.10
N ARG E 812 85.76 41.36 -36.03
CA ARG E 812 87.20 41.54 -36.14
C ARG E 812 87.87 40.82 -34.98
N ILE E 813 89.15 40.46 -35.14
CA ILE E 813 89.81 39.70 -34.09
C ILE E 813 90.91 40.48 -33.36
N MET E 814 90.62 40.80 -32.10
CA MET E 814 91.63 41.30 -31.17
C MET E 814 92.54 40.13 -30.76
N VAL E 815 93.83 40.41 -30.58
CA VAL E 815 94.82 39.42 -30.18
C VAL E 815 95.89 40.08 -29.35
N ALA E 816 96.77 39.29 -28.76
CA ALA E 816 97.91 39.87 -28.06
C ALA E 816 99.09 38.89 -28.05
N ALA E 817 100.30 39.44 -28.20
CA ALA E 817 101.49 38.61 -28.19
C ALA E 817 102.75 39.43 -27.94
N LYS E 818 103.76 38.78 -27.37
CA LYS E 818 105.04 39.42 -27.10
C LYS E 818 104.90 40.72 -26.30
N ASN E 819 105.02 41.84 -26.99
CA ASN E 819 104.94 43.14 -26.34
C ASN E 819 103.75 43.98 -26.82
N LYS E 820 102.94 43.43 -27.71
CA LYS E 820 101.85 44.21 -28.29
C LYS E 820 100.55 43.45 -28.48
N ILE E 821 99.46 44.12 -28.13
CA ILE E 821 98.12 43.72 -28.54
C ILE E 821 97.91 44.19 -29.98
N PHE E 822 97.11 43.45 -30.74
CA PHE E 822 96.74 43.85 -32.09
C PHE E 822 95.23 43.73 -32.28
N LEU E 823 94.68 44.48 -33.22
CA LEU E 823 93.29 44.32 -33.60
C LEU E 823 93.20 44.09 -35.10
N PHE E 824 93.35 42.84 -35.50
CA PHE E 824 93.29 42.49 -36.91
C PHE E 824 91.85 42.50 -37.44
N ASP E 825 91.72 42.87 -38.72
CA ASP E 825 90.44 42.81 -39.41
C ASP E 825 90.46 41.64 -40.38
N ILE E 826 89.99 40.49 -39.91
CA ILE E 826 89.99 39.27 -40.69
C ILE E 826 89.09 39.33 -41.93
N HIS E 827 88.03 40.11 -41.86
CA HIS E 827 87.13 40.22 -43.01
C HIS E 827 87.82 40.93 -44.18
N THR E 828 88.76 41.81 -43.88
CA THR E 828 89.54 42.48 -44.92
C THR E 828 90.96 41.91 -45.01
N SER E 829 91.25 40.96 -44.13
CA SER E 829 92.56 40.31 -44.05
C SER E 829 93.69 41.33 -43.88
N GLY E 830 93.50 42.29 -42.99
CA GLY E 830 94.53 43.29 -42.73
C GLY E 830 94.54 43.81 -41.31
N LEU E 831 95.70 44.30 -40.88
CA LEU E 831 95.86 44.90 -39.56
C LEU E 831 95.08 46.19 -39.41
N LEU E 832 94.56 46.43 -38.21
CA LEU E 832 94.01 47.74 -37.87
C LEU E 832 94.59 48.25 -36.55
N GLY E 833 94.08 47.73 -35.44
CA GLY E 833 94.53 48.18 -34.14
C GLY E 833 95.87 47.58 -33.72
N GLU E 834 96.47 48.17 -32.68
CA GLU E 834 97.75 47.71 -32.18
C GLU E 834 98.06 48.36 -30.83
N ILE E 835 97.67 47.70 -29.75
CA ILE E 835 97.84 48.26 -28.41
C ILE E 835 99.10 47.71 -27.74
N HIS E 836 100.14 48.53 -27.66
CA HIS E 836 101.39 48.10 -27.05
C HIS E 836 101.20 47.82 -25.56
N THR E 837 101.86 46.77 -25.07
CA THR E 837 101.75 46.40 -23.66
C THR E 837 102.81 47.11 -22.83
N GLY E 838 102.67 47.03 -21.50
CA GLY E 838 103.60 47.70 -20.61
C GLY E 838 105.04 47.23 -20.74
N HIS E 839 105.95 48.19 -20.88
CA HIS E 839 107.37 47.91 -21.04
C HIS E 839 107.64 46.88 -22.13
N HIS E 840 108.56 45.96 -21.87
CA HIS E 840 108.90 44.93 -22.86
C HIS E 840 109.23 43.60 -22.20
N SER E 841 108.72 42.53 -22.80
CA SER E 841 108.94 41.16 -22.33
C SER E 841 108.35 40.18 -23.32
N THR E 842 107.43 39.34 -22.85
CA THR E 842 106.64 38.47 -23.70
C THR E 842 105.37 38.10 -22.93
N ILE E 843 104.22 38.34 -23.54
CA ILE E 843 102.94 38.16 -22.86
C ILE E 843 102.73 36.72 -22.42
N GLN E 844 102.31 36.55 -21.16
CA GLN E 844 101.95 35.24 -20.64
C GLN E 844 100.43 35.07 -20.67
N TYR E 845 99.72 36.20 -20.56
CA TYR E 845 98.27 36.19 -20.60
C TYR E 845 97.69 37.55 -21.00
N CYS E 846 96.50 37.53 -21.59
CA CYS E 846 95.82 38.76 -22.01
C CYS E 846 94.32 38.56 -22.09
N ASP E 847 93.57 39.66 -22.01
CA ASP E 847 92.12 39.59 -22.07
C ASP E 847 91.48 40.93 -22.44
N PHE E 848 90.96 41.02 -23.66
CA PHE E 848 90.19 42.18 -24.11
C PHE E 848 88.82 42.29 -23.44
N SER E 849 88.40 43.51 -23.15
CA SER E 849 87.06 43.78 -22.65
C SER E 849 86.24 44.61 -23.64
N PRO E 850 85.14 44.05 -24.14
CA PRO E 850 84.28 44.76 -25.10
C PRO E 850 83.71 46.07 -24.56
N GLN E 851 83.43 46.13 -23.26
CA GLN E 851 83.07 47.38 -22.61
C GLN E 851 84.29 48.28 -22.41
N ASN E 852 84.07 49.59 -22.54
CA ASN E 852 85.09 50.59 -22.25
C ASN E 852 86.42 50.38 -22.97
N HIS E 853 86.42 49.48 -23.95
CA HIS E 853 87.63 49.09 -24.68
C HIS E 853 88.75 48.66 -23.73
N LEU E 854 88.38 48.07 -22.60
CA LEU E 854 89.36 47.67 -21.59
C LEU E 854 90.16 46.43 -21.98
N ALA E 855 91.36 46.34 -21.40
CA ALA E 855 92.24 45.20 -21.62
C ALA E 855 92.91 44.77 -20.33
N VAL E 856 92.33 43.77 -19.66
CA VAL E 856 92.95 43.20 -18.49
C VAL E 856 94.01 42.21 -18.93
N VAL E 857 95.26 42.64 -18.88
CA VAL E 857 96.36 41.84 -19.39
C VAL E 857 97.34 41.47 -18.30
N ALA E 858 97.53 40.17 -18.11
CA ALA E 858 98.58 39.66 -17.24
C ALA E 858 99.85 39.42 -18.05
N LEU E 859 100.70 40.46 -18.13
CA LEU E 859 101.90 40.39 -18.95
C LEU E 859 102.82 39.26 -18.49
N SER E 860 103.43 39.46 -17.31
CA SER E 860 104.28 38.43 -16.71
C SER E 860 104.37 38.67 -15.20
N GLN E 861 104.53 37.60 -14.43
CA GLN E 861 104.59 37.74 -12.97
C GLN E 861 103.30 38.36 -12.44
N TYR E 862 102.17 37.79 -12.85
CA TYR E 862 100.86 38.26 -12.43
C TYR E 862 100.71 39.76 -12.60
N CYS E 863 101.34 40.32 -13.64
CA CYS E 863 101.22 41.75 -13.90
C CYS E 863 99.89 42.01 -14.59
N VAL E 864 98.82 41.90 -13.82
CA VAL E 864 97.46 41.99 -14.34
C VAL E 864 97.03 43.46 -14.44
N GLU E 865 97.61 44.17 -15.40
CA GLU E 865 97.29 45.58 -15.57
C GLU E 865 95.96 45.78 -16.30
N LEU E 866 95.27 46.86 -15.98
CA LEU E 866 94.07 47.26 -16.70
C LEU E 866 94.40 48.37 -17.69
N TRP E 867 94.58 47.98 -18.94
CA TRP E 867 94.83 48.87 -20.05
C TRP E 867 93.53 49.27 -20.72
N ASN E 868 93.61 50.19 -21.67
CA ASN E 868 92.44 50.58 -22.44
C ASN E 868 92.76 50.51 -23.93
N THR E 869 92.10 49.59 -24.64
CA THR E 869 92.41 49.33 -26.04
C THR E 869 92.01 50.48 -26.96
N ASP E 870 92.69 50.55 -28.11
CA ASP E 870 92.51 51.59 -29.12
C ASP E 870 93.00 52.94 -28.63
N SER E 871 92.52 53.37 -27.46
CA SER E 871 93.07 54.55 -26.81
C SER E 871 94.53 54.30 -26.42
N ARG E 872 94.87 53.02 -26.25
CA ARG E 872 96.25 52.58 -26.03
C ARG E 872 96.91 53.22 -24.82
N SER E 873 96.18 53.24 -23.70
CA SER E 873 96.72 53.72 -22.44
C SER E 873 96.16 52.91 -21.27
N LYS E 874 97.00 52.68 -20.27
CA LYS E 874 96.60 51.94 -19.08
C LYS E 874 95.55 52.69 -18.27
N VAL E 875 94.58 51.96 -17.73
CA VAL E 875 93.59 52.56 -16.86
C VAL E 875 94.02 52.48 -15.40
N ALA E 876 94.30 51.28 -14.91
CA ALA E 876 94.75 51.14 -13.52
C ALA E 876 95.44 49.82 -13.22
N ASP E 877 96.31 49.84 -12.21
CA ASP E 877 96.99 48.63 -11.76
C ASP E 877 96.04 47.73 -10.96
N CYS E 878 96.30 46.42 -11.00
CA CYS E 878 95.50 45.48 -10.23
C CYS E 878 96.40 44.48 -9.50
N ARG E 879 96.96 44.88 -8.37
CA ARG E 879 97.63 43.94 -7.45
C ARG E 879 96.68 42.99 -6.68
N GLY E 880 97.17 41.81 -6.27
CA GLY E 880 96.38 40.83 -5.54
C GLY E 880 96.20 39.35 -5.87
N HIS E 881 96.91 38.81 -6.85
CA HIS E 881 96.93 37.35 -7.03
C HIS E 881 98.32 36.81 -6.69
N LEU E 882 98.33 35.67 -5.99
CA LEU E 882 99.56 34.99 -5.52
C LEU E 882 99.75 33.76 -6.43
N SER E 883 101.00 33.44 -6.79
CA SER E 883 101.36 32.37 -7.75
C SER E 883 101.50 32.79 -9.21
N TRP E 884 101.48 34.10 -9.46
CA TRP E 884 101.36 34.62 -10.82
C TRP E 884 100.09 34.07 -11.46
N VAL E 885 99.15 34.95 -11.80
CA VAL E 885 97.86 34.52 -12.30
C VAL E 885 97.97 33.26 -13.15
N HIS E 886 96.84 32.60 -13.33
CA HIS E 886 96.76 31.47 -14.23
C HIS E 886 95.68 31.77 -15.24
N GLY E 887 94.79 32.70 -14.92
CA GLY E 887 93.82 33.13 -15.92
C GLY E 887 92.73 34.06 -15.43
N VAL E 888 92.13 34.77 -16.37
CA VAL E 888 91.11 35.78 -16.10
C VAL E 888 90.09 35.77 -17.25
N MET E 889 88.83 36.07 -16.96
CA MET E 889 87.86 36.27 -18.04
C MET E 889 86.64 37.04 -17.54
N PHE E 890 86.12 37.92 -18.40
CA PHE E 890 85.01 38.79 -18.05
C PHE E 890 83.66 38.08 -18.05
N SER E 891 82.73 38.64 -17.28
CA SER E 891 81.35 38.19 -17.28
C SER E 891 80.72 38.51 -18.63
N PRO E 892 79.70 37.72 -19.04
CA PRO E 892 79.00 38.03 -20.29
C PRO E 892 78.39 39.42 -20.27
N ASP E 893 77.97 39.87 -19.08
CA ASP E 893 77.55 41.25 -18.89
C ASP E 893 78.73 42.19 -19.05
N GLY E 894 79.92 41.69 -18.73
CA GLY E 894 81.13 42.49 -18.82
C GLY E 894 81.33 43.36 -17.60
N SER E 895 80.40 43.25 -16.65
CA SER E 895 80.43 44.07 -15.44
C SER E 895 81.38 43.50 -14.39
N SER E 896 81.91 42.32 -14.66
CA SER E 896 82.80 41.64 -13.73
C SER E 896 83.70 40.63 -14.43
N PHE E 897 84.70 40.12 -13.72
CA PHE E 897 85.58 39.10 -14.28
C PHE E 897 86.17 38.17 -13.23
N LEU E 898 86.27 36.90 -13.57
CA LEU E 898 86.94 35.91 -12.72
C LEU E 898 88.45 36.04 -12.85
N THR E 899 89.17 35.62 -11.82
CA THR E 899 90.64 35.59 -11.87
C THR E 899 91.21 34.29 -11.33
N SER E 900 91.28 33.27 -12.19
CA SER E 900 91.91 32.01 -11.81
C SER E 900 93.39 32.25 -11.56
N SER E 901 93.97 31.52 -10.60
CA SER E 901 95.36 31.74 -10.25
C SER E 901 96.06 30.47 -9.80
N ASP E 902 97.39 30.48 -9.84
CA ASP E 902 98.19 29.32 -9.49
C ASP E 902 98.02 28.91 -8.03
N ASP E 903 97.62 29.83 -7.17
CA ASP E 903 97.49 29.50 -5.76
C ASP E 903 96.46 28.39 -5.64
N GLN E 904 95.53 28.39 -6.60
CA GLN E 904 94.21 27.73 -6.49
C GLN E 904 93.06 28.66 -6.08
N THR E 905 93.09 29.91 -6.54
CA THR E 905 92.21 30.97 -6.08
C THR E 905 91.52 31.70 -7.24
N ILE E 906 90.23 31.95 -7.08
CA ILE E 906 89.48 32.70 -8.08
C ILE E 906 88.84 33.95 -7.46
N ARG E 907 89.36 35.12 -7.83
CA ARG E 907 88.85 36.35 -7.25
C ARG E 907 87.91 37.06 -8.19
N LEU E 908 86.67 37.21 -7.74
CA LEU E 908 85.69 38.05 -8.41
C LEU E 908 86.05 39.53 -8.30
N TRP E 909 85.76 40.29 -9.35
CA TRP E 909 86.04 41.73 -9.34
C TRP E 909 85.01 42.53 -10.10
N GLU E 910 84.57 43.64 -9.50
CA GLU E 910 83.71 44.60 -10.18
C GLU E 910 84.50 45.36 -11.25
N THR E 911 83.83 45.69 -12.35
CA THR E 911 84.46 46.43 -13.45
C THR E 911 84.91 47.84 -13.03
N LYS E 912 84.06 48.49 -12.23
CA LYS E 912 84.30 49.89 -11.82
C LYS E 912 85.56 50.08 -11.00
N LYS E 913 85.86 49.13 -10.11
CA LYS E 913 86.96 49.25 -9.17
C LYS E 913 88.33 49.36 -9.85
N VAL E 914 88.51 48.59 -10.92
CA VAL E 914 89.81 48.51 -11.59
C VAL E 914 90.27 49.85 -12.18
N CYS E 915 89.35 50.61 -12.75
CA CYS E 915 89.69 51.87 -13.41
C CYS E 915 90.28 52.90 -12.45
N LYS E 916 89.70 52.97 -11.24
CA LYS E 916 90.15 53.92 -10.24
C LYS E 916 91.58 53.59 -9.81
N ASN E 917 92.40 54.61 -9.55
CA ASN E 917 93.79 54.35 -9.21
C ASN E 917 93.93 53.97 -7.74
N SER E 918 94.91 53.14 -7.44
CA SER E 918 95.15 52.69 -6.07
C SER E 918 96.63 52.47 -5.81
N ALA E 919 97.41 53.54 -5.86
CA ALA E 919 98.84 53.46 -5.61
C ALA E 919 99.13 53.04 -4.18
N VAL E 920 99.00 51.74 -3.91
CA VAL E 920 99.23 51.21 -2.58
C VAL E 920 100.01 49.90 -2.63
N MET E 921 99.78 49.02 -1.65
CA MET E 921 100.47 47.74 -1.60
C MET E 921 101.97 47.89 -1.81
N LEU E 922 102.68 48.15 -0.72
CA LEU E 922 104.13 48.31 -0.77
C LEU E 922 104.80 47.18 -1.55
N LYS E 923 106.01 47.49 -2.06
CA LYS E 923 106.83 46.56 -2.84
C LYS E 923 107.26 45.36 -2.01
N GLN E 924 107.43 44.23 -2.67
CA GLN E 924 107.53 42.93 -1.99
C GLN E 924 108.69 42.77 -1.01
N GLU E 925 109.88 43.23 -1.40
CA GLU E 925 111.05 43.13 -0.53
C GLU E 925 111.44 44.50 -0.01
N VAL E 926 111.48 44.64 1.30
CA VAL E 926 111.85 45.89 1.95
C VAL E 926 112.63 45.64 3.22
N ASP E 927 113.42 46.63 3.64
CA ASP E 927 114.14 46.54 4.90
C ASP E 927 113.55 47.55 5.88
N VAL E 928 113.24 47.11 7.09
CA VAL E 928 112.72 47.99 8.14
C VAL E 928 113.66 48.06 9.36
N VAL E 929 113.93 49.28 9.82
CA VAL E 929 114.82 49.49 10.98
C VAL E 929 114.04 50.05 12.19
N PHE E 930 114.16 49.38 13.33
CA PHE E 930 113.37 49.75 14.50
C PHE E 930 114.18 50.45 15.61
N GLN E 931 113.77 51.69 15.87
CA GLN E 931 114.47 52.58 16.79
C GLN E 931 113.71 52.90 18.08
N GLU E 932 112.74 52.07 18.44
CA GLU E 932 111.90 52.29 19.63
C GLU E 932 110.35 52.27 19.49
N ASN E 933 109.69 53.37 19.91
CA ASN E 933 108.23 53.61 19.93
C ASN E 933 107.46 53.70 18.61
N GLU E 934 108.19 54.11 17.56
CA GLU E 934 107.69 54.12 16.20
C GLU E 934 108.63 53.27 15.35
N VAL E 935 108.07 52.44 14.47
CA VAL E 935 108.85 51.59 13.57
C VAL E 935 108.70 52.09 12.13
N MET E 936 109.81 52.25 11.42
CA MET E 936 109.80 52.75 10.04
C MET E 936 110.14 51.59 9.07
N VAL E 937 109.33 51.43 8.03
CA VAL E 937 109.51 50.34 7.06
C VAL E 937 110.06 50.89 5.74
N LEU E 938 111.15 50.29 5.25
CA LEU E 938 111.71 50.69 3.96
C LEU E 938 110.72 50.37 2.86
N ALA E 939 110.61 51.26 1.88
CA ALA E 939 109.65 51.09 0.79
C ALA E 939 110.24 51.47 -0.57
N VAL E 940 109.68 50.89 -1.63
CA VAL E 940 110.05 51.22 -2.99
C VAL E 940 108.86 51.90 -3.65
N ASP E 941 109.09 53.08 -4.25
CA ASP E 941 108.00 53.88 -4.79
C ASP E 941 107.25 53.09 -5.85
N HIS E 942 105.95 53.32 -5.92
CA HIS E 942 105.10 52.61 -6.87
C HIS E 942 105.50 52.94 -8.31
N ILE E 943 106.13 54.10 -8.49
CA ILE E 943 106.56 54.51 -9.81
C ILE E 943 108.08 54.46 -9.99
N ARG E 944 108.82 55.04 -9.05
CA ARG E 944 110.27 55.18 -9.22
C ARG E 944 111.09 54.67 -8.04
N ARG E 945 111.47 55.57 -7.12
CA ARG E 945 112.44 55.24 -6.08
C ARG E 945 111.78 54.70 -4.82
N LEU E 946 111.42 55.61 -3.90
CA LEU E 946 110.93 55.19 -2.60
C LEU E 946 110.15 56.27 -1.84
N GLN E 947 109.38 55.81 -0.85
CA GLN E 947 108.74 56.67 0.13
C GLN E 947 108.82 55.99 1.50
N LEU E 948 109.17 56.77 2.51
CA LEU E 948 109.22 56.23 3.84
C LEU E 948 107.96 56.64 4.55
N ILE E 949 107.11 55.66 4.84
CA ILE E 949 105.92 55.90 5.64
C ILE E 949 106.07 55.26 7.02
N ASN E 950 106.16 56.11 8.04
CA ASN E 950 106.19 55.62 9.41
C ASN E 950 104.84 55.03 9.77
N GLY E 951 104.84 54.07 10.68
CA GLY E 951 103.59 53.50 11.15
C GLY E 951 102.87 54.50 12.03
N ARG E 952 101.56 54.30 12.17
CA ARG E 952 100.72 55.18 12.99
C ARG E 952 100.79 56.64 12.56
N THR E 953 101.00 56.87 11.26
CA THR E 953 100.99 58.23 10.71
C THR E 953 100.88 58.21 9.18
N GLY E 954 100.48 59.35 8.63
CA GLY E 954 100.39 59.52 7.18
C GLY E 954 101.61 60.24 6.62
N GLN E 955 102.70 60.21 7.38
CA GLN E 955 103.89 60.97 7.03
C GLN E 955 104.75 60.25 5.97
N ILE E 956 104.38 60.43 4.71
CA ILE E 956 105.17 59.92 3.59
C ILE E 956 106.51 60.65 3.49
N ASP E 957 107.57 59.94 3.13
CA ASP E 957 108.88 60.55 2.96
C ASP E 957 109.50 60.11 1.63
N TYR E 958 109.06 60.76 0.56
CA TYR E 958 109.52 60.45 -0.79
C TYR E 958 110.95 60.93 -1.06
N LEU E 959 111.67 60.19 -1.89
CA LEU E 959 113.02 60.56 -2.32
C LEU E 959 113.21 60.22 -3.80
N THR E 960 114.16 60.89 -4.44
CA THR E 960 114.39 60.67 -5.88
C THR E 960 115.73 60.03 -6.21
N GLU E 961 115.68 59.07 -7.14
CA GLU E 961 116.87 58.40 -7.68
C GLU E 961 116.40 57.59 -8.90
N ALA E 962 117.32 57.22 -9.78
CA ALA E 962 116.94 56.42 -10.94
C ALA E 962 116.73 54.96 -10.54
N GLN E 963 115.64 54.71 -9.82
CA GLN E 963 115.26 53.39 -9.34
C GLN E 963 116.36 52.73 -8.52
N VAL E 964 116.29 52.91 -7.20
CA VAL E 964 117.25 52.27 -6.30
C VAL E 964 117.09 50.75 -6.32
N SER E 965 118.21 50.04 -6.26
CA SER E 965 118.18 48.58 -6.29
C SER E 965 117.93 48.00 -4.91
N CYS E 966 118.50 48.65 -3.89
CA CYS E 966 118.37 48.21 -2.51
C CYS E 966 118.77 49.38 -1.61
N CYS E 967 118.45 49.29 -0.32
CA CYS E 967 118.72 50.42 0.57
C CYS E 967 119.17 49.99 1.97
N CYS E 968 119.87 50.90 2.66
CA CYS E 968 120.34 50.66 4.01
C CYS E 968 120.61 51.96 4.76
N LEU E 969 120.03 52.08 5.96
CA LEU E 969 120.31 53.22 6.83
C LEU E 969 121.64 53.07 7.57
N SER E 970 122.25 54.21 7.88
CA SER E 970 123.50 54.25 8.64
C SER E 970 123.29 53.96 10.12
N PRO E 971 124.34 53.46 10.78
CA PRO E 971 124.31 53.29 12.24
C PRO E 971 124.19 54.65 12.93
N HIS E 972 123.47 54.70 14.05
CA HIS E 972 123.22 55.94 14.76
C HIS E 972 122.58 57.01 13.86
N LEU E 973 121.76 56.55 12.92
CA LEU E 973 121.02 57.42 12.01
C LEU E 973 121.93 58.36 11.23
N GLN E 974 121.45 59.59 11.03
CA GLN E 974 122.20 60.69 10.42
C GLN E 974 122.51 60.51 8.93
N TYR E 975 122.22 59.34 8.39
CA TYR E 975 122.45 59.09 6.96
C TYR E 975 121.45 58.08 6.40
N ILE E 976 121.45 57.97 5.08
CA ILE E 976 120.64 57.00 4.36
C ILE E 976 121.49 56.51 3.18
N ALA E 977 121.23 55.30 2.69
CA ALA E 977 122.03 54.78 1.59
C ALA E 977 121.26 53.85 0.67
N PHE E 978 121.78 53.68 -0.53
CA PHE E 978 121.16 52.80 -1.51
C PHE E 978 122.16 52.24 -2.52
N GLY E 979 121.84 51.07 -3.07
CA GLY E 979 122.63 50.45 -4.11
C GLY E 979 122.20 50.89 -5.49
N ASP E 980 122.72 50.24 -6.52
CA ASP E 980 122.39 50.58 -7.90
C ASP E 980 122.58 49.37 -8.81
N GLU E 981 122.01 49.45 -10.01
CA GLU E 981 122.07 48.37 -10.99
C GLU E 981 123.52 48.10 -11.42
N ASN E 982 124.34 49.14 -11.37
CA ASN E 982 125.76 49.02 -11.68
C ASN E 982 126.56 48.54 -10.48
N GLY E 983 125.89 48.41 -9.34
CA GLY E 983 126.54 48.03 -8.09
C GLY E 983 127.10 49.22 -7.34
N ALA E 984 126.92 50.42 -7.90
CA ALA E 984 127.29 51.65 -7.23
C ALA E 984 126.44 51.85 -5.99
N ILE E 985 127.02 52.39 -4.93
CA ILE E 985 126.26 52.56 -3.70
C ILE E 985 126.46 53.95 -3.10
N GLU E 986 125.43 54.79 -3.22
CA GLU E 986 125.43 56.13 -2.64
C GLU E 986 125.02 56.11 -1.16
N ILE E 987 125.54 57.05 -0.39
CA ILE E 987 125.10 57.24 0.99
C ILE E 987 124.73 58.71 1.23
N LEU E 988 123.50 59.08 0.86
CA LEU E 988 123.02 60.44 1.06
C LEU E 988 122.96 60.82 2.53
N GLU E 989 123.44 62.02 2.86
CA GLU E 989 123.31 62.53 4.22
C GLU E 989 121.90 63.04 4.47
N LEU E 990 121.41 62.91 5.70
CA LEU E 990 120.09 63.43 6.06
C LEU E 990 120.11 64.95 6.22
N VAL E 991 121.18 65.46 6.80
CA VAL E 991 121.30 66.88 7.09
C VAL E 991 121.30 67.71 5.82
N ASN E 992 121.87 67.16 4.75
CA ASN E 992 121.95 67.88 3.48
C ASN E 992 121.93 66.92 2.30
N ASN E 993 121.02 67.17 1.37
CA ASN E 993 120.90 66.37 0.16
C ASN E 993 122.07 66.53 -0.79
N ARG E 994 122.77 67.66 -0.70
CA ARG E 994 123.93 67.91 -1.56
C ARG E 994 125.10 66.97 -1.29
N ILE E 995 125.25 66.54 -0.04
CA ILE E 995 126.38 65.71 0.36
C ILE E 995 126.09 64.22 0.17
N PHE E 996 126.95 63.55 -0.59
CA PHE E 996 126.82 62.13 -0.84
C PHE E 996 128.16 61.55 -1.28
N GLN E 997 128.29 60.24 -1.16
CA GLN E 997 129.42 59.52 -1.72
C GLN E 997 128.83 58.43 -2.61
N SER E 998 129.35 58.25 -3.82
CA SER E 998 128.88 57.20 -4.71
C SER E 998 130.02 56.22 -4.94
N ARG E 999 129.76 54.93 -4.81
CA ARG E 999 130.81 53.94 -5.02
C ARG E 999 130.53 53.11 -6.27
N PHE E 1000 131.51 53.02 -7.16
CA PHE E 1000 131.29 52.24 -8.39
C PHE E 1000 132.01 50.90 -8.28
N GLN E 1001 131.25 49.81 -8.34
CA GLN E 1001 131.84 48.51 -8.03
C GLN E 1001 130.87 47.42 -8.43
N HIS E 1002 131.37 46.18 -8.52
CA HIS E 1002 130.59 44.98 -8.84
C HIS E 1002 130.16 44.94 -10.29
N LYS E 1003 130.29 43.76 -10.89
CA LYS E 1003 129.94 43.55 -12.29
C LYS E 1003 128.45 43.77 -12.55
N LYS E 1004 127.64 43.50 -11.53
CA LYS E 1004 126.19 43.64 -11.65
C LYS E 1004 125.63 44.41 -10.47
N THR E 1005 124.33 44.26 -10.23
CA THR E 1005 123.69 44.89 -9.09
C THR E 1005 124.26 44.34 -7.78
N VAL E 1006 124.51 45.22 -6.83
CA VAL E 1006 125.07 44.83 -5.54
C VAL E 1006 124.08 43.95 -4.76
N TRP E 1007 124.62 42.91 -4.10
CA TRP E 1007 123.79 42.05 -3.26
C TRP E 1007 123.67 42.62 -1.86
N HIS E 1008 124.20 41.89 -0.89
CA HIS E 1008 124.09 42.27 0.52
C HIS E 1008 124.84 43.56 0.81
N ILE E 1009 124.27 44.38 1.68
CA ILE E 1009 124.90 45.62 2.12
C ILE E 1009 124.79 45.74 3.63
N GLN E 1010 125.90 46.06 4.29
CA GLN E 1010 125.89 46.21 5.73
C GLN E 1010 126.97 47.18 6.19
N PHE E 1011 126.66 47.91 7.24
CA PHE E 1011 127.56 48.92 7.78
C PHE E 1011 128.28 48.43 9.03
N THR E 1012 129.44 48.99 9.31
CA THR E 1012 130.19 48.65 10.52
C THR E 1012 129.54 49.33 11.74
N ALA E 1013 130.00 48.96 12.93
CA ALA E 1013 129.52 49.59 14.15
C ALA E 1013 129.86 51.07 14.14
N ASP E 1014 130.95 51.40 13.46
CA ASP E 1014 131.28 52.78 13.16
C ASP E 1014 130.29 53.33 12.14
N GLU E 1015 130.04 54.63 12.19
CA GLU E 1015 129.16 55.27 11.22
C GLU E 1015 129.78 55.19 9.83
N LYS E 1016 131.10 55.07 9.78
CA LYS E 1016 131.85 54.97 8.54
C LYS E 1016 131.92 53.54 8.02
N THR E 1017 132.44 53.42 6.80
CA THR E 1017 132.75 52.14 6.15
C THR E 1017 131.52 51.35 5.68
N LEU E 1018 131.21 51.48 4.40
CA LEU E 1018 130.25 50.61 3.72
C LEU E 1018 130.83 49.22 3.53
N ILE E 1019 130.00 48.19 3.60
CA ILE E 1019 130.43 46.85 3.21
C ILE E 1019 129.36 46.27 2.29
N SER E 1020 129.79 45.58 1.24
CA SER E 1020 128.86 45.06 0.24
C SER E 1020 129.42 43.85 -0.50
N SER E 1021 128.58 43.21 -1.32
CA SER E 1021 129.02 42.11 -2.17
C SER E 1021 128.09 41.94 -3.35
N SER E 1022 128.56 41.23 -4.38
CA SER E 1022 127.74 40.93 -5.55
C SER E 1022 128.33 39.78 -6.35
N ASP E 1023 128.37 39.94 -7.67
CA ASP E 1023 128.87 38.89 -8.55
C ASP E 1023 130.37 38.66 -8.37
N ASP E 1024 131.07 39.66 -7.87
CA ASP E 1024 132.51 39.54 -7.63
C ASP E 1024 132.81 38.50 -6.55
N ALA E 1025 133.89 37.76 -6.75
CA ALA E 1025 134.33 36.78 -5.76
C ALA E 1025 134.70 37.46 -4.45
N GLU E 1026 135.23 38.67 -4.58
CA GLU E 1026 135.65 39.45 -3.42
C GLU E 1026 134.46 40.06 -2.68
N ILE E 1027 134.60 40.23 -1.38
CA ILE E 1027 133.60 40.96 -0.61
C ILE E 1027 134.06 42.41 -0.46
N GLN E 1028 133.33 43.31 -1.10
CA GLN E 1028 133.65 44.74 -1.05
C GLN E 1028 133.56 45.32 0.35
N VAL E 1029 134.54 46.14 0.69
CA VAL E 1029 134.46 46.99 1.87
C VAL E 1029 134.90 48.38 1.45
N TRP E 1030 133.93 49.22 1.12
CA TRP E 1030 134.20 50.57 0.65
C TRP E 1030 133.87 51.60 1.71
N ASN E 1031 134.88 52.09 2.40
CA ASN E 1031 134.65 53.16 3.36
C ASN E 1031 134.24 54.40 2.57
N TRP E 1032 133.21 55.09 3.04
CA TRP E 1032 132.71 56.28 2.34
C TRP E 1032 133.45 57.52 2.82
N GLN E 1033 133.26 58.63 2.12
CA GLN E 1033 133.99 59.88 2.37
C GLN E 1033 135.47 59.69 2.11
N LEU E 1034 136.09 58.82 2.88
CA LEU E 1034 137.49 58.43 2.68
C LEU E 1034 137.64 57.72 1.35
N ASP E 1035 136.53 57.15 0.87
CA ASP E 1035 136.48 56.43 -0.40
C ASP E 1035 137.45 55.26 -0.43
N LYS E 1036 137.67 54.63 0.73
CA LYS E 1036 138.58 53.49 0.81
C LYS E 1036 137.97 52.26 0.18
N CYS E 1037 138.81 51.38 -0.36
CA CYS E 1037 138.33 50.23 -1.11
C CYS E 1037 138.99 48.92 -0.68
N ILE E 1038 138.92 48.60 0.61
CA ILE E 1038 139.47 47.34 1.08
C ILE E 1038 138.65 46.18 0.52
N PHE E 1039 139.30 45.11 0.08
CA PHE E 1039 138.58 43.96 -0.46
C PHE E 1039 138.84 42.68 0.33
N LEU E 1040 137.81 41.83 0.40
CA LEU E 1040 137.94 40.50 0.96
C LEU E 1040 138.13 39.49 -0.16
N ARG E 1041 139.39 39.15 -0.44
CA ARG E 1041 139.70 38.29 -1.59
C ARG E 1041 139.47 36.82 -1.25
N GLY E 1042 138.22 36.40 -1.32
CA GLY E 1042 137.85 35.03 -0.97
C GLY E 1042 138.09 33.96 -2.02
N HIS E 1043 138.37 34.39 -3.25
CA HIS E 1043 138.62 33.48 -4.37
C HIS E 1043 137.50 32.45 -4.57
N GLN E 1044 136.29 32.85 -4.19
CA GLN E 1044 135.07 32.10 -4.46
C GLN E 1044 134.52 32.41 -5.85
N GLU E 1045 133.61 31.58 -6.34
CA GLU E 1045 132.94 31.88 -7.60
C GLU E 1045 132.17 33.17 -7.36
N THR E 1046 131.56 33.25 -6.18
CA THR E 1046 131.10 34.50 -5.62
C THR E 1046 130.86 34.25 -4.13
N VAL E 1047 130.84 35.31 -3.33
CA VAL E 1047 130.37 35.16 -1.96
C VAL E 1047 128.88 35.42 -1.91
N LYS E 1048 128.13 34.45 -1.38
CA LYS E 1048 126.68 34.51 -1.38
C LYS E 1048 126.15 35.58 -0.44
N ASP E 1049 126.68 35.61 0.79
CA ASP E 1049 126.19 36.55 1.78
C ASP E 1049 127.21 36.72 2.91
N PHE E 1050 127.03 37.75 3.71
CA PHE E 1050 127.90 37.99 4.86
C PHE E 1050 127.14 38.74 5.95
N ARG E 1051 127.66 38.65 7.17
CA ARG E 1051 127.07 39.30 8.33
C ARG E 1051 128.13 39.78 9.32
N LEU E 1052 127.76 40.79 10.11
CA LEU E 1052 128.63 41.30 11.18
C LEU E 1052 128.73 40.35 12.36
N LEU E 1053 129.94 40.20 12.89
CA LEU E 1053 130.16 39.50 14.15
C LEU E 1053 130.43 40.52 15.26
N LYS E 1054 130.27 40.11 16.51
CA LYS E 1054 130.43 41.02 17.64
C LYS E 1054 131.86 41.59 17.71
N ASN E 1055 132.82 40.82 17.23
CA ASN E 1055 134.21 41.27 17.17
C ASN E 1055 134.45 42.13 15.95
N SER E 1056 135.72 42.27 15.57
CA SER E 1056 136.08 42.95 14.33
C SER E 1056 135.92 41.96 13.18
N ARG E 1057 135.64 40.72 13.52
CA ARG E 1057 135.43 39.66 12.54
C ARG E 1057 134.18 39.89 11.69
N LEU E 1058 134.25 39.48 10.42
CA LEU E 1058 133.10 39.58 9.53
C LEU E 1058 132.73 38.23 8.94
N LEU E 1059 131.65 37.64 9.45
CA LEU E 1059 131.20 36.32 8.99
C LEU E 1059 130.75 36.39 7.54
N SER E 1060 130.96 35.31 6.80
CA SER E 1060 130.52 35.22 5.40
C SER E 1060 130.38 33.79 4.93
N TRP E 1061 129.67 33.61 3.82
CA TRP E 1061 129.57 32.31 3.17
C TRP E 1061 129.22 32.46 1.69
N SER E 1062 129.65 31.48 0.89
CA SER E 1062 129.50 31.55 -0.55
C SER E 1062 128.75 30.34 -1.11
N PHE E 1063 128.88 30.15 -2.41
CA PHE E 1063 128.27 29.00 -3.07
C PHE E 1063 129.08 27.71 -2.92
N ASP E 1064 130.30 27.82 -2.42
CA ASP E 1064 131.06 26.61 -2.07
C ASP E 1064 130.67 26.12 -0.68
N GLY E 1065 129.89 26.93 0.03
CA GLY E 1065 129.38 26.55 1.33
C GLY E 1065 130.37 26.74 2.45
N THR E 1066 131.50 27.35 2.13
CA THR E 1066 132.47 27.69 3.17
C THR E 1066 131.87 28.72 4.11
N VAL E 1067 132.04 28.50 5.42
CA VAL E 1067 131.62 29.48 6.40
C VAL E 1067 132.85 30.24 6.87
N LYS E 1068 133.24 31.23 6.07
CA LYS E 1068 134.41 32.05 6.35
C LYS E 1068 134.17 33.01 7.50
N VAL E 1069 135.23 33.25 8.28
CA VAL E 1069 135.20 34.27 9.30
C VAL E 1069 136.31 35.27 9.01
N TRP E 1070 135.93 36.38 8.37
CA TRP E 1070 136.84 37.43 7.97
C TRP E 1070 136.99 38.48 9.06
N ASN E 1071 137.27 39.71 8.65
CA ASN E 1071 137.32 40.87 9.55
C ASN E 1071 136.63 42.08 8.93
N ILE E 1072 136.02 42.90 9.77
CA ILE E 1072 135.35 44.12 9.29
C ILE E 1072 136.37 45.14 8.84
N ILE E 1073 135.94 46.00 7.92
CA ILE E 1073 136.81 47.03 7.34
C ILE E 1073 137.99 46.38 6.64
N THR E 1074 138.99 45.96 7.42
CA THR E 1074 140.14 45.26 6.88
C THR E 1074 139.80 43.83 6.50
N GLY E 1075 140.07 43.46 5.25
CA GLY E 1075 139.88 42.09 4.81
C GLY E 1075 140.94 41.17 5.36
N ASN E 1076 140.50 40.14 6.09
CA ASN E 1076 141.43 39.16 6.67
C ASN E 1076 140.67 37.92 7.13
N LYS E 1077 140.85 36.83 6.39
CA LYS E 1077 140.12 35.60 6.65
C LYS E 1077 140.74 34.87 7.84
N GLU E 1078 140.43 35.34 9.05
CA GLU E 1078 140.98 34.79 10.30
C GLU E 1078 140.62 33.35 10.69
N LYS E 1079 139.34 32.97 10.55
CA LYS E 1079 138.89 31.61 10.85
C LYS E 1079 138.12 31.15 9.60
N ASP E 1080 138.40 29.96 9.08
CA ASP E 1080 137.71 29.50 7.88
C ASP E 1080 136.98 28.17 8.13
N PHE E 1081 135.72 28.06 7.70
CA PHE E 1081 134.95 26.83 7.93
C PHE E 1081 134.36 26.25 6.63
N VAL E 1082 134.40 24.92 6.47
CA VAL E 1082 133.86 24.31 5.27
C VAL E 1082 132.70 23.40 5.70
N CYS E 1083 131.65 24.03 6.22
CA CYS E 1083 130.52 23.31 6.80
C CYS E 1083 129.71 22.54 5.76
N HIS E 1084 129.77 22.97 4.51
CA HIS E 1084 128.99 22.34 3.46
C HIS E 1084 129.71 22.34 2.12
N GLN E 1085 129.78 21.17 1.48
CA GLN E 1085 130.29 21.09 0.12
C GLN E 1085 129.36 21.85 -0.81
N GLY E 1086 128.07 21.83 -0.50
CA GLY E 1086 127.07 22.61 -1.19
C GLY E 1086 126.97 23.99 -0.59
N THR E 1087 126.13 24.84 -1.16
CA THR E 1087 125.98 26.22 -0.69
C THR E 1087 125.41 26.25 0.72
N VAL E 1088 125.86 27.22 1.51
CA VAL E 1088 125.23 27.47 2.80
C VAL E 1088 123.81 27.97 2.60
N LEU E 1089 122.82 27.13 2.88
CA LEU E 1089 121.44 27.50 2.58
C LEU E 1089 120.80 28.64 3.39
N SER E 1090 120.91 28.55 4.72
CA SER E 1090 120.53 29.63 5.63
C SER E 1090 121.55 29.38 6.73
N CYS E 1091 122.19 30.42 7.23
CA CYS E 1091 123.07 30.29 8.39
C CYS E 1091 122.60 31.36 9.37
N ASP E 1092 122.41 31.03 10.64
CA ASP E 1092 122.02 32.04 11.62
C ASP E 1092 123.08 32.10 12.72
N ILE E 1093 123.38 33.32 13.18
CA ILE E 1093 124.24 33.56 14.35
C ILE E 1093 123.44 34.06 15.57
N SER E 1094 123.76 33.51 16.75
CA SER E 1094 122.98 33.72 17.98
C SER E 1094 122.85 35.14 18.56
N HIS E 1095 123.94 35.90 18.56
CA HIS E 1095 123.95 37.32 19.01
C HIS E 1095 124.26 37.64 20.49
N ASP E 1096 124.42 36.63 21.35
CA ASP E 1096 125.05 36.84 22.63
C ASP E 1096 126.54 36.50 22.49
N ALA E 1097 127.39 37.38 23.01
CA ALA E 1097 128.84 37.28 22.82
C ALA E 1097 129.18 36.91 21.37
N THR E 1098 130.03 35.90 21.22
CA THR E 1098 130.26 35.25 19.94
C THR E 1098 130.33 33.76 20.21
N LYS E 1099 129.65 33.36 21.27
CA LYS E 1099 129.78 32.03 21.87
C LYS E 1099 129.34 30.90 20.93
N PHE E 1100 128.40 31.19 20.02
CA PHE E 1100 127.93 30.18 19.07
C PHE E 1100 127.50 30.75 17.72
N SER E 1101 127.53 29.88 16.72
CA SER E 1101 126.93 30.14 15.42
C SER E 1101 126.67 28.80 14.75
N SER E 1102 125.68 28.75 13.88
CA SER E 1102 125.32 27.49 13.25
C SER E 1102 124.74 27.70 11.86
N THR E 1103 124.78 26.63 11.07
CA THR E 1103 124.21 26.64 9.73
C THR E 1103 123.70 25.27 9.34
N SER E 1104 122.74 25.25 8.43
CA SER E 1104 122.22 24.02 7.85
C SER E 1104 121.99 24.26 6.37
N ALA E 1105 122.31 23.27 5.55
CA ALA E 1105 122.28 23.46 4.11
C ALA E 1105 121.99 22.19 3.34
N ASP E 1106 120.84 21.59 3.61
CA ASP E 1106 120.39 20.36 2.96
C ASP E 1106 121.47 19.29 3.08
N LYS E 1107 121.97 19.12 4.30
CA LYS E 1107 123.02 18.16 4.58
C LYS E 1107 123.06 17.84 6.06
N THR E 1108 123.71 18.72 6.83
CA THR E 1108 123.80 18.57 8.28
C THR E 1108 123.68 19.94 8.97
N ALA E 1109 123.07 19.95 10.15
CA ALA E 1109 122.95 21.19 10.91
C ALA E 1109 124.18 21.39 11.81
N LYS E 1110 125.25 21.92 11.23
CA LYS E 1110 126.49 22.14 11.97
C LYS E 1110 126.41 23.36 12.89
N ILE E 1111 127.15 23.31 13.99
CA ILE E 1111 127.21 24.38 14.98
C ILE E 1111 128.61 24.45 15.59
N TRP E 1112 129.06 25.68 15.85
CA TRP E 1112 130.43 25.95 16.27
C TRP E 1112 130.49 27.13 17.23
N SER E 1113 131.63 27.27 17.89
CA SER E 1113 131.87 28.39 18.80
C SER E 1113 132.99 29.29 18.26
N PHE E 1114 133.32 29.12 16.98
CA PHE E 1114 134.39 29.85 16.30
C PHE E 1114 135.81 29.49 16.76
N ASP E 1115 135.94 29.01 18.00
CA ASP E 1115 137.25 28.67 18.54
C ASP E 1115 137.92 27.54 17.75
N LEU E 1116 137.11 26.64 17.22
CA LEU E 1116 137.63 25.54 16.41
C LEU E 1116 137.43 25.81 14.91
N LEU E 1117 138.29 25.23 14.09
CA LEU E 1117 138.21 25.38 12.64
C LEU E 1117 137.11 24.50 12.07
N LEU E 1118 136.59 23.62 12.91
CA LEU E 1118 135.48 22.74 12.54
C LEU E 1118 134.37 22.89 13.57
N PRO E 1119 133.11 22.65 13.16
CA PRO E 1119 131.98 22.89 14.07
C PRO E 1119 132.02 22.01 15.31
N LEU E 1120 131.56 22.57 16.43
CA LEU E 1120 131.55 21.83 17.70
C LEU E 1120 130.62 20.64 17.66
N HIS E 1121 129.62 20.69 16.79
CA HIS E 1121 128.77 19.52 16.57
C HIS E 1121 128.18 19.57 15.17
N GLU E 1122 127.87 18.40 14.63
CA GLU E 1122 127.30 18.29 13.30
C GLU E 1122 125.98 17.55 13.37
N LEU E 1123 124.89 18.29 13.58
CA LEU E 1123 123.59 17.65 13.78
C LEU E 1123 123.18 16.87 12.55
N ARG E 1124 122.67 15.65 12.80
CA ARG E 1124 122.28 14.75 11.73
C ARG E 1124 120.98 14.04 12.07
N GLY E 1125 120.05 14.79 12.66
CA GLY E 1125 118.77 14.24 13.07
C GLY E 1125 117.72 14.25 11.98
N HIS E 1126 118.08 14.73 10.79
CA HIS E 1126 117.11 14.86 9.73
C HIS E 1126 117.62 14.28 8.41
N ASN E 1127 117.07 13.12 8.03
CA ASN E 1127 117.42 12.46 6.78
C ASN E 1127 116.96 13.25 5.57
N GLY E 1128 115.92 14.06 5.75
CA GLY E 1128 115.44 14.93 4.70
C GLY E 1128 116.25 16.20 4.65
N CYS E 1129 117.20 16.33 5.57
CA CYS E 1129 118.16 17.43 5.63
C CYS E 1129 117.51 18.79 5.93
N VAL E 1130 117.92 19.38 7.04
CA VAL E 1130 117.42 20.69 7.47
C VAL E 1130 117.79 21.81 6.49
N ARG E 1131 116.83 22.68 6.21
CA ARG E 1131 117.02 23.77 5.23
C ARG E 1131 117.50 25.07 5.84
N CYS E 1132 117.10 25.35 7.08
CA CYS E 1132 117.44 26.62 7.71
C CYS E 1132 117.41 26.53 9.23
N SER E 1133 118.02 27.51 9.90
CA SER E 1133 118.12 27.49 11.34
C SER E 1133 118.18 28.90 11.93
N ALA E 1134 117.77 29.04 13.19
CA ALA E 1134 117.83 30.33 13.88
C ALA E 1134 118.04 30.15 15.38
N PHE E 1135 118.92 30.98 15.96
CA PHE E 1135 119.21 30.94 17.39
C PHE E 1135 118.17 31.57 18.30
N SER E 1136 118.16 31.10 19.55
CA SER E 1136 117.31 31.63 20.60
C SER E 1136 117.64 33.07 20.94
N VAL E 1137 116.65 33.78 21.43
CA VAL E 1137 116.84 35.16 21.85
C VAL E 1137 117.59 35.15 23.18
N ASP E 1138 118.92 35.00 23.08
CA ASP E 1138 119.81 34.92 24.23
C ASP E 1138 119.41 33.83 25.23
N SER E 1139 119.10 32.65 24.71
CA SER E 1139 118.77 31.49 25.53
C SER E 1139 119.66 30.30 25.19
N THR E 1140 119.04 29.14 24.98
CA THR E 1140 119.79 27.93 24.64
C THR E 1140 119.08 27.12 23.56
N LEU E 1141 117.98 27.67 23.05
CA LEU E 1141 117.23 27.05 21.96
C LEU E 1141 117.91 27.29 20.61
N LEU E 1142 117.65 26.40 19.66
CA LEU E 1142 118.16 26.58 18.30
C LEU E 1142 117.30 25.84 17.27
N ALA E 1143 116.39 26.58 16.65
CA ALA E 1143 115.49 26.01 15.66
C ALA E 1143 116.24 25.51 14.43
N THR E 1144 115.74 24.44 13.82
CA THR E 1144 116.26 23.95 12.56
C THR E 1144 115.10 23.71 11.60
N GLY E 1145 114.91 24.64 10.67
CA GLY E 1145 113.79 24.63 9.75
C GLY E 1145 113.89 23.68 8.57
N ASP E 1146 112.80 22.96 8.32
CA ASP E 1146 112.73 22.03 7.19
C ASP E 1146 112.08 22.69 5.97
N ASP E 1147 112.24 22.06 4.81
CA ASP E 1147 111.67 22.59 3.57
C ASP E 1147 110.15 22.65 3.61
N ASN E 1148 109.54 21.75 4.37
CA ASN E 1148 108.09 21.71 4.49
C ASN E 1148 107.60 22.54 5.68
N GLY E 1149 108.48 23.39 6.20
CA GLY E 1149 108.11 24.29 7.27
C GLY E 1149 108.22 23.66 8.63
N GLU E 1150 108.61 22.38 8.65
CA GLU E 1150 108.83 21.68 9.90
C GLU E 1150 110.01 22.30 10.64
N ILE E 1151 109.88 22.40 11.95
CA ILE E 1151 110.95 22.97 12.76
C ILE E 1151 111.41 21.94 13.79
N ARG E 1152 112.71 21.79 13.94
CA ARG E 1152 113.24 20.93 14.99
C ARG E 1152 114.12 21.75 15.93
N ILE E 1153 113.62 21.99 17.13
CA ILE E 1153 114.39 22.72 18.12
C ILE E 1153 115.55 21.86 18.62
N TRP E 1154 116.70 22.49 18.84
CA TRP E 1154 117.87 21.79 19.35
C TRP E 1154 118.52 22.63 20.43
N ASN E 1155 118.78 22.03 21.59
CA ASN E 1155 119.43 22.74 22.68
C ASN E 1155 120.84 23.14 22.26
N VAL E 1156 121.27 24.34 22.63
CA VAL E 1156 122.61 24.79 22.28
C VAL E 1156 123.60 24.15 23.26
N SER E 1157 123.87 22.87 23.02
CA SER E 1157 124.81 22.09 23.81
C SER E 1157 125.13 20.83 23.02
N ASN E 1158 126.00 20.97 22.03
CA ASN E 1158 126.26 19.92 21.03
C ASN E 1158 124.96 19.56 20.33
N GLY E 1159 124.17 18.71 20.97
CA GLY E 1159 122.87 18.32 20.44
C GLY E 1159 122.31 17.11 21.16
N GLU E 1160 120.98 17.05 21.24
CA GLU E 1160 120.29 15.91 21.82
C GLU E 1160 118.90 15.82 21.22
N LEU E 1161 118.31 14.63 21.25
CA LEU E 1161 117.03 14.40 20.59
C LEU E 1161 115.89 15.12 21.29
N LEU E 1162 115.93 16.46 21.22
CA LEU E 1162 114.87 17.29 21.75
C LEU E 1162 113.59 17.10 20.94
N HIS E 1163 112.45 17.21 21.60
CA HIS E 1163 111.20 16.95 20.91
C HIS E 1163 111.17 17.95 19.77
N LEU E 1164 110.81 17.48 18.58
CA LEU E 1164 110.71 18.37 17.44
C LEU E 1164 109.61 19.38 17.70
N CYS E 1165 109.83 20.63 17.29
CA CYS E 1165 108.80 21.64 17.45
C CYS E 1165 107.65 21.16 16.61
N ALA E 1166 107.98 20.61 15.45
CA ALA E 1166 107.03 19.92 14.59
C ALA E 1166 105.85 20.80 14.21
N PRO E 1167 106.10 22.05 13.84
CA PRO E 1167 105.03 23.04 13.79
C PRO E 1167 103.86 22.70 12.86
N LEU E 1168 104.12 22.13 11.70
CA LEU E 1168 103.04 21.78 10.79
C LEU E 1168 102.94 20.27 10.52
N SER E 1169 101.77 19.69 10.77
CA SER E 1169 101.58 18.26 10.57
C SER E 1169 100.59 17.90 9.47
N GLU E 1170 99.38 18.44 9.56
CA GLU E 1170 98.35 18.19 8.56
C GLU E 1170 98.01 19.47 7.81
N GLU E 1171 98.00 19.39 6.47
CA GLU E 1171 97.72 20.56 5.65
C GLU E 1171 97.52 20.13 4.20
N GLY E 1172 98.62 19.91 3.50
CA GLY E 1172 98.58 19.47 2.12
C GLY E 1172 99.25 20.50 1.22
N ALA E 1173 98.83 20.52 -0.04
CA ALA E 1173 99.42 21.43 -1.03
C ALA E 1173 98.50 22.58 -1.37
N ALA E 1174 97.44 22.72 -0.57
CA ALA E 1174 96.46 23.77 -0.74
C ALA E 1174 97.10 25.02 -1.33
N THR E 1175 97.38 26.02 -0.49
CA THR E 1175 97.95 27.27 -0.98
C THR E 1175 98.67 28.06 0.09
N HIS E 1176 99.52 28.99 -0.33
CA HIS E 1176 100.30 29.82 0.59
C HIS E 1176 100.88 28.98 1.71
N GLY E 1177 101.83 28.12 1.37
CA GLY E 1177 102.41 27.21 2.34
C GLY E 1177 103.89 26.93 2.17
N GLY E 1178 104.39 27.09 0.94
CA GLY E 1178 105.80 26.78 0.69
C GLY E 1178 106.84 27.66 1.34
N TRP E 1179 107.97 27.05 1.69
CA TRP E 1179 109.13 27.78 2.18
C TRP E 1179 109.14 27.99 3.70
N VAL E 1180 110.27 27.67 4.32
CA VAL E 1180 110.49 27.93 5.74
C VAL E 1180 111.41 29.14 5.86
N THR E 1181 110.88 30.29 5.50
CA THR E 1181 111.67 31.52 5.39
C THR E 1181 112.39 31.98 6.64
N ASP E 1182 111.70 31.97 7.78
CA ASP E 1182 112.28 32.51 9.00
C ASP E 1182 111.62 31.99 10.26
N LEU E 1183 112.32 32.13 11.38
CA LEU E 1183 111.76 31.86 12.68
C LEU E 1183 111.97 33.06 13.59
N CYS E 1184 110.88 33.51 14.22
CA CYS E 1184 110.97 34.61 15.19
C CYS E 1184 110.63 34.17 16.63
N PHE E 1185 111.66 33.80 17.38
CA PHE E 1185 111.47 33.42 18.78
C PHE E 1185 110.93 34.56 19.64
N SER E 1186 110.04 34.22 20.57
CA SER E 1186 109.53 35.16 21.55
C SER E 1186 110.63 35.51 22.55
N PRO E 1187 110.58 36.73 23.11
CA PRO E 1187 111.58 37.11 24.11
C PRO E 1187 111.59 36.15 25.30
N ASP E 1188 110.42 35.61 25.64
CA ASP E 1188 110.32 34.60 26.67
C ASP E 1188 111.04 33.32 26.24
N GLY E 1189 111.08 33.10 24.93
CA GLY E 1189 111.72 31.93 24.39
C GLY E 1189 110.78 30.73 24.42
N LYS E 1190 109.59 30.97 24.95
CA LYS E 1190 108.59 29.92 25.05
C LYS E 1190 107.78 29.77 23.77
N MET E 1191 107.99 30.70 22.83
CA MET E 1191 107.23 30.69 21.59
C MET E 1191 108.09 30.91 20.36
N LEU E 1192 107.78 30.17 19.30
CA LEU E 1192 108.41 30.40 18.01
C LEU E 1192 107.37 30.91 17.03
N ILE E 1193 107.65 32.06 16.44
CA ILE E 1193 106.82 32.63 15.40
C ILE E 1193 107.27 32.08 14.05
N SER E 1194 106.69 30.95 13.65
CA SER E 1194 106.96 30.39 12.33
C SER E 1194 106.27 31.23 11.27
N ALA E 1195 106.92 31.38 10.13
CA ALA E 1195 106.37 32.17 9.04
C ALA E 1195 106.67 31.55 7.69
N GLY E 1196 105.71 30.80 7.17
CA GLY E 1196 105.82 30.19 5.86
C GLY E 1196 104.67 30.60 4.96
N GLY E 1197 103.63 29.78 4.91
CA GLY E 1197 102.43 30.14 4.20
C GLY E 1197 101.68 31.20 5.00
N TYR E 1198 101.89 31.20 6.31
CA TYR E 1198 101.32 32.21 7.18
C TYR E 1198 101.95 32.09 8.57
N ILE E 1199 101.86 33.15 9.37
CA ILE E 1199 102.38 33.12 10.73
C ILE E 1199 101.64 32.12 11.61
N LYS E 1200 102.40 31.37 12.40
CA LYS E 1200 101.85 30.49 13.43
C LYS E 1200 102.79 30.44 14.65
N TRP E 1201 102.28 30.83 15.82
CA TRP E 1201 103.10 30.88 17.01
C TRP E 1201 103.17 29.51 17.67
N TRP E 1202 103.99 28.62 17.12
CA TRP E 1202 104.12 27.27 17.67
C TRP E 1202 104.83 27.26 19.02
N ASN E 1203 104.18 26.68 20.03
CA ASN E 1203 104.78 26.58 21.36
C ASN E 1203 106.06 25.77 21.24
N VAL E 1204 107.11 26.23 21.93
CA VAL E 1204 108.37 25.52 21.89
C VAL E 1204 108.19 24.15 22.55
N VAL E 1205 108.73 23.12 21.89
CA VAL E 1205 108.65 21.74 22.36
C VAL E 1205 107.20 21.28 22.57
N THR E 1206 106.72 20.46 21.63
CA THR E 1206 105.39 19.83 21.70
C THR E 1206 104.23 20.82 21.64
N GLY E 1207 103.40 20.69 20.61
CA GLY E 1207 102.19 21.48 20.50
C GLY E 1207 102.43 22.90 20.01
N GLU E 1208 101.39 23.72 20.09
CA GLU E 1208 101.47 25.11 19.65
C GLU E 1208 100.89 26.06 20.70
N SER E 1209 101.37 27.30 20.69
CA SER E 1209 100.80 28.37 21.50
C SER E 1209 99.81 29.17 20.65
N SER E 1210 100.15 30.41 20.32
CA SER E 1210 99.29 31.25 19.50
C SER E 1210 99.50 31.02 18.00
N GLN E 1211 99.05 29.86 17.52
CA GLN E 1211 99.17 29.49 16.12
C GLN E 1211 98.38 30.40 15.16
N THR E 1212 97.18 30.77 15.60
CA THR E 1212 96.14 31.43 14.79
C THR E 1212 96.57 32.26 13.55
N PHE E 1213 96.25 33.55 13.58
CA PHE E 1213 96.55 34.40 12.43
C PHE E 1213 96.04 33.84 11.10
N TYR E 1214 96.94 33.75 10.13
CA TYR E 1214 96.63 33.49 8.74
C TYR E 1214 96.80 34.80 7.97
N THR E 1215 97.89 34.91 7.22
CA THR E 1215 98.21 36.13 6.49
C THR E 1215 97.43 36.30 5.20
N ASN E 1216 97.18 37.56 4.82
CA ASN E 1216 96.51 37.81 3.55
C ASN E 1216 97.39 37.54 2.33
N GLY E 1217 98.60 38.08 2.36
CA GLY E 1217 99.57 37.88 1.30
C GLY E 1217 100.16 36.49 1.19
N THR E 1218 100.51 35.93 2.34
CA THR E 1218 101.24 34.67 2.43
C THR E 1218 102.70 34.95 2.12
N ASN E 1219 103.53 33.92 2.19
CA ASN E 1219 104.90 33.99 1.69
C ASN E 1219 105.79 35.12 2.22
N LEU E 1220 105.70 35.40 3.52
CA LEU E 1220 106.60 36.39 4.11
C LEU E 1220 108.03 35.86 4.03
N LYS E 1221 108.96 36.75 3.69
CA LYS E 1221 110.37 36.37 3.62
C LYS E 1221 111.27 37.12 4.60
N LYS E 1222 110.73 37.90 5.51
CA LYS E 1222 111.60 38.65 6.43
C LYS E 1222 111.07 38.72 7.85
N ILE E 1223 111.97 38.83 8.83
CA ILE E 1223 111.47 38.97 10.17
C ILE E 1223 112.06 40.23 10.84
N HIS E 1224 111.16 41.05 11.36
CA HIS E 1224 111.55 42.23 12.13
C HIS E 1224 110.94 42.17 13.52
N VAL E 1225 111.76 42.37 14.54
CA VAL E 1225 111.28 42.38 15.92
C VAL E 1225 111.76 43.61 16.68
N SER E 1226 110.86 44.26 17.42
CA SER E 1226 111.24 45.39 18.24
C SER E 1226 112.03 44.92 19.46
N PRO E 1227 112.99 45.71 19.90
CA PRO E 1227 113.80 45.35 21.08
C PRO E 1227 112.89 44.79 22.16
N ASP E 1228 111.79 45.49 22.38
CA ASP E 1228 110.75 45.04 23.30
C ASP E 1228 110.19 43.70 22.81
N PHE E 1229 110.09 43.55 21.50
CA PHE E 1229 109.52 42.34 20.91
C PHE E 1229 107.99 42.41 20.85
N LYS E 1230 107.44 43.55 21.25
CA LYS E 1230 106.00 43.74 21.25
C LYS E 1230 105.38 43.70 19.85
N THR E 1231 106.01 44.32 18.85
CA THR E 1231 105.45 44.43 17.50
C THR E 1231 106.35 43.89 16.39
N TYR E 1232 105.79 43.01 15.62
CA TYR E 1232 106.38 42.55 14.37
C TYR E 1232 105.32 42.73 13.28
N VAL E 1233 105.70 43.37 12.19
CA VAL E 1233 104.78 43.55 11.06
C VAL E 1233 105.40 42.82 9.89
N THR E 1234 104.61 42.01 9.18
CA THR E 1234 105.12 41.29 8.01
C THR E 1234 104.45 41.82 6.76
N VAL E 1235 105.22 42.03 5.69
CA VAL E 1235 104.64 42.17 4.37
C VAL E 1235 105.03 40.94 3.56
N ASP E 1236 104.05 40.16 3.13
CA ASP E 1236 104.32 38.95 2.36
C ASP E 1236 103.56 38.91 1.04
N ASN E 1237 104.27 38.56 -0.04
CA ASN E 1237 103.65 38.34 -1.33
C ASN E 1237 103.12 39.64 -1.91
N LEU E 1238 103.55 40.75 -1.32
CA LEU E 1238 103.12 42.06 -1.77
C LEU E 1238 101.67 42.30 -1.36
N GLY E 1239 101.16 41.46 -0.47
CA GLY E 1239 99.78 41.59 -0.02
C GLY E 1239 99.64 42.97 0.57
N ILE E 1240 100.68 43.38 1.29
CA ILE E 1240 100.79 44.69 1.94
C ILE E 1240 101.67 44.48 3.16
N LEU E 1241 101.90 45.55 3.92
CA LEU E 1241 102.62 45.37 5.21
C LEU E 1241 101.56 45.27 6.33
N TYR E 1242 101.66 44.29 7.22
CA TYR E 1242 100.70 44.13 8.34
C TYR E 1242 101.44 44.40 9.67
N ILE E 1243 100.90 45.24 10.56
CA ILE E 1243 101.54 45.56 11.85
C ILE E 1243 100.74 44.93 13.00
N LEU E 1244 101.42 44.28 13.94
CA LEU E 1244 100.76 43.69 15.10
C LEU E 1244 101.17 44.37 16.41
N GLN E 1245 100.18 44.71 17.23
CA GLN E 1245 100.43 45.35 18.52
C GLN E 1245 99.53 44.78 19.60
N THR E 1246 99.90 43.61 20.12
CA THR E 1246 99.13 42.96 21.17
C THR E 1246 98.72 43.94 22.26
N LEU E 1247 97.55 43.73 22.83
CA LEU E 1247 97.04 44.60 23.89
C LEU E 1247 97.16 43.93 25.26
N GLU E 1248 96.27 44.31 26.17
CA GLU E 1248 96.28 43.74 27.52
C GLU E 1248 95.47 42.45 27.58
N GLY F 2 116.80 4.99 -16.64
CA GLY F 2 115.68 5.34 -17.55
C GLY F 2 115.81 5.04 -19.00
N ASP F 3 114.67 5.00 -19.67
CA ASP F 3 114.60 4.94 -21.12
C ASP F 3 114.82 6.33 -21.76
N VAL F 4 116.03 6.51 -22.28
CA VAL F 4 116.47 7.79 -22.85
C VAL F 4 115.57 8.22 -24.01
N GLU F 5 115.15 7.26 -24.84
CA GLU F 5 114.31 7.55 -25.98
C GLU F 5 112.95 8.11 -25.54
N LYS F 6 112.35 7.49 -24.51
CA LYS F 6 111.07 7.99 -23.99
C LYS F 6 111.27 9.34 -23.31
N GLY F 7 112.40 9.44 -22.58
CA GLY F 7 112.78 10.71 -21.95
C GLY F 7 112.84 11.84 -22.97
N LYS F 8 113.44 11.56 -24.12
CA LYS F 8 113.50 12.52 -25.22
C LYS F 8 112.09 12.94 -25.63
N LYS F 9 111.21 11.97 -25.83
CA LYS F 9 109.82 12.26 -26.19
C LYS F 9 109.20 13.21 -25.18
N ILE F 10 109.39 12.85 -23.90
CA ILE F 10 108.82 13.69 -22.83
C ILE F 10 109.42 15.10 -22.90
N PHE F 11 110.73 15.20 -23.10
CA PHE F 11 111.35 16.51 -23.22
C PHE F 11 110.76 17.34 -24.37
N VAL F 12 110.62 16.68 -25.53
CA VAL F 12 110.09 17.31 -26.72
C VAL F 12 108.66 17.77 -26.44
N GLN F 13 107.85 16.90 -25.85
CA GLN F 13 106.46 17.21 -25.51
C GLN F 13 106.21 18.27 -24.42
N LYS F 14 107.00 18.24 -23.35
CA LYS F 14 106.73 18.96 -22.16
C LYS F 14 107.78 20.03 -21.76
N CYS F 15 108.96 20.03 -22.34
CA CYS F 15 110.01 20.96 -21.90
C CYS F 15 110.56 21.85 -23.01
N ALA F 16 110.52 21.35 -24.25
CA ALA F 16 111.16 22.01 -25.37
C ALA F 16 110.56 23.36 -25.73
N GLN F 17 109.27 23.52 -25.46
CA GLN F 17 108.63 24.79 -25.70
C GLN F 17 109.20 25.94 -24.84
N CYS F 18 109.87 25.63 -23.73
CA CYS F 18 110.51 26.68 -22.94
C CYS F 18 112.03 26.46 -22.72
N HIS F 19 112.61 25.36 -23.16
CA HIS F 19 114.03 25.14 -22.88
C HIS F 19 114.81 24.34 -23.91
N THR F 20 116.01 24.79 -24.22
CA THR F 20 116.95 24.01 -25.05
C THR F 20 117.92 23.22 -24.15
N VAL F 21 118.48 22.13 -24.68
CA VAL F 21 119.46 21.32 -23.98
C VAL F 21 120.84 21.34 -24.65
N GLU F 22 120.91 21.80 -25.91
CA GLU F 22 122.16 21.79 -26.67
C GLU F 22 123.05 22.96 -26.25
N LYS F 23 124.34 22.71 -26.38
CA LYS F 23 125.37 23.67 -26.11
C LYS F 23 125.22 24.87 -26.96
N GLY F 24 125.25 26.04 -26.34
CA GLY F 24 124.98 27.28 -27.04
C GLY F 24 123.55 27.44 -27.54
N GLY F 25 122.65 26.50 -27.25
CA GLY F 25 121.23 26.67 -27.53
C GLY F 25 120.73 27.93 -26.84
N LYS F 26 119.80 28.62 -27.49
CA LYS F 26 119.34 29.95 -27.03
C LYS F 26 118.49 29.84 -25.79
N HIS F 27 118.48 30.90 -25.00
CA HIS F 27 117.51 30.96 -23.91
C HIS F 27 116.15 31.20 -24.57
N LYS F 28 115.16 30.43 -24.18
CA LYS F 28 113.80 30.66 -24.60
C LYS F 28 113.12 31.26 -23.36
N THR F 29 111.85 30.92 -23.10
CA THR F 29 111.19 31.36 -21.87
C THR F 29 112.00 30.95 -20.65
N GLY F 30 112.51 29.72 -20.67
CA GLY F 30 113.41 29.22 -19.65
C GLY F 30 114.85 29.16 -20.08
N PRO F 31 115.76 28.99 -19.13
CA PRO F 31 117.18 28.90 -19.37
C PRO F 31 117.61 27.65 -20.12
N ASN F 32 118.70 27.77 -20.86
CA ASN F 32 119.31 26.62 -21.53
C ASN F 32 119.76 25.67 -20.44
N LEU F 33 119.51 24.38 -20.65
CA LEU F 33 119.81 23.36 -19.67
C LEU F 33 121.12 22.64 -19.91
N HIS F 34 121.89 23.03 -20.91
CA HIS F 34 123.20 22.37 -21.10
C HIS F 34 124.09 22.60 -19.86
N GLY F 35 124.71 21.52 -19.40
CA GLY F 35 125.57 21.56 -18.21
C GLY F 35 124.81 21.59 -16.89
N LEU F 36 123.52 21.25 -16.93
CA LEU F 36 122.66 21.34 -15.75
C LEU F 36 123.13 20.49 -14.55
N PHE F 37 123.57 19.27 -14.83
CA PHE F 37 123.88 18.32 -13.76
C PHE F 37 125.16 18.73 -13.06
N GLY F 38 125.08 18.77 -11.73
CA GLY F 38 126.22 19.19 -10.90
C GLY F 38 126.34 20.71 -10.80
N ARG F 39 125.33 21.43 -11.27
CA ARG F 39 125.38 22.88 -11.21
C ARG F 39 124.36 23.35 -10.18
N LYS F 40 124.69 24.43 -9.49
CA LYS F 40 123.77 25.03 -8.52
C LYS F 40 122.60 25.76 -9.19
N THR F 41 121.44 25.79 -8.53
CA THR F 41 120.30 26.54 -9.05
C THR F 41 120.67 27.98 -9.43
N GLY F 42 120.06 28.45 -10.52
CA GLY F 42 120.13 29.87 -10.86
C GLY F 42 121.44 30.36 -11.45
N GLN F 43 122.16 29.48 -12.13
CA GLN F 43 123.51 29.85 -12.58
C GLN F 43 123.71 29.97 -14.08
N ALA F 44 122.74 29.66 -14.91
CA ALA F 44 122.96 29.79 -16.37
C ALA F 44 123.33 31.28 -16.58
N PRO F 45 124.56 31.57 -17.04
CA PRO F 45 124.85 32.98 -17.27
C PRO F 45 123.98 33.44 -18.42
N GLY F 46 123.55 34.67 -18.36
CA GLY F 46 122.69 35.19 -19.42
C GLY F 46 121.20 34.91 -19.28
N PHE F 47 120.79 34.18 -18.25
CA PHE F 47 119.38 34.09 -17.90
C PHE F 47 119.05 34.84 -16.60
N THR F 48 117.94 35.56 -16.64
CA THR F 48 117.44 36.34 -15.51
C THR F 48 116.43 35.51 -14.79
N TYR F 49 116.83 34.99 -13.63
CA TYR F 49 115.98 34.12 -12.84
C TYR F 49 115.15 34.93 -11.86
N THR F 50 114.12 34.33 -11.30
CA THR F 50 113.54 34.87 -10.07
C THR F 50 114.56 34.74 -8.94
N ASP F 51 114.41 35.57 -7.93
CA ASP F 51 115.16 35.44 -6.70
C ASP F 51 114.96 34.07 -6.04
N ALA F 52 113.76 33.53 -6.11
CA ALA F 52 113.52 32.20 -5.56
C ALA F 52 114.44 31.13 -6.22
N ASN F 53 114.40 31.07 -7.54
CA ASN F 53 115.23 30.11 -8.29
C ASN F 53 116.70 30.44 -8.09
N LYS F 54 117.01 31.73 -8.08
CA LYS F 54 118.38 32.20 -7.92
C LYS F 54 118.96 31.87 -6.54
N ASN F 55 118.12 31.76 -5.53
CA ASN F 55 118.61 31.52 -4.17
C ASN F 55 118.15 30.20 -3.56
N LYS F 56 117.54 29.30 -4.33
CA LYS F 56 117.16 27.99 -3.80
C LYS F 56 118.34 27.26 -3.14
N GLY F 57 119.54 27.42 -3.68
CA GLY F 57 120.75 26.93 -3.05
C GLY F 57 120.95 25.42 -3.08
N ILE F 58 120.42 24.74 -4.10
CA ILE F 58 120.67 23.32 -4.27
C ILE F 58 121.45 23.03 -5.56
N THR F 59 122.00 21.81 -5.62
CA THR F 59 122.72 21.34 -6.79
C THR F 59 121.81 20.45 -7.59
N TRP F 60 121.71 20.73 -8.89
CA TRP F 60 120.88 19.91 -9.76
C TRP F 60 121.54 18.56 -9.95
N LYS F 61 120.80 17.49 -9.69
CA LYS F 61 121.26 16.12 -9.89
C LYS F 61 120.00 15.30 -9.85
N GLU F 62 120.15 14.01 -9.96
CA GLU F 62 119.00 13.14 -10.10
C GLU F 62 117.99 13.27 -8.97
N GLU F 63 118.49 13.25 -7.73
CA GLU F 63 117.65 13.31 -6.53
C GLU F 63 116.87 14.61 -6.53
N THR F 64 117.57 15.74 -6.73
CA THR F 64 116.91 17.04 -6.70
C THR F 64 115.93 17.22 -7.88
N LEU F 65 116.33 16.75 -9.06
CA LEU F 65 115.45 16.78 -10.22
C LEU F 65 114.18 15.91 -10.04
N MET F 66 114.35 14.72 -9.45
CA MET F 66 113.22 13.83 -9.19
C MET F 66 112.18 14.54 -8.34
N GLU F 67 112.64 15.25 -7.31
CA GLU F 67 111.72 16.01 -6.44
C GLU F 67 111.15 17.26 -7.14
N TYR F 68 112.03 18.08 -7.73
CA TYR F 68 111.57 19.26 -8.50
C TYR F 68 110.49 18.97 -9.52
N LEU F 69 110.79 18.00 -10.39
CA LEU F 69 109.93 17.70 -11.53
C LEU F 69 108.57 17.11 -11.15
N GLU F 70 108.47 16.55 -9.96
CA GLU F 70 107.20 16.12 -9.42
C GLU F 70 106.32 17.34 -9.14
N ASN F 71 106.91 18.44 -8.69
CA ASN F 71 106.10 19.62 -8.41
C ASN F 71 106.98 20.84 -8.24
N PRO F 72 107.34 21.48 -9.36
CA PRO F 72 108.24 22.63 -9.31
C PRO F 72 107.86 23.72 -8.29
N LYS F 73 106.59 24.12 -8.23
CA LYS F 73 106.20 25.23 -7.36
C LYS F 73 106.48 24.94 -5.89
N LYS F 74 106.19 23.71 -5.49
CA LYS F 74 106.42 23.23 -4.15
C LYS F 74 107.93 23.23 -3.81
N TYR F 75 108.78 22.80 -4.76
CA TYR F 75 110.23 22.79 -4.52
C TYR F 75 110.84 24.19 -4.59
N ILE F 76 110.35 25.05 -5.47
CA ILE F 76 110.84 26.45 -5.56
C ILE F 76 109.64 27.38 -5.63
N PRO F 77 109.01 27.63 -4.46
CA PRO F 77 107.86 28.50 -4.39
C PRO F 77 108.22 29.82 -4.97
N GLY F 78 107.33 30.36 -5.78
CA GLY F 78 107.59 31.61 -6.45
C GLY F 78 108.35 31.46 -7.77
N THR F 79 108.77 30.25 -8.17
CA THR F 79 109.34 30.14 -9.51
C THR F 79 108.41 30.68 -10.59
N LYS F 80 108.96 31.30 -11.63
CA LYS F 80 108.11 31.71 -12.79
C LYS F 80 107.99 30.60 -13.87
N MET F 81 108.57 29.45 -13.61
CA MET F 81 108.37 28.31 -14.50
C MET F 81 106.95 27.78 -14.31
N ILE F 82 106.17 27.72 -15.38
CA ILE F 82 104.85 27.12 -15.37
C ILE F 82 104.96 25.64 -15.78
N PHE F 83 104.76 24.74 -14.81
CA PHE F 83 104.74 23.32 -15.07
C PHE F 83 104.06 22.63 -13.90
N ALA F 84 103.00 21.86 -14.16
CA ALA F 84 102.28 21.21 -13.04
C ALA F 84 103.18 20.20 -12.32
N GLY F 85 103.81 19.35 -13.11
CA GLY F 85 104.70 18.31 -12.59
C GLY F 85 104.40 16.97 -13.24
N ILE F 86 105.39 16.08 -13.25
CA ILE F 86 105.24 14.76 -13.80
C ILE F 86 104.97 13.83 -12.61
N LYS F 87 103.74 13.34 -12.52
CA LYS F 87 103.30 12.60 -11.34
C LYS F 87 103.90 11.17 -11.35
N LYS F 88 104.03 10.55 -12.52
CA LYS F 88 104.57 9.18 -12.62
C LYS F 88 106.09 9.13 -12.48
N LYS F 89 106.59 8.32 -11.55
CA LYS F 89 108.03 8.20 -11.33
C LYS F 89 108.77 7.70 -12.57
N THR F 90 108.22 6.70 -13.24
CA THR F 90 108.87 6.11 -14.42
C THR F 90 109.23 7.16 -15.49
N GLU F 91 108.23 7.99 -15.82
CA GLU F 91 108.38 9.09 -16.75
C GLU F 91 109.45 10.11 -16.27
N ARG F 92 109.41 10.44 -14.99
CA ARG F 92 110.43 11.29 -14.37
C ARG F 92 111.82 10.72 -14.55
N GLU F 93 111.96 9.42 -14.25
CA GLU F 93 113.26 8.74 -14.43
C GLU F 93 113.69 8.77 -15.88
N ASP F 94 112.75 8.51 -16.80
CA ASP F 94 113.07 8.54 -18.24
C ASP F 94 113.56 9.93 -18.68
N LEU F 95 112.80 10.95 -18.31
CA LEU F 95 113.14 12.33 -18.66
C LEU F 95 114.50 12.70 -18.08
N ILE F 96 114.69 12.36 -16.80
CA ILE F 96 115.95 12.67 -16.12
C ILE F 96 117.14 11.95 -16.78
N ALA F 97 116.93 10.68 -17.15
CA ALA F 97 117.95 9.96 -17.88
C ALA F 97 118.22 10.62 -19.25
N TYR F 98 117.17 11.02 -19.95
CA TYR F 98 117.42 11.73 -21.22
C TYR F 98 118.24 13.03 -20.97
N LEU F 99 117.81 13.85 -20.00
CA LEU F 99 118.52 15.13 -19.73
C LEU F 99 119.97 14.90 -19.33
N LYS F 100 120.20 13.86 -18.54
CA LYS F 100 121.56 13.54 -18.16
C LYS F 100 122.45 13.31 -19.37
N LYS F 101 121.93 12.63 -20.39
CA LYS F 101 122.68 12.42 -21.60
C LYS F 101 122.80 13.70 -22.40
N ALA F 102 121.65 14.30 -22.72
CA ALA F 102 121.65 15.37 -23.70
C ALA F 102 122.36 16.63 -23.16
N THR F 103 122.20 16.94 -21.88
CA THR F 103 122.79 18.18 -21.35
C THR F 103 124.29 18.11 -21.15
N ASN F 104 124.90 16.95 -21.38
CA ASN F 104 126.35 16.88 -21.37
C ASN F 104 126.86 16.87 -22.82
N GLU F 105 126.27 15.99 -23.62
CA GLU F 105 126.65 15.88 -25.03
C GLU F 105 127.22 17.19 -25.56
N GLY G 105 48.57 -30.71 -1.13
CA GLY G 105 48.37 -30.53 -2.55
C GLY G 105 46.91 -30.48 -2.93
N ILE G 106 46.39 -29.26 -3.08
CA ILE G 106 45.00 -29.07 -3.50
C ILE G 106 44.79 -29.59 -4.92
N THR G 107 43.75 -30.38 -5.12
CA THR G 107 43.35 -30.75 -6.47
C THR G 107 42.69 -29.53 -7.09
N SER G 108 42.71 -29.43 -8.42
CA SER G 108 42.04 -28.33 -9.08
C SER G 108 40.55 -28.43 -8.77
N TYR G 109 40.05 -29.66 -8.78
CA TYR G 109 38.64 -29.92 -8.54
C TYR G 109 38.22 -29.46 -7.14
N VAL G 110 39.05 -29.73 -6.16
CA VAL G 110 38.71 -29.35 -4.79
C VAL G 110 38.36 -27.88 -4.73
N ARG G 111 39.16 -27.05 -5.39
CA ARG G 111 38.93 -25.61 -5.41
C ARG G 111 37.59 -25.27 -6.07
N THR G 112 37.22 -26.04 -7.09
CA THR G 112 35.98 -25.83 -7.79
C THR G 112 34.80 -26.12 -6.90
N VAL G 113 34.85 -27.21 -6.13
CA VAL G 113 33.76 -27.47 -5.18
C VAL G 113 33.73 -26.42 -4.08
N LEU G 114 34.91 -26.07 -3.61
CA LEU G 114 35.06 -25.12 -2.52
C LEU G 114 34.56 -23.75 -2.90
N CYS G 115 34.80 -23.35 -4.15
CA CYS G 115 34.34 -22.04 -4.59
C CYS G 115 32.83 -21.98 -4.52
N GLU G 116 32.18 -23.06 -4.96
CA GLU G 116 30.73 -23.12 -4.93
C GLU G 116 30.25 -23.06 -3.50
N GLY G 117 30.96 -23.75 -2.62
CA GLY G 117 30.63 -23.74 -1.22
C GLY G 117 30.71 -22.36 -0.61
N GLY G 118 31.73 -21.60 -1.00
CA GLY G 118 31.92 -20.26 -0.47
C GLY G 118 32.80 -20.11 0.77
N VAL G 119 33.40 -21.18 1.24
CA VAL G 119 34.39 -21.08 2.30
C VAL G 119 35.50 -20.13 1.87
N PRO G 120 35.98 -19.30 2.81
CA PRO G 120 37.11 -18.44 2.50
C PRO G 120 38.36 -19.25 2.18
N GLN G 121 39.19 -18.73 1.28
CA GLN G 121 40.48 -19.33 1.01
C GLN G 121 41.42 -19.02 2.18
N ARG G 122 42.27 -19.97 2.55
CA ARG G 122 43.15 -19.81 3.69
C ARG G 122 44.08 -18.61 3.50
N PRO G 123 44.41 -17.92 4.59
CA PRO G 123 45.28 -16.75 4.50
C PRO G 123 46.61 -17.19 3.90
N VAL G 124 47.23 -16.31 3.11
CA VAL G 124 48.46 -16.67 2.43
C VAL G 124 49.55 -16.99 3.44
N VAL G 125 49.51 -16.33 4.60
CA VAL G 125 50.51 -16.61 5.63
C VAL G 125 49.99 -17.59 6.68
N PHE G 126 49.95 -18.88 6.36
CA PHE G 126 49.42 -19.88 7.29
C PHE G 126 50.41 -21.00 7.58
N VAL G 127 50.14 -21.78 8.63
CA VAL G 127 51.01 -22.89 8.97
C VAL G 127 50.21 -24.07 9.47
N THR G 128 50.10 -25.11 8.64
CA THR G 128 49.31 -26.28 8.95
C THR G 128 49.42 -26.72 10.39
N ARG G 129 48.38 -27.35 10.91
CA ARG G 129 48.44 -27.91 12.24
C ARG G 129 48.05 -29.33 11.96
N LYS G 130 49.02 -30.14 11.55
CA LYS G 130 48.66 -31.40 10.95
C LYS G 130 47.88 -32.24 11.94
N LYS G 131 48.34 -32.30 13.19
CA LYS G 131 47.69 -33.20 14.12
C LYS G 131 46.24 -32.79 14.31
N LEU G 132 46.02 -31.49 14.53
CA LEU G 132 44.66 -31.03 14.77
C LEU G 132 43.77 -31.24 13.57
N VAL G 133 44.28 -30.92 12.39
CA VAL G 133 43.45 -31.02 11.20
C VAL G 133 43.08 -32.45 11.02
N ASN G 134 44.05 -33.31 11.27
CA ASN G 134 43.88 -34.73 11.09
C ASN G 134 42.83 -35.23 12.04
N ALA G 135 42.84 -34.71 13.28
CA ALA G 135 41.88 -35.20 14.23
C ALA G 135 40.49 -34.81 13.81
N ILE G 136 40.29 -33.55 13.43
CA ILE G 136 38.94 -33.12 13.10
C ILE G 136 38.48 -33.97 11.93
N GLN G 137 39.34 -34.10 10.94
CA GLN G 137 38.99 -34.78 9.70
C GLN G 137 38.63 -36.25 9.92
N GLN G 138 39.37 -36.91 10.80
CA GLN G 138 39.13 -38.31 11.05
C GLN G 138 37.82 -38.43 11.80
N LYS G 139 37.66 -37.56 12.79
CA LYS G 139 36.41 -37.48 13.53
C LYS G 139 35.34 -37.04 12.58
N LEU G 140 35.67 -36.08 11.73
CA LEU G 140 34.64 -35.50 10.88
C LEU G 140 34.14 -36.62 9.99
N SER G 141 35.03 -37.55 9.70
CA SER G 141 34.73 -38.72 8.89
C SER G 141 33.71 -39.61 9.56
N LYS G 142 33.66 -39.52 10.89
CA LYS G 142 32.98 -40.50 11.74
C LYS G 142 31.49 -40.61 11.49
N LEU G 143 30.83 -39.48 11.29
CA LEU G 143 29.41 -39.51 11.02
C LEU G 143 29.27 -39.78 9.54
N LYS G 144 29.61 -40.99 9.14
CA LYS G 144 29.60 -41.35 7.72
C LYS G 144 28.24 -41.09 7.11
N GLY G 145 27.19 -41.29 7.91
CA GLY G 145 25.83 -41.07 7.46
C GLY G 145 24.96 -40.75 8.65
N GLU G 146 23.71 -40.39 8.38
CA GLU G 146 22.78 -40.03 9.44
C GLU G 146 23.24 -38.75 10.12
N PRO G 147 22.28 -37.90 10.47
CA PRO G 147 22.58 -36.60 11.09
C PRO G 147 23.82 -36.63 11.97
N GLY G 148 24.16 -35.48 12.57
CA GLY G 148 25.31 -35.39 13.43
C GLY G 148 25.90 -33.99 13.48
N TRP G 149 26.33 -33.58 14.67
CA TRP G 149 26.91 -32.25 14.85
C TRP G 149 28.31 -32.33 15.46
N VAL G 150 29.19 -31.45 15.01
CA VAL G 150 30.57 -31.39 15.52
C VAL G 150 30.74 -29.99 16.05
N THR G 151 31.31 -29.80 17.24
CA THR G 151 31.50 -28.46 17.84
C THR G 151 33.01 -28.29 17.92
N ILE G 152 33.58 -27.14 17.60
CA ILE G 152 35.02 -26.93 17.79
C ILE G 152 35.16 -25.68 18.66
N HIS G 153 35.94 -25.66 19.75
CA HIS G 153 36.04 -24.40 20.53
C HIS G 153 37.33 -23.99 21.22
N GLY G 154 37.50 -22.70 21.43
CA GLY G 154 38.73 -22.18 22.00
C GLY G 154 38.53 -20.76 22.48
N MET G 155 39.48 -20.27 23.26
CA MET G 155 39.43 -18.89 23.69
C MET G 155 39.67 -18.11 22.41
N ALA G 156 39.30 -16.84 22.40
CA ALA G 156 39.24 -16.11 21.16
C ALA G 156 40.57 -16.09 20.42
N GLY G 157 40.47 -16.35 19.14
CA GLY G 157 41.58 -16.36 18.22
C GLY G 157 42.51 -17.53 18.44
N CYS G 158 41.97 -18.74 18.31
CA CYS G 158 42.75 -19.96 18.50
C CYS G 158 42.97 -20.73 17.21
N GLY G 159 42.63 -20.11 16.08
CA GLY G 159 42.68 -20.78 14.81
C GLY G 159 41.45 -21.61 14.53
N LYS G 160 40.37 -21.29 15.23
CA LYS G 160 39.16 -22.08 15.14
C LYS G 160 38.55 -22.13 13.75
N SER G 161 38.39 -20.99 13.06
CA SER G 161 37.85 -21.03 11.70
C SER G 161 38.79 -21.63 10.68
N VAL G 162 40.06 -21.25 10.78
CA VAL G 162 41.00 -21.63 9.75
C VAL G 162 41.08 -23.13 9.73
N LEU G 163 41.03 -23.75 10.90
CA LEU G 163 41.05 -25.20 10.93
C LEU G 163 39.83 -25.73 10.21
N ALA G 164 38.68 -25.11 10.42
CA ALA G 164 37.47 -25.61 9.78
C ALA G 164 37.65 -25.50 8.29
N ALA G 165 38.18 -24.38 7.83
CA ALA G 165 38.43 -24.20 6.41
C ALA G 165 39.47 -25.19 5.94
N GLU G 166 40.52 -25.34 6.73
CA GLU G 166 41.64 -26.23 6.42
C GLU G 166 41.26 -27.72 6.37
N ALA G 167 40.46 -28.16 7.32
CA ALA G 167 40.06 -29.56 7.38
C ALA G 167 39.41 -29.99 6.09
N VAL G 168 38.51 -29.16 5.58
CA VAL G 168 37.77 -29.51 4.39
C VAL G 168 38.63 -29.23 3.15
N ARG G 169 39.74 -28.54 3.37
CA ARG G 169 40.60 -28.10 2.27
C ARG G 169 41.15 -29.26 1.46
N ASP G 170 41.39 -30.38 2.18
CA ASP G 170 41.86 -31.65 1.62
C ASP G 170 40.84 -32.41 0.76
N HIS G 171 41.34 -33.04 -0.30
CA HIS G 171 40.57 -33.92 -1.18
C HIS G 171 40.06 -35.27 -0.61
N SER G 172 40.88 -35.98 0.14
CA SER G 172 40.57 -37.36 0.49
C SER G 172 39.29 -37.52 1.31
N LEU G 173 39.25 -36.83 2.43
CA LEU G 173 38.11 -36.92 3.31
C LEU G 173 36.88 -36.38 2.61
N LEU G 174 37.04 -35.23 1.96
CA LEU G 174 35.91 -34.62 1.29
C LEU G 174 35.37 -35.38 0.09
N GLU G 175 36.26 -35.80 -0.80
CA GLU G 175 35.79 -36.37 -2.06
C GLU G 175 35.10 -37.72 -1.96
N GLY G 176 35.73 -38.67 -1.27
CA GLY G 176 35.14 -39.98 -1.11
C GLY G 176 33.92 -39.93 -0.22
N CYS G 177 34.09 -39.24 0.90
CA CYS G 177 33.06 -39.10 1.91
C CYS G 177 31.86 -38.28 1.51
N PHE G 178 32.10 -37.17 0.81
CA PHE G 178 31.09 -36.12 0.71
C PHE G 178 30.65 -35.80 -0.71
N PRO G 179 29.89 -36.69 -1.33
CA PRO G 179 29.37 -36.43 -2.68
C PRO G 179 28.62 -35.10 -2.73
N GLY G 180 27.97 -34.75 -1.63
CA GLY G 180 27.32 -33.45 -1.54
C GLY G 180 28.36 -32.37 -1.39
N GLY G 181 28.04 -31.16 -1.84
CA GLY G 181 29.01 -30.09 -1.84
C GLY G 181 29.05 -29.63 -0.41
N VAL G 182 29.93 -28.70 -0.07
CA VAL G 182 30.03 -28.12 1.28
C VAL G 182 29.45 -26.72 1.26
N HIS G 183 28.63 -26.36 2.23
CA HIS G 183 28.09 -25.00 2.26
C HIS G 183 28.52 -24.38 3.56
N TRP G 184 28.98 -23.13 3.52
CA TRP G 184 29.52 -22.47 4.70
C TRP G 184 28.52 -21.39 5.03
N VAL G 185 28.14 -21.21 6.29
CA VAL G 185 27.31 -20.08 6.62
C VAL G 185 27.96 -19.26 7.71
N SER G 186 28.04 -17.96 7.54
CA SER G 186 28.62 -17.12 8.58
C SER G 186 27.56 -16.57 9.54
N VAL G 187 27.22 -17.32 10.58
CA VAL G 187 26.13 -16.91 11.46
C VAL G 187 26.34 -15.64 12.28
N GLY G 188 27.53 -15.42 12.81
CA GLY G 188 27.77 -14.25 13.64
C GLY G 188 26.92 -14.26 14.89
N LYS G 189 26.52 -13.07 15.36
CA LYS G 189 25.68 -12.93 16.55
C LYS G 189 24.38 -12.28 16.10
N GLN G 190 23.22 -12.81 16.51
CA GLN G 190 22.00 -12.29 15.88
C GLN G 190 20.78 -12.15 16.79
N ASP G 191 20.07 -11.04 16.62
CA ASP G 191 18.73 -10.82 17.14
C ASP G 191 17.84 -11.67 16.26
N LYS G 192 16.61 -11.89 16.69
CA LYS G 192 15.75 -12.85 16.01
C LYS G 192 15.52 -12.44 14.56
N SER G 193 15.36 -11.14 14.34
CA SER G 193 15.11 -10.65 12.99
C SER G 193 16.30 -10.88 12.07
N GLY G 194 17.49 -10.62 12.60
CA GLY G 194 18.70 -10.76 11.81
C GLY G 194 18.89 -12.18 11.36
N LEU G 195 18.60 -13.10 12.25
CA LEU G 195 18.79 -14.51 11.99
C LEU G 195 17.92 -14.90 10.83
N LEU G 196 16.75 -14.29 10.75
CA LEU G 196 15.79 -14.69 9.75
C LEU G 196 16.38 -14.52 8.36
N MET G 197 17.07 -13.41 8.13
CA MET G 197 17.58 -13.12 6.80
C MET G 197 18.60 -14.15 6.33
N LYS G 198 19.44 -14.59 7.25
CA LYS G 198 20.51 -15.51 6.87
C LYS G 198 19.85 -16.74 6.30
N LEU G 199 18.74 -17.13 6.89
CA LEU G 199 18.05 -18.32 6.45
C LEU G 199 17.56 -18.18 5.02
N GLN G 200 16.94 -17.05 4.71
CA GLN G 200 16.45 -16.83 3.38
C GLN G 200 17.63 -16.84 2.44
N ASN G 201 18.74 -16.22 2.85
CA ASN G 201 19.90 -16.14 1.99
C ASN G 201 20.46 -17.52 1.71
N LEU G 202 20.43 -18.39 2.71
CA LEU G 202 20.86 -19.77 2.50
C LEU G 202 19.89 -20.49 1.57
N CYS G 203 18.63 -20.09 1.64
CA CYS G 203 17.61 -20.63 0.76
C CYS G 203 17.94 -20.30 -0.68
N THR G 204 18.20 -19.02 -0.93
CA THR G 204 18.53 -18.56 -2.27
C THR G 204 19.82 -19.20 -2.73
N ARG G 205 20.78 -19.34 -1.84
CA ARG G 205 22.06 -19.94 -2.25
C ARG G 205 21.93 -21.38 -2.68
N LEU G 206 21.24 -22.17 -1.86
CA LEU G 206 21.10 -23.60 -2.10
C LEU G 206 20.28 -23.95 -3.34
N ASP G 207 19.20 -23.21 -3.55
CA ASP G 207 18.34 -23.40 -4.71
C ASP G 207 18.83 -22.59 -5.90
N GLN G 208 19.91 -23.05 -6.54
CA GLN G 208 20.43 -22.36 -7.72
C GLN G 208 19.49 -22.48 -8.91
N ASP G 209 18.81 -23.62 -9.01
CA ASP G 209 17.89 -23.89 -10.11
C ASP G 209 16.70 -22.95 -10.09
N GLU G 210 16.20 -22.67 -8.88
CA GLU G 210 15.05 -21.80 -8.71
C GLU G 210 13.73 -22.54 -8.91
N SER G 211 13.80 -23.86 -9.06
CA SER G 211 12.61 -24.67 -9.26
C SER G 211 11.64 -24.44 -8.12
N PHE G 212 12.18 -24.34 -6.90
CA PHE G 212 11.38 -24.06 -5.72
C PHE G 212 10.88 -22.63 -5.80
N SER G 213 9.78 -22.36 -5.09
CA SER G 213 9.09 -21.08 -5.16
C SER G 213 10.04 -19.90 -5.00
N GLN G 214 9.93 -18.93 -5.90
CA GLN G 214 10.72 -17.72 -5.81
C GLN G 214 10.40 -16.97 -4.54
N ARG G 215 9.15 -17.08 -4.08
CA ARG G 215 8.74 -16.46 -2.84
C ARG G 215 9.56 -17.04 -1.70
N LEU G 216 9.90 -16.21 -0.73
CA LEU G 216 10.71 -16.66 0.39
C LEU G 216 9.84 -16.72 1.63
N PRO G 217 10.12 -17.69 2.51
CA PRO G 217 9.34 -17.83 3.74
C PRO G 217 9.47 -16.62 4.66
N LEU G 218 8.39 -16.26 5.33
CA LEU G 218 8.44 -15.20 6.34
C LEU G 218 8.59 -15.81 7.72
N ASN G 219 8.55 -17.14 7.76
CA ASN G 219 8.62 -17.91 9.01
C ASN G 219 9.85 -18.82 9.07
N ILE G 220 10.53 -18.80 10.21
CA ILE G 220 11.78 -19.51 10.38
C ILE G 220 11.65 -20.98 10.07
N GLU G 221 10.60 -21.58 10.62
CA GLU G 221 10.36 -23.02 10.46
C GLU G 221 10.22 -23.40 8.99
N GLU G 222 9.52 -22.55 8.23
CA GLU G 222 9.31 -22.82 6.81
C GLU G 222 10.66 -22.88 6.11
N ALA G 223 11.56 -22.01 6.53
CA ALA G 223 12.92 -22.01 6.02
C ALA G 223 13.62 -23.29 6.43
N LYS G 224 13.30 -23.76 7.63
CA LYS G 224 13.85 -25.00 8.14
C LYS G 224 13.42 -26.14 7.23
N ASP G 225 12.18 -26.05 6.76
CA ASP G 225 11.62 -27.06 5.86
C ASP G 225 12.34 -27.02 4.52
N ARG G 226 12.51 -25.82 3.98
CA ARG G 226 13.21 -25.65 2.72
C ARG G 226 14.65 -26.16 2.81
N LEU G 227 15.26 -26.04 3.98
CA LEU G 227 16.63 -26.50 4.16
C LEU G 227 16.69 -28.01 4.22
N ARG G 228 15.81 -28.58 5.02
CA ARG G 228 15.78 -30.01 5.25
C ARG G 228 15.49 -30.72 3.95
N ILE G 229 14.49 -30.21 3.23
CA ILE G 229 14.04 -30.79 1.98
C ILE G 229 15.11 -30.68 0.92
N LEU G 230 15.73 -29.49 0.86
CA LEU G 230 16.83 -29.23 -0.07
C LEU G 230 18.06 -30.09 0.23
N MET G 231 18.37 -30.24 1.52
CA MET G 231 19.47 -31.09 1.94
C MET G 231 19.12 -32.55 1.64
N LEU G 232 17.86 -32.91 1.86
CA LEU G 232 17.40 -34.27 1.65
C LEU G 232 17.42 -34.74 0.20
N ARG G 233 16.99 -33.87 -0.72
CA ARG G 233 16.89 -34.24 -2.12
C ARG G 233 17.91 -33.53 -3.00
N LYS G 234 17.93 -32.21 -2.93
CA LYS G 234 18.78 -31.40 -3.79
C LYS G 234 20.25 -31.65 -3.52
N HIS G 235 20.65 -31.75 -2.27
CA HIS G 235 22.06 -31.98 -2.00
C HIS G 235 22.26 -33.13 -1.03
N PRO G 236 22.17 -34.37 -1.46
CA PRO G 236 22.02 -35.48 -0.52
C PRO G 236 23.14 -35.64 0.50
N ARG G 237 24.39 -35.48 0.08
CA ARG G 237 25.53 -35.69 0.97
C ARG G 237 26.27 -34.39 1.29
N SER G 238 25.49 -33.34 1.55
CA SER G 238 26.07 -32.05 1.91
C SER G 238 26.43 -31.91 3.38
N LEU G 239 27.50 -31.17 3.64
CA LEU G 239 27.93 -30.79 4.98
C LEU G 239 27.82 -29.26 5.07
N LEU G 240 27.28 -28.75 6.17
CA LEU G 240 27.11 -27.32 6.43
C LEU G 240 28.09 -26.96 7.54
N ILE G 241 28.83 -25.85 7.43
CA ILE G 241 29.76 -25.40 8.48
C ILE G 241 29.24 -24.08 9.02
N LEU G 242 29.31 -23.83 10.32
CA LEU G 242 28.87 -22.54 10.79
C LEU G 242 30.02 -21.78 11.42
N ASP G 243 29.89 -20.47 11.47
CA ASP G 243 30.93 -19.62 12.03
C ASP G 243 30.39 -18.91 13.27
N ASP G 244 31.13 -18.98 14.36
CA ASP G 244 30.62 -18.45 15.62
C ASP G 244 29.35 -19.20 16.04
N VAL G 245 28.30 -18.43 16.32
CA VAL G 245 27.07 -18.92 16.93
C VAL G 245 27.15 -18.59 18.41
N TRP G 246 26.20 -17.82 18.90
CA TRP G 246 26.21 -17.42 20.30
C TRP G 246 25.00 -17.77 21.13
N ASP G 247 23.98 -18.39 20.53
CA ASP G 247 22.85 -18.78 21.35
C ASP G 247 22.13 -19.98 20.78
N SER G 248 21.50 -20.77 21.64
CA SER G 248 20.93 -22.03 21.20
C SER G 248 19.80 -21.93 20.18
N TRP G 249 18.84 -21.03 20.37
CA TRP G 249 17.73 -21.03 19.41
C TRP G 249 18.24 -21.02 17.98
N VAL G 250 19.44 -20.45 17.80
CA VAL G 250 20.05 -20.35 16.50
C VAL G 250 20.23 -21.73 15.88
N LEU G 251 20.92 -22.61 16.59
CA LEU G 251 21.04 -23.99 16.13
C LEU G 251 19.72 -24.71 16.14
N LYS G 252 18.79 -24.22 16.96
CA LYS G 252 17.46 -24.80 16.94
C LYS G 252 16.94 -24.59 15.53
N ALA G 253 17.19 -23.39 14.99
CA ALA G 253 16.74 -23.03 13.66
C ALA G 253 17.38 -23.88 12.58
N PHE G 254 18.65 -24.17 12.73
CA PHE G 254 19.41 -24.87 11.71
C PHE G 254 19.31 -26.37 11.88
N ASP G 255 18.51 -26.80 12.86
CA ASP G 255 18.51 -28.19 13.26
C ASP G 255 17.68 -28.97 12.27
N SER G 256 18.30 -29.21 11.12
CA SER G 256 17.62 -29.77 9.97
C SER G 256 17.63 -31.29 9.93
N GLN G 257 18.32 -31.90 10.90
CA GLN G 257 18.44 -33.36 10.92
C GLN G 257 19.49 -33.79 9.91
N CYS G 258 20.18 -32.81 9.33
CA CYS G 258 21.21 -33.05 8.35
C CYS G 258 22.48 -32.50 8.92
N GLN G 259 23.61 -33.14 8.69
CA GLN G 259 24.81 -32.78 9.42
C GLN G 259 25.14 -31.33 9.19
N ILE G 260 25.41 -30.64 10.29
CA ILE G 260 25.82 -29.28 10.30
C ILE G 260 26.89 -29.31 11.36
N LEU G 261 28.03 -28.68 11.15
CA LEU G 261 29.05 -28.56 12.18
C LEU G 261 29.23 -27.11 12.53
N LEU G 262 29.19 -26.77 13.82
CA LEU G 262 29.25 -25.37 14.25
C LEU G 262 30.58 -25.16 14.92
N THR G 263 31.27 -24.07 14.61
CA THR G 263 32.56 -23.83 15.24
C THR G 263 32.49 -22.54 16.06
N THR G 264 32.98 -22.53 17.29
CA THR G 264 32.64 -21.41 18.17
C THR G 264 33.52 -21.05 19.33
N ARG G 265 32.94 -20.25 20.21
CA ARG G 265 33.52 -20.07 21.56
C ARG G 265 32.86 -20.77 22.77
N ASP G 266 31.53 -20.70 22.84
CA ASP G 266 30.79 -21.44 23.86
C ASP G 266 30.59 -22.86 23.38
N LYS G 267 30.69 -23.80 24.30
CA LYS G 267 30.45 -25.20 24.00
C LYS G 267 29.09 -25.62 24.53
N SER G 268 28.49 -24.70 25.27
CA SER G 268 27.13 -24.84 25.77
C SER G 268 26.12 -24.79 24.63
N VAL G 269 26.51 -24.19 23.52
CA VAL G 269 25.54 -23.84 22.50
C VAL G 269 24.82 -25.06 21.97
N THR G 270 25.54 -26.13 21.68
CA THR G 270 24.90 -27.31 21.13
C THR G 270 24.40 -28.20 22.26
N ASP G 271 23.46 -27.70 23.05
CA ASP G 271 22.81 -28.53 24.04
C ASP G 271 21.35 -28.74 23.72
N SER G 272 20.75 -27.79 23.04
CA SER G 272 19.37 -27.91 22.59
C SER G 272 19.25 -29.03 21.58
N VAL G 273 20.28 -29.16 20.73
CA VAL G 273 20.25 -30.09 19.62
C VAL G 273 20.27 -31.56 20.04
N MET G 274 19.80 -32.39 19.13
CA MET G 274 19.62 -33.83 19.28
C MET G 274 20.41 -34.58 18.21
N GLY G 275 20.92 -35.74 18.57
CA GLY G 275 21.76 -36.51 17.68
C GLY G 275 23.17 -36.55 18.22
N PRO G 276 24.02 -37.42 17.67
CA PRO G 276 25.39 -37.57 18.19
C PRO G 276 26.19 -36.27 18.12
N LYS G 277 26.83 -35.88 19.21
CA LYS G 277 27.67 -34.69 19.21
C LYS G 277 29.10 -34.99 19.64
N TYR G 278 30.08 -34.49 18.91
CA TYR G 278 31.48 -34.66 19.28
C TYR G 278 32.12 -33.29 19.32
N VAL G 279 33.07 -33.09 20.22
CA VAL G 279 33.77 -31.82 20.27
C VAL G 279 35.27 -32.01 20.18
N VAL G 280 35.92 -31.21 19.33
CA VAL G 280 37.37 -31.19 19.27
C VAL G 280 37.73 -29.86 19.88
N PRO G 281 38.67 -29.83 20.82
CA PRO G 281 38.81 -28.60 21.59
C PRO G 281 40.16 -28.05 21.27
N VAL G 282 40.19 -26.82 20.77
CA VAL G 282 41.45 -26.24 20.37
C VAL G 282 41.96 -25.32 21.46
N GLU G 283 42.98 -25.77 22.18
CA GLU G 283 43.68 -24.92 23.13
C GLU G 283 44.50 -23.91 22.34
N SER G 284 44.62 -22.68 22.84
CA SER G 284 45.39 -21.68 22.14
C SER G 284 46.81 -21.81 22.63
N SER G 285 47.65 -22.41 21.80
CA SER G 285 49.05 -22.61 22.16
C SER G 285 49.99 -22.31 21.02
N LEU G 286 49.95 -23.17 20.02
CA LEU G 286 50.84 -23.08 18.86
C LEU G 286 52.19 -23.67 19.25
N GLY G 287 53.13 -23.64 18.33
CA GLY G 287 54.45 -24.19 18.58
C GLY G 287 55.54 -23.17 18.32
N LYS G 288 56.56 -23.16 19.18
CA LYS G 288 57.62 -22.18 19.05
C LYS G 288 58.30 -22.38 17.71
N GLU G 289 58.45 -23.62 17.29
CA GLU G 289 59.03 -23.91 16.00
C GLU G 289 58.18 -23.32 14.88
N LYS G 290 56.86 -23.54 15.00
CA LYS G 290 55.88 -23.06 14.03
C LYS G 290 55.76 -21.53 13.92
N GLY G 291 55.77 -20.84 15.05
CA GLY G 291 55.61 -19.41 15.05
C GLY G 291 56.80 -18.75 14.38
N LEU G 292 57.97 -19.33 14.62
CA LEU G 292 59.17 -18.87 13.93
C LEU G 292 58.97 -19.08 12.43
N GLU G 293 58.29 -20.17 12.10
CA GLU G 293 57.94 -20.47 10.73
C GLU G 293 57.03 -19.40 10.18
N ILE G 294 56.02 -19.05 10.98
CA ILE G 294 55.07 -18.01 10.67
C ILE G 294 55.70 -16.62 10.60
N LEU G 295 56.60 -16.34 11.55
CA LEU G 295 57.24 -15.03 11.59
C LEU G 295 58.09 -14.87 10.35
N SER G 296 58.75 -15.95 9.95
CA SER G 296 59.61 -15.88 8.78
C SER G 296 58.79 -15.51 7.57
N LEU G 297 57.62 -16.13 7.43
CA LEU G 297 56.79 -15.87 6.28
C LEU G 297 56.33 -14.42 6.29
N PHE G 298 56.02 -13.92 7.49
CA PHE G 298 55.55 -12.55 7.65
C PHE G 298 56.59 -11.55 7.19
N VAL G 299 57.85 -11.81 7.53
CA VAL G 299 58.96 -10.92 7.14
C VAL G 299 59.86 -11.47 6.03
N ASN G 300 59.52 -12.63 5.49
CA ASN G 300 60.22 -13.20 4.35
C ASN G 300 61.73 -13.51 4.44
N MET G 301 62.21 -14.04 5.56
CA MET G 301 63.63 -14.39 5.66
C MET G 301 63.96 -15.78 6.20
N LYS G 302 65.05 -16.38 5.75
CA LYS G 302 65.47 -17.67 6.24
C LYS G 302 65.35 -17.56 7.75
N LYS G 303 64.91 -18.63 8.41
CA LYS G 303 64.55 -18.52 9.81
C LYS G 303 65.74 -18.08 10.65
N ALA G 304 66.92 -18.61 10.35
CA ALA G 304 68.10 -18.23 11.10
C ALA G 304 68.41 -16.75 10.91
N ASP G 305 68.28 -16.26 9.68
CA ASP G 305 68.53 -14.86 9.40
C ASP G 305 67.72 -13.94 10.29
N LEU G 306 66.75 -14.50 11.00
CA LEU G 306 65.89 -13.70 11.86
C LEU G 306 66.62 -13.20 13.09
N PRO G 307 66.32 -11.97 13.47
CA PRO G 307 67.06 -11.24 14.51
C PRO G 307 66.86 -11.85 15.88
N GLU G 308 67.79 -11.55 16.77
CA GLU G 308 67.79 -12.11 18.11
C GLU G 308 66.53 -11.68 18.84
N GLN G 309 66.00 -10.52 18.47
CA GLN G 309 64.83 -10.00 19.16
C GLN G 309 63.66 -10.95 19.00
N ALA G 310 63.55 -11.55 17.81
CA ALA G 310 62.36 -12.28 17.43
C ALA G 310 61.97 -13.40 18.40
N HIS G 311 62.95 -14.09 18.94
CA HIS G 311 62.68 -15.27 19.75
C HIS G 311 61.82 -14.92 20.97
N SER G 312 62.07 -13.76 21.54
CA SER G 312 61.52 -13.37 22.83
C SER G 312 60.06 -12.94 22.73
N ILE G 313 59.73 -12.25 21.64
CA ILE G 313 58.38 -11.76 21.48
C ILE G 313 57.41 -12.91 21.36
N ILE G 314 57.86 -14.01 20.78
CA ILE G 314 56.97 -15.15 20.61
C ILE G 314 56.57 -15.69 21.97
N LYS G 315 57.45 -15.52 22.95
CA LYS G 315 57.15 -16.00 24.29
C LYS G 315 55.94 -15.27 24.85
N GLU G 316 55.88 -13.98 24.53
CA GLU G 316 54.77 -13.13 24.88
C GLU G 316 53.53 -13.60 24.15
N CYS G 317 53.71 -13.98 22.89
CA CYS G 317 52.56 -14.34 22.06
C CYS G 317 51.75 -15.45 22.73
N LYS G 318 52.43 -16.44 23.30
CA LYS G 318 51.74 -17.52 23.98
C LYS G 318 50.90 -18.30 22.99
N GLY G 319 51.30 -18.27 21.72
CA GLY G 319 50.64 -19.07 20.70
C GLY G 319 49.28 -18.60 20.23
N SER G 320 48.87 -17.39 20.56
CA SER G 320 47.60 -16.99 20.03
C SER G 320 48.00 -16.52 18.67
N PRO G 321 47.77 -17.37 17.67
CA PRO G 321 48.18 -17.07 16.30
C PRO G 321 47.66 -15.72 15.86
N LEU G 322 46.61 -15.25 16.53
CA LEU G 322 46.06 -13.96 16.22
C LEU G 322 47.09 -12.92 16.62
N VAL G 323 47.75 -13.11 17.76
CA VAL G 323 48.83 -12.19 18.16
C VAL G 323 50.03 -12.19 17.21
N VAL G 324 50.42 -13.37 16.74
CA VAL G 324 51.52 -13.55 15.82
C VAL G 324 51.24 -12.92 14.47
N SER G 325 50.08 -13.21 13.91
CA SER G 325 49.72 -12.55 12.68
C SER G 325 49.62 -11.07 12.98
N LEU G 326 49.05 -10.73 14.14
CA LEU G 326 48.90 -9.33 14.47
C LEU G 326 50.22 -8.59 14.61
N ILE G 327 51.18 -9.19 15.31
CA ILE G 327 52.52 -8.64 15.31
C ILE G 327 53.13 -8.76 13.92
N GLY G 328 52.94 -9.89 13.26
CA GLY G 328 53.65 -10.14 12.03
C GLY G 328 53.32 -9.14 10.94
N ALA G 329 52.04 -8.91 10.72
CA ALA G 329 51.62 -7.94 9.73
C ALA G 329 52.11 -6.58 10.17
N LEU G 330 52.06 -6.34 11.47
CA LEU G 330 52.40 -5.04 12.00
C LEU G 330 53.82 -4.75 11.61
N LEU G 331 54.65 -5.78 11.64
CA LEU G 331 56.03 -5.63 11.21
C LEU G 331 56.19 -5.47 9.71
N ARG G 332 55.21 -5.82 8.90
CA ARG G 332 55.51 -5.78 7.48
C ARG G 332 55.81 -4.35 7.09
N ASP G 333 55.04 -3.43 7.64
CA ASP G 333 55.23 -2.00 7.41
C ASP G 333 56.52 -1.41 7.96
N PHE G 334 56.93 -1.82 9.16
CA PHE G 334 58.06 -1.18 9.81
C PHE G 334 59.09 -2.17 10.29
N PRO G 335 59.87 -2.72 9.37
CA PRO G 335 60.90 -3.72 9.72
C PRO G 335 61.93 -3.19 10.72
N ASN G 336 62.15 -1.88 10.72
CA ASN G 336 63.12 -1.26 11.59
C ASN G 336 62.72 -1.23 13.07
N ARG G 337 61.44 -1.00 13.35
CA ARG G 337 61.00 -0.89 14.74
C ARG G 337 60.76 -2.27 15.35
N TRP G 338 61.75 -3.15 15.23
CA TRP G 338 61.63 -4.50 15.77
C TRP G 338 61.57 -4.65 17.29
N GLU G 339 62.49 -4.02 18.02
CA GLU G 339 62.51 -4.16 19.49
C GLU G 339 61.26 -3.57 20.15
N TYR G 340 60.83 -2.43 19.62
CA TYR G 340 59.75 -1.60 20.12
C TYR G 340 58.56 -2.43 20.55
N TYR G 341 58.09 -3.29 19.64
CA TYR G 341 56.94 -4.12 19.95
C TYR G 341 57.30 -5.18 20.97
N LEU G 342 58.58 -5.54 21.02
CA LEU G 342 59.03 -6.50 22.00
C LEU G 342 58.81 -5.93 23.39
N LYS G 343 59.31 -4.71 23.60
CA LYS G 343 59.11 -4.03 24.87
C LYS G 343 57.65 -3.69 25.08
N GLN G 344 56.91 -3.55 23.98
CA GLN G 344 55.51 -3.21 24.04
C GLN G 344 54.72 -4.35 24.67
N LEU G 345 54.97 -5.57 24.19
CA LEU G 345 54.36 -6.73 24.80
C LEU G 345 54.94 -7.00 26.18
N GLN G 346 56.17 -6.54 26.41
CA GLN G 346 56.72 -6.57 27.76
C GLN G 346 55.93 -5.65 28.67
N ASN G 347 55.38 -4.60 28.06
CA ASN G 347 54.48 -3.66 28.74
C ASN G 347 53.21 -4.37 29.20
N LYS G 348 52.73 -5.28 28.38
CA LYS G 348 51.50 -6.02 28.68
C LYS G 348 50.20 -5.34 28.21
N GLN G 349 50.31 -4.21 27.53
CA GLN G 349 49.12 -3.58 26.97
C GLN G 349 48.96 -3.82 25.47
N PHE G 350 47.76 -4.22 25.07
CA PHE G 350 47.53 -4.65 23.70
C PHE G 350 46.85 -3.58 22.87
N LYS G 351 46.67 -2.41 23.47
CA LYS G 351 46.07 -1.27 22.78
C LYS G 351 47.01 -0.76 21.69
N ARG G 352 48.30 -1.00 21.90
CA ARG G 352 49.32 -0.56 20.95
C ARG G 352 49.31 -1.36 19.65
N ILE G 353 49.02 -2.66 19.73
CA ILE G 353 49.05 -3.50 18.56
C ILE G 353 47.73 -3.45 17.80
N ARG G 354 47.75 -3.00 16.56
CA ARG G 354 46.53 -3.03 15.75
C ARG G 354 46.85 -3.24 14.28
N LYS G 355 46.04 -4.04 13.61
CA LYS G 355 46.14 -4.17 12.18
C LYS G 355 44.76 -4.42 11.61
N SER G 356 44.47 -3.83 10.46
CA SER G 356 43.30 -4.24 9.73
C SER G 356 43.66 -5.62 9.23
N SER G 357 42.73 -6.54 9.23
CA SER G 357 43.05 -7.91 8.85
C SER G 357 41.81 -8.63 8.38
N SER G 358 41.99 -9.81 7.80
CA SER G 358 40.85 -10.57 7.34
C SER G 358 40.01 -10.84 8.57
N TYR G 359 40.69 -11.12 9.67
CA TYR G 359 40.04 -11.32 10.95
C TYR G 359 39.26 -10.06 11.34
N ASP G 360 38.20 -10.27 12.12
CA ASP G 360 37.14 -9.27 12.34
C ASP G 360 37.36 -8.29 13.49
N TYR G 361 38.61 -8.02 13.85
CA TYR G 361 38.84 -7.15 14.99
C TYR G 361 40.18 -6.45 14.90
N GLU G 362 40.24 -5.20 15.35
CA GLU G 362 41.47 -4.44 15.22
C GLU G 362 42.61 -5.13 15.96
N ALA G 363 42.27 -5.69 17.12
CA ALA G 363 43.24 -6.24 18.06
C ALA G 363 42.72 -7.30 19.07
N LEU G 364 43.69 -7.97 19.67
CA LEU G 364 43.45 -9.08 20.58
C LEU G 364 42.63 -8.62 21.77
N ASP G 365 42.89 -7.41 22.24
CA ASP G 365 42.06 -6.87 23.30
C ASP G 365 40.65 -6.81 22.74
N GLU G 366 40.56 -6.52 21.45
CA GLU G 366 39.28 -6.33 20.80
C GLU G 366 38.45 -7.59 20.88
N ALA G 367 39.09 -8.74 20.72
CA ALA G 367 38.34 -10.02 20.76
C ALA G 367 37.70 -10.39 22.13
N MET G 368 38.47 -10.17 23.19
CA MET G 368 38.08 -10.51 24.54
C MET G 368 36.87 -9.70 24.96
N SER G 369 36.85 -8.42 24.60
CA SER G 369 35.72 -7.58 24.99
C SER G 369 34.40 -8.17 24.51
N ILE G 370 34.43 -8.72 23.29
CA ILE G 370 33.26 -9.32 22.69
C ILE G 370 32.78 -10.53 23.49
N SER G 371 33.71 -11.34 23.98
CA SER G 371 33.33 -12.48 24.81
C SER G 371 32.70 -12.10 26.15
N VAL G 372 33.22 -11.07 26.81
CA VAL G 372 32.76 -10.74 28.15
C VAL G 372 31.29 -10.34 28.23
N GLU G 373 30.79 -9.66 27.21
CA GLU G 373 29.49 -9.01 27.30
C GLU G 373 28.33 -9.96 27.54
N MET G 374 28.38 -11.13 26.90
CA MET G 374 27.23 -12.03 26.85
C MET G 374 26.67 -12.47 28.21
N LEU G 375 27.56 -12.61 29.18
CA LEU G 375 27.18 -13.22 30.44
C LEU G 375 26.05 -12.45 31.07
N ARG G 376 25.13 -13.20 31.66
CA ARG G 376 23.95 -12.66 32.32
C ARG G 376 24.40 -11.82 33.51
N GLU G 377 23.69 -10.74 33.77
CA GLU G 377 24.18 -9.70 34.63
C GLU G 377 24.63 -10.27 35.96
N ASP G 378 23.89 -11.24 36.49
CA ASP G 378 24.25 -11.80 37.78
C ASP G 378 25.63 -12.45 37.71
N ILE G 379 25.90 -13.18 36.65
CA ILE G 379 27.22 -13.79 36.47
C ILE G 379 28.32 -12.75 36.27
N LYS G 380 27.98 -11.66 35.59
CA LYS G 380 28.98 -10.77 35.04
C LYS G 380 29.87 -10.16 36.10
N ASP G 381 29.28 -9.81 37.23
CA ASP G 381 30.03 -9.21 38.34
C ASP G 381 31.07 -10.21 38.84
N TYR G 382 30.70 -11.48 38.89
CA TYR G 382 31.58 -12.49 39.46
C TYR G 382 32.87 -12.60 38.69
N TYR G 383 32.81 -12.57 37.37
CA TYR G 383 34.04 -12.74 36.62
C TYR G 383 35.13 -11.80 37.11
N THR G 384 34.77 -10.57 37.43
CA THR G 384 35.77 -9.57 37.79
C THR G 384 36.54 -10.01 39.03
N ASP G 385 35.84 -10.64 39.96
CA ASP G 385 36.50 -11.11 41.17
C ASP G 385 37.53 -12.09 40.65
N LEU G 386 37.17 -12.81 39.60
CA LEU G 386 38.03 -13.84 39.05
C LEU G 386 39.32 -13.23 38.52
N SER G 387 39.30 -11.91 38.40
CA SER G 387 40.39 -11.12 37.85
C SER G 387 41.66 -11.22 38.68
N ILE G 388 41.48 -11.26 39.99
CA ILE G 388 42.61 -11.21 40.91
C ILE G 388 43.56 -12.37 40.71
N LEU G 389 43.06 -13.54 40.32
CA LEU G 389 43.87 -14.76 40.31
C LEU G 389 45.12 -14.70 39.42
N GLN G 390 46.20 -15.31 39.92
CA GLN G 390 47.53 -15.25 39.33
C GLN G 390 47.44 -15.69 37.87
N LYS G 391 48.47 -15.36 37.09
CA LYS G 391 48.51 -15.80 35.69
C LYS G 391 48.56 -17.31 35.68
N ASP G 392 49.36 -17.89 36.55
CA ASP G 392 49.60 -19.33 36.50
C ASP G 392 49.46 -20.04 37.86
N VAL G 393 48.25 -20.01 38.38
CA VAL G 393 47.93 -20.74 39.60
C VAL G 393 46.69 -21.55 39.34
N LYS G 394 46.74 -22.84 39.64
CA LYS G 394 45.53 -23.62 39.62
C LYS G 394 45.03 -23.57 41.04
N VAL G 395 44.04 -22.72 41.29
CA VAL G 395 43.54 -22.59 42.63
C VAL G 395 42.50 -23.65 42.95
N PRO G 396 42.59 -24.20 44.15
CA PRO G 396 41.59 -25.15 44.65
C PRO G 396 40.26 -24.40 44.76
N THR G 397 39.19 -25.06 44.35
CA THR G 397 37.87 -24.44 44.28
C THR G 397 37.49 -23.64 45.52
N LYS G 398 37.87 -24.15 46.69
CA LYS G 398 37.45 -23.58 47.96
C LYS G 398 37.67 -22.08 48.07
N VAL G 399 38.86 -21.63 47.69
CA VAL G 399 39.21 -20.22 47.87
C VAL G 399 38.24 -19.35 47.09
N LEU G 400 37.76 -19.88 45.97
CA LEU G 400 36.73 -19.18 45.21
C LEU G 400 35.44 -19.18 46.01
N CYS G 401 35.22 -20.25 46.77
CA CYS G 401 34.04 -20.33 47.62
C CYS G 401 34.10 -19.25 48.68
N ILE G 402 35.29 -19.09 49.25
CA ILE G 402 35.50 -18.12 50.32
C ILE G 402 35.30 -16.69 49.87
N LEU G 403 35.86 -16.34 48.72
CA LEU G 403 35.71 -14.98 48.24
C LEU G 403 34.26 -14.69 47.92
N TRP G 404 33.63 -15.64 47.25
CA TRP G 404 32.21 -15.54 46.93
C TRP G 404 31.32 -15.61 48.16
N ASP G 405 31.71 -16.43 49.12
CA ASP G 405 30.91 -16.64 50.31
C ASP G 405 29.67 -17.45 49.94
N MET G 406 29.77 -18.18 48.83
CA MET G 406 28.64 -18.95 48.32
C MET G 406 28.92 -20.46 48.32
N GLU G 407 27.95 -21.26 48.71
CA GLU G 407 28.17 -22.68 48.99
C GLU G 407 28.74 -23.46 47.80
N THR G 408 29.56 -24.46 48.10
CA THR G 408 30.39 -25.13 47.11
C THR G 408 29.69 -25.85 45.96
N GLU G 409 28.58 -26.52 46.24
CA GLU G 409 27.89 -27.25 45.19
C GLU G 409 27.46 -26.27 44.12
N GLU G 410 27.02 -25.10 44.57
CA GLU G 410 26.64 -24.00 43.70
C GLU G 410 27.79 -23.35 42.96
N VAL G 411 28.90 -23.13 43.67
CA VAL G 411 30.00 -22.37 43.11
C VAL G 411 30.62 -23.02 41.89
N GLU G 412 30.69 -24.34 41.91
CA GLU G 412 31.31 -25.08 40.82
C GLU G 412 30.57 -24.85 39.52
N ASP G 413 29.25 -24.77 39.60
CA ASP G 413 28.43 -24.79 38.40
C ASP G 413 28.58 -23.51 37.61
N ILE G 414 28.68 -22.40 38.31
CA ILE G 414 28.87 -21.13 37.61
C ILE G 414 30.19 -21.18 36.88
N LEU G 415 31.17 -21.78 37.52
CA LEU G 415 32.48 -21.92 36.90
C LEU G 415 32.40 -22.86 35.71
N GLN G 416 31.54 -23.86 35.81
CA GLN G 416 31.34 -24.77 34.70
C GLN G 416 30.79 -24.00 33.52
N GLU G 417 29.90 -23.06 33.80
CA GLU G 417 29.34 -22.22 32.75
C GLU G 417 30.43 -21.37 32.13
N PHE G 418 31.36 -20.88 32.93
CA PHE G 418 32.49 -20.14 32.40
C PHE G 418 33.29 -21.04 31.49
N VAL G 419 33.59 -22.24 31.94
CA VAL G 419 34.53 -23.05 31.20
C VAL G 419 33.93 -23.20 29.83
N ASN G 420 32.62 -23.38 29.77
CA ASN G 420 31.96 -23.46 28.49
C ASN G 420 32.13 -22.16 27.73
N LYS G 421 31.97 -21.04 28.40
CA LYS G 421 32.25 -19.77 27.74
C LYS G 421 33.70 -19.68 27.30
N SER G 422 34.47 -20.72 27.61
CA SER G 422 35.88 -20.79 27.26
C SER G 422 36.63 -19.59 27.81
N LEU G 423 36.24 -19.15 29.00
CA LEU G 423 36.89 -18.01 29.63
C LEU G 423 37.66 -18.43 30.88
N LEU G 424 37.78 -19.75 31.08
CA LEU G 424 38.43 -20.29 32.26
C LEU G 424 38.61 -21.79 32.13
N PHE G 425 39.84 -22.22 31.89
CA PHE G 425 40.12 -23.61 31.62
C PHE G 425 39.93 -24.55 32.81
N CYS G 426 39.36 -25.71 32.52
CA CYS G 426 39.12 -26.74 33.51
C CYS G 426 40.35 -27.57 33.85
N ASP G 427 40.37 -28.14 35.04
CA ASP G 427 41.42 -29.06 35.44
C ASP G 427 40.84 -30.24 36.24
N ARG G 428 40.54 -31.32 35.55
CA ARG G 428 40.01 -32.49 36.22
C ARG G 428 41.14 -33.33 36.80
N ASN G 429 41.79 -32.81 37.84
CA ASN G 429 42.77 -33.58 38.57
C ASN G 429 42.04 -34.14 39.77
N GLY G 430 41.74 -35.43 39.70
CA GLY G 430 41.10 -36.11 40.82
C GLY G 430 39.80 -35.40 41.14
N LYS G 431 39.35 -35.56 42.38
CA LYS G 431 38.14 -34.88 42.83
C LYS G 431 38.38 -33.39 42.73
N SER G 432 39.58 -32.97 43.09
CA SER G 432 39.94 -31.56 43.08
C SER G 432 39.88 -30.97 41.69
N PHE G 433 39.49 -29.71 41.63
CA PHE G 433 39.46 -28.94 40.41
C PHE G 433 40.29 -27.68 40.58
N ARG G 434 41.20 -27.44 39.65
CA ARG G 434 41.91 -26.19 39.61
C ARG G 434 41.56 -25.53 38.29
N TYR G 435 40.95 -24.35 38.38
CA TYR G 435 40.73 -23.54 37.20
C TYR G 435 41.83 -22.49 37.03
N TYR G 436 42.15 -22.19 35.77
CA TYR G 436 43.20 -21.24 35.48
C TYR G 436 43.04 -20.65 34.09
N LEU G 437 43.85 -19.64 33.79
CA LEU G 437 43.67 -18.85 32.59
C LEU G 437 44.89 -18.87 31.70
N HIS G 438 44.72 -18.39 30.47
CA HIS G 438 45.82 -18.11 29.59
C HIS G 438 46.45 -16.79 29.99
N ASP G 439 47.73 -16.63 29.68
CA ASP G 439 48.44 -15.40 29.99
C ASP G 439 47.76 -14.21 29.33
N LEU G 440 47.16 -14.45 28.17
CA LEU G 440 46.44 -13.44 27.44
C LEU G 440 45.14 -13.07 28.15
N GLN G 441 44.45 -14.08 28.66
CA GLN G 441 43.21 -13.89 29.38
C GLN G 441 43.44 -13.07 30.64
N VAL G 442 44.54 -13.37 31.33
CA VAL G 442 44.86 -12.66 32.57
C VAL G 442 45.19 -11.21 32.27
N ASP G 443 45.99 -11.00 31.23
CA ASP G 443 46.44 -9.68 30.85
C ASP G 443 45.24 -8.82 30.49
N PHE G 444 44.28 -9.40 29.80
CA PHE G 444 43.12 -8.64 29.40
C PHE G 444 42.44 -8.14 30.66
N LEU G 445 42.41 -8.98 31.68
CA LEU G 445 41.66 -8.64 32.89
C LEU G 445 42.20 -7.39 33.54
N THR G 446 43.51 -7.35 33.73
CA THR G 446 44.14 -6.20 34.35
C THR G 446 43.94 -5.00 33.44
N GLU G 447 43.96 -5.25 32.13
CA GLU G 447 43.77 -4.18 31.16
C GLU G 447 42.39 -3.56 31.33
N LYS G 448 41.40 -4.41 31.59
CA LYS G 448 40.01 -3.96 31.71
C LYS G 448 39.43 -3.85 33.14
N ASN G 449 40.13 -4.38 34.14
CA ASN G 449 39.66 -4.34 35.52
C ASN G 449 40.61 -3.75 36.55
N CYS G 450 41.64 -3.04 36.11
CA CYS G 450 42.74 -2.68 37.00
C CYS G 450 42.35 -1.82 38.21
N SER G 451 41.47 -0.84 38.00
CA SER G 451 41.09 0.05 39.10
C SER G 451 40.40 -0.71 40.23
N GLN G 452 39.54 -1.64 39.87
CA GLN G 452 38.85 -2.47 40.84
C GLN G 452 39.81 -3.34 41.64
N LEU G 453 40.83 -3.87 40.96
CA LEU G 453 41.65 -4.94 41.51
C LEU G 453 42.32 -4.57 42.82
N GLN G 454 42.83 -3.35 42.92
CA GLN G 454 43.44 -2.88 44.14
C GLN G 454 42.39 -2.87 45.24
N ASP G 455 41.18 -2.46 44.88
CA ASP G 455 40.06 -2.39 45.81
C ASP G 455 39.60 -3.76 46.29
N LEU G 456 39.47 -4.71 45.37
CA LEU G 456 39.03 -6.05 45.70
C LEU G 456 40.09 -6.78 46.53
N HIS G 457 41.36 -6.55 46.21
CA HIS G 457 42.46 -7.18 46.91
C HIS G 457 42.25 -7.12 48.43
N LYS G 458 41.48 -6.14 48.87
CA LYS G 458 41.19 -5.97 50.29
C LYS G 458 39.90 -6.69 50.68
N LYS G 459 39.10 -7.05 49.67
CA LYS G 459 37.84 -7.75 49.90
C LYS G 459 38.08 -9.21 50.30
N ILE G 460 38.90 -9.90 49.51
CA ILE G 460 39.22 -11.30 49.77
C ILE G 460 39.77 -11.54 51.18
N ILE G 461 40.67 -10.66 51.61
CA ILE G 461 41.32 -10.86 52.89
C ILE G 461 40.31 -10.83 54.04
N THR G 462 39.38 -9.89 53.99
CA THR G 462 38.44 -9.72 55.08
C THR G 462 37.55 -10.94 55.21
N GLN G 463 37.20 -11.52 54.07
CA GLN G 463 36.40 -12.74 54.03
C GLN G 463 37.17 -13.89 54.67
N PHE G 464 38.46 -13.98 54.38
CA PHE G 464 39.30 -15.02 54.97
C PHE G 464 39.37 -14.82 56.46
N GLN G 465 39.34 -13.55 56.87
CA GLN G 465 39.30 -13.20 58.28
C GLN G 465 37.98 -13.63 58.92
N ARG G 466 36.91 -13.62 58.14
CA ARG G 466 35.61 -14.05 58.65
C ARG G 466 35.62 -15.56 58.83
N TYR G 467 36.58 -16.21 58.18
CA TYR G 467 36.80 -17.62 58.41
C TYR G 467 38.14 -17.84 59.08
N HIS G 468 38.97 -18.69 58.51
CA HIS G 468 40.19 -19.12 59.18
C HIS G 468 41.17 -17.98 59.42
N GLN G 469 41.70 -17.91 60.63
CA GLN G 469 42.84 -17.05 60.93
C GLN G 469 44.11 -17.76 60.50
N PRO G 470 45.18 -17.00 60.19
CA PRO G 470 46.40 -17.65 59.70
C PRO G 470 46.98 -18.67 60.67
N HIS G 471 46.86 -18.41 61.97
CA HIS G 471 47.22 -19.41 62.96
C HIS G 471 46.20 -20.53 63.02
N THR G 472 44.97 -20.19 62.62
CA THR G 472 43.85 -21.13 62.66
C THR G 472 43.88 -21.99 61.40
N LEU G 473 44.82 -21.70 60.50
CA LEU G 473 45.03 -22.51 59.30
C LEU G 473 45.53 -23.92 59.66
N SER G 474 45.18 -24.90 58.83
CA SER G 474 45.54 -26.30 59.09
C SER G 474 46.14 -27.04 57.89
N PRO G 475 46.93 -28.06 58.16
CA PRO G 475 47.62 -28.81 57.09
C PRO G 475 46.70 -29.62 56.17
N ASP G 476 45.60 -30.14 56.72
CA ASP G 476 44.70 -31.01 55.99
C ASP G 476 43.87 -30.27 54.94
N GLN G 477 43.39 -29.09 55.30
CA GLN G 477 42.58 -28.28 54.40
C GLN G 477 43.25 -28.13 53.04
N GLU G 478 42.48 -28.33 51.98
CA GLU G 478 43.00 -28.24 50.61
C GLU G 478 43.52 -26.85 50.22
N ASP G 479 42.80 -25.82 50.61
CA ASP G 479 43.07 -24.45 50.18
C ASP G 479 44.35 -23.84 50.76
N CYS G 480 44.80 -24.37 51.89
CA CYS G 480 45.75 -23.65 52.72
C CYS G 480 47.06 -23.33 52.02
N MET G 481 47.54 -24.25 51.19
CA MET G 481 48.83 -24.04 50.54
C MET G 481 48.78 -22.83 49.63
N TYR G 482 47.63 -22.63 49.02
CA TYR G 482 47.42 -21.45 48.20
C TYR G 482 47.50 -20.20 49.05
N TRP G 483 46.95 -20.41 50.25
CA TRP G 483 46.92 -19.47 51.34
C TRP G 483 48.31 -19.17 51.83
N TYR G 484 49.18 -20.18 51.97
CA TYR G 484 50.56 -19.84 52.32
C TYR G 484 51.07 -19.09 51.12
N ASN G 485 51.06 -19.79 50.00
CA ASN G 485 51.88 -19.41 48.89
C ASN G 485 51.47 -18.06 48.39
N PHE G 486 50.17 -17.82 48.35
CA PHE G 486 49.70 -16.57 47.82
C PHE G 486 48.96 -15.63 48.75
N LEU G 487 48.61 -16.04 49.98
CA LEU G 487 47.80 -15.10 50.79
C LEU G 487 48.70 -13.91 51.00
N ALA G 488 49.94 -14.24 51.25
CA ALA G 488 50.99 -13.24 51.38
C ALA G 488 50.80 -12.28 50.24
N TYR G 489 50.50 -12.84 49.07
CA TYR G 489 50.37 -12.03 47.88
C TYR G 489 49.25 -10.98 47.95
N HIS G 490 48.07 -11.36 48.43
CA HIS G 490 46.91 -10.47 48.34
C HIS G 490 47.02 -9.18 49.15
N MET G 491 47.50 -9.33 50.37
CA MET G 491 47.75 -8.25 51.31
C MET G 491 48.64 -7.17 50.70
N ALA G 492 49.52 -7.58 49.80
CA ALA G 492 50.44 -6.64 49.19
C ALA G 492 49.66 -5.70 48.28
N SER G 493 48.79 -6.27 47.46
CA SER G 493 47.93 -5.47 46.60
C SER G 493 47.06 -4.61 47.48
N ALA G 494 46.61 -5.19 48.60
CA ALA G 494 45.67 -4.53 49.48
C ALA G 494 46.31 -3.19 49.80
N LYS G 495 47.64 -3.19 49.93
CA LYS G 495 48.38 -1.99 50.25
C LYS G 495 48.33 -1.75 51.76
N MET G 496 47.77 -2.71 52.49
CA MET G 496 47.67 -2.58 53.92
C MET G 496 48.95 -3.16 54.49
N HIS G 497 49.79 -2.28 55.02
CA HIS G 497 51.09 -2.67 55.54
C HIS G 497 51.03 -3.15 56.98
N LYS G 498 50.14 -2.57 57.76
CA LYS G 498 49.97 -3.00 59.14
C LYS G 498 49.43 -4.42 59.19
N GLU G 499 48.50 -4.74 58.29
CA GLU G 499 47.98 -6.08 58.18
C GLU G 499 49.07 -7.03 57.69
N LEU G 500 49.94 -6.49 56.83
CA LEU G 500 51.02 -7.27 56.29
C LEU G 500 51.96 -7.65 57.43
N CYS G 501 52.11 -6.74 58.37
CA CYS G 501 52.83 -6.99 59.61
C CYS G 501 52.09 -8.01 60.46
N ALA G 502 50.76 -7.98 60.38
CA ALA G 502 49.94 -8.91 61.15
C ALA G 502 50.13 -10.32 60.65
N LEU G 503 50.52 -10.46 59.38
CA LEU G 503 50.72 -11.80 58.83
C LEU G 503 52.18 -12.21 58.70
N MET G 504 52.89 -11.62 57.74
CA MET G 504 54.20 -12.15 57.35
C MET G 504 55.21 -12.16 58.48
N PHE G 505 55.12 -11.16 59.35
CA PHE G 505 56.07 -11.01 60.45
C PHE G 505 55.98 -12.19 61.38
N SER G 506 54.76 -12.66 61.60
CA SER G 506 54.51 -13.67 62.62
C SER G 506 55.47 -14.83 62.45
N LEU G 507 56.32 -15.04 63.45
CA LEU G 507 57.35 -16.06 63.38
C LEU G 507 56.77 -17.47 63.30
N ASP G 508 55.64 -17.68 63.96
CA ASP G 508 54.99 -18.98 63.94
C ASP G 508 54.44 -19.28 62.55
N TRP G 509 54.00 -18.23 61.86
CA TRP G 509 53.55 -18.35 60.49
C TRP G 509 54.70 -18.77 59.62
N ILE G 510 55.87 -18.25 59.95
CA ILE G 510 57.11 -18.64 59.30
C ILE G 510 57.39 -20.10 59.59
N LYS G 511 57.04 -20.54 60.80
CA LYS G 511 57.31 -21.90 61.22
C LYS G 511 56.49 -22.88 60.40
N ALA G 512 55.19 -22.63 60.33
CA ALA G 512 54.32 -23.51 59.56
C ALA G 512 54.66 -23.43 58.08
N LYS G 513 55.01 -22.24 57.61
CA LYS G 513 55.30 -22.09 56.18
C LYS G 513 56.56 -22.85 55.81
N THR G 514 57.53 -22.85 56.71
CA THR G 514 58.79 -23.55 56.50
C THR G 514 58.60 -25.04 56.76
N GLU G 515 57.48 -25.40 57.36
CA GLU G 515 57.20 -26.80 57.66
C GLU G 515 56.82 -27.60 56.42
N LEU G 516 55.97 -27.03 55.56
CA LEU G 516 55.57 -27.69 54.30
C LEU G 516 55.99 -26.99 52.99
N VAL G 517 56.25 -25.68 53.07
CA VAL G 517 56.70 -24.87 51.95
C VAL G 517 58.20 -24.95 51.72
N GLY G 518 58.97 -24.95 52.81
CA GLY G 518 60.41 -24.84 52.73
C GLY G 518 60.81 -23.38 52.87
N PRO G 519 62.10 -23.15 53.14
CA PRO G 519 62.60 -21.82 53.46
C PRO G 519 63.00 -20.97 52.25
N ALA G 520 62.50 -21.27 51.06
CA ALA G 520 62.78 -20.43 49.91
C ALA G 520 61.66 -19.47 49.57
N HIS G 521 60.42 -19.91 49.68
CA HIS G 521 59.32 -19.05 49.28
C HIS G 521 59.26 -17.78 50.12
N LEU G 522 59.54 -17.92 51.41
CA LEU G 522 59.50 -16.80 52.33
C LEU G 522 60.54 -15.75 51.94
N ILE G 523 61.72 -16.19 51.53
CA ILE G 523 62.77 -15.28 51.10
C ILE G 523 62.33 -14.51 49.85
N HIS G 524 61.69 -15.21 48.92
CA HIS G 524 61.19 -14.60 47.70
C HIS G 524 60.11 -13.57 48.03
N GLU G 525 59.25 -13.90 48.99
CA GLU G 525 58.20 -13.00 49.43
C GLU G 525 58.80 -11.75 50.06
N PHE G 526 59.88 -11.94 50.80
CA PHE G 526 60.52 -10.85 51.53
C PHE G 526 61.03 -9.77 50.58
N VAL G 527 61.59 -10.18 49.44
CA VAL G 527 62.10 -9.20 48.49
C VAL G 527 60.94 -8.34 48.00
N GLU G 528 59.81 -8.96 47.73
CA GLU G 528 58.58 -8.26 47.39
C GLU G 528 58.14 -7.42 48.57
N TYR G 529 58.37 -7.98 49.76
CA TYR G 529 57.92 -7.39 51.03
C TYR G 529 58.55 -6.02 51.28
N ARG G 530 59.81 -5.88 50.91
CA ARG G 530 60.60 -4.71 51.27
C ARG G 530 60.06 -3.39 50.71
N HIS G 531 59.65 -3.40 49.45
CA HIS G 531 59.03 -2.24 48.82
C HIS G 531 57.69 -1.89 49.47
N ILE G 532 56.93 -2.93 49.79
CA ILE G 532 55.55 -2.79 50.27
C ILE G 532 55.40 -2.02 51.58
N LEU G 533 56.28 -2.27 52.53
CA LEU G 533 56.13 -1.70 53.87
C LEU G 533 56.94 -0.41 54.08
N ASP G 534 57.96 -0.47 54.94
CA ASP G 534 58.74 0.71 55.27
C ASP G 534 60.24 0.43 55.25
N GLU G 535 61.03 1.47 54.99
CA GLU G 535 62.48 1.35 54.95
C GLU G 535 63.04 0.92 56.31
N LYS G 536 62.49 1.49 57.37
CA LYS G 536 62.94 1.16 58.72
C LYS G 536 62.69 -0.32 59.03
N ASP G 537 61.53 -0.81 58.64
CA ASP G 537 61.22 -2.23 58.77
C ASP G 537 62.18 -3.04 57.92
N CYS G 538 62.46 -2.51 56.73
CA CYS G 538 63.38 -3.15 55.79
C CYS G 538 64.58 -3.68 56.55
N ALA G 539 65.03 -2.92 57.54
CA ALA G 539 66.12 -3.34 58.40
C ALA G 539 65.66 -4.56 59.17
N VAL G 540 64.41 -4.54 59.62
CA VAL G 540 63.86 -5.67 60.35
C VAL G 540 63.89 -6.87 59.42
N SER G 541 63.55 -6.62 58.16
CA SER G 541 63.61 -7.65 57.13
C SER G 541 65.05 -8.07 56.90
N GLU G 542 65.96 -7.12 57.02
CA GLU G 542 67.39 -7.40 56.89
C GLU G 542 67.85 -8.28 58.04
N ASN G 543 67.31 -8.01 59.23
CA ASN G 543 67.62 -8.81 60.41
C ASN G 543 67.07 -10.22 60.29
N PHE G 544 65.88 -10.33 59.71
CA PHE G 544 65.23 -11.63 59.52
C PHE G 544 65.97 -12.46 58.47
N GLN G 545 66.39 -11.81 57.39
CA GLN G 545 67.12 -12.50 56.33
C GLN G 545 68.42 -13.02 56.94
N GLU G 546 69.02 -12.21 57.79
CA GLU G 546 70.22 -12.60 58.51
C GLU G 546 69.90 -13.79 59.42
N PHE G 547 68.67 -13.82 59.95
CA PHE G 547 68.23 -14.93 60.77
C PHE G 547 68.00 -16.18 59.92
N LEU G 548 67.75 -15.97 58.63
CA LEU G 548 67.52 -17.07 57.70
C LEU G 548 68.83 -17.71 57.27
N SER G 549 69.86 -16.89 57.10
CA SER G 549 71.18 -17.37 56.70
C SER G 549 71.56 -18.60 57.50
N LEU G 550 71.17 -18.63 58.76
CA LEU G 550 71.48 -19.75 59.64
C LEU G 550 70.44 -20.86 59.47
N ASN G 551 69.28 -20.51 58.92
CA ASN G 551 68.22 -21.47 58.70
C ASN G 551 68.41 -22.54 57.61
N GLY G 552 68.99 -22.15 56.48
CA GLY G 552 69.02 -23.04 55.34
C GLY G 552 69.76 -24.35 55.50
N HIS G 553 70.91 -24.29 56.17
CA HIS G 553 71.84 -25.42 56.25
C HIS G 553 71.32 -26.67 56.97
N LEU G 554 70.71 -26.47 58.13
CA LEU G 554 70.22 -27.59 58.92
C LEU G 554 68.73 -27.53 59.24
N LEU G 555 68.08 -26.40 58.94
CA LEU G 555 66.71 -26.16 59.38
C LEU G 555 65.67 -27.13 58.82
N GLY G 556 65.80 -27.48 57.54
CA GLY G 556 64.84 -28.34 56.88
C GLY G 556 64.78 -29.79 57.30
N ARG G 557 65.94 -30.38 57.55
CA ARG G 557 66.03 -31.79 57.95
C ARG G 557 64.69 -32.31 58.45
N GLN G 558 64.51 -32.30 59.76
CA GLN G 558 63.28 -32.77 60.38
C GLN G 558 63.14 -32.27 61.81
N PRO G 559 63.96 -32.80 62.71
CA PRO G 559 63.97 -32.35 64.10
C PRO G 559 64.04 -30.83 64.16
N PHE G 560 63.04 -30.17 63.58
CA PHE G 560 62.99 -28.71 63.53
C PHE G 560 63.39 -28.09 64.87
N PRO G 561 64.64 -28.30 65.25
CA PRO G 561 65.16 -27.76 66.52
C PRO G 561 64.37 -26.55 67.00
N ASN G 562 63.98 -26.54 68.28
CA ASN G 562 63.26 -25.40 68.83
C ASN G 562 63.90 -24.07 68.46
N ILE G 563 63.51 -23.54 67.30
CA ILE G 563 64.05 -22.26 66.83
C ILE G 563 64.09 -21.23 67.95
N VAL G 564 63.00 -21.13 68.70
CA VAL G 564 62.91 -20.18 69.81
C VAL G 564 64.18 -20.20 70.66
N GLN G 565 64.87 -21.33 70.65
CA GLN G 565 66.10 -21.49 71.42
C GLN G 565 67.33 -21.18 70.57
N LEU G 566 67.30 -21.62 69.32
CA LEU G 566 68.39 -21.39 68.39
C LEU G 566 68.37 -19.96 67.83
N GLY G 567 67.26 -19.27 68.07
CA GLY G 567 67.11 -17.91 67.59
C GLY G 567 67.95 -16.92 68.36
N LEU G 568 67.97 -17.08 69.68
CA LEU G 568 68.74 -16.19 70.54
C LEU G 568 70.23 -16.30 70.25
N CYS G 569 70.63 -15.96 69.03
CA CYS G 569 72.02 -16.02 68.63
C CYS G 569 72.41 -14.81 67.79
N GLU G 570 71.41 -14.12 67.27
CA GLU G 570 71.64 -12.94 66.44
C GLU G 570 72.30 -11.82 67.25
N PRO G 571 72.88 -10.86 66.55
CA PRO G 571 73.56 -9.73 67.21
C PRO G 571 72.79 -8.43 67.09
N GLU G 572 73.28 -7.39 67.75
CA GLU G 572 72.63 -6.08 67.71
C GLU G 572 71.33 -6.08 68.52
N THR G 573 70.21 -6.32 67.83
CA THR G 573 68.91 -6.34 68.49
C THR G 573 67.78 -6.38 67.46
N SER G 574 67.69 -5.33 66.65
CA SER G 574 66.65 -5.24 65.62
C SER G 574 65.29 -5.65 66.18
N GLU G 575 64.44 -6.16 65.31
CA GLU G 575 63.11 -6.59 65.71
C GLU G 575 63.03 -8.10 65.85
N VAL G 576 63.98 -8.80 65.22
CA VAL G 576 64.02 -10.26 65.29
C VAL G 576 64.56 -10.73 66.63
N TYR G 577 65.58 -10.04 67.14
CA TYR G 577 66.18 -10.39 68.41
C TYR G 577 65.28 -10.02 69.58
N GLN G 578 64.63 -8.86 69.47
CA GLN G 578 63.73 -8.39 70.50
C GLN G 578 62.65 -9.42 70.72
N GLN G 579 62.14 -9.98 69.64
CA GLN G 579 61.08 -10.98 69.72
C GLN G 579 61.57 -12.22 70.49
N ALA G 580 62.82 -12.60 70.23
CA ALA G 580 63.37 -13.84 70.76
C ALA G 580 63.56 -13.79 72.26
N LYS G 581 64.08 -12.68 72.78
CA LYS G 581 64.36 -12.61 74.20
C LYS G 581 63.08 -12.73 75.00
N LEU G 582 62.04 -12.04 74.56
CA LEU G 582 60.76 -12.08 75.25
C LEU G 582 60.17 -13.47 75.21
N GLN G 583 60.28 -14.12 74.05
CA GLN G 583 59.74 -15.46 73.91
C GLN G 583 60.45 -16.38 74.89
N ALA G 584 61.75 -16.20 74.98
CA ALA G 584 62.58 -17.02 75.85
C ALA G 584 62.18 -16.82 77.30
N LYS G 585 61.93 -15.57 77.67
CA LYS G 585 61.52 -15.24 79.03
C LYS G 585 60.20 -15.92 79.36
N GLN G 586 59.29 -15.92 78.39
CA GLN G 586 58.00 -16.57 78.55
C GLN G 586 58.16 -18.08 78.73
N GLU G 587 59.04 -18.68 77.94
CA GLU G 587 59.32 -20.10 78.03
C GLU G 587 59.92 -20.46 79.39
N VAL G 588 60.80 -19.58 79.86
CA VAL G 588 61.68 -19.86 80.99
C VAL G 588 60.97 -20.12 82.31
N ASP G 589 59.95 -19.34 82.62
CA ASP G 589 59.26 -19.51 83.89
C ASP G 589 58.61 -20.89 83.95
N ASN G 590 58.01 -21.29 82.83
CA ASN G 590 57.40 -22.61 82.73
C ASN G 590 58.42 -23.74 82.83
N GLY G 591 59.59 -23.54 82.22
CA GLY G 591 60.59 -24.58 82.15
C GLY G 591 61.33 -24.54 80.83
N MET G 592 61.82 -25.70 80.37
CA MET G 592 62.49 -25.79 79.08
C MET G 592 64.02 -25.57 79.13
N LEU G 593 64.52 -25.15 80.29
CA LEU G 593 65.94 -25.26 80.58
C LEU G 593 66.79 -24.66 79.46
N TYR G 594 66.33 -23.54 78.90
CA TYR G 594 67.10 -22.88 77.84
C TYR G 594 68.42 -22.37 78.39
N LEU G 595 69.50 -22.51 77.63
CA LEU G 595 70.77 -22.00 78.09
C LEU G 595 71.11 -20.70 77.37
N GLU G 596 71.30 -19.62 78.14
CA GLU G 596 71.71 -18.36 77.55
C GLU G 596 73.13 -18.42 76.96
N TRP G 597 73.38 -17.66 75.90
CA TRP G 597 74.74 -17.57 75.34
C TRP G 597 75.29 -16.15 75.44
N ILE G 598 76.47 -16.02 76.04
CA ILE G 598 77.05 -14.71 76.34
C ILE G 598 78.20 -14.17 75.46
N ASN G 599 78.60 -14.91 74.44
CA ASN G 599 79.76 -14.51 73.62
C ASN G 599 79.54 -14.14 72.14
N LYS G 600 78.30 -13.94 71.71
CA LYS G 600 78.04 -13.85 70.27
C LYS G 600 78.83 -12.74 69.59
N LYS G 601 78.86 -11.56 70.21
CA LYS G 601 79.53 -10.42 69.61
C LYS G 601 81.03 -10.66 69.50
N ASN G 602 81.52 -11.61 70.29
CA ASN G 602 82.92 -11.98 70.30
C ASN G 602 83.24 -13.10 69.31
N ILE G 603 82.20 -13.69 68.72
CA ILE G 603 82.35 -14.89 67.89
C ILE G 603 81.47 -14.95 66.64
N THR G 604 81.91 -15.77 65.68
CA THR G 604 81.21 -16.01 64.41
C THR G 604 81.33 -14.88 63.39
N ASN G 605 82.07 -15.16 62.31
CA ASN G 605 82.02 -14.36 61.10
C ASN G 605 81.03 -14.96 60.12
N LEU G 606 79.80 -14.48 60.17
CA LEU G 606 78.69 -15.12 59.48
C LEU G 606 78.81 -15.09 57.95
N SER G 607 78.52 -16.23 57.31
CA SER G 607 78.36 -16.30 55.87
C SER G 607 77.01 -15.75 55.44
N ARG G 608 76.93 -15.19 54.24
CA ARG G 608 75.70 -14.60 53.76
C ARG G 608 74.58 -15.62 53.51
N LEU G 609 74.96 -16.85 53.18
CA LEU G 609 73.96 -17.87 52.86
C LEU G 609 74.52 -19.30 52.95
N VAL G 610 73.66 -20.26 53.23
CA VAL G 610 74.05 -21.67 53.24
C VAL G 610 72.95 -22.52 52.59
N VAL G 611 73.36 -23.52 51.82
CA VAL G 611 72.41 -24.41 51.15
C VAL G 611 72.81 -25.88 51.36
N ARG G 612 71.80 -26.67 51.69
CA ARG G 612 71.88 -28.10 51.63
C ARG G 612 70.87 -28.49 50.58
N PRO G 613 71.38 -28.90 49.43
CA PRO G 613 70.57 -29.50 48.37
C PRO G 613 70.31 -30.98 48.57
N HIS G 614 71.26 -31.69 49.18
CA HIS G 614 71.21 -33.14 49.22
C HIS G 614 71.56 -33.70 50.60
N THR G 615 70.82 -34.72 51.04
CA THR G 615 71.19 -35.46 52.24
C THR G 615 72.46 -36.26 51.98
N ASP G 616 72.73 -36.50 50.70
CA ASP G 616 73.88 -37.29 50.25
C ASP G 616 75.01 -36.41 49.73
N ALA G 617 76.24 -36.81 50.02
CA ALA G 617 77.40 -35.95 49.82
C ALA G 617 77.45 -35.34 48.42
N VAL G 618 77.75 -34.04 48.37
CA VAL G 618 77.87 -33.31 47.11
C VAL G 618 79.12 -33.73 46.35
N TYR G 619 79.05 -33.80 45.02
CA TYR G 619 80.26 -34.04 44.26
C TYR G 619 80.70 -32.91 43.31
N HIS G 620 79.75 -32.14 42.81
CA HIS G 620 80.11 -30.99 41.98
C HIS G 620 78.97 -29.98 41.90
N ALA G 621 79.34 -28.73 41.61
CA ALA G 621 78.38 -27.64 41.48
C ALA G 621 78.89 -26.63 40.47
N CYS G 622 77.98 -25.92 39.80
CA CYS G 622 78.38 -24.94 38.80
C CYS G 622 77.38 -23.79 38.65
N PHE G 623 77.92 -22.59 38.46
CA PHE G 623 77.11 -21.40 38.20
C PHE G 623 76.48 -21.45 36.81
N SER G 624 75.29 -20.88 36.69
CA SER G 624 74.74 -20.58 35.38
C SER G 624 75.64 -19.53 34.75
N GLU G 625 75.78 -19.58 33.43
CA GLU G 625 76.61 -18.61 32.73
C GLU G 625 76.05 -17.21 32.95
N ASP G 626 74.73 -17.14 33.07
CA ASP G 626 74.06 -15.90 33.40
C ASP G 626 74.32 -15.50 34.85
N GLY G 627 74.60 -16.50 35.69
CA GLY G 627 74.86 -16.29 37.10
C GLY G 627 73.59 -16.27 37.92
N GLN G 628 72.45 -16.42 37.26
CA GLN G 628 71.15 -16.41 37.92
C GLN G 628 70.89 -17.65 38.75
N ARG G 629 71.55 -18.76 38.44
CA ARG G 629 71.26 -20.01 39.14
C ARG G 629 72.47 -20.94 39.22
N ILE G 630 72.37 -21.94 40.09
CA ILE G 630 73.47 -22.86 40.32
C ILE G 630 72.97 -24.31 40.36
N ALA G 631 73.73 -25.24 39.79
CA ALA G 631 73.43 -26.68 39.91
C ALA G 631 74.52 -27.46 40.68
N SER G 632 74.12 -28.23 41.70
CA SER G 632 75.01 -29.13 42.45
C SER G 632 74.48 -30.56 42.28
N CYS G 633 75.38 -31.52 42.14
CA CYS G 633 75.05 -32.96 42.22
C CYS G 633 75.38 -33.54 43.62
N GLY G 634 75.64 -34.84 43.69
CA GLY G 634 75.97 -35.48 44.97
C GLY G 634 76.25 -36.98 44.87
N ALA G 635 76.55 -37.62 46.01
CA ALA G 635 76.83 -39.05 46.02
C ALA G 635 75.60 -39.85 45.60
N ASP G 636 74.42 -39.35 45.95
CA ASP G 636 73.20 -40.04 45.61
C ASP G 636 73.16 -40.11 44.10
N LYS G 637 73.63 -39.03 43.47
CA LYS G 637 73.70 -38.95 42.01
C LYS G 637 72.52 -38.23 41.37
N THR G 638 71.57 -37.81 42.19
CA THR G 638 70.54 -36.88 41.76
C THR G 638 71.25 -35.54 41.64
N LEU G 639 70.79 -34.69 40.74
CA LEU G 639 71.34 -33.34 40.60
C LEU G 639 70.20 -32.36 40.88
N GLN G 640 70.46 -31.33 41.69
CA GLN G 640 69.44 -30.33 41.99
C GLN G 640 69.85 -28.98 41.44
N VAL G 641 68.95 -28.31 40.72
CA VAL G 641 69.28 -27.03 40.09
C VAL G 641 68.52 -25.90 40.78
N PHE G 642 69.18 -24.80 41.16
CA PHE G 642 68.49 -23.78 41.96
C PHE G 642 68.83 -22.34 41.64
N LYS G 643 67.93 -21.39 41.96
CA LYS G 643 68.29 -20.00 41.78
C LYS G 643 68.70 -19.47 43.14
N ALA G 644 69.95 -19.05 43.24
CA ALA G 644 70.55 -18.76 44.54
C ALA G 644 69.95 -17.63 45.34
N GLU G 645 69.66 -16.51 44.69
CA GLU G 645 69.08 -15.34 45.35
C GLU G 645 67.99 -15.77 46.32
N THR G 646 66.74 -15.77 45.85
CA THR G 646 65.60 -16.15 46.69
C THR G 646 65.84 -17.49 47.35
N GLY G 647 66.89 -18.20 46.92
CA GLY G 647 67.21 -19.49 47.48
C GLY G 647 66.01 -20.40 47.58
N GLU G 648 65.44 -20.76 46.43
CA GLU G 648 64.26 -21.63 46.41
C GLU G 648 64.38 -22.67 45.29
N LYS G 649 64.02 -23.90 45.60
CA LYS G 649 64.08 -24.99 44.63
C LYS G 649 63.51 -24.56 43.30
N LEU G 650 64.32 -24.68 42.24
CA LEU G 650 63.90 -24.29 40.90
C LEU G 650 63.96 -25.48 39.94
N LEU G 651 64.55 -26.58 40.40
CA LEU G 651 64.69 -27.80 39.58
C LEU G 651 64.88 -29.05 40.44
N GLU G 652 64.21 -30.15 40.08
CA GLU G 652 64.43 -31.46 40.71
C GLU G 652 64.78 -32.45 39.57
N ILE G 653 65.83 -33.27 39.72
CA ILE G 653 66.21 -34.26 38.70
C ILE G 653 66.08 -35.67 39.28
N LYS G 654 65.46 -36.61 38.57
CA LYS G 654 64.98 -37.80 39.28
C LYS G 654 66.16 -38.67 39.67
N ALA G 655 67.03 -38.93 38.71
CA ALA G 655 68.22 -39.75 38.93
C ALA G 655 69.26 -39.60 37.83
N HIS G 656 70.51 -39.96 38.14
CA HIS G 656 71.54 -40.10 37.12
C HIS G 656 72.12 -41.50 37.30
N GLU G 657 72.29 -42.26 36.23
CA GLU G 657 72.83 -43.60 36.40
C GLU G 657 74.23 -43.50 36.96
N ASP G 658 74.51 -44.29 37.99
CA ASP G 658 75.81 -44.24 38.66
C ASP G 658 75.96 -42.93 39.42
N GLU G 659 76.95 -42.86 40.30
CA GLU G 659 77.16 -41.66 41.10
C GLU G 659 77.65 -40.50 40.22
N VAL G 660 77.07 -39.32 40.40
CA VAL G 660 77.47 -38.18 39.58
C VAL G 660 78.95 -37.93 39.77
N LEU G 661 79.67 -37.63 38.69
CA LEU G 661 81.06 -37.26 38.86
C LEU G 661 81.30 -35.74 38.74
N CYS G 662 80.56 -35.12 37.81
CA CYS G 662 80.52 -33.65 37.70
C CYS G 662 79.47 -33.24 36.67
N CYS G 663 79.06 -31.99 36.72
CA CYS G 663 78.04 -31.48 35.81
C CYS G 663 78.36 -30.04 35.43
N ALA G 664 77.74 -29.56 34.36
CA ALA G 664 77.99 -28.20 33.91
C ALA G 664 76.94 -27.65 32.95
N PHE G 665 76.67 -26.35 33.06
CA PHE G 665 75.74 -25.66 32.16
C PHE G 665 76.30 -25.40 30.78
N SER G 666 75.40 -25.30 29.80
CA SER G 666 75.75 -24.83 28.47
C SER G 666 76.05 -23.34 28.52
N THR G 667 76.81 -22.86 27.54
CA THR G 667 77.26 -21.47 27.53
C THR G 667 76.08 -20.48 27.53
N ASP G 668 74.97 -20.90 26.93
CA ASP G 668 73.75 -20.11 26.98
C ASP G 668 72.77 -20.67 28.01
N ASP G 669 73.28 -21.56 28.86
CA ASP G 669 72.50 -22.17 29.94
C ASP G 669 71.26 -22.86 29.41
N ARG G 670 71.38 -23.43 28.22
CA ARG G 670 70.27 -24.15 27.59
C ARG G 670 70.43 -25.66 27.73
N PHE G 671 71.55 -26.08 28.32
CA PHE G 671 71.84 -27.50 28.48
C PHE G 671 72.65 -27.76 29.74
N ILE G 672 72.56 -28.99 30.25
CA ILE G 672 73.33 -29.39 31.41
C ILE G 672 73.94 -30.77 31.20
N ALA G 673 75.23 -30.81 30.88
CA ALA G 673 75.95 -32.06 30.80
C ALA G 673 76.11 -32.67 32.18
N THR G 674 76.06 -33.99 32.28
CA THR G 674 76.23 -34.68 33.56
C THR G 674 77.17 -35.87 33.43
N CYS G 675 78.35 -35.77 34.02
CA CYS G 675 79.32 -36.84 34.00
C CYS G 675 78.98 -37.90 35.04
N SER G 676 79.38 -39.14 34.79
CA SER G 676 79.07 -40.23 35.71
C SER G 676 79.97 -41.45 35.57
N VAL G 677 80.00 -42.24 36.64
CA VAL G 677 80.75 -43.49 36.68
C VAL G 677 80.20 -44.50 35.67
N ASP G 678 78.90 -44.45 35.39
CA ASP G 678 78.30 -45.39 34.47
C ASP G 678 78.95 -45.19 33.10
N LYS G 679 79.24 -43.94 32.81
CA LYS G 679 79.62 -43.48 31.46
C LYS G 679 78.42 -43.00 30.65
N LYS G 680 77.38 -42.56 31.33
CA LYS G 680 76.22 -41.98 30.67
C LYS G 680 76.31 -40.46 30.68
N VAL G 681 76.87 -39.89 29.63
CA VAL G 681 76.98 -38.43 29.56
C VAL G 681 75.60 -37.89 29.21
N LYS G 682 74.78 -37.68 30.24
CA LYS G 682 73.40 -37.24 30.08
C LYS G 682 73.27 -35.72 30.05
N ILE G 683 73.21 -35.16 28.85
CA ILE G 683 72.98 -33.74 28.67
C ILE G 683 71.48 -33.45 28.65
N TRP G 684 70.94 -33.23 29.84
CA TRP G 684 69.54 -32.88 30.04
C TRP G 684 69.33 -31.42 29.64
N ASN G 685 68.12 -31.05 29.22
CA ASN G 685 67.81 -29.65 28.99
C ASN G 685 67.82 -28.88 30.30
N SER G 686 68.28 -27.64 30.26
CA SER G 686 68.35 -26.81 31.45
C SER G 686 67.02 -26.14 31.81
N MET G 687 66.06 -26.19 30.89
CA MET G 687 64.79 -25.52 31.10
C MET G 687 63.67 -26.52 31.35
N THR G 688 63.33 -27.28 30.30
CA THR G 688 62.31 -28.31 30.42
C THR G 688 62.77 -29.38 31.40
N GLY G 689 64.08 -29.58 31.48
CA GLY G 689 64.67 -30.56 32.37
C GLY G 689 64.71 -31.93 31.74
N GLU G 690 64.11 -32.04 30.56
CA GLU G 690 64.10 -33.28 29.82
C GLU G 690 65.44 -33.50 29.13
N LEU G 691 65.82 -34.75 28.93
CA LEU G 691 67.09 -35.08 28.29
C LEU G 691 67.09 -34.61 26.85
N VAL G 692 68.25 -34.14 26.38
CA VAL G 692 68.42 -33.79 24.98
C VAL G 692 69.57 -34.60 24.38
N HIS G 693 70.80 -34.24 24.76
CA HIS G 693 71.98 -34.94 24.23
C HIS G 693 72.44 -36.06 25.15
N THR G 694 73.18 -37.01 24.60
CA THR G 694 73.74 -38.08 25.41
C THR G 694 74.97 -38.66 24.71
N TYR G 695 75.97 -39.06 25.49
CA TYR G 695 77.22 -39.54 24.88
C TYR G 695 77.94 -40.58 25.74
N ASP G 696 78.77 -41.39 25.08
CA ASP G 696 79.66 -42.33 25.76
C ASP G 696 80.79 -42.73 24.82
N GLU G 697 82.00 -42.88 25.37
CA GLU G 697 83.15 -43.27 24.55
C GLU G 697 84.31 -43.73 25.43
N HIS G 698 84.34 -43.20 26.66
CA HIS G 698 85.46 -43.42 27.56
C HIS G 698 85.66 -44.88 27.94
N SER G 699 86.91 -45.31 27.99
CA SER G 699 87.26 -46.62 28.49
C SER G 699 87.06 -46.72 30.00
N GLU G 700 87.11 -45.56 30.66
CA GLU G 700 86.98 -45.49 32.10
C GLU G 700 85.99 -44.41 32.52
N GLN G 701 85.86 -44.20 33.81
CA GLN G 701 84.94 -43.18 34.33
C GLN G 701 85.40 -41.78 33.90
N VAL G 702 84.44 -40.93 33.55
CA VAL G 702 84.74 -39.57 33.09
C VAL G 702 85.35 -38.73 34.22
N ASN G 703 86.35 -37.92 33.89
CA ASN G 703 86.92 -37.00 34.87
C ASN G 703 86.26 -35.63 34.84
N CYS G 704 85.84 -35.19 33.66
CA CYS G 704 85.27 -33.86 33.55
C CYS G 704 84.47 -33.65 32.27
N CYS G 705 83.49 -32.76 32.34
CA CYS G 705 82.67 -32.39 31.20
C CYS G 705 82.53 -30.88 31.16
N HIS G 706 82.45 -30.34 29.94
CA HIS G 706 82.29 -28.91 29.75
C HIS G 706 81.73 -28.62 28.36
N PHE G 707 80.81 -27.68 28.27
CA PHE G 707 80.36 -27.17 26.97
C PHE G 707 81.34 -26.13 26.45
N THR G 708 81.39 -25.97 25.13
CA THR G 708 82.29 -25.01 24.51
C THR G 708 81.94 -23.60 24.97
N ASN G 709 82.96 -22.81 25.33
CA ASN G 709 82.75 -21.44 25.72
C ASN G 709 82.28 -20.58 24.56
N SER G 710 82.65 -20.98 23.34
CA SER G 710 82.17 -20.31 22.15
C SER G 710 80.66 -20.53 21.97
N SER G 711 79.96 -19.46 21.61
CA SER G 711 78.54 -19.56 21.32
C SER G 711 78.30 -20.35 20.04
N HIS G 712 79.29 -20.33 19.15
CA HIS G 712 79.17 -20.95 17.85
C HIS G 712 79.38 -22.46 17.92
N HIS G 713 80.64 -22.86 18.03
CA HIS G 713 80.99 -24.28 18.05
C HIS G 713 80.38 -24.98 19.24
N LEU G 714 79.87 -26.19 19.01
CA LEU G 714 79.29 -26.98 20.07
C LEU G 714 80.11 -28.25 20.27
N LEU G 715 80.99 -28.23 21.26
CA LEU G 715 81.86 -29.37 21.50
C LEU G 715 81.79 -29.78 22.97
N LEU G 716 82.16 -31.03 23.23
CA LEU G 716 82.15 -31.53 24.59
C LEU G 716 83.47 -32.24 24.89
N ALA G 717 84.46 -31.46 25.31
CA ALA G 717 85.71 -32.03 25.78
C ALA G 717 85.46 -32.79 27.08
N THR G 718 86.01 -34.00 27.18
CA THR G 718 85.80 -34.83 28.36
C THR G 718 87.03 -35.66 28.70
N GLY G 719 87.63 -35.37 29.85
CA GLY G 719 88.70 -36.19 30.37
C GLY G 719 88.13 -37.42 31.08
N SER G 720 88.98 -38.38 31.36
CA SER G 720 88.57 -39.62 32.03
C SER G 720 89.75 -40.41 32.57
N SER G 721 89.47 -41.43 33.38
CA SER G 721 90.51 -42.19 34.05
C SER G 721 91.35 -43.00 33.07
N ASP G 722 90.84 -43.18 31.86
CA ASP G 722 91.54 -43.93 30.82
C ASP G 722 92.62 -43.08 30.16
N CYS G 723 92.69 -41.81 30.60
CA CYS G 723 93.67 -40.82 30.18
C CYS G 723 93.30 -40.16 28.85
N PHE G 724 92.57 -40.88 28.00
CA PHE G 724 92.13 -40.33 26.73
C PHE G 724 91.21 -39.14 26.90
N LEU G 725 91.46 -38.08 26.16
CA LEU G 725 90.48 -37.01 26.01
C LEU G 725 89.42 -37.45 25.00
N LYS G 726 88.20 -36.94 25.15
CA LYS G 726 87.19 -37.14 24.13
C LYS G 726 86.58 -35.79 23.77
N LEU G 727 86.97 -35.26 22.61
CA LEU G 727 86.40 -34.03 22.09
C LEU G 727 85.16 -34.34 21.28
N TRP G 728 84.02 -34.33 21.97
CA TRP G 728 82.74 -34.59 21.30
C TRP G 728 82.33 -33.46 20.38
N ASP G 729 81.68 -33.81 19.27
CA ASP G 729 80.98 -32.82 18.47
C ASP G 729 79.53 -32.87 18.92
N LEU G 730 79.07 -31.84 19.61
CA LEU G 730 77.74 -31.87 20.20
C LEU G 730 76.64 -31.98 19.14
N ASN G 731 76.95 -31.57 17.92
CA ASN G 731 76.00 -31.70 16.83
C ASN G 731 75.96 -33.11 16.25
N GLN G 732 76.86 -33.97 16.71
CA GLN G 732 76.89 -35.35 16.21
C GLN G 732 76.93 -36.37 17.35
N LYS G 733 76.30 -37.52 17.11
CA LYS G 733 76.19 -38.56 18.13
C LYS G 733 77.53 -39.15 18.51
N GLU G 734 78.47 -39.18 17.57
CA GLU G 734 79.80 -39.71 17.85
C GLU G 734 80.86 -38.62 17.95
N CYS G 735 81.95 -38.96 18.63
CA CYS G 735 82.99 -38.00 18.99
C CYS G 735 83.68 -37.35 17.79
N ARG G 736 83.90 -36.04 17.87
CA ARG G 736 84.65 -35.33 16.83
C ARG G 736 86.11 -35.75 16.80
N ASN G 737 86.66 -36.06 17.98
CA ASN G 737 88.07 -36.47 18.06
C ASN G 737 88.50 -37.05 19.40
N THR G 738 88.84 -38.33 19.38
CA THR G 738 89.56 -38.94 20.50
C THR G 738 90.96 -38.32 20.57
N MET G 739 91.43 -38.02 21.78
CA MET G 739 92.74 -37.39 21.93
C MET G 739 93.58 -38.02 23.04
N PHE G 740 94.32 -39.06 22.70
CA PHE G 740 95.34 -39.56 23.62
C PHE G 740 96.45 -38.52 23.69
N GLY G 741 96.99 -38.33 24.89
CA GLY G 741 98.06 -37.35 25.08
C GLY G 741 98.60 -37.39 26.49
N HIS G 742 97.70 -37.27 27.47
CA HIS G 742 98.10 -37.32 28.86
C HIS G 742 98.68 -38.69 29.22
N THR G 743 99.78 -38.67 29.95
CA THR G 743 100.42 -39.91 30.40
C THR G 743 99.74 -40.40 31.68
N ASN G 744 98.87 -39.57 32.23
CA ASN G 744 98.13 -39.89 33.44
C ASN G 744 96.67 -39.45 33.32
N SER G 745 95.84 -39.92 34.24
CA SER G 745 94.41 -39.63 34.20
C SER G 745 94.18 -38.13 34.29
N VAL G 746 93.23 -37.64 33.49
CA VAL G 746 92.92 -36.22 33.44
C VAL G 746 92.45 -35.70 34.79
N ASN G 747 93.00 -34.57 35.22
CA ASN G 747 92.58 -33.97 36.49
C ASN G 747 91.44 -32.98 36.32
N HIS G 748 91.43 -32.27 35.20
CA HIS G 748 90.41 -31.26 34.94
C HIS G 748 90.36 -30.96 33.44
N CYS G 749 89.26 -30.35 33.00
CA CYS G 749 89.09 -30.01 31.59
C CYS G 749 88.28 -28.74 31.40
N ARG G 750 88.74 -27.87 30.50
CA ARG G 750 88.04 -26.64 30.16
C ARG G 750 88.31 -26.25 28.72
N PHE G 751 87.30 -25.72 28.04
CA PHE G 751 87.54 -25.09 26.74
C PHE G 751 88.27 -23.76 26.88
N SER G 752 89.17 -23.48 25.94
CA SER G 752 89.90 -22.21 25.94
C SER G 752 89.07 -21.14 25.24
N PRO G 753 89.26 -19.88 25.63
CA PRO G 753 88.48 -18.80 25.02
C PRO G 753 88.59 -18.83 23.50
N ASP G 754 89.73 -19.27 23.00
CA ASP G 754 89.88 -19.58 21.60
C ASP G 754 89.40 -21.01 21.38
N ASP G 755 88.21 -21.14 20.80
CA ASP G 755 87.57 -22.44 20.64
C ASP G 755 88.39 -23.37 19.75
N LYS G 756 89.22 -22.78 18.90
CA LYS G 756 90.13 -23.54 18.05
C LYS G 756 91.13 -24.31 18.90
N LEU G 757 91.49 -23.73 20.03
CA LEU G 757 92.36 -24.37 21.02
C LEU G 757 91.54 -25.14 22.06
N LEU G 758 92.15 -26.15 22.66
CA LEU G 758 91.53 -26.88 23.75
C LEU G 758 92.58 -27.36 24.75
N ALA G 759 92.72 -26.62 25.84
CA ALA G 759 93.66 -26.96 26.89
C ALA G 759 93.16 -28.12 27.73
N SER G 760 94.10 -28.85 28.35
CA SER G 760 93.75 -29.94 29.24
C SER G 760 94.84 -30.19 30.28
N CYS G 761 94.45 -30.77 31.41
CA CYS G 761 95.38 -31.03 32.50
C CYS G 761 95.27 -32.46 32.98
N SER G 762 96.32 -32.93 33.65
CA SER G 762 96.36 -34.29 34.17
C SER G 762 97.44 -34.47 35.23
N ALA G 763 97.47 -35.66 35.84
CA ALA G 763 98.33 -35.93 37.00
C ALA G 763 99.82 -35.79 36.67
N ASP G 764 100.18 -35.96 35.41
CA ASP G 764 101.55 -35.71 34.98
C ASP G 764 101.90 -34.24 35.18
N GLY G 765 100.85 -33.40 35.16
CA GLY G 765 100.98 -32.00 35.53
C GLY G 765 101.25 -31.08 34.37
N THR G 766 101.75 -31.64 33.26
CA THR G 766 102.01 -30.85 32.08
C THR G 766 100.71 -30.33 31.49
N LEU G 767 100.70 -29.05 31.11
CA LEU G 767 99.56 -28.50 30.41
C LEU G 767 99.53 -29.04 28.99
N LYS G 768 98.35 -29.17 28.41
CA LYS G 768 98.28 -29.59 27.02
C LYS G 768 97.29 -28.76 26.22
N LEU G 769 97.82 -27.76 25.52
CA LEU G 769 97.03 -26.90 24.65
C LEU G 769 96.88 -27.56 23.27
N TRP G 770 95.82 -28.36 23.15
CA TRP G 770 95.53 -29.10 21.92
C TRP G 770 95.00 -28.17 20.83
N ASP G 771 95.24 -28.53 19.58
CA ASP G 771 94.65 -27.80 18.46
C ASP G 771 93.39 -28.53 17.99
N ALA G 772 92.24 -28.12 18.52
CA ALA G 772 90.98 -28.80 18.22
C ALA G 772 90.59 -28.70 16.76
N THR G 773 90.97 -27.60 16.11
CA THR G 773 90.61 -27.37 14.71
C THR G 773 91.26 -28.40 13.78
N SER G 774 92.48 -28.78 14.09
CA SER G 774 93.19 -29.78 13.30
C SER G 774 92.97 -31.18 13.87
N ALA G 775 92.28 -31.25 15.00
CA ALA G 775 92.09 -32.48 15.75
C ALA G 775 93.44 -33.12 16.09
N ASN G 776 94.43 -32.26 16.37
CA ASN G 776 95.80 -32.69 16.59
C ASN G 776 96.50 -31.85 17.67
N GLU G 777 97.63 -32.35 18.15
CA GLU G 777 98.46 -31.63 19.12
C GLU G 777 99.02 -30.34 18.54
N ARG G 778 99.09 -29.30 19.37
CA ARG G 778 99.71 -28.05 18.98
C ARG G 778 100.78 -27.66 19.98
N LYS G 779 100.40 -27.58 21.25
CA LYS G 779 101.33 -27.18 22.29
C LYS G 779 101.09 -27.97 23.58
N SER G 780 102.12 -28.06 24.41
CA SER G 780 102.03 -28.77 25.68
C SER G 780 103.19 -28.41 26.59
N ILE G 781 103.01 -27.39 27.44
CA ILE G 781 104.04 -26.97 28.37
C ILE G 781 104.38 -28.08 29.37
N ASN G 782 105.66 -28.33 29.58
CA ASN G 782 106.10 -29.21 30.66
C ASN G 782 106.06 -28.47 31.98
N VAL G 783 105.79 -29.19 33.07
CA VAL G 783 105.71 -28.55 34.37
C VAL G 783 106.61 -29.24 35.38
N LYS G 784 107.87 -28.84 35.40
CA LYS G 784 108.82 -29.22 36.43
C LYS G 784 109.25 -27.94 37.13
N GLN G 785 108.49 -26.87 36.89
CA GLN G 785 108.82 -25.54 37.37
C GLN G 785 108.80 -25.47 38.90
N PHE G 786 108.07 -26.41 39.51
CA PHE G 786 108.14 -26.58 40.95
C PHE G 786 109.45 -27.29 41.27
N PHE G 787 110.55 -26.56 41.13
CA PHE G 787 111.86 -27.11 41.45
C PHE G 787 112.00 -27.26 42.95
N LEU G 788 112.64 -28.35 43.37
CA LEU G 788 112.78 -28.66 44.79
C LEU G 788 113.87 -29.71 44.99
N ASN G 789 115.04 -29.27 45.43
CA ASN G 789 116.19 -30.16 45.58
C ASN G 789 116.20 -30.84 46.95
N LEU G 790 115.32 -31.82 47.12
CA LEU G 790 115.27 -32.61 48.35
C LEU G 790 116.26 -33.76 48.34
N GLU G 791 116.34 -34.45 49.47
CA GLU G 791 117.16 -35.65 49.61
C GLU G 791 116.39 -36.87 49.09
N ASP G 792 115.20 -36.60 48.55
CA ASP G 792 114.35 -37.62 47.95
C ASP G 792 115.07 -38.27 46.78
N PRO G 793 115.11 -39.62 46.76
CA PRO G 793 115.78 -40.39 45.69
C PRO G 793 115.23 -40.09 44.29
N GLN G 794 113.95 -39.77 44.19
CA GLN G 794 113.37 -39.34 42.92
C GLN G 794 114.09 -38.08 42.44
N GLU G 795 114.22 -37.92 41.14
CA GLU G 795 114.94 -36.78 40.56
C GLU G 795 114.15 -35.49 40.71
N ASP G 796 113.99 -34.76 39.61
CA ASP G 796 113.14 -33.58 39.62
C ASP G 796 111.70 -33.99 39.92
N MET G 797 111.02 -33.21 40.74
CA MET G 797 109.69 -33.57 41.23
C MET G 797 108.66 -33.67 40.11
N GLU G 798 107.79 -34.66 40.22
CA GLU G 798 106.72 -34.86 39.27
C GLU G 798 105.48 -34.09 39.68
N VAL G 799 105.34 -32.88 39.15
CA VAL G 799 104.24 -31.99 39.52
C VAL G 799 102.89 -32.59 39.14
N ILE G 800 101.90 -32.43 40.01
CA ILE G 800 100.56 -32.94 39.76
C ILE G 800 99.55 -31.79 39.82
N VAL G 801 99.39 -31.10 38.69
CA VAL G 801 98.45 -29.99 38.61
C VAL G 801 97.01 -30.46 38.77
N LYS G 802 96.20 -29.67 39.50
CA LYS G 802 94.80 -30.00 39.68
C LYS G 802 93.91 -29.04 38.90
N CYS G 803 93.61 -27.88 39.48
CA CYS G 803 92.74 -26.91 38.84
C CYS G 803 93.37 -26.36 37.57
N CYS G 804 92.56 -26.20 36.53
CA CYS G 804 93.01 -25.61 35.28
C CYS G 804 92.48 -24.18 35.16
N SER G 805 92.99 -23.30 36.00
CA SER G 805 92.53 -21.92 36.06
C SER G 805 92.86 -21.14 34.79
N TRP G 806 92.00 -20.20 34.44
CA TRP G 806 92.21 -19.34 33.28
C TRP G 806 92.34 -17.88 33.66
N SER G 807 93.09 -17.13 32.87
CA SER G 807 93.11 -15.67 32.97
C SER G 807 91.76 -15.17 32.49
N ALA G 808 91.36 -13.97 32.91
CA ALA G 808 90.04 -13.47 32.59
C ALA G 808 89.81 -13.39 31.08
N ASP G 809 90.88 -13.13 30.33
CA ASP G 809 90.84 -13.22 28.88
C ASP G 809 91.04 -14.67 28.42
N GLY G 810 91.60 -15.50 29.29
CA GLY G 810 91.85 -16.90 28.97
C GLY G 810 93.05 -17.10 28.06
N ALA G 811 93.86 -16.06 27.91
CA ALA G 811 95.01 -16.10 27.00
C ALA G 811 96.18 -16.87 27.61
N ARG G 812 96.09 -17.15 28.90
CA ARG G 812 97.16 -17.83 29.62
C ARG G 812 96.54 -18.75 30.67
N ILE G 813 97.27 -19.78 31.09
CA ILE G 813 96.69 -20.72 32.04
C ILE G 813 97.32 -20.68 33.43
N MET G 814 96.53 -20.18 34.37
CA MET G 814 96.83 -20.30 35.79
C MET G 814 96.61 -21.76 36.24
N VAL G 815 97.45 -22.24 37.13
CA VAL G 815 97.36 -23.61 37.66
C VAL G 815 97.87 -23.63 39.08
N ALA G 816 97.68 -24.75 39.76
CA ALA G 816 98.26 -24.90 41.10
C ALA G 816 98.53 -26.37 41.41
N ALA G 817 99.65 -26.63 42.09
CA ALA G 817 100.00 -27.98 42.45
C ALA G 817 101.04 -28.01 43.57
N LYS G 818 101.02 -29.09 44.35
CA LYS G 818 101.98 -29.30 45.43
C LYS G 818 102.03 -28.11 46.39
N ASN G 819 103.08 -27.30 46.26
CA ASN G 819 103.24 -26.15 47.14
C ASN G 819 103.19 -24.81 46.41
N LYS G 820 102.95 -24.84 45.10
CA LYS G 820 102.99 -23.61 44.32
C LYS G 820 101.91 -23.50 43.26
N ILE G 821 101.33 -22.31 43.17
CA ILE G 821 100.54 -21.89 42.03
C ILE G 821 101.50 -21.47 40.92
N PHE G 822 101.10 -21.65 39.67
CA PHE G 822 101.88 -21.18 38.52
C PHE G 822 100.97 -20.43 37.55
N LEU G 823 101.56 -19.55 36.75
CA LEU G 823 100.81 -18.91 35.67
C LEU G 823 101.57 -19.12 34.36
N PHE G 824 101.30 -20.25 33.73
CA PHE G 824 101.95 -20.57 32.47
C PHE G 824 101.36 -19.77 31.30
N ASP G 825 102.23 -19.46 30.34
CA ASP G 825 101.80 -18.82 29.10
C ASP G 825 101.83 -19.84 27.98
N ILE G 826 100.70 -20.49 27.75
CA ILE G 826 100.59 -21.53 26.74
C ILE G 826 100.79 -21.03 25.31
N HIS G 827 100.45 -19.78 25.05
CA HIS G 827 100.64 -19.23 23.71
C HIS G 827 102.11 -19.11 23.35
N THR G 828 102.97 -18.91 24.36
CA THR G 828 104.41 -18.87 24.15
C THR G 828 105.09 -20.15 24.64
N SER G 829 104.27 -21.05 25.20
CA SER G 829 104.75 -22.32 25.74
C SER G 829 105.85 -22.13 26.78
N GLY G 830 105.66 -21.19 27.69
CA GLY G 830 106.64 -20.94 28.74
C GLY G 830 106.03 -20.45 30.04
N LEU G 831 106.75 -20.68 31.13
CA LEU G 831 106.34 -20.23 32.46
C LEU G 831 106.37 -18.71 32.58
N LEU G 832 105.44 -18.15 33.34
CA LEU G 832 105.51 -16.75 33.73
C LEU G 832 105.33 -16.59 35.23
N GLY G 833 104.09 -16.67 35.69
CA GLY G 833 103.80 -16.49 37.10
C GLY G 833 104.10 -17.72 37.94
N GLU G 834 104.14 -17.52 39.25
CA GLU G 834 104.44 -18.61 40.19
C GLU G 834 104.13 -18.18 41.62
N ILE G 835 102.91 -18.44 42.07
CA ILE G 835 102.47 -18.01 43.40
C ILE G 835 102.60 -19.15 44.42
N HIS G 836 103.62 -19.07 45.28
CA HIS G 836 103.83 -20.10 46.28
C HIS G 836 102.67 -20.14 47.27
N THR G 837 102.27 -21.35 47.68
CA THR G 837 101.18 -21.52 48.63
C THR G 837 101.69 -21.50 50.07
N GLY G 838 100.77 -21.41 51.02
CA GLY G 838 101.14 -21.35 52.42
C GLY G 838 101.89 -22.57 52.92
N HIS G 839 103.02 -22.31 53.59
CA HIS G 839 103.89 -23.36 54.11
C HIS G 839 104.22 -24.41 53.05
N HIS G 840 104.21 -25.68 53.45
CA HIS G 840 104.53 -26.77 52.53
C HIS G 840 103.69 -28.02 52.81
N SER G 841 103.22 -28.63 51.73
CA SER G 841 102.41 -29.85 51.79
C SER G 841 102.16 -30.36 50.39
N THR G 842 100.90 -30.50 50.03
CA THR G 842 100.48 -30.81 48.67
C THR G 842 99.03 -30.35 48.50
N ILE G 843 98.79 -29.52 47.48
CA ILE G 843 97.47 -28.90 47.31
C ILE G 843 96.38 -29.94 47.10
N GLN G 844 95.28 -29.76 47.83
CA GLN G 844 94.10 -30.60 47.64
C GLN G 844 93.07 -29.87 46.78
N TYR G 845 93.09 -28.54 46.85
CA TYR G 845 92.20 -27.71 46.06
C TYR G 845 92.74 -26.29 45.86
N CYS G 846 92.32 -25.66 44.78
CA CYS G 846 92.74 -24.29 44.47
C CYS G 846 91.74 -23.60 43.57
N ASP G 847 91.75 -22.26 43.58
CA ASP G 847 90.83 -21.49 42.75
C ASP G 847 91.30 -20.05 42.55
N PHE G 848 91.75 -19.74 41.33
CA PHE G 848 92.10 -18.38 40.95
C PHE G 848 90.87 -17.47 40.78
N SER G 849 91.02 -16.21 41.18
CA SER G 849 89.99 -15.20 40.96
C SER G 849 90.48 -14.11 40.02
N PRO G 850 89.81 -13.95 38.86
CA PRO G 850 90.20 -12.94 37.87
C PRO G 850 90.14 -11.51 38.43
N GLN G 851 89.20 -11.23 39.32
CA GLN G 851 89.19 -9.96 40.05
C GLN G 851 90.26 -9.92 41.12
N ASN G 852 90.84 -8.73 41.32
CA ASN G 852 91.80 -8.48 42.39
C ASN G 852 92.96 -9.45 42.44
N HIS G 853 93.13 -10.24 41.38
CA HIS G 853 94.15 -11.29 41.31
C HIS G 853 94.08 -12.22 42.51
N LEU G 854 92.87 -12.44 43.04
CA LEU G 854 92.69 -13.27 44.23
C LEU G 854 92.83 -14.77 43.95
N ALA G 855 93.20 -15.50 44.99
CA ALA G 855 93.35 -16.94 44.92
C ALA G 855 92.78 -17.61 46.16
N VAL G 856 91.53 -18.06 46.08
CA VAL G 856 90.94 -18.82 47.16
C VAL G 856 91.39 -20.27 47.05
N VAL G 857 92.37 -20.62 47.88
CA VAL G 857 92.98 -21.93 47.78
C VAL G 857 92.78 -22.74 49.05
N ALA G 858 92.15 -23.91 48.90
CA ALA G 858 92.04 -24.88 49.98
C ALA G 858 93.22 -25.84 49.92
N LEU G 859 94.30 -25.49 50.62
CA LEU G 859 95.53 -26.27 50.57
C LEU G 859 95.29 -27.70 51.07
N SER G 860 95.07 -27.82 52.38
CA SER G 860 94.74 -29.11 52.98
C SER G 860 94.00 -28.90 54.30
N GLN G 861 93.12 -29.82 54.67
CA GLN G 861 92.34 -29.66 55.89
C GLN G 861 91.51 -28.38 55.84
N TYR G 862 90.76 -28.23 54.75
CA TYR G 862 89.90 -27.07 54.55
C TYR G 862 90.64 -25.76 54.80
N CYS G 863 91.92 -25.73 54.49
CA CYS G 863 92.70 -24.50 54.66
C CYS G 863 92.41 -23.56 53.50
N VAL G 864 91.21 -23.00 53.52
CA VAL G 864 90.71 -22.17 52.43
C VAL G 864 91.20 -20.73 52.59
N GLU G 865 92.49 -20.53 52.35
CA GLU G 865 93.08 -19.20 52.48
C GLU G 865 92.77 -18.32 51.27
N LEU G 866 92.66 -17.02 51.51
CA LEU G 866 92.53 -16.05 50.43
C LEU G 866 93.86 -15.38 50.17
N TRP G 867 94.54 -15.88 49.15
CA TRP G 867 95.81 -15.35 48.67
C TRP G 867 95.58 -14.31 47.58
N ASN G 868 96.66 -13.65 47.16
CA ASN G 868 96.56 -12.70 46.06
C ASN G 868 97.63 -13.02 45.02
N THR G 869 97.21 -13.43 43.83
CA THR G 869 98.11 -13.90 42.79
C THR G 869 98.97 -12.78 42.21
N ASP G 870 100.14 -13.18 41.68
CA ASP G 870 101.13 -12.27 41.09
C ASP G 870 101.80 -11.42 42.16
N SER G 871 101.00 -10.74 42.99
CA SER G 871 101.51 -10.05 44.16
C SER G 871 102.08 -11.06 45.14
N ARG G 872 101.58 -12.30 45.06
CA ARG G 872 102.11 -13.44 45.81
C ARG G 872 102.11 -13.23 47.32
N SER G 873 100.98 -12.73 47.83
CA SER G 873 100.80 -12.59 49.27
C SER G 873 99.34 -12.86 49.65
N LYS G 874 99.15 -13.48 50.81
CA LYS G 874 97.81 -13.80 51.32
C LYS G 874 97.03 -12.53 51.65
N VAL G 875 95.74 -12.54 51.34
CA VAL G 875 94.87 -11.45 51.71
C VAL G 875 94.23 -11.68 53.07
N ALA G 876 93.53 -12.80 53.24
CA ALA G 876 92.90 -13.10 54.53
C ALA G 876 92.51 -14.56 54.71
N ASP G 877 92.46 -14.98 55.97
CA ASP G 877 92.04 -16.34 56.30
C ASP G 877 90.54 -16.49 56.17
N CYS G 878 90.08 -17.70 55.85
CA CYS G 878 88.66 -17.98 55.76
C CYS G 878 88.30 -19.27 56.50
N ARG G 879 88.16 -19.20 57.81
CA ARG G 879 87.59 -20.31 58.60
C ARG G 879 86.05 -20.50 58.42
N GLY G 880 85.56 -21.72 58.63
CA GLY G 880 84.15 -22.04 58.50
C GLY G 880 83.51 -23.16 57.67
N HIS G 881 84.29 -24.06 57.09
CA HIS G 881 83.71 -25.28 56.51
C HIS G 881 84.12 -26.50 57.34
N LEU G 882 83.16 -27.40 57.55
CA LEU G 882 83.32 -28.63 58.34
C LEU G 882 83.40 -29.80 57.33
N SER G 883 84.25 -30.80 57.60
CA SER G 883 84.56 -31.93 56.69
C SER G 883 85.72 -31.74 55.73
N TRP G 884 86.49 -30.67 55.93
CA TRP G 884 87.49 -30.26 54.95
C TRP G 884 86.80 -30.01 53.61
N VAL G 885 86.84 -28.77 53.13
CA VAL G 885 86.12 -28.41 51.92
C VAL G 885 86.10 -29.54 50.92
N HIS G 886 85.17 -29.45 49.98
CA HIS G 886 85.11 -30.38 48.86
C HIS G 886 85.19 -29.57 47.59
N GLY G 887 84.88 -28.28 47.68
CA GLY G 887 85.07 -27.43 46.52
C GLY G 887 84.53 -26.02 46.62
N VAL G 888 85.07 -25.14 45.79
CA VAL G 888 84.75 -23.71 45.78
C VAL G 888 84.79 -23.20 44.34
N MET G 889 83.95 -22.22 44.00
CA MET G 889 84.09 -21.56 42.71
C MET G 889 83.39 -20.21 42.71
N PHE G 890 84.00 -19.23 42.03
CA PHE G 890 83.50 -17.87 42.00
C PHE G 890 82.31 -17.68 41.08
N SER G 891 81.53 -16.64 41.37
CA SER G 891 80.44 -16.22 40.52
C SER G 891 81.01 -15.67 39.22
N PRO G 892 80.23 -15.75 38.12
CA PRO G 892 80.69 -15.17 36.86
C PRO G 892 80.96 -13.68 36.99
N ASP G 893 80.19 -13.01 37.85
CA ASP G 893 80.47 -11.63 38.21
C ASP G 893 81.78 -11.54 39.01
N GLY G 894 82.09 -12.61 39.72
CA GLY G 894 83.30 -12.66 40.53
C GLY G 894 83.10 -11.99 41.87
N SER G 895 81.89 -11.51 42.11
CA SER G 895 81.58 -10.79 43.34
C SER G 895 81.28 -11.74 44.49
N SER G 896 81.20 -13.03 44.19
CA SER G 896 80.87 -14.04 45.18
C SER G 896 81.38 -15.42 44.77
N PHE G 897 81.34 -16.37 45.70
CA PHE G 897 81.74 -17.73 45.39
C PHE G 897 81.04 -18.78 46.25
N LEU G 898 80.68 -19.89 45.63
CA LEU G 898 80.13 -21.05 46.35
C LEU G 898 81.22 -21.81 47.07
N THR G 899 80.86 -22.51 48.13
CA THR G 899 81.81 -23.37 48.84
C THR G 899 81.20 -24.74 49.16
N SER G 900 81.27 -25.66 48.20
CA SER G 900 80.84 -27.04 48.43
C SER G 900 81.74 -27.67 49.48
N SER G 901 81.18 -28.54 50.31
CA SER G 901 81.96 -29.14 51.39
C SER G 901 81.52 -30.56 51.70
N ASP G 902 82.39 -31.31 52.38
CA ASP G 902 82.12 -32.70 52.70
C ASP G 902 80.93 -32.86 53.65
N ASP G 903 80.61 -31.84 54.41
CA ASP G 903 79.52 -31.95 55.36
C ASP G 903 78.24 -32.27 54.57
N GLN G 904 78.24 -31.78 53.33
CA GLN G 904 77.02 -31.57 52.53
C GLN G 904 76.48 -30.12 52.54
N THR G 905 77.39 -29.14 52.57
CA THR G 905 77.07 -27.75 52.82
C THR G 905 77.68 -26.82 51.77
N ILE G 906 76.90 -25.86 51.30
CA ILE G 906 77.38 -24.87 50.35
C ILE G 906 77.21 -23.46 50.90
N ARG G 907 78.32 -22.81 51.24
CA ARG G 907 78.23 -21.50 51.83
C ARG G 907 78.56 -20.42 50.81
N LEU G 908 77.57 -19.56 50.57
CA LEU G 908 77.76 -18.35 49.78
C LEU G 908 78.63 -17.34 50.53
N TRP G 909 79.45 -16.61 49.78
CA TRP G 909 80.30 -15.58 50.38
C TRP G 909 80.51 -14.38 49.48
N GLU G 910 80.40 -13.19 50.08
CA GLU G 910 80.73 -11.94 49.39
C GLU G 910 82.24 -11.83 49.19
N THR G 911 82.65 -11.24 48.07
CA THR G 911 84.06 -11.06 47.76
C THR G 911 84.77 -10.13 48.76
N LYS G 912 84.08 -9.07 49.16
CA LYS G 912 84.64 -8.04 50.04
C LYS G 912 85.05 -8.57 51.42
N LYS G 913 84.24 -9.47 51.98
CA LYS G 913 84.43 -9.95 53.34
C LYS G 913 85.75 -10.68 53.55
N VAL G 914 86.15 -11.48 52.55
CA VAL G 914 87.34 -12.31 52.66
C VAL G 914 88.63 -11.51 52.86
N CYS G 915 88.76 -10.39 52.15
CA CYS G 915 89.98 -9.60 52.21
C CYS G 915 90.26 -9.04 53.60
N LYS G 916 89.21 -8.58 54.28
CA LYS G 916 89.34 -8.01 55.61
C LYS G 916 89.83 -9.08 56.59
N ASN G 917 90.68 -8.70 57.53
CA ASN G 917 91.23 -9.68 58.45
C ASN G 917 90.25 -10.00 59.57
N SER G 918 90.30 -11.23 60.07
CA SER G 918 89.40 -11.65 61.14
C SER G 918 90.07 -12.67 62.05
N ALA G 919 91.12 -12.24 62.75
CA ALA G 919 91.84 -13.12 63.67
C ALA G 919 90.95 -13.55 64.82
N VAL G 920 90.08 -14.52 64.56
CA VAL G 920 89.16 -15.02 65.57
C VAL G 920 89.05 -16.54 65.52
N MET G 921 87.90 -17.07 65.91
CA MET G 921 87.67 -18.51 65.91
C MET G 921 88.83 -19.26 66.58
N LEU G 922 88.76 -19.40 67.89
CA LEU G 922 89.78 -20.10 68.65
C LEU G 922 90.14 -21.45 68.03
N LYS G 923 91.34 -21.92 68.36
CA LYS G 923 91.89 -23.18 67.87
C LYS G 923 91.08 -24.37 68.39
N GLN G 924 91.04 -25.42 67.58
CA GLN G 924 90.08 -26.51 67.78
C GLN G 924 90.14 -27.26 69.11
N GLU G 925 91.35 -27.58 69.56
CA GLU G 925 91.51 -28.29 70.83
C GLU G 925 92.12 -27.36 71.88
N VAL G 926 91.41 -27.20 72.98
CA VAL G 926 91.86 -26.35 74.08
C VAL G 926 91.46 -26.94 75.42
N ASP G 927 92.18 -26.55 76.47
CA ASP G 927 91.84 -26.97 77.82
C ASP G 927 91.37 -25.75 78.60
N VAL G 928 90.22 -25.88 79.27
CA VAL G 928 89.68 -24.81 80.11
C VAL G 928 89.57 -25.21 81.59
N VAL G 929 90.06 -24.35 82.48
CA VAL G 929 90.01 -24.62 83.92
C VAL G 929 89.07 -23.66 84.65
N PHE G 930 88.13 -24.21 85.41
CA PHE G 930 87.09 -23.40 86.06
C PHE G 930 87.27 -23.22 87.57
N GLN G 931 87.45 -21.97 87.95
CA GLN G 931 87.78 -21.59 89.32
C GLN G 931 86.68 -20.82 90.05
N GLU G 932 85.44 -20.93 89.58
CA GLU G 932 84.29 -20.21 90.16
C GLU G 932 83.37 -19.34 89.23
N ASN G 933 83.24 -18.05 89.57
CA ASN G 933 82.42 -17.01 88.90
C ASN G 933 82.77 -16.56 87.47
N GLU G 934 84.06 -16.70 87.15
CA GLU G 934 84.58 -16.47 85.81
C GLU G 934 85.28 -17.76 85.36
N VAL G 935 85.06 -18.16 84.11
CA VAL G 935 85.68 -19.36 83.53
C VAL G 935 86.70 -18.93 82.47
N MET G 936 87.91 -19.48 82.54
CA MET G 936 88.98 -19.14 81.59
C MET G 936 89.23 -20.33 80.64
N VAL G 937 89.25 -20.06 79.33
CA VAL G 937 89.43 -21.10 78.32
C VAL G 937 90.85 -21.03 77.72
N LEU G 938 91.54 -22.17 77.71
CA LEU G 938 92.87 -22.24 77.10
C LEU G 938 92.75 -21.99 75.61
N ALA G 939 93.71 -21.25 75.05
CA ALA G 939 93.68 -20.90 73.64
C ALA G 939 95.05 -20.99 72.98
N VAL G 940 95.05 -21.21 71.67
CA VAL G 940 96.28 -21.22 70.88
C VAL G 940 96.25 -20.02 69.95
N ASP G 941 97.32 -19.22 69.96
CA ASP G 941 97.34 -17.97 69.22
C ASP G 941 97.13 -18.24 67.74
N HIS G 942 96.46 -17.31 67.07
CA HIS G 942 96.16 -17.46 65.65
C HIS G 942 97.44 -17.50 64.83
N ILE G 943 98.51 -16.91 65.37
CA ILE G 943 99.78 -16.89 64.67
C ILE G 943 100.82 -17.82 65.31
N ARG G 944 101.00 -17.72 66.62
CA ARG G 944 102.09 -18.43 67.28
C ARG G 944 101.65 -19.27 68.49
N ARG G 945 101.77 -18.70 69.69
CA ARG G 945 101.59 -19.46 70.92
C ARG G 945 100.15 -19.46 71.41
N LEU G 946 99.82 -18.46 72.24
CA LEU G 946 98.51 -18.46 72.89
C LEU G 946 98.08 -17.08 73.42
N GLN G 947 96.78 -16.97 73.66
CA GLN G 947 96.19 -15.84 74.38
C GLN G 947 95.08 -16.37 75.29
N LEU G 948 95.07 -15.88 76.53
CA LEU G 948 94.03 -16.29 77.45
C LEU G 948 93.00 -15.19 77.48
N ILE G 949 91.82 -15.49 76.96
CA ILE G 949 90.70 -14.57 77.05
C ILE G 949 89.66 -15.10 78.03
N ASN G 950 89.49 -14.41 79.15
CA ASN G 950 88.45 -14.75 80.10
C ASN G 950 87.10 -14.44 79.50
N GLY G 951 86.09 -15.18 79.92
CA GLY G 951 84.73 -14.91 79.48
C GLY G 951 84.23 -13.63 80.10
N ARG G 952 83.22 -13.03 79.48
CA ARG G 952 82.61 -11.80 79.96
C ARG G 952 83.62 -10.66 80.11
N THR G 953 84.65 -10.66 79.26
CA THR G 953 85.63 -9.58 79.25
C THR G 953 86.48 -9.61 77.97
N GLY G 954 87.11 -8.48 77.68
CA GLY G 954 88.01 -8.36 76.53
C GLY G 954 89.46 -8.50 76.94
N GLN G 955 89.68 -9.10 78.10
CA GLN G 955 91.02 -9.19 78.69
C GLN G 955 91.86 -10.33 78.07
N ILE G 956 92.47 -10.03 76.93
CA ILE G 956 93.40 -10.96 76.28
C ILE G 956 94.66 -11.13 77.13
N ASP G 957 95.21 -12.34 77.18
CA ASP G 957 96.44 -12.60 77.92
C ASP G 957 97.43 -13.39 77.04
N TYR G 958 98.12 -12.66 76.17
CA TYR G 958 99.07 -13.24 75.23
C TYR G 958 100.36 -13.69 75.92
N LEU G 959 100.97 -14.75 75.39
CA LEU G 959 102.26 -15.24 75.88
C LEU G 959 103.11 -15.72 74.70
N THR G 960 104.42 -15.74 74.88
CA THR G 960 105.33 -16.12 73.79
C THR G 960 106.08 -17.44 74.03
N GLU G 961 106.14 -18.25 72.97
CA GLU G 961 106.90 -19.49 72.94
C GLU G 961 106.94 -19.96 71.48
N ALA G 962 107.88 -20.83 71.14
CA ALA G 962 107.96 -21.34 69.77
C ALA G 962 106.88 -22.38 69.53
N GLN G 963 105.63 -21.92 69.45
CA GLN G 963 104.46 -22.77 69.22
C GLN G 963 104.33 -23.89 70.24
N VAL G 964 103.60 -23.64 71.32
CA VAL G 964 103.35 -24.66 72.33
C VAL G 964 102.53 -25.80 71.75
N SER G 965 102.85 -27.03 72.16
CA SER G 965 102.15 -28.21 71.67
C SER G 965 100.87 -28.47 72.45
N CYS G 966 100.93 -28.21 73.76
CA CYS G 966 99.80 -28.42 74.65
C CYS G 966 100.08 -27.65 75.95
N CYS G 967 99.06 -27.47 76.77
CA CYS G 967 99.23 -26.65 77.97
C CYS G 967 98.46 -27.19 79.19
N CYS G 968 98.93 -26.80 80.38
CA CYS G 968 98.29 -27.20 81.63
C CYS G 968 98.64 -26.25 82.77
N LEU G 969 97.61 -25.76 83.46
CA LEU G 969 97.81 -24.94 84.66
C LEU G 969 98.13 -25.78 85.88
N SER G 970 98.88 -25.18 86.81
CA SER G 970 99.24 -25.83 88.07
C SER G 970 98.07 -25.86 89.05
N PRO G 971 98.09 -26.84 89.97
CA PRO G 971 97.11 -26.88 91.06
C PRO G 971 97.27 -25.66 91.96
N HIS G 972 96.16 -25.15 92.49
CA HIS G 972 96.17 -23.95 93.32
C HIS G 972 96.82 -22.77 92.60
N LEU G 973 96.65 -22.72 91.29
CA LEU G 973 97.14 -21.63 90.45
C LEU G 973 98.66 -21.42 90.59
N GLN G 974 99.06 -20.15 90.57
CA GLN G 974 100.44 -19.71 90.82
C GLN G 974 101.45 -20.12 89.74
N TYR G 975 101.03 -20.93 88.79
CA TYR G 975 101.92 -21.35 87.70
C TYR G 975 101.13 -21.64 86.43
N ILE G 976 101.88 -21.80 85.34
CA ILE G 976 101.33 -22.17 84.04
C ILE G 976 102.34 -23.12 83.39
N ALA G 977 101.89 -23.98 82.49
CA ALA G 977 102.82 -24.93 81.87
C ALA G 977 102.43 -25.30 80.45
N PHE G 978 103.41 -25.79 79.70
CA PHE G 978 103.17 -26.21 78.33
C PHE G 978 104.15 -27.30 77.87
N GLY G 979 103.73 -28.10 76.90
CA GLY G 979 104.56 -29.12 76.30
C GLY G 979 105.34 -28.58 75.11
N ASP G 980 105.96 -29.47 74.36
CA ASP G 980 106.76 -29.08 73.21
C ASP G 980 106.84 -30.22 72.20
N GLU G 981 107.24 -29.89 70.98
CA GLU G 981 107.36 -30.87 69.90
C GLU G 981 108.40 -31.93 70.21
N ASN G 982 109.40 -31.55 71.01
CA ASN G 982 110.43 -32.48 71.46
C ASN G 982 109.97 -33.26 72.68
N GLY G 983 108.79 -32.92 73.20
CA GLY G 983 108.28 -33.54 74.41
C GLY G 983 108.75 -32.84 75.67
N ALA G 984 109.55 -31.80 75.51
CA ALA G 984 109.98 -30.96 76.62
C ALA G 984 108.78 -30.25 77.22
N ILE G 985 108.76 -30.08 78.54
CA ILE G 985 107.63 -29.44 79.18
C ILE G 985 108.06 -28.38 80.18
N GLU G 986 107.89 -27.11 79.81
CA GLU G 986 108.18 -25.99 80.70
C GLU G 986 107.01 -25.69 81.65
N ILE G 987 107.33 -25.18 82.83
CA ILE G 987 106.31 -24.69 83.75
C ILE G 987 106.64 -23.26 84.21
N LEU G 988 106.26 -22.29 83.40
CA LEU G 988 106.50 -20.88 83.72
C LEU G 988 105.75 -20.46 84.99
N GLU G 989 106.43 -19.74 85.88
CA GLU G 989 105.78 -19.17 87.04
C GLU G 989 104.99 -17.93 86.66
N LEU G 990 103.87 -17.69 87.35
CA LEU G 990 103.06 -16.50 87.11
C LEU G 990 103.70 -15.25 87.72
N VAL G 991 104.28 -15.42 88.90
CA VAL G 991 104.87 -14.31 89.64
C VAL G 991 106.05 -13.70 88.89
N ASN G 992 106.78 -14.53 88.16
CA ASN G 992 107.94 -14.05 87.42
C ASN G 992 108.18 -14.89 86.17
N ASN G 993 108.29 -14.21 85.03
CA ASN G 993 108.56 -14.87 83.76
C ASN G 993 109.96 -15.46 83.67
N ARG G 994 110.89 -14.93 84.46
CA ARG G 994 112.26 -15.43 84.45
C ARG G 994 112.38 -16.86 84.98
N ILE G 995 111.51 -17.22 85.91
CA ILE G 995 111.59 -18.53 86.56
C ILE G 995 110.80 -19.60 85.79
N PHE G 996 111.49 -20.68 85.44
CA PHE G 996 110.86 -21.77 84.72
C PHE G 996 111.70 -23.04 84.88
N GLN G 997 111.09 -24.19 84.65
CA GLN G 997 111.79 -25.45 84.56
C GLN G 997 111.43 -26.05 83.20
N SER G 998 112.41 -26.56 82.47
CA SER G 998 112.14 -27.19 81.17
C SER G 998 112.53 -28.66 81.28
N ARG G 999 111.66 -29.57 80.85
CA ARG G 999 111.98 -30.99 80.91
C ARG G 999 112.15 -31.57 79.52
N PHE G 1000 113.26 -32.26 79.29
CA PHE G 1000 113.50 -32.83 77.97
C PHE G 1000 113.24 -34.34 78.01
N GLN G 1001 112.27 -34.80 77.23
CA GLN G 1001 111.83 -36.18 77.37
C GLN G 1001 110.92 -36.54 76.20
N HIS G 1002 110.70 -37.84 76.00
CA HIS G 1002 109.82 -38.39 74.97
C HIS G 1002 110.40 -38.26 73.58
N LYS G 1003 110.28 -39.33 72.80
CA LYS G 1003 110.80 -39.38 71.44
C LYS G 1003 110.12 -38.36 70.54
N LYS G 1004 108.86 -38.05 70.83
CA LYS G 1004 108.09 -37.12 70.03
C LYS G 1004 107.38 -36.11 70.92
N THR G 1005 106.34 -35.48 70.38
CA THR G 1005 105.55 -34.53 71.15
C THR G 1005 104.86 -35.24 72.32
N VAL G 1006 104.88 -34.61 73.48
CA VAL G 1006 104.25 -35.18 74.67
C VAL G 1006 102.73 -35.30 74.51
N TRP G 1007 102.16 -36.42 74.99
CA TRP G 1007 100.73 -36.61 74.95
C TRP G 1007 100.08 -35.99 76.18
N HIS G 1008 99.46 -36.84 77.00
CA HIS G 1008 98.74 -36.40 78.18
C HIS G 1008 99.66 -35.75 79.20
N ILE G 1009 99.17 -34.70 79.85
CA ILE G 1009 99.89 -34.03 80.92
C ILE G 1009 98.97 -33.79 82.10
N GLN G 1010 99.43 -34.12 83.30
CA GLN G 1010 98.62 -33.93 84.49
C GLN G 1010 99.50 -33.72 85.72
N PHE G 1011 99.02 -32.89 86.63
CA PHE G 1011 99.76 -32.55 87.84
C PHE G 1011 99.21 -33.30 89.05
N THR G 1012 100.05 -33.49 90.06
CA THR G 1012 99.63 -34.13 91.30
C THR G 1012 98.81 -33.14 92.14
N ALA G 1013 98.21 -33.65 93.21
CA ALA G 1013 97.47 -32.79 94.13
C ALA G 1013 98.40 -31.78 94.76
N ASP G 1014 99.67 -32.16 94.89
CA ASP G 1014 100.73 -31.23 95.25
C ASP G 1014 100.99 -30.27 94.10
N GLU G 1015 101.41 -29.06 94.41
CA GLU G 1015 101.75 -28.09 93.38
C GLU G 1015 102.95 -28.58 92.57
N LYS G 1016 103.76 -29.43 93.19
CA LYS G 1016 104.93 -30.02 92.56
C LYS G 1016 104.60 -31.25 91.73
N THR G 1017 105.61 -31.72 91.00
CA THR G 1017 105.59 -32.98 90.24
C THR G 1017 104.71 -32.95 88.99
N LEU G 1018 105.35 -32.72 87.84
CA LEU G 1018 104.73 -32.93 86.54
C LEU G 1018 104.54 -34.41 86.25
N ILE G 1019 103.47 -34.77 85.55
CA ILE G 1019 103.34 -36.13 85.05
C ILE G 1019 102.93 -36.04 83.58
N SER G 1020 103.50 -36.91 82.75
CA SER G 1020 103.27 -36.85 81.31
C SER G 1020 103.49 -38.21 80.64
N SER G 1021 103.15 -38.29 79.35
CA SER G 1021 103.40 -39.49 78.57
C SER G 1021 103.45 -39.15 77.08
N SER G 1022 104.02 -40.06 76.29
CA SER G 1022 104.07 -39.90 74.84
C SER G 1022 104.38 -41.23 74.15
N ASP G 1023 105.27 -41.18 73.17
CA ASP G 1023 105.62 -42.38 72.41
C ASP G 1023 106.35 -43.41 73.26
N ASP G 1024 106.98 -42.97 74.33
CA ASP G 1024 107.68 -43.88 75.23
C ASP G 1024 106.72 -44.85 75.92
N ALA G 1025 107.16 -46.08 76.10
CA ALA G 1025 106.37 -47.08 76.81
C ALA G 1025 106.14 -46.67 78.25
N GLU G 1026 107.14 -45.99 78.81
CA GLU G 1026 107.08 -45.52 80.18
C GLU G 1026 106.17 -44.31 80.34
N ILE G 1027 105.56 -44.19 81.51
CA ILE G 1027 104.83 -42.97 81.83
C ILE G 1027 105.71 -42.04 82.64
N GLN G 1028 106.08 -40.92 82.03
CA GLN G 1028 106.93 -39.93 82.68
C GLN G 1028 106.30 -39.33 83.93
N VAL G 1029 107.12 -39.19 84.96
CA VAL G 1029 106.77 -38.40 86.13
C VAL G 1029 107.98 -37.53 86.45
N TRP G 1030 107.96 -36.31 85.96
CA TRP G 1030 109.06 -35.39 86.14
C TRP G 1030 108.71 -34.28 87.13
N ASN G 1031 109.17 -34.44 88.36
CA ASN G 1031 108.96 -33.37 89.33
C ASN G 1031 109.78 -32.16 88.88
N TRP G 1032 109.17 -30.99 88.93
CA TRP G 1032 109.85 -29.77 88.49
C TRP G 1032 110.64 -29.16 89.65
N GLN G 1033 111.47 -28.17 89.33
CA GLN G 1033 112.39 -27.55 90.30
C GLN G 1033 113.40 -28.57 90.81
N LEU G 1034 112.89 -29.60 91.48
CA LEU G 1034 113.72 -30.72 91.92
C LEU G 1034 114.27 -31.46 90.72
N ASP G 1035 113.59 -31.32 89.58
CA ASP G 1035 113.98 -31.95 88.31
C ASP G 1035 114.05 -33.47 88.44
N LYS G 1036 113.19 -34.04 89.27
CA LYS G 1036 113.16 -35.49 89.46
C LYS G 1036 112.57 -36.18 88.26
N CYS G 1037 112.99 -37.41 87.98
CA CYS G 1037 112.58 -38.12 86.78
C CYS G 1037 112.11 -39.54 87.06
N ILE G 1038 111.13 -39.69 87.94
CA ILE G 1038 110.59 -41.02 88.22
C ILE G 1038 109.85 -41.53 86.98
N PHE G 1039 110.01 -42.80 86.64
CA PHE G 1039 109.33 -43.35 85.48
C PHE G 1039 108.40 -44.51 85.83
N LEU G 1040 107.30 -44.61 85.09
CA LEU G 1040 106.39 -45.75 85.18
C LEU G 1040 106.70 -46.75 84.08
N ARG G 1041 107.51 -47.75 84.40
CA ARG G 1041 107.98 -48.70 83.39
C ARG G 1041 106.92 -49.75 83.08
N GLY G 1042 105.97 -49.38 82.23
CA GLY G 1042 104.86 -50.27 81.90
C GLY G 1042 105.13 -51.34 80.85
N HIS G 1043 106.26 -51.22 80.16
CA HIS G 1043 106.66 -52.17 79.11
C HIS G 1043 105.57 -52.38 78.05
N GLN G 1044 104.77 -51.34 77.84
CA GLN G 1044 103.79 -51.27 76.76
C GLN G 1044 104.44 -50.78 75.47
N GLU G 1045 103.76 -50.96 74.34
CA GLU G 1045 104.23 -50.40 73.09
C GLU G 1045 104.23 -48.89 73.28
N THR G 1046 103.17 -48.41 73.93
CA THR G 1046 103.14 -47.08 74.52
C THR G 1046 101.97 -47.08 75.50
N VAL G 1047 101.99 -46.16 76.46
CA VAL G 1047 100.79 -45.94 77.26
C VAL G 1047 99.92 -44.87 76.60
N LYS G 1048 98.66 -45.21 76.33
CA LYS G 1048 97.78 -44.32 75.59
C LYS G 1048 97.38 -43.10 76.41
N ASP G 1049 97.00 -43.31 77.66
CA ASP G 1049 96.54 -42.21 78.49
C ASP G 1049 96.58 -42.60 79.97
N PHE G 1050 96.49 -41.60 80.84
CA PHE G 1050 96.46 -41.84 82.27
C PHE G 1050 95.69 -40.75 82.99
N ARG G 1051 95.23 -41.05 84.20
CA ARG G 1051 94.47 -40.11 85.01
C ARG G 1051 94.77 -40.27 86.50
N LEU G 1052 94.54 -39.20 87.26
CA LEU G 1052 94.70 -39.22 88.71
C LEU G 1052 93.58 -40.00 89.42
N LEU G 1053 93.97 -40.78 90.41
CA LEU G 1053 93.00 -41.41 91.31
C LEU G 1053 93.00 -40.66 92.65
N LYS G 1054 91.94 -40.85 93.43
CA LYS G 1054 91.81 -40.14 94.71
C LYS G 1054 92.94 -40.48 95.67
N ASN G 1055 93.47 -41.69 95.55
CA ASN G 1055 94.60 -42.12 96.37
C ASN G 1055 95.92 -41.62 95.79
N SER G 1056 97.01 -42.25 96.20
CA SER G 1056 98.31 -41.97 95.61
C SER G 1056 98.43 -42.74 94.30
N ARG G 1057 97.44 -43.58 94.04
CA ARG G 1057 97.39 -44.39 92.82
C ARG G 1057 97.23 -43.52 91.56
N LEU G 1058 97.84 -43.97 90.47
CA LEU G 1058 97.71 -43.27 89.19
C LEU G 1058 97.17 -44.20 88.10
N LEU G 1059 95.90 -44.04 87.77
CA LEU G 1059 95.25 -44.88 86.76
C LEU G 1059 95.87 -44.65 85.39
N SER G 1060 95.92 -45.69 84.58
CA SER G 1060 96.46 -45.58 83.21
C SER G 1060 95.96 -46.71 82.32
N TRP G 1061 96.10 -46.50 81.01
CA TRP G 1061 95.80 -47.54 80.02
C TRP G 1061 96.54 -47.30 78.71
N SER G 1062 96.83 -48.38 78.00
CA SER G 1062 97.64 -48.32 76.79
C SER G 1062 96.91 -48.91 75.59
N PHE G 1063 97.68 -49.21 74.56
CA PHE G 1063 97.15 -49.84 73.36
C PHE G 1063 96.94 -51.34 73.49
N ASP G 1064 97.48 -51.94 74.57
CA ASP G 1064 97.16 -53.34 74.86
C ASP G 1064 95.84 -53.44 75.60
N GLY G 1065 95.31 -52.30 76.02
CA GLY G 1065 94.01 -52.24 76.67
C GLY G 1065 94.05 -52.60 78.13
N THR G 1066 95.26 -52.76 78.67
CA THR G 1066 95.41 -52.98 80.10
C THR G 1066 94.95 -51.74 80.85
N VAL G 1067 94.18 -51.95 81.91
CA VAL G 1067 93.78 -50.86 82.78
C VAL G 1067 94.64 -50.91 84.03
N LYS G 1068 95.85 -50.37 83.90
CA LYS G 1068 96.81 -50.36 84.99
C LYS G 1068 96.44 -49.37 86.08
N VAL G 1069 96.75 -49.74 87.33
CA VAL G 1069 96.61 -48.83 88.44
C VAL G 1069 97.98 -48.66 89.10
N TRP G 1070 98.64 -47.57 88.74
CA TRP G 1070 99.98 -47.26 89.23
C TRP G 1070 99.92 -46.43 90.50
N ASN G 1071 100.94 -45.60 90.70
CA ASN G 1071 100.98 -44.64 91.80
C ASN G 1071 101.51 -43.28 91.33
N ILE G 1072 101.01 -42.21 91.94
CA ILE G 1072 101.46 -40.87 91.59
C ILE G 1072 102.87 -40.63 92.08
N ILE G 1073 103.58 -39.73 91.40
CA ILE G 1073 104.97 -39.41 91.70
C ILE G 1073 105.83 -40.67 91.56
N THR G 1074 105.79 -41.54 92.57
CA THR G 1074 106.51 -42.80 92.52
C THR G 1074 105.83 -43.80 91.60
N GLY G 1075 106.57 -44.31 90.63
CA GLY G 1075 106.06 -45.34 89.74
C GLY G 1075 105.95 -46.68 90.45
N ASN G 1076 104.74 -47.24 90.49
CA ASN G 1076 104.51 -48.53 91.12
C ASN G 1076 103.16 -49.09 90.70
N LYS G 1077 103.18 -50.13 89.87
CA LYS G 1077 101.97 -50.71 89.32
C LYS G 1077 101.29 -51.59 90.36
N GLU G 1078 100.59 -50.96 91.30
CA GLU G 1078 99.92 -51.66 92.41
C GLU G 1078 98.76 -52.62 92.08
N LYS G 1079 97.86 -52.20 91.18
CA LYS G 1079 96.73 -53.03 90.76
C LYS G 1079 96.77 -53.05 89.23
N ASP G 1080 96.69 -54.21 88.59
CA ASP G 1080 96.75 -54.25 87.13
C ASP G 1080 95.49 -54.91 86.53
N PHE G 1081 94.90 -54.30 85.51
CA PHE G 1081 93.69 -54.85 84.89
C PHE G 1081 93.82 -55.06 83.38
N VAL G 1082 93.31 -56.18 82.87
CA VAL G 1082 93.38 -56.43 81.43
C VAL G 1082 91.95 -56.49 80.89
N CYS G 1083 91.27 -55.35 80.95
CA CYS G 1083 89.86 -55.26 80.60
C CYS G 1083 89.61 -55.48 79.11
N HIS G 1084 90.61 -55.22 78.28
CA HIS G 1084 90.44 -55.36 76.84
C HIS G 1084 91.71 -55.84 76.16
N GLN G 1085 91.58 -56.86 75.32
CA GLN G 1085 92.69 -57.30 74.48
C GLN G 1085 93.04 -56.19 73.49
N GLY G 1086 92.00 -55.46 73.07
CA GLY G 1086 92.18 -54.28 72.24
C GLY G 1086 92.41 -53.06 73.09
N THR G 1087 92.63 -51.92 72.47
CA THR G 1087 92.92 -50.69 73.20
C THR G 1087 91.72 -50.25 74.02
N VAL G 1088 91.98 -49.67 75.19
CA VAL G 1088 90.93 -49.04 75.97
C VAL G 1088 90.40 -47.83 75.22
N LEU G 1089 89.19 -47.94 74.67
CA LEU G 1089 88.68 -46.86 73.83
C LEU G 1089 88.33 -45.51 74.50
N SER G 1090 87.56 -45.57 75.57
CA SER G 1090 87.29 -44.43 76.43
C SER G 1090 87.15 -45.15 77.77
N CYS G 1091 87.75 -44.65 78.83
CA CYS G 1091 87.55 -45.20 80.17
C CYS G 1091 87.19 -44.00 81.04
N ASP G 1092 86.13 -44.09 81.84
CA ASP G 1092 85.78 -43.00 82.73
C ASP G 1092 85.81 -43.49 84.17
N ILE G 1093 86.31 -42.64 85.08
CA ILE G 1093 86.27 -42.87 86.53
C ILE G 1093 85.26 -41.95 87.24
N SER G 1094 84.49 -42.51 88.18
CA SER G 1094 83.34 -41.83 88.81
C SER G 1094 83.60 -40.56 89.65
N HIS G 1095 84.66 -40.57 90.45
CA HIS G 1095 85.08 -39.39 91.25
C HIS G 1095 84.53 -39.22 92.69
N ASP G 1096 83.63 -40.09 93.15
CA ASP G 1096 83.35 -40.22 94.56
C ASP G 1096 84.22 -41.35 95.12
N ALA G 1097 84.87 -41.09 96.25
CA ALA G 1097 85.85 -42.02 96.83
C ALA G 1097 86.76 -42.59 95.73
N THR G 1098 86.91 -43.90 95.74
CA THR G 1098 87.51 -44.63 94.63
C THR G 1098 86.68 -45.88 94.43
N LYS G 1099 85.41 -45.76 94.78
CA LYS G 1099 84.50 -46.89 94.91
C LYS G 1099 84.23 -47.62 93.58
N PHE G 1100 84.33 -46.90 92.47
CA PHE G 1100 84.12 -47.51 91.16
C PHE G 1100 84.93 -46.86 90.03
N SER G 1101 85.14 -47.64 88.98
CA SER G 1101 85.67 -47.16 87.72
C SER G 1101 85.27 -48.14 86.63
N SER G 1102 85.14 -47.66 85.40
CA SER G 1102 84.68 -48.52 84.32
C SER G 1102 85.26 -48.09 82.98
N THR G 1103 85.24 -49.03 82.04
CA THR G 1103 85.70 -48.76 80.68
C THR G 1103 84.95 -49.62 79.68
N SER G 1104 84.89 -49.13 78.46
CA SER G 1104 84.31 -49.87 77.34
C SER G 1104 85.18 -49.62 76.12
N ALA G 1105 85.39 -50.66 75.32
CA ALA G 1105 86.35 -50.56 74.22
C ALA G 1105 86.02 -51.48 73.06
N ASP G 1106 84.82 -51.29 72.49
CA ASP G 1106 84.34 -52.07 71.35
C ASP G 1106 84.43 -53.57 71.68
N LYS G 1107 83.93 -53.92 72.85
CA LYS G 1107 83.97 -55.30 73.32
C LYS G 1107 82.94 -55.50 74.43
N THR G 1108 83.32 -55.11 75.65
CA THR G 1108 82.42 -55.20 76.80
C THR G 1108 82.58 -53.99 77.70
N ALA G 1109 81.50 -53.56 78.33
CA ALA G 1109 81.56 -52.44 79.26
C ALA G 1109 81.89 -52.93 80.67
N LYS G 1110 83.18 -53.15 80.94
CA LYS G 1110 83.61 -53.63 82.24
C LYS G 1110 83.60 -52.54 83.32
N ILE G 1111 83.37 -52.95 84.57
CA ILE G 1111 83.33 -52.05 85.71
C ILE G 1111 83.89 -52.76 86.95
N TRP G 1112 84.61 -52.00 87.77
CA TRP G 1112 85.36 -52.54 88.90
C TRP G 1112 85.39 -51.56 90.06
N SER G 1113 85.77 -52.06 91.23
CA SER G 1113 85.93 -51.23 92.43
C SER G 1113 87.39 -51.17 92.87
N PHE G 1114 88.29 -51.56 91.97
CA PHE G 1114 89.74 -51.62 92.21
C PHE G 1114 90.17 -52.70 93.20
N ASP G 1115 89.28 -53.10 94.10
CA ASP G 1115 89.61 -54.10 95.10
C ASP G 1115 89.97 -55.44 94.47
N LEU G 1116 89.35 -55.75 93.35
CA LEU G 1116 89.64 -56.99 92.63
C LEU G 1116 90.55 -56.73 91.42
N LEU G 1117 91.31 -57.75 91.03
CA LEU G 1117 92.21 -57.65 89.89
C LEU G 1117 91.42 -57.77 88.58
N LEU G 1118 90.16 -58.15 88.71
CA LEU G 1118 89.26 -58.26 87.56
C LEU G 1118 88.01 -57.44 87.85
N PRO G 1119 87.35 -56.94 86.80
CA PRO G 1119 86.19 -56.05 87.00
C PRO G 1119 85.04 -56.72 87.74
N LEU G 1120 84.34 -55.96 88.57
CA LEU G 1120 83.22 -56.48 89.34
C LEU G 1120 82.07 -56.92 88.45
N HIS G 1121 81.99 -56.35 87.25
CA HIS G 1121 81.03 -56.83 86.27
C HIS G 1121 81.52 -56.53 84.87
N GLU G 1122 81.08 -57.35 83.91
CA GLU G 1122 81.48 -57.17 82.52
C GLU G 1122 80.23 -57.03 81.66
N LEU G 1123 79.77 -55.78 81.49
CA LEU G 1123 78.53 -55.55 80.78
C LEU G 1123 78.62 -56.03 79.34
N ARG G 1124 77.57 -56.71 78.89
CA ARG G 1124 77.53 -57.30 77.56
C ARG G 1124 76.15 -57.11 76.93
N GLY G 1125 75.57 -55.93 77.15
CA GLY G 1125 74.25 -55.63 76.64
C GLY G 1125 74.25 -55.07 75.23
N HIS G 1126 75.42 -54.95 74.62
CA HIS G 1126 75.52 -54.34 73.31
C HIS G 1126 76.35 -55.18 72.34
N ASN G 1127 75.67 -55.83 71.39
CA ASN G 1127 76.33 -56.65 70.38
C ASN G 1127 77.16 -55.80 69.42
N GLY G 1128 76.79 -54.53 69.29
CA GLY G 1128 77.53 -53.59 68.47
C GLY G 1128 78.70 -53.02 69.25
N CYS G 1129 78.79 -53.41 70.51
CA CYS G 1129 79.90 -53.06 71.40
C CYS G 1129 79.95 -51.56 71.73
N VAL G 1130 79.84 -51.25 73.01
CA VAL G 1130 79.90 -49.87 73.50
C VAL G 1130 81.26 -49.21 73.25
N ARG G 1131 81.24 -47.96 72.81
CA ARG G 1131 82.46 -47.24 72.47
C ARG G 1131 83.05 -46.42 73.62
N CYS G 1132 82.17 -45.89 74.47
CA CYS G 1132 82.62 -45.02 75.55
C CYS G 1132 81.63 -44.99 76.71
N SER G 1133 82.09 -44.51 77.87
CA SER G 1133 81.27 -44.50 79.06
C SER G 1133 81.64 -43.35 80.00
N ALA G 1134 80.68 -42.93 80.83
CA ALA G 1134 80.93 -41.87 81.81
C ALA G 1134 80.07 -42.06 83.06
N PHE G 1135 80.67 -41.86 84.24
CA PHE G 1135 79.98 -41.98 85.52
C PHE G 1135 79.07 -40.82 85.89
N SER G 1136 78.09 -41.13 86.73
CA SER G 1136 77.16 -40.16 87.29
C SER G 1136 77.86 -39.15 88.18
N VAL G 1137 77.28 -37.97 88.28
CA VAL G 1137 77.81 -36.94 89.15
C VAL G 1137 77.48 -37.30 90.59
N ASP G 1138 78.31 -38.18 91.15
CA ASP G 1138 78.14 -38.70 92.51
C ASP G 1138 76.76 -39.32 92.75
N SER G 1139 76.31 -40.13 91.80
CA SER G 1139 75.04 -40.84 91.93
C SER G 1139 75.23 -42.35 91.74
N THR G 1140 74.40 -42.95 90.90
CA THR G 1140 74.51 -44.38 90.64
C THR G 1140 74.32 -44.70 89.15
N LEU G 1141 74.20 -43.65 88.35
CA LEU G 1141 74.08 -43.79 86.91
C LEU G 1141 75.43 -44.05 86.25
N LEU G 1142 75.43 -44.68 85.09
CA LEU G 1142 76.66 -44.90 84.33
C LEU G 1142 76.37 -45.06 82.84
N ALA G 1143 76.53 -43.98 82.10
CA ALA G 1143 76.28 -43.98 80.66
C ALA G 1143 77.27 -44.88 79.92
N THR G 1144 76.80 -45.50 78.84
CA THR G 1144 77.65 -46.26 77.95
C THR G 1144 77.38 -45.85 76.51
N GLY G 1145 78.27 -45.03 75.97
CA GLY G 1145 78.11 -44.45 74.65
C GLY G 1145 78.43 -45.35 73.47
N ASP G 1146 77.54 -45.32 72.48
CA ASP G 1146 77.73 -46.11 71.25
C ASP G 1146 78.37 -45.26 70.15
N ASP G 1147 78.87 -45.92 69.11
CA ASP G 1147 79.53 -45.23 68.00
C ASP G 1147 78.57 -44.31 67.26
N ASN G 1148 77.29 -44.65 67.26
CA ASN G 1148 76.27 -43.85 66.59
C ASN G 1148 75.64 -42.83 67.54
N GLY G 1149 76.29 -42.61 68.68
CA GLY G 1149 75.86 -41.61 69.63
C GLY G 1149 74.79 -42.12 70.56
N GLU G 1150 74.41 -43.38 70.38
CA GLU G 1150 73.45 -44.02 71.27
C GLU G 1150 74.06 -44.14 72.65
N ILE G 1151 73.23 -43.92 73.67
CA ILE G 1151 73.69 -44.02 75.04
C ILE G 1151 72.86 -45.07 75.78
N ARG G 1152 73.52 -45.93 76.54
CA ARG G 1152 72.81 -46.88 77.38
C ARG G 1152 73.19 -46.66 78.82
N ILE G 1153 72.28 -46.11 79.60
CA ILE G 1153 72.52 -45.90 81.02
C ILE G 1153 72.53 -47.25 81.76
N TRP G 1154 73.44 -47.38 82.72
CA TRP G 1154 73.52 -48.60 83.52
C TRP G 1154 73.70 -48.23 84.98
N ASN G 1155 72.87 -48.80 85.84
CA ASN G 1155 72.97 -48.53 87.27
C ASN G 1155 74.31 -49.04 87.80
N VAL G 1156 74.93 -48.29 88.69
CA VAL G 1156 76.21 -48.70 89.26
C VAL G 1156 75.94 -49.73 90.34
N SER G 1157 75.64 -50.95 89.90
CA SER G 1157 75.38 -52.09 90.76
C SER G 1157 75.44 -53.34 89.91
N ASN G 1158 76.67 -53.78 89.62
CA ASN G 1158 76.92 -54.84 88.63
C ASN G 1158 76.35 -54.43 87.29
N GLY G 1159 75.05 -54.64 87.12
CA GLY G 1159 74.36 -54.24 85.91
C GLY G 1159 72.98 -54.86 85.80
N GLU G 1160 72.07 -54.15 85.16
CA GLU G 1160 70.73 -54.66 84.91
C GLU G 1160 70.16 -53.97 83.67
N LEU G 1161 69.20 -54.61 83.03
CA LEU G 1161 68.68 -54.10 81.76
C LEU G 1161 67.89 -52.81 81.94
N LEU G 1162 68.59 -51.75 82.33
CA LEU G 1162 68.00 -50.43 82.46
C LEU G 1162 67.60 -49.90 81.09
N HIS G 1163 66.52 -49.12 81.05
CA HIS G 1163 66.02 -48.65 79.78
C HIS G 1163 67.17 -47.88 79.16
N LEU G 1164 67.43 -48.12 77.88
CA LEU G 1164 68.50 -47.39 77.21
C LEU G 1164 68.13 -45.93 77.16
N CYS G 1165 69.11 -45.05 77.34
CA CYS G 1165 68.86 -43.63 77.24
C CYS G 1165 68.39 -43.41 75.82
N ALA G 1166 69.04 -44.11 74.90
CA ALA G 1166 68.63 -44.18 73.51
C ALA G 1166 68.54 -42.80 72.87
N PRO G 1167 69.52 -41.95 73.10
CA PRO G 1167 69.35 -40.52 72.81
C PRO G 1167 69.02 -40.17 71.35
N LEU G 1168 69.61 -40.85 70.39
CA LEU G 1168 69.29 -40.57 68.98
C LEU G 1168 68.66 -41.76 68.26
N SER G 1169 67.49 -41.55 67.66
CA SER G 1169 66.80 -42.63 66.96
C SER G 1169 66.67 -42.41 65.45
N GLU G 1170 66.10 -41.27 65.07
CA GLU G 1170 65.94 -40.93 63.66
C GLU G 1170 66.80 -39.74 63.29
N GLU G 1171 67.56 -39.87 62.20
CA GLU G 1171 68.44 -38.80 61.76
C GLU G 1171 68.98 -39.11 60.36
N GLY G 1172 70.01 -39.96 60.32
CA GLY G 1172 70.60 -40.36 59.06
C GLY G 1172 72.05 -39.96 59.02
N ALA G 1173 72.58 -39.77 57.80
CA ALA G 1173 73.98 -39.42 57.61
C ALA G 1173 74.16 -37.96 57.21
N ALA G 1174 73.07 -37.20 57.35
CA ALA G 1174 73.06 -35.79 57.02
C ALA G 1174 74.43 -35.15 57.28
N THR G 1175 74.58 -34.47 58.41
CA THR G 1175 75.83 -33.79 58.70
C THR G 1175 76.02 -33.50 60.18
N HIS G 1176 77.26 -33.25 60.57
CA HIS G 1176 77.60 -32.96 61.96
C HIS G 1176 76.89 -33.93 62.90
N GLY G 1177 77.28 -35.20 62.86
CA GLY G 1177 76.62 -36.22 63.65
C GLY G 1177 77.53 -37.30 64.18
N GLY G 1178 78.66 -37.52 63.53
CA GLY G 1178 79.56 -38.59 63.95
C GLY G 1178 80.26 -38.44 65.30
N TRP G 1179 80.47 -39.56 65.97
CA TRP G 1179 81.25 -39.60 67.20
C TRP G 1179 80.45 -39.36 68.47
N VAL G 1180 80.63 -40.24 69.45
CA VAL G 1180 80.04 -40.07 70.77
C VAL G 1180 81.12 -39.60 71.73
N THR G 1181 81.58 -38.37 71.52
CA THR G 1181 82.73 -37.82 72.23
C THR G 1181 82.65 -37.80 73.76
N ASP G 1182 81.53 -37.35 74.29
CA ASP G 1182 81.41 -37.17 75.73
C ASP G 1182 79.98 -37.15 76.22
N LEU G 1183 79.82 -37.38 77.52
CA LEU G 1183 78.54 -37.21 78.18
C LEU G 1183 78.71 -36.30 79.38
N CYS G 1184 77.86 -35.28 79.47
CA CYS G 1184 77.85 -34.38 80.63
C CYS G 1184 76.57 -34.47 81.46
N PHE G 1185 76.57 -35.32 82.47
CA PHE G 1185 75.42 -35.45 83.37
C PHE G 1185 75.11 -34.16 84.12
N SER G 1186 73.82 -33.88 84.29
CA SER G 1186 73.36 -32.76 85.10
C SER G 1186 73.62 -33.05 86.57
N PRO G 1187 73.83 -32.00 87.37
CA PRO G 1187 74.05 -32.21 88.82
C PRO G 1187 72.88 -32.94 89.46
N ASP G 1188 71.67 -32.68 88.95
CA ASP G 1188 70.49 -33.40 89.41
C ASP G 1188 70.59 -34.88 89.04
N GLY G 1189 71.30 -35.16 87.96
CA GLY G 1189 71.48 -36.51 87.49
C GLY G 1189 70.29 -36.95 86.66
N LYS G 1190 69.32 -36.05 86.52
CA LYS G 1190 68.11 -36.33 85.76
C LYS G 1190 68.31 -36.05 84.27
N MET G 1191 69.45 -35.46 83.93
CA MET G 1191 69.72 -35.10 82.54
C MET G 1191 71.12 -35.49 82.08
N LEU G 1192 71.20 -35.96 80.85
CA LEU G 1192 72.50 -36.21 80.22
C LEU G 1192 72.68 -35.25 79.06
N ILE G 1193 73.77 -34.49 79.09
CA ILE G 1193 74.14 -33.61 78.01
C ILE G 1193 74.98 -34.40 77.01
N SER G 1194 74.31 -35.01 76.04
CA SER G 1194 75.00 -35.69 74.95
C SER G 1194 75.61 -34.66 74.01
N ALA G 1195 76.79 -34.97 73.49
CA ALA G 1195 77.47 -34.06 72.58
C ALA G 1195 78.18 -34.82 71.47
N GLY G 1196 77.52 -34.90 70.31
CA GLY G 1196 78.10 -35.54 69.15
C GLY G 1196 78.11 -34.59 67.96
N GLY G 1197 77.09 -34.67 67.13
CA GLY G 1197 76.93 -33.73 66.05
C GLY G 1197 76.48 -32.39 66.62
N TYR G 1198 75.82 -32.45 67.78
CA TYR G 1198 75.43 -31.25 68.49
C TYR G 1198 74.92 -31.63 69.89
N ILE G 1199 74.90 -30.67 70.80
CA ILE G 1199 74.38 -30.92 72.14
C ILE G 1199 72.90 -31.26 72.15
N LYS G 1200 72.55 -32.28 72.94
CA LYS G 1200 71.15 -32.62 73.20
C LYS G 1200 70.99 -33.14 74.64
N TRP G 1201 70.14 -32.47 75.42
CA TRP G 1201 69.96 -32.83 76.82
C TRP G 1201 68.95 -33.96 76.94
N TRP G 1202 69.37 -35.18 76.65
CA TRP G 1202 68.46 -36.33 76.73
C TRP G 1202 68.10 -36.68 78.18
N ASN G 1203 66.80 -36.71 78.46
CA ASN G 1203 66.33 -37.07 79.79
C ASN G 1203 66.82 -38.48 80.12
N VAL G 1204 67.29 -38.66 81.36
CA VAL G 1204 67.76 -39.97 81.75
C VAL G 1204 66.60 -40.95 81.76
N VAL G 1205 66.84 -42.14 81.20
CA VAL G 1205 65.83 -43.19 81.08
C VAL G 1205 64.57 -42.74 80.36
N THR G 1206 64.44 -43.17 79.11
CA THR G 1206 63.26 -42.93 78.27
C THR G 1206 63.02 -41.46 77.94
N GLY G 1207 63.07 -41.14 76.65
CA GLY G 1207 62.75 -39.81 76.17
C GLY G 1207 63.87 -38.81 76.34
N GLU G 1208 63.56 -37.54 76.13
CA GLU G 1208 64.56 -36.47 76.26
C GLU G 1208 64.01 -35.31 77.09
N SER G 1209 64.92 -34.57 77.71
CA SER G 1209 64.58 -33.33 78.39
C SER G 1209 64.85 -32.15 77.46
N SER G 1210 65.87 -31.35 77.76
CA SER G 1210 66.22 -30.21 76.92
C SER G 1210 67.15 -30.61 75.77
N GLN G 1211 66.60 -31.32 74.79
CA GLN G 1211 67.35 -31.76 73.62
C GLN G 1211 67.86 -30.62 72.74
N THR G 1212 67.01 -29.60 72.57
CA THR G 1212 67.17 -28.51 71.59
C THR G 1212 68.58 -28.14 71.09
N PHE G 1213 68.98 -26.91 71.35
CA PHE G 1213 70.28 -26.44 70.87
C PHE G 1213 70.48 -26.67 69.36
N TYR G 1214 71.61 -27.32 69.03
CA TYR G 1214 72.13 -27.42 67.68
C TYR G 1214 73.33 -26.49 67.57
N THR G 1215 74.53 -27.06 67.58
CA THR G 1215 75.76 -26.29 67.55
C THR G 1215 76.13 -25.77 66.16
N ASN G 1216 76.79 -24.62 66.12
CA ASN G 1216 77.27 -24.11 64.84
C ASN G 1216 78.43 -24.89 64.25
N GLY G 1217 79.44 -25.14 65.07
CA GLY G 1217 80.60 -25.91 64.67
C GLY G 1217 80.37 -27.40 64.46
N THR G 1218 79.63 -27.99 65.39
CA THR G 1218 79.43 -29.43 65.44
C THR G 1218 80.68 -30.06 66.04
N ASN G 1219 80.66 -31.38 66.21
CA ASN G 1219 81.87 -32.13 66.54
C ASN G 1219 82.66 -31.68 67.78
N LEU G 1220 81.95 -31.33 68.85
CA LEU G 1220 82.63 -31.01 70.10
C LEU G 1220 83.34 -32.26 70.62
N LYS G 1221 84.57 -32.09 71.10
CA LYS G 1221 85.32 -33.21 71.66
C LYS G 1221 85.67 -33.06 73.14
N LYS G 1222 85.13 -32.06 73.83
CA LYS G 1222 85.50 -31.90 75.25
C LYS G 1222 84.33 -31.46 76.13
N ILE G 1223 84.36 -31.83 77.40
CA ILE G 1223 83.30 -31.36 78.26
C ILE G 1223 83.89 -30.63 79.49
N HIS G 1224 83.40 -29.42 79.70
CA HIS G 1224 83.75 -28.63 80.87
C HIS G 1224 82.49 -28.26 81.64
N VAL G 1225 82.49 -28.52 82.94
CA VAL G 1225 81.36 -28.15 83.79
C VAL G 1225 81.80 -27.38 85.03
N SER G 1226 81.09 -26.30 85.35
CA SER G 1226 81.39 -25.55 86.56
C SER G 1226 80.92 -26.32 87.78
N PRO G 1227 81.65 -26.20 88.89
CA PRO G 1227 81.27 -26.89 90.13
C PRO G 1227 79.78 -26.77 90.34
N ASP G 1228 79.28 -25.56 90.16
CA ASP G 1228 77.84 -25.28 90.20
C ASP G 1228 77.14 -26.08 89.11
N PHE G 1229 77.80 -26.22 87.97
CA PHE G 1229 77.21 -26.92 86.83
C PHE G 1229 76.32 -25.99 86.01
N LYS G 1230 76.27 -24.72 86.39
CA LYS G 1230 75.45 -23.73 85.70
C LYS G 1230 75.88 -23.49 84.25
N THR G 1231 77.18 -23.40 83.99
CA THR G 1231 77.69 -23.06 82.66
C THR G 1231 78.68 -24.07 82.07
N TYR G 1232 78.36 -24.51 80.89
CA TYR G 1232 79.27 -25.29 80.06
C TYR G 1232 79.34 -24.60 78.70
N VAL G 1233 80.56 -24.35 78.23
CA VAL G 1233 80.74 -23.74 76.92
C VAL G 1233 81.49 -24.75 76.07
N THR G 1234 81.03 -25.00 74.84
CA THR G 1234 81.71 -25.95 73.96
C THR G 1234 82.29 -25.19 72.77
N VAL G 1235 83.53 -25.52 72.39
CA VAL G 1235 84.03 -25.14 71.09
C VAL G 1235 84.18 -26.42 70.27
N ASP G 1236 83.44 -26.52 69.17
CA ASP G 1236 83.48 -27.70 68.32
C ASP G 1236 83.79 -27.37 66.86
N ASN G 1237 84.72 -28.12 66.27
CA ASN G 1237 85.00 -28.01 64.85
C ASN G 1237 85.64 -26.68 64.52
N LEU G 1238 86.09 -25.98 65.55
CA LEU G 1238 86.72 -24.68 65.38
C LEU G 1238 85.68 -23.64 65.03
N GLY G 1239 84.41 -23.99 65.22
CA GLY G 1239 83.32 -23.07 64.91
C GLY G 1239 83.56 -21.83 65.72
N ILE G 1240 83.96 -22.05 66.96
CA ILE G 1240 84.28 -21.00 67.94
C ILE G 1240 83.99 -21.61 69.31
N LEU G 1241 84.19 -20.83 70.36
CA LEU G 1241 83.78 -21.32 71.70
C LEU G 1241 82.39 -20.73 72.01
N TYR G 1242 81.44 -21.55 72.46
CA TYR G 1242 80.08 -21.08 72.81
C TYR G 1242 79.87 -21.21 74.34
N ILE G 1243 79.41 -20.16 75.02
CA ILE G 1243 79.18 -20.21 76.48
C ILE G 1243 77.67 -20.19 76.77
N LEU G 1244 77.22 -21.06 77.68
CA LEU G 1244 75.82 -21.11 78.07
C LEU G 1244 75.61 -20.71 79.54
N GLN G 1245 74.65 -19.83 79.79
CA GLN G 1245 74.35 -19.37 81.14
C GLN G 1245 72.84 -19.27 81.36
N THR G 1246 72.20 -20.41 81.58
CA THR G 1246 70.76 -20.45 81.82
C THR G 1246 70.32 -19.35 82.78
N LEU G 1247 69.13 -18.83 82.56
CA LEU G 1247 68.59 -17.77 83.41
C LEU G 1247 67.51 -18.31 84.35
N GLU G 1248 66.57 -17.45 84.73
CA GLU G 1248 65.49 -17.83 85.62
C GLU G 1248 64.32 -18.43 84.85
N GLY H 2 86.49 -63.64 49.10
CA GLY H 2 86.51 -62.76 47.92
C GLY H 2 87.33 -63.16 46.73
N ASP H 3 86.98 -62.57 45.59
CA ASP H 3 87.79 -62.67 44.39
C ASP H 3 88.99 -61.69 44.42
N VAL H 4 90.16 -62.26 44.70
CA VAL H 4 91.40 -61.49 44.87
C VAL H 4 91.74 -60.68 43.62
N GLU H 5 91.51 -61.28 42.44
CA GLU H 5 91.80 -60.62 41.19
C GLU H 5 90.94 -59.37 41.01
N LYS H 6 89.65 -59.46 41.31
CA LYS H 6 88.76 -58.29 41.23
C LYS H 6 89.13 -57.28 42.29
N GLY H 7 89.44 -57.80 43.49
CA GLY H 7 89.91 -56.95 44.58
C GLY H 7 91.12 -56.10 44.15
N LYS H 8 92.05 -56.74 43.46
CA LYS H 8 93.22 -56.05 42.92
C LYS H 8 92.79 -54.92 41.99
N LYS H 9 91.88 -55.22 41.07
CA LYS H 9 91.36 -54.21 40.16
C LYS H 9 90.81 -53.02 40.94
N ILE H 10 89.98 -53.36 41.94
CA ILE H 10 89.39 -52.29 42.76
C ILE H 10 90.48 -51.48 43.45
N PHE H 11 91.48 -52.16 44.01
CA PHE H 11 92.58 -51.44 44.64
C PHE H 11 93.31 -50.49 43.68
N VAL H 12 93.59 -51.02 42.48
CA VAL H 12 94.28 -50.26 41.45
C VAL H 12 93.43 -49.05 41.08
N GLN H 13 92.14 -49.27 40.85
CA GLN H 13 91.19 -48.20 40.50
C GLN H 13 90.89 -47.13 41.56
N LYS H 14 90.74 -47.55 42.81
CA LYS H 14 90.19 -46.74 43.84
C LYS H 14 91.13 -46.44 45.04
N CYS H 15 92.23 -47.15 45.20
CA CYS H 15 93.09 -46.96 46.38
C CYS H 15 94.54 -46.61 46.06
N ALA H 16 95.01 -47.07 44.90
CA ALA H 16 96.41 -46.96 44.55
C ALA H 16 96.89 -45.52 44.37
N GLN H 17 95.99 -44.65 43.97
CA GLN H 17 96.35 -43.25 43.84
C GLN H 17 96.75 -42.59 45.17
N CYS H 18 96.35 -43.17 46.32
CA CYS H 18 96.79 -42.64 47.61
C CYS H 18 97.51 -43.67 48.50
N HIS H 19 97.61 -44.93 48.11
CA HIS H 19 98.24 -45.90 49.00
C HIS H 19 98.97 -47.05 48.33
N THR H 20 100.14 -47.39 48.86
CA THR H 20 100.85 -48.62 48.45
C THR H 20 100.54 -49.77 49.42
N VAL H 21 100.70 -51.00 48.94
CA VAL H 21 100.51 -52.19 49.76
C VAL H 21 101.79 -53.00 49.94
N GLU H 22 102.81 -52.73 49.12
CA GLU H 22 104.07 -53.49 49.17
C GLU H 22 104.94 -53.03 50.33
N LYS H 23 105.71 -53.98 50.83
CA LYS H 23 106.66 -53.77 51.87
C LYS H 23 107.66 -52.73 51.49
N GLY H 24 107.88 -51.77 52.37
CA GLY H 24 108.73 -50.64 52.06
C GLY H 24 108.20 -49.71 50.97
N GLY H 25 107.00 -49.96 50.45
CA GLY H 25 106.35 -49.01 49.52
C GLY H 25 106.22 -47.65 50.21
N LYS H 26 106.35 -46.59 49.42
CA LYS H 26 106.43 -45.23 49.97
C LYS H 26 105.09 -44.76 50.47
N HIS H 27 105.12 -43.84 51.43
CA HIS H 27 103.87 -43.19 51.82
C HIS H 27 103.53 -42.24 50.65
N LYS H 28 102.30 -42.29 50.20
CA LYS H 28 101.80 -41.35 49.24
C LYS H 28 100.89 -40.40 50.06
N THR H 29 99.77 -39.94 49.50
CA THR H 29 98.83 -39.13 50.27
C THR H 29 98.40 -39.87 51.54
N GLY H 30 98.14 -41.16 51.39
CA GLY H 30 97.86 -42.03 52.52
C GLY H 30 99.01 -42.94 52.91
N PRO H 31 98.93 -43.54 54.08
CA PRO H 31 99.92 -44.44 54.60
C PRO H 31 100.05 -45.75 53.83
N ASN H 32 101.25 -46.31 53.85
CA ASN H 32 101.48 -47.65 53.29
C ASN H 32 100.65 -48.61 54.09
N LEU H 33 100.00 -49.54 53.39
CA LEU H 33 99.10 -50.49 54.00
C LEU H 33 99.73 -51.85 54.27
N HIS H 34 101.02 -52.02 54.00
CA HIS H 34 101.64 -53.32 54.33
C HIS H 34 101.56 -53.58 55.84
N GLY H 35 101.16 -54.80 56.20
CA GLY H 35 101.00 -55.18 57.60
C GLY H 35 99.73 -54.66 58.26
N LEU H 36 98.77 -54.20 57.45
CA LEU H 36 97.56 -53.58 57.97
C LEU H 36 96.72 -54.48 58.90
N PHE H 37 96.58 -55.73 58.53
CA PHE H 37 95.69 -56.64 59.25
C PHE H 37 96.26 -57.00 60.60
N GLY H 38 95.43 -56.84 61.63
CA GLY H 38 95.85 -57.11 63.01
C GLY H 38 96.59 -55.93 63.62
N ARG H 39 96.59 -54.79 62.95
CA ARG H 39 97.29 -53.63 63.48
C ARG H 39 96.25 -52.60 63.92
N LYS H 40 96.55 -51.87 64.97
CA LYS H 40 95.67 -50.80 65.45
C LYS H 40 95.69 -49.57 64.53
N THR H 41 94.58 -48.85 64.47
CA THR H 41 94.53 -47.61 63.70
C THR H 41 95.69 -46.66 64.02
N GLY H 42 96.18 -45.99 63.00
CA GLY H 42 97.12 -44.88 63.20
C GLY H 42 98.54 -45.26 63.57
N GLN H 43 98.99 -46.43 63.13
CA GLN H 43 100.29 -46.92 63.59
C GLN H 43 101.39 -47.02 62.55
N ALA H 44 101.13 -46.76 61.27
CA ALA H 44 102.20 -46.86 60.28
C ALA H 44 103.29 -45.86 60.76
N PRO H 45 104.49 -46.35 61.13
CA PRO H 45 105.49 -45.38 61.54
C PRO H 45 105.85 -44.57 60.32
N GLY H 46 106.14 -43.31 60.53
CA GLY H 46 106.48 -42.44 59.39
C GLY H 46 105.32 -41.81 58.64
N PHE H 47 104.08 -42.13 59.01
CA PHE H 47 102.93 -41.37 58.53
C PHE H 47 102.31 -40.50 59.63
N THR H 48 101.97 -39.28 59.25
CA THR H 48 101.35 -38.30 60.13
C THR H 48 99.87 -38.36 59.92
N TYR H 49 99.18 -38.96 60.89
CA TYR H 49 97.74 -39.13 60.80
C TYR H 49 97.01 -37.94 61.40
N THR H 50 95.73 -37.81 61.12
CA THR H 50 94.88 -36.98 61.96
C THR H 50 94.78 -37.61 63.35
N ASP H 51 94.47 -36.78 64.34
CA ASP H 51 94.14 -37.25 65.66
C ASP H 51 92.95 -38.23 65.66
N ALA H 52 91.97 -37.99 64.80
CA ALA H 52 90.84 -38.91 64.71
C ALA H 52 91.31 -40.35 64.32
N ASN H 53 92.06 -40.44 63.23
CA ASN H 53 92.57 -41.74 62.77
C ASN H 53 93.55 -42.30 63.80
N LYS H 54 94.36 -41.42 64.37
CA LYS H 54 95.35 -41.82 65.36
C LYS H 54 94.74 -42.34 66.66
N ASN H 55 93.53 -41.90 66.98
CA ASN H 55 92.91 -42.31 68.24
C ASN H 55 91.61 -43.09 68.08
N LYS H 56 91.26 -43.52 66.86
CA LYS H 56 90.06 -44.35 66.68
C LYS H 56 90.06 -45.59 67.60
N GLY H 57 91.23 -46.17 67.84
CA GLY H 57 91.36 -47.23 68.82
C GLY H 57 90.78 -48.58 68.42
N ILE H 58 90.74 -48.89 67.13
CA ILE H 58 90.31 -50.20 66.68
C ILE H 58 91.45 -50.95 65.97
N THR H 59 91.25 -52.26 65.82
CA THR H 59 92.19 -53.13 65.12
C THR H 59 91.66 -53.38 63.74
N TRP H 60 92.52 -53.16 62.73
CA TRP H 60 92.11 -53.41 61.36
C TRP H 60 92.01 -54.90 61.13
N LYS H 61 90.86 -55.33 60.61
CA LYS H 61 90.62 -56.73 60.28
C LYS H 61 89.40 -56.68 59.39
N GLU H 62 88.93 -57.82 58.98
CA GLU H 62 87.87 -57.88 58.00
C GLU H 62 86.61 -57.14 58.41
N GLU H 63 86.17 -57.37 59.65
CA GLU H 63 84.94 -56.79 60.19
C GLU H 63 85.08 -55.27 60.18
N THR H 64 86.18 -54.76 60.73
CA THR H 64 86.37 -53.31 60.82
C THR H 64 86.56 -52.67 59.44
N LEU H 65 87.29 -53.34 58.56
CA LEU H 65 87.45 -52.88 57.19
C LEU H 65 86.12 -52.86 56.41
N MET H 66 85.29 -53.89 56.58
CA MET H 66 83.99 -53.97 55.93
C MET H 66 83.16 -52.74 56.28
N GLU H 67 83.17 -52.36 57.55
CA GLU H 67 82.43 -51.17 58.02
C GLU H 67 83.10 -49.87 57.54
N TYR H 68 84.40 -49.73 57.79
CA TYR H 68 85.14 -48.54 57.31
C TYR H 68 84.93 -48.22 55.85
N LEU H 69 85.19 -49.24 55.02
CA LEU H 69 85.18 -49.04 53.56
C LEU H 69 83.81 -48.73 52.98
N GLU H 70 82.76 -49.06 53.70
CA GLU H 70 81.42 -48.66 53.33
C GLU H 70 81.28 -47.15 53.47
N ASN H 71 81.92 -46.56 54.48
CA ASN H 71 81.80 -45.10 54.65
C ASN H 71 82.85 -44.61 55.63
N PRO H 72 84.06 -44.34 55.12
CA PRO H 72 85.16 -43.92 55.99
C PRO H 72 84.82 -42.75 56.94
N LYS H 73 84.17 -41.70 56.45
CA LYS H 73 83.94 -40.52 57.29
C LYS H 73 83.08 -40.84 58.51
N LYS H 74 82.06 -41.66 58.30
CA LYS H 74 81.17 -42.12 59.34
C LYS H 74 81.92 -42.95 60.38
N TYR H 75 82.83 -43.84 59.93
CA TYR H 75 83.60 -44.67 60.87
C TYR H 75 84.70 -43.89 61.58
N ILE H 76 85.34 -42.94 60.90
CA ILE H 76 86.37 -42.09 61.51
C ILE H 76 86.11 -40.64 61.12
N PRO H 77 85.12 -40.01 61.81
CA PRO H 77 84.77 -38.64 61.53
C PRO H 77 85.99 -37.80 61.68
N GLY H 78 86.17 -36.89 60.74
CA GLY H 78 87.34 -36.04 60.72
C GLY H 78 88.55 -36.68 60.03
N THR H 79 88.48 -37.93 59.55
CA THR H 79 89.60 -38.42 58.75
C THR H 79 89.92 -37.49 57.57
N LYS H 80 91.19 -37.36 57.23
CA LYS H 80 91.55 -36.60 55.98
C LYS H 80 91.60 -37.49 54.72
N MET H 81 91.25 -38.75 54.87
CA MET H 81 91.11 -39.62 53.70
C MET H 81 89.84 -39.23 52.95
N ILE H 82 89.97 -38.90 51.67
CA ILE H 82 88.82 -38.63 50.81
C ILE H 82 88.43 -39.93 50.08
N PHE H 83 87.28 -40.50 50.46
CA PHE H 83 86.75 -41.66 49.81
C PHE H 83 85.28 -41.77 50.16
N ALA H 84 84.39 -41.81 49.17
CA ALA H 84 82.94 -41.87 49.47
C ALA H 84 82.60 -43.17 50.21
N GLY H 85 83.06 -44.27 49.64
CA GLY H 85 82.81 -45.61 50.19
C GLY H 85 82.37 -46.56 49.10
N ILE H 86 82.58 -47.86 49.33
CA ILE H 86 82.17 -48.89 48.40
C ILE H 86 80.82 -49.43 48.91
N LYS H 87 79.76 -49.12 48.19
CA LYS H 87 78.41 -49.41 48.68
C LYS H 87 78.10 -50.91 48.53
N LYS H 88 78.61 -51.56 47.47
CA LYS H 88 78.34 -53.00 47.25
C LYS H 88 79.19 -53.91 48.13
N LYS H 89 78.56 -54.81 48.88
CA LYS H 89 79.27 -55.71 49.76
C LYS H 89 80.26 -56.61 49.01
N THR H 90 79.83 -57.14 47.87
CA THR H 90 80.68 -58.07 47.09
C THR H 90 82.05 -57.47 46.76
N GLU H 91 82.02 -56.25 46.24
CA GLU H 91 83.21 -55.48 45.92
C GLU H 91 84.08 -55.23 47.17
N ARG H 92 83.44 -54.87 48.28
CA ARG H 92 84.13 -54.72 49.56
C ARG H 92 84.85 -56.00 49.98
N GLU H 93 84.12 -57.12 49.88
CA GLU H 93 84.73 -58.43 50.19
C GLU H 93 85.89 -58.73 49.27
N ASP H 94 85.72 -58.46 47.98
CA ASP H 94 86.81 -58.69 47.01
C ASP H 94 88.06 -57.85 47.34
N LEU H 95 87.85 -56.56 47.56
CA LEU H 95 88.94 -55.65 47.89
C LEU H 95 89.62 -56.10 49.17
N ILE H 96 88.80 -56.41 50.18
CA ILE H 96 89.36 -56.84 51.48
C ILE H 96 90.16 -58.15 51.34
N ALA H 97 89.63 -59.09 50.55
CA ALA H 97 90.38 -60.30 50.27
C ALA H 97 91.69 -59.99 49.54
N TYR H 98 91.64 -59.09 48.55
CA TYR H 98 92.90 -58.73 47.90
C TYR H 98 93.91 -58.12 48.93
N LEU H 99 93.45 -57.15 49.73
CA LEU H 99 94.34 -56.49 50.71
C LEU H 99 94.91 -57.49 51.72
N LYS H 100 94.08 -58.43 52.13
CA LYS H 100 94.56 -59.45 53.05
C LYS H 100 95.75 -60.22 52.48
N LYS H 101 95.71 -60.53 51.18
CA LYS H 101 96.82 -61.19 50.55
C LYS H 101 97.98 -60.25 50.36
N ALA H 102 97.74 -59.12 49.71
CA ALA H 102 98.85 -58.30 49.27
C ALA H 102 99.59 -57.64 50.45
N THR H 103 98.86 -57.24 51.49
CA THR H 103 99.51 -56.53 52.60
C THR H 103 100.30 -57.43 53.52
N ASN H 104 100.27 -58.74 53.29
CA ASN H 104 101.15 -59.64 54.03
C ASN H 104 102.34 -60.01 53.15
N GLU H 105 102.04 -60.43 51.92
CA GLU H 105 103.06 -60.81 50.96
C GLU H 105 104.39 -60.10 51.26
N GLY I 105 16.65 -52.99 14.79
CA GLY I 105 17.47 -52.80 13.61
C GLY I 105 16.80 -51.94 12.57
N ILE I 106 17.14 -50.65 12.55
CA ILE I 106 16.61 -49.73 11.56
C ILE I 106 17.08 -50.11 10.16
N THR I 107 16.16 -50.18 9.21
CA THR I 107 16.56 -50.32 7.81
C THR I 107 17.10 -48.97 7.35
N SER I 108 17.96 -48.98 6.34
CA SER I 108 18.46 -47.73 5.81
C SER I 108 17.29 -46.94 5.26
N TYR I 109 16.37 -47.66 4.61
CA TYR I 109 15.22 -47.05 3.98
C TYR I 109 14.34 -46.36 5.01
N VAL I 110 14.13 -47.01 6.15
CA VAL I 110 13.27 -46.43 7.17
C VAL I 110 13.72 -45.02 7.49
N ARG I 111 15.03 -44.83 7.65
CA ARG I 111 15.58 -43.53 7.96
C ARG I 111 15.30 -42.52 6.85
N THR I 112 15.31 -43.00 5.61
CA THR I 112 15.05 -42.14 4.46
C THR I 112 13.62 -41.65 4.46
N VAL I 113 12.66 -42.53 4.76
CA VAL I 113 11.27 -42.08 4.87
C VAL I 113 11.10 -41.13 6.06
N LEU I 114 11.73 -41.51 7.16
CA LEU I 114 11.61 -40.76 8.39
C LEU I 114 12.20 -39.37 8.25
N CYS I 115 13.30 -39.24 7.52
CA CYS I 115 13.91 -37.93 7.34
C CYS I 115 12.94 -37.02 6.63
N GLU I 116 12.27 -37.55 5.61
CA GLU I 116 11.30 -36.77 4.85
C GLU I 116 10.16 -36.36 5.75
N GLY I 117 9.75 -37.29 6.61
CA GLY I 117 8.69 -37.02 7.56
C GLY I 117 9.04 -35.91 8.52
N GLY I 118 10.29 -35.89 8.97
CA GLY I 118 10.74 -34.88 9.91
C GLY I 118 10.63 -35.18 11.40
N VAL I 119 10.20 -36.38 11.75
CA VAL I 119 10.24 -36.81 13.14
C VAL I 119 11.66 -36.69 13.67
N PRO I 120 11.79 -36.24 14.93
CA PRO I 120 13.11 -36.19 15.54
C PRO I 120 13.71 -37.59 15.68
N GLN I 121 15.02 -37.68 15.56
CA GLN I 121 15.72 -38.94 15.83
C GLN I 121 15.77 -39.15 17.35
N ARG I 122 15.61 -40.40 17.78
CA ARG I 122 15.57 -40.71 19.20
C ARG I 122 16.84 -40.27 19.91
N PRO I 123 16.72 -39.83 21.16
CA PRO I 123 17.90 -39.39 21.91
C PRO I 123 18.89 -40.53 21.99
N VAL I 124 20.19 -40.21 21.96
CA VAL I 124 21.21 -41.24 21.94
C VAL I 124 21.13 -42.08 23.21
N VAL I 125 20.73 -41.46 24.32
CA VAL I 125 20.60 -42.20 25.57
C VAL I 125 19.16 -42.64 25.82
N PHE I 126 18.71 -43.70 25.14
CA PHE I 126 17.33 -44.16 25.30
C PHE I 126 17.23 -45.63 25.70
N VAL I 127 16.05 -46.06 26.15
CA VAL I 127 15.86 -47.45 26.52
C VAL I 127 14.48 -47.92 26.14
N THR I 128 14.41 -48.76 25.10
CA THR I 128 13.16 -49.25 24.56
C THR I 128 12.15 -49.60 25.63
N ARG I 129 10.87 -49.49 25.30
CA ARG I 129 9.84 -49.92 26.22
C ARG I 129 9.07 -50.87 25.35
N LYS I 130 9.54 -52.10 25.27
CA LYS I 130 9.07 -52.96 24.22
C LYS I 130 7.58 -53.15 24.34
N LYS I 131 7.08 -53.40 25.55
CA LYS I 131 5.67 -53.71 25.67
C LYS I 131 4.84 -52.53 25.20
N LEU I 132 5.19 -51.33 25.65
CA LEU I 132 4.40 -50.17 25.29
C LEU I 132 4.46 -49.89 23.80
N VAL I 133 5.65 -49.99 23.23
CA VAL I 133 5.80 -49.65 21.83
C VAL I 133 4.98 -50.63 21.04
N ASN I 134 5.04 -51.87 21.47
CA ASN I 134 4.34 -52.94 20.80
C ASN I 134 2.86 -52.70 20.86
N ALA I 135 2.38 -52.21 22.00
CA ALA I 135 0.95 -52.02 22.11
C ALA I 135 0.52 -50.92 21.18
N ILE I 136 1.24 -49.80 21.16
CA ILE I 136 0.77 -48.70 20.33
C ILE I 136 0.79 -49.18 18.90
N GLN I 137 1.87 -49.84 18.52
CA GLN I 137 2.07 -50.26 17.13
C GLN I 137 1.00 -51.24 16.67
N GLN I 138 0.62 -52.16 17.54
CA GLN I 138 -0.37 -53.16 17.18
C GLN I 138 -1.71 -52.47 17.06
N LYS I 139 -1.99 -51.60 18.03
CA LYS I 139 -3.18 -50.79 18.00
C LYS I 139 -3.08 -49.86 16.82
N LEU I 140 -1.88 -49.31 16.62
CA LEU I 140 -1.75 -48.30 15.59
C LEU I 140 -2.08 -48.98 14.27
N SER I 141 -1.78 -50.26 14.22
CA SER I 141 -2.04 -51.09 13.05
C SER I 141 -3.53 -51.20 12.77
N LYS I 142 -4.32 -51.03 13.83
CA LYS I 142 -5.73 -51.39 13.84
C LYS I 142 -6.57 -50.64 12.84
N LEU I 143 -6.34 -49.35 12.69
CA LEU I 143 -7.09 -48.58 11.72
C LEU I 143 -6.41 -48.80 10.39
N LYS I 144 -6.53 -50.00 9.87
CA LYS I 144 -5.86 -50.37 8.63
C LYS I 144 -6.23 -49.40 7.51
N GLY I 145 -7.47 -48.93 7.54
CA GLY I 145 -7.96 -48.00 6.55
C GLY I 145 -9.07 -47.17 7.14
N GLU I 146 -9.53 -46.17 6.38
CA GLU I 146 -10.58 -45.30 6.86
C GLU I 146 -10.08 -44.47 8.04
N PRO I 147 -10.49 -43.21 8.08
CA PRO I 147 -10.06 -42.29 9.13
C PRO I 147 -9.81 -42.97 10.48
N GLY I 148 -9.40 -42.19 11.48
CA GLY I 148 -9.15 -42.73 12.80
C GLY I 148 -8.14 -41.92 13.58
N TRP I 149 -8.38 -41.77 14.88
CA TRP I 149 -7.49 -41.01 15.74
C TRP I 149 -7.01 -41.84 16.92
N VAL I 150 -5.75 -41.64 17.30
CA VAL I 150 -5.16 -42.36 18.43
C VAL I 150 -4.69 -41.28 19.39
N THR I 151 -4.96 -41.38 20.69
CA THR I 151 -4.54 -40.37 21.68
C THR I 151 -3.56 -41.09 22.59
N ILE I 152 -2.45 -40.49 22.99
CA ILE I 152 -1.55 -41.13 23.96
C ILE I 152 -1.38 -40.15 25.11
N HIS I 153 -1.54 -40.51 26.38
CA HIS I 153 -1.33 -39.49 27.45
C HIS I 153 -0.74 -39.87 28.80
N GLY I 154 -0.14 -38.89 29.46
CA GLY I 154 0.55 -39.14 30.71
C GLY I 154 0.81 -37.84 31.43
N MET I 155 1.18 -37.94 32.70
CA MET I 155 1.56 -36.77 33.45
C MET I 155 2.85 -36.34 32.81
N ALA I 156 3.24 -35.08 33.00
CA ALA I 156 4.31 -34.51 32.21
C ALA I 156 5.60 -35.30 32.32
N GLY I 157 6.20 -35.53 31.16
CA GLY I 157 7.45 -36.22 31.01
C GLY I 157 7.34 -37.69 31.31
N CYS I 158 6.49 -38.38 30.54
CA CYS I 158 6.28 -39.81 30.72
C CYS I 158 6.83 -40.64 29.57
N GLY I 159 7.60 -40.00 28.69
CA GLY I 159 8.07 -40.65 27.49
C GLY I 159 7.07 -40.64 26.38
N LYS I 160 6.10 -39.72 26.46
CA LYS I 160 5.02 -39.68 25.52
C LYS I 160 5.44 -39.44 24.07
N SER I 161 6.30 -38.46 23.80
CA SER I 161 6.78 -38.25 22.43
C SER I 161 7.69 -39.34 21.93
N VAL I 162 8.61 -39.74 22.78
CA VAL I 162 9.65 -40.65 22.34
C VAL I 162 8.99 -41.92 21.89
N LEU I 163 7.96 -42.34 22.60
CA LEU I 163 7.25 -43.53 22.18
C LEU I 163 6.66 -43.31 20.80
N ALA I 164 6.10 -42.13 20.57
CA ALA I 164 5.49 -41.88 19.28
C ALA I 164 6.55 -41.97 18.22
N ALA I 165 7.70 -41.38 18.47
CA ALA I 165 8.80 -41.46 17.54
C ALA I 165 9.28 -42.88 17.39
N GLU I 166 9.40 -43.57 18.53
CA GLU I 166 9.86 -44.95 18.58
C GLU I 166 8.93 -45.96 17.88
N ALA I 167 7.62 -45.81 18.08
CA ALA I 167 6.66 -46.72 17.48
C ALA I 167 6.81 -46.77 15.98
N VAL I 168 6.97 -45.60 15.37
CA VAL I 168 7.05 -45.52 13.93
C VAL I 168 8.47 -45.86 13.48
N ARG I 169 9.38 -45.92 14.45
CA ARG I 169 10.81 -46.11 14.16
C ARG I 169 11.08 -47.42 13.44
N ASP I 170 10.26 -48.42 13.78
CA ASP I 170 10.28 -49.77 13.18
C ASP I 170 9.79 -49.85 11.73
N HIS I 171 10.45 -50.71 10.96
CA HIS I 171 10.06 -51.05 9.58
C HIS I 171 8.74 -51.82 9.34
N SER I 172 8.47 -52.84 10.16
CA SER I 172 7.40 -53.77 9.83
C SER I 172 6.01 -53.13 9.77
N LEU I 173 5.63 -52.48 10.86
CA LEU I 173 4.34 -51.85 10.93
C LEU I 173 4.25 -50.74 9.90
N LEU I 174 5.29 -49.93 9.83
CA LEU I 174 5.27 -48.81 8.90
C LEU I 174 5.29 -49.19 7.43
N GLU I 175 6.19 -50.09 7.05
CA GLU I 175 6.38 -50.35 5.63
C GLU I 175 5.22 -51.06 4.93
N GLY I 176 4.75 -52.16 5.51
CA GLY I 176 3.65 -52.88 4.91
C GLY I 176 2.36 -52.10 5.01
N CYS I 177 2.13 -51.58 6.20
CA CYS I 177 0.93 -50.82 6.52
C CYS I 177 0.81 -49.47 5.83
N PHE I 178 1.93 -48.74 5.74
CA PHE I 178 1.84 -47.31 5.47
C PHE I 178 2.58 -46.87 4.20
N PRO I 179 2.05 -47.19 3.04
CA PRO I 179 2.66 -46.76 1.78
C PRO I 179 2.84 -45.25 1.77
N GLY I 180 1.95 -44.53 2.41
CA GLY I 180 2.10 -43.10 2.55
C GLY I 180 3.20 -42.79 3.54
N GLY I 181 3.84 -41.65 3.40
CA GLY I 181 4.99 -41.32 4.23
C GLY I 181 4.36 -40.89 5.53
N VAL I 182 5.16 -40.63 6.57
CA VAL I 182 4.70 -40.13 7.87
C VAL I 182 5.02 -38.65 7.98
N HIS I 183 4.08 -37.83 8.43
CA HIS I 183 4.37 -36.41 8.60
C HIS I 183 4.17 -36.08 10.06
N TRP I 184 5.07 -35.32 10.65
CA TRP I 184 5.03 -35.03 12.08
C TRP I 184 4.71 -33.56 12.16
N VAL I 185 3.80 -33.13 13.02
CA VAL I 185 3.62 -31.71 13.21
C VAL I 185 3.76 -31.36 14.66
N SER I 186 4.55 -30.34 14.97
CA SER I 186 4.70 -29.93 16.37
C SER I 186 3.71 -28.83 16.75
N VAL I 187 2.50 -29.19 17.16
CA VAL I 187 1.48 -28.19 17.44
C VAL I 187 1.73 -27.21 18.57
N GLY I 188 2.27 -27.69 19.69
CA GLY I 188 2.48 -26.82 20.83
C GLY I 188 1.18 -26.28 21.39
N LYS I 189 1.22 -25.05 21.93
CA LYS I 189 0.03 -24.40 22.48
C LYS I 189 -0.22 -23.15 21.65
N GLN I 190 -1.44 -22.89 21.20
CA GLN I 190 -1.59 -21.81 20.24
C GLN I 190 -2.85 -20.94 20.37
N ASP I 191 -2.65 -19.64 20.21
CA ASP I 191 -3.71 -18.66 19.99
C ASP I 191 -4.14 -18.89 18.57
N LYS I 192 -5.29 -18.35 18.19
CA LYS I 192 -5.90 -18.67 16.91
C LYS I 192 -4.98 -18.30 15.77
N SER I 193 -4.30 -17.15 15.91
CA SER I 193 -3.42 -16.67 14.86
C SER I 193 -2.22 -17.59 14.68
N GLY I 194 -1.66 -18.03 15.80
CA GLY I 194 -0.48 -18.87 15.75
C GLY I 194 -0.77 -20.17 15.05
N LEU I 195 -1.95 -20.72 15.33
CA LEU I 195 -2.35 -21.99 14.78
C LEU I 195 -2.38 -21.87 13.28
N LEU I 196 -2.77 -20.71 12.80
CA LEU I 196 -2.97 -20.54 11.38
C LEU I 196 -1.68 -20.82 10.64
N MET I 197 -0.57 -20.31 11.16
CA MET I 197 0.70 -20.43 10.46
C MET I 197 1.14 -21.89 10.29
N LYS I 198 0.91 -22.69 11.33
CA LYS I 198 1.36 -24.07 11.29
C LYS I 198 0.70 -24.73 10.11
N LEU I 199 -0.55 -24.38 9.88
CA LEU I 199 -1.30 -24.98 8.79
C LEU I 199 -0.67 -24.66 7.45
N GLN I 200 -0.34 -23.40 7.24
CA GLN I 200 0.26 -23.00 5.99
C GLN I 200 1.58 -23.74 5.85
N ASN I 201 2.33 -23.84 6.94
CA ASN I 201 3.62 -24.49 6.90
C ASN I 201 3.48 -25.96 6.53
N LEU I 202 2.44 -26.60 7.04
CA LEU I 202 2.18 -27.98 6.67
C LEU I 202 1.77 -28.07 5.21
N CYS I 203 1.13 -27.02 4.73
CA CYS I 203 0.75 -26.92 3.34
C CYS I 203 1.99 -26.91 2.45
N THR I 204 2.92 -26.03 2.79
CA THR I 204 4.16 -25.92 2.05
C THR I 204 4.96 -27.21 2.15
N ARG I 205 4.95 -27.83 3.32
CA ARG I 205 5.72 -29.06 3.47
C ARG I 205 5.20 -30.19 2.60
N LEU I 206 3.89 -30.40 2.65
CA LEU I 206 3.26 -31.49 1.93
C LEU I 206 3.33 -31.38 0.42
N ASP I 207 3.12 -30.17 -0.08
CA ASP I 207 3.18 -29.90 -1.51
C ASP I 207 4.60 -29.58 -1.95
N GLN I 208 5.45 -30.60 -2.04
CA GLN I 208 6.82 -30.40 -2.48
C GLN I 208 6.90 -30.02 -3.97
N ASP I 209 5.97 -30.57 -4.76
CA ASP I 209 5.92 -30.33 -6.19
C ASP I 209 5.61 -28.87 -6.49
N GLU I 210 4.70 -28.29 -5.70
CA GLU I 210 4.28 -26.92 -5.90
C GLU I 210 3.21 -26.77 -6.98
N SER I 211 2.71 -27.90 -7.47
CA SER I 211 1.69 -27.89 -8.50
C SER I 211 0.49 -27.09 -8.02
N PHE I 212 0.16 -27.25 -6.75
CA PHE I 212 -0.94 -26.50 -6.14
C PHE I 212 -0.52 -25.05 -6.01
N SER I 213 -1.52 -24.17 -5.94
CA SER I 213 -1.29 -22.73 -5.95
C SER I 213 -0.21 -22.30 -4.96
N GLN I 214 0.72 -21.48 -5.44
CA GLN I 214 1.76 -20.95 -4.56
C GLN I 214 1.14 -20.08 -3.49
N ARG I 215 0.04 -19.44 -3.81
CA ARG I 215 -0.68 -18.62 -2.84
C ARG I 215 -1.15 -19.51 -1.70
N LEU I 216 -1.11 -18.97 -0.48
CA LEU I 216 -1.48 -19.74 0.68
C LEU I 216 -2.82 -19.23 1.19
N PRO I 217 -3.65 -20.13 1.73
CA PRO I 217 -4.95 -19.74 2.26
C PRO I 217 -4.84 -18.77 3.44
N LEU I 218 -5.75 -17.82 3.52
CA LEU I 218 -5.81 -16.94 4.68
C LEU I 218 -6.85 -17.44 5.66
N ASN I 219 -7.55 -18.51 5.27
CA ASN I 219 -8.62 -19.11 6.06
C ASN I 219 -8.32 -20.56 6.46
N ILE I 220 -8.58 -20.87 7.73
CA ILE I 220 -8.22 -22.16 8.30
C ILE I 220 -8.83 -23.30 7.51
N GLU I 221 -10.11 -23.16 7.21
CA GLU I 221 -10.86 -24.21 6.52
C GLU I 221 -10.25 -24.51 5.15
N GLU I 222 -9.82 -23.47 4.46
CA GLU I 222 -9.23 -23.64 3.14
C GLU I 222 -7.98 -24.49 3.26
N ALA I 223 -7.24 -24.29 4.34
CA ALA I 223 -6.07 -25.08 4.63
C ALA I 223 -6.49 -26.51 4.93
N LYS I 224 -7.65 -26.65 5.56
CA LYS I 224 -8.20 -27.95 5.87
C LYS I 224 -8.48 -28.69 4.56
N ASP I 225 -8.94 -27.93 3.57
CA ASP I 225 -9.24 -28.49 2.26
C ASP I 225 -7.95 -28.93 1.58
N ARG I 226 -6.93 -28.08 1.61
CA ARG I 226 -5.64 -28.41 1.04
C ARG I 226 -5.03 -29.64 1.69
N LEU I 227 -5.30 -29.83 2.98
CA LEU I 227 -4.76 -30.98 3.69
C LEU I 227 -5.48 -32.25 3.29
N ARG I 228 -6.81 -32.17 3.29
CA ARG I 228 -7.65 -33.31 3.01
C ARG I 228 -7.39 -33.79 1.61
N ILE I 229 -7.35 -32.84 0.68
CA ILE I 229 -7.15 -33.13 -0.73
C ILE I 229 -5.78 -33.70 -0.99
N LEU I 230 -4.78 -33.10 -0.34
CA LEU I 230 -3.39 -33.56 -0.42
C LEU I 230 -3.22 -34.95 0.18
N MET I 231 -3.86 -35.17 1.32
CA MET I 231 -3.85 -36.48 1.96
C MET I 231 -4.57 -37.49 1.09
N LEU I 232 -5.68 -37.05 0.49
CA LEU I 232 -6.51 -37.92 -0.33
C LEU I 232 -5.83 -38.38 -1.63
N ARG I 233 -5.15 -37.47 -2.31
CA ARG I 233 -4.53 -37.80 -3.59
C ARG I 233 -3.01 -37.85 -3.53
N LYS I 234 -2.41 -36.77 -3.06
CA LYS I 234 -0.96 -36.64 -3.04
C LYS I 234 -0.30 -37.68 -2.15
N HIS I 235 -0.86 -37.92 -0.98
CA HIS I 235 -0.25 -38.91 -0.10
C HIS I 235 -1.26 -39.91 0.43
N PRO I 236 -1.65 -40.89 -0.36
CA PRO I 236 -2.84 -41.66 -0.04
C PRO I 236 -2.83 -42.38 1.31
N ARG I 237 -1.70 -42.99 1.68
CA ARG I 237 -1.62 -43.77 2.91
C ARG I 237 -0.73 -43.10 3.95
N SER I 238 -0.86 -41.79 4.09
CA SER I 238 -0.09 -41.05 5.07
C SER I 238 -0.69 -41.06 6.48
N LEU I 239 0.19 -41.05 7.47
CA LEU I 239 -0.16 -40.91 8.88
C LEU I 239 0.45 -39.60 9.37
N LEU I 240 -0.31 -38.82 10.13
CA LEU I 240 0.11 -37.54 10.69
C LEU I 240 0.25 -37.74 12.19
N ILE I 241 1.30 -37.26 12.83
CA ILE I 241 1.48 -37.37 14.30
C ILE I 241 1.46 -35.96 14.87
N LEU I 242 0.85 -35.73 16.01
CA LEU I 242 0.90 -34.39 16.56
C LEU I 242 1.60 -34.40 17.89
N ASP I 243 2.14 -33.25 18.28
CA ASP I 243 2.87 -33.12 19.54
C ASP I 243 2.11 -32.16 20.45
N ASP I 244 1.89 -32.58 21.69
CA ASP I 244 1.06 -31.79 22.58
C ASP I 244 -0.36 -31.66 22.03
N VAL I 245 -0.82 -30.41 21.94
CA VAL I 245 -2.20 -30.07 21.64
C VAL I 245 -2.89 -29.77 22.95
N TRP I 246 -3.42 -28.57 23.09
CA TRP I 246 -4.06 -28.17 24.33
C TRP I 246 -5.50 -27.72 24.25
N ASP I 247 -6.08 -27.68 23.06
CA ASP I 247 -7.49 -27.31 22.99
C ASP I 247 -8.17 -27.90 21.79
N SER I 248 -9.48 -28.15 21.91
CA SER I 248 -10.19 -28.88 20.87
C SER I 248 -10.23 -28.20 19.50
N TRP I 249 -10.52 -26.91 19.42
CA TRP I 249 -10.64 -26.33 18.09
C TRP I 249 -9.45 -26.69 17.22
N VAL I 250 -8.32 -26.92 17.88
CA VAL I 250 -7.08 -27.25 17.19
C VAL I 250 -7.26 -28.51 16.36
N LEU I 251 -7.68 -29.59 17.01
CA LEU I 251 -7.98 -30.82 16.28
C LEU I 251 -9.18 -30.64 15.37
N LYS I 252 -10.03 -29.68 15.69
CA LYS I 252 -11.13 -29.39 14.80
C LYS I 252 -10.51 -28.99 13.48
N ALA I 253 -9.46 -28.18 13.55
CA ALA I 253 -8.76 -27.69 12.37
C ALA I 253 -8.11 -28.81 11.58
N PHE I 254 -7.54 -29.77 12.27
CA PHE I 254 -6.77 -30.84 11.64
C PHE I 254 -7.67 -32.00 11.26
N ASP I 255 -8.97 -31.84 11.49
CA ASP I 255 -9.88 -32.96 11.37
C ASP I 255 -10.19 -33.18 9.91
N SER I 256 -9.22 -33.78 9.23
CA SER I 256 -9.23 -33.91 7.79
C SER I 256 -9.93 -35.17 7.30
N GLN I 257 -10.37 -36.01 8.23
CA GLN I 257 -11.01 -37.26 7.86
C GLN I 257 -9.95 -38.28 7.47
N CYS I 258 -8.69 -37.91 7.67
CA CYS I 258 -7.56 -38.74 7.35
C CYS I 258 -6.83 -38.99 8.65
N GLN I 259 -6.28 -40.17 8.84
CA GLN I 259 -5.79 -40.53 10.16
C GLN I 259 -4.75 -39.53 10.60
N ILE I 260 -4.90 -39.07 11.84
CA ILE I 260 -3.98 -38.19 12.48
C ILE I 260 -3.98 -38.76 13.87
N LEU I 261 -2.82 -38.91 14.49
CA LEU I 261 -2.73 -39.35 15.88
C LEU I 261 -2.13 -38.24 16.70
N LEU I 262 -2.77 -37.87 17.81
CA LEU I 262 -2.32 -36.74 18.62
C LEU I 262 -1.78 -37.29 19.91
N THR I 263 -0.63 -36.82 20.37
CA THR I 263 -0.08 -37.32 21.62
C THR I 263 0.01 -36.18 22.63
N THR I 264 -0.42 -36.38 23.87
CA THR I 264 -0.63 -35.24 24.74
C THR I 264 -0.60 -35.38 26.23
N ARG I 265 -1.11 -34.35 26.88
CA ARG I 265 -1.47 -34.46 28.31
C ARG I 265 -2.96 -34.59 28.71
N ASP I 266 -3.81 -33.77 28.09
CA ASP I 266 -5.25 -33.89 28.29
C ASP I 266 -5.77 -34.97 27.36
N LYS I 267 -6.72 -35.74 27.85
CA LYS I 267 -7.36 -36.76 27.05
C LYS I 267 -8.75 -36.31 26.63
N SER I 268 -9.14 -35.17 27.20
CA SER I 268 -10.37 -34.49 26.84
C SER I 268 -10.29 -33.92 25.43
N VAL I 269 -9.09 -33.71 24.94
CA VAL I 269 -8.92 -32.92 23.73
C VAL I 269 -9.64 -33.55 22.55
N THR I 270 -9.52 -34.85 22.37
CA THR I 270 -10.17 -35.47 21.23
C THR I 270 -11.60 -35.85 21.58
N ASP I 271 -12.42 -34.86 21.88
CA ASP I 271 -13.84 -35.12 22.07
C ASP I 271 -14.68 -34.47 20.99
N SER I 272 -14.18 -33.38 20.43
CA SER I 272 -14.85 -32.73 19.32
C SER I 272 -14.84 -33.63 18.10
N VAL I 273 -13.76 -34.36 17.92
CA VAL I 273 -13.55 -35.17 16.73
C VAL I 273 -14.49 -36.37 16.63
N MET I 274 -14.64 -36.82 15.40
CA MET I 274 -15.53 -37.89 14.97
C MET I 274 -14.76 -39.00 14.29
N GLY I 275 -15.21 -40.23 14.48
CA GLY I 275 -14.51 -41.39 13.98
C GLY I 275 -13.96 -42.20 15.12
N PRO I 276 -13.52 -43.43 14.86
CA PRO I 276 -13.03 -44.30 15.94
C PRO I 276 -11.85 -43.70 16.70
N LYS I 277 -11.93 -43.69 18.03
CA LYS I 277 -10.81 -43.20 18.84
C LYS I 277 -10.32 -44.24 19.83
N TYR I 278 -9.00 -44.43 19.91
CA TYR I 278 -8.43 -45.35 20.88
C TYR I 278 -7.39 -44.60 21.67
N VAL I 279 -7.23 -44.93 22.95
CA VAL I 279 -6.21 -44.29 23.75
C VAL I 279 -5.29 -45.30 24.40
N VAL I 280 -3.98 -45.07 24.31
CA VAL I 280 -3.01 -45.88 25.02
C VAL I 280 -2.51 -44.97 26.11
N PRO I 281 -2.47 -45.43 27.35
CA PRO I 281 -2.26 -44.47 28.42
C PRO I 281 -0.94 -44.80 29.04
N VAL I 282 -0.03 -43.85 29.05
CA VAL I 282 1.29 -44.11 29.57
C VAL I 282 1.41 -43.59 30.98
N GLU I 283 1.41 -44.51 31.94
CA GLU I 283 1.68 -44.16 33.33
C GLU I 283 3.17 -43.84 33.45
N SER I 284 3.52 -42.89 34.29
CA SER I 284 4.92 -42.54 34.45
C SER I 284 5.46 -43.43 35.53
N SER I 285 6.21 -44.45 35.13
CA SER I 285 6.78 -45.40 36.08
C SER I 285 8.21 -45.75 35.75
N LEU I 286 8.38 -46.48 34.67
CA LEU I 286 9.67 -46.98 34.24
C LEU I 286 10.01 -48.21 35.06
N GLY I 287 11.19 -48.77 34.83
CA GLY I 287 11.61 -49.97 35.54
C GLY I 287 12.95 -49.77 36.23
N LYS I 288 13.08 -50.29 37.44
CA LYS I 288 14.30 -50.11 38.19
C LYS I 288 15.45 -50.73 37.42
N GLU I 289 15.20 -51.86 36.78
CA GLU I 289 16.21 -52.50 35.97
C GLU I 289 16.62 -51.59 34.81
N LYS I 290 15.62 -51.01 34.17
CA LYS I 290 15.81 -50.10 33.03
C LYS I 290 16.54 -48.80 33.35
N GLY I 291 16.19 -48.17 34.48
CA GLY I 291 16.79 -46.90 34.84
C GLY I 291 18.26 -47.08 35.13
N LEU I 292 18.58 -48.22 35.74
CA LEU I 292 19.97 -48.56 35.96
C LEU I 292 20.65 -48.71 34.61
N GLU I 293 19.90 -49.22 33.65
CA GLU I 293 20.37 -49.34 32.28
C GLU I 293 20.63 -47.97 31.70
N ILE I 294 19.68 -47.07 31.93
CA ILE I 294 19.77 -45.68 31.51
C ILE I 294 20.87 -44.91 32.22
N LEU I 295 21.01 -45.15 33.53
CA LEU I 295 22.02 -44.44 34.30
C LEU I 295 23.39 -44.87 33.81
N SER I 296 23.53 -46.15 33.50
CA SER I 296 24.81 -46.64 33.04
C SER I 296 25.20 -45.93 31.76
N LEU I 297 24.25 -45.78 30.85
CA LEU I 297 24.54 -45.15 29.58
C LEU I 297 24.94 -43.70 29.81
N PHE I 298 24.26 -43.05 30.76
CA PHE I 298 24.53 -41.65 31.06
C PHE I 298 25.95 -41.46 31.56
N VAL I 299 26.42 -42.37 32.40
CA VAL I 299 27.78 -42.30 32.94
C VAL I 299 28.76 -43.32 32.36
N ASN I 300 28.30 -44.10 31.39
CA ASN I 300 29.17 -45.03 30.67
C ASN I 300 29.93 -46.14 31.43
N MET I 301 29.30 -46.79 32.41
CA MET I 301 29.97 -47.89 33.12
C MET I 301 29.16 -49.19 33.29
N LYS I 302 29.85 -50.32 33.30
CA LYS I 302 29.20 -51.60 33.51
C LYS I 302 28.26 -51.35 34.68
N LYS I 303 27.08 -51.94 34.65
CA LYS I 303 26.04 -51.57 35.60
C LYS I 303 26.50 -51.85 37.02
N ALA I 304 27.17 -52.98 37.24
CA ALA I 304 27.65 -53.31 38.57
C ALA I 304 28.67 -52.28 39.04
N ASP I 305 29.58 -51.87 38.15
CA ASP I 305 30.59 -50.87 38.49
C ASP I 305 29.97 -49.61 39.07
N LEU I 306 28.66 -49.48 38.95
CA LEU I 306 27.98 -48.29 39.43
C LEU I 306 27.94 -48.24 40.95
N PRO I 307 28.12 -47.04 41.49
CA PRO I 307 28.31 -46.80 42.91
C PRO I 307 27.07 -47.11 43.71
N GLU I 308 27.25 -47.36 44.99
CA GLU I 308 26.18 -47.74 45.88
C GLU I 308 25.14 -46.63 45.94
N GLN I 309 25.58 -45.40 45.74
CA GLN I 309 24.69 -44.26 45.84
C GLN I 309 23.58 -44.38 44.80
N ALA I 310 23.94 -44.88 43.62
CA ALA I 310 23.06 -44.81 42.47
C ALA I 310 21.69 -45.45 42.69
N HIS I 311 21.64 -46.55 43.41
CA HIS I 311 20.42 -47.31 43.54
C HIS I 311 19.31 -46.48 44.18
N SER I 312 19.68 -45.64 45.12
CA SER I 312 18.73 -44.93 45.98
C SER I 312 18.08 -43.76 45.27
N ILE I 313 18.87 -43.06 44.46
CA ILE I 313 18.35 -41.89 43.78
C ILE I 313 17.24 -42.28 42.81
N ILE I 314 17.35 -43.48 42.25
CA ILE I 314 16.34 -43.91 41.30
C ILE I 314 15.00 -44.05 42.00
N LYS I 315 15.04 -44.36 43.29
CA LYS I 315 13.82 -44.51 44.05
C LYS I 315 13.07 -43.19 44.09
N GLU I 316 13.85 -42.12 44.21
CA GLU I 316 13.33 -40.76 44.17
C GLU I 316 12.77 -40.47 42.80
N CYS I 317 13.45 -40.95 41.77
CA CYS I 317 13.06 -40.64 40.41
C CYS I 317 11.61 -41.05 40.16
N LYS I 318 11.22 -42.21 40.67
CA LYS I 318 9.85 -42.68 40.52
C LYS I 318 9.53 -42.88 39.04
N GLY I 319 10.56 -43.16 38.26
CA GLY I 319 10.37 -43.49 36.85
C GLY I 319 10.03 -42.35 35.91
N SER I 320 10.16 -41.10 36.33
CA SER I 320 9.86 -40.07 35.38
C SER I 320 11.17 -39.99 34.66
N PRO I 321 11.22 -40.61 33.48
CA PRO I 321 12.45 -40.68 32.69
C PRO I 321 13.04 -39.29 32.50
N LEU I 322 12.20 -38.27 32.63
CA LEU I 322 12.65 -36.92 32.50
C LEU I 322 13.57 -36.63 33.68
N VAL I 323 13.21 -37.11 34.87
CA VAL I 323 14.09 -36.95 36.03
C VAL I 323 15.42 -37.70 35.91
N VAL I 324 15.38 -38.91 35.36
CA VAL I 324 16.55 -39.73 35.15
C VAL I 324 17.50 -39.12 34.12
N SER I 325 16.96 -38.73 32.99
CA SER I 325 17.80 -38.05 32.04
C SER I 325 18.26 -36.77 32.67
N LEU I 326 17.37 -36.10 33.41
CA LEU I 326 17.75 -34.85 34.03
C LEU I 326 18.86 -35.00 35.06
N ILE I 327 18.75 -36.00 35.93
CA ILE I 327 19.87 -36.31 36.80
C ILE I 327 21.03 -36.84 35.98
N GLY I 328 20.76 -37.69 35.00
CA GLY I 328 21.85 -38.36 34.31
C GLY I 328 22.78 -37.42 33.59
N ALA I 329 22.21 -36.50 32.82
CA ALA I 329 23.00 -35.52 32.11
C ALA I 329 23.70 -34.67 33.14
N LEU I 330 23.01 -34.37 34.22
CA LEU I 330 23.53 -33.47 35.23
C LEU I 330 24.81 -34.07 35.75
N LEU I 331 24.82 -35.38 35.88
CA LEU I 331 26.02 -36.08 36.31
C LEU I 331 27.11 -36.11 35.25
N ARG I 332 26.80 -35.89 33.99
CA ARG I 332 27.87 -36.10 33.02
C ARG I 332 28.99 -35.12 33.32
N ASP I 333 28.62 -33.90 33.64
CA ASP I 333 29.56 -32.85 34.00
C ASP I 333 30.33 -33.08 35.30
N PHE I 334 29.67 -33.58 36.33
CA PHE I 334 30.30 -33.67 37.63
C PHE I 334 30.18 -35.05 38.25
N PRO I 335 30.98 -35.99 37.76
CA PRO I 335 30.93 -37.38 38.25
C PRO I 335 31.23 -37.48 39.75
N ASN I 336 32.00 -36.53 40.27
CA ASN I 336 32.40 -36.54 41.67
C ASN I 336 31.26 -36.21 42.64
N ARG I 337 30.39 -35.27 42.27
CA ARG I 337 29.33 -34.86 43.19
C ARG I 337 28.14 -35.81 43.11
N TRP I 338 28.41 -37.11 43.25
CA TRP I 338 27.35 -38.11 43.19
C TRP I 338 26.32 -38.12 44.33
N GLU I 339 26.77 -38.10 45.58
CA GLU I 339 25.84 -38.13 46.71
C GLU I 339 24.92 -36.90 46.78
N TYR I 340 25.52 -35.76 46.49
CA TYR I 340 24.94 -34.44 46.58
C TYR I 340 23.52 -34.41 46.04
N TYR I 341 23.36 -34.89 44.81
CA TYR I 341 22.04 -34.90 44.20
C TYR I 341 21.14 -35.91 44.87
N LEU I 342 21.75 -36.94 45.46
CA LEU I 342 20.98 -37.93 46.18
C LEU I 342 20.28 -37.26 47.34
N LYS I 343 21.05 -36.54 48.15
CA LYS I 343 20.49 -35.80 49.27
C LYS I 343 19.60 -34.68 48.78
N GLN I 344 19.87 -34.21 47.57
CA GLN I 344 19.10 -33.12 46.99
C GLN I 344 17.68 -33.56 46.72
N LEU I 345 17.53 -34.73 46.10
CA LEU I 345 16.21 -35.30 45.89
C LEU I 345 15.63 -35.78 47.21
N GLN I 346 16.48 -36.10 48.17
CA GLN I 346 16.00 -36.37 49.53
C GLN I 346 15.40 -35.11 50.13
N ASN I 347 15.92 -33.97 49.69
CA ASN I 347 15.39 -32.65 50.05
C ASN I 347 13.97 -32.48 49.54
N LYS I 348 13.71 -32.99 48.35
CA LYS I 348 12.39 -32.88 47.71
C LYS I 348 12.18 -31.61 46.88
N GLN I 349 13.22 -30.78 46.75
CA GLN I 349 13.11 -29.60 45.88
C GLN I 349 13.80 -29.79 44.53
N PHE I 350 13.09 -29.45 43.47
CA PHE I 350 13.56 -29.75 42.12
C PHE I 350 14.14 -28.53 41.44
N LYS I 351 14.22 -27.43 42.19
CA LYS I 351 14.81 -26.19 41.68
C LYS I 351 16.31 -26.37 41.46
N ARG I 352 16.90 -27.30 42.23
CA ARG I 352 18.33 -27.57 42.14
C ARG I 352 18.72 -28.29 40.85
N ILE I 353 17.86 -29.19 40.37
CA ILE I 353 18.18 -29.94 39.18
C ILE I 353 17.82 -29.19 37.90
N ARG I 354 18.81 -28.90 37.07
CA ARG I 354 18.52 -28.27 35.78
C ARG I 354 19.50 -28.70 34.71
N LYS I 355 19.00 -28.93 33.51
CA LYS I 355 19.87 -29.17 32.38
C LYS I 355 19.23 -28.61 31.14
N SER I 356 20.02 -28.03 30.26
CA SER I 356 19.52 -27.73 28.94
C SER I 356 19.39 -29.09 28.30
N SER I 357 18.34 -29.32 27.53
CA SER I 357 18.12 -30.63 26.96
C SER I 357 17.28 -30.54 25.72
N SER I 358 17.17 -31.64 24.98
CA SER I 358 16.35 -31.64 23.79
C SER I 358 14.95 -31.31 24.25
N TYR I 359 14.58 -31.87 25.38
CA TYR I 359 13.30 -31.60 26.00
C TYR I 359 13.17 -30.10 26.31
N ASP I 360 11.93 -29.62 26.30
CA ASP I 360 11.62 -28.19 26.24
C ASP I 360 11.52 -27.45 27.58
N TYR I 361 12.22 -27.92 28.59
CA TYR I 361 12.11 -27.28 29.89
C TYR I 361 13.34 -27.48 30.74
N GLU I 362 13.71 -26.47 31.52
CA GLU I 362 14.95 -26.56 32.29
C GLU I 362 14.88 -27.74 33.26
N ALA I 363 13.70 -27.94 33.83
CA ALA I 363 13.47 -28.89 34.90
C ALA I 363 12.03 -29.40 35.11
N LEU I 364 11.95 -30.48 35.88
CA LEU I 364 10.72 -31.20 36.13
C LEU I 364 9.70 -30.30 36.80
N ASP I 365 10.16 -29.42 37.68
CA ASP I 365 9.26 -28.45 38.26
C ASP I 365 8.73 -27.63 37.11
N GLU I 366 9.59 -27.41 36.12
CA GLU I 366 9.28 -26.55 34.99
C GLU I 366 8.08 -27.10 34.23
N ALA I 367 8.03 -28.42 34.07
CA ALA I 367 6.91 -29.04 33.33
C ALA I 367 5.50 -28.90 33.96
N MET I 368 5.46 -29.11 35.27
CA MET I 368 4.23 -29.10 36.04
C MET I 368 3.60 -27.71 35.99
N SER I 369 4.42 -26.67 36.09
CA SER I 369 3.88 -25.32 36.09
C SER I 369 3.05 -25.07 34.83
N ILE I 370 3.54 -25.60 33.71
CA ILE I 370 2.87 -25.45 32.43
C ILE I 370 1.50 -26.13 32.44
N SER I 371 1.40 -27.30 33.05
CA SER I 371 0.11 -27.97 33.17
C SER I 371 -0.92 -27.22 34.02
N VAL I 372 -0.49 -26.65 35.14
CA VAL I 372 -1.43 -26.04 36.08
C VAL I 372 -2.22 -24.87 35.49
N GLU I 373 -1.59 -24.08 34.64
CA GLU I 373 -2.16 -22.80 34.23
C GLU I 373 -3.50 -22.90 33.52
N MET I 374 -3.65 -23.92 32.67
CA MET I 374 -4.78 -24.00 31.75
C MET I 374 -6.17 -23.97 32.41
N LEU I 375 -6.26 -24.54 33.60
CA LEU I 375 -7.54 -24.76 34.21
C LEU I 375 -8.27 -23.44 34.36
N ARG I 376 -9.58 -23.50 34.12
CA ARG I 376 -10.47 -22.35 34.21
C ARG I 376 -10.49 -21.86 35.64
N GLU I 377 -10.59 -20.54 35.80
CA GLU I 377 -10.29 -19.94 37.09
C GLU I 377 -11.09 -20.59 38.19
N ASP I 378 -12.35 -20.93 37.92
CA ASP I 378 -13.16 -21.53 38.96
C ASP I 378 -12.56 -22.85 39.43
N ILE I 379 -12.10 -23.67 38.50
CA ILE I 379 -11.45 -24.92 38.84
C ILE I 379 -10.14 -24.72 39.58
N LYS I 380 -9.41 -23.66 39.20
CA LYS I 380 -8.01 -23.53 39.56
C LYS I 380 -7.79 -23.49 41.07
N ASP I 381 -8.69 -22.81 41.77
CA ASP I 381 -8.59 -22.69 43.22
C ASP I 381 -8.71 -24.07 43.85
N TYR I 382 -9.58 -24.89 43.30
CA TYR I 382 -9.86 -26.19 43.89
C TYR I 382 -8.63 -27.06 43.92
N TYR I 383 -7.85 -27.07 42.85
CA TYR I 383 -6.71 -27.96 42.84
C TYR I 383 -5.86 -27.79 44.10
N THR I 384 -5.69 -26.55 44.54
CA THR I 384 -4.79 -26.30 45.66
C THR I 384 -5.26 -27.02 46.91
N ASP I 385 -6.57 -27.09 47.09
CA ASP I 385 -7.12 -27.79 48.24
C ASP I 385 -6.62 -29.21 48.07
N LEU I 386 -6.56 -29.65 46.81
CA LEU I 386 -6.18 -31.02 46.51
C LEU I 386 -4.75 -31.28 46.95
N SER I 387 -4.05 -30.19 47.25
CA SER I 387 -2.64 -30.21 47.63
C SER I 387 -2.40 -30.97 48.92
N ILE I 388 -3.32 -30.83 49.86
CA ILE I 388 -3.13 -31.38 51.19
C ILE I 388 -2.96 -32.89 51.17
N LEU I 389 -3.62 -33.58 50.23
CA LEU I 389 -3.68 -35.04 50.26
C LEU I 389 -2.32 -35.76 50.22
N GLN I 390 -2.23 -36.84 50.98
CA GLN I 390 -1.01 -37.59 51.23
C GLN I 390 -0.40 -37.98 49.89
N LYS I 391 0.89 -38.33 49.90
CA LYS I 391 1.54 -38.79 48.68
C LYS I 391 0.85 -40.06 48.22
N ASP I 392 0.56 -40.95 49.16
CA ASP I 392 0.04 -42.27 48.79
C ASP I 392 -1.21 -42.69 49.57
N VAL I 393 -2.28 -41.95 49.36
CA VAL I 393 -3.56 -42.30 49.94
C VAL I 393 -4.59 -42.26 48.83
N LYS I 394 -5.36 -43.33 48.70
CA LYS I 394 -6.49 -43.28 47.80
C LYS I 394 -7.64 -42.87 48.69
N VAL I 395 -8.00 -41.60 48.63
CA VAL I 395 -9.08 -41.13 49.49
C VAL I 395 -10.44 -41.39 48.87
N PRO I 396 -11.37 -41.83 49.70
CA PRO I 396 -12.76 -42.00 49.28
C PRO I 396 -13.32 -40.64 48.91
N THR I 397 -14.06 -40.58 47.82
CA THR I 397 -14.56 -39.33 47.28
C THR I 397 -15.16 -38.38 48.31
N LYS I 398 -15.87 -38.95 49.27
CA LYS I 398 -16.64 -38.18 50.25
C LYS I 398 -15.83 -37.07 50.91
N VAL I 399 -14.63 -37.40 51.38
CA VAL I 399 -13.84 -36.45 52.14
C VAL I 399 -13.57 -35.22 51.29
N LEU I 400 -13.45 -35.43 49.98
CA LEU I 400 -13.30 -34.32 49.07
C LEU I 400 -14.60 -33.53 49.02
N CYS I 401 -15.72 -34.24 49.18
CA CYS I 401 -17.01 -33.58 49.21
C CYS I 401 -17.10 -32.68 50.43
N ILE I 402 -16.61 -33.19 51.55
CA ILE I 402 -16.66 -32.46 52.81
C ILE I 402 -15.83 -31.20 52.79
N LEU I 403 -14.61 -31.30 52.28
CA LEU I 403 -13.75 -30.12 52.24
C LEU I 403 -14.34 -29.08 51.33
N TRP I 404 -14.80 -29.54 50.17
CA TRP I 404 -15.45 -28.66 49.21
C TRP I 404 -16.78 -28.13 49.70
N ASP I 405 -17.52 -28.99 50.41
CA ASP I 405 -18.85 -28.63 50.88
C ASP I 405 -19.80 -28.61 49.69
N MET I 406 -19.42 -29.31 48.62
CA MET I 406 -20.20 -29.33 47.40
C MET I 406 -20.74 -30.72 47.07
N GLU I 407 -21.99 -30.80 46.61
CA GLU I 407 -22.70 -32.07 46.52
C GLU I 407 -22.01 -33.10 45.62
N THR I 408 -22.15 -34.37 45.98
CA THR I 408 -21.34 -35.46 45.42
C THR I 408 -21.44 -35.70 43.91
N GLU I 409 -22.63 -35.60 43.35
CA GLU I 409 -22.80 -35.86 41.92
C GLU I 409 -21.94 -34.87 41.16
N GLU I 410 -21.93 -33.63 41.66
CA GLU I 410 -21.11 -32.56 41.10
C GLU I 410 -19.62 -32.73 41.32
N VAL I 411 -19.24 -33.14 42.52
CA VAL I 411 -17.83 -33.18 42.89
C VAL I 411 -17.02 -34.13 42.05
N GLU I 412 -17.62 -35.25 41.68
CA GLU I 412 -16.93 -36.27 40.91
C GLU I 412 -16.49 -35.72 39.56
N ASP I 413 -17.35 -34.90 38.96
CA ASP I 413 -17.16 -34.51 37.57
C ASP I 413 -15.96 -33.59 37.41
N ILE I 414 -15.79 -32.70 38.37
CA ILE I 414 -14.64 -31.81 38.31
C ILE I 414 -13.38 -32.65 38.41
N LEU I 415 -13.43 -33.67 39.24
CA LEU I 415 -12.30 -34.57 39.39
C LEU I 415 -12.08 -35.35 38.11
N GLN I 416 -13.17 -35.67 37.42
CA GLN I 416 -13.06 -36.36 36.15
C GLN I 416 -12.33 -35.48 35.18
N GLU I 417 -12.60 -34.18 35.22
CA GLU I 417 -11.92 -33.23 34.36
C GLU I 417 -10.44 -33.19 34.70
N PHE I 418 -10.11 -33.29 35.98
CA PHE I 418 -8.71 -33.35 36.37
C PHE I 418 -8.08 -34.60 35.78
N VAL I 419 -8.75 -35.72 35.91
CA VAL I 419 -8.10 -36.96 35.57
C VAL I 419 -7.73 -36.82 34.12
N ASN I 420 -8.60 -36.22 33.34
CA ASN I 420 -8.29 -35.98 31.95
C ASN I 420 -7.09 -35.05 31.84
N LYS I 421 -7.06 -34.00 32.64
CA LYS I 421 -5.87 -33.15 32.65
C LYS I 421 -4.63 -33.95 33.10
N SER I 422 -4.85 -35.22 33.42
CA SER I 422 -3.77 -36.10 33.84
C SER I 422 -3.05 -35.51 35.05
N LEU I 423 -3.80 -34.87 35.93
CA LEU I 423 -3.23 -34.28 37.13
C LEU I 423 -3.69 -35.00 38.38
N LEU I 424 -4.36 -36.12 38.19
CA LEU I 424 -4.93 -36.88 39.30
C LEU I 424 -5.46 -38.21 38.82
N PHE I 425 -4.75 -39.29 39.14
CA PHE I 425 -5.07 -40.60 38.64
C PHE I 425 -6.36 -41.20 39.19
N CYS I 426 -7.11 -41.84 38.30
CA CYS I 426 -8.38 -42.49 38.65
C CYS I 426 -8.18 -43.85 39.29
N ASP I 427 -9.18 -44.27 40.07
CA ASP I 427 -9.20 -45.60 40.65
C ASP I 427 -10.61 -46.18 40.61
N ARG I 428 -10.90 -46.94 39.57
CA ARG I 428 -12.21 -47.57 39.47
C ARG I 428 -12.25 -48.87 40.25
N ASN I 429 -12.22 -48.75 41.58
CA ASN I 429 -12.41 -49.90 42.42
C ASN I 429 -13.86 -49.89 42.82
N GLY I 430 -14.64 -50.77 42.21
CA GLY I 430 -16.04 -50.90 42.55
C GLY I 430 -16.72 -49.57 42.36
N LYS I 431 -17.84 -49.37 43.06
CA LYS I 431 -18.55 -48.09 42.99
C LYS I 431 -17.62 -47.01 43.50
N SER I 432 -16.86 -47.35 44.55
CA SER I 432 -15.96 -46.40 45.17
C SER I 432 -14.86 -45.95 44.22
N PHE I 433 -14.47 -44.69 44.36
CA PHE I 433 -13.38 -44.12 43.62
C PHE I 433 -12.34 -43.55 44.58
N ARG I 434 -11.10 -43.93 44.39
CA ARG I 434 -10.02 -43.31 45.11
C ARG I 434 -9.13 -42.64 44.09
N TYR I 435 -9.00 -41.33 44.22
CA TYR I 435 -8.02 -40.60 43.42
C TYR I 435 -6.73 -40.37 44.17
N TYR I 436 -5.62 -40.37 43.44
CA TYR I 436 -4.31 -40.22 44.05
C TYR I 436 -3.29 -39.72 43.04
N LEU I 437 -2.12 -39.37 43.54
CA LEU I 437 -1.11 -38.68 42.74
C LEU I 437 0.19 -39.45 42.66
N HIS I 438 1.05 -39.02 41.75
CA HIS I 438 2.42 -39.47 41.70
C HIS I 438 3.21 -38.72 42.76
N ASP I 439 4.28 -39.35 43.23
CA ASP I 439 5.15 -38.73 44.23
C ASP I 439 5.68 -37.40 43.72
N LEU I 440 5.89 -37.32 42.42
CA LEU I 440 6.37 -36.11 41.78
C LEU I 440 5.29 -35.03 41.79
N GLN I 441 4.06 -35.44 41.52
CA GLN I 441 2.92 -34.53 41.50
C GLN I 441 2.70 -33.93 42.88
N VAL I 442 2.84 -34.76 43.90
CA VAL I 442 2.64 -34.30 45.27
C VAL I 442 3.73 -33.32 45.67
N ASP I 443 4.97 -33.66 45.31
CA ASP I 443 6.11 -32.85 45.66
C ASP I 443 6.00 -31.48 45.02
N PHE I 444 5.51 -31.44 43.79
CA PHE I 444 5.39 -30.18 43.10
C PHE I 444 4.43 -29.32 43.92
N LEU I 445 3.39 -29.93 44.45
CA LEU I 445 2.35 -29.16 45.12
C LEU I 445 2.90 -28.41 46.31
N THR I 446 3.64 -29.12 47.15
CA THR I 446 4.22 -28.50 48.33
C THR I 446 5.22 -27.46 47.88
N GLU I 447 5.91 -27.74 46.78
CA GLU I 447 6.89 -26.81 46.23
C GLU I 447 6.21 -25.50 45.84
N LYS I 448 5.01 -25.62 45.27
CA LYS I 448 4.28 -24.44 44.79
C LYS I 448 3.10 -23.95 45.65
N ASN I 449 2.69 -24.73 46.65
CA ASN I 449 1.58 -24.35 47.51
C ASN I 449 1.83 -24.36 49.01
N CYS I 450 3.10 -24.40 49.42
CA CYS I 450 3.43 -24.69 50.81
C CYS I 450 2.87 -23.69 51.83
N SER I 451 2.91 -22.40 51.52
CA SER I 451 2.43 -21.40 52.47
C SER I 451 0.95 -21.56 52.78
N GLN I 452 0.17 -21.85 51.74
CA GLN I 452 -1.26 -22.08 51.91
C GLN I 452 -1.55 -23.30 52.77
N LEU I 453 -0.75 -24.36 52.59
CA LEU I 453 -1.07 -25.66 53.12
C LEU I 453 -1.27 -25.68 54.63
N GLN I 454 -0.41 -24.97 55.35
CA GLN I 454 -0.54 -24.87 56.79
C GLN I 454 -1.87 -24.20 57.12
N ASP I 455 -2.22 -23.19 56.32
CA ASP I 455 -3.45 -22.45 56.51
C ASP I 455 -4.70 -23.28 56.23
N LEU I 456 -4.68 -24.03 55.13
CA LEU I 456 -5.80 -24.86 54.75
C LEU I 456 -5.99 -26.02 55.73
N HIS I 457 -4.88 -26.57 56.20
CA HIS I 457 -4.91 -27.68 57.15
C HIS I 457 -5.93 -27.43 58.25
N LYS I 458 -6.22 -26.16 58.50
CA LYS I 458 -7.18 -25.78 59.54
C LYS I 458 -8.58 -25.61 58.94
N LYS I 459 -8.65 -25.51 57.63
CA LYS I 459 -9.92 -25.35 56.94
C LYS I 459 -10.71 -26.65 56.92
N ILE I 460 -10.05 -27.73 56.50
CA ILE I 460 -10.69 -29.04 56.43
C ILE I 460 -11.30 -29.48 57.76
N ILE I 461 -10.58 -29.26 58.86
CA ILE I 461 -11.02 -29.73 60.15
C ILE I 461 -12.35 -29.06 60.55
N THR I 462 -12.44 -27.76 60.32
CA THR I 462 -13.62 -27.02 60.75
C THR I 462 -14.86 -27.51 60.00
N GLN I 463 -14.67 -27.84 58.73
CA GLN I 463 -15.74 -28.39 57.91
C GLN I 463 -16.20 -29.73 58.46
N PHE I 464 -15.24 -30.56 58.88
CA PHE I 464 -15.57 -31.85 59.45
C PHE I 464 -16.34 -31.65 60.74
N GLN I 465 -15.99 -30.58 61.44
CA GLN I 465 -16.69 -30.20 62.65
C GLN I 465 -18.12 -29.76 62.34
N ARG I 466 -18.32 -29.17 61.16
CA ARG I 466 -19.66 -28.76 60.76
C ARG I 466 -20.49 -29.98 60.43
N TYR I 467 -19.81 -31.10 60.22
CA TYR I 467 -20.49 -32.37 60.07
C TYR I 467 -20.16 -33.28 61.24
N HIS I 468 -19.69 -34.48 60.95
CA HIS I 468 -19.52 -35.49 61.98
C HIS I 468 -18.49 -35.11 63.03
N GLN I 469 -18.87 -35.30 64.30
CA GLN I 469 -17.91 -35.23 65.39
C GLN I 469 -17.18 -36.56 65.49
N PRO I 470 -15.95 -36.56 66.04
CA PRO I 470 -15.20 -37.82 66.08
C PRO I 470 -15.92 -38.94 66.84
N HIS I 471 -16.65 -38.59 67.89
CA HIS I 471 -17.50 -39.56 68.56
C HIS I 471 -18.72 -39.88 67.72
N THR I 472 -19.09 -38.93 66.87
CA THR I 472 -20.28 -39.05 66.03
C THR I 472 -19.91 -39.84 64.76
N LEU I 473 -18.63 -40.19 64.63
CA LEU I 473 -18.17 -41.04 63.53
C LEU I 473 -18.75 -42.45 63.64
N SER I 474 -18.94 -43.10 62.49
CA SER I 474 -19.54 -44.44 62.45
C SER I 474 -18.80 -45.45 61.58
N PRO I 475 -18.96 -46.73 61.88
CA PRO I 475 -18.23 -47.79 61.16
C PRO I 475 -18.65 -47.97 59.70
N ASP I 476 -19.93 -47.75 59.41
CA ASP I 476 -20.48 -47.97 58.07
C ASP I 476 -20.02 -46.96 57.05
N GLN I 477 -19.96 -45.70 57.45
CA GLN I 477 -19.55 -44.61 56.56
C GLN I 477 -18.23 -44.95 55.88
N GLU I 478 -18.17 -44.73 54.57
CA GLU I 478 -16.96 -45.04 53.79
C GLU I 478 -15.73 -44.21 54.18
N ASP I 479 -15.92 -42.93 54.44
CA ASP I 479 -14.83 -41.99 54.66
C ASP I 479 -14.08 -42.19 55.97
N CYS I 480 -14.74 -42.82 56.94
CA CYS I 480 -14.29 -42.74 58.33
C CYS I 480 -12.88 -43.26 58.55
N MET I 481 -12.51 -44.33 57.85
CA MET I 481 -11.21 -44.93 58.07
C MET I 481 -10.11 -43.96 57.71
N TYR I 482 -10.37 -43.16 56.67
CA TYR I 482 -9.43 -42.12 56.28
C TYR I 482 -9.29 -41.11 57.40
N TRP I 483 -10.46 -40.89 57.99
CA TRP I 483 -10.69 -40.05 59.13
C TRP I 483 -9.96 -40.58 60.35
N TYR I 484 -9.98 -41.90 60.59
CA TYR I 484 -9.17 -42.39 61.69
C TYR I 484 -7.74 -42.13 61.24
N ASN I 485 -7.42 -42.76 60.13
CA ASN I 485 -6.04 -42.98 59.79
C ASN I 485 -5.33 -41.66 59.60
N PHE I 486 -6.02 -40.73 58.98
CA PHE I 486 -5.40 -39.47 58.69
C PHE I 486 -5.99 -38.22 59.34
N LEU I 487 -7.14 -38.29 60.02
CA LEU I 487 -7.69 -37.02 60.53
C LEU I 487 -6.68 -36.54 61.53
N ALA I 488 -6.19 -37.51 62.27
CA ALA I 488 -5.14 -37.28 63.24
C ALA I 488 -4.11 -36.45 62.53
N TYR I 489 -3.86 -36.80 61.27
CA TYR I 489 -2.82 -36.12 60.51
C TYR I 489 -3.07 -34.62 60.31
N HIS I 490 -4.29 -34.23 59.97
CA HIS I 490 -4.54 -32.84 59.56
C HIS I 490 -4.33 -31.80 60.66
N MET I 491 -4.84 -32.13 61.84
CA MET I 491 -4.73 -31.35 63.06
C MET I 491 -3.28 -31.01 63.36
N ALA I 492 -2.37 -31.89 62.99
CA ALA I 492 -0.96 -31.68 63.26
C ALA I 492 -0.46 -30.52 62.43
N SER I 493 -0.78 -30.52 61.15
CA SER I 493 -0.42 -29.43 60.27
C SER I 493 -1.10 -28.18 60.79
N ALA I 494 -2.34 -28.34 61.26
CA ALA I 494 -3.14 -27.22 61.68
C ALA I 494 -2.29 -26.47 62.69
N LYS I 495 -1.53 -27.22 63.47
CA LYS I 495 -0.67 -26.65 64.50
C LYS I 495 -1.50 -26.34 65.74
N MET I 496 -2.77 -26.75 65.72
CA MET I 496 -3.62 -26.53 66.86
C MET I 496 -3.45 -27.70 67.80
N HIS I 497 -2.80 -27.43 68.93
CA HIS I 497 -2.48 -28.47 69.89
C HIS I 497 -3.62 -28.75 70.86
N LYS I 498 -4.38 -27.72 71.19
CA LYS I 498 -5.53 -27.91 72.08
C LYS I 498 -6.59 -28.76 71.38
N GLU I 499 -6.78 -28.53 70.09
CA GLU I 499 -7.69 -29.34 69.31
C GLU I 499 -7.16 -30.77 69.19
N LEU I 500 -5.84 -30.87 69.13
CA LEU I 500 -5.19 -32.16 69.02
C LEU I 500 -5.48 -32.94 70.29
N CYS I 501 -5.52 -32.23 71.40
CA CYS I 501 -5.92 -32.78 72.68
C CYS I 501 -7.40 -33.15 72.65
N ALA I 502 -8.17 -32.37 71.91
CA ALA I 502 -9.61 -32.61 71.80
C ALA I 502 -9.87 -33.91 71.06
N LEU I 503 -8.93 -34.32 70.21
CA LEU I 503 -9.11 -35.55 69.46
C LEU I 503 -8.31 -36.73 69.99
N MET I 504 -6.99 -36.71 69.79
CA MET I 504 -6.18 -37.91 69.99
C MET I 504 -6.22 -38.44 71.42
N PHE I 505 -6.33 -37.52 72.37
CA PHE I 505 -6.32 -37.87 73.78
C PHE I 505 -7.50 -38.75 74.11
N SER I 506 -8.64 -38.43 73.50
CA SER I 506 -9.91 -39.05 73.87
C SER I 506 -9.75 -40.56 73.87
N LEU I 507 -9.92 -41.17 75.04
CA LEU I 507 -9.72 -42.59 75.20
C LEU I 507 -10.71 -43.42 74.40
N ASP I 508 -11.93 -42.91 74.27
CA ASP I 508 -12.95 -43.60 73.51
C ASP I 508 -12.62 -43.60 72.02
N TRP I 509 -11.96 -42.53 71.58
CA TRP I 509 -11.48 -42.44 70.22
C TRP I 509 -10.43 -43.50 69.99
N ILE I 510 -9.64 -43.73 71.03
CA ILE I 510 -8.65 -44.79 71.03
C ILE I 510 -9.35 -46.13 70.95
N LYS I 511 -10.51 -46.22 71.59
CA LYS I 511 -11.25 -47.46 71.64
C LYS I 511 -11.74 -47.84 70.26
N ALA I 512 -12.41 -46.89 69.61
CA ALA I 512 -12.91 -47.15 68.27
C ALA I 512 -11.77 -47.37 67.29
N LYS I 513 -10.70 -46.62 67.47
CA LYS I 513 -9.57 -46.74 66.54
C LYS I 513 -8.92 -48.10 66.66
N THR I 514 -8.84 -48.61 67.88
CA THR I 514 -8.25 -49.91 68.14
C THR I 514 -9.25 -51.01 67.79
N GLU I 515 -10.50 -50.63 67.57
CA GLU I 515 -11.53 -51.60 67.22
C GLU I 515 -11.41 -52.10 65.79
N LEU I 516 -11.16 -51.20 64.84
CA LEU I 516 -10.97 -51.57 63.43
C LEU I 516 -9.57 -51.31 62.83
N VAL I 517 -8.82 -50.38 63.43
CA VAL I 517 -7.47 -50.04 63.03
C VAL I 517 -6.41 -50.97 63.60
N GLY I 518 -6.59 -51.35 64.87
CA GLY I 518 -5.57 -52.10 65.59
C GLY I 518 -4.70 -51.13 66.37
N PRO I 519 -3.94 -51.66 67.32
CA PRO I 519 -3.16 -50.83 68.25
C PRO I 519 -1.77 -50.43 67.76
N ALA I 520 -1.52 -50.46 66.46
CA ALA I 520 -0.24 -49.99 65.96
C ALA I 520 -0.27 -48.58 65.40
N HIS I 521 -1.34 -48.23 64.71
CA HIS I 521 -1.38 -46.91 64.08
C HIS I 521 -1.31 -45.80 65.12
N LEU I 522 -1.98 -46.01 66.25
CA LEU I 522 -2.02 -45.01 67.31
C LEU I 522 -0.62 -44.77 67.86
N ILE I 523 0.15 -45.84 68.02
CA ILE I 523 1.53 -45.70 68.50
C ILE I 523 2.37 -44.89 67.53
N HIS I 524 2.18 -45.15 66.23
CA HIS I 524 2.91 -44.43 65.20
C HIS I 524 2.53 -42.95 65.22
N GLU I 525 1.24 -42.68 65.43
CA GLU I 525 0.74 -41.32 65.51
C GLU I 525 1.34 -40.61 66.71
N PHE I 526 1.49 -41.34 67.81
CA PHE I 526 1.98 -40.77 69.06
C PHE I 526 3.40 -40.23 68.91
N VAL I 527 4.24 -40.94 68.17
CA VAL I 527 5.60 -40.49 67.97
C VAL I 527 5.58 -39.14 67.25
N GLU I 528 4.72 -39.02 66.26
CA GLU I 528 4.49 -37.77 65.57
C GLU I 528 3.91 -36.76 66.55
N TYR I 529 3.06 -37.28 67.43
CA TYR I 529 2.31 -36.48 68.39
C TYR I 529 3.21 -35.71 69.35
N ARG I 530 4.30 -36.34 69.75
CA ARG I 530 5.15 -35.81 70.82
C ARG I 530 5.78 -34.45 70.50
N HIS I 531 6.27 -34.29 69.28
CA HIS I 531 6.83 -33.02 68.82
C HIS I 531 5.75 -31.94 68.75
N ILE I 532 4.56 -32.33 68.28
CA ILE I 532 3.48 -31.40 67.99
C ILE I 532 2.95 -30.62 69.19
N LEU I 533 2.83 -31.27 70.33
CA LEU I 533 2.19 -30.64 71.49
C LEU I 533 3.20 -30.05 72.48
N ASP I 534 3.30 -30.63 73.68
CA ASP I 534 4.17 -30.10 74.72
C ASP I 534 4.99 -31.18 75.39
N GLU I 535 6.15 -30.80 75.92
CA GLU I 535 7.03 -31.74 76.62
C GLU I 535 6.36 -32.33 77.84
N LYS I 536 5.64 -31.50 78.58
CA LYS I 536 4.95 -31.95 79.79
C LYS I 536 3.90 -33.00 79.45
N ASP I 537 3.17 -32.75 78.37
CA ASP I 537 2.20 -33.74 77.87
C ASP I 537 2.93 -34.99 77.44
N CYS I 538 4.08 -34.79 76.81
CA CYS I 538 4.92 -35.88 76.33
C CYS I 538 4.97 -36.96 77.40
N ALA I 539 5.03 -36.55 78.66
CA ALA I 539 5.00 -37.47 79.78
C ALA I 539 3.65 -38.16 79.78
N VAL I 540 2.59 -37.41 79.49
CA VAL I 540 1.26 -37.98 79.43
C VAL I 540 1.26 -39.03 78.33
N SER I 541 1.93 -38.69 77.22
CA SER I 541 2.08 -39.63 76.12
C SER I 541 2.93 -40.82 76.56
N GLU I 542 3.90 -40.54 77.43
CA GLU I 542 4.75 -41.60 77.98
C GLU I 542 3.92 -42.52 78.86
N ASN I 543 2.99 -41.93 79.60
CA ASN I 543 2.10 -42.70 80.45
C ASN I 543 1.12 -43.54 79.63
N PHE I 544 0.68 -42.98 78.51
CA PHE I 544 -0.24 -43.68 77.62
C PHE I 544 0.46 -44.84 76.91
N GLN I 545 1.69 -44.61 76.48
CA GLN I 545 2.45 -45.65 75.80
C GLN I 545 2.66 -46.78 76.79
N GLU I 546 2.92 -46.42 78.04
CA GLU I 546 3.05 -47.39 79.11
C GLU I 546 1.73 -48.13 79.29
N PHE I 547 0.63 -47.42 79.07
CA PHE I 547 -0.69 -48.04 79.15
C PHE I 547 -0.93 -48.97 77.96
N LEU I 548 -0.20 -48.72 76.87
CA LEU I 548 -0.32 -49.54 75.67
C LEU I 548 0.46 -50.84 75.80
N SER I 549 1.61 -50.76 76.46
CA SER I 549 2.46 -51.93 76.67
C SER I 549 1.63 -53.12 77.13
N LEU I 550 0.60 -52.85 77.93
CA LEU I 550 -0.28 -53.90 78.43
C LEU I 550 -1.37 -54.23 77.41
N ASN I 551 -1.60 -53.30 76.47
CA ASN I 551 -2.61 -53.49 75.45
C ASN I 551 -2.33 -54.53 74.36
N GLY I 552 -1.10 -54.60 73.87
CA GLY I 552 -0.82 -55.41 72.70
C GLY I 552 -1.08 -56.90 72.81
N HIS I 553 -0.73 -57.47 73.96
CA HIS I 553 -0.73 -58.92 74.16
C HIS I 553 -2.10 -59.61 74.06
N LEU I 554 -3.10 -59.04 74.74
CA LEU I 554 -4.43 -59.62 74.75
C LEU I 554 -5.54 -58.71 74.24
N LEU I 555 -5.21 -57.44 74.04
CA LEU I 555 -6.23 -56.42 73.74
C LEU I 555 -7.02 -56.66 72.45
N GLY I 556 -6.34 -57.08 71.39
CA GLY I 556 -6.96 -57.27 70.10
C GLY I 556 -7.96 -58.41 69.95
N ARG I 557 -7.65 -59.54 70.57
CA ARG I 557 -8.51 -60.71 70.49
C ARG I 557 -9.92 -60.36 70.03
N GLN I 558 -10.83 -60.18 70.98
CA GLN I 558 -12.21 -59.82 70.68
C GLN I 558 -12.92 -59.26 71.91
N PRO I 559 -13.20 -60.11 72.89
CA PRO I 559 -13.82 -59.67 74.13
C PRO I 559 -13.08 -58.46 74.69
N PHE I 560 -13.04 -57.38 73.91
CA PHE I 560 -12.34 -56.16 74.31
C PHE I 560 -12.60 -55.81 75.77
N PRO I 561 -12.13 -56.68 76.66
CA PRO I 561 -12.31 -56.46 78.11
C PRO I 561 -12.52 -55.00 78.46
N ASN I 562 -13.53 -54.70 79.28
CA ASN I 562 -13.78 -53.33 79.69
C ASN I 562 -12.50 -52.63 80.15
N ILE I 563 -11.79 -52.03 79.19
CA ILE I 563 -10.55 -51.32 79.49
C ILE I 563 -10.70 -50.44 80.73
N VAL I 564 -11.80 -49.70 80.80
CA VAL I 564 -12.06 -48.81 81.92
C VAL I 564 -11.78 -49.50 83.25
N GLN I 565 -11.89 -50.82 83.25
CA GLN I 565 -11.64 -51.62 84.46
C GLN I 565 -10.20 -52.11 84.50
N LEU I 566 -9.68 -52.51 83.36
CA LEU I 566 -8.31 -53.01 83.28
C LEU I 566 -7.31 -51.86 83.26
N GLY I 567 -7.81 -50.65 83.09
CA GLY I 567 -6.96 -49.46 83.04
C GLY I 567 -6.42 -49.09 84.41
N LEU I 568 -7.28 -49.17 85.42
CA LEU I 568 -6.88 -48.84 86.78
C LEU I 568 -5.83 -49.80 87.30
N CYS I 569 -4.67 -49.81 86.64
CA CYS I 569 -3.57 -50.68 87.03
C CYS I 569 -2.23 -49.95 86.93
N GLU I 570 -2.21 -48.84 86.21
CA GLU I 570 -1.00 -48.06 86.05
C GLU I 570 -0.53 -47.48 87.38
N PRO I 571 0.73 -47.05 87.42
CA PRO I 571 1.30 -46.49 88.66
C PRO I 571 1.52 -44.99 88.57
N GLU I 572 1.93 -44.38 89.68
CA GLU I 572 2.17 -42.94 89.71
C GLU I 572 0.86 -42.15 89.68
N THR I 573 0.45 -41.74 88.48
CA THR I 573 -0.78 -40.98 88.31
C THR I 573 -0.89 -40.42 86.90
N SER I 574 0.05 -39.56 86.54
CA SER I 574 0.05 -38.94 85.21
C SER I 574 -1.34 -38.47 84.81
N GLU I 575 -1.61 -38.44 83.51
CA GLU I 575 -2.90 -38.01 83.00
C GLU I 575 -3.76 -39.20 82.60
N VAL I 576 -3.13 -40.35 82.38
CA VAL I 576 -3.84 -41.56 82.00
C VAL I 576 -4.53 -42.19 83.20
N TYR I 577 -3.87 -42.18 84.35
CA TYR I 577 -4.43 -42.74 85.57
C TYR I 577 -5.52 -41.86 86.15
N GLN I 578 -5.31 -40.54 86.08
CA GLN I 578 -6.27 -39.59 86.59
C GLN I 578 -7.59 -39.80 85.87
N GLN I 579 -7.52 -40.03 84.57
CA GLN I 579 -8.73 -40.24 83.77
C GLN I 579 -9.48 -41.48 84.24
N ALA I 580 -8.72 -42.53 84.58
CA ALA I 580 -9.28 -43.82 84.89
C ALA I 580 -10.06 -43.81 86.20
N LYS I 581 -9.50 -43.17 87.23
CA LYS I 581 -10.15 -43.21 88.53
C LYS I 581 -11.51 -42.53 88.46
N LEU I 582 -11.56 -41.39 87.78
CA LEU I 582 -12.81 -40.65 87.65
C LEU I 582 -13.83 -41.45 86.88
N GLN I 583 -13.37 -42.12 85.82
CA GLN I 583 -14.27 -42.91 85.00
C GLN I 583 -14.85 -44.01 85.86
N ALA I 584 -14.00 -44.61 86.68
CA ALA I 584 -14.39 -45.71 87.54
C ALA I 584 -15.43 -45.23 88.55
N LYS I 585 -15.21 -44.04 89.09
CA LYS I 585 -16.14 -43.48 90.07
C LYS I 585 -17.50 -43.26 89.43
N GLN I 586 -17.49 -42.79 88.19
CA GLN I 586 -18.72 -42.58 87.44
C GLN I 586 -19.46 -43.89 87.19
N GLU I 587 -18.70 -44.93 86.84
CA GLU I 587 -19.27 -46.25 86.61
C GLU I 587 -19.88 -46.81 87.89
N VAL I 588 -19.19 -46.57 88.99
CA VAL I 588 -19.45 -47.24 90.27
C VAL I 588 -20.83 -46.98 90.86
N ASP I 589 -21.28 -45.74 90.82
CA ASP I 589 -22.57 -45.41 91.42
C ASP I 589 -23.68 -46.17 90.69
N ASN I 590 -23.58 -46.22 89.38
CA ASN I 590 -24.53 -46.96 88.56
C ASN I 590 -24.49 -48.46 88.83
N GLY I 591 -23.29 -48.99 89.00
CA GLY I 591 -23.11 -50.42 89.16
C GLY I 591 -21.83 -50.89 88.50
N MET I 592 -21.81 -52.13 88.02
CA MET I 592 -20.64 -52.67 87.33
C MET I 592 -19.60 -53.35 88.22
N LEU I 593 -19.77 -53.23 89.53
CA LEU I 593 -19.10 -54.12 90.47
C LEU I 593 -17.60 -54.17 90.21
N TYR I 594 -17.00 -53.03 89.88
CA TYR I 594 -15.57 -52.99 89.63
C TYR I 594 -14.82 -53.30 90.92
N LEU I 595 -13.75 -54.06 90.83
CA LEU I 595 -12.96 -54.35 92.02
C LEU I 595 -11.68 -53.52 92.03
N GLU I 596 -11.51 -52.71 93.08
CA GLU I 596 -10.28 -51.93 93.22
C GLU I 596 -9.07 -52.83 93.47
N TRP I 597 -7.89 -52.41 93.00
CA TRP I 597 -6.65 -53.14 93.28
C TRP I 597 -5.69 -52.29 94.09
N ILE I 598 -5.23 -52.83 95.23
CA ILE I 598 -4.41 -52.08 96.18
C ILE I 598 -2.89 -52.33 96.25
N ASN I 599 -2.37 -53.22 95.41
CA ASN I 599 -0.95 -53.60 95.49
C ASN I 599 -0.01 -53.25 94.31
N LYS I 600 -0.45 -52.40 93.38
CA LYS I 600 0.30 -52.25 92.13
C LYS I 600 1.75 -51.84 92.35
N LYS I 601 1.96 -50.86 93.23
CA LYS I 601 3.30 -50.34 93.46
C LYS I 601 4.20 -51.40 94.08
N ASN I 602 3.57 -52.41 94.66
CA ASN I 602 4.28 -53.52 95.29
C ASN I 602 4.55 -54.67 94.31
N ILE I 603 3.95 -54.59 93.12
CA ILE I 603 3.97 -55.71 92.17
C ILE I 603 4.15 -55.32 90.70
N THR I 604 4.61 -56.29 89.90
CA THR I 604 4.81 -56.15 88.45
C THR I 604 6.05 -55.35 88.06
N ASN I 605 7.03 -56.06 87.50
CA ASN I 605 8.12 -55.44 86.76
C ASN I 605 7.80 -55.41 85.27
N LEU I 606 7.21 -54.32 84.82
CA LEU I 606 6.62 -54.24 83.50
C LEU I 606 7.63 -54.36 82.35
N SER I 607 7.29 -55.17 81.34
CA SER I 607 8.03 -55.21 80.09
C SER I 607 7.69 -54.02 79.22
N ARG I 608 8.65 -53.58 78.41
CA ARG I 608 8.44 -52.41 77.56
C ARG I 608 7.39 -52.63 76.46
N LEU I 609 7.23 -53.86 76.01
CA LEU I 609 6.30 -54.14 74.92
C LEU I 609 5.92 -55.62 74.84
N VAL I 610 4.73 -55.91 74.31
CA VAL I 610 4.29 -57.27 74.08
C VAL I 610 3.58 -57.39 72.73
N VAL I 611 3.82 -58.48 72.01
CA VAL I 611 3.20 -58.70 70.72
C VAL I 611 2.61 -60.11 70.63
N ARG I 612 1.39 -60.17 70.12
CA ARG I 612 0.80 -61.38 69.67
C ARG I 612 0.59 -61.18 68.19
N PRO I 613 1.42 -61.87 67.41
CA PRO I 613 1.25 -61.95 65.95
C PRO I 613 0.25 -63.01 65.52
N HIS I 614 0.15 -64.10 66.28
CA HIS I 614 -0.61 -65.25 65.83
C HIS I 614 -1.49 -65.84 66.93
N THR I 615 -2.72 -66.23 66.57
CA THR I 615 -3.57 -66.98 67.50
C THR I 615 -2.99 -68.37 67.70
N ASP I 616 -2.16 -68.79 66.75
CA ASP I 616 -1.55 -70.12 66.73
C ASP I 616 -0.09 -70.07 67.18
N ALA I 617 0.33 -71.09 67.93
CA ALA I 617 1.61 -71.07 68.65
C ALA I 617 2.77 -70.67 67.76
N VAL I 618 3.61 -69.78 68.27
CA VAL I 618 4.80 -69.32 67.56
C VAL I 618 5.86 -70.42 67.48
N TYR I 619 6.58 -70.50 66.36
CA TYR I 619 7.69 -71.44 66.32
C TYR I 619 9.08 -70.82 66.14
N HIS I 620 9.16 -69.66 65.49
CA HIS I 620 10.44 -68.97 65.37
C HIS I 620 10.26 -67.50 65.04
N ALA I 621 11.27 -66.70 65.39
CA ALA I 621 11.27 -65.27 65.12
C ALA I 621 12.70 -64.78 64.91
N CYS I 622 12.86 -63.73 64.12
CA CYS I 622 14.19 -63.20 63.84
C CYS I 622 14.20 -61.69 63.56
N PHE I 623 15.24 -61.03 64.07
CA PHE I 623 15.46 -59.61 63.80
C PHE I 623 15.88 -59.37 62.36
N SER I 624 15.46 -58.22 61.82
CA SER I 624 16.05 -57.74 60.59
C SER I 624 17.51 -57.42 60.87
N GLU I 625 18.37 -57.62 59.89
CA GLU I 625 19.79 -57.33 60.07
C GLU I 625 19.98 -55.85 60.39
N ASP I 626 19.11 -55.03 59.82
CA ASP I 626 19.08 -53.61 60.12
C ASP I 626 18.56 -53.36 61.53
N GLY I 627 17.76 -54.30 62.04
CA GLY I 627 17.16 -54.20 63.36
C GLY I 627 15.86 -53.41 63.35
N GLN I 628 15.48 -52.91 62.19
CA GLN I 628 14.26 -52.13 62.04
C GLN I 628 12.99 -52.95 62.17
N ARG I 629 13.06 -54.26 61.93
CA ARG I 629 11.85 -55.07 61.94
C ARG I 629 12.12 -56.52 62.35
N ILE I 630 11.05 -57.24 62.67
CA ILE I 630 11.15 -58.61 63.14
C ILE I 630 10.12 -59.51 62.46
N ALA I 631 10.50 -60.74 62.11
CA ALA I 631 9.54 -61.73 61.61
C ALA I 631 9.39 -62.95 62.53
N SER I 632 8.15 -63.30 62.89
CA SER I 632 7.83 -64.50 63.68
C SER I 632 6.90 -65.38 62.82
N CYS I 633 7.10 -66.70 62.88
CA CYS I 633 6.14 -67.68 62.33
C CYS I 633 5.24 -68.26 63.42
N GLY I 634 4.73 -69.48 63.21
CA GLY I 634 3.85 -70.12 64.19
C GLY I 634 3.36 -71.52 63.79
N ALA I 635 2.55 -72.15 64.65
CA ALA I 635 2.04 -73.48 64.36
C ALA I 635 1.12 -73.45 63.14
N ASP I 636 0.40 -72.35 62.96
CA ASP I 636 -0.51 -72.23 61.84
C ASP I 636 0.36 -72.35 60.60
N LYS I 637 1.55 -71.77 60.68
CA LYS I 637 2.52 -71.82 59.58
C LYS I 637 2.51 -70.59 58.68
N THR I 638 1.61 -69.66 58.97
CA THR I 638 1.66 -68.33 58.39
C THR I 638 2.83 -67.65 59.08
N LEU I 639 3.51 -66.74 58.39
CA LEU I 639 4.59 -65.95 58.99
C LEU I 639 4.16 -64.49 58.92
N GLN I 640 4.34 -63.75 60.01
CA GLN I 640 3.99 -62.33 60.04
C GLN I 640 5.25 -61.48 60.24
N VAL I 641 5.41 -60.46 59.40
CA VAL I 641 6.64 -59.64 59.47
C VAL I 641 6.28 -58.24 59.98
N PHE I 642 7.00 -57.70 60.97
CA PHE I 642 6.56 -56.42 61.56
C PHE I 642 7.68 -55.45 61.94
N LYS I 643 7.37 -54.15 62.02
CA LYS I 643 8.38 -53.23 62.50
C LYS I 643 8.07 -52.95 63.95
N ALA I 644 9.01 -53.32 64.82
CA ALA I 644 8.74 -53.36 66.25
C ALA I 644 8.42 -52.04 66.93
N GLU I 645 9.18 -51.00 66.61
CA GLU I 645 8.96 -49.68 67.20
C GLU I 645 7.48 -49.35 67.27
N THR I 646 6.98 -48.66 66.25
CA THR I 646 5.57 -48.28 66.21
C THR I 646 4.66 -49.48 66.43
N GLY I 647 5.25 -50.67 66.42
CA GLY I 647 4.50 -51.89 66.62
C GLY I 647 3.23 -51.94 65.80
N GLU I 648 3.38 -51.97 64.47
CA GLU I 648 2.24 -52.01 63.57
C GLU I 648 2.49 -52.98 62.42
N LYS I 649 1.48 -53.77 62.09
CA LYS I 649 1.58 -54.74 61.02
C LYS I 649 2.23 -54.14 59.79
N LEU I 650 3.32 -54.76 59.34
CA LEU I 650 4.05 -54.28 58.18
C LEU I 650 4.09 -55.33 57.07
N LEU I 651 3.67 -56.55 57.41
CA LEU I 651 3.65 -57.66 56.44
C LEU I 651 2.66 -58.76 56.83
N GLU I 652 1.92 -59.29 55.85
CA GLU I 652 1.05 -60.45 56.05
C GLU I 652 1.48 -61.52 55.03
N ILE I 653 1.65 -62.78 55.44
CA ILE I 653 2.04 -63.87 54.52
C ILE I 653 0.92 -64.92 54.47
N LYS I 654 0.50 -65.37 53.29
CA LYS I 654 -0.80 -66.03 53.23
C LYS I 654 -0.71 -67.41 53.89
N ALA I 655 0.31 -68.16 53.49
CA ALA I 655 0.52 -69.50 54.03
C ALA I 655 1.92 -70.03 53.75
N HIS I 656 2.35 -71.02 54.52
CA HIS I 656 3.55 -71.79 54.21
C HIS I 656 3.14 -73.25 54.22
N GLU I 657 3.54 -74.03 53.21
CA GLU I 657 3.12 -75.42 53.21
C GLU I 657 3.72 -76.12 54.42
N ASP I 658 2.89 -76.87 55.14
CA ASP I 658 3.34 -77.54 56.36
C ASP I 658 3.60 -76.51 57.45
N GLU I 659 3.73 -76.97 58.68
CA GLU I 659 3.96 -76.07 59.81
C GLU I 659 5.35 -75.44 59.72
N VAL I 660 5.46 -74.13 59.93
CA VAL I 660 6.75 -73.47 59.85
C VAL I 660 7.70 -74.11 60.85
N LEU I 661 8.95 -74.33 60.45
CA LEU I 661 9.92 -74.82 61.44
C LEU I 661 10.86 -73.72 61.93
N CYS I 662 11.26 -72.83 61.01
CA CYS I 662 12.02 -71.62 61.36
C CYS I 662 12.16 -70.73 60.12
N CYS I 663 12.48 -69.47 60.34
CA CYS I 663 12.63 -68.52 59.24
C CYS I 663 13.75 -67.54 59.55
N ALA I 664 14.24 -66.85 58.53
CA ALA I 664 15.33 -65.91 58.73
C ALA I 664 15.50 -64.91 57.59
N PHE I 665 15.90 -63.69 57.94
CA PHE I 665 16.18 -62.63 56.96
C PHE I 665 17.50 -62.81 56.23
N SER I 666 17.57 -62.28 55.03
CA SER I 666 18.82 -62.16 54.29
C SER I 666 19.69 -61.10 54.95
N THR I 667 21.00 -61.20 54.72
CA THR I 667 21.97 -60.32 55.38
C THR I 667 21.69 -58.84 55.07
N ASP I 668 21.15 -58.58 53.89
CA ASP I 668 20.73 -57.23 53.54
C ASP I 668 19.23 -57.07 53.68
N ASP I 669 18.60 -58.05 54.34
CA ASP I 669 17.16 -58.04 54.60
C ASP I 669 16.36 -57.92 53.32
N ARG I 670 16.88 -58.52 52.26
CA ARG I 670 16.22 -58.51 50.96
C ARG I 670 15.50 -59.83 50.68
N PHE I 671 15.65 -60.78 51.60
CA PHE I 671 15.05 -62.10 51.44
C PHE I 671 14.67 -62.72 52.78
N ILE I 672 13.72 -63.64 52.75
CA ILE I 672 13.31 -64.35 53.95
C ILE I 672 13.15 -65.84 53.66
N ALA I 673 14.14 -66.62 54.07
CA ALA I 673 14.05 -68.07 53.99
C ALA I 673 13.02 -68.58 54.98
N THR I 674 12.30 -69.63 54.62
CA THR I 674 11.30 -70.22 55.50
C THR I 674 11.39 -71.74 55.52
N CYS I 675 11.84 -72.30 56.64
CA CYS I 675 11.96 -73.74 56.80
C CYS I 675 10.59 -74.34 57.11
N SER I 676 10.40 -75.61 56.74
CA SER I 676 9.12 -76.27 56.96
C SER I 676 9.18 -77.79 56.94
N VAL I 677 8.17 -78.40 57.56
CA VAL I 677 8.02 -79.85 57.59
C VAL I 677 7.80 -80.42 56.18
N ASP I 678 7.17 -79.65 55.31
CA ASP I 678 6.89 -80.12 53.97
C ASP I 678 8.22 -80.41 53.28
N LYS I 679 9.19 -79.55 53.59
CA LYS I 679 10.46 -79.47 52.86
C LYS I 679 10.42 -78.44 51.74
N LYS I 680 9.56 -77.44 51.88
CA LYS I 680 9.52 -76.34 50.93
C LYS I 680 10.30 -75.15 51.46
N VAL I 681 11.57 -75.06 51.10
CA VAL I 681 12.37 -73.93 51.55
C VAL I 681 11.98 -72.72 50.72
N LYS I 682 10.93 -72.02 51.18
CA LYS I 682 10.37 -70.88 50.47
C LYS I 682 11.04 -69.56 50.86
N ILE I 683 12.00 -69.13 50.05
CA ILE I 683 12.64 -67.85 50.23
C ILE I 683 11.85 -66.76 49.52
N TRP I 684 10.88 -66.20 50.25
CA TRP I 684 10.05 -65.10 49.79
C TRP I 684 10.87 -63.81 49.83
N ASN I 685 10.53 -62.84 48.98
CA ASN I 685 11.15 -61.53 49.07
C ASN I 685 10.73 -60.83 50.36
N SER I 686 11.65 -60.08 50.95
CA SER I 686 11.37 -59.38 52.20
C SER I 686 10.64 -58.06 51.99
N MET I 687 10.56 -57.60 50.75
CA MET I 687 9.95 -56.31 50.47
C MET I 687 8.61 -56.48 49.77
N THR I 688 8.66 -56.95 48.53
CA THR I 688 7.44 -57.21 47.76
C THR I 688 6.62 -58.29 48.45
N GLY I 689 7.32 -59.20 49.12
CA GLY I 689 6.68 -60.29 49.83
C GLY I 689 6.42 -61.47 48.92
N GLU I 690 6.70 -61.28 47.64
CA GLU I 690 6.54 -62.33 46.65
C GLU I 690 7.70 -63.31 46.74
N LEU I 691 7.46 -64.57 46.39
CA LEU I 691 8.49 -65.59 46.44
C LEU I 691 9.60 -65.29 45.45
N VAL I 692 10.84 -65.59 45.82
CA VAL I 692 11.96 -65.48 44.91
C VAL I 692 12.67 -66.83 44.77
N HIS I 693 13.39 -67.22 45.83
CA HIS I 693 14.11 -68.49 45.80
C HIS I 693 13.31 -69.62 46.43
N THR I 694 13.65 -70.86 46.08
CA THR I 694 13.01 -72.01 46.67
C THR I 694 13.93 -73.22 46.58
N TYR I 695 13.90 -74.08 47.59
CA TYR I 695 14.82 -75.22 47.61
C TYR I 695 14.26 -76.44 48.35
N ASP I 696 14.79 -77.61 48.00
CA ASP I 696 14.50 -78.86 48.71
C ASP I 696 15.58 -79.89 48.43
N GLU I 697 15.95 -80.67 49.44
CA GLU I 697 16.98 -81.69 49.27
C GLU I 697 16.97 -82.68 50.43
N HIS I 698 16.50 -82.20 51.58
CA HIS I 698 16.56 -82.98 52.82
C HIS I 698 15.74 -84.27 52.77
N SER I 699 16.31 -85.33 53.33
CA SER I 699 15.59 -86.58 53.49
C SER I 699 14.51 -86.45 54.56
N GLU I 700 14.70 -85.50 55.47
CA GLU I 700 13.78 -85.31 56.58
C GLU I 700 13.41 -83.83 56.72
N GLN I 701 12.65 -83.50 57.75
CA GLN I 701 12.25 -82.13 58.00
C GLN I 701 13.48 -81.27 58.34
N VAL I 702 13.49 -80.04 57.83
CA VAL I 702 14.61 -79.12 58.04
C VAL I 702 14.73 -78.72 59.52
N ASN I 703 15.95 -78.64 60.03
CA ASN I 703 16.15 -78.16 61.39
C ASN I 703 16.42 -76.68 61.46
N CYS I 704 17.08 -76.14 60.44
CA CYS I 704 17.42 -74.72 60.46
C CYS I 704 17.79 -74.16 59.10
N CYS I 705 17.56 -72.87 58.93
CA CYS I 705 17.91 -72.16 57.70
C CYS I 705 18.57 -70.84 58.06
N HIS I 706 19.52 -70.42 57.22
CA HIS I 706 20.22 -69.17 57.43
C HIS I 706 20.85 -68.69 56.13
N PHE I 707 20.77 -67.39 55.87
CA PHE I 707 21.52 -66.79 54.78
C PHE I 707 22.97 -66.53 55.19
N THR I 708 23.87 -66.49 54.22
CA THR I 708 25.28 -66.26 54.49
C THR I 708 25.45 -64.88 55.11
N ASN I 709 26.26 -64.80 56.18
CA ASN I 709 26.55 -63.54 56.81
C ASN I 709 27.38 -62.62 55.90
N SER I 710 28.16 -63.23 55.01
CA SER I 710 28.90 -62.46 54.02
C SER I 710 27.95 -61.79 53.03
N SER I 711 28.23 -60.53 52.70
CA SER I 711 27.46 -59.82 51.70
C SER I 711 27.70 -60.40 50.32
N HIS I 712 28.87 -60.99 50.13
CA HIS I 712 29.28 -61.50 48.83
C HIS I 712 28.65 -62.85 48.53
N HIS I 713 29.18 -63.90 49.15
CA HIS I 713 28.71 -65.25 48.90
C HIS I 713 27.25 -65.42 49.31
N LEU I 714 26.50 -66.13 48.49
CA LEU I 714 25.11 -66.40 48.79
C LEU I 714 24.89 -67.88 48.97
N LEU I 715 24.85 -68.32 50.23
CA LEU I 715 24.71 -69.73 50.51
C LEU I 715 23.59 -69.96 51.52
N LEU I 716 23.06 -71.18 51.53
CA LEU I 716 21.99 -71.52 52.45
C LEU I 716 22.30 -72.83 53.15
N ALA I 717 23.06 -72.73 54.24
CA ALA I 717 23.28 -73.89 55.09
C ALA I 717 21.97 -74.30 55.75
N THR I 718 21.68 -75.60 55.75
CA THR I 718 20.43 -76.10 56.31
C THR I 718 20.61 -77.46 56.96
N GLY I 719 20.43 -77.51 58.28
CA GLY I 719 20.39 -78.76 58.99
C GLY I 719 19.01 -79.40 58.88
N SER I 720 18.92 -80.67 59.24
CA SER I 720 17.66 -81.40 59.17
C SER I 720 17.70 -82.70 59.97
N SER I 721 16.54 -83.32 60.14
CA SER I 721 16.42 -84.51 60.99
C SER I 721 17.17 -85.71 60.40
N ASP I 722 17.48 -85.63 59.11
CA ASP I 722 18.20 -86.70 58.41
C ASP I 722 19.69 -86.65 58.71
N CYS I 723 20.07 -85.64 59.50
CA CYS I 723 21.44 -85.40 59.99
C CYS I 723 22.32 -84.72 58.94
N PHE I 724 22.02 -84.94 57.66
CA PHE I 724 22.78 -84.31 56.59
C PHE I 724 22.66 -82.79 56.62
N LEU I 725 23.79 -82.11 56.49
CA LEU I 725 23.77 -80.68 56.20
C LEU I 725 23.50 -80.49 54.70
N LYS I 726 22.87 -79.37 54.35
CA LYS I 726 22.75 -79.00 52.95
C LYS I 726 23.24 -77.57 52.78
N LEU I 727 24.44 -77.43 52.22
CA LEU I 727 24.98 -76.12 51.89
C LEU I 727 24.55 -75.70 50.50
N TRP I 728 23.41 -75.01 50.45
CA TRP I 728 22.87 -74.53 49.19
C TRP I 728 23.73 -73.42 48.60
N ASP I 729 23.81 -73.39 47.27
CA ASP I 729 24.33 -72.22 46.58
C ASP I 729 23.11 -71.41 46.15
N LEU I 730 22.90 -70.27 46.78
CA LEU I 730 21.68 -69.49 46.55
C LEU I 730 21.57 -69.01 45.11
N ASN I 731 22.70 -68.92 44.42
CA ASN I 731 22.71 -68.54 43.03
C ASN I 731 22.35 -69.70 42.10
N GLN I 732 22.22 -70.90 42.67
CA GLN I 732 21.88 -72.07 41.86
C GLN I 732 20.72 -72.87 42.46
N LYS I 733 19.91 -73.46 41.59
CA LYS I 733 18.72 -74.19 42.01
C LYS I 733 19.06 -75.43 42.84
N GLU I 734 20.21 -76.03 42.57
CA GLU I 734 20.63 -77.21 43.30
C GLU I 734 21.76 -76.92 44.28
N CYS I 735 21.88 -77.78 45.29
CA CYS I 735 22.79 -77.58 46.42
C CYS I 735 24.25 -77.51 46.02
N ARG I 736 24.99 -76.55 46.60
CA ARG I 736 26.43 -76.47 46.39
C ARG I 736 27.17 -77.64 47.00
N ASN I 737 26.66 -78.15 48.12
CA ASN I 737 27.30 -79.28 48.80
C ASN I 737 26.49 -79.93 49.89
N THR I 738 26.10 -81.19 49.67
CA THR I 738 25.59 -82.03 50.74
C THR I 738 26.73 -82.32 51.71
N MET I 739 26.44 -82.29 53.02
CA MET I 739 27.48 -82.51 54.01
C MET I 739 27.04 -83.44 55.13
N PHE I 740 27.21 -84.74 54.93
CA PHE I 740 27.07 -85.67 56.03
C PHE I 740 28.22 -85.47 57.00
N GLY I 741 27.94 -85.55 58.29
CA GLY I 741 28.96 -85.35 59.29
C GLY I 741 28.43 -85.62 60.69
N HIS I 742 27.33 -84.95 61.03
CA HIS I 742 26.72 -85.15 62.34
C HIS I 742 26.21 -86.57 62.48
N THR I 743 26.48 -87.16 63.65
CA THR I 743 26.01 -88.50 63.95
C THR I 743 24.57 -88.45 64.46
N ASN I 744 24.09 -87.25 64.71
CA ASN I 744 22.73 -87.02 65.19
C ASN I 744 22.09 -85.84 64.47
N SER I 745 20.78 -85.70 64.62
CA SER I 745 20.04 -84.64 63.93
C SER I 745 20.57 -83.27 64.35
N VAL I 746 20.68 -82.37 63.38
CA VAL I 746 21.21 -81.03 63.62
C VAL I 746 20.34 -80.28 64.62
N ASN I 747 20.97 -79.64 65.59
CA ASN I 747 20.24 -78.84 66.57
C ASN I 747 20.09 -77.38 66.15
N HIS I 748 21.11 -76.86 65.47
CA HIS I 748 21.10 -75.47 65.06
C HIS I 748 22.12 -75.26 63.93
N CYS I 749 21.98 -74.16 63.20
CA CYS I 749 22.89 -73.86 62.09
C CYS I 749 23.11 -72.37 61.92
N ARG I 750 24.37 -71.97 61.71
CA ARG I 750 24.71 -70.58 61.47
C ARG I 750 25.94 -70.49 60.58
N PHE I 751 25.98 -69.51 59.68
CA PHE I 751 27.21 -69.20 58.97
C PHE I 751 28.24 -68.53 59.88
N SER I 752 29.50 -68.86 59.69
CA SER I 752 30.58 -68.24 60.46
C SER I 752 31.00 -66.93 59.81
N PRO I 753 31.49 -65.99 60.61
CA PRO I 753 31.89 -64.68 60.06
C PRO I 753 32.85 -64.85 58.89
N ASP I 754 33.67 -65.90 58.96
CA ASP I 754 34.46 -66.32 57.82
C ASP I 754 33.60 -67.21 56.95
N ASP I 755 33.14 -66.68 55.83
CA ASP I 755 32.20 -67.38 54.96
C ASP I 755 32.81 -68.66 54.40
N LYS I 756 34.13 -68.70 54.33
CA LYS I 756 34.86 -69.88 53.89
C LYS I 756 34.60 -71.05 54.85
N LEU I 757 34.43 -70.71 56.13
CA LEU I 757 34.07 -71.68 57.16
C LEU I 757 32.55 -71.79 57.32
N LEU I 758 32.10 -72.93 57.80
CA LEU I 758 30.68 -73.12 58.11
C LEU I 758 30.52 -74.06 59.30
N ALA I 759 30.31 -73.47 60.47
CA ALA I 759 30.10 -74.23 61.69
C ALA I 759 28.72 -74.85 61.73
N SER I 760 28.59 -75.95 62.49
CA SER I 760 27.30 -76.59 62.68
C SER I 760 27.24 -77.37 64.00
N CYS I 761 26.02 -77.55 64.50
CA CYS I 761 25.83 -78.24 65.77
C CYS I 761 24.78 -79.34 65.65
N SER I 762 24.82 -80.28 66.58
CA SER I 762 23.87 -81.39 66.60
C SER I 762 23.82 -82.09 67.94
N ALA I 763 22.91 -83.05 68.07
CA ALA I 763 22.63 -83.71 69.35
C ALA I 763 23.83 -84.46 69.91
N ASP I 764 24.74 -84.87 69.04
CA ASP I 764 25.99 -85.48 69.49
C ASP I 764 26.79 -84.46 70.29
N GLY I 765 26.55 -83.18 70.00
CA GLY I 765 27.08 -82.08 70.79
C GLY I 765 28.40 -81.54 70.29
N THR I 766 29.12 -82.36 69.51
CA THR I 766 30.38 -81.92 68.95
C THR I 766 30.16 -80.78 67.97
N LEU I 767 31.00 -79.75 68.05
CA LEU I 767 30.97 -78.68 67.08
C LEU I 767 31.54 -79.18 65.77
N LYS I 768 31.08 -78.64 64.65
CA LYS I 768 31.67 -79.02 63.37
C LYS I 768 31.94 -77.82 62.48
N LEU I 769 33.18 -77.35 62.52
CA LEU I 769 33.62 -76.24 61.68
C LEU I 769 34.04 -76.76 60.30
N TRP I 770 33.06 -76.82 59.41
CA TRP I 770 33.26 -77.32 58.05
C TRP I 770 34.02 -76.31 57.20
N ASP I 771 34.76 -76.82 56.21
CA ASP I 771 35.41 -75.93 55.23
C ASP I 771 34.54 -75.84 53.99
N ALA I 772 33.70 -74.82 53.94
CA ALA I 772 32.75 -74.67 52.84
C ALA I 772 33.44 -74.44 51.50
N THR I 773 34.61 -73.79 51.52
CA THR I 773 35.33 -73.47 50.29
C THR I 773 35.81 -74.73 49.57
N SER I 774 36.21 -75.73 50.34
CA SER I 774 36.65 -76.99 49.76
C SER I 774 35.50 -77.99 49.67
N ALA I 775 34.34 -77.58 50.18
CA ALA I 775 33.18 -78.45 50.30
C ALA I 775 33.52 -79.72 51.07
N ASN I 776 34.39 -79.57 52.07
CA ASN I 776 34.92 -80.70 52.84
C ASN I 776 35.11 -80.35 54.31
N GLU I 777 35.30 -81.38 55.13
CA GLU I 777 35.58 -81.21 56.55
C GLU I 777 36.92 -80.51 56.78
N ARG I 778 36.95 -79.65 57.80
CA ARG I 778 38.19 -79.01 58.22
C ARG I 778 38.46 -79.25 59.69
N LYS I 779 37.48 -78.90 60.52
CA LYS I 779 37.63 -79.05 61.96
C LYS I 779 36.33 -79.48 62.61
N SER I 780 36.43 -80.10 63.77
CA SER I 780 35.27 -80.56 64.52
C SER I 780 35.62 -80.89 65.97
N ILE I 781 35.48 -79.91 66.85
CA ILE I 781 35.78 -80.11 68.27
C ILE I 781 34.85 -81.15 68.88
N ASN I 782 35.42 -82.08 69.65
CA ASN I 782 34.63 -82.99 70.46
C ASN I 782 34.15 -82.30 71.72
N VAL I 783 32.98 -82.67 72.22
CA VAL I 783 32.44 -82.02 73.41
C VAL I 783 32.07 -83.06 74.46
N LYS I 784 33.06 -83.45 75.26
CA LYS I 784 32.85 -84.24 76.45
C LYS I 784 33.32 -83.42 77.64
N GLN I 785 33.50 -82.12 77.38
CA GLN I 785 34.06 -81.19 78.36
C GLN I 785 33.15 -81.04 79.57
N PHE I 786 31.88 -81.36 79.39
CA PHE I 786 30.96 -81.46 80.52
C PHE I 786 31.26 -82.78 81.24
N PHE I 787 32.39 -82.81 81.92
CA PHE I 787 32.77 -83.99 82.69
C PHE I 787 31.87 -84.13 83.91
N LEU I 788 31.50 -85.35 84.23
CA LEU I 788 30.59 -85.62 85.34
C LEU I 788 30.65 -87.08 85.73
N ASN I 789 31.34 -87.37 86.83
CA ASN I 789 31.54 -88.75 87.27
C ASN I 789 30.39 -89.24 88.15
N LEU I 790 29.25 -89.53 87.52
CA LEU I 790 28.10 -90.08 88.23
C LEU I 790 28.18 -91.59 88.37
N GLU I 791 27.21 -92.15 89.10
CA GLU I 791 27.06 -93.58 89.26
C GLU I 791 26.31 -94.16 88.06
N ASP I 792 26.01 -93.30 87.10
CA ASP I 792 25.33 -93.68 85.87
C ASP I 792 26.19 -94.68 85.10
N PRO I 793 25.58 -95.81 84.69
CA PRO I 793 26.28 -96.88 83.94
C PRO I 793 26.92 -96.40 82.65
N GLN I 794 26.32 -95.40 81.99
CA GLN I 794 26.93 -94.80 80.83
C GLN I 794 28.28 -94.20 81.22
N GLU I 795 29.24 -94.21 80.29
CA GLU I 795 30.58 -93.73 80.57
C GLU I 795 30.62 -92.21 80.68
N ASP I 796 31.52 -91.58 79.95
CA ASP I 796 31.55 -90.12 79.88
C ASP I 796 30.27 -89.62 79.24
N MET I 797 29.72 -88.55 79.78
CA MET I 797 28.40 -88.05 79.37
C MET I 797 28.37 -87.60 77.91
N GLU I 798 27.28 -87.92 77.24
CA GLU I 798 27.08 -87.52 75.86
C GLU I 798 26.41 -86.15 75.78
N VAL I 799 27.23 -85.11 75.67
CA VAL I 799 26.74 -83.73 75.67
C VAL I 799 25.83 -83.47 74.47
N ILE I 800 24.75 -82.72 74.70
CA ILE I 800 23.81 -82.40 73.64
C ILE I 800 23.69 -80.87 73.53
N VAL I 801 24.61 -80.27 72.76
CA VAL I 801 24.59 -78.82 72.54
C VAL I 801 23.35 -78.39 71.79
N LYS I 802 22.78 -77.24 72.19
CA LYS I 802 21.63 -76.69 71.50
C LYS I 802 22.00 -75.44 70.71
N CYS I 803 22.01 -74.29 71.39
CA CYS I 803 22.32 -73.03 70.73
C CYS I 803 23.75 -73.01 70.21
N CYS I 804 23.94 -72.47 69.02
CA CYS I 804 25.27 -72.30 68.44
C CYS I 804 25.68 -70.85 68.52
N SER I 805 25.94 -70.37 69.73
CA SER I 805 26.27 -68.97 69.96
C SER I 805 27.62 -68.59 69.37
N TRP I 806 27.74 -67.35 68.94
CA TRP I 806 28.99 -66.83 68.40
C TRP I 806 29.55 -65.69 69.23
N SER I 807 30.87 -65.54 69.22
CA SER I 807 31.53 -64.36 69.76
C SER I 807 31.20 -63.20 68.83
N ALA I 808 31.28 -61.97 69.33
CA ALA I 808 30.87 -60.81 68.54
C ALA I 808 31.68 -60.71 67.25
N ASP I 809 32.93 -61.15 67.30
CA ASP I 809 33.73 -61.27 66.10
C ASP I 809 33.45 -62.59 65.37
N GLY I 810 32.88 -63.55 66.10
CA GLY I 810 32.55 -64.85 65.54
C GLY I 810 33.76 -65.76 65.38
N ALA I 811 34.88 -65.37 66.00
CA ALA I 811 36.12 -66.11 65.87
C ALA I 811 36.13 -67.38 66.72
N ARG I 812 35.16 -67.49 67.62
CA ARG I 812 35.07 -68.62 68.54
C ARG I 812 33.60 -68.95 68.75
N ILE I 813 33.31 -70.20 69.15
CA ILE I 813 31.92 -70.58 69.31
C ILE I 813 31.50 -70.84 70.75
N MET I 814 30.67 -69.93 71.25
CA MET I 814 29.94 -70.13 72.50
C MET I 814 28.84 -71.16 72.28
N VAL I 815 28.59 -72.01 73.28
CA VAL I 815 27.55 -73.03 73.22
C VAL I 815 27.00 -73.27 74.61
N ALA I 816 25.93 -74.05 74.71
CA ALA I 816 25.42 -74.43 76.02
C ALA I 816 24.69 -75.77 75.95
N ALA I 817 24.86 -76.57 76.99
CA ALA I 817 24.22 -77.88 77.05
C ALA I 817 24.19 -78.43 78.46
N LYS I 818 23.19 -79.26 78.73
CA LYS I 818 23.03 -79.92 80.02
C LYS I 818 23.07 -78.93 81.19
N ASN I 819 24.20 -78.87 81.88
CA ASN I 819 24.32 -77.98 83.02
C ASN I 819 25.38 -76.89 82.83
N LYS I 820 26.00 -76.85 81.67
CA LYS I 820 27.09 -75.91 81.45
C LYS I 820 27.10 -75.25 80.07
N ILE I 821 27.37 -73.95 80.08
CA ILE I 821 27.76 -73.21 78.89
C ILE I 821 29.23 -73.48 78.63
N PHE I 822 29.66 -73.47 77.37
CA PHE I 822 31.06 -73.59 77.02
C PHE I 822 31.44 -72.51 76.01
N LEU I 823 32.72 -72.17 75.95
CA LEU I 823 33.22 -71.27 74.91
C LEU I 823 34.37 -71.95 74.20
N PHE I 824 34.04 -72.75 73.20
CA PHE I 824 35.07 -73.46 72.43
C PHE I 824 35.78 -72.53 71.45
N ASP I 825 37.06 -72.81 71.23
CA ASP I 825 37.86 -72.11 70.23
C ASP I 825 38.06 -73.03 69.04
N ILE I 826 37.17 -72.91 68.06
CA ILE I 826 37.20 -73.76 66.87
C ILE I 826 38.43 -73.55 66.00
N HIS I 827 38.98 -72.34 66.01
CA HIS I 827 40.17 -72.07 65.21
C HIS I 827 41.38 -72.84 65.73
N THR I 828 41.41 -73.11 67.03
CA THR I 828 42.47 -73.91 67.64
C THR I 828 41.98 -75.31 67.97
N SER I 829 40.70 -75.56 67.71
CA SER I 829 40.07 -76.84 67.99
C SER I 829 40.22 -77.26 69.45
N GLY I 830 40.01 -76.33 70.37
CA GLY I 830 40.11 -76.63 71.79
C GLY I 830 39.18 -75.81 72.66
N LEU I 831 38.86 -76.36 73.84
CA LEU I 831 38.02 -75.69 74.82
C LEU I 831 38.70 -74.45 75.40
N LEU I 832 37.91 -73.42 75.69
CA LEU I 832 38.41 -72.29 76.48
C LEU I 832 37.46 -71.99 77.63
N GLY I 833 36.36 -71.31 77.32
CA GLY I 833 35.41 -70.92 78.35
C GLY I 833 34.50 -72.06 78.79
N GLU I 834 33.83 -71.86 79.92
CA GLU I 834 32.93 -72.86 80.48
C GLU I 834 32.07 -72.25 81.59
N ILE I 835 30.90 -71.75 81.23
CA ILE I 835 30.03 -71.08 82.19
C ILE I 835 28.94 -72.02 82.71
N HIS I 836 29.10 -72.49 83.95
CA HIS I 836 28.13 -73.41 84.54
C HIS I 836 26.78 -72.73 84.71
N THR I 837 25.70 -73.46 84.45
CA THR I 837 24.35 -72.93 84.58
C THR I 837 23.82 -73.12 85.99
N GLY I 838 22.69 -72.48 86.31
CA GLY I 838 22.11 -72.56 87.63
C GLY I 838 21.71 -73.97 88.03
N HIS I 839 22.14 -74.37 89.23
CA HIS I 839 21.87 -75.70 89.77
C HIS I 839 22.20 -76.80 88.77
N HIS I 840 21.34 -77.81 88.69
CA HIS I 840 21.58 -78.93 87.78
C HIS I 840 20.28 -79.46 87.18
N SER I 841 20.34 -79.75 85.89
CA SER I 841 19.20 -80.28 85.13
C SER I 841 19.65 -80.63 83.73
N THR I 842 18.99 -80.04 82.74
CA THR I 842 19.39 -80.12 81.34
C THR I 842 18.80 -78.93 80.61
N ILE I 843 19.66 -78.17 79.93
CA ILE I 843 19.24 -76.91 79.30
C ILE I 843 18.17 -77.15 78.24
N GLN I 844 17.11 -76.34 78.30
CA GLN I 844 16.07 -76.35 77.27
C GLN I 844 16.30 -75.22 76.29
N TYR I 845 16.91 -74.14 76.77
CA TYR I 845 17.22 -72.99 75.93
C TYR I 845 18.36 -72.15 76.50
N CYS I 846 19.07 -71.45 75.62
CA CYS I 846 20.18 -70.59 76.02
C CYS I 846 20.42 -69.49 74.99
N ASP I 847 21.07 -68.41 75.42
CA ASP I 847 21.36 -67.29 74.53
C ASP I 847 22.47 -66.39 75.06
N PHE I 848 23.64 -66.47 74.43
CA PHE I 848 24.75 -65.57 74.73
C PHE I 848 24.51 -64.14 74.25
N SER I 849 24.98 -63.16 75.03
CA SER I 849 24.94 -61.77 74.64
C SER I 849 26.35 -61.20 74.49
N PRO I 850 26.70 -60.75 73.27
CA PRO I 850 28.03 -60.19 73.00
C PRO I 850 28.34 -58.96 73.85
N GLN I 851 27.35 -58.14 74.16
CA GLN I 851 27.52 -57.07 75.13
C GLN I 851 27.57 -57.59 76.56
N ASN I 852 28.39 -56.94 77.38
CA ASN I 852 28.47 -57.22 78.81
C ASN I 852 28.71 -58.68 79.16
N HIS I 853 29.07 -59.48 78.15
CA HIS I 853 29.26 -60.92 78.30
C HIS I 853 28.03 -61.58 78.93
N LEU I 854 26.84 -61.04 78.65
CA LEU I 854 25.61 -61.55 79.24
C LEU I 854 25.16 -62.87 78.62
N ALA I 855 24.39 -63.63 79.42
CA ALA I 855 23.84 -64.89 78.98
C ALA I 855 22.39 -65.05 79.47
N VAL I 856 21.44 -64.71 78.61
CA VAL I 856 20.04 -64.94 78.93
C VAL I 856 19.70 -66.39 78.62
N VAL I 857 19.65 -67.19 79.68
CA VAL I 857 19.47 -68.62 79.51
C VAL I 857 18.17 -69.10 80.17
N ALA I 858 17.31 -69.71 79.35
CA ALA I 858 16.12 -70.37 79.85
C ALA I 858 16.45 -71.84 80.12
N LEU I 859 16.88 -72.13 81.34
CA LEU I 859 17.30 -73.48 81.70
C LEU I 859 16.16 -74.48 81.53
N SER I 860 15.17 -74.39 82.41
CA SER I 860 13.98 -75.23 82.32
C SER I 860 12.81 -74.56 83.05
N GLN I 861 11.59 -74.79 82.60
CA GLN I 861 10.43 -74.14 83.21
C GLN I 861 10.55 -72.62 83.13
N TYR I 862 10.80 -72.13 81.93
CA TYR I 862 10.94 -70.70 81.68
C TYR I 862 11.89 -70.04 82.68
N CYS I 863 12.92 -70.76 83.10
CA CYS I 863 13.89 -70.19 84.03
C CYS I 863 14.86 -69.32 83.25
N VAL I 864 14.36 -68.17 82.81
CA VAL I 864 15.10 -67.26 81.94
C VAL I 864 16.02 -66.36 82.78
N GLU I 865 17.07 -66.95 83.32
CA GLU I 865 18.00 -66.19 84.15
C GLU I 865 18.97 -65.36 83.31
N LEU I 866 19.38 -64.22 83.84
CA LEU I 866 20.41 -63.41 83.22
C LEU I 866 21.75 -63.63 83.91
N TRP I 867 22.55 -64.48 83.30
CA TRP I 867 23.90 -64.79 83.74
C TRP I 867 24.91 -63.88 83.09
N ASN I 868 26.17 -63.97 83.51
CA ASN I 868 27.23 -63.20 82.89
C ASN I 868 28.38 -64.13 82.52
N THR I 869 28.63 -64.29 81.22
CA THR I 869 29.61 -65.25 80.73
C THR I 869 31.05 -64.86 81.06
N ASP I 870 31.92 -65.87 81.12
CA ASP I 870 33.33 -65.73 81.45
C ASP I 870 33.53 -65.36 82.92
N SER I 871 32.85 -64.30 83.37
CA SER I 871 32.80 -63.97 84.78
C SER I 871 32.07 -65.08 85.55
N ARG I 872 31.21 -65.80 84.83
CA ARG I 872 30.55 -67.00 85.35
C ARG I 872 29.73 -66.74 86.61
N SER I 873 28.95 -65.66 86.59
CA SER I 873 28.03 -65.36 87.67
C SER I 873 26.74 -64.73 87.15
N LYS I 874 25.62 -65.08 87.77
CA LYS I 874 24.33 -64.54 87.38
C LYS I 874 24.23 -63.04 87.63
N VAL I 875 23.58 -62.33 86.71
CA VAL I 875 23.35 -60.91 86.89
C VAL I 875 22.01 -60.66 87.57
N ALA I 876 20.93 -61.16 86.98
CA ALA I 876 19.61 -60.98 87.59
C ALA I 876 18.54 -61.95 87.08
N ASP I 877 17.54 -62.20 87.92
CA ASP I 877 16.42 -63.05 87.55
C ASP I 877 15.48 -62.32 86.61
N CYS I 878 14.80 -63.07 85.74
CA CYS I 878 13.82 -62.49 84.84
C CYS I 878 12.52 -63.30 84.84
N ARG I 879 11.66 -63.10 85.83
CA ARG I 879 10.28 -63.63 85.81
C ARG I 879 9.34 -62.92 84.81
N GLY I 880 8.30 -63.62 84.34
CA GLY I 880 7.34 -63.07 83.40
C GLY I 880 6.90 -63.68 82.06
N HIS I 881 7.31 -64.89 81.73
CA HIS I 881 6.70 -65.59 80.59
C HIS I 881 5.86 -66.78 81.08
N LEU I 882 4.69 -66.96 80.46
CA LEU I 882 3.72 -68.01 80.78
C LEU I 882 3.82 -69.07 79.66
N SER I 883 3.72 -70.36 80.01
CA SER I 883 3.91 -71.51 79.08
C SER I 883 5.33 -72.07 79.00
N TRP I 884 6.21 -71.62 79.88
CA TRP I 884 7.63 -71.91 79.76
C TRP I 884 8.13 -71.38 78.41
N VAL I 885 9.04 -70.41 78.43
CA VAL I 885 9.49 -69.77 77.20
C VAL I 885 9.53 -70.74 76.04
N HIS I 886 9.56 -70.18 74.85
CA HIS I 886 9.74 -70.97 73.64
C HIS I 886 10.96 -70.42 72.92
N GLY I 887 11.33 -69.18 73.23
CA GLY I 887 12.57 -68.66 72.67
C GLY I 887 12.84 -67.18 72.91
N VAL I 888 14.12 -66.82 72.81
CA VAL I 888 14.60 -65.47 73.08
C VAL I 888 15.74 -65.16 72.12
N MET I 889 15.89 -63.89 71.72
CA MET I 889 17.08 -63.50 70.97
C MET I 889 17.29 -61.99 71.03
N PHE I 890 18.56 -61.58 71.11
CA PHE I 890 18.92 -60.18 71.25
C PHE I 890 18.81 -59.39 69.96
N SER I 891 18.63 -58.08 70.11
CA SER I 891 18.67 -57.15 68.99
C SER I 891 20.07 -57.10 68.43
N PRO I 892 20.21 -56.78 67.13
CA PRO I 892 21.55 -56.63 66.54
C PRO I 892 22.34 -55.56 67.25
N ASP I 893 21.66 -54.52 67.74
CA ASP I 893 22.30 -53.54 68.61
C ASP I 893 22.68 -54.17 69.95
N GLY I 894 21.93 -55.19 70.35
CA GLY I 894 22.19 -55.87 71.60
C GLY I 894 21.58 -55.15 72.78
N SER I 895 20.90 -54.04 72.49
CA SER I 895 20.30 -53.21 73.53
C SER I 895 18.95 -53.76 73.99
N SER I 896 18.46 -54.79 73.30
CA SER I 896 17.18 -55.37 73.61
C SER I 896 17.07 -56.81 73.12
N PHE I 897 16.04 -57.52 73.54
CA PHE I 897 15.82 -58.88 73.07
C PHE I 897 14.35 -59.29 73.06
N LEU I 898 13.96 -60.03 72.04
CA LEU I 898 12.62 -60.61 71.96
C LEU I 898 12.50 -61.83 72.87
N THR I 899 11.29 -62.14 73.30
CA THR I 899 11.05 -63.34 74.09
C THR I 899 9.81 -64.10 73.60
N SER I 900 9.99 -64.95 72.59
CA SER I 900 8.92 -65.81 72.12
C SER I 900 8.55 -66.80 73.23
N SER I 901 7.27 -67.14 73.32
CA SER I 901 6.82 -68.03 74.39
C SER I 901 5.66 -68.91 73.97
N ASP I 902 5.44 -69.99 74.72
CA ASP I 902 4.41 -70.95 74.40
C ASP I 902 3.01 -70.36 74.49
N ASP I 903 2.84 -69.29 75.25
CA ASP I 903 1.51 -68.71 75.40
C ASP I 903 1.03 -68.28 74.02
N GLN I 904 2.01 -67.95 73.17
CA GLN I 904 1.84 -67.12 71.97
C GLN I 904 2.18 -65.63 72.15
N THR I 905 3.20 -65.34 72.95
CA THR I 905 3.53 -64.00 73.41
C THR I 905 4.99 -63.65 73.19
N ILE I 906 5.25 -62.44 72.71
CA ILE I 906 6.61 -61.96 72.51
C ILE I 906 6.85 -60.67 73.31
N ARG I 907 7.65 -60.77 74.36
CA ARG I 907 7.89 -59.60 75.19
C ARG I 907 9.23 -58.96 74.88
N LEU I 908 9.17 -57.71 74.45
CA LEU I 908 10.34 -56.87 74.30
C LEU I 908 10.93 -56.50 75.66
N TRP I 909 12.26 -56.41 75.72
CA TRP I 909 12.93 -56.03 76.96
C TRP I 909 14.18 -55.21 76.73
N GLU I 910 14.33 -54.15 77.52
CA GLU I 910 15.55 -53.35 77.54
C GLU I 910 16.68 -54.13 78.20
N THR I 911 17.91 -53.94 77.71
CA THR I 911 19.07 -54.62 78.26
C THR I 911 19.36 -54.21 79.70
N LYS I 912 19.19 -52.93 79.99
CA LYS I 912 19.51 -52.36 81.31
C LYS I 912 18.69 -52.95 82.45
N LYS I 913 17.40 -53.19 82.19
CA LYS I 913 16.47 -53.62 83.22
C LYS I 913 16.83 -54.97 83.84
N VAL I 914 17.30 -55.90 83.01
CA VAL I 914 17.58 -57.26 83.46
C VAL I 914 18.66 -57.34 84.54
N CYS I 915 19.72 -56.53 84.40
CA CYS I 915 20.84 -56.57 85.32
C CYS I 915 20.44 -56.21 86.75
N LYS I 916 19.59 -55.19 86.88
CA LYS I 916 19.14 -54.73 88.19
C LYS I 916 18.35 -55.83 88.88
N ASN I 917 18.50 -55.96 90.20
CA ASN I 917 17.82 -57.03 90.91
C ASN I 917 16.37 -56.66 91.19
N SER I 918 15.50 -57.68 91.22
CA SER I 918 14.09 -57.45 91.48
C SER I 918 13.46 -58.62 92.24
N ALA I 919 13.92 -58.83 93.47
CA ALA I 919 13.39 -59.91 94.30
C ALA I 919 11.92 -59.69 94.62
N VAL I 920 11.06 -60.00 93.65
CA VAL I 920 9.62 -59.82 93.82
C VAL I 920 8.86 -61.01 93.25
N MET I 921 7.63 -60.77 92.79
CA MET I 921 6.79 -61.82 92.22
C MET I 921 6.76 -63.05 93.12
N LEU I 922 5.86 -63.05 94.09
CA LEU I 922 5.70 -64.18 95.01
C LEU I 922 5.65 -65.52 94.28
N LYS I 923 6.00 -66.57 95.01
CA LYS I 923 6.02 -67.95 94.52
C LYS I 923 4.64 -68.43 94.14
N GLN I 924 4.58 -69.31 93.15
CA GLN I 924 3.33 -69.64 92.46
C GLN I 924 2.20 -70.21 93.32
N GLU I 925 2.54 -71.15 94.21
CA GLU I 925 1.53 -71.75 95.08
C GLU I 925 1.74 -71.29 96.52
N VAL I 926 0.69 -70.69 97.08
CA VAL I 926 0.73 -70.19 98.46
C VAL I 926 -0.62 -70.37 99.13
N ASP I 927 -0.61 -70.42 100.46
CA ASP I 927 -1.85 -70.49 101.22
C ASP I 927 -2.03 -69.19 101.98
N VAL I 928 -3.22 -68.59 101.87
CA VAL I 928 -3.55 -67.36 102.59
C VAL I 928 -4.71 -67.55 103.58
N VAL I 929 -4.53 -67.08 104.81
CA VAL I 929 -5.56 -67.19 105.85
C VAL I 929 -6.13 -65.83 106.24
N PHE I 930 -7.46 -65.71 106.19
CA PHE I 930 -8.11 -64.42 106.42
C PHE I 930 -8.83 -64.29 107.76
N GLN I 931 -8.34 -63.35 108.56
CA GLN I 931 -8.78 -63.15 109.93
C GLN I 931 -9.55 -61.85 110.18
N GLU I 932 -10.10 -61.26 109.12
CA GLU I 932 -10.82 -59.98 109.21
C GLU I 932 -10.42 -58.79 108.27
N ASN I 933 -10.10 -57.65 108.87
CA ASN I 933 -9.71 -56.36 108.23
C ASN I 933 -8.40 -56.27 107.42
N GLU I 934 -7.46 -57.14 107.79
CA GLU I 934 -6.21 -57.33 107.08
C GLU I 934 -6.12 -58.80 106.68
N VAL I 935 -5.70 -59.06 105.44
CA VAL I 935 -5.53 -60.43 104.93
C VAL I 935 -4.04 -60.72 104.75
N MET I 936 -3.57 -61.86 105.26
CA MET I 936 -2.17 -62.24 105.17
C MET I 936 -1.99 -63.41 104.17
N VAL I 937 -1.06 -63.27 103.23
CA VAL I 937 -0.84 -64.28 102.19
C VAL I 937 0.45 -65.06 102.48
N LEU I 938 0.35 -66.39 102.47
CA LEU I 938 1.52 -67.24 102.66
C LEU I 938 2.48 -67.05 101.49
N ALA I 939 3.77 -67.03 101.78
CA ALA I 939 4.77 -66.80 100.75
C ALA I 939 6.00 -67.69 100.91
N VAL I 940 6.69 -67.94 99.80
CA VAL I 940 7.94 -68.69 99.81
C VAL I 940 9.06 -67.74 99.43
N ASP I 941 10.12 -67.71 100.25
CA ASP I 941 11.18 -66.73 100.06
C ASP I 941 11.81 -66.91 98.69
N HIS I 942 12.24 -65.80 98.09
CA HIS I 942 12.84 -65.83 96.77
C HIS I 942 14.13 -66.63 96.76
N ILE I 943 14.75 -66.74 97.93
CA ILE I 943 16.00 -67.49 98.05
C ILE I 943 15.82 -68.81 98.80
N ARG I 944 15.20 -68.76 99.98
CA ARG I 944 15.14 -69.93 100.84
C ARG I 944 13.73 -70.30 101.31
N ARG I 945 13.35 -69.84 102.51
CA ARG I 945 12.13 -70.30 103.16
C ARG I 945 10.92 -69.45 102.80
N LEU I 946 10.69 -68.40 103.59
CA LEU I 946 9.47 -67.61 103.43
C LEU I 946 9.54 -66.21 104.06
N GLN I 947 8.62 -65.35 103.60
CA GLN I 947 8.36 -64.05 104.22
C GLN I 947 6.85 -63.81 104.21
N LEU I 948 6.33 -63.34 105.34
CA LEU I 948 4.93 -63.03 105.41
C LEU I 948 4.78 -61.53 105.23
N ILE I 949 4.21 -61.13 104.11
CA ILE I 949 3.88 -59.73 103.89
C ILE I 949 2.37 -59.52 103.95
N ASN I 950 1.93 -58.80 104.98
CA ASN I 950 0.53 -58.43 105.09
C ASN I 950 0.17 -57.43 104.00
N GLY I 951 -1.07 -57.44 103.58
CA GLY I 951 -1.53 -56.47 102.61
C GLY I 951 -1.61 -55.09 103.24
N ARG I 952 -1.59 -54.07 102.41
CA ARG I 952 -1.67 -52.68 102.86
C ARG I 952 -0.57 -52.32 103.86
N THR I 953 0.59 -52.95 103.72
CA THR I 953 1.75 -52.63 104.55
C THR I 953 3.04 -53.21 103.98
N GLY I 954 4.16 -52.66 104.42
CA GLY I 954 5.48 -53.14 104.02
C GLY I 954 6.09 -54.06 105.06
N GLN I 955 5.23 -54.63 105.91
CA GLN I 955 5.69 -55.42 107.03
C GLN I 955 6.04 -56.87 106.63
N ILE I 956 7.26 -57.04 106.13
CA ILE I 956 7.80 -58.36 105.81
C ILE I 956 8.00 -59.18 107.09
N ASP I 957 7.73 -60.48 107.03
CA ASP I 957 7.95 -61.36 108.18
C ASP I 957 8.72 -62.61 107.75
N TYR I 958 10.03 -62.45 107.63
CA TYR I 958 10.92 -63.54 107.22
C TYR I 958 11.11 -64.60 108.29
N LEU I 959 11.31 -65.85 107.86
CA LEU I 959 11.59 -66.96 108.76
C LEU I 959 12.62 -67.90 108.12
N THR I 960 13.33 -68.66 108.94
CA THR I 960 14.37 -69.55 108.42
C THR I 960 14.07 -71.04 108.60
N GLU I 961 14.36 -71.79 107.53
CA GLU I 961 14.26 -73.25 107.51
C GLU I 961 14.94 -73.74 106.23
N ALA I 962 15.32 -75.00 106.17
CA ALA I 962 15.95 -75.54 104.97
C ALA I 962 14.92 -75.78 103.88
N GLN I 963 14.39 -74.70 103.32
CA GLN I 963 13.39 -74.73 102.27
C GLN I 963 12.14 -75.53 102.66
N VAL I 964 11.15 -74.84 103.21
CA VAL I 964 9.89 -75.47 103.56
C VAL I 964 9.16 -75.98 102.32
N SER I 965 8.54 -77.14 102.43
CA SER I 965 7.81 -77.73 101.31
C SER I 965 6.39 -77.18 101.18
N CYS I 966 5.78 -76.92 102.34
CA CYS I 966 4.41 -76.41 102.40
C CYS I 966 4.17 -75.86 103.80
N CYS I 967 3.12 -75.08 103.99
CA CYS I 967 2.89 -74.45 105.29
C CYS I 967 1.43 -74.39 105.69
N CYS I 968 1.18 -74.28 107.00
CA CYS I 968 -0.17 -74.17 107.53
C CYS I 968 -0.19 -73.53 108.92
N LEU I 969 -1.01 -72.50 109.08
CA LEU I 969 -1.21 -71.88 110.39
C LEU I 969 -2.16 -72.69 111.28
N SER I 970 -1.95 -72.58 112.58
CA SER I 970 -2.80 -73.24 113.57
C SER I 970 -4.15 -72.55 113.74
N PRO I 971 -5.17 -73.32 114.17
CA PRO I 971 -6.47 -72.73 114.51
C PRO I 971 -6.32 -71.77 115.69
N HIS I 972 -7.10 -70.70 115.70
CA HIS I 972 -7.02 -69.67 116.73
C HIS I 972 -5.60 -69.12 116.88
N LEU I 973 -4.89 -69.05 115.75
CA LEU I 973 -3.54 -68.49 115.69
C LEU I 973 -2.57 -69.17 116.65
N GLN I 974 -1.68 -68.36 117.24
CA GLN I 974 -0.75 -68.79 118.29
C GLN I 974 0.35 -69.75 117.84
N TYR I 975 0.26 -70.23 116.61
CA TYR I 975 1.28 -71.13 116.07
C TYR I 975 1.42 -70.99 114.56
N ILE I 976 2.47 -71.61 114.04
CA ILE I 976 2.73 -71.66 112.61
C ILE I 976 3.30 -73.05 112.31
N ALA I 977 3.15 -73.55 111.09
CA ALA I 977 3.64 -74.89 110.79
C ALA I 977 4.09 -75.04 109.34
N PHE I 978 4.91 -76.04 109.10
CA PHE I 978 5.40 -76.33 107.76
C PHE I 978 5.77 -77.80 107.57
N GLY I 979 5.69 -78.27 106.32
CA GLY I 979 6.10 -79.61 105.96
C GLY I 979 7.57 -79.67 105.59
N ASP I 980 7.99 -80.81 105.05
CA ASP I 980 9.39 -81.00 104.66
C ASP I 980 9.49 -82.04 103.54
N GLU I 981 10.65 -82.06 102.89
CA GLU I 981 10.91 -82.98 101.78
C GLU I 981 10.85 -84.43 102.25
N ASN I 982 11.19 -84.65 103.51
CA ASN I 982 11.12 -85.97 104.11
C ASN I 982 9.71 -86.29 104.61
N GLY I 983 8.82 -85.31 104.51
CA GLY I 983 7.47 -85.46 105.01
C GLY I 983 7.34 -85.09 106.48
N ALA I 984 8.45 -84.70 107.08
CA ALA I 984 8.46 -84.20 108.46
C ALA I 984 7.67 -82.90 108.54
N ILE I 985 6.95 -82.68 109.63
CA ILE I 985 6.15 -81.48 109.74
C ILE I 985 6.33 -80.80 111.10
N GLU I 986 7.05 -79.69 111.11
CA GLU I 986 7.24 -78.88 112.32
C GLU I 986 6.07 -77.93 112.57
N ILE I 987 5.81 -77.62 113.82
CA ILE I 987 4.84 -76.59 114.18
C ILE I 987 5.46 -75.59 115.16
N LEU I 988 6.18 -74.61 114.62
CA LEU I 988 6.82 -73.58 115.44
C LEU I 988 5.78 -72.75 116.19
N GLU I 989 6.02 -72.50 117.48
CA GLU I 989 5.18 -71.60 118.24
C GLU I 989 5.50 -70.14 117.91
N LEU I 990 4.49 -69.27 117.95
CA LEU I 990 4.70 -67.85 117.72
C LEU I 990 5.34 -67.16 118.92
N VAL I 991 4.91 -67.57 120.11
CA VAL I 991 5.38 -66.96 121.34
C VAL I 991 6.88 -67.17 121.56
N ASN I 992 7.37 -68.31 121.10
CA ASN I 992 8.78 -68.63 121.27
C ASN I 992 9.30 -69.52 120.13
N ASN I 993 10.37 -69.08 119.50
CA ASN I 993 11.00 -69.84 118.42
C ASN I 993 11.66 -71.13 118.89
N ARG I 994 12.03 -71.18 120.16
CA ARG I 994 12.66 -72.38 120.72
C ARG I 994 11.72 -73.59 120.76
N ILE I 995 10.44 -73.34 120.93
CA ILE I 995 9.46 -74.43 121.08
C ILE I 995 8.92 -74.88 119.73
N PHE I 996 9.04 -76.18 119.47
CA PHE I 996 8.55 -76.76 118.23
C PHE I 996 8.36 -78.27 118.40
N GLN I 997 7.57 -78.86 117.53
CA GLN I 997 7.46 -80.31 117.43
C GLN I 997 7.76 -80.66 115.98
N SER I 998 8.58 -81.68 115.75
CA SER I 998 8.88 -82.11 114.38
C SER I 998 8.35 -83.53 114.21
N ARG I 999 7.64 -83.80 113.13
CA ARG I 999 7.10 -85.14 112.91
C ARG I 999 7.78 -85.79 111.70
N PHE I 1000 8.29 -87.00 111.89
CA PHE I 1000 8.97 -87.68 110.77
C PHE I 1000 8.05 -88.75 110.20
N GLN I 1001 7.69 -88.62 108.93
CA GLN I 1001 6.66 -89.49 108.39
C GLN I 1001 6.61 -89.33 106.87
N HIS I 1002 5.96 -90.28 106.20
CA HIS I 1002 5.76 -90.28 104.75
C HIS I 1002 7.03 -90.58 103.98
N LYS I 1003 6.91 -91.42 102.97
CA LYS I 1003 8.04 -91.84 102.14
C LYS I 1003 8.65 -90.66 101.38
N LYS I 1004 7.82 -89.67 101.06
CA LYS I 1004 8.26 -88.51 100.31
C LYS I 1004 7.76 -87.24 100.97
N THR I 1005 7.73 -86.15 100.20
CA THR I 1005 7.23 -84.88 100.69
C THR I 1005 5.74 -85.01 101.05
N VAL I 1006 5.35 -84.43 102.17
CA VAL I 1006 3.96 -84.48 102.61
C VAL I 1006 3.04 -83.72 101.66
N TRP I 1007 1.85 -84.28 101.39
CA TRP I 1007 0.87 -83.61 100.55
C TRP I 1007 0.01 -82.67 101.39
N HIS I 1008 -1.28 -82.98 101.45
CA HIS I 1008 -2.25 -82.13 102.15
C HIS I 1008 -1.97 -82.08 103.65
N ILE I 1009 -2.16 -80.90 104.23
CA ILE I 1009 -2.02 -80.71 105.68
C ILE I 1009 -3.21 -79.93 106.21
N GLN I 1010 -3.80 -80.40 107.29
CA GLN I 1010 -4.94 -79.71 107.88
C GLN I 1010 -5.02 -79.98 109.37
N PHE I 1011 -5.48 -78.98 110.11
CA PHE I 1011 -5.57 -79.05 111.56
C PHE I 1011 -7.01 -79.29 112.01
N THR I 1012 -7.19 -79.88 113.19
CA THR I 1012 -8.51 -80.09 113.75
C THR I 1012 -9.06 -78.78 114.30
N ALA I 1013 -10.33 -78.78 114.68
CA ALA I 1013 -10.95 -77.61 115.29
C ALA I 1013 -10.25 -77.28 116.60
N ASP I 1014 -9.70 -78.31 117.24
CA ASP I 1014 -8.81 -78.14 118.37
C ASP I 1014 -7.48 -77.56 117.89
N GLU I 1015 -6.82 -76.80 118.73
CA GLU I 1015 -5.51 -76.25 118.40
C GLU I 1015 -4.50 -77.38 118.22
N LYS I 1016 -4.77 -78.51 118.87
CA LYS I 1016 -3.93 -79.69 118.80
C LYS I 1016 -4.24 -80.56 117.58
N THR I 1017 -3.38 -81.56 117.37
CA THR I 1017 -3.55 -82.61 116.37
C THR I 1017 -3.34 -82.15 114.92
N LEU I 1018 -2.12 -82.40 114.42
CA LEU I 1018 -1.82 -82.27 112.99
C LEU I 1018 -2.49 -83.40 112.21
N ILE I 1019 -2.92 -83.12 110.98
CA ILE I 1019 -3.35 -84.18 110.09
C ILE I 1019 -2.67 -83.96 108.74
N SER I 1020 -2.23 -85.04 108.11
CA SER I 1020 -1.48 -84.94 106.86
C SER I 1020 -1.58 -86.20 106.02
N SER I 1021 -1.07 -86.15 104.78
CA SER I 1021 -1.01 -87.31 103.92
C SER I 1021 0.08 -87.14 102.87
N SER I 1022 0.49 -88.26 102.26
CA SER I 1022 1.47 -88.23 101.17
C SER I 1022 1.44 -89.52 100.37
N ASP I 1023 2.62 -90.06 100.07
CA ASP I 1023 2.72 -91.27 99.27
C ASP I 1023 2.17 -92.49 100.01
N ASP I 1024 2.14 -92.43 101.33
CA ASP I 1024 1.60 -93.54 102.13
C ASP I 1024 0.10 -93.74 101.87
N ALA I 1025 -0.32 -94.99 101.86
CA ALA I 1025 -1.73 -95.31 101.69
C ALA I 1025 -2.54 -94.77 102.86
N GLU I 1026 -1.92 -94.75 104.03
CA GLU I 1026 -2.56 -94.27 105.24
C GLU I 1026 -2.65 -92.74 105.26
N ILE I 1027 -3.69 -92.23 105.91
CA ILE I 1027 -3.76 -90.80 106.16
C ILE I 1027 -3.23 -90.50 107.56
N GLN I 1028 -2.09 -89.82 107.62
CA GLN I 1028 -1.47 -89.47 108.88
C GLN I 1028 -2.33 -88.56 109.74
N VAL I 1029 -2.38 -88.86 111.03
CA VAL I 1029 -2.92 -87.95 112.03
C VAL I 1029 -1.93 -87.91 113.18
N TRP I 1030 -1.06 -86.92 113.15
CA TRP I 1030 -0.01 -86.80 114.17
C TRP I 1030 -0.30 -85.64 115.11
N ASN I 1031 -0.83 -85.96 116.29
CA ASN I 1031 -1.04 -84.92 117.28
C ASN I 1031 0.33 -84.42 117.73
N TRP I 1032 0.49 -83.11 117.82
CA TRP I 1032 1.77 -82.52 118.20
C TRP I 1032 1.86 -82.41 119.72
N GLN I 1033 3.06 -82.09 120.21
CA GLN I 1033 3.35 -82.06 121.65
C GLN I 1033 3.19 -83.44 122.26
N LEU I 1034 1.97 -83.97 122.21
CA LEU I 1034 1.68 -85.33 122.64
C LEU I 1034 2.41 -86.32 121.75
N ASP I 1035 2.73 -85.87 120.53
CA ASP I 1035 3.43 -86.67 119.52
C ASP I 1035 2.68 -87.95 119.19
N LYS I 1036 1.35 -87.89 119.22
CA LYS I 1036 0.52 -89.05 118.91
C LYS I 1036 0.53 -89.33 117.42
N CYS I 1037 0.38 -90.60 117.05
CA CYS I 1037 0.50 -91.00 115.65
C CYS I 1037 -0.65 -91.89 115.19
N ILE I 1038 -1.88 -91.40 115.33
CA ILE I 1038 -3.02 -92.16 114.85
C ILE I 1038 -2.99 -92.22 113.33
N PHE I 1039 -3.30 -93.37 112.74
CA PHE I 1039 -3.30 -93.50 111.29
C PHE I 1039 -4.65 -93.90 110.73
N LEU I 1040 -4.95 -93.38 109.53
CA LEU I 1040 -6.14 -93.79 108.78
C LEU I 1040 -5.75 -94.85 107.75
N ARG I 1041 -5.92 -96.12 108.12
CA ARG I 1041 -5.47 -97.21 107.26
C ARG I 1041 -6.46 -97.49 106.14
N GLY I 1042 -6.38 -96.69 105.08
CA GLY I 1042 -7.30 -96.80 103.96
C GLY I 1042 -7.02 -97.88 102.94
N HIS I 1043 -5.82 -98.46 103.00
CA HIS I 1043 -5.40 -99.52 102.09
C HIS I 1043 -5.54 -99.13 100.61
N GLN I 1044 -5.42 -97.83 100.36
CA GLN I 1044 -5.35 -97.28 99.01
C GLN I 1044 -3.92 -97.31 98.47
N GLU I 1045 -3.76 -97.13 97.17
CA GLU I 1045 -2.43 -97.01 96.59
C GLU I 1045 -1.82 -95.76 97.22
N THR I 1046 -2.65 -94.73 97.33
CA THR I 1046 -2.39 -93.59 98.20
C THR I 1046 -3.72 -92.87 98.37
N VAL I 1047 -3.85 -92.07 99.43
CA VAL I 1047 -5.00 -91.16 99.50
C VAL I 1047 -4.62 -89.83 98.87
N LYS I 1048 -5.42 -89.40 97.89
CA LYS I 1048 -5.11 -88.21 97.13
C LYS I 1048 -5.27 -86.94 97.94
N ASP I 1049 -6.36 -86.83 98.68
CA ASP I 1049 -6.62 -85.62 99.44
C ASP I 1049 -7.67 -85.88 100.51
N PHE I 1050 -7.79 -84.96 101.47
CA PHE I 1050 -8.78 -85.07 102.52
C PHE I 1050 -9.18 -83.69 103.03
N ARG I 1051 -10.35 -83.62 103.66
CA ARG I 1051 -10.86 -82.36 104.20
C ARG I 1051 -11.66 -82.59 105.49
N LEU I 1052 -11.74 -81.55 106.31
CA LEU I 1052 -12.53 -81.57 107.54
C LEU I 1052 -14.03 -81.53 107.28
N LEU I 1053 -14.77 -82.34 108.02
CA LEU I 1053 -16.23 -82.25 108.04
C LEU I 1053 -16.68 -81.57 109.34
N LYS I 1054 -17.92 -81.08 109.36
CA LYS I 1054 -18.43 -80.35 110.51
C LYS I 1054 -18.46 -81.22 111.76
N ASN I 1055 -18.64 -82.53 111.56
CA ASN I 1055 -18.62 -83.48 112.67
C ASN I 1055 -17.19 -83.85 113.05
N SER I 1056 -17.05 -84.98 113.75
CA SER I 1056 -15.74 -85.52 114.05
C SER I 1056 -15.24 -86.29 112.83
N ARG I 1057 -16.12 -86.43 111.84
CA ARG I 1057 -15.79 -87.12 110.60
C ARG I 1057 -14.73 -86.40 109.79
N LEU I 1058 -13.89 -87.16 109.09
CA LEU I 1058 -12.87 -86.58 108.22
C LEU I 1058 -12.99 -87.09 106.79
N LEU I 1059 -13.53 -86.25 105.91
CA LEU I 1059 -13.73 -86.63 104.51
C LEU I 1059 -12.39 -86.86 103.81
N SER I 1060 -12.38 -87.79 102.87
CA SER I 1060 -11.16 -88.08 102.09
C SER I 1060 -11.47 -88.77 100.78
N TRP I 1061 -10.49 -88.74 99.87
CA TRP I 1061 -10.60 -89.48 98.61
C TRP I 1061 -9.21 -89.77 98.03
N SER I 1062 -9.13 -90.86 97.27
CA SER I 1062 -7.85 -91.33 96.76
C SER I 1062 -7.87 -91.47 95.24
N PHE I 1063 -6.90 -92.21 94.73
CA PHE I 1063 -6.82 -92.48 93.30
C PHE I 1063 -7.76 -93.59 92.83
N ASP I 1064 -8.36 -94.32 93.77
CA ASP I 1064 -9.40 -95.27 93.40
C ASP I 1064 -10.74 -94.55 93.27
N GLY I 1065 -10.78 -93.29 93.68
CA GLY I 1065 -11.97 -92.48 93.54
C GLY I 1065 -12.99 -92.71 94.62
N THR I 1066 -12.63 -93.51 95.62
CA THR I 1066 -13.51 -93.70 96.77
C THR I 1066 -13.66 -92.39 97.52
N VAL I 1067 -14.90 -92.06 97.89
CA VAL I 1067 -15.14 -90.88 98.71
C VAL I 1067 -15.37 -91.36 100.14
N LYS I 1068 -14.27 -91.61 100.84
CA LYS I 1068 -14.32 -92.09 102.21
C LYS I 1068 -14.74 -91.02 103.19
N VAL I 1069 -15.46 -91.42 104.22
CA VAL I 1069 -15.79 -90.55 105.32
C VAL I 1069 -15.24 -91.15 106.60
N TRP I 1070 -14.08 -90.66 107.01
CA TRP I 1070 -13.37 -91.14 108.19
C TRP I 1070 -13.78 -90.36 109.42
N ASN I 1071 -12.85 -90.26 110.38
CA ASN I 1071 -13.03 -89.43 111.57
C ASN I 1071 -11.76 -88.65 111.89
N ILE I 1072 -11.93 -87.46 112.45
CA ILE I 1072 -10.78 -86.63 112.83
C ILE I 1072 -10.06 -87.23 114.03
N ILE I 1073 -8.77 -86.93 114.13
CA ILE I 1073 -7.92 -87.45 115.21
C ILE I 1073 -7.89 -88.97 115.15
N THR I 1074 -8.95 -89.60 115.65
CA THR I 1074 -9.07 -91.06 115.60
C THR I 1074 -9.43 -91.53 114.19
N GLY I 1075 -8.62 -92.43 113.65
CA GLY I 1075 -8.92 -93.03 112.36
C GLY I 1075 -10.05 -94.03 112.45
N ASN I 1076 -11.10 -93.78 111.67
CA ASN I 1076 -12.26 -94.68 111.65
C ASN I 1076 -13.13 -94.39 110.44
N LYS I 1077 -13.11 -95.29 109.47
CA LYS I 1077 -13.83 -95.10 108.21
C LYS I 1077 -15.32 -95.38 108.41
N GLU I 1078 -16.02 -94.41 108.99
CA GLU I 1078 -17.46 -94.54 109.31
C GLU I 1078 -18.46 -94.68 108.14
N LYS I 1079 -18.29 -93.87 107.10
CA LYS I 1079 -19.15 -93.93 105.91
C LYS I 1079 -18.20 -94.04 104.71
N ASP I 1080 -18.43 -94.99 103.81
CA ASP I 1080 -17.52 -95.13 102.66
C ASP I 1080 -18.27 -94.98 101.32
N PHE I 1081 -17.74 -94.20 100.39
CA PHE I 1081 -18.41 -93.99 99.10
C PHE I 1081 -17.51 -94.31 97.90
N VAL I 1082 -18.06 -94.96 96.88
CA VAL I 1082 -17.26 -95.29 95.70
C VAL I 1082 -17.87 -94.55 94.51
N CYS I 1083 -17.78 -93.22 94.55
CA CYS I 1083 -18.43 -92.36 93.57
C CYS I 1083 -17.80 -92.47 92.18
N HIS I 1084 -16.54 -92.88 92.12
CA HIS I 1084 -15.84 -92.97 90.85
C HIS I 1084 -14.86 -94.14 90.82
N GLN I 1085 -14.92 -94.94 89.77
CA GLN I 1085 -13.92 -95.97 89.54
C GLN I 1085 -12.57 -95.31 89.27
N GLY I 1086 -12.61 -94.15 88.63
CA GLY I 1086 -11.43 -93.32 88.42
C GLY I 1086 -11.22 -92.42 89.61
N THR I 1087 -10.15 -91.65 89.59
CA THR I 1087 -9.81 -90.76 90.70
C THR I 1087 -10.86 -89.67 90.87
N VAL I 1088 -11.12 -89.29 92.12
CA VAL I 1088 -11.95 -88.13 92.38
C VAL I 1088 -11.25 -86.87 91.89
N LEU I 1089 -11.74 -86.30 90.79
CA LEU I 1089 -11.03 -85.17 90.19
C LEU I 1089 -11.01 -83.83 90.96
N SER I 1090 -12.18 -83.38 91.40
CA SER I 1090 -12.32 -82.25 92.30
C SER I 1090 -13.57 -82.69 93.05
N CYS I 1091 -13.58 -82.56 94.38
CA CYS I 1091 -14.79 -82.83 95.16
C CYS I 1091 -14.95 -81.59 96.04
N ASP I 1092 -16.16 -81.02 96.10
CA ASP I 1092 -16.40 -79.88 96.97
C ASP I 1092 -17.48 -80.22 97.98
N ILE I 1093 -17.30 -79.76 99.22
CA ILE I 1093 -18.32 -79.85 100.27
C ILE I 1093 -18.94 -78.48 100.61
N SER I 1094 -20.26 -78.45 100.77
CA SER I 1094 -21.05 -77.21 100.90
C SER I 1094 -20.79 -76.27 102.09
N HIS I 1095 -20.59 -76.83 103.28
CA HIS I 1095 -20.25 -76.07 104.50
C HIS I 1095 -21.37 -75.54 105.41
N ASP I 1096 -22.64 -75.72 105.04
CA ASP I 1096 -23.75 -75.59 105.98
C ASP I 1096 -24.08 -76.97 106.52
N ALA I 1097 -24.23 -77.08 107.84
CA ALA I 1097 -24.39 -78.36 108.51
C ALA I 1097 -23.43 -79.41 107.94
N THR I 1098 -23.98 -80.57 107.61
CA THR I 1098 -23.27 -81.58 106.82
C THR I 1098 -24.28 -82.14 105.83
N LYS I 1099 -25.25 -81.29 105.49
CA LYS I 1099 -26.45 -81.68 104.76
C LYS I 1099 -26.16 -82.20 103.34
N PHE I 1100 -25.08 -81.72 102.73
CA PHE I 1100 -24.71 -82.17 101.39
C PHE I 1100 -23.21 -82.17 101.12
N SER I 1101 -22.82 -82.98 100.15
CA SER I 1101 -21.48 -82.95 99.58
C SER I 1101 -21.55 -83.58 98.19
N SER I 1102 -20.66 -83.18 97.30
CA SER I 1102 -20.71 -83.68 95.94
C SER I 1102 -19.33 -83.73 95.30
N THR I 1103 -19.22 -84.54 94.25
CA THR I 1103 -17.99 -84.66 93.49
C THR I 1103 -18.27 -84.99 92.04
N SER I 1104 -17.33 -84.61 91.19
CA SER I 1104 -17.38 -84.95 89.77
C SER I 1104 -15.97 -85.31 89.33
N ALA I 1105 -15.85 -86.32 88.48
CA ALA I 1105 -14.53 -86.85 88.14
C ALA I 1105 -14.49 -87.47 86.75
N ASP I 1106 -14.81 -86.66 85.74
CA ASP I 1106 -14.80 -87.09 84.34
C ASP I 1106 -15.67 -88.34 84.18
N LYS I 1107 -16.86 -88.28 84.74
CA LYS I 1107 -17.78 -89.40 84.70
C LYS I 1107 -19.20 -88.93 84.99
N THR I 1108 -19.51 -88.76 86.27
CA THR I 1108 -20.82 -88.26 86.69
C THR I 1108 -20.68 -87.31 87.87
N ALA I 1109 -21.55 -86.31 87.94
CA ALA I 1109 -21.52 -85.38 89.07
C ALA I 1109 -22.40 -85.89 90.21
N LYS I 1110 -21.86 -86.79 91.02
CA LYS I 1110 -22.60 -87.36 92.13
C LYS I 1110 -22.72 -86.40 93.32
N ILE I 1111 -23.83 -86.55 94.06
CA ILE I 1111 -24.11 -85.73 95.24
C ILE I 1111 -24.84 -86.56 96.28
N TRP I 1112 -24.52 -86.31 97.55
CA TRP I 1112 -24.99 -87.12 98.67
C TRP I 1112 -25.21 -86.27 99.92
N SER I 1113 -25.90 -86.84 100.89
CA SER I 1113 -26.13 -86.18 102.18
C SER I 1113 -25.44 -86.94 103.31
N PHE I 1114 -24.52 -87.83 102.94
CA PHE I 1114 -23.76 -88.69 103.86
C PHE I 1114 -24.62 -89.78 104.54
N ASP I 1115 -25.92 -89.54 104.67
CA ASP I 1115 -26.79 -90.50 105.33
C ASP I 1115 -26.84 -91.84 104.60
N LEU I 1116 -26.70 -91.79 103.28
CA LEU I 1116 -26.67 -93.00 102.47
C LEU I 1116 -25.25 -93.38 102.07
N LEU I 1117 -25.02 -94.67 101.84
CA LEU I 1117 -23.71 -95.17 101.43
C LEU I 1117 -23.48 -94.89 99.94
N LEU I 1118 -24.54 -94.47 99.26
CA LEU I 1118 -24.47 -94.11 97.86
C LEU I 1118 -25.04 -92.70 97.69
N PRO I 1119 -24.58 -91.97 96.66
CA PRO I 1119 -25.01 -90.57 96.50
C PRO I 1119 -26.50 -90.42 96.28
N LEU I 1120 -27.08 -89.35 96.81
CA LEU I 1120 -28.51 -89.09 96.68
C LEU I 1120 -28.92 -88.85 95.23
N HIS I 1121 -27.96 -88.39 94.42
CA HIS I 1121 -28.22 -88.29 92.99
C HIS I 1121 -26.92 -88.40 92.22
N GLU I 1122 -27.01 -88.86 90.98
CA GLU I 1122 -25.83 -89.03 90.14
C GLU I 1122 -26.02 -88.24 88.85
N LEU I 1123 -25.61 -86.97 88.86
CA LEU I 1123 -25.87 -86.10 87.71
C LEU I 1123 -25.16 -86.63 86.48
N ARG I 1124 -25.89 -86.61 85.36
CA ARG I 1124 -25.39 -87.13 84.10
C ARG I 1124 -25.79 -86.23 82.95
N GLY I 1125 -25.72 -84.92 83.18
CA GLY I 1125 -26.11 -83.94 82.18
C GLY I 1125 -24.99 -83.55 81.23
N HIS I 1126 -23.82 -84.16 81.40
CA HIS I 1126 -22.67 -83.78 80.59
C HIS I 1126 -21.96 -85.00 80.00
N ASN I 1127 -22.14 -85.20 78.69
CA ASN I 1127 -21.50 -86.29 77.97
C ASN I 1127 -19.99 -86.12 77.90
N GLY I 1128 -19.53 -84.88 78.00
CA GLY I 1128 -18.11 -84.59 78.03
C GLY I 1128 -17.56 -84.75 79.43
N CYS I 1129 -18.45 -85.05 80.37
CA CYS I 1129 -18.11 -85.34 81.76
C CYS I 1129 -17.57 -84.14 82.52
N VAL I 1130 -18.26 -83.74 83.57
CA VAL I 1130 -17.85 -82.62 84.42
C VAL I 1130 -16.53 -82.88 85.14
N ARG I 1131 -15.66 -81.87 85.17
CA ARG I 1131 -14.33 -82.00 85.76
C ARG I 1131 -14.26 -81.59 87.23
N CYS I 1132 -15.09 -80.62 87.62
CA CYS I 1132 -15.03 -80.11 88.98
C CYS I 1132 -16.34 -79.45 89.40
N SER I 1133 -16.51 -79.26 90.71
CA SER I 1133 -17.75 -78.72 91.24
C SER I 1133 -17.54 -77.94 92.53
N ALA I 1134 -18.43 -77.00 92.83
CA ALA I 1134 -18.37 -76.23 94.06
C ALA I 1134 -19.76 -75.83 94.55
N PHE I 1135 -19.99 -75.94 95.87
CA PHE I 1135 -21.26 -75.57 96.48
C PHE I 1135 -21.51 -74.08 96.67
N SER I 1136 -22.78 -73.74 96.73
CA SER I 1136 -23.23 -72.38 96.99
C SER I 1136 -22.85 -71.91 98.38
N VAL I 1137 -22.71 -70.61 98.52
CA VAL I 1137 -22.39 -70.02 99.81
C VAL I 1137 -23.66 -70.05 100.67
N ASP I 1138 -23.90 -71.21 101.27
CA ASP I 1138 -25.07 -71.47 102.11
C ASP I 1138 -26.39 -71.17 101.39
N SER I 1139 -26.49 -71.63 100.15
CA SER I 1139 -27.71 -71.48 99.36
C SER I 1139 -28.21 -72.83 98.84
N THR I 1140 -28.52 -72.90 97.55
CA THR I 1140 -28.99 -74.14 96.95
C THR I 1140 -28.36 -74.37 95.57
N LEU I 1141 -27.44 -73.48 95.20
CA LEU I 1141 -26.71 -73.61 93.95
C LEU I 1141 -25.59 -74.63 94.05
N LEU I 1142 -25.19 -75.21 92.93
CA LEU I 1142 -24.05 -76.13 92.90
C LEU I 1142 -23.42 -76.19 91.52
N ALA I 1143 -22.35 -75.42 91.34
CA ALA I 1143 -21.64 -75.35 90.07
C ALA I 1143 -21.00 -76.69 89.71
N THR I 1144 -20.95 -76.99 88.41
CA THR I 1144 -20.23 -78.16 87.92
C THR I 1144 -19.33 -77.73 86.76
N GLY I 1145 -18.04 -77.60 87.05
CA GLY I 1145 -17.06 -77.11 86.10
C GLY I 1145 -16.59 -78.08 85.05
N ASP I 1146 -16.53 -77.62 83.81
CA ASP I 1146 -16.05 -78.43 82.69
C ASP I 1146 -14.58 -78.16 82.41
N ASP I 1147 -13.95 -79.04 81.63
CA ASP I 1147 -12.53 -78.91 81.30
C ASP I 1147 -12.24 -77.65 80.51
N ASN I 1148 -13.23 -77.19 79.74
CA ASN I 1148 -13.07 -75.99 78.93
C ASN I 1148 -13.55 -74.74 79.67
N GLY I 1149 -13.72 -74.88 80.99
CA GLY I 1149 -14.08 -73.75 81.82
C GLY I 1149 -15.58 -73.52 81.85
N GLU I 1150 -16.31 -74.34 81.11
CA GLU I 1150 -17.76 -74.27 81.12
C GLU I 1150 -18.28 -74.64 82.50
N ILE I 1151 -19.31 -73.93 82.95
CA ILE I 1151 -19.90 -74.21 84.25
C ILE I 1151 -21.38 -74.55 84.07
N ARG I 1152 -21.83 -75.59 84.75
CA ARG I 1152 -23.24 -75.92 84.75
C ARG I 1152 -23.78 -75.88 86.17
N ILE I 1153 -24.57 -74.86 86.48
CA ILE I 1153 -25.16 -74.76 87.80
C ILE I 1153 -26.25 -75.82 87.97
N TRP I 1154 -26.32 -76.40 89.16
CA TRP I 1154 -27.33 -77.40 89.47
C TRP I 1154 -27.93 -77.13 90.83
N ASN I 1155 -29.26 -77.08 90.91
CA ASN I 1155 -29.92 -76.83 92.18
C ASN I 1155 -29.64 -77.98 93.14
N VAL I 1156 -29.42 -77.68 94.41
CA VAL I 1156 -29.15 -78.72 95.39
C VAL I 1156 -30.49 -79.35 95.80
N SER I 1157 -30.99 -80.20 94.90
CA SER I 1157 -32.23 -80.93 95.10
C SER I 1157 -32.27 -82.04 94.06
N ASN I 1158 -31.54 -83.12 94.33
CA ASN I 1158 -31.28 -84.19 93.36
C ASN I 1158 -30.64 -83.60 92.12
N GLY I 1159 -31.46 -83.02 91.23
CA GLY I 1159 -30.97 -82.37 90.03
C GLY I 1159 -32.08 -82.10 89.04
N GLU I 1160 -31.93 -81.03 88.28
CA GLU I 1160 -32.87 -80.69 87.22
C GLU I 1160 -32.15 -79.86 86.16
N LEU I 1161 -32.68 -79.87 84.94
CA LEU I 1161 -31.99 -79.23 83.83
C LEU I 1161 -32.00 -77.71 83.97
N LEU I 1162 -31.26 -77.22 84.97
CA LEU I 1162 -31.07 -75.80 85.18
C LEU I 1162 -30.26 -75.21 84.05
N HIS I 1163 -30.53 -73.95 83.70
CA HIS I 1163 -29.86 -73.35 82.57
C HIS I 1163 -28.38 -73.41 82.92
N LEU I 1164 -27.56 -73.83 81.97
CA LEU I 1164 -26.13 -73.88 82.21
C LEU I 1164 -25.62 -72.47 82.43
N CYS I 1165 -24.69 -72.31 83.36
CA CYS I 1165 -24.10 -71.00 83.60
C CYS I 1165 -23.43 -70.63 82.30
N ALA I 1166 -22.80 -71.63 81.69
CA ALA I 1166 -22.26 -71.52 80.35
C ALA I 1166 -21.26 -70.37 80.21
N PRO I 1167 -20.37 -70.22 81.18
CA PRO I 1167 -19.61 -68.98 81.31
C PRO I 1167 -18.78 -68.58 80.08
N LEU I 1168 -18.15 -69.52 79.40
CA LEU I 1168 -17.36 -69.19 78.22
C LEU I 1168 -17.89 -69.84 76.94
N SER I 1169 -18.17 -69.03 75.93
CA SER I 1169 -18.71 -69.56 74.68
C SER I 1169 -17.77 -69.38 73.47
N GLU I 1170 -17.35 -68.15 73.23
CA GLU I 1170 -16.45 -67.85 72.12
C GLU I 1170 -15.09 -67.38 72.65
N GLU I 1171 -14.02 -67.99 72.14
CA GLU I 1171 -12.67 -67.64 72.59
C GLU I 1171 -11.64 -68.28 71.67
N GLY I 1172 -11.38 -69.55 71.90
CA GLY I 1172 -10.44 -70.29 71.07
C GLY I 1172 -9.29 -70.80 71.92
N ALA I 1173 -8.14 -71.00 71.29
CA ALA I 1173 -6.96 -71.53 71.97
C ALA I 1173 -5.90 -70.46 72.21
N ALA I 1174 -6.31 -69.21 71.99
CA ALA I 1174 -5.43 -68.07 72.17
C ALA I 1174 -4.42 -68.31 73.27
N THR I 1175 -4.67 -67.77 74.46
CA THR I 1175 -3.72 -67.92 75.56
C THR I 1175 -4.36 -67.72 76.93
N HIS I 1176 -3.68 -68.21 77.97
CA HIS I 1176 -4.18 -68.09 79.33
C HIS I 1176 -5.66 -68.42 79.41
N GLY I 1177 -6.00 -69.69 79.18
CA GLY I 1177 -7.39 -70.11 79.16
C GLY I 1177 -7.65 -71.48 79.71
N GLY I 1178 -6.64 -72.34 79.71
CA GLY I 1178 -6.85 -73.71 80.18
C GLY I 1178 -7.14 -73.92 81.67
N TRP I 1179 -7.97 -74.92 81.95
CA TRP I 1179 -8.23 -75.34 83.33
C TRP I 1179 -9.40 -74.60 83.99
N VAL I 1180 -10.29 -75.38 84.60
CA VAL I 1180 -11.39 -74.83 85.39
C VAL I 1180 -11.05 -75.01 86.86
N THR I 1181 -10.05 -74.29 87.32
CA THR I 1181 -9.48 -74.46 88.65
C THR I 1181 -10.44 -74.31 89.83
N ASP I 1182 -11.25 -73.27 89.81
CA ASP I 1182 -12.11 -72.99 90.96
C ASP I 1182 -13.31 -72.12 90.60
N LEU I 1183 -14.31 -72.14 91.47
CA LEU I 1183 -15.43 -71.24 91.39
C LEU I 1183 -15.62 -70.52 92.71
N CYS I 1184 -15.71 -69.20 92.66
CA CYS I 1184 -15.99 -68.39 93.85
C CYS I 1184 -17.34 -67.69 93.82
N PHE I 1185 -18.36 -68.34 94.36
CA PHE I 1185 -19.70 -67.74 94.44
C PHE I 1185 -19.73 -66.47 95.28
N SER I 1186 -20.52 -65.49 94.83
CA SER I 1186 -20.74 -64.27 95.58
C SER I 1186 -21.62 -64.58 96.80
N PRO I 1187 -21.46 -63.80 97.88
CA PRO I 1187 -22.30 -64.01 99.07
C PRO I 1187 -23.78 -63.90 98.74
N ASP I 1188 -24.12 -63.03 97.79
CA ASP I 1188 -25.49 -62.92 97.32
C ASP I 1188 -25.91 -64.20 96.61
N GLY I 1189 -24.94 -64.90 96.04
CA GLY I 1189 -25.20 -66.13 95.33
C GLY I 1189 -25.66 -65.85 93.91
N LYS I 1190 -25.77 -64.57 93.58
CA LYS I 1190 -26.20 -64.15 92.26
C LYS I 1190 -25.04 -64.11 91.27
N MET I 1191 -23.82 -64.30 91.77
CA MET I 1191 -22.64 -64.23 90.92
C MET I 1191 -21.67 -65.37 91.16
N LEU I 1192 -21.10 -65.88 90.08
CA LEU I 1192 -20.02 -66.85 90.18
C LEU I 1192 -18.73 -66.23 89.64
N ILE I 1193 -17.70 -66.24 90.48
CA ILE I 1193 -16.37 -65.78 90.08
C ILE I 1193 -15.62 -66.96 89.48
N SER I 1194 -15.75 -67.12 88.17
CA SER I 1194 -14.99 -68.14 87.45
C SER I 1194 -13.54 -67.70 87.34
N ALA I 1195 -12.62 -68.65 87.45
CA ALA I 1195 -11.21 -68.35 87.36
C ALA I 1195 -10.45 -69.44 86.61
N GLY I 1196 -10.20 -69.19 85.33
CA GLY I 1196 -9.45 -70.10 84.50
C GLY I 1196 -8.26 -69.40 83.86
N GLY I 1197 -8.45 -68.92 82.64
CA GLY I 1197 -7.44 -68.11 82.00
C GLY I 1197 -7.43 -66.73 82.63
N TYR I 1198 -8.57 -66.34 83.20
CA TYR I 1198 -8.68 -65.09 83.93
C TYR I 1198 -10.02 -65.04 84.66
N ILE I 1199 -10.13 -64.20 85.67
CA ILE I 1199 -11.39 -64.03 86.39
C ILE I 1199 -12.50 -63.47 85.52
N LYS I 1200 -13.68 -64.05 85.65
CA LYS I 1200 -14.89 -63.53 85.02
C LYS I 1200 -16.11 -63.77 85.91
N TRP I 1201 -16.80 -62.70 86.30
CA TRP I 1201 -17.93 -62.82 87.20
C TRP I 1201 -19.19 -63.16 86.43
N TRP I 1202 -19.35 -64.41 86.03
CA TRP I 1202 -20.52 -64.83 85.27
C TRP I 1202 -21.79 -64.83 86.12
N ASN I 1203 -22.81 -64.10 85.66
CA ASN I 1203 -24.09 -64.06 86.36
C ASN I 1203 -24.64 -65.47 86.44
N VAL I 1204 -25.18 -65.82 87.60
CA VAL I 1204 -25.76 -67.14 87.76
C VAL I 1204 -26.97 -67.28 86.85
N VAL I 1205 -27.05 -68.42 86.16
CA VAL I 1205 -28.14 -68.71 85.22
C VAL I 1205 -28.27 -67.65 84.13
N THR I 1206 -27.81 -68.00 82.93
CA THR I 1206 -27.94 -67.17 81.73
C THR I 1206 -27.17 -65.85 81.80
N GLY I 1207 -26.22 -65.69 80.89
CA GLY I 1207 -25.49 -64.44 80.77
C GLY I 1207 -24.40 -64.26 81.80
N GLU I 1208 -23.84 -63.05 81.86
CA GLU I 1208 -22.78 -62.73 82.81
C GLU I 1208 -23.08 -61.42 83.55
N SER I 1209 -22.51 -61.31 84.75
CA SER I 1209 -22.54 -60.06 85.50
C SER I 1209 -21.23 -59.30 85.27
N SER I 1210 -20.39 -59.22 86.29
CA SER I 1210 -19.10 -58.52 86.16
C SER I 1210 -18.01 -59.45 85.61
N GLN I 1211 -18.12 -59.76 84.32
CA GLN I 1211 -17.14 -60.62 83.65
C GLN I 1211 -15.73 -60.02 83.56
N THR I 1212 -15.68 -58.71 83.30
CA THR I 1212 -14.46 -57.97 82.96
C THR I 1212 -13.09 -58.50 83.40
N PHE I 1213 -12.39 -57.70 84.21
CA PHE I 1213 -11.05 -58.09 84.64
C PHE I 1213 -10.12 -58.48 83.48
N TYR I 1214 -9.54 -59.67 83.59
CA TYR I 1214 -8.43 -60.12 82.76
C TYR I 1214 -7.15 -60.04 83.59
N THR I 1215 -6.67 -61.20 84.04
CA THR I 1215 -5.51 -61.28 84.90
C THR I 1215 -4.19 -61.14 84.16
N ASN I 1216 -3.18 -60.58 84.83
CA ASN I 1216 -1.86 -60.49 84.21
C ASN I 1216 -1.13 -61.84 84.10
N GLY I 1217 -1.11 -62.57 85.21
CA GLY I 1217 -0.51 -63.90 85.25
C GLY I 1217 -1.24 -64.98 84.49
N THR I 1218 -2.56 -65.00 84.67
CA THR I 1218 -3.41 -66.07 84.16
C THR I 1218 -3.29 -67.26 85.09
N ASN I 1219 -4.04 -68.32 84.80
CA ASN I 1219 -3.84 -69.61 85.46
C ASN I 1219 -3.87 -69.62 86.99
N LEU I 1220 -4.80 -68.88 87.59
CA LEU I 1220 -4.96 -68.94 89.03
C LEU I 1220 -5.42 -70.33 89.41
N LYS I 1221 -4.87 -70.87 90.49
CA LYS I 1221 -5.26 -72.19 90.99
C LYS I 1221 -5.88 -72.19 92.39
N LYS I 1222 -6.14 -71.03 92.97
CA LYS I 1222 -6.69 -71.04 94.34
C LYS I 1222 -7.75 -69.96 94.57
N ILE I 1223 -8.68 -70.21 95.47
CA ILE I 1223 -9.64 -69.18 95.76
C ILE I 1223 -9.66 -68.85 97.27
N HIS I 1224 -9.51 -67.57 97.55
CA HIS I 1224 -9.62 -67.06 98.92
C HIS I 1224 -10.71 -65.99 98.99
N VAL I 1225 -11.61 -66.13 99.94
CA VAL I 1225 -12.67 -65.15 100.14
C VAL I 1225 -12.77 -64.70 101.60
N SER I 1226 -12.88 -63.39 101.81
CA SER I 1226 -13.07 -62.88 103.17
C SER I 1226 -14.48 -63.17 103.66
N PRO I 1227 -14.63 -63.43 104.95
CA PRO I 1227 -15.94 -63.72 105.53
C PRO I 1227 -16.97 -62.76 104.96
N ASP I 1228 -16.59 -61.48 104.93
CA ASP I 1228 -17.38 -60.44 104.31
C ASP I 1228 -17.56 -60.75 102.82
N PHE I 1229 -16.52 -61.30 102.21
CA PHE I 1229 -16.53 -61.59 100.79
C PHE I 1229 -16.17 -60.37 99.96
N LYS I 1230 -15.82 -59.29 100.64
CA LYS I 1230 -15.43 -58.04 99.97
C LYS I 1230 -14.18 -58.16 99.11
N THR I 1231 -13.14 -58.85 99.61
CA THR I 1231 -11.85 -58.94 98.93
C THR I 1231 -11.36 -60.36 98.65
N TYR I 1232 -11.05 -60.61 97.42
CA TYR I 1232 -10.36 -61.80 96.98
C TYR I 1232 -9.16 -61.36 96.16
N VAL I 1233 -7.98 -61.87 96.49
CA VAL I 1233 -6.77 -61.54 95.73
C VAL I 1233 -6.27 -62.84 95.13
N THR I 1234 -5.95 -62.86 93.85
CA THR I 1234 -5.44 -64.07 93.21
C THR I 1234 -3.99 -63.84 92.80
N VAL I 1235 -3.14 -64.83 93.03
CA VAL I 1235 -1.84 -64.88 92.38
C VAL I 1235 -1.87 -66.06 91.40
N ASP I 1236 -1.72 -65.77 90.11
CA ASP I 1236 -1.75 -66.81 89.10
C ASP I 1236 -0.52 -66.79 88.19
N ASN I 1237 0.06 -67.97 87.98
CA ASN I 1237 1.16 -68.12 87.02
C ASN I 1237 2.41 -67.42 87.51
N LEU I 1238 2.41 -67.04 88.79
CA LEU I 1238 3.53 -66.35 89.38
C LEU I 1238 3.59 -64.91 88.88
N GLY I 1239 2.50 -64.47 88.26
CA GLY I 1239 2.45 -63.12 87.74
C GLY I 1239 2.70 -62.18 88.89
N ILE I 1240 2.10 -62.54 90.03
CA ILE I 1240 2.21 -61.81 91.30
C ILE I 1240 0.91 -62.07 92.04
N LEU I 1241 0.77 -61.49 93.23
CA LEU I 1241 -0.53 -61.58 93.93
C LEU I 1241 -1.32 -60.29 93.63
N TYR I 1242 -2.59 -60.39 93.24
CA TYR I 1242 -3.42 -59.20 92.96
C TYR I 1242 -4.55 -59.11 94.02
N ILE I 1243 -4.75 -57.95 94.65
CA ILE I 1243 -5.79 -57.78 95.68
C ILE I 1243 -6.93 -56.89 95.14
N LEU I 1244 -8.18 -57.30 95.35
CA LEU I 1244 -9.33 -56.51 94.91
C LEU I 1244 -10.16 -55.99 96.10
N GLN I 1245 -10.49 -54.70 96.06
CA GLN I 1245 -11.27 -54.09 97.13
C GLN I 1245 -12.32 -53.13 96.55
N THR I 1246 -13.41 -53.69 96.04
CA THR I 1246 -14.48 -52.88 95.47
C THR I 1246 -14.81 -51.68 96.34
N LEU I 1247 -15.18 -50.57 95.71
CA LEU I 1247 -15.53 -49.36 96.43
C LEU I 1247 -17.03 -49.14 96.45
N GLU I 1248 -17.44 -47.87 96.54
CA GLU I 1248 -18.86 -47.52 96.56
C GLU I 1248 -19.42 -47.38 95.16
N GLY J 2 -5.57 -98.97 64.16
CA GLY J 2 -4.42 -98.32 63.50
C GLY J 2 -3.38 -99.18 62.86
N ASP J 3 -2.62 -98.57 61.96
CA ASP J 3 -1.43 -99.16 61.40
C ASP J 3 -0.22 -99.05 62.35
N VAL J 4 0.08 -100.17 63.01
CA VAL J 4 1.13 -100.24 64.02
C VAL J 4 2.50 -99.84 63.46
N GLU J 5 2.77 -100.26 62.22
CA GLU J 5 4.04 -99.96 61.58
C GLU J 5 4.21 -98.45 61.38
N LYS J 6 3.15 -97.77 60.92
CA LYS J 6 3.21 -96.31 60.75
C LYS J 6 3.29 -95.63 62.11
N GLY J 7 2.51 -96.17 63.06
CA GLY J 7 2.57 -95.69 64.44
C GLY J 7 4.00 -95.71 64.99
N LYS J 8 4.70 -96.80 64.73
CA LYS J 8 6.10 -96.94 65.12
C LYS J 8 6.93 -95.81 64.51
N LYS J 9 6.76 -95.59 63.21
CA LYS J 9 7.48 -94.51 62.53
C LYS J 9 7.22 -93.18 63.24
N ILE J 10 5.93 -92.93 63.49
CA ILE J 10 5.58 -91.66 64.16
C ILE J 10 6.24 -91.60 65.55
N PHE J 11 6.21 -92.69 66.29
CA PHE J 11 6.87 -92.71 67.60
C PHE J 11 8.37 -92.39 67.51
N VAL J 12 9.03 -93.05 66.54
CA VAL J 12 10.45 -92.88 66.31
C VAL J 12 10.73 -91.42 65.95
N GLN J 13 9.94 -90.87 65.03
CA GLN J 13 10.07 -89.48 64.59
C GLN J 13 9.75 -88.37 65.62
N LYS J 14 8.69 -88.56 66.39
CA LYS J 14 8.11 -87.53 67.18
C LYS J 14 8.12 -87.76 68.72
N CYS J 15 8.39 -88.96 69.19
CA CYS J 15 8.31 -89.24 70.64
C CYS J 15 9.58 -89.79 71.24
N ALA J 16 10.37 -90.50 70.43
CA ALA J 16 11.53 -91.23 70.92
C ALA J 16 12.63 -90.35 71.47
N GLN J 17 12.73 -89.13 70.95
CA GLN J 17 13.70 -88.20 71.48
C GLN J 17 13.47 -87.81 72.95
N CYS J 18 12.24 -88.00 73.47
CA CYS J 18 11.99 -87.75 74.89
C CYS J 18 11.41 -88.96 75.65
N HIS J 19 11.10 -90.07 75.00
CA HIS J 19 10.50 -91.18 75.73
C HIS J 19 10.81 -92.57 75.22
N THR J 20 11.07 -93.49 76.15
CA THR J 20 11.18 -94.92 75.80
C THR J 20 9.84 -95.64 76.06
N VAL J 21 9.63 -96.77 75.37
CA VAL J 21 8.44 -97.58 75.55
C VAL J 21 8.75 -98.97 76.12
N GLU J 22 10.03 -99.37 76.07
CA GLU J 22 10.42 -100.71 76.53
C GLU J 22 10.50 -100.77 78.05
N LYS J 23 10.23 -101.97 78.55
CA LYS J 23 10.30 -102.29 79.94
C LYS J 23 11.67 -102.03 80.48
N GLY J 24 11.74 -101.32 81.59
CA GLY J 24 13.01 -100.89 82.14
C GLY J 24 13.78 -99.89 81.30
N GLY J 25 13.22 -99.44 80.17
CA GLY J 25 13.82 -98.34 79.40
C GLY J 25 13.98 -97.12 80.30
N LYS J 26 15.05 -96.37 80.08
CA LYS J 26 15.43 -95.27 80.98
C LYS J 26 14.50 -94.09 80.83
N HIS J 27 14.38 -93.31 81.89
CA HIS J 27 13.67 -92.03 81.75
C HIS J 27 14.62 -91.12 80.94
N LYS J 28 14.09 -90.48 79.93
CA LYS J 28 14.81 -89.47 79.20
C LYS J 28 14.19 -88.13 79.67
N THR J 29 14.04 -87.15 78.79
CA THR J 29 13.37 -85.91 79.17
C THR J 29 11.98 -86.21 79.72
N GLY J 30 11.29 -87.11 79.06
CA GLY J 30 9.99 -87.61 79.54
C GLY J 30 10.05 -88.98 80.16
N PRO J 31 9.00 -89.37 80.86
CA PRO J 31 8.88 -90.65 81.52
C PRO J 31 8.80 -91.83 80.56
N ASN J 32 9.27 -92.98 81.03
CA ASN J 32 9.12 -94.24 80.29
C ASN J 32 7.64 -94.51 80.19
N LEU J 33 7.20 -94.93 79.00
CA LEU J 33 5.80 -95.16 78.73
C LEU J 33 5.38 -96.62 78.84
N HIS J 34 6.28 -97.51 79.24
CA HIS J 34 5.85 -98.91 79.42
C HIS J 34 4.76 -98.99 80.49
N GLY J 35 3.71 -99.74 80.19
CA GLY J 35 2.57 -99.89 81.10
C GLY J 35 1.62 -98.70 81.13
N LEU J 36 1.72 -97.82 80.13
CA LEU J 36 0.94 -96.60 80.11
C LEU J 36 -0.59 -96.81 80.14
N PHE J 37 -1.05 -97.76 79.37
CA PHE J 37 -2.50 -97.95 79.19
C PHE J 37 -3.12 -98.50 80.45
N GLY J 38 -4.19 -97.85 80.89
CA GLY J 38 -4.90 -98.24 82.12
C GLY J 38 -4.22 -97.66 83.36
N ARG J 39 -3.28 -96.76 83.19
CA ARG J 39 -2.59 -96.18 84.34
C ARG J 39 -3.01 -94.73 84.46
N LYS J 40 -3.11 -94.25 85.69
CA LYS J 40 -3.44 -92.84 85.94
C LYS J 40 -2.27 -91.90 85.61
N THR J 41 -2.59 -90.67 85.20
CA THR J 41 -1.57 -89.67 84.95
C THR J 41 -0.57 -89.54 86.11
N GLY J 42 0.70 -89.32 85.76
CA GLY J 42 1.70 -88.95 86.76
C GLY J 42 2.19 -90.05 87.67
N GLN J 43 2.18 -91.29 87.19
CA GLN J 43 2.48 -92.41 88.08
C GLN J 43 3.76 -93.17 87.79
N ALA J 44 4.49 -92.88 86.71
CA ALA J 44 5.73 -93.63 86.46
C ALA J 44 6.61 -93.41 87.71
N PRO J 45 6.91 -94.48 88.48
CA PRO J 45 7.76 -94.24 89.63
C PRO J 45 9.12 -93.84 89.10
N GLY J 46 9.79 -92.96 89.81
CA GLY J 46 11.11 -92.52 89.36
C GLY J 46 11.12 -91.37 88.35
N PHE J 47 9.96 -90.90 87.91
CA PHE J 47 9.89 -89.65 87.16
C PHE J 47 9.25 -88.52 87.98
N THR J 48 9.86 -87.35 87.89
CA THR J 48 9.41 -86.15 88.57
C THR J 48 8.57 -85.36 87.61
N TYR J 49 7.26 -85.39 87.83
CA TYR J 49 6.31 -84.73 86.96
C TYR J 49 6.07 -83.30 87.43
N THR J 50 5.47 -82.48 86.58
CA THR J 50 4.83 -81.26 87.07
C THR J 50 3.63 -81.65 87.93
N ASP J 51 3.23 -80.75 88.81
CA ASP J 51 2.00 -80.86 89.54
C ASP J 51 0.78 -80.99 88.62
N ALA J 52 0.79 -80.28 87.50
CA ALA J 52 -0.31 -80.39 86.55
C ALA J 52 -0.48 -81.85 86.04
N ASN J 53 0.61 -82.42 85.53
CA ASN J 53 0.58 -83.80 85.03
C ASN J 53 0.31 -84.76 86.18
N LYS J 54 0.92 -84.47 87.33
CA LYS J 54 0.76 -85.31 88.51
C LYS J 54 -0.68 -85.32 89.06
N ASN J 55 -1.42 -84.25 88.83
CA ASN J 55 -2.78 -84.16 89.37
C ASN J 55 -3.88 -84.07 88.32
N LYS J 56 -3.58 -84.29 87.04
CA LYS J 56 -4.63 -84.29 86.02
C LYS J 56 -5.78 -85.25 86.36
N GLY J 57 -5.46 -86.38 86.98
CA GLY J 57 -6.48 -87.28 87.49
C GLY J 57 -7.25 -88.07 86.46
N ILE J 58 -6.65 -88.37 85.31
CA ILE J 58 -7.29 -89.22 84.31
C ILE J 58 -6.50 -90.52 84.11
N THR J 59 -7.17 -91.49 83.48
CA THR J 59 -6.58 -92.78 83.15
C THR J 59 -6.19 -92.75 81.69
N TRP J 60 -4.94 -93.12 81.41
CA TRP J 60 -4.48 -93.16 80.02
C TRP J 60 -5.13 -94.33 79.32
N LYS J 61 -5.75 -94.06 78.18
CA LYS J 61 -6.37 -95.07 77.35
C LYS J 61 -6.59 -94.39 76.03
N GLU J 62 -7.19 -95.08 75.11
CA GLU J 62 -7.29 -94.57 73.75
C GLU J 62 -7.99 -93.22 73.65
N GLU J 63 -9.13 -93.10 74.34
CA GLU J 63 -9.95 -91.88 74.30
C GLU J 63 -9.13 -90.72 74.84
N THR J 64 -8.51 -90.90 76.02
CA THR J 64 -7.75 -89.82 76.64
C THR J 64 -6.49 -89.48 75.84
N LEU J 65 -5.82 -90.50 75.32
CA LEU J 65 -4.66 -90.28 74.45
C LEU J 65 -5.01 -89.54 73.14
N MET J 66 -6.15 -89.91 72.53
CA MET J 66 -6.61 -89.26 71.31
C MET J 66 -6.77 -87.76 71.54
N GLU J 67 -7.35 -87.39 72.68
CA GLU J 67 -7.52 -85.97 73.03
C GLU J 67 -6.18 -85.30 73.41
N TYR J 68 -5.43 -85.92 74.33
CA TYR J 68 -4.11 -85.40 74.70
C TYR J 68 -3.19 -85.09 73.53
N LEU J 69 -3.01 -86.12 72.68
CA LEU J 69 -2.05 -86.04 71.59
C LEU J 69 -2.42 -85.02 70.50
N GLU J 70 -3.68 -84.65 70.42
CA GLU J 70 -4.12 -83.58 69.56
C GLU J 70 -3.55 -82.25 70.07
N ASN J 71 -3.48 -82.08 71.39
CA ASN J 71 -2.96 -80.82 71.93
C ASN J 71 -2.64 -80.96 73.40
N PRO J 72 -1.44 -81.46 73.71
CA PRO J 72 -1.07 -81.69 75.10
C PRO J 72 -1.28 -80.50 76.04
N LYS J 73 -0.90 -79.29 75.65
CA LYS J 73 -0.98 -78.15 76.56
C LYS J 73 -2.42 -77.85 76.98
N LYS J 74 -3.33 -77.95 76.02
CA LYS J 74 -4.74 -77.77 76.25
C LYS J 74 -5.31 -78.82 77.21
N TYR J 75 -4.89 -80.09 77.05
CA TYR J 75 -5.37 -81.16 77.93
C TYR J 75 -4.72 -81.11 79.32
N ILE J 76 -3.44 -80.74 79.40
CA ILE J 76 -2.74 -80.60 80.70
C ILE J 76 -1.98 -79.28 80.69
N PRO J 77 -2.71 -78.17 80.93
CA PRO J 77 -2.11 -76.86 80.95
C PRO J 77 -1.02 -76.86 81.96
N GLY J 78 0.11 -76.27 81.59
CA GLY J 78 1.26 -76.26 82.46
C GLY J 78 2.14 -77.50 82.33
N THR J 79 1.78 -78.51 81.53
CA THR J 79 2.74 -79.59 81.32
C THR J 79 4.11 -79.08 80.84
N LYS J 80 5.18 -79.72 81.27
CA LYS J 80 6.52 -79.37 80.71
C LYS J 80 6.89 -80.19 79.45
N MET J 81 5.97 -81.02 79.00
CA MET J 81 6.16 -81.71 77.72
C MET J 81 6.01 -80.71 76.58
N ILE J 82 7.02 -80.57 75.74
CA ILE J 82 6.95 -79.74 74.54
C ILE J 82 6.51 -80.62 73.35
N PHE J 83 5.27 -80.41 72.88
CA PHE J 83 4.77 -81.09 71.72
C PHE J 83 3.57 -80.32 71.20
N ALA J 84 3.60 -79.89 69.94
CA ALA J 84 2.46 -79.10 69.41
C ALA J 84 1.17 -79.93 69.41
N GLY J 85 1.28 -81.12 68.85
CA GLY J 85 0.14 -82.04 68.74
C GLY J 85 0.06 -82.63 67.34
N ILE J 86 -0.57 -83.79 67.23
CA ILE J 86 -0.76 -84.46 65.97
C ILE J 86 -2.19 -84.10 65.50
N LYS J 87 -2.28 -83.28 64.47
CA LYS J 87 -3.57 -82.72 64.06
C LYS J 87 -4.40 -83.78 63.31
N LYS J 88 -3.75 -84.65 62.53
CA LYS J 88 -4.48 -85.69 61.77
C LYS J 88 -4.91 -86.88 62.64
N LYS J 89 -6.20 -87.21 62.61
CA LYS J 89 -6.73 -88.31 63.41
C LYS J 89 -6.08 -89.65 63.04
N THR J 90 -5.91 -89.91 61.75
CA THR J 90 -5.35 -91.19 61.28
C THR J 90 -3.99 -91.50 61.92
N GLU J 91 -3.11 -90.51 61.86
CA GLU J 91 -1.79 -90.58 62.47
C GLU J 91 -1.87 -90.80 64.00
N ARG J 92 -2.78 -90.09 64.65
CA ARG J 92 -3.04 -90.29 66.08
C ARG J 92 -3.46 -91.73 66.38
N GLU J 93 -4.40 -92.23 65.58
CA GLU J 93 -4.84 -93.64 65.74
C GLU J 93 -3.69 -94.59 65.52
N ASP J 94 -2.87 -94.34 64.48
CA ASP J 94 -1.71 -95.21 64.21
C ASP J 94 -0.72 -95.22 65.39
N LEU J 95 -0.37 -94.03 65.85
CA LEU J 95 0.57 -93.89 66.97
C LEU J 95 0.00 -94.58 68.20
N ILE J 96 -1.27 -94.32 68.48
CA ILE J 96 -1.91 -94.92 69.66
C ILE J 96 -1.95 -96.45 69.57
N ALA J 97 -2.26 -96.96 68.36
CA ALA J 97 -2.20 -98.40 68.16
C ALA J 97 -0.78 -98.93 68.35
N TYR J 98 0.23 -98.22 67.83
CA TYR J 98 1.60 -98.68 68.07
C TYR J 98 1.90 -98.70 69.61
N LEU J 99 1.59 -97.61 70.31
CA LEU J 99 1.88 -97.52 71.75
C LEU J 99 1.15 -98.61 72.55
N LYS J 100 -0.08 -98.88 72.15
CA LYS J 100 -0.82 -99.95 72.80
C LYS J 100 -0.09 -101.29 72.74
N LYS J 101 0.52 -101.58 71.58
CA LYS J 101 1.28 -102.79 71.45
C LYS J 101 2.58 -102.70 72.20
N ALA J 102 3.37 -101.67 71.91
CA ALA J 102 4.74 -101.66 72.39
C ALA J 102 4.81 -101.47 73.92
N THR J 103 3.92 -100.68 74.49
CA THR J 103 3.99 -100.41 75.94
C THR J 103 3.51 -101.55 76.79
N ASN J 104 3.00 -102.62 76.19
CA ASN J 104 2.67 -103.82 76.96
C ASN J 104 3.78 -104.85 76.76
N GLU J 105 4.13 -105.08 75.49
CA GLU J 105 5.17 -106.04 75.15
C GLU J 105 6.17 -106.19 76.29
N GLY K 105 -23.95 -52.11 3.87
CA GLY K 105 -22.63 -52.48 3.41
C GLY K 105 -22.01 -51.44 2.50
N ILE K 106 -21.17 -50.59 3.08
CA ILE K 106 -20.46 -49.59 2.30
C ILE K 106 -19.49 -50.24 1.32
N THR K 107 -19.53 -49.82 0.06
CA THR K 107 -18.51 -50.24 -0.89
C THR K 107 -17.24 -49.47 -0.55
N SER K 108 -16.08 -50.02 -0.91
CA SER K 108 -14.84 -49.31 -0.68
C SER K 108 -14.87 -48.02 -1.48
N TYR K 109 -15.40 -48.13 -2.70
CA TYR K 109 -15.46 -47.00 -3.61
C TYR K 109 -16.31 -45.87 -3.03
N VAL K 110 -17.44 -46.22 -2.44
CA VAL K 110 -18.32 -45.20 -1.90
C VAL K 110 -17.55 -44.29 -0.96
N ARG K 111 -16.73 -44.88 -0.10
CA ARG K 111 -15.93 -44.11 0.84
C ARG K 111 -14.96 -43.19 0.13
N THR K 112 -14.43 -43.65 -1.00
CA THR K 112 -13.49 -42.87 -1.78
C THR K 112 -14.17 -41.65 -2.37
N VAL K 113 -15.38 -41.80 -2.91
CA VAL K 113 -16.11 -40.63 -3.40
C VAL K 113 -16.48 -39.69 -2.26
N LEU K 114 -16.93 -40.29 -1.17
CA LEU K 114 -17.38 -39.56 -0.01
C LEU K 114 -16.26 -38.76 0.62
N CYS K 115 -15.05 -39.32 0.64
CA CYS K 115 -13.92 -38.61 1.22
C CYS K 115 -13.67 -37.34 0.44
N GLU K 116 -13.73 -37.45 -0.88
CA GLU K 116 -13.51 -36.30 -1.74
C GLU K 116 -14.58 -35.27 -1.50
N GLY K 117 -15.81 -35.75 -1.31
CA GLY K 117 -16.92 -34.87 -1.03
C GLY K 117 -16.74 -34.11 0.27
N GLY K 118 -16.22 -34.78 1.28
CA GLY K 118 -16.01 -34.16 2.58
C GLY K 118 -17.13 -34.27 3.60
N VAL K 119 -18.20 -34.98 3.28
CA VAL K 119 -19.21 -35.29 4.28
C VAL K 119 -18.59 -35.97 5.48
N PRO K 120 -19.04 -35.61 6.69
CA PRO K 120 -18.55 -36.30 7.88
C PRO K 120 -18.92 -37.76 7.86
N GLN K 121 -18.07 -38.61 8.42
CA GLN K 121 -18.40 -40.02 8.61
C GLN K 121 -19.39 -40.13 9.76
N ARG K 122 -20.35 -41.05 9.64
CA ARG K 122 -21.39 -41.21 10.66
C ARG K 122 -20.79 -41.54 12.01
N PRO K 123 -21.41 -41.04 13.08
CA PRO K 123 -20.91 -41.31 14.43
C PRO K 123 -20.88 -42.82 14.66
N VAL K 124 -19.89 -43.29 15.40
CA VAL K 124 -19.71 -44.73 15.60
C VAL K 124 -20.94 -45.29 16.31
N VAL K 125 -21.57 -44.49 17.17
CA VAL K 125 -22.77 -44.96 17.86
C VAL K 125 -24.05 -44.49 17.18
N PHE K 126 -24.43 -45.13 16.08
CA PHE K 126 -25.61 -44.71 15.34
C PHE K 126 -26.63 -45.84 15.15
N VAL K 127 -27.85 -45.49 14.76
CA VAL K 127 -28.87 -46.50 14.52
C VAL K 127 -29.75 -46.12 13.35
N THR K 128 -29.56 -46.82 12.23
CA THR K 128 -30.27 -46.53 10.99
C THR K 128 -31.73 -46.18 11.21
N ARG K 129 -32.29 -45.37 10.32
CA ARG K 129 -33.69 -45.08 10.37
C ARG K 129 -34.13 -45.47 8.99
N LYS K 130 -34.37 -46.75 8.78
CA LYS K 130 -34.45 -47.24 7.43
C LYS K 130 -35.55 -46.53 6.69
N LYS K 131 -36.72 -46.39 7.32
CA LYS K 131 -37.84 -45.84 6.59
C LYS K 131 -37.52 -44.42 6.15
N LEU K 132 -36.99 -43.61 7.06
CA LEU K 132 -36.71 -42.24 6.73
C LEU K 132 -35.63 -42.11 5.66
N VAL K 133 -34.58 -42.91 5.80
CA VAL K 133 -33.47 -42.78 4.86
C VAL K 133 -33.99 -43.17 3.51
N ASN K 134 -34.82 -44.19 3.49
CA ASN K 134 -35.37 -44.71 2.27
C ASN K 134 -36.22 -43.65 1.61
N ALA K 135 -36.99 -42.92 2.43
CA ALA K 135 -37.86 -41.94 1.83
C ALA K 135 -37.05 -40.84 1.20
N ILE K 136 -36.04 -40.33 1.92
CA ILE K 136 -35.30 -39.21 1.36
C ILE K 136 -34.66 -39.69 0.07
N GLN K 137 -34.06 -40.87 0.13
CA GLN K 137 -33.29 -41.40 -1.00
C GLN K 137 -34.16 -41.62 -2.23
N GLN K 138 -35.38 -42.11 -2.02
CA GLN K 138 -36.27 -42.38 -3.13
C GLN K 138 -36.71 -41.05 -3.71
N LYS K 139 -37.06 -40.13 -2.82
CA LYS K 139 -37.40 -38.79 -3.21
C LYS K 139 -36.18 -38.15 -3.80
N LEU K 140 -35.03 -38.39 -3.17
CA LEU K 140 -33.84 -37.69 -3.61
C LEU K 140 -33.57 -38.13 -5.03
N SER K 141 -33.98 -39.36 -5.32
CA SER K 141 -33.83 -39.94 -6.65
C SER K 141 -34.66 -39.20 -7.67
N LYS K 142 -35.72 -38.55 -7.19
CA LYS K 142 -36.80 -38.04 -8.03
C LYS K 142 -36.36 -36.99 -9.03
N LEU K 143 -35.50 -36.08 -8.62
CA LEU K 143 -35.03 -35.07 -9.54
C LEU K 143 -33.88 -35.71 -10.31
N LYS K 144 -34.24 -36.66 -11.17
CA LYS K 144 -33.23 -37.40 -11.92
C LYS K 144 -32.33 -36.46 -12.70
N GLY K 145 -32.90 -35.36 -13.17
CA GLY K 145 -32.16 -34.37 -13.92
C GLY K 145 -32.82 -33.02 -13.78
N GLU K 146 -32.18 -31.99 -14.30
CA GLU K 146 -32.71 -30.64 -14.20
C GLU K 146 -32.71 -30.20 -12.74
N PRO K 147 -32.39 -28.93 -12.53
CA PRO K 147 -32.30 -28.37 -11.17
C PRO K 147 -33.29 -29.00 -10.20
N GLY K 148 -33.25 -28.54 -8.94
CA GLY K 148 -34.15 -29.05 -7.93
C GLY K 148 -33.59 -28.93 -6.53
N TRP K 149 -34.46 -28.59 -5.58
CA TRP K 149 -34.05 -28.43 -4.19
C TRP K 149 -34.85 -29.33 -3.26
N VAL K 150 -34.19 -29.87 -2.24
CA VAL K 150 -34.85 -30.73 -1.26
C VAL K 150 -34.61 -30.07 0.08
N THR K 151 -35.62 -29.93 0.94
CA THR K 151 -35.46 -29.28 2.26
C THR K 151 -35.75 -30.39 3.27
N ILE K 152 -34.99 -30.51 4.36
CA ILE K 152 -35.31 -31.50 5.39
C ILE K 152 -35.43 -30.73 6.71
N HIS K 153 -36.48 -30.87 7.52
CA HIS K 153 -36.50 -30.10 8.80
C HIS K 153 -37.11 -30.67 10.05
N GLY K 154 -36.66 -30.18 11.20
CA GLY K 154 -37.10 -30.71 12.47
C GLY K 154 -36.75 -29.76 13.60
N MET K 155 -37.33 -29.98 14.75
CA MET K 155 -36.98 -29.20 15.92
C MET K 155 -35.56 -29.62 16.21
N ALA K 156 -34.83 -28.80 16.96
CA ALA K 156 -33.39 -28.99 17.07
C ALA K 156 -33.01 -30.37 17.57
N GLY K 157 -32.06 -30.96 16.89
CA GLY K 157 -31.50 -32.25 17.21
C GLY K 157 -32.46 -33.38 16.93
N CYS K 158 -32.86 -33.50 15.67
CA CYS K 158 -33.80 -34.54 15.25
C CYS K 158 -33.16 -35.59 14.36
N GLY K 159 -31.82 -35.56 14.27
CA GLY K 159 -31.11 -36.42 13.36
C GLY K 159 -31.07 -35.89 11.95
N LYS K 160 -31.29 -34.59 11.81
CA LYS K 160 -31.39 -33.98 10.50
C LYS K 160 -30.13 -34.11 9.65
N SER K 161 -28.95 -33.81 10.19
CA SER K 161 -27.73 -33.99 9.41
C SER K 161 -27.36 -35.43 9.14
N VAL K 162 -27.48 -36.24 10.18
CA VAL K 162 -27.00 -37.60 10.08
C VAL K 162 -27.76 -38.29 8.99
N LEU K 163 -29.05 -38.00 8.88
CA LEU K 163 -29.82 -38.59 7.81
C LEU K 163 -29.25 -38.15 6.48
N ALA K 164 -28.89 -36.87 6.37
CA ALA K 164 -28.39 -36.39 5.10
C ALA K 164 -27.11 -37.13 4.78
N ALA K 165 -26.25 -37.28 5.77
CA ALA K 165 -25.02 -38.03 5.58
C ALA K 165 -25.33 -39.47 5.26
N GLU K 166 -26.27 -40.04 6.01
CA GLU K 166 -26.68 -41.44 5.85
C GLU K 166 -27.33 -41.78 4.51
N ALA K 167 -28.20 -40.89 4.04
CA ALA K 167 -28.89 -41.12 2.78
C ALA K 167 -27.91 -41.32 1.65
N VAL K 168 -26.88 -40.49 1.60
CA VAL K 168 -25.92 -40.55 0.52
C VAL K 168 -24.90 -41.66 0.80
N ARG K 169 -24.94 -42.18 2.03
CA ARG K 169 -23.96 -43.17 2.47
C ARG K 169 -23.99 -44.43 1.64
N ASP K 170 -25.19 -44.77 1.17
CA ASP K 170 -25.47 -45.91 0.29
C ASP K 170 -24.95 -45.78 -1.15
N HIS K 171 -24.47 -46.90 -1.69
CA HIS K 171 -24.05 -47.01 -3.09
C HIS K 171 -25.11 -46.91 -4.20
N SER K 172 -26.26 -47.54 -4.02
CA SER K 172 -27.20 -47.71 -5.13
C SER K 172 -27.73 -46.39 -5.69
N LEU K 173 -28.31 -45.59 -4.83
CA LEU K 173 -28.87 -44.33 -5.24
C LEU K 173 -27.79 -43.43 -5.76
N LEU K 174 -26.68 -43.36 -5.03
CA LEU K 174 -25.59 -42.49 -5.42
C LEU K 174 -24.87 -42.89 -6.70
N GLU K 175 -24.50 -44.16 -6.81
CA GLU K 175 -23.66 -44.56 -7.93
C GLU K 175 -24.30 -44.51 -9.30
N GLY K 176 -25.49 -45.12 -9.43
CA GLY K 176 -26.17 -45.10 -10.71
C GLY K 176 -26.67 -43.72 -11.06
N CYS K 177 -27.29 -43.10 -10.07
CA CYS K 177 -27.88 -41.77 -10.20
C CYS K 177 -26.88 -40.64 -10.39
N PHE K 178 -25.77 -40.69 -9.66
CA PHE K 178 -24.97 -39.48 -9.47
C PHE K 178 -23.52 -39.61 -9.95
N PRO K 179 -23.31 -39.63 -11.26
CA PRO K 179 -21.96 -39.69 -11.81
C PRO K 179 -21.10 -38.56 -11.25
N GLY K 180 -21.71 -37.43 -10.98
CA GLY K 180 -21.00 -36.33 -10.34
C GLY K 180 -20.76 -36.66 -8.88
N GLY K 181 -19.71 -36.10 -8.30
CA GLY K 181 -19.33 -36.44 -6.94
C GLY K 181 -20.31 -35.66 -6.09
N VAL K 182 -20.30 -35.85 -4.78
CA VAL K 182 -21.15 -35.11 -3.84
C VAL K 182 -20.30 -34.07 -3.12
N HIS K 183 -20.76 -32.84 -2.99
CA HIS K 183 -20.01 -31.84 -2.25
C HIS K 183 -20.85 -31.38 -1.10
N TRP K 184 -20.27 -31.24 0.08
CA TRP K 184 -21.02 -30.90 1.28
C TRP K 184 -20.56 -29.51 1.63
N VAL K 185 -21.45 -28.59 1.98
CA VAL K 185 -20.99 -27.31 2.47
C VAL K 185 -21.61 -27.04 3.82
N SER K 186 -20.80 -26.64 4.79
CA SER K 186 -21.36 -26.31 6.10
C SER K 186 -21.69 -24.83 6.25
N VAL K 187 -22.87 -24.40 5.83
CA VAL K 187 -23.20 -22.98 5.82
C VAL K 187 -23.26 -22.27 7.17
N GLY K 188 -23.82 -22.91 8.18
CA GLY K 188 -23.96 -22.26 9.47
C GLY K 188 -24.87 -21.05 9.41
N LYS K 189 -24.57 -20.03 10.24
CA LYS K 189 -25.34 -18.79 10.27
C LYS K 189 -24.39 -17.67 9.87
N GLN K 190 -24.78 -16.78 8.96
CA GLN K 190 -23.76 -15.87 8.46
C GLN K 190 -24.22 -14.43 8.17
N ASP K 191 -23.37 -13.47 8.55
CA ASP K 191 -23.44 -12.09 8.14
C ASP K 191 -22.96 -12.10 6.70
N LYS K 192 -23.21 -11.02 5.97
CA LYS K 192 -22.98 -11.01 4.53
C LYS K 192 -21.51 -11.29 4.23
N SER K 193 -20.63 -10.73 5.05
CA SER K 193 -19.19 -10.90 4.83
C SER K 193 -18.77 -12.34 5.02
N GLY K 194 -19.29 -12.97 6.07
CA GLY K 194 -18.93 -14.34 6.38
C GLY K 194 -19.32 -15.27 5.26
N LEU K 195 -20.50 -15.03 4.70
CA LEU K 195 -21.03 -15.87 3.66
C LEU K 195 -20.08 -15.83 2.49
N LEU K 196 -19.49 -14.68 2.26
CA LEU K 196 -18.67 -14.50 1.09
C LEU K 196 -17.54 -15.51 1.08
N MET K 197 -16.91 -15.70 2.23
CA MET K 197 -15.74 -16.57 2.29
C MET K 197 -16.06 -18.01 1.93
N LYS K 198 -17.22 -18.48 2.39
CA LYS K 198 -17.58 -19.87 2.16
C LYS K 198 -17.60 -20.09 0.68
N LEU K 199 -18.08 -19.11 -0.05
CA LEU K 199 -18.20 -19.23 -1.49
C LEU K 199 -16.83 -19.40 -2.13
N GLN K 200 -15.88 -18.57 -1.73
CA GLN K 200 -14.56 -18.66 -2.28
C GLN K 200 -13.99 -20.02 -1.94
N ASN K 201 -14.22 -20.47 -0.71
CA ASN K 201 -13.70 -21.74 -0.28
C ASN K 201 -14.26 -22.89 -1.10
N LEU K 202 -15.55 -22.79 -1.44
CA LEU K 202 -16.16 -23.79 -2.30
C LEU K 202 -15.57 -23.71 -3.70
N CYS K 203 -15.18 -22.50 -4.09
CA CYS K 203 -14.53 -22.28 -5.36
C CYS K 203 -13.21 -23.03 -5.41
N THR K 204 -12.40 -22.82 -4.39
CA THR K 204 -11.11 -23.48 -4.30
C THR K 204 -11.28 -24.98 -4.21
N ARG K 205 -12.29 -25.43 -3.48
CA ARG K 205 -12.49 -26.87 -3.34
C ARG K 205 -12.85 -27.54 -4.65
N LEU K 206 -13.81 -26.96 -5.35
CA LEU K 206 -14.31 -27.54 -6.60
C LEU K 206 -13.29 -27.56 -7.73
N ASP K 207 -12.53 -26.48 -7.86
CA ASP K 207 -11.50 -26.37 -8.88
C ASP K 207 -10.18 -26.94 -8.39
N GLN K 208 -10.08 -28.27 -8.34
CA GLN K 208 -8.84 -28.91 -7.92
C GLN K 208 -7.72 -28.72 -8.94
N ASP K 209 -8.09 -28.69 -10.22
CA ASP K 209 -7.14 -28.53 -11.31
C ASP K 209 -6.45 -27.18 -11.26
N GLU K 210 -7.22 -26.15 -10.92
CA GLU K 210 -6.71 -24.79 -10.87
C GLU K 210 -6.67 -24.12 -12.23
N SER K 211 -7.24 -24.79 -13.24
CA SER K 211 -7.25 -24.24 -14.59
C SER K 211 -7.91 -22.88 -14.58
N PHE K 212 -8.97 -22.75 -13.79
CA PHE K 212 -9.68 -21.48 -13.64
C PHE K 212 -8.78 -20.52 -12.87
N SER K 213 -9.03 -19.23 -13.05
CA SER K 213 -8.19 -18.18 -12.50
C SER K 213 -7.89 -18.39 -11.01
N GLN K 214 -6.62 -18.28 -10.65
CA GLN K 214 -6.23 -18.39 -9.25
C GLN K 214 -6.86 -17.28 -8.45
N ARG K 215 -7.05 -16.12 -9.09
CA ARG K 215 -7.70 -15.00 -8.44
C ARG K 215 -9.11 -15.40 -8.03
N LEU K 216 -9.56 -14.92 -6.89
CA LEU K 216 -10.87 -15.27 -6.39
C LEU K 216 -11.79 -14.06 -6.53
N PRO K 217 -13.07 -14.30 -6.80
CA PRO K 217 -14.04 -13.20 -6.94
C PRO K 217 -14.21 -12.42 -5.64
N LEU K 218 -14.37 -11.11 -5.75
CA LEU K 218 -14.69 -10.28 -4.59
C LEU K 218 -16.18 -10.05 -4.51
N ASN K 219 -16.90 -10.55 -5.52
CA ASN K 219 -18.34 -10.38 -5.64
C ASN K 219 -19.09 -11.72 -5.61
N ILE K 220 -20.18 -11.76 -4.84
CA ILE K 220 -20.92 -12.99 -4.60
C ILE K 220 -21.38 -13.62 -5.90
N GLU K 221 -21.94 -12.78 -6.76
CA GLU K 221 -22.50 -13.25 -8.03
C GLU K 221 -21.44 -13.92 -8.89
N GLU K 222 -20.25 -13.35 -8.90
CA GLU K 222 -19.15 -13.90 -9.69
C GLU K 222 -18.85 -15.31 -9.21
N ALA K 223 -18.93 -15.50 -7.90
CA ALA K 223 -18.75 -16.80 -7.31
C ALA K 223 -19.89 -17.72 -7.74
N LYS K 224 -21.06 -17.13 -7.88
CA LYS K 224 -22.24 -17.87 -8.33
C LYS K 224 -21.98 -18.38 -9.74
N ASP K 225 -21.30 -17.55 -10.53
CA ASP K 225 -20.96 -17.91 -11.91
C ASP K 225 -19.95 -19.04 -11.92
N ARG K 226 -18.92 -18.93 -11.09
CA ARG K 226 -17.91 -19.96 -10.99
C ARG K 226 -18.52 -21.29 -10.53
N LEU K 227 -19.55 -21.22 -9.71
CA LEU K 227 -20.20 -22.43 -9.22
C LEU K 227 -21.02 -23.08 -10.31
N ARG K 228 -21.83 -22.26 -10.97
CA ARG K 228 -22.74 -22.71 -11.99
C ARG K 228 -21.96 -23.34 -13.12
N ILE K 229 -20.92 -22.63 -13.54
CA ILE K 229 -20.07 -23.05 -14.65
C ILE K 229 -19.33 -24.33 -14.31
N LEU K 230 -18.80 -24.36 -13.09
CA LEU K 230 -18.09 -25.54 -12.58
C LEU K 230 -19.02 -26.75 -12.44
N MET K 231 -20.23 -26.51 -11.94
CA MET K 231 -21.23 -27.55 -11.83
C MET K 231 -21.65 -28.01 -13.22
N LEU K 232 -21.78 -27.04 -14.13
CA LEU K 232 -22.21 -27.32 -15.48
C LEU K 232 -21.24 -28.16 -16.31
N ARG K 233 -19.95 -27.84 -16.21
CA ARG K 233 -18.94 -28.53 -17.02
C ARG K 233 -18.03 -29.43 -16.20
N LYS K 234 -17.42 -28.87 -15.16
CA LYS K 234 -16.45 -29.60 -14.36
C LYS K 234 -17.07 -30.77 -13.63
N HIS K 235 -18.26 -30.59 -13.06
CA HIS K 235 -18.87 -31.70 -12.35
C HIS K 235 -20.31 -31.92 -12.78
N PRO K 236 -20.56 -32.54 -13.90
CA PRO K 236 -21.89 -32.47 -14.51
C PRO K 236 -23.03 -32.99 -13.66
N ARG K 237 -22.84 -34.12 -12.98
CA ARG K 237 -23.91 -34.73 -12.20
C ARG K 237 -23.66 -34.65 -10.70
N SER K 238 -23.19 -33.49 -10.25
CA SER K 238 -22.93 -33.26 -8.84
C SER K 238 -24.16 -32.86 -8.03
N LEU K 239 -24.20 -33.30 -6.78
CA LEU K 239 -25.21 -32.91 -5.80
C LEU K 239 -24.48 -32.17 -4.68
N LEU K 240 -25.04 -31.05 -4.23
CA LEU K 240 -24.50 -30.21 -3.17
C LEU K 240 -25.43 -30.37 -1.96
N ILE K 241 -24.91 -30.55 -0.76
CA ILE K 241 -25.74 -30.66 0.46
C ILE K 241 -25.41 -29.47 1.35
N LEU K 242 -26.38 -28.87 2.01
CA LEU K 242 -26.03 -27.78 2.89
C LEU K 242 -26.39 -28.12 4.32
N ASP K 243 -25.74 -27.46 5.26
CA ASP K 243 -25.97 -27.70 6.68
C ASP K 243 -26.54 -26.44 7.31
N ASP K 244 -27.64 -26.60 8.05
CA ASP K 244 -28.32 -25.43 8.58
C ASP K 244 -28.81 -24.53 7.44
N VAL K 245 -28.46 -23.26 7.52
CA VAL K 245 -28.99 -22.20 6.66
C VAL K 245 -30.08 -21.49 7.45
N TRP K 246 -29.90 -20.19 7.65
CA TRP K 246 -30.88 -19.44 8.43
C TRP K 246 -31.52 -18.25 7.75
N ASP K 247 -31.15 -17.95 6.52
CA ASP K 247 -31.83 -16.84 5.85
C ASP K 247 -31.83 -17.00 4.35
N SER K 248 -32.84 -16.45 3.69
CA SER K 248 -33.01 -16.69 2.27
C SER K 248 -31.88 -16.18 1.36
N TRP K 249 -31.39 -14.97 1.56
CA TRP K 249 -30.38 -14.49 0.62
C TRP K 249 -29.28 -15.52 0.44
N VAL K 250 -29.06 -16.32 1.48
CA VAL K 250 -28.03 -17.33 1.47
C VAL K 250 -28.25 -18.31 0.32
N LEU K 251 -29.43 -18.91 0.28
CA LEU K 251 -29.77 -19.78 -0.83
C LEU K 251 -29.90 -19.00 -2.13
N LYS K 252 -30.16 -17.71 -2.01
CA LYS K 252 -30.19 -16.89 -3.20
C LYS K 252 -28.80 -16.99 -3.81
N ALA K 253 -27.79 -16.93 -2.95
CA ALA K 253 -26.40 -16.99 -3.37
C ALA K 253 -26.04 -18.32 -4.01
N PHE K 254 -26.56 -19.40 -3.46
CA PHE K 254 -26.21 -20.74 -3.90
C PHE K 254 -27.11 -21.20 -5.03
N ASP K 255 -27.99 -20.32 -5.48
CA ASP K 255 -29.04 -20.71 -6.39
C ASP K 255 -28.46 -20.79 -7.79
N SER K 256 -27.73 -21.88 -8.00
CA SER K 256 -26.92 -22.06 -9.19
C SER K 256 -27.68 -22.71 -10.35
N GLN K 257 -28.92 -23.09 -10.10
CA GLN K 257 -29.71 -23.78 -11.12
C GLN K 257 -29.28 -25.23 -11.20
N CYS K 258 -28.44 -25.64 -10.26
CA CYS K 258 -27.93 -27.00 -10.18
C CYS K 258 -28.36 -27.54 -8.85
N GLN K 259 -28.71 -28.81 -8.78
CA GLN K 259 -29.37 -29.31 -7.59
C GLN K 259 -28.49 -29.07 -6.38
N ILE K 260 -29.11 -28.54 -5.34
CA ILE K 260 -28.49 -28.30 -4.08
C ILE K 260 -29.61 -28.71 -3.15
N LEU K 261 -29.32 -29.46 -2.10
CA LEU K 261 -30.31 -29.79 -1.09
C LEU K 261 -29.90 -29.19 0.22
N LEU K 262 -30.79 -28.46 0.89
CA LEU K 262 -30.46 -27.74 2.12
C LEU K 262 -31.16 -28.44 3.26
N THR K 263 -30.48 -28.68 4.36
CA THR K 263 -31.12 -29.34 5.49
C THR K 263 -31.13 -28.41 6.70
N THR K 264 -32.26 -28.26 7.39
CA THR K 264 -32.35 -27.16 8.33
C THR K 264 -33.30 -27.22 9.49
N ARG K 265 -33.53 -26.04 10.06
CA ARG K 265 -34.67 -25.86 10.98
C ARG K 265 -35.92 -25.09 10.48
N ASP K 266 -35.69 -23.96 9.80
CA ASP K 266 -36.78 -23.23 9.16
C ASP K 266 -37.07 -23.86 7.83
N LYS K 267 -38.34 -23.93 7.48
CA LYS K 267 -38.76 -24.43 6.18
C LYS K 267 -39.17 -23.29 5.28
N SER K 268 -39.21 -22.10 5.87
CA SER K 268 -39.44 -20.86 5.17
C SER K 268 -38.27 -20.51 4.26
N VAL K 269 -37.10 -21.06 4.56
CA VAL K 269 -35.89 -20.58 3.94
C VAL K 269 -35.93 -20.74 2.44
N THR K 270 -36.37 -21.88 1.94
CA THR K 270 -36.40 -22.08 0.50
C THR K 270 -37.70 -21.55 -0.08
N ASP K 271 -37.93 -20.25 0.04
CA ASP K 271 -39.07 -19.65 -0.62
C ASP K 271 -38.63 -18.69 -1.73
N SER K 272 -37.46 -18.11 -1.57
CA SER K 272 -36.88 -17.26 -2.59
C SER K 272 -36.58 -18.06 -3.84
N VAL K 273 -36.13 -19.30 -3.64
CA VAL K 273 -35.68 -20.14 -4.74
C VAL K 273 -36.78 -20.58 -5.67
N MET K 274 -36.35 -20.94 -6.87
CA MET K 274 -37.18 -21.32 -8.01
C MET K 274 -36.82 -22.71 -8.50
N GLY K 275 -37.81 -23.45 -8.97
CA GLY K 275 -37.62 -24.82 -9.37
C GLY K 275 -38.36 -25.74 -8.42
N PRO K 276 -38.50 -27.01 -8.79
CA PRO K 276 -39.27 -27.95 -7.95
C PRO K 276 -38.70 -28.10 -6.54
N LYS K 277 -39.54 -27.97 -5.52
CA LYS K 277 -39.08 -28.17 -4.14
C LYS K 277 -39.87 -29.25 -3.42
N TYR K 278 -39.18 -30.15 -2.73
CA TYR K 278 -39.85 -31.18 -1.95
C TYR K 278 -39.30 -31.12 -0.54
N VAL K 279 -40.13 -31.41 0.45
CA VAL K 279 -39.65 -31.43 1.82
C VAL K 279 -39.96 -32.75 2.50
N VAL K 280 -38.98 -33.31 3.18
CA VAL K 280 -39.17 -34.50 3.99
C VAL K 280 -39.08 -33.97 5.40
N PRO K 281 -40.02 -34.31 6.27
CA PRO K 281 -40.07 -33.59 7.53
C PRO K 281 -39.77 -34.58 8.60
N VAL K 282 -38.73 -34.32 9.39
CA VAL K 282 -38.34 -35.27 10.40
C VAL K 282 -38.88 -34.83 11.74
N GLU K 283 -39.90 -35.52 12.22
CA GLU K 283 -40.39 -35.33 13.58
C GLU K 283 -39.37 -35.91 14.54
N SER K 284 -39.19 -35.28 15.69
CA SER K 284 -38.23 -35.80 16.66
C SER K 284 -38.97 -36.78 17.52
N SER K 285 -38.75 -38.07 17.27
CA SER K 285 -39.42 -39.11 18.03
C SER K 285 -38.48 -40.23 18.40
N LEU K 286 -38.08 -40.99 17.40
CA LEU K 286 -37.24 -42.16 17.58
C LEU K 286 -38.11 -43.33 18.03
N GLY K 287 -37.50 -44.46 18.28
CA GLY K 287 -38.24 -45.65 18.69
C GLY K 287 -37.71 -46.22 19.99
N LYS K 288 -38.61 -46.65 20.86
CA LYS K 288 -38.21 -47.16 22.15
C LYS K 288 -37.31 -48.37 21.95
N GLU K 289 -37.63 -49.18 20.95
CA GLU K 289 -36.81 -50.33 20.62
C GLU K 289 -35.41 -49.88 20.21
N LYS K 290 -35.36 -48.86 19.35
CA LYS K 290 -34.12 -48.29 18.84
C LYS K 290 -33.22 -47.62 19.88
N GLY K 291 -33.82 -46.86 20.79
CA GLY K 291 -33.05 -46.14 21.78
C GLY K 291 -32.39 -47.11 22.72
N LEU K 292 -33.10 -48.19 23.02
CA LEU K 292 -32.52 -49.26 23.82
C LEU K 292 -31.33 -49.84 23.05
N GLU K 293 -31.48 -49.87 21.73
CA GLU K 293 -30.42 -50.31 20.85
C GLU K 293 -29.23 -49.37 20.95
N ILE K 294 -29.54 -48.09 20.93
CA ILE K 294 -28.56 -47.02 21.07
C ILE K 294 -27.92 -46.99 22.45
N LEU K 295 -28.74 -47.18 23.48
CA LEU K 295 -28.22 -47.15 24.85
C LEU K 295 -27.27 -48.30 25.03
N SER K 296 -27.60 -49.45 24.46
CA SER K 296 -26.75 -50.61 24.61
C SER K 296 -25.39 -50.32 24.01
N LEU K 297 -25.37 -49.70 22.84
CA LEU K 297 -24.12 -49.42 22.18
C LEU K 297 -23.31 -48.45 23.02
N PHE K 298 -23.99 -47.49 23.63
CA PHE K 298 -23.33 -46.47 24.45
C PHE K 298 -22.64 -47.10 25.65
N VAL K 299 -23.29 -48.07 26.27
CA VAL K 299 -22.71 -48.76 27.43
C VAL K 299 -22.23 -50.19 27.16
N ASN K 300 -22.32 -50.62 25.91
CA ASN K 300 -21.78 -51.92 25.49
C ASN K 300 -22.30 -53.22 26.14
N MET K 301 -23.60 -53.33 26.39
CA MET K 301 -24.13 -54.58 26.97
C MET K 301 -25.37 -55.17 26.27
N LYS K 302 -25.49 -56.49 26.29
CA LYS K 302 -26.65 -57.15 25.72
C LYS K 302 -27.83 -56.35 26.23
N LYS K 303 -28.84 -56.16 25.41
CA LYS K 303 -29.90 -55.22 25.74
C LYS K 303 -30.60 -55.63 27.03
N ALA K 304 -30.85 -56.92 27.19
CA ALA K 304 -31.50 -57.40 28.40
C ALA K 304 -30.65 -57.12 29.63
N ASP K 305 -29.34 -57.34 29.51
CA ASP K 305 -28.43 -57.09 30.62
C ASP K 305 -28.56 -55.68 31.16
N LEU K 306 -29.25 -54.82 30.42
CA LEU K 306 -29.40 -53.43 30.82
C LEU K 306 -30.32 -53.29 32.03
N PRO K 307 -29.95 -52.38 32.92
CA PRO K 307 -30.59 -52.22 34.23
C PRO K 307 -32.01 -51.72 34.11
N GLU K 308 -32.77 -51.96 35.16
CA GLU K 308 -34.18 -51.61 35.18
C GLU K 308 -34.34 -50.11 35.04
N GLN K 309 -33.34 -49.36 35.49
CA GLN K 309 -33.42 -47.92 35.46
C GLN K 309 -33.56 -47.44 34.03
N ALA K 310 -32.85 -48.11 33.12
CA ALA K 310 -32.68 -47.61 31.76
C ALA K 310 -33.98 -47.33 31.03
N HIS K 311 -34.98 -48.18 31.23
CA HIS K 311 -36.22 -48.08 30.46
C HIS K 311 -36.89 -46.74 30.65
N SER K 312 -36.82 -46.21 31.86
CA SER K 312 -37.61 -45.04 32.26
C SER K 312 -37.03 -43.75 31.73
N ILE K 313 -35.70 -43.67 31.71
CA ILE K 313 -35.05 -42.45 31.26
C ILE K 313 -35.35 -42.19 29.80
N ILE K 314 -35.52 -43.26 29.03
CA ILE K 314 -35.80 -43.08 27.62
C ILE K 314 -37.13 -42.40 27.43
N LYS K 315 -38.03 -42.61 28.39
CA LYS K 315 -39.34 -41.99 28.31
C LYS K 315 -39.21 -40.48 28.36
N GLU K 316 -38.27 -40.04 29.19
CA GLU K 316 -37.92 -38.64 29.32
C GLU K 316 -37.31 -38.15 28.02
N CYS K 317 -36.49 -39.00 27.42
CA CYS K 317 -35.76 -38.58 26.22
C CYS K 317 -36.73 -38.10 25.15
N LYS K 318 -37.84 -38.80 24.98
CA LYS K 318 -38.85 -38.40 24.00
C LYS K 318 -38.26 -38.48 22.61
N GLY K 319 -37.25 -39.33 22.43
CA GLY K 319 -36.68 -39.56 21.11
C GLY K 319 -35.79 -38.48 20.53
N SER K 320 -35.37 -37.52 21.33
CA SER K 320 -34.48 -36.56 20.75
C SER K 320 -33.17 -37.28 20.87
N PRO K 321 -32.72 -37.88 19.77
CA PRO K 321 -31.50 -38.67 19.76
C PRO K 321 -30.34 -37.89 20.35
N LEU K 322 -30.47 -36.57 20.33
CA LEU K 322 -29.45 -35.72 20.89
C LEU K 322 -29.44 -35.95 22.39
N VAL K 323 -30.62 -36.07 23.00
CA VAL K 323 -30.68 -36.39 24.43
C VAL K 323 -30.11 -37.77 24.80
N VAL K 324 -30.40 -38.76 23.96
CA VAL K 324 -29.93 -40.11 24.14
C VAL K 324 -28.42 -40.21 24.01
N SER K 325 -27.88 -39.65 22.95
CA SER K 325 -26.45 -39.62 22.84
C SER K 325 -25.93 -38.80 23.99
N LEU K 326 -26.61 -37.70 24.32
CA LEU K 326 -26.14 -36.86 25.40
C LEU K 326 -26.13 -37.57 26.75
N ILE K 327 -27.20 -38.27 27.08
CA ILE K 327 -27.18 -39.13 28.25
C ILE K 327 -26.19 -40.27 28.04
N GLY K 328 -26.19 -40.86 26.85
CA GLY K 328 -25.41 -42.07 26.66
C GLY K 328 -23.92 -41.87 26.87
N ALA K 329 -23.38 -40.84 26.24
CA ALA K 329 -21.97 -40.53 26.40
C ALA K 329 -21.73 -40.18 27.85
N LEU K 330 -22.69 -39.48 28.44
CA LEU K 330 -22.53 -38.98 29.79
C LEU K 330 -22.33 -40.18 30.69
N LEU K 331 -23.04 -41.25 30.38
CA LEU K 331 -22.87 -42.49 31.13
C LEU K 331 -21.55 -43.19 30.85
N ARG K 332 -20.88 -42.90 29.75
CA ARG K 332 -19.71 -43.74 29.48
C ARG K 332 -18.72 -43.56 30.60
N ASP K 333 -18.56 -42.32 31.04
CA ASP K 333 -17.68 -41.99 32.15
C ASP K 333 -18.07 -42.55 33.51
N PHE K 334 -19.37 -42.53 33.83
CA PHE K 334 -19.79 -42.89 35.17
C PHE K 334 -20.90 -43.92 35.17
N PRO K 335 -20.56 -45.17 34.89
CA PRO K 335 -21.56 -46.25 34.82
C PRO K 335 -22.32 -46.43 36.14
N ASN K 336 -21.69 -46.08 37.25
CA ASN K 336 -22.29 -46.22 38.57
C ASN K 336 -23.43 -45.25 38.85
N ARG K 337 -23.31 -44.00 38.40
CA ARG K 337 -24.33 -43.01 38.70
C ARG K 337 -25.51 -43.12 37.73
N TRP K 338 -26.04 -44.33 37.58
CA TRP K 338 -27.16 -44.55 36.67
C TRP K 338 -28.51 -43.91 37.03
N GLU K 339 -28.96 -44.07 38.26
CA GLU K 339 -30.26 -43.51 38.67
C GLU K 339 -30.29 -41.97 38.62
N TYR K 340 -29.18 -41.40 39.07
CA TYR K 340 -28.96 -39.97 39.25
C TYR K 340 -29.52 -39.17 38.09
N TYR K 341 -29.11 -39.54 36.88
CA TYR K 341 -29.59 -38.82 35.70
C TYR K 341 -31.05 -39.11 35.45
N LEU K 342 -31.51 -40.26 35.92
CA LEU K 342 -32.92 -40.59 35.78
C LEU K 342 -33.75 -39.58 36.54
N LYS K 343 -33.39 -39.38 37.81
CA LYS K 343 -34.07 -38.40 38.64
C LYS K 343 -33.80 -37.00 38.13
N GLN K 344 -32.67 -36.83 37.46
CA GLN K 344 -32.27 -35.53 36.95
C GLN K 344 -33.24 -35.10 35.86
N LEU K 345 -33.52 -36.01 34.92
CA LEU K 345 -34.50 -35.72 33.89
C LEU K 345 -35.90 -35.71 34.48
N GLN K 346 -36.09 -36.41 35.60
CA GLN K 346 -37.34 -36.29 36.34
C GLN K 346 -37.48 -34.88 36.89
N ASN K 347 -36.34 -34.26 37.17
CA ASN K 347 -36.26 -32.86 37.60
C ASN K 347 -36.76 -31.94 36.50
N LYS K 348 -36.45 -32.27 35.26
CA LYS K 348 -36.85 -31.47 34.11
C LYS K 348 -35.87 -30.35 33.74
N GLN K 349 -34.73 -30.26 34.43
CA GLN K 349 -33.70 -29.29 34.05
C GLN K 349 -32.55 -29.91 33.27
N PHE K 350 -32.20 -29.28 32.16
CA PHE K 350 -31.23 -29.86 31.24
C PHE K 350 -29.85 -29.23 31.38
N LYS K 351 -29.72 -28.34 32.37
CA LYS K 351 -28.45 -27.70 32.66
C LYS K 351 -27.45 -28.71 33.21
N ARG K 352 -27.99 -29.76 33.83
CA ARG K 352 -27.16 -30.81 34.42
C ARG K 352 -26.47 -31.69 33.38
N ILE K 353 -27.17 -31.96 32.27
CA ILE K 353 -26.61 -32.83 31.26
C ILE K 353 -25.70 -32.07 30.29
N ARG K 354 -24.43 -32.44 30.22
CA ARG K 354 -23.53 -31.84 29.25
C ARG K 354 -22.48 -32.80 28.77
N LYS K 355 -22.18 -32.77 27.49
CA LYS K 355 -21.06 -33.52 26.97
C LYS K 355 -20.45 -32.76 25.82
N SER K 356 -19.13 -32.78 25.71
CA SER K 356 -18.50 -32.32 24.50
C SER K 356 -18.86 -33.40 23.50
N SER K 357 -19.16 -33.03 22.27
CA SER K 357 -19.60 -34.00 21.29
C SER K 357 -19.34 -33.51 19.89
N SER K 358 -19.48 -34.38 18.91
CA SER K 358 -19.29 -33.98 17.53
C SER K 358 -20.29 -32.89 17.28
N TYR K 359 -21.49 -33.07 17.81
CA TYR K 359 -22.53 -32.08 17.72
C TYR K 359 -22.08 -30.77 18.36
N ASP K 360 -22.63 -29.67 17.87
CA ASP K 360 -22.10 -28.32 18.10
C ASP K 360 -22.61 -27.58 19.34
N TYR K 361 -23.01 -28.32 20.37
CA TYR K 361 -23.55 -27.67 21.54
C TYR K 361 -23.39 -28.49 22.79
N GLU K 362 -23.14 -27.83 23.92
CA GLU K 362 -22.86 -28.57 25.15
C GLU K 362 -24.06 -29.45 25.52
N ALA K 363 -25.25 -28.91 25.29
CA ALA K 363 -26.50 -29.49 25.73
C ALA K 363 -27.79 -29.08 24.98
N LEU K 364 -28.83 -29.88 25.22
CA LEU K 364 -30.10 -29.75 24.55
C LEU K 364 -30.71 -28.39 24.84
N ASP K 365 -30.53 -27.89 26.05
CA ASP K 365 -30.99 -26.55 26.35
C ASP K 365 -30.22 -25.63 25.41
N GLU K 366 -28.98 -26.00 25.14
CA GLU K 366 -28.09 -25.17 24.34
C GLU K 366 -28.65 -24.98 22.95
N ALA K 367 -29.22 -26.04 22.38
CA ALA K 367 -29.77 -25.95 21.02
C ALA K 367 -30.99 -24.99 20.83
N MET K 368 -31.90 -25.07 21.79
CA MET K 368 -33.14 -24.31 21.76
C MET K 368 -32.86 -22.82 21.83
N SER K 369 -31.88 -22.44 22.66
CA SER K 369 -31.57 -21.02 22.80
C SER K 369 -31.22 -20.41 21.45
N ILE K 370 -30.48 -21.18 20.64
CA ILE K 370 -30.07 -20.75 19.32
C ILE K 370 -31.27 -20.52 18.41
N SER K 371 -32.27 -21.38 18.47
CA SER K 371 -33.48 -21.19 17.69
C SER K 371 -34.28 -19.94 18.06
N VAL K 372 -34.41 -19.66 19.36
CA VAL K 372 -35.28 -18.57 19.80
C VAL K 372 -34.87 -17.19 19.28
N GLU K 373 -33.56 -16.95 19.18
CA GLU K 373 -33.06 -15.60 18.96
C GLU K 373 -33.53 -14.95 17.67
N MET K 374 -33.61 -15.75 16.60
CA MET K 374 -33.81 -15.22 15.26
C MET K 374 -35.06 -14.36 15.06
N LEU K 375 -36.11 -14.72 15.79
CA LEU K 375 -37.41 -14.12 15.53
C LEU K 375 -37.33 -12.62 15.69
N ARG K 376 -38.04 -11.93 14.79
CA ARG K 376 -38.09 -10.48 14.75
C ARG K 376 -38.74 -9.99 16.04
N GLU K 377 -38.27 -8.85 16.54
CA GLU K 377 -38.57 -8.46 17.90
C GLU K 377 -40.05 -8.47 18.15
N ASP K 378 -40.85 -8.05 17.18
CA ASP K 378 -42.28 -8.01 17.40
C ASP K 378 -42.82 -9.42 17.67
N ILE K 379 -42.36 -10.39 16.91
CA ILE K 379 -42.77 -11.78 17.13
C ILE K 379 -42.27 -12.32 18.47
N LYS K 380 -41.08 -11.90 18.87
CA LYS K 380 -40.34 -12.57 19.94
C LYS K 380 -41.10 -12.58 21.25
N ASP K 381 -41.76 -11.47 21.56
CA ASP K 381 -42.52 -11.35 22.80
C ASP K 381 -43.64 -12.38 22.80
N TYR K 382 -44.27 -12.59 21.66
CA TYR K 382 -45.43 -13.46 21.58
C TYR K 382 -45.08 -14.88 21.97
N TYR K 383 -43.94 -15.38 21.51
CA TYR K 383 -43.64 -16.76 21.83
C TYR K 383 -43.78 -17.04 23.32
N THR K 384 -43.35 -16.11 24.15
CA THR K 384 -43.32 -16.35 25.59
C THR K 384 -44.73 -16.61 26.11
N ASP K 385 -45.70 -15.91 25.55
CA ASP K 385 -47.08 -16.10 25.96
C ASP K 385 -47.34 -17.56 25.64
N LEU K 386 -46.76 -18.02 24.54
CA LEU K 386 -47.00 -19.37 24.07
C LEU K 386 -46.48 -20.38 25.08
N SER K 387 -45.70 -19.88 26.03
CA SER K 387 -45.04 -20.67 27.05
C SER K 387 -46.03 -21.37 27.96
N ILE K 388 -47.12 -20.68 28.28
CA ILE K 388 -48.07 -21.16 29.26
C ILE K 388 -48.68 -22.49 28.85
N LEU K 389 -48.86 -22.73 27.55
CA LEU K 389 -49.62 -23.89 27.09
C LEU K 389 -49.09 -25.26 27.54
N GLN K 390 -50.01 -26.16 27.86
CA GLN K 390 -49.74 -27.45 28.46
C GLN K 390 -48.74 -28.20 27.59
N LYS K 391 -48.10 -29.22 28.15
CA LYS K 391 -47.17 -30.04 27.38
C LYS K 391 -47.93 -30.70 26.26
N ASP K 392 -49.12 -31.22 26.57
CA ASP K 392 -49.87 -32.02 25.60
C ASP K 392 -51.33 -31.60 25.44
N VAL K 393 -51.53 -30.40 24.94
CA VAL K 393 -52.85 -29.92 24.63
C VAL K 393 -52.82 -29.36 23.23
N LYS K 394 -53.75 -29.80 22.38
CA LYS K 394 -53.89 -29.16 21.11
C LYS K 394 -54.97 -28.13 21.34
N VAL K 395 -54.55 -26.88 21.50
CA VAL K 395 -55.52 -25.83 21.77
C VAL K 395 -56.13 -25.29 20.48
N PRO K 396 -57.44 -25.08 20.53
CA PRO K 396 -58.14 -24.45 19.41
C PRO K 396 -57.61 -23.04 19.26
N THR K 397 -57.40 -22.62 18.02
CA THR K 397 -56.78 -21.33 17.73
C THR K 397 -57.33 -20.16 18.52
N LYS K 398 -58.64 -20.17 18.74
CA LYS K 398 -59.34 -19.05 19.36
C LYS K 398 -58.71 -18.57 20.65
N VAL K 399 -58.39 -19.50 21.54
CA VAL K 399 -57.88 -19.13 22.86
C VAL K 399 -56.60 -18.33 22.70
N LEU K 400 -55.84 -18.64 21.67
CA LEU K 400 -54.65 -17.86 21.36
C LEU K 400 -55.07 -16.47 20.89
N CYS K 401 -56.21 -16.41 20.22
CA CYS K 401 -56.74 -15.13 19.77
C CYS K 401 -57.09 -14.28 20.98
N ILE K 402 -57.71 -14.92 21.97
CA ILE K 402 -58.15 -14.23 23.17
C ILE K 402 -57.00 -13.67 23.98
N LEU K 403 -55.96 -14.47 24.17
CA LEU K 403 -54.83 -14.01 24.97
C LEU K 403 -54.15 -12.86 24.25
N TRP K 404 -53.95 -13.03 22.95
CA TRP K 404 -53.37 -11.99 22.12
C TRP K 404 -54.26 -10.78 21.99
N ASP K 405 -55.57 -11.01 21.90
CA ASP K 405 -56.52 -9.93 21.68
C ASP K 405 -56.39 -9.44 20.26
N MET K 406 -55.85 -10.29 19.38
CA MET K 406 -55.61 -9.92 18.00
C MET K 406 -56.43 -10.77 17.03
N GLU K 407 -56.98 -10.14 15.99
CA GLU K 407 -57.99 -10.79 15.15
C GLU K 407 -57.50 -12.07 14.47
N THR K 408 -58.41 -13.01 14.28
CA THR K 408 -58.09 -14.39 13.93
C THR K 408 -57.36 -14.62 12.60
N GLU K 409 -57.72 -13.87 11.56
CA GLU K 409 -57.09 -14.07 10.26
C GLU K 409 -55.61 -13.78 10.41
N GLU K 410 -55.31 -12.76 11.19
CA GLU K 410 -53.93 -12.38 11.51
C GLU K 410 -53.21 -13.36 12.41
N VAL K 411 -53.90 -13.85 13.43
CA VAL K 411 -53.24 -14.67 14.45
C VAL K 411 -52.68 -15.95 13.90
N GLU K 412 -53.38 -16.55 12.95
CA GLU K 412 -52.96 -17.82 12.39
C GLU K 412 -51.60 -17.69 11.71
N ASP K 413 -51.39 -16.56 11.04
CA ASP K 413 -50.25 -16.43 10.16
C ASP K 413 -48.95 -16.37 10.95
N ILE K 414 -48.98 -15.68 12.08
CA ILE K 414 -47.79 -15.62 12.91
C ILE K 414 -47.45 -17.02 13.37
N LEU K 415 -48.48 -17.78 13.69
CA LEU K 415 -48.28 -19.15 14.11
C LEU K 415 -47.75 -19.99 12.97
N GLN K 416 -48.18 -19.66 11.75
CA GLN K 416 -47.68 -20.36 10.59
C GLN K 416 -46.20 -20.11 10.47
N GLU K 417 -45.77 -18.89 10.76
CA GLU K 417 -44.37 -18.55 10.73
C GLU K 417 -43.61 -19.34 11.78
N PHE K 418 -44.22 -19.54 12.94
CA PHE K 418 -43.60 -20.37 13.96
C PHE K 418 -43.45 -21.78 13.43
N VAL K 419 -44.50 -22.32 12.83
CA VAL K 419 -44.47 -23.72 12.52
C VAL K 419 -43.29 -23.90 11.60
N ASN K 420 -43.08 -22.94 10.71
CA ASN K 420 -41.93 -23.00 9.85
C ASN K 420 -40.65 -22.93 10.68
N LYS K 421 -40.61 -22.06 11.66
CA LYS K 421 -39.46 -22.04 12.55
C LYS K 421 -39.33 -23.36 13.29
N SER K 422 -40.26 -24.27 13.04
CA SER K 422 -40.27 -25.58 13.66
C SER K 422 -40.25 -25.45 15.18
N LEU K 423 -40.96 -24.46 15.69
CA LEU K 423 -41.03 -24.24 17.13
C LEU K 423 -42.43 -24.48 17.66
N LEU K 424 -43.29 -25.04 16.81
CA LEU K 424 -44.67 -25.27 17.16
C LEU K 424 -45.37 -26.08 16.08
N PHE K 425 -45.62 -27.35 16.37
CA PHE K 425 -46.17 -28.27 15.39
C PHE K 425 -47.61 -27.98 14.97
N CYS K 426 -47.86 -28.13 13.67
CA CYS K 426 -49.17 -27.93 13.09
C CYS K 426 -50.10 -29.11 13.28
N ASP K 427 -51.40 -28.84 13.25
CA ASP K 427 -52.40 -29.89 13.28
C ASP K 427 -53.56 -29.56 12.34
N ARG K 428 -53.48 -30.07 11.12
CA ARG K 428 -54.55 -29.84 10.16
C ARG K 428 -55.67 -30.84 10.36
N ASN K 429 -56.40 -30.69 11.46
CA ASN K 429 -57.59 -31.47 11.68
C ASN K 429 -58.74 -30.61 11.25
N GLY K 430 -59.30 -30.93 10.08
CA GLY K 430 -60.45 -30.21 9.58
C GLY K 430 -60.12 -28.73 9.48
N LYS K 431 -61.15 -27.90 9.53
CA LYS K 431 -60.96 -26.46 9.50
C LYS K 431 -60.15 -26.07 10.73
N SER K 432 -60.47 -26.73 11.85
CA SER K 432 -59.81 -26.43 13.11
C SER K 432 -58.32 -26.75 13.07
N PHE K 433 -57.55 -25.93 13.77
CA PHE K 433 -56.13 -26.13 13.93
C PHE K 433 -55.78 -26.20 15.41
N ARG K 434 -55.06 -27.24 15.79
CA ARG K 434 -54.52 -27.31 17.12
C ARG K 434 -53.02 -27.32 16.97
N TYR K 435 -52.37 -26.32 17.56
CA TYR K 435 -50.92 -26.32 17.65
C TYR K 435 -50.45 -26.84 19.00
N TYR K 436 -49.30 -27.51 18.99
CA TYR K 436 -48.77 -28.11 20.22
C TYR K 436 -47.27 -28.33 20.10
N LEU K 437 -46.66 -28.69 21.21
CA LEU K 437 -45.20 -28.75 21.32
C LEU K 437 -44.70 -30.12 21.69
N HIS K 438 -43.40 -30.32 21.55
CA HIS K 438 -42.72 -31.47 22.08
C HIS K 438 -42.51 -31.25 23.56
N ASP K 439 -42.40 -32.35 24.31
CA ASP K 439 -42.17 -32.29 25.75
C ASP K 439 -40.88 -31.53 26.03
N LEU K 440 -39.92 -31.66 25.13
CA LEU K 440 -38.64 -30.98 25.24
C LEU K 440 -38.81 -29.48 25.03
N GLN K 441 -39.63 -29.12 24.04
CA GLN K 441 -39.89 -27.72 23.72
C GLN K 441 -40.58 -27.03 24.89
N VAL K 442 -41.51 -27.74 25.52
CA VAL K 442 -42.25 -27.17 26.65
C VAL K 442 -41.32 -26.97 27.83
N ASP K 443 -40.49 -27.98 28.09
CA ASP K 443 -39.58 -27.95 29.22
C ASP K 443 -38.61 -26.81 29.08
N PHE K 444 -38.15 -26.56 27.86
CA PHE K 444 -37.20 -25.49 27.64
C PHE K 444 -37.88 -24.19 28.06
N LEU K 445 -39.17 -24.07 27.75
CA LEU K 445 -39.85 -22.81 27.98
C LEU K 445 -39.87 -22.45 29.44
N THR K 446 -40.25 -23.40 30.28
CA THR K 446 -40.29 -23.17 31.71
C THR K 446 -38.89 -22.92 32.20
N GLU K 447 -37.92 -23.59 31.58
CA GLU K 447 -36.53 -23.42 31.95
C GLU K 447 -36.09 -21.98 31.70
N LYS K 448 -36.55 -21.42 30.59
CA LYS K 448 -36.16 -20.07 30.19
C LYS K 448 -37.19 -18.95 30.42
N ASN K 449 -38.43 -19.31 30.76
CA ASN K 449 -39.47 -18.31 30.98
C ASN K 449 -40.22 -18.39 32.30
N CYS K 450 -39.69 -19.11 33.27
CA CYS K 450 -40.45 -19.46 34.46
C CYS K 450 -40.95 -18.27 35.30
N SER K 451 -40.12 -17.26 35.47
CA SER K 451 -40.50 -16.11 36.29
C SER K 451 -41.71 -15.38 35.71
N GLN K 452 -41.71 -15.23 34.40
CA GLN K 452 -42.83 -14.59 33.70
C GLN K 452 -44.13 -15.38 33.86
N LEU K 453 -44.02 -16.71 33.81
CA LEU K 453 -45.18 -17.57 33.65
C LEU K 453 -46.22 -17.39 34.74
N GLN K 454 -45.76 -17.25 35.99
CA GLN K 454 -46.68 -17.03 37.09
C GLN K 454 -47.39 -15.70 36.87
N ASP K 455 -46.64 -14.72 36.37
CA ASP K 455 -47.18 -13.39 36.12
C ASP K 455 -48.20 -13.37 34.97
N LEU K 456 -47.89 -14.06 33.89
CA LEU K 456 -48.78 -14.12 32.73
C LEU K 456 -50.04 -14.90 33.05
N HIS K 457 -49.88 -15.96 33.84
CA HIS K 457 -51.02 -16.81 34.22
C HIS K 457 -52.21 -15.96 34.65
N LYS K 458 -51.93 -14.74 35.10
CA LYS K 458 -52.97 -13.82 35.54
C LYS K 458 -53.43 -12.92 34.39
N LYS K 459 -52.63 -12.86 33.34
CA LYS K 459 -52.93 -12.04 32.18
C LYS K 459 -54.06 -12.66 31.35
N ILE K 460 -53.90 -13.94 31.02
CA ILE K 460 -54.90 -14.65 30.23
C ILE K 460 -56.31 -14.59 30.83
N ILE K 461 -56.40 -14.76 32.14
CA ILE K 461 -57.70 -14.82 32.79
C ILE K 461 -58.45 -13.49 32.63
N THR K 462 -57.75 -12.39 32.79
CA THR K 462 -58.39 -11.09 32.76
C THR K 462 -58.96 -10.82 31.37
N GLN K 463 -58.24 -11.27 30.36
CA GLN K 463 -58.67 -11.14 28.97
C GLN K 463 -59.95 -11.95 28.75
N PHE K 464 -59.99 -13.16 29.33
CA PHE K 464 -61.18 -14.00 29.20
C PHE K 464 -62.34 -13.33 29.90
N GLN K 465 -62.03 -12.61 30.97
CA GLN K 465 -63.02 -11.82 31.68
C GLN K 465 -63.53 -10.67 30.83
N ARG K 466 -62.66 -10.13 29.97
CA ARG K 466 -63.07 -9.05 29.09
C ARG K 466 -63.98 -9.60 28.01
N TYR K 467 -63.96 -10.92 27.85
CA TYR K 467 -64.91 -11.57 26.98
C TYR K 467 -65.85 -12.44 27.79
N HIS K 468 -65.96 -13.71 27.43
CA HIS K 468 -66.97 -14.58 28.02
C HIS K 468 -66.77 -14.79 29.51
N GLN K 469 -67.85 -14.67 30.27
CA GLN K 469 -67.88 -15.10 31.66
C GLN K 469 -68.12 -16.60 31.70
N PRO K 470 -67.68 -17.28 32.77
CA PRO K 470 -67.82 -18.74 32.81
C PRO K 470 -69.28 -19.21 32.68
N HIS K 471 -70.21 -18.44 33.25
CA HIS K 471 -71.63 -18.72 33.04
C HIS K 471 -72.03 -18.33 31.63
N THR K 472 -71.31 -17.37 31.06
CA THR K 472 -71.61 -16.84 29.74
C THR K 472 -71.00 -17.76 28.67
N LEU K 473 -70.28 -18.78 29.12
CA LEU K 473 -69.73 -19.80 28.23
C LEU K 473 -70.84 -20.63 27.57
N SER K 474 -70.59 -21.11 26.36
CA SER K 474 -71.59 -21.86 25.59
C SER K 474 -71.07 -23.17 24.98
N PRO K 475 -71.98 -24.10 24.73
CA PRO K 475 -71.59 -25.42 24.20
C PRO K 475 -71.05 -25.41 22.76
N ASP K 476 -71.58 -24.50 21.94
CA ASP K 476 -71.24 -24.45 20.52
C ASP K 476 -69.83 -23.94 20.27
N GLN K 477 -69.43 -22.92 21.01
CA GLN K 477 -68.11 -22.31 20.85
C GLN K 477 -67.03 -23.38 20.89
N GLU K 478 -66.09 -23.30 19.96
CA GLU K 478 -65.00 -24.29 19.86
C GLU K 478 -64.06 -24.30 21.07
N ASP K 479 -63.71 -23.12 21.58
CA ASP K 479 -62.70 -22.96 22.62
C ASP K 479 -63.12 -23.49 23.99
N CYS K 480 -64.42 -23.58 24.22
CA CYS K 480 -64.94 -23.70 25.58
C CYS K 480 -64.42 -24.92 26.33
N MET K 481 -64.28 -26.04 25.63
CA MET K 481 -63.89 -27.27 26.30
C MET K 481 -62.50 -27.12 26.88
N TYR K 482 -61.65 -26.37 26.17
CA TYR K 482 -60.33 -26.08 26.68
C TYR K 482 -60.42 -25.27 27.95
N TRP K 483 -61.42 -24.39 27.88
CA TRP K 483 -61.85 -23.52 28.94
C TRP K 483 -62.38 -24.30 30.11
N TYR K 484 -63.17 -25.35 29.89
CA TYR K 484 -63.55 -26.17 31.03
C TYR K 484 -62.26 -26.78 31.49
N ASN K 485 -61.68 -27.56 30.58
CA ASN K 485 -60.71 -28.54 30.97
C ASN K 485 -59.52 -27.87 31.58
N PHE K 486 -59.13 -26.75 31.02
CA PHE K 486 -57.95 -26.09 31.52
C PHE K 486 -58.11 -24.70 32.12
N LEU K 487 -59.29 -24.06 32.04
CA LEU K 487 -59.33 -22.67 32.55
C LEU K 487 -59.07 -22.80 34.02
N ALA K 488 -59.68 -23.84 34.56
CA ALA K 488 -59.48 -24.21 35.94
C ALA K 488 -57.99 -24.16 36.18
N TYR K 489 -57.24 -24.64 35.20
CA TYR K 489 -55.80 -24.73 35.34
C TYR K 489 -55.12 -23.37 35.53
N HIS K 490 -55.49 -22.36 34.74
CA HIS K 490 -54.73 -21.11 34.73
C HIS K 490 -54.76 -20.32 36.03
N MET K 491 -55.96 -20.24 36.59
CA MET K 491 -56.24 -19.59 37.87
C MET K 491 -55.34 -20.13 38.98
N ALA K 492 -54.97 -21.39 38.87
CA ALA K 492 -54.15 -22.01 39.89
C ALA K 492 -52.76 -21.39 39.86
N SER K 493 -52.19 -21.28 38.66
CA SER K 493 -50.90 -20.64 38.50
C SER K 493 -51.04 -19.20 38.95
N ALA K 494 -52.18 -18.59 38.63
CA ALA K 494 -52.41 -17.19 38.89
C ALA K 494 -52.12 -17.02 40.37
N LYS K 495 -52.47 -18.02 41.15
CA LYS K 495 -52.28 -17.99 42.59
C LYS K 495 -53.40 -17.20 43.25
N MET K 496 -54.40 -16.82 42.45
CA MET K 496 -55.52 -16.08 42.97
C MET K 496 -56.53 -17.10 43.45
N HIS K 497 -56.68 -17.18 44.76
CA HIS K 497 -57.56 -18.16 45.37
C HIS K 497 -59.00 -17.69 45.46
N LYS K 498 -59.20 -16.39 45.64
CA LYS K 498 -60.54 -15.84 45.69
C LYS K 498 -61.21 -15.97 44.33
N GLU K 499 -60.44 -15.74 43.27
CA GLU K 499 -60.94 -15.93 41.92
C GLU K 499 -61.21 -17.40 41.66
N LEU K 500 -60.38 -18.24 42.27
CA LEU K 500 -60.54 -19.67 42.11
C LEU K 500 -61.86 -20.08 42.73
N CYS K 501 -62.21 -19.42 43.82
CA CYS K 501 -63.51 -19.57 44.45
C CYS K 501 -64.60 -19.03 43.54
N ALA K 502 -64.27 -17.98 42.79
CA ALA K 502 -65.23 -17.37 41.89
C ALA K 502 -65.57 -18.32 40.76
N LEU K 503 -64.66 -19.24 40.45
CA LEU K 503 -64.92 -20.19 39.37
C LEU K 503 -65.30 -21.59 39.84
N MET K 504 -64.33 -22.33 40.37
CA MET K 504 -64.52 -23.77 40.58
C MET K 504 -65.66 -24.10 41.53
N PHE K 505 -65.86 -23.23 42.52
CA PHE K 505 -66.88 -23.46 43.53
C PHE K 505 -68.25 -23.47 42.89
N SER K 506 -68.46 -22.60 41.92
CA SER K 506 -69.78 -22.36 41.36
C SER K 506 -70.41 -23.69 40.98
N LEU K 507 -71.51 -24.02 41.63
CA LEU K 507 -72.17 -25.30 41.42
C LEU K 507 -72.72 -25.44 40.00
N ASP K 508 -73.15 -24.34 39.43
CA ASP K 508 -73.69 -24.36 38.07
C ASP K 508 -72.57 -24.64 37.07
N TRP K 509 -71.38 -24.16 37.39
CA TRP K 509 -70.20 -24.43 36.58
C TRP K 509 -69.90 -25.91 36.62
N ILE K 510 -70.15 -26.49 37.79
CA ILE K 510 -70.02 -27.93 37.97
C ILE K 510 -71.07 -28.62 37.12
N LYS K 511 -72.24 -28.00 37.00
CA LYS K 511 -73.34 -28.59 36.27
C LYS K 511 -73.00 -28.69 34.80
N ALA K 512 -72.57 -27.57 34.23
CA ALA K 512 -72.21 -27.57 32.82
C ALA K 512 -71.00 -28.45 32.56
N LYS K 513 -70.06 -28.45 33.51
CA LYS K 513 -68.84 -29.23 33.30
C LYS K 513 -69.16 -30.71 33.31
N THR K 514 -70.09 -31.11 34.18
CA THR K 514 -70.51 -32.49 34.28
C THR K 514 -71.45 -32.85 33.15
N GLU K 515 -71.93 -31.83 32.44
CA GLU K 515 -72.85 -32.05 31.32
C GLU K 515 -72.15 -32.61 30.08
N LEU K 516 -70.98 -32.07 29.75
CA LEU K 516 -70.18 -32.55 28.61
C LEU K 516 -68.81 -33.18 28.95
N VAL K 517 -68.25 -32.81 30.09
CA VAL K 517 -66.98 -33.32 30.59
C VAL K 517 -67.11 -34.67 31.30
N GLY K 518 -68.17 -34.80 32.09
CA GLY K 518 -68.31 -35.95 32.96
C GLY K 518 -67.77 -35.62 34.34
N PRO K 519 -68.11 -36.44 35.32
CA PRO K 519 -67.80 -36.16 36.73
C PRO K 519 -66.42 -36.65 37.19
N ALA K 520 -65.48 -36.88 36.28
CA ALA K 520 -64.15 -37.26 36.68
C ALA K 520 -63.16 -36.12 36.67
N HIS K 521 -63.24 -35.26 35.67
CA HIS K 521 -62.25 -34.19 35.56
C HIS K 521 -62.29 -33.27 36.78
N LEU K 522 -63.51 -32.99 37.25
CA LEU K 522 -63.70 -32.11 38.40
C LEU K 522 -63.02 -32.67 39.64
N ILE K 523 -63.14 -33.98 39.83
CA ILE K 523 -62.50 -34.63 40.97
C ILE K 523 -60.99 -34.50 40.89
N HIS K 524 -60.44 -34.67 39.68
CA HIS K 524 -59.01 -34.55 39.46
C HIS K 524 -58.54 -33.12 39.74
N GLU K 525 -59.36 -32.16 39.32
CA GLU K 525 -59.08 -30.75 39.55
C GLU K 525 -59.07 -30.45 41.04
N PHE K 526 -60.00 -31.08 41.76
CA PHE K 526 -60.16 -30.83 43.19
C PHE K 526 -58.92 -31.20 43.97
N VAL K 527 -58.28 -32.31 43.60
CA VAL K 527 -57.08 -32.73 44.30
C VAL K 527 -56.01 -31.65 44.14
N GLU K 528 -55.88 -31.12 42.94
CA GLU K 528 -55.00 -29.99 42.66
C GLU K 528 -55.48 -28.78 43.45
N TYR K 529 -56.81 -28.68 43.54
CA TYR K 529 -57.49 -27.54 44.17
C TYR K 529 -57.12 -27.37 45.64
N ARG K 530 -56.98 -28.50 46.34
CA ARG K 530 -56.82 -28.48 47.78
C ARG K 530 -55.58 -27.75 48.28
N HIS K 531 -54.45 -27.96 47.62
CA HIS K 531 -53.22 -27.27 47.94
C HIS K 531 -53.33 -25.77 47.66
N ILE K 532 -53.98 -25.44 46.55
CA ILE K 532 -54.04 -24.07 46.04
C ILE K 532 -54.73 -23.06 46.97
N LEU K 533 -55.82 -23.47 47.61
CA LEU K 533 -56.62 -22.53 48.40
C LEU K 533 -56.29 -22.57 49.89
N ASP K 534 -57.23 -23.03 50.71
CA ASP K 534 -57.05 -23.05 52.16
C ASP K 534 -57.46 -24.37 52.79
N GLU K 535 -56.87 -24.69 53.93
CA GLU K 535 -57.17 -25.92 54.64
C GLU K 535 -58.63 -25.96 55.09
N LYS K 536 -59.13 -24.82 55.56
CA LYS K 536 -60.51 -24.74 56.02
C LYS K 536 -61.48 -25.01 54.87
N ASP K 537 -61.18 -24.45 53.71
CA ASP K 537 -61.96 -24.73 52.51
C ASP K 537 -61.84 -26.20 52.16
N CYS K 538 -60.63 -26.72 52.30
CA CYS K 538 -60.34 -28.12 52.04
C CYS K 538 -61.48 -28.98 52.56
N ALA K 539 -62.00 -28.60 53.72
CA ALA K 539 -63.14 -29.27 54.30
C ALA K 539 -64.34 -29.07 53.39
N VAL K 540 -64.46 -27.87 52.84
CA VAL K 540 -65.54 -27.58 51.92
C VAL K 540 -65.38 -28.49 50.73
N SER K 541 -64.14 -28.66 50.30
CA SER K 541 -63.81 -29.57 49.21
C SER K 541 -64.11 -31.00 49.63
N GLU K 542 -63.89 -31.30 50.92
CA GLU K 542 -64.19 -32.61 51.46
C GLU K 542 -65.69 -32.84 51.44
N ASN K 543 -66.46 -31.79 51.73
CA ASN K 543 -67.91 -31.86 51.70
C ASN K 543 -68.44 -32.04 50.28
N PHE K 544 -67.77 -31.38 49.33
CA PHE K 544 -68.15 -31.48 47.93
C PHE K 544 -67.84 -32.87 47.37
N GLN K 545 -66.69 -33.40 47.73
CA GLN K 545 -66.29 -34.73 47.28
C GLN K 545 -67.31 -35.72 47.81
N GLU K 546 -67.72 -35.50 49.05
CA GLU K 546 -68.76 -36.32 49.67
C GLU K 546 -70.06 -36.16 48.89
N PHE K 547 -70.28 -34.96 48.36
CA PHE K 547 -71.46 -34.70 47.55
C PHE K 547 -71.34 -35.39 46.19
N LEU K 548 -70.10 -35.67 45.78
CA LEU K 548 -69.85 -36.33 44.50
C LEU K 548 -70.06 -37.84 44.62
N SER K 549 -69.69 -38.40 45.77
CA SER K 549 -69.84 -39.82 46.00
C SER K 549 -71.23 -40.30 45.56
N LEU K 550 -72.22 -39.45 45.74
CA LEU K 550 -73.60 -39.78 45.36
C LEU K 550 -73.83 -39.47 43.88
N ASN K 551 -72.97 -38.64 43.31
CA ASN K 551 -73.07 -38.26 41.90
C ASN K 551 -72.74 -39.33 40.85
N GLY K 552 -71.70 -40.12 41.09
CA GLY K 552 -71.20 -41.01 40.05
C GLY K 552 -72.15 -42.07 39.54
N HIS K 553 -72.90 -42.68 40.46
CA HIS K 553 -73.72 -43.85 40.16
C HIS K 553 -74.87 -43.64 39.16
N LEU K 554 -75.63 -42.57 39.36
CA LEU K 554 -76.77 -42.28 38.49
C LEU K 554 -76.72 -40.93 37.80
N LEU K 555 -75.77 -40.08 38.20
CA LEU K 555 -75.75 -38.68 37.75
C LEU K 555 -75.59 -38.49 36.23
N GLY K 556 -74.72 -39.29 35.63
CA GLY K 556 -74.42 -39.16 34.22
C GLY K 556 -75.51 -39.52 33.22
N ARG K 557 -76.24 -40.59 33.51
CA ARG K 557 -77.31 -41.07 32.64
C ARG K 557 -77.75 -39.98 31.65
N GLN K 558 -78.81 -39.27 31.99
CA GLN K 558 -79.34 -38.21 31.15
C GLN K 558 -80.25 -37.28 31.93
N PRO K 559 -81.43 -37.77 32.29
CA PRO K 559 -82.37 -36.98 33.10
C PRO K 559 -81.65 -36.39 34.31
N PHE K 560 -80.64 -35.57 34.05
CA PHE K 560 -79.84 -34.95 35.10
C PHE K 560 -80.72 -34.44 36.24
N PRO K 561 -81.37 -35.37 36.92
CA PRO K 561 -82.26 -35.01 38.05
C PRO K 561 -81.91 -33.67 38.68
N ASN K 562 -82.90 -32.81 38.89
CA ASN K 562 -82.64 -31.52 39.52
C ASN K 562 -81.77 -31.65 40.76
N ILE K 563 -80.46 -31.62 40.56
CA ILE K 563 -79.51 -31.73 41.67
C ILE K 563 -79.92 -30.86 42.85
N VAL K 564 -80.29 -29.62 42.56
CA VAL K 564 -80.72 -28.68 43.59
C VAL K 564 -81.67 -29.34 44.59
N GLN K 565 -82.39 -30.36 44.11
CA GLN K 565 -83.34 -31.08 44.95
C GLN K 565 -82.69 -32.31 45.59
N LEU K 566 -81.87 -33.00 44.82
CA LEU K 566 -81.18 -34.19 45.31
C LEU K 566 -79.99 -33.83 46.18
N GLY K 567 -79.61 -32.56 46.16
CA GLY K 567 -78.49 -32.08 46.94
C GLY K 567 -78.79 -32.01 48.42
N LEU K 568 -79.98 -31.53 48.75
CA LEU K 568 -80.39 -31.41 50.14
C LEU K 568 -80.49 -32.78 50.80
N CYS K 569 -79.36 -33.48 50.88
CA CYS K 569 -79.32 -34.81 51.49
C CYS K 569 -78.08 -34.98 52.34
N GLU K 570 -77.09 -34.12 52.12
CA GLU K 570 -75.84 -34.18 52.87
C GLU K 570 -76.06 -33.90 54.35
N PRO K 571 -75.09 -34.27 55.18
CA PRO K 571 -75.21 -34.08 56.63
C PRO K 571 -74.29 -32.97 57.13
N GLU K 572 -74.40 -32.65 58.42
CA GLU K 572 -73.58 -31.61 59.02
C GLU K 572 -74.01 -30.22 58.57
N THR K 573 -73.34 -29.72 57.53
CA THR K 573 -73.66 -28.40 56.99
C THR K 573 -72.60 -27.95 55.98
N SER K 574 -71.37 -27.80 56.45
CA SER K 574 -70.28 -27.37 55.60
C SER K 574 -70.69 -26.20 54.70
N GLU K 575 -70.05 -26.10 53.54
CA GLU K 575 -70.35 -25.03 52.59
C GLU K 575 -71.24 -25.53 51.46
N VAL K 576 -71.25 -26.84 51.25
CA VAL K 576 -72.06 -27.45 50.20
C VAL K 576 -73.54 -27.50 50.59
N TYR K 577 -73.79 -27.82 51.86
CA TYR K 577 -75.16 -27.90 52.37
C TYR K 577 -75.77 -26.51 52.53
N GLN K 578 -74.96 -25.56 52.99
CA GLN K 578 -75.42 -24.21 53.20
C GLN K 578 -75.93 -23.66 51.87
N GLN K 579 -75.21 -23.96 50.81
CA GLN K 579 -75.59 -23.48 49.48
C GLN K 579 -76.95 -24.04 49.07
N ALA K 580 -77.18 -25.31 49.41
CA ALA K 580 -78.35 -26.04 48.96
C ALA K 580 -79.62 -25.51 49.60
N LYS K 581 -79.58 -25.25 50.91
CA LYS K 581 -80.79 -24.84 51.59
C LYS K 581 -81.29 -23.51 51.04
N LEU K 582 -80.37 -22.59 50.83
CA LEU K 582 -80.72 -21.28 50.31
C LEU K 582 -81.29 -21.38 48.91
N GLN K 583 -80.67 -22.25 48.10
CA GLN K 583 -81.13 -22.42 46.73
C GLN K 583 -82.56 -22.95 46.77
N ALA K 584 -82.80 -23.89 47.68
CA ALA K 584 -84.10 -24.51 47.82
C ALA K 584 -85.14 -23.48 48.23
N LYS K 585 -84.76 -22.60 49.15
CA LYS K 585 -85.66 -21.55 49.62
C LYS K 585 -86.03 -20.63 48.47
N GLN K 586 -85.04 -20.32 47.63
CA GLN K 586 -85.27 -19.48 46.47
C GLN K 586 -86.22 -20.15 45.47
N GLU K 587 -86.03 -21.44 45.26
CA GLU K 587 -86.88 -22.21 44.37
C GLU K 587 -88.32 -22.25 44.89
N VAL K 588 -88.43 -22.40 46.21
CA VAL K 588 -89.69 -22.73 46.87
C VAL K 588 -90.80 -21.69 46.71
N ASP K 589 -90.46 -20.42 46.83
CA ASP K 589 -91.48 -19.38 46.73
C ASP K 589 -92.11 -19.41 45.35
N ASN K 590 -91.28 -19.58 44.33
CA ASN K 590 -91.74 -19.67 42.96
C ASN K 590 -92.61 -20.92 42.72
N GLY K 591 -92.21 -22.03 43.32
CA GLY K 591 -92.87 -23.30 43.09
C GLY K 591 -91.88 -24.44 43.09
N MET K 592 -92.19 -25.50 42.34
CA MET K 592 -91.28 -26.65 42.23
C MET K 592 -91.50 -27.75 43.26
N LEU K 593 -92.34 -27.48 44.25
CA LEU K 593 -92.91 -28.55 45.07
C LEU K 593 -91.82 -29.46 45.62
N TYR K 594 -90.70 -28.88 46.03
CA TYR K 594 -89.62 -29.68 46.60
C TYR K 594 -90.08 -30.30 47.91
N LEU K 595 -89.71 -31.55 48.16
CA LEU K 595 -90.07 -32.17 49.43
C LEU K 595 -88.87 -32.22 50.36
N GLU K 596 -89.00 -31.60 51.53
CA GLU K 596 -87.93 -31.66 52.53
C GLU K 596 -87.74 -33.08 53.08
N TRP K 597 -86.51 -33.43 53.44
CA TRP K 597 -86.25 -34.72 54.08
C TRP K 597 -85.72 -34.54 55.50
N ILE K 598 -86.37 -35.18 56.47
CA ILE K 598 -86.06 -34.97 57.89
C ILE K 598 -85.26 -36.05 58.65
N ASN K 599 -84.86 -37.12 57.98
CA ASN K 599 -84.19 -38.24 58.66
C ASN K 599 -82.71 -38.56 58.32
N LYS K 600 -82.02 -37.66 57.62
CA LYS K 600 -80.72 -38.03 57.06
C LYS K 600 -79.73 -38.51 58.12
N LYS K 601 -79.66 -37.78 59.24
CA LYS K 601 -78.69 -38.11 60.29
C LYS K 601 -79.01 -39.47 60.91
N ASN K 602 -80.25 -39.91 60.73
CA ASN K 602 -80.71 -41.18 61.25
C ASN K 602 -80.51 -42.33 60.26
N ILE K 603 -80.13 -41.99 59.02
CA ILE K 603 -80.08 -42.96 57.93
C ILE K 603 -78.89 -42.82 56.97
N THR K 604 -78.58 -43.91 56.27
CA THR K 604 -77.52 -44.00 55.28
C THR K 604 -76.11 -44.08 55.85
N ASN K 605 -75.49 -45.25 55.70
CA ASN K 605 -74.05 -45.41 55.88
C ASN K 605 -73.34 -45.28 54.53
N LEU K 606 -72.91 -44.07 54.21
CA LEU K 606 -72.44 -43.74 52.88
C LEU K 606 -71.17 -44.48 52.45
N SER K 607 -71.17 -44.99 51.22
CA SER K 607 -69.97 -45.52 50.60
C SER K 607 -69.07 -44.40 50.11
N ARG K 608 -67.77 -44.62 50.09
CA ARG K 608 -66.83 -43.59 49.67
C ARG K 608 -66.94 -43.22 48.18
N LEU K 609 -67.35 -44.17 47.36
CA LEU K 609 -67.43 -43.93 45.92
C LEU K 609 -68.33 -44.93 45.20
N VAL K 610 -68.90 -44.51 44.07
CA VAL K 610 -69.70 -45.39 43.23
C VAL K 610 -69.38 -45.14 41.75
N VAL K 611 -69.33 -46.21 40.97
CA VAL K 611 -69.05 -46.10 39.54
C VAL K 611 -70.04 -46.93 38.73
N ARG K 612 -70.53 -46.30 37.67
CA ARG K 612 -71.23 -46.98 36.62
C ARG K 612 -70.36 -46.78 35.40
N PRO K 613 -69.70 -47.86 35.00
CA PRO K 613 -68.97 -47.90 33.72
C PRO K 613 -69.86 -48.22 32.53
N HIS K 614 -70.91 -49.01 32.74
CA HIS K 614 -71.67 -49.55 31.63
C HIS K 614 -73.18 -49.47 31.86
N THR K 615 -73.93 -49.10 30.82
CA THR K 615 -75.38 -49.18 30.88
C THR K 615 -75.82 -50.64 30.90
N ASP K 616 -74.91 -51.51 30.45
CA ASP K 616 -75.16 -52.95 30.34
C ASP K 616 -74.48 -53.72 31.47
N ALA K 617 -75.16 -54.75 31.96
CA ALA K 617 -74.77 -55.43 33.21
C ALA K 617 -73.30 -55.81 33.23
N VAL K 618 -72.66 -55.54 34.36
CA VAL K 618 -71.25 -55.88 34.56
C VAL K 618 -71.06 -57.39 34.69
N TYR K 619 -69.96 -57.93 34.15
CA TYR K 619 -69.69 -59.34 34.40
C TYR K 619 -68.41 -59.64 35.19
N HIS K 620 -67.39 -58.77 35.07
CA HIS K 620 -66.19 -58.94 35.85
C HIS K 620 -65.38 -57.65 35.96
N ALA K 621 -64.57 -57.56 37.01
CA ALA K 621 -63.71 -56.40 37.24
C ALA K 621 -62.45 -56.83 37.97
N CYS K 622 -61.37 -56.10 37.75
CA CYS K 622 -60.09 -56.44 38.39
C CYS K 622 -59.19 -55.24 38.65
N PHE K 623 -58.53 -55.26 39.79
CA PHE K 623 -57.54 -54.24 40.15
C PHE K 623 -56.28 -54.35 39.29
N SER K 624 -55.66 -53.21 39.01
CA SER K 624 -54.31 -53.21 38.48
C SER K 624 -53.41 -53.77 39.57
N GLU K 625 -52.35 -54.47 39.17
CA GLU K 625 -51.43 -55.05 40.14
C GLU K 625 -50.80 -53.93 40.96
N ASP K 626 -50.60 -52.79 40.31
CA ASP K 626 -50.12 -51.59 40.97
C ASP K 626 -51.19 -51.02 41.90
N GLY K 627 -52.45 -51.29 41.59
CA GLY K 627 -53.57 -50.80 42.37
C GLY K 627 -54.02 -49.41 41.93
N GLN K 628 -53.31 -48.86 40.96
CA GLN K 628 -53.62 -47.52 40.45
C GLN K 628 -54.90 -47.46 39.64
N ARG K 629 -55.33 -48.58 39.07
CA ARG K 629 -56.51 -48.56 38.20
C ARG K 629 -57.28 -49.87 38.21
N ILE K 630 -58.50 -49.83 37.68
CA ILE K 630 -59.38 -50.99 37.68
C ILE K 630 -60.06 -51.17 36.33
N ALA K 631 -60.20 -52.41 35.87
CA ALA K 631 -60.99 -52.70 34.65
C ALA K 631 -62.23 -53.57 34.93
N SER K 632 -63.39 -53.12 34.46
CA SER K 632 -64.66 -53.87 34.54
C SER K 632 -65.15 -54.11 33.10
N CYS K 633 -65.70 -55.30 32.84
CA CYS K 633 -66.44 -55.58 31.60
C CYS K 633 -67.96 -55.49 31.82
N GLY K 634 -68.75 -56.20 31.00
CA GLY K 634 -70.20 -56.17 31.13
C GLY K 634 -70.95 -57.05 30.12
N ALA K 635 -72.28 -57.06 30.18
CA ALA K 635 -73.07 -57.87 29.27
C ALA K 635 -72.89 -57.39 27.83
N ASP K 636 -72.72 -56.09 27.66
CA ASP K 636 -72.55 -55.53 26.34
C ASP K 636 -71.31 -56.20 25.76
N LYS K 637 -70.32 -56.39 26.62
CA LYS K 637 -69.07 -57.05 26.24
C LYS K 637 -67.94 -56.08 25.90
N THR K 638 -68.24 -54.79 25.95
CA THR K 638 -67.21 -53.76 25.94
C THR K 638 -66.56 -53.84 27.31
N LEU K 639 -65.27 -53.52 27.40
CA LEU K 639 -64.58 -53.46 28.68
C LEU K 639 -64.09 -52.02 28.87
N GLN K 640 -64.29 -51.46 30.05
CA GLN K 640 -63.83 -50.10 30.33
C GLN K 640 -62.76 -50.11 31.41
N VAL K 641 -61.65 -49.42 31.15
CA VAL K 641 -60.52 -49.43 32.10
C VAL K 641 -60.39 -48.06 32.76
N PHE K 642 -60.26 -47.98 34.08
CA PHE K 642 -60.29 -46.66 34.73
C PHE K 642 -59.34 -46.48 35.91
N LYS K 643 -58.96 -45.24 36.22
CA LYS K 643 -58.15 -45.03 37.41
C LYS K 643 -59.10 -44.55 38.49
N ALA K 644 -59.20 -45.34 39.56
CA ALA K 644 -60.26 -45.15 40.55
C ALA K 644 -60.24 -43.84 41.33
N GLU K 645 -59.06 -43.44 41.80
CA GLU K 645 -58.91 -42.21 42.56
C GLU K 645 -59.74 -41.09 41.95
N THR K 646 -59.11 -40.29 41.09
CA THR K 646 -59.78 -39.17 40.45
C THR K 646 -61.08 -39.63 39.78
N GLY K 647 -61.27 -40.94 39.70
CA GLY K 647 -62.47 -41.50 39.09
C GLY K 647 -62.79 -40.85 37.76
N GLU K 648 -61.90 -41.04 36.78
CA GLU K 648 -62.10 -40.46 35.46
C GLU K 648 -61.72 -41.47 34.36
N LYS K 649 -62.55 -41.55 33.33
CA LYS K 649 -62.30 -42.45 32.22
C LYS K 649 -60.85 -42.40 31.78
N LEU K 650 -60.18 -43.55 31.79
CA LEU K 650 -58.79 -43.64 31.40
C LEU K 650 -58.61 -44.59 30.22
N LEU K 651 -59.67 -45.32 29.88
CA LEU K 651 -59.62 -46.27 28.76
C LEU K 651 -61.02 -46.58 28.21
N GLU K 652 -61.16 -46.65 26.88
CA GLU K 652 -62.39 -47.09 26.22
C GLU K 652 -62.01 -48.27 25.30
N ILE K 653 -62.76 -49.37 25.32
CA ILE K 653 -62.48 -50.54 24.45
C ILE K 653 -63.66 -50.75 23.50
N LYS K 654 -63.44 -50.94 22.20
CA LYS K 654 -64.54 -50.75 21.28
C LYS K 654 -65.54 -51.89 21.41
N ALA K 655 -65.03 -53.11 21.39
CA ALA K 655 -65.86 -54.30 21.52
C ALA K 655 -65.06 -55.55 21.85
N HIS K 656 -65.73 -56.56 22.38
CA HIS K 656 -65.16 -57.89 22.52
C HIS K 656 -66.13 -58.86 21.85
N GLU K 657 -65.65 -59.77 21.02
CA GLU K 657 -66.58 -60.68 20.36
C GLU K 657 -67.26 -61.53 21.43
N ASP K 658 -68.58 -61.63 21.33
CA ASP K 658 -69.36 -62.36 22.32
C ASP K 658 -69.36 -61.61 23.64
N GLU K 659 -70.25 -62.00 24.55
CA GLU K 659 -70.35 -61.33 25.84
C GLU K 659 -69.12 -61.63 26.70
N VAL K 660 -68.54 -60.60 27.34
CA VAL K 660 -67.35 -60.81 28.14
C VAL K 660 -67.67 -61.82 29.23
N LEU K 661 -66.74 -62.74 29.50
CA LEU K 661 -66.95 -63.63 30.62
C LEU K 661 -66.12 -63.25 31.86
N CYS K 662 -64.89 -62.81 31.62
CA CYS K 662 -64.03 -62.22 32.66
C CYS K 662 -62.77 -61.64 32.03
N CYS K 663 -62.08 -60.79 32.76
CA CYS K 663 -60.87 -60.15 32.26
C CYS K 663 -59.87 -59.97 33.40
N ALA K 664 -58.61 -59.75 33.06
CA ALA K 664 -57.58 -59.59 34.08
C ALA K 664 -56.31 -58.92 33.57
N PHE K 665 -55.67 -58.13 34.44
CA PHE K 665 -54.40 -57.49 34.14
C PHE K 665 -53.20 -58.43 34.19
N SER K 666 -52.17 -58.09 33.43
CA SER K 666 -50.88 -58.76 33.54
C SER K 666 -50.21 -58.36 34.85
N THR K 667 -49.29 -59.19 35.32
CA THR K 667 -48.66 -58.99 36.62
C THR K 667 -47.94 -57.64 36.69
N ASP K 668 -47.44 -57.18 35.55
CA ASP K 668 -46.84 -55.85 35.47
C ASP K 668 -47.81 -54.85 34.84
N ASP K 669 -49.07 -55.26 34.75
CA ASP K 669 -50.14 -54.41 34.20
C ASP K 669 -49.81 -53.92 32.80
N ARG K 670 -49.13 -54.77 32.05
CA ARG K 670 -48.75 -54.45 30.67
C ARG K 670 -49.68 -55.14 29.66
N PHE K 671 -50.61 -55.95 30.17
CA PHE K 671 -51.52 -56.70 29.32
C PHE K 671 -52.87 -56.91 30.00
N ILE K 672 -53.90 -57.12 29.19
CA ILE K 672 -55.23 -57.40 29.71
C ILE K 672 -55.87 -58.55 28.94
N ALA K 673 -55.87 -59.74 29.54
CA ALA K 673 -56.58 -60.87 28.97
C ALA K 673 -58.08 -60.65 29.06
N THR K 674 -58.83 -61.11 28.07
CA THR K 674 -60.27 -60.97 28.07
C THR K 674 -60.96 -62.27 27.66
N CYS K 675 -61.62 -62.93 28.60
CA CYS K 675 -62.34 -64.16 28.34
C CYS K 675 -63.68 -63.86 27.69
N SER K 676 -64.18 -64.81 26.90
CA SER K 676 -65.45 -64.60 26.21
C SER K 676 -66.14 -65.89 25.75
N VAL K 677 -67.45 -65.77 25.53
CA VAL K 677 -68.26 -66.87 25.01
C VAL K 677 -67.82 -67.28 23.61
N ASP K 678 -67.33 -66.34 22.82
CA ASP K 678 -66.91 -66.64 21.46
C ASP K 678 -65.80 -67.67 21.52
N LYS K 679 -64.96 -67.52 22.54
CA LYS K 679 -63.67 -68.21 22.64
C LYS K 679 -62.52 -67.40 22.06
N LYS K 680 -62.67 -66.09 22.02
CA LYS K 680 -61.59 -65.21 21.59
C LYS K 680 -60.84 -64.65 22.80
N VAL K 681 -59.77 -65.32 23.20
CA VAL K 681 -58.99 -64.84 24.32
C VAL K 681 -58.16 -63.66 23.84
N LYS K 682 -58.77 -62.48 23.88
CA LYS K 682 -58.13 -61.26 23.38
C LYS K 682 -57.31 -60.54 24.45
N ILE K 683 -56.01 -60.78 24.43
CA ILE K 683 -55.09 -60.09 25.32
C ILE K 683 -54.64 -58.78 24.68
N TRP K 684 -55.42 -57.74 24.93
CA TRP K 684 -55.15 -56.38 24.48
C TRP K 684 -54.03 -55.79 25.34
N ASN K 685 -53.26 -54.85 24.78
CA ASN K 685 -52.27 -54.12 25.59
C ASN K 685 -53.00 -53.25 26.62
N SER K 686 -52.40 -53.12 27.80
CA SER K 686 -53.00 -52.33 28.86
C SER K 686 -52.70 -50.83 28.73
N MET K 687 -51.78 -50.48 27.85
CA MET K 687 -51.38 -49.09 27.71
C MET K 687 -51.88 -48.50 26.40
N THR K 688 -51.32 -48.98 25.29
CA THR K 688 -51.76 -48.54 23.97
C THR K 688 -53.21 -48.91 23.75
N GLY K 689 -53.62 -50.02 24.37
CA GLY K 689 -54.99 -50.52 24.26
C GLY K 689 -55.17 -51.38 23.03
N GLU K 690 -54.12 -51.45 22.22
CA GLU K 690 -54.14 -52.27 21.02
C GLU K 690 -53.91 -53.73 21.39
N LEU K 691 -54.48 -54.64 20.59
CA LEU K 691 -54.34 -56.07 20.85
C LEU K 691 -52.89 -56.51 20.73
N VAL K 692 -52.48 -57.45 21.58
CA VAL K 692 -51.16 -58.04 21.47
C VAL K 692 -51.28 -59.56 21.31
N HIS K 693 -51.66 -60.23 22.40
CA HIS K 693 -51.79 -61.69 22.36
C HIS K 693 -53.23 -62.13 22.09
N THR K 694 -53.39 -63.35 21.60
CA THR K 694 -54.71 -63.90 21.39
C THR K 694 -54.66 -65.42 21.41
N TYR K 695 -55.71 -66.05 21.93
CA TYR K 695 -55.68 -67.51 22.07
C TYR K 695 -57.07 -68.15 21.98
N ASP K 696 -57.09 -69.42 21.61
CA ASP K 696 -58.31 -70.23 21.63
C ASP K 696 -57.94 -71.71 21.65
N GLU K 697 -58.70 -72.51 22.41
CA GLU K 697 -58.45 -73.95 22.49
C GLU K 697 -59.63 -74.69 23.09
N HIS K 698 -60.39 -73.97 23.92
CA HIS K 698 -61.48 -74.57 24.69
C HIS K 698 -62.58 -75.16 23.82
N SER K 699 -63.07 -76.32 24.23
CA SER K 699 -64.23 -76.92 23.59
C SER K 699 -65.51 -76.15 23.92
N GLU K 700 -65.47 -75.42 25.04
CA GLU K 700 -66.63 -74.68 25.50
C GLU K 700 -66.23 -73.26 25.89
N GLN K 701 -67.18 -72.50 26.41
CA GLN K 701 -66.92 -71.14 26.84
C GLN K 701 -65.94 -71.11 28.00
N VAL K 702 -65.03 -70.14 27.99
CA VAL K 702 -64.01 -70.02 29.03
C VAL K 702 -64.63 -69.68 30.38
N ASN K 703 -64.13 -70.29 31.45
CA ASN K 703 -64.59 -69.95 32.80
C ASN K 703 -63.74 -68.88 33.45
N CYS K 704 -62.44 -68.87 33.15
CA CYS K 704 -61.55 -67.90 33.79
C CYS K 704 -60.23 -67.73 33.07
N CYS K 705 -59.65 -66.55 33.22
CA CYS K 705 -58.35 -66.23 32.65
C CYS K 705 -57.51 -65.51 33.69
N HIS K 706 -56.20 -65.75 33.65
CA HIS K 706 -55.28 -65.12 34.57
C HIS K 706 -53.86 -65.16 34.02
N PHE K 707 -53.12 -64.07 34.17
CA PHE K 707 -51.69 -64.06 33.88
C PHE K 707 -50.91 -64.65 35.05
N THR K 708 -49.73 -65.18 34.75
CA THR K 708 -48.90 -65.79 35.77
C THR K 708 -48.48 -64.73 36.79
N ASN K 709 -48.58 -65.07 38.08
CA ASN K 709 -48.17 -64.17 39.13
C ASN K 709 -46.67 -63.94 39.12
N SER K 710 -45.92 -64.93 38.63
CA SER K 710 -44.49 -64.78 38.46
C SER K 710 -44.16 -63.74 37.39
N SER K 711 -43.18 -62.89 37.68
CA SER K 711 -42.71 -61.91 36.71
C SER K 711 -42.01 -62.60 35.55
N HIS K 712 -41.43 -63.77 35.83
CA HIS K 712 -40.63 -64.48 34.84
C HIS K 712 -41.51 -65.25 33.86
N HIS K 713 -42.05 -66.37 34.30
CA HIS K 713 -42.85 -67.23 33.43
C HIS K 713 -44.10 -66.51 32.95
N LEU K 714 -44.43 -66.71 31.69
CA LEU K 714 -45.62 -66.11 31.11
C LEU K 714 -46.58 -67.19 30.68
N LEU K 715 -47.57 -67.46 31.52
CA LEU K 715 -48.51 -68.52 31.24
C LEU K 715 -49.94 -68.01 31.38
N LEU K 716 -50.88 -68.70 30.73
CA LEU K 716 -52.27 -68.32 30.80
C LEU K 716 -53.13 -69.53 31.11
N ALA K 717 -53.28 -69.83 32.40
CA ALA K 717 -54.21 -70.86 32.83
C ALA K 717 -55.62 -70.41 32.55
N THR K 718 -56.43 -71.31 31.98
CA THR K 718 -57.81 -70.97 31.62
C THR K 718 -58.75 -72.15 31.81
N GLY K 719 -59.68 -72.02 32.75
CA GLY K 719 -60.75 -72.99 32.91
C GLY K 719 -61.85 -72.73 31.90
N SER K 720 -62.75 -73.69 31.74
CA SER K 720 -63.86 -73.57 30.79
C SER K 720 -64.93 -74.62 31.05
N SER K 721 -66.09 -74.46 30.40
CA SER K 721 -67.24 -75.31 30.64
C SER K 721 -66.99 -76.75 30.17
N ASP K 722 -65.96 -76.93 29.34
CA ASP K 722 -65.61 -78.26 28.82
C ASP K 722 -64.83 -79.06 29.85
N CYS K 723 -64.57 -78.40 31.00
CA CYS K 723 -63.88 -78.97 32.17
C CYS K 723 -62.37 -78.97 32.01
N PHE K 724 -61.89 -79.05 30.77
CA PHE K 724 -60.46 -79.02 30.50
C PHE K 724 -59.81 -77.71 30.94
N LEU K 725 -58.69 -77.81 31.64
CA LEU K 725 -57.84 -76.64 31.84
C LEU K 725 -57.01 -76.41 30.58
N LYS K 726 -56.66 -75.16 30.32
CA LYS K 726 -55.71 -74.86 29.26
C LYS K 726 -54.59 -73.97 29.82
N LEU K 727 -53.43 -74.57 30.05
CA LEU K 727 -52.27 -73.83 30.48
C LEU K 727 -51.50 -73.31 29.28
N TRP K 728 -51.85 -72.10 28.87
CA TRP K 728 -51.19 -71.46 27.73
C TRP K 728 -49.76 -71.07 28.04
N ASP K 729 -48.90 -71.17 27.04
CA ASP K 729 -47.59 -70.55 27.13
C ASP K 729 -47.71 -69.21 26.41
N LEU K 730 -47.67 -68.12 27.16
CA LEU K 730 -47.93 -66.80 26.58
C LEU K 730 -46.90 -66.42 25.53
N ASN K 731 -45.72 -67.03 25.61
CA ASN K 731 -44.68 -66.79 24.61
C ASN K 731 -44.92 -67.59 23.33
N GLN K 732 -45.92 -68.47 23.34
CA GLN K 732 -46.21 -69.27 22.15
C GLN K 732 -47.69 -69.23 21.77
N LYS K 733 -47.96 -69.30 20.48
CA LYS K 733 -49.33 -69.19 19.97
C LYS K 733 -50.21 -70.36 20.42
N GLU K 734 -49.61 -71.52 20.61
CA GLU K 734 -50.36 -72.68 21.04
C GLU K 734 -50.09 -73.05 22.50
N CYS K 735 -51.04 -73.77 23.09
CA CYS K 735 -51.05 -74.05 24.52
C CYS K 735 -49.85 -74.86 25.00
N ARG K 736 -49.28 -74.47 26.14
CA ARG K 736 -48.19 -75.23 26.74
C ARG K 736 -48.66 -76.59 27.25
N ASN K 737 -49.90 -76.65 27.72
CA ASN K 737 -50.44 -77.91 28.23
C ASN K 737 -51.94 -77.92 28.49
N THR K 738 -52.65 -78.73 27.71
CA THR K 738 -54.03 -79.07 28.03
C THR K 738 -54.05 -79.91 29.30
N MET K 739 -55.00 -79.65 30.20
CA MET K 739 -55.04 -80.37 31.46
C MET K 739 -56.45 -80.82 31.84
N PHE K 740 -56.84 -82.00 31.36
CA PHE K 740 -58.06 -82.62 31.86
C PHE K 740 -57.81 -83.06 33.30
N GLY K 741 -58.81 -82.90 34.15
CA GLY K 741 -58.67 -83.27 35.55
C GLY K 741 -59.98 -83.11 36.30
N HIS K 742 -60.56 -81.91 36.20
CA HIS K 742 -61.83 -81.66 36.86
C HIS K 742 -62.94 -82.53 36.27
N THR K 743 -63.74 -83.10 37.16
CA THR K 743 -64.87 -83.91 36.73
C THR K 743 -66.07 -83.02 36.40
N ASN K 744 -65.95 -81.75 36.73
CA ASN K 744 -66.99 -80.75 36.47
C ASN K 744 -66.39 -79.46 35.93
N SER K 745 -67.25 -78.59 35.42
CA SER K 745 -66.78 -77.33 34.82
C SER K 745 -66.05 -76.49 35.85
N VAL K 746 -64.95 -75.88 35.42
CA VAL K 746 -64.12 -75.07 36.30
C VAL K 746 -64.91 -73.89 36.87
N ASN K 747 -64.78 -73.69 38.18
CA ASN K 747 -65.46 -72.55 38.82
C ASN K 747 -64.60 -71.30 38.87
N HIS K 748 -63.29 -71.50 39.02
CA HIS K 748 -62.36 -70.37 39.12
C HIS K 748 -60.95 -70.85 38.82
N CYS K 749 -60.05 -69.91 38.51
CA CYS K 749 -58.67 -70.25 38.20
C CYS K 749 -57.70 -69.15 38.64
N ARG K 750 -56.60 -69.56 39.26
CA ARG K 750 -55.55 -68.63 39.68
C ARG K 750 -54.20 -69.32 39.64
N PHE K 751 -53.16 -68.58 39.25
CA PHE K 751 -51.79 -69.07 39.42
C PHE K 751 -51.37 -69.05 40.89
N SER K 752 -50.62 -70.06 41.29
CA SER K 752 -50.10 -70.13 42.66
C SER K 752 -48.79 -69.33 42.77
N PRO K 753 -48.52 -68.79 43.95
CA PRO K 753 -47.31 -67.98 44.13
C PRO K 753 -46.07 -68.74 43.65
N ASP K 754 -46.10 -70.06 43.81
CA ASP K 754 -45.11 -70.92 43.18
C ASP K 754 -45.57 -71.20 41.76
N ASP K 755 -44.92 -70.56 40.80
CA ASP K 755 -45.33 -70.65 39.40
C ASP K 755 -45.22 -72.07 38.87
N LYS K 756 -44.36 -72.86 39.49
CA LYS K 756 -44.20 -74.27 39.15
C LYS K 756 -45.51 -75.03 39.42
N LEU K 757 -46.22 -74.59 40.45
CA LEU K 757 -47.54 -75.12 40.78
C LEU K 757 -48.65 -74.33 40.08
N LEU K 758 -49.78 -74.98 39.87
CA LEU K 758 -50.96 -74.31 39.33
C LEU K 758 -52.24 -74.92 39.89
N ALA K 759 -52.80 -74.25 40.89
CA ALA K 759 -54.03 -74.69 41.52
C ALA K 759 -55.24 -74.41 40.64
N SER K 760 -56.30 -75.19 40.82
CA SER K 760 -57.54 -74.96 40.10
C SER K 760 -58.75 -75.50 40.88
N CYS K 761 -59.91 -74.93 40.59
CA CYS K 761 -61.13 -75.32 41.29
C CYS K 761 -62.26 -75.61 40.30
N SER K 762 -63.26 -76.36 40.76
CA SER K 762 -64.40 -76.72 39.94
C SER K 762 -65.59 -77.21 40.77
N ALA K 763 -66.71 -77.45 40.09
CA ALA K 763 -67.97 -77.76 40.76
C ALA K 763 -67.91 -79.04 41.59
N ASP K 764 -67.01 -79.94 41.25
CA ASP K 764 -66.77 -81.13 42.07
C ASP K 764 -66.26 -80.71 43.44
N GLY K 765 -65.62 -79.55 43.48
CA GLY K 765 -65.24 -78.91 44.73
C GLY K 765 -63.84 -79.25 45.18
N THR K 766 -63.30 -80.36 44.68
CA THR K 766 -61.95 -80.76 45.04
C THR K 766 -60.95 -79.75 44.49
N LEU K 767 -59.97 -79.39 45.32
CA LEU K 767 -58.88 -78.54 44.86
C LEU K 767 -57.97 -79.35 43.97
N LYS K 768 -57.33 -78.70 43.00
CA LYS K 768 -56.36 -79.42 42.18
C LYS K 768 -55.08 -78.63 41.98
N LEU K 769 -54.09 -78.96 42.81
CA LEU K 769 -52.77 -78.35 42.72
C LEU K 769 -51.92 -79.09 41.67
N TRP K 770 -52.02 -78.62 40.44
CA TRP K 770 -51.32 -79.22 39.30
C TRP K 770 -49.83 -78.88 39.34
N ASP K 771 -49.00 -79.77 38.78
CA ASP K 771 -47.59 -79.47 38.62
C ASP K 771 -47.34 -78.96 37.20
N ALA K 772 -47.34 -77.65 37.05
CA ALA K 772 -47.21 -77.04 35.72
C ALA K 772 -45.85 -77.31 35.09
N THR K 773 -44.82 -77.45 35.91
CA THR K 773 -43.46 -77.67 35.41
C THR K 773 -43.33 -79.01 34.70
N SER K 774 -44.02 -80.02 35.20
CA SER K 774 -44.00 -81.34 34.58
C SER K 774 -45.15 -81.50 33.60
N ALA K 775 -46.00 -80.48 33.53
CA ALA K 775 -47.23 -80.51 32.74
C ALA K 775 -48.10 -81.70 33.14
N ASN K 776 -48.07 -82.02 34.43
CA ASN K 776 -48.75 -83.21 34.97
C ASN K 776 -49.35 -82.96 36.35
N GLU K 777 -50.22 -83.86 36.77
CA GLU K 777 -50.83 -83.82 38.10
C GLU K 777 -49.79 -84.00 39.20
N ARG K 778 -49.95 -83.26 40.30
CA ARG K 778 -49.11 -83.41 41.47
C ARG K 778 -49.94 -83.69 42.70
N LYS K 779 -50.89 -82.79 42.97
CA LYS K 779 -51.75 -82.93 44.15
C LYS K 779 -53.18 -82.50 43.85
N SER K 780 -54.12 -83.02 44.64
CA SER K 780 -55.52 -82.67 44.47
C SER K 780 -56.33 -83.08 45.71
N ILE K 781 -56.48 -82.14 46.65
CA ILE K 781 -57.25 -82.39 47.86
C ILE K 781 -58.70 -82.69 47.55
N ASN K 782 -59.25 -83.73 48.16
CA ASN K 782 -60.69 -83.98 48.10
C ASN K 782 -61.42 -83.08 49.07
N VAL K 783 -62.65 -82.69 48.74
CA VAL K 783 -63.39 -81.79 49.62
C VAL K 783 -64.76 -82.37 49.94
N LYS K 784 -64.80 -83.21 50.96
CA LYS K 784 -66.04 -83.67 51.55
C LYS K 784 -66.07 -83.20 53.00
N GLN K 785 -65.17 -82.25 53.30
CA GLN K 785 -64.96 -81.76 54.65
C GLN K 785 -66.19 -81.06 55.19
N PHE K 786 -67.05 -80.60 54.29
CA PHE K 786 -68.36 -80.10 54.67
C PHE K 786 -69.24 -81.31 54.99
N PHE K 787 -68.95 -81.95 56.11
CA PHE K 787 -69.75 -83.09 56.54
C PHE K 787 -71.12 -82.62 57.01
N LEU K 788 -72.14 -83.40 56.68
CA LEU K 788 -73.51 -83.03 57.01
C LEU K 788 -74.43 -84.24 56.89
N ASN K 789 -74.79 -84.82 58.04
CA ASN K 789 -75.60 -86.04 58.06
C ASN K 789 -77.09 -85.74 58.01
N LEU K 790 -77.57 -85.36 56.83
CA LEU K 790 -78.99 -85.11 56.62
C LEU K 790 -79.76 -86.38 56.31
N GLU K 791 -81.07 -86.24 56.20
CA GLU K 791 -81.97 -87.32 55.81
C GLU K 791 -81.99 -87.43 54.29
N ASP K 792 -81.19 -86.60 53.63
CA ASP K 792 -81.05 -86.58 52.18
C ASP K 792 -80.54 -87.95 51.71
N PRO K 793 -81.22 -88.54 50.71
CA PRO K 793 -80.84 -89.86 50.14
C PRO K 793 -79.41 -89.90 49.60
N GLN K 794 -78.92 -88.78 49.08
CA GLN K 794 -77.53 -88.69 48.66
C GLN K 794 -76.63 -88.95 49.85
N GLU K 795 -75.47 -89.55 49.61
CA GLU K 795 -74.55 -89.92 50.69
C GLU K 795 -73.86 -88.69 51.26
N ASP K 796 -72.54 -88.73 51.35
CA ASP K 796 -71.77 -87.56 51.77
C ASP K 796 -71.96 -86.44 50.74
N MET K 797 -72.12 -85.22 51.22
CA MET K 797 -72.46 -84.10 50.37
C MET K 797 -71.38 -83.78 49.34
N GLU K 798 -71.82 -83.45 48.13
CA GLU K 798 -70.93 -83.08 47.05
C GLU K 798 -70.64 -81.59 47.08
N VAL K 799 -69.55 -81.21 47.74
CA VAL K 799 -69.20 -79.80 47.91
C VAL K 799 -68.93 -79.13 46.57
N ILE K 800 -69.38 -77.89 46.42
CA ILE K 800 -69.19 -77.14 45.19
C ILE K 800 -68.45 -75.83 45.52
N VAL K 801 -67.12 -75.90 45.57
CA VAL K 801 -66.31 -74.72 45.84
C VAL K 801 -66.42 -73.68 44.72
N LYS K 802 -66.46 -72.40 45.11
CA LYS K 802 -66.52 -71.33 44.13
C LYS K 802 -65.20 -70.56 44.09
N CYS K 803 -65.05 -69.59 45.00
CA CYS K 803 -63.85 -68.77 45.02
C CYS K 803 -62.62 -69.60 45.37
N CYS K 804 -61.52 -69.33 44.68
CA CYS K 804 -60.25 -69.99 44.96
C CYS K 804 -59.32 -69.03 45.70
N SER K 805 -59.66 -68.72 46.95
CA SER K 805 -58.93 -67.75 47.74
C SER K 805 -57.52 -68.25 48.09
N TRP K 806 -56.59 -67.32 48.20
CA TRP K 806 -55.22 -67.65 48.58
C TRP K 806 -54.81 -66.99 49.89
N SER K 807 -53.91 -67.62 50.61
CA SER K 807 -53.24 -66.99 51.75
C SER K 807 -52.33 -65.91 51.21
N ALA K 808 -51.99 -64.92 52.03
CA ALA K 808 -51.21 -63.79 51.56
C ALA K 808 -49.87 -64.23 50.98
N ASP K 809 -49.31 -65.31 51.54
CA ASP K 809 -48.14 -65.93 50.95
C ASP K 809 -48.52 -66.89 49.82
N GLY K 810 -49.79 -67.30 49.80
CA GLY K 810 -50.28 -68.22 48.79
C GLY K 810 -49.86 -69.65 49.00
N ALA K 811 -49.34 -69.94 50.19
CA ALA K 811 -48.82 -71.27 50.51
C ALA K 811 -49.95 -72.27 50.79
N ARG K 812 -51.16 -71.76 50.97
CA ARG K 812 -52.31 -72.58 51.29
C ARG K 812 -53.53 -72.01 50.61
N ILE K 813 -54.55 -72.83 50.38
CA ILE K 813 -55.73 -72.35 49.66
C ILE K 813 -56.98 -72.23 50.51
N MET K 814 -57.38 -70.99 50.75
CA MET K 814 -58.68 -70.67 51.31
C MET K 814 -59.75 -70.89 50.24
N VAL K 815 -60.92 -71.39 50.64
CA VAL K 815 -62.03 -71.64 49.73
C VAL K 815 -63.34 -71.44 50.47
N ALA K 816 -64.45 -71.46 49.75
CA ALA K 816 -65.76 -71.41 50.41
C ALA K 816 -66.82 -72.10 49.56
N ALA K 817 -67.73 -72.80 50.22
CA ALA K 817 -68.80 -73.49 49.52
C ALA K 817 -69.94 -73.86 50.46
N LYS K 818 -71.14 -73.95 49.89
CA LYS K 818 -72.34 -74.33 50.63
C LYS K 818 -72.55 -73.47 51.89
N ASN K 819 -72.22 -74.03 53.04
CA ASN K 819 -72.40 -73.32 54.30
C ASN K 819 -71.09 -73.04 55.03
N LYS K 820 -69.96 -73.42 54.44
CA LYS K 820 -68.69 -73.29 55.13
C LYS K 820 -67.54 -72.83 54.25
N ILE K 821 -66.74 -71.91 54.80
CA ILE K 821 -65.42 -71.60 54.28
C ILE K 821 -64.46 -72.69 54.77
N PHE K 822 -63.43 -72.98 53.99
CA PHE K 822 -62.38 -73.90 54.40
C PHE K 822 -61.01 -73.29 54.14
N LEU K 823 -59.99 -73.74 54.86
CA LEU K 823 -58.62 -73.35 54.57
C LEU K 823 -57.78 -74.60 54.39
N PHE K 824 -57.78 -75.13 53.18
CA PHE K 824 -57.00 -76.32 52.88
C PHE K 824 -55.51 -76.03 52.77
N ASP K 825 -54.71 -77.01 53.16
CA ASP K 825 -53.26 -76.94 53.00
C ASP K 825 -52.84 -77.87 51.87
N ILE K 826 -52.77 -77.32 50.67
CA ILE K 826 -52.44 -78.09 49.48
C ILE K 826 -51.03 -78.67 49.49
N HIS K 827 -50.10 -78.00 50.16
CA HIS K 827 -48.73 -78.50 50.23
C HIS K 827 -48.65 -79.79 51.04
N THR K 828 -49.56 -79.96 52.00
CA THR K 828 -49.64 -81.19 52.78
C THR K 828 -50.82 -82.04 52.36
N SER K 829 -51.60 -81.52 51.40
CA SER K 829 -52.79 -82.20 50.89
C SER K 829 -53.77 -82.55 52.01
N GLY K 830 -54.01 -81.62 52.91
CA GLY K 830 -54.95 -81.84 54.00
C GLY K 830 -55.67 -80.60 54.47
N LEU K 831 -56.85 -80.80 55.06
CA LEU K 831 -57.65 -79.71 55.62
C LEU K 831 -56.97 -79.07 56.82
N LEU K 832 -57.15 -77.76 56.96
CA LEU K 832 -56.77 -77.08 58.20
C LEU K 832 -57.92 -76.22 58.72
N GLY K 833 -58.11 -75.05 58.11
CA GLY K 833 -59.15 -74.14 58.55
C GLY K 833 -60.53 -74.52 58.08
N GLU K 834 -61.55 -73.90 58.68
CA GLU K 834 -62.93 -74.19 58.34
C GLU K 834 -63.86 -73.14 58.98
N ILE K 835 -64.14 -72.08 58.24
CA ILE K 835 -64.95 -70.98 58.76
C ILE K 835 -66.41 -71.10 58.31
N HIS K 836 -67.28 -71.51 59.23
CA HIS K 836 -68.69 -71.68 58.91
C HIS K 836 -69.33 -70.33 58.55
N THR K 837 -70.21 -70.34 57.56
CA THR K 837 -70.89 -69.12 57.13
C THR K 837 -72.17 -68.90 57.91
N GLY K 838 -72.76 -67.71 57.77
CA GLY K 838 -73.97 -67.37 58.49
C GLY K 838 -75.15 -68.27 58.17
N HIS K 839 -75.80 -68.78 59.22
CA HIS K 839 -76.93 -69.69 59.09
C HIS K 839 -76.65 -70.84 58.13
N HIS K 840 -77.63 -71.18 57.31
CA HIS K 840 -77.47 -72.27 56.35
C HIS K 840 -78.19 -71.99 55.03
N SER K 841 -77.52 -72.33 53.94
CA SER K 841 -78.03 -72.16 52.59
C SER K 841 -77.07 -72.77 51.59
N THR K 842 -76.61 -71.96 50.65
CA THR K 842 -75.54 -72.34 49.73
C THR K 842 -74.90 -71.07 49.21
N ILE K 843 -73.57 -70.97 49.35
CA ILE K 843 -72.86 -69.73 49.02
C ILE K 843 -73.01 -69.37 47.55
N GLN K 844 -73.33 -68.10 47.30
CA GLN K 844 -73.37 -67.57 45.94
C GLN K 844 -72.09 -66.83 45.63
N TYR K 845 -71.47 -66.27 46.67
CA TYR K 845 -70.21 -65.55 46.52
C TYR K 845 -69.42 -65.49 47.83
N CYS K 846 -68.10 -65.36 47.71
CA CYS K 846 -67.23 -65.27 48.88
C CYS K 846 -65.92 -64.57 48.53
N ASP K 847 -65.25 -64.03 49.55
CA ASP K 847 -63.98 -63.33 49.34
C ASP K 847 -63.17 -63.20 50.62
N PHE K 848 -62.09 -63.96 50.70
CA PHE K 848 -61.12 -63.85 51.80
C PHE K 848 -60.30 -62.57 51.75
N SER K 849 -60.00 -62.00 52.91
CA SER K 849 -59.12 -60.85 53.02
C SER K 849 -57.86 -61.20 53.81
N PRO K 850 -56.69 -61.10 53.16
CA PRO K 850 -55.41 -61.41 53.81
C PRO K 850 -55.13 -60.55 55.04
N GLN K 851 -55.56 -59.29 55.02
CA GLN K 851 -55.51 -58.45 56.21
C GLN K 851 -56.60 -58.83 57.21
N ASN K 852 -56.26 -58.72 58.50
CA ASN K 852 -57.21 -58.92 59.59
C ASN K 852 -57.97 -60.24 59.54
N HIS K 853 -57.51 -61.15 58.67
CA HIS K 853 -58.18 -62.43 58.43
C HIS K 853 -59.66 -62.24 58.09
N LEU K 854 -59.98 -61.13 57.42
CA LEU K 854 -61.37 -60.82 57.09
C LEU K 854 -61.93 -61.67 55.95
N ALA K 855 -63.25 -61.81 55.95
CA ALA K 855 -63.95 -62.55 54.92
C ALA K 855 -65.23 -61.83 54.51
N VAL K 856 -65.16 -61.05 53.44
CA VAL K 856 -66.34 -60.42 52.89
C VAL K 856 -67.08 -61.42 52.01
N VAL K 857 -68.13 -62.00 52.58
CA VAL K 857 -68.84 -63.07 51.90
C VAL K 857 -70.28 -62.68 51.60
N ALA K 858 -70.63 -62.73 50.32
CA ALA K 858 -72.01 -62.57 49.88
C ALA K 858 -72.67 -63.94 49.80
N LEU K 859 -73.29 -64.36 50.92
CA LEU K 859 -73.88 -65.68 50.99
C LEU K 859 -74.98 -65.87 49.95
N SER K 860 -76.10 -65.17 50.17
CA SER K 860 -77.20 -65.18 49.21
C SER K 860 -78.06 -63.93 49.40
N GLN K 861 -78.67 -63.44 48.33
CA GLN K 861 -79.47 -62.22 48.42
C GLN K 861 -78.61 -61.05 48.89
N TYR K 862 -77.48 -60.86 48.22
CA TYR K 862 -76.56 -59.78 48.54
C TYR K 862 -76.24 -59.73 50.03
N CYS K 863 -76.19 -60.88 50.68
CA CYS K 863 -75.87 -60.93 52.10
C CYS K 863 -74.35 -60.80 52.25
N VAL K 864 -73.85 -59.60 52.01
CA VAL K 864 -72.42 -59.33 51.98
C VAL K 864 -71.91 -59.07 53.40
N GLU K 865 -71.85 -60.13 54.21
CA GLU K 865 -71.40 -59.99 55.58
C GLU K 865 -69.87 -59.91 55.68
N LEU K 866 -69.39 -59.19 56.67
CA LEU K 866 -67.96 -59.14 56.97
C LEU K 866 -67.64 -60.05 58.14
N TRP K 867 -67.18 -61.24 57.81
CA TRP K 867 -66.74 -62.25 58.77
C TRP K 867 -65.26 -62.12 59.06
N ASN K 868 -64.77 -62.88 60.02
CA ASN K 868 -63.34 -62.89 60.32
C ASN K 868 -62.84 -64.34 60.33
N THR K 869 -61.98 -64.68 59.38
CA THR K 869 -61.51 -66.05 59.19
C THR K 869 -60.62 -66.53 60.33
N ASP K 870 -60.59 -67.86 60.52
CA ASP K 870 -59.83 -68.54 61.56
C ASP K 870 -60.41 -68.26 62.94
N SER K 871 -60.61 -66.98 63.27
CA SER K 871 -61.33 -66.61 64.48
C SER K 871 -62.79 -67.06 64.36
N ARG K 872 -63.25 -67.20 63.12
CA ARG K 872 -64.56 -67.77 62.81
C ARG K 872 -65.72 -67.02 63.47
N SER K 873 -65.68 -65.69 63.38
CA SER K 873 -66.77 -64.86 63.86
C SER K 873 -66.96 -63.64 62.97
N LYS K 874 -68.21 -63.25 62.77
CA LYS K 874 -68.55 -62.08 61.95
C LYS K 874 -68.03 -60.79 62.57
N VAL K 875 -67.54 -59.89 61.73
CA VAL K 875 -67.11 -58.59 62.19
C VAL K 875 -68.25 -57.58 62.11
N ALA K 876 -68.84 -57.41 60.93
CA ALA K 876 -69.95 -56.47 60.78
C ALA K 876 -70.78 -56.68 59.52
N ASP K 877 -72.05 -56.26 59.59
CA ASP K 877 -72.94 -56.34 58.44
C ASP K 877 -72.62 -55.25 57.43
N CYS K 878 -72.89 -55.52 56.15
CA CYS K 878 -72.68 -54.53 55.10
C CYS K 878 -73.89 -54.45 54.18
N ARG K 879 -74.95 -53.75 54.59
CA ARG K 879 -76.06 -53.39 53.69
C ARG K 879 -75.71 -52.32 52.62
N GLY K 880 -76.42 -52.33 51.49
CA GLY K 880 -76.20 -51.38 50.41
C GLY K 880 -75.96 -51.69 48.93
N HIS K 881 -76.09 -52.94 48.50
CA HIS K 881 -76.12 -53.22 47.06
C HIS K 881 -77.52 -53.70 46.64
N LEU K 882 -77.97 -53.20 45.48
CA LEU K 882 -79.29 -53.50 44.91
C LEU K 882 -79.06 -54.47 43.74
N SER K 883 -79.96 -55.46 43.56
CA SER K 883 -79.83 -56.56 42.57
C SER K 883 -79.15 -57.83 43.06
N TRP K 884 -78.92 -57.92 44.36
CA TRP K 884 -78.08 -58.97 44.91
C TRP K 884 -76.69 -58.90 44.26
N VAL K 885 -75.66 -58.63 45.06
CA VAL K 885 -74.33 -58.42 44.51
C VAL K 885 -74.06 -59.30 43.31
N HIS K 886 -73.05 -58.92 42.55
CA HIS K 886 -72.58 -59.74 41.45
C HIS K 886 -71.12 -60.01 41.67
N GLY K 887 -70.47 -59.21 42.51
CA GLY K 887 -69.10 -59.52 42.87
C GLY K 887 -68.35 -58.45 43.66
N VAL K 888 -67.31 -58.89 44.35
CA VAL K 888 -66.52 -58.05 45.24
C VAL K 888 -65.05 -58.49 45.16
N MET K 889 -64.12 -57.56 45.33
CA MET K 889 -62.71 -57.96 45.47
C MET K 889 -61.89 -56.84 46.10
N PHE K 890 -60.94 -57.23 46.95
CA PHE K 890 -60.12 -56.29 47.69
C PHE K 890 -59.02 -55.64 46.86
N SER K 891 -58.59 -54.46 47.29
CA SER K 891 -57.45 -53.78 46.71
C SER K 891 -56.19 -54.58 47.01
N PRO K 892 -55.16 -54.46 46.14
CA PRO K 892 -53.90 -55.14 46.42
C PRO K 892 -53.30 -54.68 47.74
N ASP K 893 -53.53 -53.42 48.10
CA ASP K 893 -53.18 -52.92 49.42
C ASP K 893 -54.04 -53.59 50.49
N GLY K 894 -55.26 -53.98 50.09
CA GLY K 894 -56.18 -54.62 51.01
C GLY K 894 -56.92 -53.61 51.86
N SER K 895 -56.65 -52.34 51.62
CA SER K 895 -57.25 -51.25 52.39
C SER K 895 -58.65 -50.91 51.89
N SER K 896 -59.04 -51.50 50.76
CA SER K 896 -60.33 -51.22 50.15
C SER K 896 -60.79 -52.37 49.26
N PHE K 897 -62.04 -52.33 48.84
CA PHE K 897 -62.56 -53.35 47.92
C PHE K 897 -63.68 -52.84 47.02
N LEU K 898 -63.67 -53.28 45.78
CA LEU K 898 -64.75 -53.00 44.84
C LEU K 898 -65.96 -53.87 45.12
N THR K 899 -67.15 -53.41 44.73
CA THR K 899 -68.34 -54.22 44.85
C THR K 899 -69.20 -54.16 43.59
N SER K 900 -68.89 -55.01 42.61
CA SER K 900 -69.70 -55.13 41.41
C SER K 900 -71.08 -55.66 41.79
N SER K 901 -72.12 -55.21 41.10
CA SER K 901 -73.47 -55.62 41.44
C SER K 901 -74.38 -55.70 40.22
N ASP K 902 -75.49 -56.41 40.37
CA ASP K 902 -76.42 -56.63 39.27
C ASP K 902 -77.07 -55.34 38.81
N ASP K 903 -77.13 -54.33 39.65
CA ASP K 903 -77.78 -53.08 39.26
C ASP K 903 -77.03 -52.53 38.05
N GLN K 904 -75.74 -52.86 37.99
CA GLN K 904 -74.73 -52.15 37.20
C GLN K 904 -73.90 -51.12 37.99
N THR K 905 -73.59 -51.42 39.25
CA THR K 905 -73.02 -50.49 40.20
C THR K 905 -71.79 -51.05 40.90
N ILE K 906 -70.75 -50.23 41.02
CA ILE K 906 -69.54 -50.64 41.73
C ILE K 906 -69.25 -49.67 42.88
N ARG K 907 -69.42 -50.15 44.11
CA ARG K 907 -69.22 -49.29 45.26
C ARG K 907 -67.87 -49.55 45.91
N LEU K 908 -67.05 -48.52 45.93
CA LEU K 908 -65.80 -48.50 46.68
C LEU K 908 -66.07 -48.47 48.18
N TRP K 909 -65.22 -49.15 48.95
CA TRP K 909 -65.37 -49.16 50.40
C TRP K 909 -64.04 -49.21 51.12
N GLU K 910 -63.91 -48.39 52.16
CA GLU K 910 -62.76 -48.44 53.06
C GLU K 910 -62.82 -49.69 53.94
N THR K 911 -61.65 -50.25 54.23
CA THR K 911 -61.57 -51.45 55.07
C THR K 911 -62.07 -51.20 56.49
N LYS K 912 -61.73 -50.04 57.04
CA LYS K 912 -62.06 -49.69 58.43
C LYS K 912 -63.55 -49.64 58.72
N LYS K 913 -64.32 -49.11 57.77
CA LYS K 913 -65.75 -48.88 57.98
C LYS K 913 -66.54 -50.16 58.24
N VAL K 914 -66.19 -51.23 57.53
CA VAL K 914 -66.94 -52.48 57.61
C VAL K 914 -66.94 -53.11 59.00
N CYS K 915 -65.80 -53.06 59.69
CA CYS K 915 -65.67 -53.69 61.00
C CYS K 915 -66.60 -53.08 62.04
N LYS K 916 -66.74 -51.76 62.02
CA LYS K 916 -67.59 -51.06 62.97
C LYS K 916 -69.04 -51.46 62.77
N ASN K 917 -69.80 -51.58 63.85
CA ASN K 917 -71.18 -52.03 63.72
C ASN K 917 -72.09 -50.89 63.30
N SER K 918 -73.14 -51.22 62.56
CA SER K 918 -74.09 -50.20 62.09
C SER K 918 -75.51 -50.77 62.01
N ALA K 919 -76.07 -51.13 63.16
CA ALA K 919 -77.42 -51.67 63.22
C ALA K 919 -78.45 -50.64 62.77
N VAL K 920 -78.55 -50.45 61.45
CA VAL K 920 -79.49 -49.47 60.90
C VAL K 920 -80.20 -50.04 59.68
N MET K 921 -80.58 -49.16 58.75
CA MET K 921 -81.28 -49.57 57.54
C MET K 921 -82.44 -50.52 57.84
N LEU K 922 -83.59 -49.95 58.14
CA LEU K 922 -84.78 -50.73 58.44
C LEU K 922 -85.03 -51.84 57.42
N LYS K 923 -85.76 -52.86 57.85
CA LYS K 923 -86.11 -54.04 57.05
C LYS K 923 -86.99 -53.65 55.87
N GLN K 924 -86.86 -54.39 54.78
CA GLN K 924 -87.39 -53.97 53.48
C GLN K 924 -88.91 -53.76 53.40
N GLU K 925 -89.67 -54.67 53.99
CA GLU K 925 -91.12 -54.54 53.97
C GLU K 925 -91.64 -54.20 55.36
N VAL K 926 -92.35 -53.09 55.45
CA VAL K 926 -92.92 -52.63 56.72
C VAL K 926 -94.27 -51.96 56.49
N ASP K 927 -95.10 -51.94 57.54
CA ASP K 927 -96.38 -51.24 57.48
C ASP K 927 -96.32 -50.03 58.39
N VAL K 928 -96.72 -48.87 57.88
CA VAL K 928 -96.77 -47.63 58.66
C VAL K 928 -98.20 -47.08 58.79
N VAL K 929 -98.60 -46.73 60.01
CA VAL K 929 -99.94 -46.18 60.26
C VAL K 929 -99.88 -44.71 60.70
N PHE K 930 -100.62 -43.85 60.00
CA PHE K 930 -100.55 -42.41 60.25
C PHE K 930 -101.77 -41.83 60.99
N GLN K 931 -101.48 -41.29 62.16
CA GLN K 931 -102.48 -40.81 63.08
C GLN K 931 -102.50 -39.29 63.29
N GLU K 932 -101.92 -38.54 62.35
CA GLU K 932 -101.82 -37.08 62.44
C GLU K 932 -100.43 -36.40 62.28
N ASN K 933 -100.03 -35.60 63.28
CA ASN K 933 -98.78 -34.81 63.37
C ASN K 933 -97.42 -35.53 63.44
N GLU K 934 -97.46 -36.75 63.95
CA GLU K 934 -96.32 -37.67 63.97
C GLU K 934 -96.73 -38.94 63.25
N VAL K 935 -95.85 -39.47 62.40
CA VAL K 935 -96.10 -40.71 61.65
C VAL K 935 -95.19 -41.81 62.20
N MET K 936 -95.75 -42.98 62.49
CA MET K 936 -94.99 -44.11 63.03
C MET K 936 -94.83 -45.21 61.96
N VAL K 937 -93.61 -45.68 61.74
CA VAL K 937 -93.33 -46.68 60.72
C VAL K 937 -93.06 -48.05 61.37
N LEU K 938 -93.77 -49.08 60.90
CA LEU K 938 -93.54 -50.44 61.39
C LEU K 938 -92.14 -50.89 61.02
N ALA K 939 -91.47 -51.59 61.93
CA ALA K 939 -90.11 -52.04 61.70
C ALA K 939 -89.86 -53.47 62.19
N VAL K 940 -88.88 -54.12 61.59
CA VAL K 940 -88.45 -55.45 62.01
C VAL K 940 -87.05 -55.34 62.59
N ASP K 941 -86.86 -55.87 63.80
CA ASP K 941 -85.61 -55.69 64.51
C ASP K 941 -84.45 -56.27 63.69
N HIS K 942 -83.29 -55.63 63.79
CA HIS K 942 -82.12 -56.07 63.04
C HIS K 942 -81.69 -57.47 63.45
N ILE K 943 -82.05 -57.85 64.68
CA ILE K 943 -81.70 -59.17 65.18
C ILE K 943 -82.91 -60.11 65.28
N ARG K 944 -83.98 -59.65 65.90
CA ARG K 944 -85.11 -60.53 66.19
C ARG K 944 -86.46 -59.99 65.72
N ARG K 945 -87.20 -59.34 66.62
CA ARG K 945 -88.59 -58.98 66.35
C ARG K 945 -88.73 -57.61 65.70
N LEU K 946 -88.85 -56.58 66.54
CA LEU K 946 -89.15 -55.24 66.02
C LEU K 946 -88.81 -54.11 67.00
N GLN K 947 -88.70 -52.91 66.43
CA GLN K 947 -88.61 -51.66 67.19
C GLN K 947 -89.44 -50.60 66.47
N LEU K 948 -90.22 -49.85 67.25
CA LEU K 948 -91.01 -48.79 66.66
C LEU K 948 -90.27 -47.50 66.92
N ILE K 949 -89.77 -46.90 65.85
CA ILE K 949 -89.17 -45.58 65.94
C ILE K 949 -90.06 -44.54 65.28
N ASN K 950 -90.61 -43.64 66.08
CA ASN K 950 -91.39 -42.53 65.55
C ASN K 950 -90.47 -41.57 64.82
N GLY K 951 -91.01 -40.88 63.83
CA GLY K 951 -90.24 -39.88 63.12
C GLY K 951 -90.02 -38.67 64.01
N ARG K 952 -89.00 -37.89 63.69
CA ARG K 952 -88.66 -36.69 64.44
C ARG K 952 -88.38 -36.96 65.91
N THR K 953 -87.87 -38.15 66.21
CA THR K 953 -87.49 -38.51 67.58
C THR K 953 -86.60 -39.76 67.61
N GLY K 954 -85.89 -39.93 68.72
CA GLY K 954 -85.05 -41.09 68.93
C GLY K 954 -85.73 -42.14 69.79
N GLN K 955 -87.06 -42.07 69.84
CA GLN K 955 -87.84 -42.92 70.72
C GLN K 955 -88.07 -44.33 70.14
N ILE K 956 -87.07 -45.19 70.32
CA ILE K 956 -87.18 -46.60 69.93
C ILE K 956 -88.22 -47.32 70.80
N ASP K 957 -88.98 -48.23 70.21
CA ASP K 957 -89.96 -49.00 70.95
C ASP K 957 -89.82 -50.50 70.63
N TYR K 958 -88.84 -51.13 71.27
CA TYR K 958 -88.55 -52.54 71.06
C TYR K 958 -89.60 -53.46 71.68
N LEU K 959 -89.81 -54.62 71.05
CA LEU K 959 -90.71 -55.65 71.57
C LEU K 959 -90.12 -57.03 71.30
N THR K 960 -90.53 -58.02 72.09
CA THR K 960 -89.99 -59.37 71.94
C THR K 960 -91.01 -60.41 71.45
N GLU K 961 -90.54 -61.25 70.51
CA GLU K 961 -91.30 -62.38 69.99
C GLU K 961 -90.32 -63.24 69.18
N ALA K 962 -90.66 -64.50 68.94
CA ALA K 962 -89.79 -65.36 68.15
C ALA K 962 -89.91 -65.03 66.67
N GLN K 963 -89.38 -63.87 66.28
CA GLN K 963 -89.40 -63.38 64.91
C GLN K 963 -90.81 -63.29 64.33
N VAL K 964 -91.43 -62.13 64.46
CA VAL K 964 -92.76 -61.92 63.89
C VAL K 964 -92.71 -61.98 62.37
N SER K 965 -93.73 -62.56 61.76
CA SER K 965 -93.80 -62.70 60.32
C SER K 965 -94.35 -61.44 59.65
N CYS K 966 -95.32 -60.81 60.32
CA CYS K 966 -95.97 -59.61 59.83
C CYS K 966 -96.71 -58.95 60.99
N CYS K 967 -97.11 -57.70 60.83
CA CYS K 967 -97.74 -56.98 61.95
C CYS K 967 -98.88 -56.07 61.52
N CYS K 968 -99.77 -55.77 62.46
CA CYS K 968 -100.90 -54.89 62.22
C CYS K 968 -101.43 -54.27 63.52
N LEU K 969 -101.57 -52.95 63.53
CA LEU K 969 -102.19 -52.26 64.66
C LEU K 969 -103.71 -52.33 64.62
N SER K 970 -104.32 -52.29 65.80
CA SER K 970 -105.77 -52.29 65.94
C SER K 970 -106.39 -50.95 65.59
N PRO K 971 -107.67 -50.96 65.16
CA PRO K 971 -108.41 -49.73 64.94
C PRO K 971 -108.57 -48.97 66.26
N HIS K 972 -108.55 -47.64 66.19
CA HIS K 972 -108.63 -46.79 67.37
C HIS K 972 -107.55 -47.14 68.40
N LEU K 973 -106.39 -47.56 67.90
CA LEU K 973 -105.23 -47.87 68.72
C LEU K 973 -105.52 -48.93 69.78
N GLN K 974 -104.92 -48.74 70.96
CA GLN K 974 -105.18 -49.57 72.15
C GLN K 974 -104.67 -51.01 72.06
N TYR K 975 -104.21 -51.42 70.89
CA TYR K 975 -103.68 -52.77 70.71
C TYR K 975 -102.61 -52.81 69.62
N ILE K 976 -101.93 -53.94 69.56
CA ILE K 976 -100.92 -54.21 68.54
C ILE K 976 -101.05 -55.70 68.18
N ALA K 977 -100.65 -56.08 66.97
CA ALA K 977 -100.79 -57.48 66.58
C ALA K 977 -99.72 -57.93 65.60
N PHE K 978 -99.54 -59.24 65.53
CA PHE K 978 -98.55 -59.82 64.62
C PHE K 978 -98.91 -61.25 64.21
N GLY K 979 -98.43 -61.65 63.03
CA GLY K 979 -98.60 -63.00 62.54
C GLY K 979 -97.47 -63.91 62.98
N ASP K 980 -97.43 -65.11 62.42
CA ASP K 980 -96.40 -66.09 62.77
C ASP K 980 -96.16 -67.06 61.62
N GLU K 981 -95.04 -67.77 61.69
CA GLU K 981 -94.65 -68.73 60.66
C GLU K 981 -95.67 -69.86 60.55
N ASN K 982 -96.33 -70.17 61.67
CA ASN K 982 -97.38 -71.18 61.69
C ASN K 982 -98.72 -70.61 61.25
N GLY K 983 -98.75 -69.31 61.02
CA GLY K 983 -99.99 -68.62 60.67
C GLY K 983 -100.77 -68.17 61.87
N ALA K 984 -100.25 -68.45 63.06
CA ALA K 984 -100.83 -67.97 64.31
C ALA K 984 -100.75 -66.46 64.38
N ILE K 985 -101.76 -65.81 64.93
CA ILE K 985 -101.76 -64.36 64.98
C ILE K 985 -102.14 -63.84 66.37
N GLU K 986 -101.15 -63.34 67.10
CA GLU K 986 -101.37 -62.73 68.41
C GLU K 986 -101.80 -61.26 68.30
N ILE K 987 -102.58 -60.80 69.26
CA ILE K 987 -102.91 -59.38 69.35
C ILE K 987 -102.63 -58.86 70.77
N LEU K 988 -101.38 -58.50 71.02
CA LEU K 988 -100.97 -57.98 72.32
C LEU K 988 -101.67 -56.66 72.64
N GLU K 989 -102.17 -56.53 73.87
CA GLU K 989 -102.74 -55.26 74.31
C GLU K 989 -101.64 -54.28 74.67
N LEU K 990 -101.88 -52.98 74.45
CA LEU K 990 -100.92 -51.95 74.82
C LEU K 990 -100.91 -51.70 76.33
N VAL K 991 -102.10 -51.72 76.92
CA VAL K 991 -102.25 -51.42 78.34
C VAL K 991 -101.54 -52.44 79.22
N ASN K 992 -101.50 -53.68 78.76
CA ASN K 992 -100.85 -54.74 79.53
C ASN K 992 -100.27 -55.82 78.61
N ASN K 993 -98.99 -56.11 78.81
CA ASN K 993 -98.31 -57.15 78.04
C ASN K 993 -98.80 -58.56 78.35
N ARG K 994 -99.37 -58.75 79.54
CA ARG K 994 -99.87 -60.06 79.94
C ARG K 994 -101.08 -60.51 79.11
N ILE K 995 -101.89 -59.56 78.65
CA ILE K 995 -103.11 -59.88 77.92
C ILE K 995 -102.86 -60.01 76.41
N PHE K 996 -103.25 -61.16 75.87
CA PHE K 996 -103.09 -61.43 74.46
C PHE K 996 -104.04 -62.54 74.02
N GLN K 997 -104.31 -62.61 72.73
CA GLN K 997 -105.02 -63.74 72.14
C GLN K 997 -104.11 -64.28 71.04
N SER K 998 -103.94 -65.60 70.96
CA SER K 998 -103.14 -66.20 69.90
C SER K 998 -104.05 -67.07 69.04
N ARG K 999 -103.98 -66.93 67.72
CA ARG K 999 -104.83 -67.73 66.85
C ARG K 999 -103.99 -68.71 66.04
N PHE K 1000 -104.36 -69.99 66.08
CA PHE K 1000 -103.59 -70.99 65.33
C PHE K 1000 -104.34 -71.38 64.07
N GLN K 1001 -103.74 -71.13 62.91
CA GLN K 1001 -104.49 -71.28 61.67
C GLN K 1001 -103.51 -71.20 60.50
N HIS K 1002 -103.98 -71.64 59.33
CA HIS K 1002 -103.23 -71.60 58.06
C HIS K 1002 -102.11 -72.62 58.03
N LYS K 1003 -101.98 -73.30 56.90
CA LYS K 1003 -100.97 -74.32 56.69
C LYS K 1003 -99.55 -73.75 56.78
N LYS K 1004 -99.41 -72.49 56.40
CA LYS K 1004 -98.12 -71.82 56.39
C LYS K 1004 -98.20 -70.46 57.05
N THR K 1005 -97.23 -69.60 56.77
CA THR K 1005 -97.25 -68.24 57.29
C THR K 1005 -98.46 -67.47 56.75
N VAL K 1006 -99.12 -66.73 57.63
CA VAL K 1006 -100.28 -65.94 57.24
C VAL K 1006 -99.93 -64.84 56.24
N TRP K 1007 -100.78 -64.64 55.24
CA TRP K 1007 -100.58 -63.57 54.27
C TRP K 1007 -101.17 -62.27 54.78
N HIS K 1008 -102.18 -61.77 54.06
CA HIS K 1008 -102.80 -60.50 54.38
C HIS K 1008 -103.51 -60.53 55.73
N ILE K 1009 -103.42 -59.43 56.46
CA ILE K 1009 -104.10 -59.28 57.74
C ILE K 1009 -104.81 -57.92 57.79
N GLN K 1010 -106.06 -57.92 58.20
CA GLN K 1010 -106.81 -56.67 58.29
C GLN K 1010 -107.90 -56.76 59.35
N PHE K 1011 -108.14 -55.64 60.00
CA PHE K 1011 -109.12 -55.57 61.08
C PHE K 1011 -110.41 -54.91 60.61
N THR K 1012 -111.52 -55.24 61.28
CA THR K 1012 -112.80 -54.63 60.98
C THR K 1012 -112.85 -53.20 61.54
N ALA K 1013 -113.88 -52.46 61.17
CA ALA K 1013 -114.08 -51.11 61.70
C ALA K 1013 -114.26 -51.18 63.21
N ASP K 1014 -114.81 -52.30 63.68
CA ASP K 1014 -114.85 -52.61 65.10
C ASP K 1014 -113.43 -52.92 65.59
N GLU K 1015 -113.16 -52.63 66.84
CA GLU K 1015 -111.86 -52.95 67.43
C GLU K 1015 -111.66 -54.46 67.46
N LYS K 1016 -112.77 -55.19 67.48
CA LYS K 1016 -112.76 -56.65 67.49
C LYS K 1016 -112.64 -57.25 66.10
N THR K 1017 -112.44 -58.56 66.07
CA THR K 1017 -112.45 -59.39 64.85
C THR K 1017 -111.23 -59.21 63.96
N LEU K 1018 -110.27 -60.13 64.11
CA LEU K 1018 -109.16 -60.28 63.17
C LEU K 1018 -109.65 -60.86 61.85
N ILE K 1019 -109.05 -60.45 60.75
CA ILE K 1019 -109.29 -61.12 59.47
C ILE K 1019 -107.94 -61.40 58.82
N SER K 1020 -107.80 -62.57 58.21
CA SER K 1020 -106.52 -62.98 57.64
C SER K 1020 -106.68 -63.99 56.52
N SER K 1021 -105.59 -64.32 55.83
CA SER K 1021 -105.60 -65.35 54.81
C SER K 1021 -104.18 -65.89 54.59
N SER K 1022 -104.09 -67.07 53.97
CA SER K 1022 -102.81 -67.66 53.63
C SER K 1022 -102.96 -68.75 52.57
N ASP K 1023 -102.29 -69.88 52.79
CA ASP K 1023 -102.32 -70.97 51.82
C ASP K 1023 -103.71 -71.61 51.74
N ASP K 1024 -104.50 -71.47 52.79
CA ASP K 1024 -105.85 -72.03 52.79
C ASP K 1024 -106.74 -71.35 51.75
N ALA K 1025 -107.62 -72.14 51.13
CA ALA K 1025 -108.57 -71.61 50.17
C ALA K 1025 -109.52 -70.63 50.84
N GLU K 1026 -109.82 -70.91 52.10
CA GLU K 1026 -110.74 -70.09 52.88
C GLU K 1026 -110.07 -68.78 53.33
N ILE K 1027 -110.86 -67.73 53.46
CA ILE K 1027 -110.37 -66.51 54.07
C ILE K 1027 -110.74 -66.49 55.55
N GLN K 1028 -109.73 -66.58 56.40
CA GLN K 1028 -109.93 -66.59 57.84
C GLN K 1028 -110.55 -65.30 58.36
N VAL K 1029 -111.51 -65.45 59.27
CA VAL K 1029 -112.01 -64.34 60.06
C VAL K 1029 -112.06 -64.82 61.51
N TRP K 1030 -111.01 -64.51 62.25
CA TRP K 1030 -110.91 -64.95 63.63
C TRP K 1030 -111.11 -63.78 64.59
N ASN K 1031 -112.31 -63.68 65.15
CA ASN K 1031 -112.53 -62.66 66.16
C ASN K 1031 -111.69 -63.01 67.38
N TRP K 1032 -111.02 -62.02 67.94
CA TRP K 1032 -110.15 -62.26 69.10
C TRP K 1032 -110.96 -62.13 70.39
N GLN K 1033 -110.35 -62.55 71.51
CA GLN K 1033 -111.01 -62.60 72.81
C GLN K 1033 -112.14 -63.61 72.78
N LEU K 1034 -113.14 -63.34 71.94
CA LEU K 1034 -114.24 -64.27 71.71
C LEU K 1034 -113.71 -65.55 71.07
N ASP K 1035 -112.57 -65.43 70.41
CA ASP K 1035 -111.90 -66.53 69.72
C ASP K 1035 -112.79 -67.17 68.66
N LYS K 1036 -113.63 -66.35 68.02
CA LYS K 1036 -114.52 -66.84 66.97
C LYS K 1036 -113.75 -67.17 65.71
N CYS K 1037 -114.24 -68.13 64.94
CA CYS K 1037 -113.51 -68.61 63.77
C CYS K 1037 -114.38 -68.70 62.52
N ILE K 1038 -115.01 -67.59 62.15
CA ILE K 1038 -115.82 -67.58 60.94
C ILE K 1038 -114.90 -67.73 59.72
N PHE K 1039 -115.31 -68.53 58.74
CA PHE K 1039 -114.48 -68.71 57.55
C PHE K 1039 -115.19 -68.28 56.26
N LEU K 1040 -114.41 -67.76 55.32
CA LEU K 1040 -114.91 -67.46 53.99
C LEU K 1040 -114.55 -68.59 53.03
N ARG K 1041 -115.49 -69.51 52.83
CA ARG K 1041 -115.21 -70.72 52.06
C ARG K 1041 -115.30 -70.44 50.56
N GLY K 1042 -114.22 -69.88 50.01
CA GLY K 1042 -114.18 -69.50 48.60
C GLY K 1042 -113.90 -70.61 47.60
N HIS K 1043 -113.47 -71.77 48.10
CA HIS K 1043 -113.15 -72.92 47.26
C HIS K 1043 -112.16 -72.60 46.13
N GLN K 1044 -111.30 -71.62 46.39
CA GLN K 1044 -110.19 -71.27 45.53
C GLN K 1044 -108.97 -72.15 45.84
N GLU K 1045 -107.99 -72.16 44.94
CA GLU K 1045 -106.74 -72.85 45.22
C GLU K 1045 -106.13 -72.15 46.42
N THR K 1046 -106.23 -70.83 46.40
CA THR K 1046 -106.04 -70.00 47.58
C THR K 1046 -106.64 -68.64 47.25
N VAL K 1047 -106.97 -67.85 48.28
CA VAL K 1047 -107.30 -66.46 48.03
C VAL K 1047 -106.04 -65.61 48.13
N LYS K 1048 -105.75 -64.86 47.07
CA LYS K 1048 -104.51 -64.10 47.00
C LYS K 1048 -104.49 -62.92 47.96
N ASP K 1049 -105.58 -62.17 48.01
CA ASP K 1049 -105.63 -60.99 48.86
C ASP K 1049 -107.06 -60.54 49.08
N PHE K 1050 -107.27 -59.68 50.07
CA PHE K 1050 -108.59 -59.13 50.35
C PHE K 1050 -108.49 -57.75 50.98
N ARG K 1051 -109.56 -56.99 50.89
CA ARG K 1051 -109.62 -55.65 51.45
C ARG K 1051 -111.01 -55.31 51.99
N LEU K 1052 -111.05 -54.36 52.93
CA LEU K 1052 -112.31 -53.86 53.48
C LEU K 1052 -113.08 -52.99 52.51
N LEU K 1053 -114.40 -53.18 52.46
CA LEU K 1053 -115.29 -52.28 51.75
C LEU K 1053 -116.03 -51.39 52.75
N LYS K 1054 -116.59 -50.28 52.27
CA LYS K 1054 -117.26 -49.33 53.16
C LYS K 1054 -118.46 -49.96 53.86
N ASN K 1055 -119.08 -50.94 53.20
CA ASN K 1055 -120.20 -51.67 53.80
C ASN K 1055 -119.70 -52.77 54.72
N SER K 1056 -120.57 -53.73 55.00
CA SER K 1056 -120.18 -54.91 55.75
C SER K 1056 -119.50 -55.90 54.80
N ARG K 1057 -119.53 -55.56 53.52
CA ARG K 1057 -118.91 -56.38 52.48
C ARG K 1057 -117.39 -56.43 52.62
N LEU K 1058 -116.81 -57.58 52.26
CA LEU K 1058 -115.36 -57.74 52.29
C LEU K 1058 -114.82 -58.16 50.92
N LEU K 1059 -114.22 -57.21 50.21
CA LEU K 1059 -113.68 -57.47 48.87
C LEU K 1059 -112.53 -58.47 48.94
N SER K 1060 -112.39 -59.29 47.91
CA SER K 1060 -111.29 -60.26 47.83
C SER K 1060 -111.02 -60.71 46.41
N TRP K 1061 -109.85 -61.31 46.21
CA TRP K 1061 -109.50 -61.91 44.92
C TRP K 1061 -108.42 -62.98 45.10
N SER K 1062 -108.43 -63.96 44.19
CA SER K 1062 -107.54 -65.10 44.30
C SER K 1062 -106.69 -65.29 43.05
N PHE K 1063 -106.13 -66.48 42.91
CA PHE K 1063 -105.34 -66.81 41.73
C PHE K 1063 -106.20 -67.21 40.52
N ASP K 1064 -107.49 -67.42 40.73
CA ASP K 1064 -108.39 -67.62 39.60
C ASP K 1064 -108.82 -66.27 39.02
N GLY K 1065 -108.48 -65.20 39.72
CA GLY K 1065 -108.76 -63.85 39.24
C GLY K 1065 -110.17 -63.40 39.50
N THR K 1066 -110.93 -64.21 40.23
CA THR K 1066 -112.27 -63.80 40.62
C THR K 1066 -112.19 -62.60 41.56
N VAL K 1067 -113.03 -61.60 41.31
CA VAL K 1067 -113.12 -60.46 42.20
C VAL K 1067 -114.36 -60.64 43.07
N LYS K 1068 -114.21 -61.43 44.12
CA LYS K 1068 -115.29 -61.73 45.03
C LYS K 1068 -115.64 -60.56 45.93
N VAL K 1069 -116.92 -60.42 46.24
CA VAL K 1069 -117.36 -59.46 47.22
C VAL K 1069 -118.09 -60.20 48.34
N TRP K 1070 -117.35 -60.44 49.42
CA TRP K 1070 -117.85 -61.18 50.57
C TRP K 1070 -118.48 -60.24 51.59
N ASN K 1071 -118.42 -60.64 52.86
CA ASN K 1071 -118.86 -59.80 53.98
C ASN K 1071 -117.87 -59.87 55.14
N ILE K 1072 -117.74 -58.77 55.87
CA ILE K 1072 -116.85 -58.72 57.02
C ILE K 1072 -117.40 -59.56 58.16
N ILE K 1073 -116.50 -60.05 59.01
CA ILE K 1073 -116.87 -60.90 60.14
C ILE K 1073 -117.54 -62.17 59.63
N THR K 1074 -118.82 -62.05 59.28
CA THR K 1074 -119.57 -63.17 58.72
C THR K 1074 -119.18 -63.43 57.27
N GLY K 1075 -118.77 -64.66 56.98
CA GLY K 1075 -118.46 -65.06 55.62
C GLY K 1075 -119.72 -65.21 54.78
N ASN K 1076 -119.80 -64.45 53.70
CA ASN K 1076 -120.95 -64.53 52.80
C ASN K 1076 -120.63 -63.85 51.47
N LYS K 1077 -120.47 -64.66 50.43
CA LYS K 1077 -120.07 -64.15 49.12
C LYS K 1077 -121.27 -63.53 48.42
N GLU K 1078 -121.60 -62.29 48.81
CA GLU K 1078 -122.76 -61.56 48.27
C GLU K 1078 -122.75 -61.17 46.79
N LYS K 1079 -121.63 -60.66 46.30
CA LYS K 1079 -121.48 -60.27 44.88
C LYS K 1079 -120.21 -60.98 44.39
N ASP K 1080 -120.26 -61.67 43.26
CA ASP K 1080 -119.07 -62.36 42.77
C ASP K 1080 -118.66 -61.89 41.37
N PHE K 1081 -117.38 -61.59 41.15
CA PHE K 1081 -116.92 -61.12 39.85
C PHE K 1081 -115.79 -61.95 39.26
N VAL K 1082 -115.83 -62.22 37.95
CA VAL K 1082 -114.77 -63.01 37.33
C VAL K 1082 -114.08 -62.12 36.29
N CYS K 1083 -113.40 -61.08 36.79
CA CYS K 1083 -112.82 -60.06 35.94
C CYS K 1083 -111.63 -60.59 35.13
N HIS K 1084 -110.99 -61.65 35.62
CA HIS K 1084 -109.82 -62.19 34.94
C HIS K 1084 -109.74 -63.70 35.06
N GLN K 1085 -109.53 -64.38 33.94
CA GLN K 1085 -109.26 -65.81 33.95
C GLN K 1085 -107.92 -66.06 34.65
N GLY K 1086 -107.00 -65.12 34.49
CA GLY K 1086 -105.74 -65.12 35.19
C GLY K 1086 -105.88 -64.44 36.53
N THR K 1087 -104.81 -64.42 37.31
CA THR K 1087 -104.84 -63.84 38.65
C THR K 1087 -105.08 -62.34 38.57
N VAL K 1088 -105.82 -61.81 39.55
CA VAL K 1088 -105.94 -60.37 39.69
C VAL K 1088 -104.59 -59.76 40.06
N LEU K 1089 -103.97 -59.08 39.11
CA LEU K 1089 -102.62 -58.59 39.35
C LEU K 1089 -102.42 -57.46 40.39
N SER K 1090 -103.21 -56.41 40.27
CA SER K 1090 -103.29 -55.35 41.27
C SER K 1090 -104.76 -54.95 41.08
N CYS K 1091 -105.50 -54.78 42.17
CA CYS K 1091 -106.87 -54.26 42.08
C CYS K 1091 -106.90 -53.10 43.07
N ASP K 1092 -107.43 -51.95 42.68
CA ASP K 1092 -107.55 -50.83 43.60
C ASP K 1092 -109.01 -50.43 43.73
N ILE K 1093 -109.44 -50.09 44.95
CA ILE K 1093 -110.75 -49.53 45.24
C ILE K 1093 -110.70 -48.04 45.61
N SER K 1094 -111.62 -47.25 45.05
CA SER K 1094 -111.59 -45.77 45.13
C SER K 1094 -111.69 -45.09 46.52
N HIS K 1095 -112.56 -45.61 47.39
CA HIS K 1095 -112.72 -45.10 48.77
C HIS K 1095 -113.73 -43.98 49.08
N ASP K 1096 -114.38 -43.42 48.06
CA ASP K 1096 -115.59 -42.64 48.28
C ASP K 1096 -116.79 -43.54 48.09
N ALA K 1097 -117.73 -43.48 49.04
CA ALA K 1097 -118.87 -44.40 49.09
C ALA K 1097 -118.42 -45.84 48.81
N THR K 1098 -119.12 -46.50 47.90
CA THR K 1098 -118.68 -47.76 47.32
C THR K 1098 -119.00 -47.69 45.84
N LYS K 1099 -119.00 -46.46 45.33
CA LYS K 1099 -119.50 -46.14 44.00
C LYS K 1099 -118.72 -46.80 42.87
N PHE K 1100 -117.43 -47.06 43.09
CA PHE K 1100 -116.60 -47.72 42.08
C PHE K 1100 -115.49 -48.59 42.64
N SER K 1101 -115.04 -49.52 41.82
CA SER K 1101 -113.84 -50.30 42.07
C SER K 1101 -113.35 -50.85 40.73
N SER K 1102 -112.05 -51.08 40.61
CA SER K 1102 -111.50 -51.52 39.34
C SER K 1102 -110.26 -52.39 39.55
N THR K 1103 -109.96 -53.17 38.51
CA THR K 1103 -108.77 -54.02 38.52
C THR K 1103 -108.23 -54.20 37.12
N SER K 1104 -106.94 -54.47 37.04
CA SER K 1104 -106.27 -54.79 35.78
C SER K 1104 -105.28 -55.92 36.05
N ALA K 1105 -105.18 -56.86 35.12
CA ALA K 1105 -104.39 -58.06 35.37
C ALA K 1105 -103.83 -58.67 34.10
N ASP K 1106 -103.03 -57.88 33.38
CA ASP K 1106 -102.39 -58.31 32.14
C ASP K 1106 -103.44 -58.85 31.17
N LYS K 1107 -104.51 -58.09 31.01
CA LYS K 1107 -105.62 -58.48 30.16
C LYS K 1107 -106.45 -57.27 29.79
N THR K 1108 -107.35 -56.88 30.70
CA THR K 1108 -108.19 -55.70 30.51
C THR K 1108 -108.36 -54.94 31.82
N ALA K 1109 -108.46 -53.62 31.74
CA ALA K 1109 -108.68 -52.81 32.93
C ALA K 1109 -110.18 -52.67 33.22
N LYS K 1110 -110.75 -53.68 33.88
CA LYS K 1110 -112.17 -53.66 34.19
C LYS K 1110 -112.51 -52.74 35.37
N ILE K 1111 -113.73 -52.19 35.34
CA ILE K 1111 -114.22 -51.29 36.38
C ILE K 1111 -115.72 -51.50 36.57
N TRP K 1112 -116.15 -51.41 37.83
CA TRP K 1112 -117.52 -51.74 38.21
C TRP K 1112 -118.00 -50.86 39.37
N SER K 1113 -119.32 -50.88 39.59
CA SER K 1113 -119.92 -50.14 40.71
C SER K 1113 -120.52 -51.09 41.72
N PHE K 1114 -120.14 -52.37 41.63
CA PHE K 1114 -120.65 -53.46 42.49
C PHE K 1114 -122.11 -53.82 42.26
N ASP K 1115 -122.90 -52.88 41.75
CA ASP K 1115 -124.32 -53.13 41.52
C ASP K 1115 -124.55 -54.23 40.50
N LEU K 1116 -123.65 -54.35 39.53
CA LEU K 1116 -123.73 -55.40 38.53
C LEU K 1116 -122.76 -56.55 38.83
N LEU K 1117 -123.10 -57.74 38.36
CA LEU K 1117 -122.26 -58.91 38.56
C LEU K 1117 -121.08 -58.90 37.59
N LEU K 1118 -121.14 -57.98 36.63
CA LEU K 1118 -120.07 -57.80 35.66
C LEU K 1118 -119.66 -56.34 35.67
N PRO K 1119 -118.39 -56.05 35.31
CA PRO K 1119 -117.89 -54.67 35.41
C PRO K 1119 -118.63 -53.70 34.49
N LEU K 1120 -118.80 -52.47 34.96
CA LEU K 1120 -119.50 -51.45 34.18
C LEU K 1120 -118.76 -51.10 32.91
N HIS K 1121 -117.45 -51.31 32.90
CA HIS K 1121 -116.70 -51.16 31.65
C HIS K 1121 -115.47 -52.04 31.69
N GLU K 1122 -114.99 -52.43 30.51
CA GLU K 1122 -113.82 -53.28 30.41
C GLU K 1122 -112.79 -52.59 29.52
N LEU K 1123 -111.92 -51.78 30.15
CA LEU K 1123 -110.97 -51.00 29.38
C LEU K 1123 -110.02 -51.89 28.59
N ARG K 1124 -109.80 -51.52 27.33
CA ARG K 1124 -108.97 -52.30 26.42
C ARG K 1124 -108.09 -51.39 25.58
N GLY K 1125 -107.56 -50.34 26.21
CA GLY K 1125 -106.73 -49.38 25.52
C GLY K 1125 -105.26 -49.76 25.47
N HIS K 1126 -104.91 -50.92 26.02
CA HIS K 1126 -103.52 -51.30 26.10
C HIS K 1126 -103.30 -52.74 25.62
N ASN K 1127 -102.72 -52.88 24.42
CA ASN K 1127 -102.39 -54.17 23.84
C ASN K 1127 -101.32 -54.90 24.63
N GLY K 1128 -100.49 -54.14 25.33
CA GLY K 1128 -99.47 -54.71 26.19
C GLY K 1128 -100.04 -55.08 27.53
N CYS K 1129 -101.32 -54.76 27.71
CA CYS K 1129 -102.09 -55.12 28.91
C CYS K 1129 -101.61 -54.42 30.18
N VAL K 1130 -102.51 -53.64 30.78
CA VAL K 1130 -102.21 -52.91 32.01
C VAL K 1130 -101.94 -53.84 33.19
N ARG K 1131 -100.92 -53.51 33.98
CA ARG K 1131 -100.49 -54.34 35.10
C ARG K 1131 -101.14 -53.97 36.43
N CYS K 1132 -101.43 -52.68 36.62
CA CYS K 1132 -101.96 -52.22 37.90
C CYS K 1132 -102.75 -50.92 37.75
N SER K 1133 -103.55 -50.59 38.76
CA SER K 1133 -104.39 -49.41 38.70
C SER K 1133 -104.66 -48.83 40.09
N ALA K 1134 -104.96 -47.53 40.14
CA ALA K 1134 -105.29 -46.87 41.40
C ALA K 1134 -106.27 -45.71 41.19
N PHE K 1135 -107.26 -45.61 42.08
CA PHE K 1135 -108.26 -44.55 42.02
C PHE K 1135 -107.81 -43.18 42.52
N SER K 1136 -108.49 -42.16 42.00
CA SER K 1136 -108.28 -40.78 42.40
C SER K 1136 -108.66 -40.54 43.85
N VAL K 1137 -108.01 -39.55 44.44
CA VAL K 1137 -108.31 -39.18 45.82
C VAL K 1137 -109.65 -38.44 45.84
N ASP K 1138 -110.73 -39.22 45.82
CA ASP K 1138 -112.10 -38.71 45.79
C ASP K 1138 -112.35 -37.75 44.63
N SER K 1139 -111.89 -38.13 43.45
CA SER K 1139 -112.12 -37.35 42.23
C SER K 1139 -112.77 -38.20 41.14
N THR K 1140 -112.23 -38.15 39.93
CA THR K 1140 -112.76 -38.93 38.82
C THR K 1140 -111.63 -39.55 37.98
N LEU K 1141 -110.40 -39.36 38.44
CA LEU K 1141 -109.24 -39.96 37.79
C LEU K 1141 -109.08 -41.43 38.14
N LEU K 1142 -108.43 -42.19 37.27
CA LEU K 1142 -108.14 -43.60 37.55
C LEU K 1142 -106.92 -44.08 36.77
N ALA K 1143 -105.77 -44.08 37.43
CA ALA K 1143 -104.52 -44.49 36.81
C ALA K 1143 -104.54 -45.97 36.44
N THR K 1144 -103.87 -46.32 35.34
CA THR K 1144 -103.68 -47.71 34.95
C THR K 1144 -102.21 -47.94 34.63
N GLY K 1145 -101.50 -48.55 35.58
CA GLY K 1145 -100.07 -48.75 35.47
C GLY K 1145 -99.60 -49.88 34.58
N ASP K 1146 -98.59 -49.59 33.77
CA ASP K 1146 -98.01 -50.59 32.87
C ASP K 1146 -96.77 -51.24 33.51
N ASP K 1147 -96.33 -52.36 32.94
CA ASP K 1147 -95.17 -53.08 33.47
C ASP K 1147 -93.88 -52.25 33.37
N ASN K 1148 -93.84 -51.36 32.39
CA ASN K 1148 -92.67 -50.50 32.19
C ASN K 1148 -92.81 -49.17 32.93
N GLY K 1149 -93.79 -49.12 33.85
CA GLY K 1149 -93.97 -47.94 34.67
C GLY K 1149 -94.82 -46.89 34.00
N GLU K 1150 -95.24 -47.19 32.77
CA GLU K 1150 -96.13 -46.30 32.04
C GLU K 1150 -97.48 -46.23 32.75
N ILE K 1151 -98.06 -45.04 32.80
CA ILE K 1151 -99.35 -44.85 33.44
C ILE K 1151 -100.34 -44.30 32.42
N ARG K 1152 -101.54 -44.86 32.40
CA ARG K 1152 -102.59 -44.32 31.56
C ARG K 1152 -103.77 -43.91 32.42
N ILE K 1153 -103.97 -42.61 32.57
CA ILE K 1153 -105.10 -42.11 33.35
C ILE K 1153 -106.40 -42.35 32.59
N TRP K 1154 -107.45 -42.71 33.31
CA TRP K 1154 -108.75 -42.94 32.72
C TRP K 1154 -109.82 -42.30 33.58
N ASN K 1155 -110.69 -41.50 32.97
CA ASN K 1155 -111.77 -40.85 33.70
C ASN K 1155 -112.72 -41.90 34.25
N VAL K 1156 -113.19 -41.71 35.47
CA VAL K 1156 -114.13 -42.66 36.06
C VAL K 1156 -115.52 -42.40 35.50
N SER K 1157 -115.70 -42.85 34.26
CA SER K 1157 -116.96 -42.73 33.55
C SER K 1157 -116.90 -43.67 32.35
N ASN K 1158 -117.12 -44.96 32.62
CA ASN K 1158 -116.88 -46.02 31.63
C ASN K 1158 -115.43 -45.98 31.18
N GLY K 1159 -115.15 -45.09 30.22
CA GLY K 1159 -113.80 -44.90 29.72
C GLY K 1159 -113.77 -44.09 28.44
N GLU K 1160 -112.70 -43.34 28.25
CA GLU K 1160 -112.49 -42.58 27.02
C GLU K 1160 -111.01 -42.38 26.82
N LEU K 1161 -110.61 -42.14 25.57
CA LEU K 1161 -109.19 -42.07 25.25
C LEU K 1161 -108.54 -40.82 25.83
N LEU K 1162 -108.44 -40.78 27.16
CA LEU K 1162 -107.77 -39.72 27.86
C LEU K 1162 -106.27 -39.76 27.57
N HIS K 1163 -105.64 -38.60 27.55
CA HIS K 1163 -104.23 -38.55 27.19
C HIS K 1163 -103.54 -39.42 28.21
N LEU K 1164 -102.64 -40.28 27.75
CA LEU K 1164 -101.90 -41.13 28.67
C LEU K 1164 -101.04 -40.26 29.56
N CYS K 1165 -100.94 -40.61 30.84
CA CYS K 1165 -100.07 -39.87 31.74
C CYS K 1165 -98.68 -40.02 31.17
N ALA K 1166 -98.40 -41.22 30.70
CA ALA K 1166 -97.19 -41.51 29.94
C ALA K 1166 -95.92 -41.15 30.72
N PRO K 1167 -95.87 -41.50 32.00
CA PRO K 1167 -94.86 -40.90 32.88
C PRO K 1167 -93.41 -41.12 32.46
N LEU K 1168 -93.05 -42.29 31.97
CA LEU K 1168 -91.67 -42.53 31.53
C LEU K 1168 -91.56 -42.82 30.04
N SER K 1169 -90.73 -42.05 29.34
CA SER K 1169 -90.56 -42.24 27.90
C SER K 1169 -89.16 -42.70 27.49
N GLU K 1170 -88.14 -41.94 27.90
CA GLU K 1170 -86.77 -42.28 27.59
C GLU K 1170 -86.00 -42.64 28.85
N GLU K 1171 -85.31 -43.78 28.81
CA GLU K 1171 -84.55 -44.24 29.98
C GLU K 1171 -83.65 -45.40 29.58
N GLY K 1172 -84.23 -46.59 29.51
CA GLY K 1172 -83.50 -47.77 29.11
C GLY K 1172 -83.52 -48.80 30.23
N ALA K 1173 -82.52 -49.66 30.26
CA ALA K 1173 -82.43 -50.72 31.25
C ALA K 1173 -81.39 -50.44 32.32
N ALA K 1174 -80.91 -49.20 32.33
CA ALA K 1174 -79.91 -48.75 33.28
C ALA K 1174 -80.06 -49.48 34.61
N THR K 1175 -80.67 -48.83 35.60
CA THR K 1175 -80.81 -49.44 36.92
C THR K 1175 -81.95 -48.83 37.73
N HIS K 1176 -82.37 -49.56 38.75
CA HIS K 1176 -83.46 -49.11 39.62
C HIS K 1176 -84.61 -48.53 38.81
N GLY K 1177 -85.30 -49.39 38.06
CA GLY K 1177 -86.36 -48.93 37.18
C GLY K 1177 -87.53 -49.88 37.05
N GLY K 1178 -87.31 -51.16 37.31
CA GLY K 1178 -88.38 -52.13 37.15
C GLY K 1178 -89.56 -52.05 38.11
N TRP K 1179 -90.75 -52.39 37.60
CA TRP K 1179 -91.94 -52.51 38.42
C TRP K 1179 -92.73 -51.20 38.57
N VAL K 1180 -94.04 -51.29 38.34
CA VAL K 1180 -94.95 -50.18 38.58
C VAL K 1180 -95.70 -50.45 39.87
N THR K 1181 -94.99 -50.40 40.98
CA THR K 1181 -95.52 -50.79 42.28
C THR K 1181 -96.77 -50.06 42.76
N ASP K 1182 -96.77 -48.74 42.65
CA ASP K 1182 -97.87 -47.96 43.20
C ASP K 1182 -98.00 -46.58 42.57
N LEU K 1183 -99.18 -45.99 42.73
CA LEU K 1183 -99.41 -44.61 42.36
C LEU K 1183 -99.98 -43.84 43.54
N CYS K 1184 -99.37 -42.71 43.86
CA CYS K 1184 -99.87 -41.83 44.92
C CYS K 1184 -100.37 -40.47 44.41
N PHE K 1185 -101.66 -40.40 44.11
CA PHE K 1185 -102.26 -39.14 43.66
C PHE K 1185 -102.17 -38.04 44.72
N SER K 1186 -101.93 -36.81 44.25
CA SER K 1186 -101.94 -35.64 45.10
C SER K 1186 -103.39 -35.32 45.52
N PRO K 1187 -103.56 -34.72 46.71
CA PRO K 1187 -104.90 -34.35 47.15
C PRO K 1187 -105.60 -33.44 46.16
N ASP K 1188 -104.82 -32.58 45.50
CA ASP K 1188 -105.34 -31.73 44.45
C ASP K 1188 -105.80 -32.58 43.26
N GLY K 1189 -105.17 -33.73 43.09
CA GLY K 1189 -105.51 -34.63 42.01
C GLY K 1189 -104.81 -34.21 40.73
N LYS K 1190 -104.07 -33.12 40.81
CA LYS K 1190 -103.33 -32.60 39.66
C LYS K 1190 -101.98 -33.29 39.50
N MET K 1191 -101.60 -34.11 40.47
CA MET K 1191 -100.30 -34.77 40.43
C MET K 1191 -100.38 -36.25 40.78
N LEU K 1192 -99.62 -37.05 40.05
CA LEU K 1192 -99.46 -38.45 40.38
C LEU K 1192 -98.02 -38.72 40.83
N ILE K 1193 -97.87 -39.26 42.02
CA ILE K 1193 -96.58 -39.67 42.53
C ILE K 1193 -96.30 -41.10 42.08
N SER K 1194 -95.68 -41.23 40.92
CA SER K 1194 -95.25 -42.53 40.43
C SER K 1194 -94.05 -43.01 41.24
N ALA K 1195 -93.99 -44.30 41.50
CA ALA K 1195 -92.89 -44.87 42.26
C ALA K 1195 -92.49 -46.24 41.72
N GLY K 1196 -91.44 -46.24 40.91
CA GLY K 1196 -90.89 -47.47 40.36
C GLY K 1196 -89.42 -47.60 40.69
N GLY K 1197 -88.57 -47.17 39.77
CA GLY K 1197 -87.15 -47.12 40.03
C GLY K 1197 -86.86 -45.96 40.97
N TYR K 1198 -87.73 -44.96 40.95
CA TYR K 1198 -87.65 -43.84 41.87
C TYR K 1198 -88.91 -42.99 41.76
N ILE K 1199 -89.18 -42.19 42.78
CA ILE K 1199 -90.34 -41.30 42.75
C ILE K 1199 -90.24 -40.24 41.65
N LYS K 1200 -91.36 -40.03 40.95
CA LYS K 1200 -91.49 -38.94 39.99
C LYS K 1200 -92.92 -38.40 39.99
N TRP K 1201 -93.07 -37.10 40.27
CA TRP K 1201 -94.39 -36.50 40.37
C TRP K 1201 -94.89 -36.10 38.98
N TRP K 1202 -95.35 -37.06 38.21
CA TRP K 1202 -95.84 -36.77 36.85
C TRP K 1202 -97.15 -36.00 36.87
N ASN K 1203 -97.17 -34.85 36.20
CA ASN K 1203 -98.37 -34.04 36.11
C ASN K 1203 -99.46 -34.87 35.43
N VAL K 1204 -100.68 -34.79 35.97
CA VAL K 1204 -101.78 -35.54 35.39
C VAL K 1204 -102.06 -35.00 33.99
N VAL K 1205 -102.25 -35.93 33.04
CA VAL K 1205 -102.51 -35.60 31.64
C VAL K 1205 -101.42 -34.71 31.03
N THR K 1206 -100.57 -35.32 30.21
CA THR K 1206 -99.52 -34.63 29.44
C THR K 1206 -98.45 -33.99 30.31
N GLY K 1207 -97.21 -34.45 30.14
CA GLY K 1207 -96.07 -33.85 30.81
C GLY K 1207 -95.92 -34.27 32.26
N GLU K 1208 -95.02 -33.59 32.97
CA GLU K 1208 -94.78 -33.90 34.38
C GLU K 1208 -94.77 -32.62 35.22
N SER K 1209 -95.09 -32.78 36.50
CA SER K 1209 -94.96 -31.70 37.48
C SER K 1209 -93.62 -31.84 38.21
N SER K 1210 -93.66 -32.20 39.49
CA SER K 1210 -92.44 -32.38 40.28
C SER K 1210 -91.85 -33.79 40.11
N GLN K 1211 -91.29 -34.06 38.94
CA GLN K 1211 -90.68 -35.35 38.63
C GLN K 1211 -89.45 -35.67 39.49
N THR K 1212 -88.63 -34.64 39.72
CA THR K 1212 -87.28 -34.75 40.31
C THR K 1212 -86.94 -35.95 41.22
N PHE K 1213 -86.61 -35.65 42.47
CA PHE K 1213 -86.20 -36.71 43.38
C PHE K 1213 -85.09 -37.63 42.82
N TYR K 1214 -85.37 -38.93 42.85
CA TYR K 1214 -84.39 -39.97 42.62
C TYR K 1214 -84.04 -40.60 43.97
N THR K 1215 -84.57 -41.79 44.21
CA THR K 1215 -84.38 -42.49 45.48
C THR K 1215 -83.03 -43.16 45.62
N ASN K 1216 -82.52 -43.24 46.85
CA ASN K 1216 -81.28 -43.96 47.08
C ASN K 1216 -81.40 -45.48 46.95
N GLY K 1217 -82.41 -46.04 47.61
CA GLY K 1217 -82.70 -47.46 47.54
C GLY K 1217 -83.22 -47.97 46.22
N THR K 1218 -84.17 -47.23 45.67
CA THR K 1218 -84.91 -47.63 44.48
C THR K 1218 -85.98 -48.64 44.92
N ASN K 1219 -86.80 -49.09 43.97
CA ASN K 1219 -87.68 -50.23 44.19
C ASN K 1219 -88.63 -50.13 45.39
N LEU K 1220 -89.22 -48.97 45.62
CA LEU K 1220 -90.23 -48.84 46.65
C LEU K 1220 -91.43 -49.70 46.28
N LYS K 1221 -91.99 -50.40 47.27
CA LYS K 1221 -93.18 -51.22 47.04
C LYS K 1221 -94.41 -50.80 47.84
N LYS K 1222 -94.37 -49.66 48.52
CA LYS K 1222 -95.54 -49.28 49.32
C LYS K 1222 -95.84 -47.79 49.29
N ILE K 1223 -97.10 -47.41 49.45
CA ILE K 1223 -97.38 -46.00 49.49
C ILE K 1223 -98.14 -45.64 50.78
N HIS K 1224 -97.61 -44.66 51.49
CA HIS K 1224 -98.25 -44.11 52.67
C HIS K 1224 -98.46 -42.61 52.50
N VAL K 1225 -99.69 -42.16 52.75
CA VAL K 1225 -100.01 -40.74 52.66
C VAL K 1225 -100.73 -40.23 53.90
N SER K 1226 -100.31 -39.09 54.43
CA SER K 1226 -100.99 -38.49 55.56
C SER K 1226 -102.33 -37.90 55.13
N PRO K 1227 -103.32 -37.96 56.00
CA PRO K 1227 -104.64 -37.41 55.68
C PRO K 1227 -104.49 -36.07 55.00
N ASP K 1228 -103.61 -35.25 55.57
CA ASP K 1228 -103.24 -33.96 54.99
C ASP K 1228 -102.60 -34.20 53.62
N PHE K 1229 -101.84 -35.28 53.50
CA PHE K 1229 -101.13 -35.58 52.27
C PHE K 1229 -99.80 -34.83 52.18
N LYS K 1230 -99.47 -34.12 53.25
CA LYS K 1230 -98.23 -33.35 53.30
C LYS K 1230 -96.96 -34.22 53.24
N THR K 1231 -96.94 -35.34 53.96
CA THR K 1231 -95.76 -36.19 54.06
C THR K 1231 -95.96 -37.64 53.65
N TYR K 1232 -95.13 -38.09 52.76
CA TYR K 1232 -95.02 -39.49 52.40
C TYR K 1232 -93.54 -39.86 52.51
N VAL K 1233 -93.25 -40.93 53.22
CA VAL K 1233 -91.86 -41.40 53.35
C VAL K 1233 -91.81 -42.78 52.73
N THR K 1234 -90.82 -43.04 51.88
CA THR K 1234 -90.71 -44.36 51.25
C THR K 1234 -89.43 -45.02 51.75
N VAL K 1235 -89.52 -46.31 52.06
CA VAL K 1235 -88.32 -47.13 52.21
C VAL K 1235 -88.32 -48.13 51.05
N ASP K 1236 -87.31 -48.05 50.19
CA ASP K 1236 -87.21 -48.93 49.04
C ASP K 1236 -85.87 -49.67 48.97
N ASN K 1237 -85.94 -50.98 48.73
CA ASN K 1237 -84.75 -51.78 48.50
C ASN K 1237 -83.90 -51.89 49.76
N LEU K 1238 -84.50 -51.52 50.89
CA LEU K 1238 -83.81 -51.57 52.17
C LEU K 1238 -82.78 -50.44 52.24
N GLY K 1239 -82.88 -49.50 51.32
CA GLY K 1239 -81.95 -48.38 51.30
C GLY K 1239 -82.03 -47.70 52.64
N ILE K 1240 -83.27 -47.59 53.12
CA ILE K 1240 -83.62 -46.99 54.42
C ILE K 1240 -85.01 -46.42 54.25
N LEU K 1241 -85.54 -45.81 55.30
CA LEU K 1241 -86.82 -45.10 55.15
C LEU K 1241 -86.52 -43.60 54.91
N TYR K 1242 -87.14 -42.98 53.91
CA TYR K 1242 -86.94 -41.55 53.62
C TYR K 1242 -88.24 -40.77 53.91
N ILE K 1243 -88.19 -39.67 54.67
CA ILE K 1243 -89.40 -38.88 54.99
C ILE K 1243 -89.35 -37.53 54.25
N LEU K 1244 -90.47 -37.14 53.64
CA LEU K 1244 -90.56 -35.86 52.94
C LEU K 1244 -91.55 -34.90 53.61
N GLN K 1245 -91.12 -33.66 53.82
CA GLN K 1245 -91.96 -32.64 54.44
C GLN K 1245 -91.80 -31.30 53.74
N THR K 1246 -92.47 -31.15 52.60
CA THR K 1246 -92.40 -29.91 51.83
C THR K 1246 -92.57 -28.69 52.73
N LEU K 1247 -91.88 -27.61 52.39
CA LEU K 1247 -91.94 -26.38 53.16
C LEU K 1247 -92.81 -25.34 52.46
N GLU K 1248 -92.52 -24.06 52.71
CA GLU K 1248 -93.26 -22.96 52.10
C GLU K 1248 -92.70 -22.60 50.74
N GLY L 2 -90.08 -74.39 17.20
CA GLY L 2 -88.63 -74.56 17.47
C GLY L 2 -88.00 -75.89 17.24
N ASP L 3 -86.68 -75.86 17.11
CA ASP L 3 -85.87 -77.06 17.09
C ASP L 3 -85.62 -77.61 18.52
N VAL L 4 -86.37 -78.67 18.84
CA VAL L 4 -86.35 -79.27 20.17
C VAL L 4 -84.95 -79.76 20.56
N GLU L 5 -84.23 -80.32 19.59
CA GLU L 5 -82.90 -80.83 19.84
C GLU L 5 -81.94 -79.70 20.23
N LYS L 6 -82.00 -78.57 19.53
CA LYS L 6 -81.16 -77.42 19.89
C LYS L 6 -81.60 -76.83 21.21
N GLY L 7 -82.93 -76.78 21.39
CA GLY L 7 -83.50 -76.35 22.68
C GLY L 7 -82.94 -77.16 23.85
N LYS L 8 -82.86 -78.46 23.67
CA LYS L 8 -82.27 -79.35 24.67
C LYS L 8 -80.84 -78.94 24.97
N LYS L 9 -80.05 -78.73 23.92
CA LYS L 9 -78.66 -78.29 24.08
C LYS L 9 -78.61 -77.02 24.92
N ILE L 10 -79.46 -76.07 24.54
CA ILE L 10 -79.49 -74.79 25.28
C ILE L 10 -79.87 -75.05 26.75
N PHE L 11 -80.86 -75.89 26.98
CA PHE L 11 -81.24 -76.20 28.35
C PHE L 11 -80.09 -76.81 29.16
N VAL L 12 -79.40 -77.78 28.53
CA VAL L 12 -78.28 -78.46 29.14
C VAL L 12 -77.19 -77.44 29.45
N GLN L 13 -76.86 -76.59 28.48
CA GLN L 13 -75.85 -75.55 28.64
C GLN L 13 -76.12 -74.41 29.64
N LYS L 14 -77.36 -73.92 29.64
CA LYS L 14 -77.71 -72.70 30.29
C LYS L 14 -78.74 -72.81 31.44
N CYS L 15 -79.44 -73.93 31.58
CA CYS L 15 -80.50 -74.02 32.60
C CYS L 15 -80.33 -75.18 33.58
N ALA L 16 -79.67 -76.25 33.12
CA ALA L 16 -79.58 -77.49 33.88
C ALA L 16 -78.79 -77.35 35.16
N GLN L 17 -77.84 -76.45 35.18
CA GLN L 17 -77.09 -76.22 36.40
C GLN L 17 -77.94 -75.69 37.57
N CYS L 18 -79.12 -75.11 37.29
CA CYS L 18 -80.01 -74.69 38.37
C CYS L 18 -81.43 -75.31 38.29
N HIS L 19 -81.76 -76.08 37.27
CA HIS L 19 -83.12 -76.59 37.18
C HIS L 19 -83.29 -77.94 36.51
N THR L 20 -84.13 -78.79 37.09
CA THR L 20 -84.54 -80.04 36.42
C THR L 20 -85.89 -79.85 35.71
N VAL L 21 -86.15 -80.69 34.70
CA VAL L 21 -87.40 -80.67 33.97
C VAL L 21 -88.22 -81.95 34.15
N GLU L 22 -87.58 -83.02 34.66
CA GLU L 22 -88.26 -84.31 34.80
C GLU L 22 -89.15 -84.33 36.04
N LYS L 23 -90.21 -85.12 35.91
CA LYS L 23 -91.15 -85.35 36.96
C LYS L 23 -90.49 -85.90 38.18
N GLY L 24 -90.77 -85.29 39.32
CA GLY L 24 -90.10 -85.64 40.55
C GLY L 24 -88.61 -85.31 40.60
N GLY L 25 -88.07 -84.68 39.55
CA GLY L 25 -86.69 -84.16 39.59
C GLY L 25 -86.55 -83.21 40.77
N LYS L 26 -85.37 -83.22 41.38
CA LYS L 26 -85.14 -82.48 42.64
C LYS L 26 -85.07 -81.00 42.41
N HIS L 27 -85.41 -80.23 43.44
CA HIS L 27 -85.16 -78.79 43.35
C HIS L 27 -83.63 -78.63 43.49
N LYS L 28 -83.05 -77.85 42.61
CA LYS L 28 -81.66 -77.48 42.72
C LYS L 28 -81.70 -76.01 43.19
N THR L 29 -80.77 -75.16 42.72
CA THR L 29 -80.83 -73.74 43.05
C THR L 29 -82.20 -73.16 42.68
N GLY L 30 -82.68 -73.55 41.52
CA GLY L 30 -84.02 -73.18 41.07
C GLY L 30 -85.03 -74.31 41.16
N PRO L 31 -86.29 -73.99 41.05
CA PRO L 31 -87.39 -74.93 41.11
C PRO L 31 -87.44 -75.90 39.94
N ASN L 32 -87.97 -77.09 40.20
CA ASN L 32 -88.23 -78.07 39.14
C ASN L 32 -89.23 -77.45 38.20
N LEU L 33 -89.00 -77.61 36.90
CA LEU L 33 -89.83 -77.01 35.88
C LEU L 33 -90.86 -77.95 35.30
N HIS L 34 -90.97 -79.18 35.81
CA HIS L 34 -92.03 -80.07 35.28
C HIS L 34 -93.41 -79.45 35.55
N GLY L 35 -94.26 -79.48 34.53
CA GLY L 35 -95.60 -78.90 34.61
C GLY L 35 -95.64 -77.39 34.51
N LEU L 36 -94.55 -76.78 34.04
CA LEU L 36 -94.43 -75.33 34.01
C LEU L 36 -95.53 -74.62 33.16
N PHE L 37 -95.82 -75.18 32.01
CA PHE L 37 -96.72 -74.52 31.06
C PHE L 37 -98.14 -74.54 31.56
N GLY L 38 -98.77 -73.37 31.56
CA GLY L 38 -100.15 -73.22 32.05
C GLY L 38 -100.20 -73.07 33.56
N ARG L 39 -99.05 -72.89 34.20
CA ARG L 39 -99.03 -72.74 35.65
C ARG L 39 -98.68 -71.31 35.99
N LYS L 40 -99.25 -70.79 37.06
CA LYS L 40 -98.93 -69.44 37.54
C LYS L 40 -97.54 -69.35 38.17
N THR L 41 -96.90 -68.19 38.06
CA THR L 41 -95.61 -67.97 38.71
C THR L 41 -95.62 -68.37 40.19
N GLY L 42 -94.51 -68.94 40.64
CA GLY L 42 -94.28 -69.14 42.07
C GLY L 42 -95.06 -70.28 42.70
N GLN L 43 -95.37 -71.31 41.93
CA GLN L 43 -96.25 -72.36 42.45
C GLN L 43 -95.64 -73.73 42.64
N ALA L 44 -94.39 -73.96 42.26
CA ALA L 44 -93.82 -75.30 42.47
C ALA L 44 -93.91 -75.55 43.98
N PRO L 45 -94.70 -76.57 44.42
CA PRO L 45 -94.74 -76.79 45.85
C PRO L 45 -93.36 -77.27 46.26
N GLY L 46 -92.94 -76.90 47.45
CA GLY L 46 -91.62 -77.31 47.92
C GLY L 46 -90.45 -76.44 47.49
N PHE L 47 -90.68 -75.41 46.67
CA PHE L 47 -89.68 -74.39 46.44
C PHE L 47 -90.03 -73.06 47.11
N THR L 48 -89.02 -72.45 47.72
CA THR L 48 -89.15 -71.17 48.39
C THR L 48 -88.72 -70.10 47.44
N TYR L 49 -89.70 -69.36 46.92
CA TYR L 49 -89.46 -68.32 45.95
C TYR L 49 -89.20 -66.99 46.64
N THR L 50 -88.66 -66.02 45.92
CA THR L 50 -88.78 -64.64 46.35
C THR L 50 -90.25 -64.22 46.28
N ASP L 51 -90.60 -63.20 47.06
CA ASP L 51 -91.88 -62.56 46.96
C ASP L 51 -92.16 -62.01 45.55
N ALA L 52 -91.13 -61.49 44.90
CA ALA L 52 -91.31 -61.00 43.53
C ALA L 52 -91.81 -62.13 42.58
N ASN L 53 -91.09 -63.24 42.56
CA ASN L 53 -91.47 -64.39 41.72
C ASN L 53 -92.80 -64.96 42.20
N LYS L 54 -92.97 -65.01 43.50
CA LYS L 54 -94.19 -65.54 44.10
C LYS L 54 -95.44 -64.70 43.79
N ASN L 55 -95.26 -63.41 43.55
CA ASN L 55 -96.40 -62.53 43.31
C ASN L 55 -96.43 -61.88 41.93
N LYS L 56 -95.56 -62.30 41.01
CA LYS L 56 -95.61 -61.75 39.64
C LYS L 56 -97.00 -61.87 39.02
N GLY L 57 -97.72 -62.94 39.32
CA GLY L 57 -99.11 -63.06 38.92
C GLY L 57 -99.36 -63.31 37.43
N ILE L 58 -98.43 -63.97 36.75
CA ILE L 58 -98.64 -64.36 35.36
C ILE L 58 -98.64 -65.89 35.21
N THR L 59 -99.15 -66.32 34.05
CA THR L 59 -99.20 -67.73 33.69
C THR L 59 -98.06 -68.01 32.75
N TRP L 60 -97.27 -69.05 33.06
CA TRP L 60 -96.16 -69.42 32.19
C TRP L 60 -96.72 -70.04 30.93
N LYS L 61 -96.29 -69.52 29.77
CA LYS L 61 -96.68 -70.04 28.48
C LYS L 61 -95.67 -69.43 27.53
N GLU L 62 -95.83 -69.70 26.27
CA GLU L 62 -94.83 -69.29 25.30
C GLU L 62 -94.57 -67.80 25.28
N GLU L 63 -95.65 -67.01 25.27
CA GLU L 63 -95.56 -65.54 25.20
C GLU L 63 -94.80 -65.03 26.41
N THR L 64 -95.21 -65.47 27.60
CA THR L 64 -94.58 -65.00 28.84
C THR L 64 -93.12 -65.47 28.97
N LEU L 65 -92.88 -66.73 28.58
CA LEU L 65 -91.52 -67.25 28.56
C LEU L 65 -90.60 -66.51 27.56
N MET L 66 -91.12 -66.19 26.37
CA MET L 66 -90.36 -65.46 25.36
C MET L 66 -89.88 -64.14 25.94
N GLU L 67 -90.75 -63.44 26.65
CA GLU L 67 -90.39 -62.16 27.29
C GLU L 67 -89.46 -62.36 28.49
N TYR L 68 -89.83 -63.25 29.42
CA TYR L 68 -88.96 -63.56 30.57
C TYR L 68 -87.53 -63.90 30.21
N LEU L 69 -87.40 -64.88 29.31
CA LEU L 69 -86.09 -65.42 28.96
C LEU L 69 -85.18 -64.44 28.23
N GLU L 70 -85.75 -63.43 27.63
CA GLU L 70 -84.98 -62.34 27.04
C GLU L 70 -84.30 -61.55 28.16
N ASN L 71 -84.97 -61.38 29.30
CA ASN L 71 -84.35 -60.62 30.39
C ASN L 71 -85.11 -60.84 31.68
N PRO L 72 -84.78 -61.92 32.39
CA PRO L 72 -85.49 -62.25 33.63
C PRO L 72 -85.63 -61.10 34.63
N LYS L 73 -84.56 -60.36 34.91
CA LYS L 73 -84.61 -59.32 35.94
C LYS L 73 -85.64 -58.23 35.62
N LYS L 74 -85.69 -57.84 34.35
CA LYS L 74 -86.62 -56.87 33.85
C LYS L 74 -88.07 -57.36 33.99
N TYR L 75 -88.33 -58.64 33.68
CA TYR L 75 -89.68 -59.20 33.81
C TYR L 75 -90.08 -59.46 35.26
N ILE L 76 -89.14 -59.88 36.10
CA ILE L 76 -89.41 -60.09 37.54
C ILE L 76 -88.29 -59.46 38.35
N PRO L 77 -88.36 -58.11 38.50
CA PRO L 77 -87.36 -57.38 39.24
C PRO L 77 -87.29 -57.96 40.62
N GLY L 78 -86.06 -58.13 41.09
CA GLY L 78 -85.84 -58.73 42.38
C GLY L 78 -85.81 -60.27 42.36
N THR L 79 -86.04 -60.93 41.21
CA THR L 79 -85.83 -62.37 41.20
C THR L 79 -84.42 -62.76 41.70
N LYS L 80 -84.30 -63.88 42.40
CA LYS L 80 -82.95 -64.39 42.76
C LYS L 80 -82.36 -65.33 41.69
N MET L 81 -83.07 -65.52 40.60
CA MET L 81 -82.51 -66.26 39.47
C MET L 81 -81.43 -65.41 38.80
N ILE L 82 -80.22 -65.92 38.69
CA ILE L 82 -79.13 -65.27 37.96
C ILE L 82 -79.12 -65.80 36.52
N PHE L 83 -79.51 -64.94 35.57
CA PHE L 83 -79.46 -65.27 34.16
C PHE L 83 -79.53 -63.99 33.37
N ALA L 84 -78.55 -63.72 32.51
CA ALA L 84 -78.57 -62.45 31.74
C ALA L 84 -79.78 -62.38 30.82
N GLY L 85 -79.95 -63.45 30.06
CA GLY L 85 -81.05 -63.56 29.09
C GLY L 85 -80.54 -64.07 27.76
N ILE L 86 -81.44 -64.66 26.97
CA ILE L 86 -81.11 -65.17 25.66
C ILE L 86 -81.56 -64.09 24.67
N LYS L 87 -80.60 -63.42 24.05
CA LYS L 87 -80.91 -62.24 23.23
C LYS L 87 -81.49 -62.68 21.87
N LYS L 88 -81.02 -63.80 21.32
CA LYS L 88 -81.53 -64.27 20.00
C LYS L 88 -82.90 -64.95 20.10
N LYS L 89 -83.85 -64.49 19.31
CA LYS L 89 -85.21 -65.05 19.32
C LYS L 89 -85.23 -66.53 18.95
N THR L 90 -84.45 -66.90 17.93
CA THR L 90 -84.44 -68.30 17.44
C THR L 90 -84.11 -69.30 18.57
N GLU L 91 -83.04 -68.99 19.29
CA GLU L 91 -82.60 -69.78 20.44
C GLU L 91 -83.69 -69.84 21.54
N ARG L 92 -84.31 -68.70 21.82
CA ARG L 92 -85.45 -68.64 22.75
C ARG L 92 -86.58 -69.56 22.32
N GLU L 93 -86.93 -69.47 21.04
CA GLU L 93 -87.99 -70.36 20.49
C GLU L 93 -87.58 -71.82 20.62
N ASP L 94 -86.33 -72.13 20.30
CA ASP L 94 -85.84 -73.52 20.42
C ASP L 94 -85.93 -74.03 21.86
N LEU L 95 -85.41 -73.24 22.79
CA LEU L 95 -85.43 -73.60 24.21
C LEU L 95 -86.86 -73.78 24.68
N ILE L 96 -87.71 -72.81 24.32
CA ILE L 96 -89.12 -72.88 24.74
C ILE L 96 -89.83 -74.11 24.16
N ALA L 97 -89.54 -74.42 22.89
CA ALA L 97 -90.08 -75.63 22.30
C ALA L 97 -89.55 -76.88 23.03
N TYR L 98 -88.25 -76.90 23.35
CA TYR L 98 -87.75 -78.05 24.12
C TYR L 98 -88.50 -78.16 25.50
N LEU L 99 -88.59 -77.04 26.23
CA LEU L 99 -89.24 -77.07 27.57
C LEU L 99 -90.70 -77.50 27.48
N LYS L 100 -91.38 -77.04 26.43
CA LYS L 100 -92.76 -77.45 26.24
C LYS L 100 -92.90 -78.97 26.14
N LYS L 101 -91.96 -79.61 25.44
CA LYS L 101 -91.99 -81.05 25.35
C LYS L 101 -91.57 -81.69 26.67
N ALA L 102 -90.39 -81.31 27.16
CA ALA L 102 -89.81 -82.05 28.26
C ALA L 102 -90.60 -81.86 29.57
N THR L 103 -91.13 -80.67 29.81
CA THR L 103 -91.82 -80.42 31.08
C THR L 103 -93.20 -81.03 31.16
N ASN L 104 -93.67 -81.64 30.08
CA ASN L 104 -94.92 -82.40 30.15
C ASN L 104 -94.59 -83.89 30.24
N GLU L 105 -93.73 -84.34 29.34
CA GLU L 105 -93.32 -85.74 29.31
C GLU L 105 -93.45 -86.38 30.70
N GLY M 105 -42.66 -28.73 -25.65
CA GLY M 105 -41.74 -29.82 -25.45
C GLY M 105 -40.30 -29.37 -25.53
N ILE M 106 -39.69 -29.12 -24.37
CA ILE M 106 -38.29 -28.75 -24.30
C ILE M 106 -37.39 -29.89 -24.78
N THR M 107 -36.45 -29.59 -25.67
CA THR M 107 -35.44 -30.56 -26.03
C THR M 107 -34.46 -30.64 -24.86
N SER M 108 -33.79 -31.77 -24.72
CA SER M 108 -32.79 -31.90 -23.66
C SER M 108 -31.70 -30.87 -23.91
N TYR M 109 -31.36 -30.71 -25.19
CA TYR M 109 -30.30 -29.80 -25.59
C TYR M 109 -30.64 -28.37 -25.22
N VAL M 110 -31.88 -27.97 -25.46
CA VAL M 110 -32.28 -26.61 -25.16
C VAL M 110 -31.92 -26.25 -23.73
N ARG M 111 -32.19 -27.15 -22.80
CA ARG M 111 -31.89 -26.93 -21.39
C ARG M 111 -30.40 -26.77 -21.17
N THR M 112 -29.61 -27.51 -21.94
CA THR M 112 -28.16 -27.45 -21.82
C THR M 112 -27.64 -26.10 -22.26
N VAL M 113 -28.15 -25.56 -23.36
CA VAL M 113 -27.76 -24.21 -23.77
C VAL M 113 -28.23 -23.17 -22.76
N LEU M 114 -29.46 -23.35 -22.32
CA LEU M 114 -30.09 -22.43 -21.40
C LEU M 114 -29.37 -22.38 -20.07
N CYS M 115 -28.90 -23.53 -19.60
CA CYS M 115 -28.20 -23.56 -18.33
C CYS M 115 -26.95 -22.71 -18.43
N GLU M 116 -26.24 -22.84 -19.54
CA GLU M 116 -25.03 -22.07 -19.75
C GLU M 116 -25.36 -20.60 -19.79
N GLY M 117 -26.47 -20.27 -20.43
CA GLY M 117 -26.93 -18.90 -20.51
C GLY M 117 -27.23 -18.32 -19.15
N GLY M 118 -27.84 -19.12 -18.28
CA GLY M 118 -28.19 -18.65 -16.96
C GLY M 118 -29.57 -18.05 -16.75
N VAL M 119 -30.40 -18.04 -17.78
CA VAL M 119 -31.80 -17.65 -17.62
C VAL M 119 -32.45 -18.51 -16.55
N PRO M 120 -33.29 -17.89 -15.72
CA PRO M 120 -34.03 -18.66 -14.73
C PRO M 120 -34.97 -19.66 -15.39
N GLN M 121 -35.17 -20.81 -14.76
CA GLN M 121 -36.17 -21.76 -15.22
C GLN M 121 -37.56 -21.23 -14.86
N ARG M 122 -38.53 -21.43 -15.74
CA ARG M 122 -39.88 -20.91 -15.53
C ARG M 122 -40.48 -21.46 -14.24
N PRO M 123 -41.27 -20.64 -13.55
CA PRO M 123 -41.91 -21.08 -12.31
C PRO M 123 -42.75 -22.31 -12.58
N VAL M 124 -42.80 -23.23 -11.63
CA VAL M 124 -43.51 -24.48 -11.83
C VAL M 124 -44.99 -24.22 -12.08
N VAL M 125 -45.52 -23.15 -11.47
CA VAL M 125 -46.92 -22.81 -11.69
C VAL M 125 -47.10 -21.73 -12.75
N PHE M 126 -46.98 -22.10 -14.02
CA PHE M 126 -47.09 -21.11 -15.10
C PHE M 126 -48.16 -21.47 -16.13
N VAL M 127 -48.53 -20.50 -16.97
CA VAL M 127 -49.52 -20.76 -18.01
C VAL M 127 -49.18 -20.00 -19.27
N THR M 128 -48.73 -20.75 -20.28
CA THR M 128 -48.28 -20.17 -21.54
C THR M 128 -49.17 -19.03 -22.02
N ARG M 129 -48.59 -18.11 -22.76
CA ARG M 129 -49.38 -17.06 -23.37
C ARG M 129 -49.01 -17.20 -24.81
N LYS M 130 -49.66 -18.12 -25.50
CA LYS M 130 -49.12 -18.55 -26.77
C LYS M 130 -49.04 -17.38 -27.71
N LYS M 131 -50.08 -16.57 -27.77
CA LYS M 131 -50.08 -15.51 -28.76
C LYS M 131 -48.93 -14.55 -28.50
N LEU M 132 -48.76 -14.15 -27.25
CA LEU M 132 -47.71 -13.20 -26.94
C LEU M 132 -46.33 -13.77 -27.19
N VAL M 133 -46.12 -15.01 -26.78
CA VAL M 133 -44.80 -15.60 -26.91
C VAL M 133 -44.49 -15.69 -28.37
N ASN M 134 -45.50 -16.05 -29.14
CA ASN M 134 -45.35 -16.22 -30.56
C ASN M 134 -45.00 -14.91 -31.19
N ALA M 135 -45.62 -13.83 -30.72
CA ALA M 135 -45.34 -12.55 -31.34
C ALA M 135 -43.91 -12.16 -31.08
N ILE M 136 -43.47 -12.28 -29.83
CA ILE M 136 -42.12 -11.81 -29.53
C ILE M 136 -41.17 -12.64 -30.37
N GLN M 137 -41.38 -13.95 -30.38
CA GLN M 137 -40.48 -14.88 -31.05
C GLN M 137 -40.39 -14.63 -32.54
N GLN M 138 -41.52 -14.31 -33.17
CA GLN M 138 -41.54 -14.09 -34.60
C GLN M 138 -40.83 -12.78 -34.87
N LYS M 139 -41.16 -11.79 -34.05
CA LYS M 139 -40.49 -10.51 -34.13
C LYS M 139 -39.04 -10.71 -33.76
N LEU M 140 -38.81 -11.53 -32.74
CA LEU M 140 -37.45 -11.67 -32.25
C LEU M 140 -36.64 -12.26 -33.38
N SER M 141 -37.30 -13.04 -34.20
CA SER M 141 -36.70 -13.68 -35.36
C SER M 141 -36.25 -12.65 -36.37
N LYS M 142 -36.89 -11.48 -36.34
CA LYS M 142 -36.83 -10.50 -37.40
C LYS M 142 -35.44 -9.94 -37.65
N LEU M 143 -34.70 -9.67 -36.59
CA LEU M 143 -33.36 -9.16 -36.76
C LEU M 143 -32.48 -10.38 -36.98
N LYS M 144 -32.64 -11.00 -38.13
CA LYS M 144 -31.91 -12.23 -38.45
C LYS M 144 -30.41 -12.01 -38.30
N GLY M 145 -29.96 -10.81 -38.63
CA GLY M 145 -28.55 -10.47 -38.53
C GLY M 145 -28.41 -8.97 -38.34
N GLU M 146 -27.18 -8.52 -38.10
CA GLU M 146 -26.94 -7.11 -37.87
C GLU M 146 -27.60 -6.68 -36.57
N PRO M 147 -26.91 -5.80 -35.84
CA PRO M 147 -27.40 -5.32 -34.54
C PRO M 147 -28.92 -5.21 -34.49
N GLY M 148 -29.44 -4.79 -33.33
CA GLY M 148 -30.87 -4.65 -33.15
C GLY M 148 -31.30 -4.80 -31.70
N TRP M 149 -32.27 -3.97 -31.29
CA TRP M 149 -32.76 -4.01 -29.93
C TRP M 149 -34.27 -4.23 -29.89
N VAL M 150 -34.73 -4.99 -28.90
CA VAL M 150 -36.16 -5.27 -28.73
C VAL M 150 -36.49 -4.79 -27.34
N THR M 151 -37.59 -4.06 -27.13
CA THR M 151 -37.98 -3.55 -25.80
C THR M 151 -39.30 -4.24 -25.49
N ILE M 152 -39.53 -4.71 -24.27
CA ILE M 152 -40.83 -5.28 -23.92
C ILE M 152 -41.33 -4.52 -22.70
N HIS M 153 -42.56 -3.99 -22.64
CA HIS M 153 -42.97 -3.27 -21.41
C HIS M 153 -44.40 -3.33 -20.90
N GLY M 154 -44.57 -3.12 -19.60
CA GLY M 154 -45.87 -3.24 -18.98
C GLY M 154 -45.87 -2.60 -17.61
N MET M 155 -47.05 -2.39 -17.06
CA MET M 155 -47.14 -1.89 -15.71
C MET M 155 -46.63 -3.03 -14.86
N ALA M 156 -46.22 -2.74 -13.64
CA ALA M 156 -45.47 -3.70 -12.87
C ALA M 156 -46.20 -5.02 -12.69
N GLY M 157 -45.47 -6.09 -12.92
CA GLY M 157 -45.94 -7.45 -12.78
C GLY M 157 -46.92 -7.84 -13.85
N CYS M 158 -46.46 -7.77 -15.11
CA CYS M 158 -47.31 -8.11 -16.25
C CYS M 158 -46.87 -9.39 -16.95
N GLY M 159 -45.96 -10.12 -16.33
CA GLY M 159 -45.37 -11.29 -16.94
C GLY M 159 -44.24 -10.95 -17.88
N LYS M 160 -43.66 -9.77 -17.69
CA LYS M 160 -42.64 -9.29 -18.60
C LYS M 160 -41.39 -10.15 -18.65
N SER M 161 -40.83 -10.56 -17.52
CA SER M 161 -39.66 -11.45 -17.56
C SER M 161 -39.96 -12.85 -18.03
N VAL M 162 -41.06 -13.39 -17.53
CA VAL M 162 -41.35 -14.78 -17.77
C VAL M 162 -41.50 -14.97 -19.26
N LEU M 163 -42.11 -14.00 -19.92
CA LEU M 163 -42.24 -14.10 -21.36
C LEU M 163 -40.86 -14.13 -21.98
N ALA M 164 -39.96 -13.30 -21.49
CA ALA M 164 -38.64 -13.26 -22.08
C ALA M 164 -37.99 -14.61 -21.90
N ALA M 165 -38.13 -15.18 -20.72
CA ALA M 165 -37.58 -16.51 -20.46
C ALA M 165 -38.29 -17.53 -21.32
N GLU M 166 -39.60 -17.42 -21.40
CA GLU M 166 -40.44 -18.34 -22.16
C GLU M 166 -40.20 -18.31 -23.67
N ALA M 167 -40.04 -17.11 -24.24
CA ALA M 167 -39.83 -16.97 -25.67
C ALA M 167 -38.63 -17.75 -26.12
N VAL M 168 -37.54 -17.67 -25.35
CA VAL M 168 -36.31 -18.32 -25.73
C VAL M 168 -36.38 -19.80 -25.33
N ARG M 169 -37.39 -20.13 -24.54
CA ARG M 169 -37.52 -21.48 -23.98
C ARG M 169 -37.63 -22.54 -25.06
N ASP M 170 -38.27 -22.16 -26.16
CA ASP M 170 -38.47 -22.98 -27.36
C ASP M 170 -37.20 -23.25 -28.18
N HIS M 171 -37.12 -24.46 -28.72
CA HIS M 171 -36.06 -24.87 -29.65
C HIS M 171 -36.01 -24.25 -31.05
N SER M 172 -37.16 -24.09 -31.71
CA SER M 172 -37.16 -23.74 -33.13
C SER M 172 -36.52 -22.40 -33.44
N LEU M 173 -37.03 -21.36 -32.80
CA LEU M 173 -36.52 -20.03 -33.04
C LEU M 173 -35.07 -19.95 -32.59
N LEU M 174 -34.79 -20.48 -31.41
CA LEU M 174 -33.45 -20.41 -30.89
C LEU M 174 -32.41 -21.22 -31.66
N GLU M 175 -32.73 -22.47 -31.96
CA GLU M 175 -31.70 -23.35 -32.53
C GLU M 175 -31.26 -23.01 -33.94
N GLY M 176 -32.23 -22.84 -34.84
CA GLY M 176 -31.88 -22.51 -36.21
C GLY M 176 -31.31 -21.10 -36.32
N CYS M 177 -32.00 -20.19 -35.65
CA CYS M 177 -31.65 -18.78 -35.65
C CYS M 177 -30.36 -18.42 -34.94
N PHE M 178 -30.13 -19.06 -33.79
CA PHE M 178 -29.15 -18.52 -32.85
C PHE M 178 -28.01 -19.49 -32.51
N PRO M 179 -27.10 -19.69 -33.46
CA PRO M 179 -25.93 -20.54 -33.21
C PRO M 179 -25.19 -20.08 -31.96
N GLY M 180 -25.18 -18.78 -31.71
CA GLY M 180 -24.59 -18.27 -30.49
C GLY M 180 -25.48 -18.59 -29.30
N GLY M 181 -24.89 -18.70 -28.13
CA GLY M 181 -25.64 -19.12 -26.96
C GLY M 181 -26.40 -17.89 -26.55
N VAL M 182 -27.28 -17.98 -25.56
CA VAL M 182 -28.02 -16.84 -25.01
C VAL M 182 -27.42 -16.44 -23.68
N HIS M 183 -27.21 -15.15 -23.44
CA HIS M 183 -26.67 -14.73 -22.14
C HIS M 183 -27.69 -13.81 -21.52
N TRP M 184 -27.97 -13.96 -20.24
CA TRP M 184 -29.01 -13.19 -19.57
C TRP M 184 -28.26 -12.30 -18.61
N VAL M 185 -28.59 -11.02 -18.51
CA VAL M 185 -27.98 -10.21 -17.48
C VAL M 185 -29.05 -9.56 -16.65
N SER M 186 -28.95 -9.64 -15.33
CA SER M 186 -29.92 -8.98 -14.48
C SER M 186 -29.50 -7.57 -14.07
N VAL M 187 -29.80 -6.57 -14.89
CA VAL M 187 -29.32 -5.22 -14.62
C VAL M 187 -29.82 -4.53 -13.36
N GLY M 188 -31.11 -4.68 -13.05
CA GLY M 188 -31.66 -4.00 -11.89
C GLY M 188 -31.59 -2.49 -12.03
N LYS M 189 -31.44 -1.79 -10.90
CA LYS M 189 -31.34 -0.33 -10.89
C LYS M 189 -29.95 0.02 -10.36
N GLN M 190 -29.22 0.93 -11.01
CA GLN M 190 -27.82 1.07 -10.60
C GLN M 190 -27.25 2.49 -10.61
N ASP M 191 -26.49 2.81 -9.58
CA ASP M 191 -25.61 3.96 -9.50
C ASP M 191 -24.44 3.60 -10.40
N LYS M 192 -23.64 4.58 -10.77
CA LYS M 192 -22.61 4.38 -11.79
C LYS M 192 -21.64 3.30 -11.36
N SER M 193 -21.30 3.29 -10.07
CA SER M 193 -20.34 2.32 -9.55
C SER M 193 -20.89 0.91 -9.63
N GLY M 194 -22.15 0.75 -9.27
CA GLY M 194 -22.77 -0.56 -9.26
C GLY M 194 -22.80 -1.15 -10.64
N LEU M 195 -23.08 -0.31 -11.62
CA LEU M 195 -23.20 -0.76 -12.99
C LEU M 195 -21.87 -1.33 -13.41
N LEU M 196 -20.80 -0.74 -12.92
CA LEU M 196 -19.50 -1.12 -13.38
C LEU M 196 -19.25 -2.59 -13.11
N MET M 197 -19.64 -3.06 -11.93
CA MET M 197 -19.35 -4.43 -11.54
C MET M 197 -20.04 -5.44 -12.45
N LYS M 198 -21.27 -5.14 -12.84
CA LYS M 198 -22.05 -6.08 -13.63
C LYS M 198 -21.26 -6.33 -14.90
N LEU M 199 -20.65 -5.29 -15.42
CA LEU M 199 -19.91 -5.41 -16.65
C LEU M 199 -18.73 -6.36 -16.50
N GLN M 200 -17.98 -6.20 -15.44
CA GLN M 200 -16.85 -7.06 -15.22
C GLN M 200 -17.36 -8.48 -15.07
N ASN M 201 -18.46 -8.65 -14.36
CA ASN M 201 -19.00 -9.97 -14.14
C ASN M 201 -19.42 -10.63 -15.44
N LEU M 202 -19.99 -9.83 -16.35
CA LEU M 202 -20.33 -10.35 -17.67
C LEU M 202 -19.07 -10.69 -18.44
N CYS M 203 -18.00 -9.94 -18.18
CA CYS M 203 -16.71 -10.20 -18.78
C CYS M 203 -16.21 -11.57 -18.37
N THR M 204 -16.22 -11.81 -17.07
CA THR M 204 -15.77 -13.09 -16.53
C THR M 204 -16.67 -14.21 -17.02
N ARG M 205 -17.96 -13.96 -17.10
CA ARG M 205 -18.86 -15.02 -17.54
C ARG M 205 -18.62 -15.43 -18.98
N LEU M 206 -18.52 -14.45 -19.86
CA LEU M 206 -18.36 -14.70 -21.29
C LEU M 206 -17.05 -15.36 -21.67
N ASP M 207 -15.97 -14.91 -21.04
CA ASP M 207 -14.65 -15.47 -21.27
C ASP M 207 -14.38 -16.67 -20.37
N GLN M 208 -14.99 -17.80 -20.70
CA GLN M 208 -14.77 -19.02 -19.92
C GLN M 208 -13.35 -19.56 -20.09
N ASP M 209 -12.80 -19.39 -21.29
CA ASP M 209 -11.46 -19.87 -21.61
C ASP M 209 -10.40 -19.15 -20.80
N GLU M 210 -10.60 -17.85 -20.60
CA GLU M 210 -9.65 -17.03 -19.86
C GLU M 210 -8.47 -16.57 -20.73
N SER M 211 -8.54 -16.84 -22.03
CA SER M 211 -7.47 -16.47 -22.94
C SER M 211 -7.24 -14.97 -22.85
N PHE M 212 -8.33 -14.22 -22.73
CA PHE M 212 -8.24 -12.76 -22.59
C PHE M 212 -7.68 -12.45 -21.21
N SER M 213 -7.11 -11.26 -21.08
CA SER M 213 -6.40 -10.85 -19.87
C SER M 213 -7.22 -11.11 -18.61
N GLN M 214 -6.58 -11.74 -17.62
CA GLN M 214 -7.23 -11.98 -16.34
C GLN M 214 -7.58 -10.66 -15.68
N ARG M 215 -6.76 -9.64 -15.93
CA ARG M 215 -7.02 -8.31 -15.39
C ARG M 215 -8.35 -7.82 -15.94
N LEU M 216 -9.10 -7.10 -15.11
CA LEU M 216 -10.39 -6.61 -15.51
C LEU M 216 -10.31 -5.11 -15.71
N PRO M 217 -11.07 -4.58 -16.67
CA PRO M 217 -11.06 -3.14 -16.94
C PRO M 217 -11.58 -2.33 -15.75
N LEU M 218 -11.00 -1.17 -15.52
CA LEU M 218 -11.49 -0.26 -14.50
C LEU M 218 -12.38 0.79 -15.14
N ASN M 219 -12.46 0.74 -16.47
CA ASN M 219 -13.23 1.70 -17.27
C ASN M 219 -14.36 1.04 -18.06
N ILE M 220 -15.54 1.66 -18.02
CA ILE M 220 -16.74 1.10 -18.60
C ILE M 220 -16.56 0.78 -20.07
N GLU M 221 -15.98 1.74 -20.79
CA GLU M 221 -15.80 1.61 -22.23
C GLU M 221 -14.93 0.40 -22.57
N GLU M 222 -13.89 0.19 -21.78
CA GLU M 222 -12.99 -0.93 -22.01
C GLU M 222 -13.77 -2.23 -21.91
N ALA M 223 -14.70 -2.27 -20.97
CA ALA M 223 -15.58 -3.41 -20.82
C ALA M 223 -16.47 -3.53 -22.03
N LYS M 224 -16.86 -2.39 -22.58
CA LYS M 224 -17.68 -2.35 -23.77
C LYS M 224 -16.91 -2.98 -24.92
N ASP M 225 -15.60 -2.73 -24.94
CA ASP M 225 -14.73 -3.29 -25.97
C ASP M 225 -14.63 -4.80 -25.80
N ARG M 226 -14.42 -5.25 -24.57
CA ARG M 226 -14.34 -6.67 -24.28
C ARG M 226 -15.64 -7.39 -24.65
N LEU M 227 -16.77 -6.69 -24.52
CA LEU M 227 -18.04 -7.29 -24.84
C LEU M 227 -18.23 -7.40 -26.34
N ARG M 228 -17.94 -6.30 -27.03
CA ARG M 228 -18.13 -6.21 -28.46
C ARG M 228 -17.25 -7.23 -29.14
N ILE M 229 -15.99 -7.27 -28.72
CA ILE M 229 -14.99 -8.15 -29.29
C ILE M 229 -15.34 -9.61 -29.02
N LEU M 230 -15.75 -9.88 -27.79
CA LEU M 230 -16.19 -11.22 -27.39
C LEU M 230 -17.44 -11.67 -28.13
N MET M 231 -18.39 -10.75 -28.29
CA MET M 231 -19.60 -11.02 -29.05
C MET M 231 -19.24 -11.23 -30.52
N LEU M 232 -18.30 -10.42 -31.01
CA LEU M 232 -17.90 -10.47 -32.40
C LEU M 232 -17.19 -11.76 -32.81
N ARG M 233 -16.28 -12.23 -31.96
CA ARG M 233 -15.48 -13.40 -32.29
C ARG M 233 -15.84 -14.63 -31.45
N LYS M 234 -15.81 -14.46 -30.13
CA LYS M 234 -16.03 -15.57 -29.21
C LYS M 234 -17.43 -16.14 -29.32
N HIS M 235 -18.43 -15.28 -29.44
CA HIS M 235 -19.79 -15.80 -29.54
C HIS M 235 -20.56 -15.17 -30.69
N PRO M 236 -20.32 -15.60 -31.91
CA PRO M 236 -20.76 -14.82 -33.06
C PRO M 236 -22.26 -14.54 -33.15
N ARG M 237 -23.10 -15.54 -32.85
CA ARG M 237 -24.54 -15.39 -32.98
C ARG M 237 -25.24 -15.38 -31.63
N SER M 238 -24.65 -14.68 -30.67
CA SER M 238 -25.25 -14.57 -29.34
C SER M 238 -26.32 -13.49 -29.21
N LEU M 239 -27.31 -13.77 -28.38
CA LEU M 239 -28.35 -12.81 -28.01
C LEU M 239 -28.20 -12.56 -26.50
N LEU M 240 -28.30 -11.30 -26.09
CA LEU M 240 -28.20 -10.87 -24.70
C LEU M 240 -29.59 -10.41 -24.28
N ILE M 241 -30.07 -10.79 -23.10
CA ILE M 241 -31.39 -10.34 -22.60
C ILE M 241 -31.14 -9.50 -21.36
N LEU M 242 -31.86 -8.42 -21.15
CA LEU M 242 -31.66 -7.68 -19.93
C LEU M 242 -32.90 -7.68 -19.08
N ASP M 243 -32.74 -7.46 -17.79
CA ASP M 243 -33.86 -7.45 -16.86
C ASP M 243 -34.00 -6.06 -16.25
N ASP M 244 -35.21 -5.52 -16.28
CA ASP M 244 -35.40 -4.14 -15.86
C ASP M 244 -34.60 -3.18 -16.74
N VAL M 245 -33.81 -2.35 -16.09
CA VAL M 245 -33.12 -1.22 -16.72
C VAL M 245 -33.93 0.02 -16.44
N TRP M 246 -33.32 0.99 -15.78
CA TRP M 246 -34.04 2.21 -15.44
C TRP M 246 -33.47 3.52 -15.93
N ASP M 247 -32.34 3.48 -16.63
CA ASP M 247 -31.84 4.74 -17.16
C ASP M 247 -31.00 4.53 -18.41
N SER M 248 -30.97 5.53 -19.28
CA SER M 248 -30.34 5.35 -20.59
C SER M 248 -28.84 5.07 -20.56
N TRP M 249 -28.07 5.80 -19.77
CA TRP M 249 -26.62 5.56 -19.84
C TRP M 249 -26.32 4.08 -19.73
N VAL M 250 -27.19 3.36 -19.04
CA VAL M 250 -27.01 1.94 -18.83
C VAL M 250 -26.93 1.20 -20.15
N LEU M 251 -27.94 1.38 -20.99
CA LEU M 251 -27.91 0.81 -22.33
C LEU M 251 -26.84 1.45 -23.18
N LYS M 252 -26.44 2.66 -22.82
CA LYS M 252 -25.35 3.28 -23.53
C LYS M 252 -24.16 2.37 -23.32
N ALA M 253 -24.00 1.89 -22.09
CA ALA M 253 -22.90 1.02 -21.72
C ALA M 253 -22.92 -0.30 -22.47
N PHE M 254 -24.11 -0.86 -22.63
CA PHE M 254 -24.26 -2.19 -23.21
C PHE M 254 -24.37 -2.10 -24.73
N ASP M 255 -24.23 -0.90 -25.26
CA ASP M 255 -24.54 -0.67 -26.66
C ASP M 255 -23.36 -1.14 -27.48
N SER M 256 -23.29 -2.46 -27.62
CA SER M 256 -22.15 -3.13 -28.21
C SER M 256 -22.24 -3.30 -29.72
N GLN M 257 -23.37 -2.88 -30.29
CA GLN M 257 -23.59 -3.05 -31.72
C GLN M 257 -23.97 -4.48 -32.02
N CYS M 258 -24.19 -5.25 -30.95
CA CYS M 258 -24.57 -6.65 -31.06
C CYS M 258 -25.92 -6.78 -30.39
N GLN M 259 -26.79 -7.61 -30.91
CA GLN M 259 -28.17 -7.58 -30.47
C GLN M 259 -28.23 -7.83 -28.98
N ILE M 260 -29.00 -6.98 -28.31
CA ILE M 260 -29.25 -7.07 -26.91
C ILE M 260 -30.71 -6.72 -26.88
N LEU M 261 -31.53 -7.44 -26.12
CA LEU M 261 -32.92 -7.08 -25.94
C LEU M 261 -33.17 -6.76 -24.49
N LEU M 262 -33.79 -5.62 -24.20
CA LEU M 262 -33.98 -5.16 -22.83
C LEU M 262 -35.44 -5.27 -22.51
N THR M 263 -35.80 -5.80 -21.35
CA THR M 263 -37.21 -5.91 -21.00
C THR M 263 -37.49 -5.08 -19.75
N THR M 264 -38.55 -4.28 -19.73
CA THR M 264 -38.65 -3.26 -18.70
C THR M 264 -39.98 -2.71 -18.29
N ARG M 265 -39.90 -1.59 -17.58
CA ARG M 265 -41.09 -0.73 -17.39
C ARG M 265 -41.21 0.59 -18.20
N ASP M 266 -40.11 1.34 -18.27
CA ASP M 266 -40.06 2.53 -19.10
C ASP M 266 -39.74 2.11 -20.52
N LYS M 267 -40.37 2.76 -21.48
CA LYS M 267 -40.10 2.52 -22.88
C LYS M 267 -39.26 3.64 -23.46
N SER M 268 -39.07 4.67 -22.64
CA SER M 268 -38.18 5.78 -22.93
C SER M 268 -36.73 5.34 -22.93
N VAL M 269 -36.44 4.24 -22.25
CA VAL M 269 -35.05 3.91 -21.97
C VAL M 269 -34.25 3.73 -23.24
N THR M 270 -34.79 3.01 -24.21
CA THR M 270 -34.03 2.79 -25.43
C THR M 270 -34.25 3.93 -26.41
N ASP M 271 -33.84 5.13 -26.02
CA ASP M 271 -33.86 6.24 -26.96
C ASP M 271 -32.46 6.71 -27.30
N SER M 272 -31.53 6.53 -26.39
CA SER M 272 -30.14 6.84 -26.64
C SER M 272 -29.59 5.95 -27.73
N VAL M 273 -30.01 4.69 -27.72
CA VAL M 273 -29.47 3.68 -28.61
C VAL M 273 -29.81 3.90 -30.07
N MET M 274 -28.99 3.31 -30.92
CA MET M 274 -29.01 3.40 -32.37
C MET M 274 -29.15 2.03 -33.01
N GLY M 275 -29.86 1.97 -34.12
CA GLY M 275 -30.15 0.72 -34.77
C GLY M 275 -31.64 0.44 -34.69
N PRO M 276 -32.13 -0.54 -35.46
CA PRO M 276 -33.57 -0.82 -35.48
C PRO M 276 -34.13 -1.19 -34.11
N LYS M 277 -35.23 -0.55 -33.70
CA LYS M 277 -35.85 -0.90 -32.43
C LYS M 277 -37.32 -1.30 -32.60
N TYR M 278 -37.73 -2.40 -31.97
CA TYR M 278 -39.13 -2.82 -32.02
C TYR M 278 -39.60 -3.00 -30.60
N VAL M 279 -40.87 -2.71 -30.33
CA VAL M 279 -41.40 -2.93 -29.01
C VAL M 279 -42.64 -3.80 -29.03
N VAL M 280 -42.69 -4.78 -28.16
CA VAL M 280 -43.89 -5.60 -27.98
C VAL M 280 -44.43 -5.15 -26.65
N PRO M 281 -45.71 -4.84 -26.55
CA PRO M 281 -46.15 -4.15 -25.35
C PRO M 281 -47.10 -5.08 -24.65
N VAL M 282 -46.79 -5.42 -23.41
CA VAL M 282 -47.61 -6.37 -22.69
C VAL M 282 -48.54 -5.63 -21.77
N GLU M 283 -49.82 -5.59 -22.14
CA GLU M 283 -50.86 -5.07 -21.26
C GLU M 283 -51.07 -6.09 -20.14
N SER M 284 -51.36 -5.61 -18.94
CA SER M 284 -51.57 -6.53 -17.83
C SER M 284 -53.04 -6.86 -17.84
N SER M 285 -53.37 -8.06 -18.32
CA SER M 285 -54.75 -8.48 -18.40
C SER M 285 -54.93 -9.93 -17.96
N LEU M 286 -54.43 -10.83 -18.78
CA LEU M 286 -54.58 -12.26 -18.56
C LEU M 286 -55.95 -12.68 -19.03
N GLY M 287 -56.27 -13.95 -18.87
CA GLY M 287 -57.56 -14.48 -19.29
C GLY M 287 -58.28 -15.17 -18.16
N LYS M 288 -59.59 -14.97 -18.08
CA LYS M 288 -60.36 -15.55 -17.00
C LYS M 288 -60.25 -17.06 -17.08
N GLU M 289 -60.24 -17.59 -18.29
CA GLU M 289 -60.08 -19.03 -18.47
C GLU M 289 -58.73 -19.48 -17.93
N LYS M 290 -57.69 -18.72 -18.27
CA LYS M 290 -56.31 -18.99 -17.86
C LYS M 290 -56.05 -18.90 -16.36
N GLY M 291 -56.61 -17.88 -15.71
CA GLY M 291 -56.38 -17.68 -14.30
C GLY M 291 -56.99 -18.82 -13.50
N LEU M 292 -58.15 -19.27 -13.97
CA LEU M 292 -58.77 -20.43 -13.37
C LEU M 292 -57.84 -21.63 -13.55
N GLU M 293 -57.16 -21.64 -14.68
CA GLU M 293 -56.17 -22.66 -14.97
C GLU M 293 -55.02 -22.56 -13.97
N ILE M 294 -54.58 -21.33 -13.76
CA ILE M 294 -53.53 -21.01 -12.80
C ILE M 294 -53.95 -21.28 -11.36
N LEU M 295 -55.18 -20.92 -11.02
CA LEU M 295 -55.66 -21.11 -9.66
C LEU M 295 -55.73 -22.59 -9.37
N SER M 296 -56.14 -23.37 -10.36
CA SER M 296 -56.25 -24.80 -10.16
C SER M 296 -54.89 -25.37 -9.84
N LEU M 297 -53.88 -24.94 -10.57
CA LEU M 297 -52.55 -25.46 -10.35
C LEU M 297 -52.07 -25.09 -8.95
N PHE M 298 -52.40 -23.87 -8.53
CA PHE M 298 -51.99 -23.38 -7.22
C PHE M 298 -52.57 -24.23 -6.10
N VAL M 299 -53.84 -24.62 -6.25
CA VAL M 299 -54.50 -25.44 -5.25
C VAL M 299 -54.72 -26.91 -5.65
N ASN M 300 -54.23 -27.28 -6.83
CA ASN M 300 -54.26 -28.66 -7.29
C ASN M 300 -55.62 -29.40 -7.44
N MET M 301 -56.65 -28.73 -7.96
CA MET M 301 -57.93 -29.42 -8.17
C MET M 301 -58.58 -29.23 -9.54
N LYS M 302 -59.31 -30.24 -10.01
CA LYS M 302 -60.02 -30.15 -11.28
C LYS M 302 -60.69 -28.79 -11.23
N LYS M 303 -60.74 -28.10 -12.35
CA LYS M 303 -61.15 -26.71 -12.33
C LYS M 303 -62.58 -26.57 -11.81
N ALA M 304 -63.46 -27.48 -12.21
CA ALA M 304 -64.83 -27.43 -11.74
C ALA M 304 -64.89 -27.62 -10.23
N ASP M 305 -64.11 -28.57 -9.72
CA ASP M 305 -64.08 -28.82 -8.28
C ASP M 305 -63.81 -27.56 -7.48
N LEU M 306 -63.39 -26.50 -8.17
CA LEU M 306 -63.06 -25.26 -7.49
C LEU M 306 -64.29 -24.55 -6.95
N PRO M 307 -64.15 -23.97 -5.77
CA PRO M 307 -65.27 -23.41 -5.02
C PRO M 307 -65.86 -22.19 -5.69
N GLU M 308 -67.10 -21.89 -5.34
CA GLU M 308 -67.83 -20.80 -5.94
C GLU M 308 -67.11 -19.49 -5.66
N GLN M 309 -66.40 -19.43 -4.55
CA GLN M 309 -65.74 -18.19 -4.17
C GLN M 309 -64.72 -17.80 -5.23
N ALA M 310 -64.06 -18.80 -5.79
CA ALA M 310 -62.88 -18.57 -6.63
C ALA M 310 -63.14 -17.64 -7.80
N HIS M 311 -64.30 -17.74 -8.42
CA HIS M 311 -64.57 -17.00 -9.65
C HIS M 311 -64.46 -15.50 -9.43
N SER M 312 -64.89 -15.05 -8.27
CA SER M 312 -65.07 -13.63 -7.99
C SER M 312 -63.76 -12.92 -7.71
N ILE M 313 -62.87 -13.62 -7.01
CA ILE M 313 -61.60 -13.02 -6.64
C ILE M 313 -60.77 -12.71 -7.88
N ILE M 314 -60.94 -13.53 -8.92
CA ILE M 314 -60.18 -13.31 -10.13
C ILE M 314 -60.58 -11.99 -10.76
N LYS M 315 -61.82 -11.59 -10.53
CA LYS M 315 -62.31 -10.34 -11.09
C LYS M 315 -61.52 -9.18 -10.50
N GLU M 316 -61.23 -9.32 -9.21
CA GLU M 316 -60.41 -8.36 -8.48
C GLU M 316 -59.00 -8.38 -9.06
N CYS M 317 -58.52 -9.57 -9.37
CA CYS M 317 -57.13 -9.71 -9.82
C CYS M 317 -56.87 -8.82 -11.03
N LYS M 318 -57.81 -8.77 -11.96
CA LYS M 318 -57.66 -7.93 -13.12
C LYS M 318 -56.48 -8.40 -13.95
N GLY M 319 -56.14 -9.67 -13.84
CA GLY M 319 -55.10 -10.26 -14.66
C GLY M 319 -53.66 -9.92 -14.31
N SER M 320 -53.41 -9.33 -13.16
CA SER M 320 -52.03 -9.08 -12.87
C SER M 320 -51.63 -10.42 -12.31
N PRO M 321 -50.97 -11.22 -13.15
CA PRO M 321 -50.57 -12.57 -12.76
C PRO M 321 -49.82 -12.56 -11.44
N LEU M 322 -49.24 -11.41 -11.11
CA LEU M 322 -48.53 -11.27 -9.88
C LEU M 322 -49.54 -11.38 -8.75
N VAL M 323 -50.72 -10.78 -8.91
CA VAL M 323 -51.78 -10.92 -7.91
C VAL M 323 -52.30 -12.35 -7.75
N VAL M 324 -52.46 -13.05 -8.87
CA VAL M 324 -52.93 -14.42 -8.91
C VAL M 324 -51.94 -15.37 -8.26
N SER M 325 -50.67 -15.27 -8.65
CA SER M 325 -49.68 -16.07 -7.98
C SER M 325 -49.66 -15.64 -6.53
N LEU M 326 -49.76 -14.34 -6.29
CA LEU M 326 -49.71 -13.86 -4.92
C LEU M 326 -50.85 -14.36 -4.07
N ILE M 327 -52.08 -14.32 -4.58
CA ILE M 327 -53.19 -14.97 -3.91
C ILE M 327 -52.98 -16.47 -3.91
N GLY M 328 -52.54 -17.03 -5.04
CA GLY M 328 -52.52 -18.47 -5.17
C GLY M 328 -51.60 -19.14 -4.17
N ALA M 329 -50.39 -18.64 -4.06
CA ALA M 329 -49.44 -19.18 -3.10
C ALA M 329 -49.99 -18.96 -1.71
N LEU M 330 -50.63 -17.81 -1.53
CA LEU M 330 -51.09 -17.42 -0.22
C LEU M 330 -52.08 -18.47 0.23
N LEU M 331 -52.88 -18.96 -0.71
CA LEU M 331 -53.81 -20.02 -0.42
C LEU M 331 -53.16 -21.37 -0.18
N ARG M 332 -51.93 -21.58 -0.61
CA ARG M 332 -51.43 -22.94 -0.48
C ARG M 332 -51.39 -23.31 0.98
N ASP M 333 -50.95 -22.37 1.80
CA ASP M 333 -50.90 -22.54 3.24
C ASP M 333 -52.24 -22.70 3.94
N PHE M 334 -53.24 -21.92 3.54
CA PHE M 334 -54.50 -21.90 4.26
C PHE M 334 -55.70 -22.11 3.36
N PRO M 335 -55.92 -23.35 2.93
CA PRO M 335 -57.03 -23.67 2.02
C PRO M 335 -58.40 -23.30 2.62
N ASN M 336 -58.49 -23.31 3.94
CA ASN M 336 -59.74 -23.02 4.62
C ASN M 336 -60.17 -21.55 4.55
N ARG M 337 -59.22 -20.63 4.64
CA ARG M 337 -59.57 -19.21 4.67
C ARG M 337 -59.78 -18.68 3.25
N TRP M 338 -60.61 -19.37 2.48
CA TRP M 338 -60.88 -18.96 1.10
C TRP M 338 -61.64 -17.65 0.89
N GLU M 339 -62.75 -17.45 1.58
CA GLU M 339 -63.55 -16.23 1.40
C GLU M 339 -62.80 -14.96 1.83
N TYR M 340 -62.09 -15.10 2.94
CA TYR M 340 -61.37 -14.05 3.64
C TYR M 340 -60.64 -13.14 2.68
N TYR M 341 -59.83 -13.73 1.81
CA TYR M 341 -59.07 -12.94 0.86
C TYR M 341 -59.99 -12.34 -0.19
N LEU M 342 -61.11 -13.00 -0.43
CA LEU M 342 -62.07 -12.47 -1.37
C LEU M 342 -62.58 -11.13 -0.88
N LYS M 343 -63.02 -11.11 0.38
CA LYS M 343 -63.48 -9.87 1.00
C LYS M 343 -62.33 -8.91 1.17
N GLN M 344 -61.12 -9.45 1.28
CA GLN M 344 -59.94 -8.65 1.48
C GLN M 344 -59.67 -7.79 0.25
N LEU M 345 -59.73 -8.43 -0.93
CA LEU M 345 -59.60 -7.69 -2.17
C LEU M 345 -60.83 -6.85 -2.42
N GLN M 346 -61.96 -7.25 -1.85
CA GLN M 346 -63.15 -6.39 -1.88
C GLN M 346 -62.89 -5.12 -1.08
N ASN M 347 -62.04 -5.27 -0.06
CA ASN M 347 -61.57 -4.14 0.75
C ASN M 347 -60.77 -3.16 -0.09
N LYS M 348 -59.99 -3.68 -1.02
CA LYS M 348 -59.15 -2.85 -1.89
C LYS M 348 -57.77 -2.52 -1.32
N GLN M 349 -57.43 -3.06 -0.16
CA GLN M 349 -56.08 -2.87 0.37
C GLN M 349 -55.17 -4.08 0.17
N PHE M 350 -53.97 -3.82 -0.33
CA PHE M 350 -53.08 -4.91 -0.74
C PHE M 350 -52.00 -5.17 0.28
N LYS M 351 -52.08 -4.46 1.41
CA LYS M 351 -51.14 -4.65 2.50
C LYS M 351 -51.34 -6.02 3.14
N ARG M 352 -52.55 -6.54 3.03
CA ARG M 352 -52.89 -7.84 3.61
C ARG M 352 -52.25 -9.00 2.85
N ILE M 353 -52.14 -8.89 1.53
CA ILE M 353 -51.60 -9.97 0.74
C ILE M 353 -50.08 -9.93 0.69
N ARG M 354 -49.40 -10.96 1.18
CA ARG M 354 -47.96 -11.03 1.06
C ARG M 354 -47.47 -12.45 0.93
N LYS M 355 -46.49 -12.66 0.08
CA LYS M 355 -45.83 -13.95 0.01
C LYS M 355 -44.38 -13.73 -0.35
N SER M 356 -43.49 -14.52 0.25
CA SER M 356 -42.13 -14.56 -0.25
C SER M 356 -42.27 -15.30 -1.56
N SER M 357 -41.54 -14.88 -2.58
CA SER M 357 -41.70 -15.48 -3.89
C SER M 357 -40.45 -15.30 -4.71
N SER M 358 -40.38 -15.99 -5.84
CA SER M 358 -39.22 -15.84 -6.71
C SER M 358 -39.17 -14.38 -7.09
N TYR M 359 -40.34 -13.83 -7.35
CA TYR M 359 -40.47 -12.41 -7.66
C TYR M 359 -39.94 -11.57 -6.50
N ASP M 360 -39.46 -10.38 -6.83
CA ASP M 360 -38.61 -9.56 -5.96
C ASP M 360 -39.34 -8.61 -5.01
N TYR M 361 -40.56 -8.93 -4.62
CA TYR M 361 -41.30 -8.01 -3.78
C TYR M 361 -42.35 -8.72 -2.95
N GLU M 362 -42.55 -8.27 -1.71
CA GLU M 362 -43.48 -8.96 -0.83
C GLU M 362 -44.88 -8.97 -1.43
N ALA M 363 -45.24 -7.86 -2.06
CA ALA M 363 -46.59 -7.60 -2.55
C ALA M 363 -46.74 -6.56 -3.69
N LEU M 364 -47.93 -6.62 -4.28
CA LEU M 364 -48.27 -5.82 -5.44
C LEU M 364 -48.18 -4.34 -5.10
N ASP M 365 -48.56 -3.96 -3.89
CA ASP M 365 -48.38 -2.59 -3.47
C ASP M 365 -46.89 -2.32 -3.54
N GLU M 366 -46.11 -3.35 -3.22
CA GLU M 366 -44.66 -3.23 -3.12
C GLU M 366 -44.09 -2.83 -4.46
N ALA M 367 -44.62 -3.40 -5.54
CA ALA M 367 -44.10 -3.07 -6.89
C ALA M 367 -44.29 -1.61 -7.37
N MET M 368 -45.49 -1.10 -7.11
CA MET M 368 -45.89 0.22 -7.54
C MET M 368 -45.04 1.28 -6.87
N SER M 369 -44.74 1.09 -5.58
CA SER M 369 -43.94 2.08 -4.87
C SER M 369 -42.59 2.31 -5.57
N ILE M 370 -42.02 1.21 -6.07
CA ILE M 370 -40.75 1.26 -6.77
C ILE M 370 -40.84 2.08 -8.04
N SER M 371 -41.94 1.95 -8.78
CA SER M 371 -42.14 2.76 -9.97
C SER M 371 -42.27 4.27 -9.71
N VAL M 372 -42.99 4.64 -8.66
CA VAL M 372 -43.29 6.05 -8.43
C VAL M 372 -42.05 6.91 -8.18
N GLU M 373 -41.05 6.36 -7.51
CA GLU M 373 -39.94 7.16 -7.00
C GLU M 373 -39.15 7.89 -8.07
N MET M 374 -38.93 7.23 -9.20
CA MET M 374 -37.99 7.70 -10.21
C MET M 374 -38.26 9.11 -10.76
N LEU M 375 -39.53 9.47 -10.84
CA LEU M 375 -39.91 10.68 -11.53
C LEU M 375 -39.23 11.87 -10.90
N ARG M 376 -38.81 12.79 -11.77
CA ARG M 376 -38.12 14.01 -11.37
C ARG M 376 -39.07 14.85 -10.52
N GLU M 377 -38.53 15.54 -9.54
CA GLU M 377 -39.34 16.10 -8.48
C GLU M 377 -40.46 16.95 -9.06
N ASP M 378 -40.16 17.71 -10.11
CA ASP M 378 -41.18 18.56 -10.67
C ASP M 378 -42.36 17.74 -11.18
N ILE M 379 -42.09 16.64 -11.85
CA ILE M 379 -43.14 15.74 -12.31
C ILE M 379 -43.90 15.09 -11.16
N LYS M 380 -43.18 14.77 -10.09
CA LYS M 380 -43.69 13.86 -9.07
C LYS M 380 -44.97 14.35 -8.42
N ASP M 381 -45.04 15.66 -8.18
CA ASP M 381 -46.20 16.26 -7.55
C ASP M 381 -47.42 16.06 -8.45
N TYR M 382 -47.22 16.18 -9.75
CA TYR M 382 -48.33 16.13 -10.69
C TYR M 382 -49.03 14.79 -10.64
N TYR M 383 -48.28 13.71 -10.57
CA TYR M 383 -48.94 12.42 -10.60
C TYR M 383 -50.06 12.35 -9.56
N THR M 384 -49.84 12.91 -8.38
CA THR M 384 -50.82 12.78 -7.31
C THR M 384 -52.15 13.39 -7.71
N ASP M 385 -52.09 14.50 -8.44
CA ASP M 385 -53.31 15.14 -8.89
C ASP M 385 -53.98 14.09 -9.74
N LEU M 386 -53.17 13.32 -10.46
CA LEU M 386 -53.68 12.32 -11.37
C LEU M 386 -54.46 11.26 -10.62
N SER M 387 -54.29 11.27 -9.31
CA SER M 387 -54.88 10.30 -8.39
C SER M 387 -56.39 10.34 -8.40
N ILE M 388 -56.94 11.55 -8.50
CA ILE M 388 -58.37 11.75 -8.37
C ILE M 388 -59.15 10.98 -9.42
N LEU M 389 -58.59 10.82 -10.62
CA LEU M 389 -59.35 10.29 -11.75
C LEU M 389 -59.95 8.88 -11.54
N GLN M 390 -61.17 8.69 -12.05
CA GLN M 390 -61.99 7.52 -11.84
C GLN M 390 -61.17 6.28 -12.24
N LYS M 391 -61.61 5.11 -11.78
CA LYS M 391 -60.94 3.87 -12.16
C LYS M 391 -61.07 3.71 -13.66
N ASP M 392 -62.26 3.98 -14.19
CA ASP M 392 -62.53 3.70 -15.60
C ASP M 392 -63.16 4.86 -16.35
N VAL M 393 -62.40 5.94 -16.47
CA VAL M 393 -62.83 7.07 -17.27
C VAL M 393 -61.69 7.44 -18.19
N LYS M 394 -61.98 7.56 -19.48
CA LYS M 394 -60.99 8.10 -20.38
C LYS M 394 -61.31 9.57 -20.42
N VAL M 395 -60.54 10.37 -19.69
CA VAL M 395 -60.81 11.79 -19.65
C VAL M 395 -60.16 12.51 -20.82
N PRO M 396 -60.91 13.44 -21.41
CA PRO M 396 -60.39 14.30 -22.46
C PRO M 396 -59.27 15.15 -21.86
N THR M 397 -58.19 15.30 -22.60
CA THR M 397 -56.99 15.98 -22.12
C THR M 397 -57.26 17.29 -21.41
N LYS M 398 -58.23 18.05 -21.92
CA LYS M 398 -58.51 19.40 -21.44
C LYS M 398 -58.65 19.50 -19.93
N VAL M 399 -59.44 18.60 -19.34
CA VAL M 399 -59.73 18.68 -17.92
C VAL M 399 -58.44 18.60 -17.13
N LEU M 400 -57.48 17.85 -17.65
CA LEU M 400 -56.18 17.79 -17.03
C LEU M 400 -55.48 19.14 -17.19
N CYS M 401 -55.77 19.82 -18.31
CA CYS M 401 -55.22 21.14 -18.53
C CYS M 401 -55.76 22.10 -17.49
N ILE M 402 -57.06 21.99 -17.23
CA ILE M 402 -57.72 22.87 -16.29
C ILE M 402 -57.22 22.71 -14.87
N LEU M 403 -57.07 21.47 -14.42
CA LEU M 403 -56.60 21.24 -13.06
C LEU M 403 -55.19 21.75 -12.91
N TRP M 404 -54.36 21.43 -13.90
CA TRP M 404 -52.99 21.90 -13.93
C TRP M 404 -52.88 23.40 -14.13
N ASP M 405 -53.77 23.95 -14.94
CA ASP M 405 -53.73 25.37 -15.28
C ASP M 405 -52.54 25.63 -16.19
N MET M 406 -52.08 24.57 -16.87
CA MET M 406 -50.91 24.67 -17.73
C MET M 406 -51.25 24.39 -19.19
N GLU M 407 -50.68 25.16 -20.11
CA GLU M 407 -51.12 25.17 -21.51
C GLU M 407 -51.01 23.80 -22.18
N THR M 408 -51.94 23.54 -23.10
CA THR M 408 -52.18 22.21 -23.65
C THR M 408 -51.02 21.54 -24.40
N GLU M 409 -50.27 22.29 -25.18
CA GLU M 409 -49.18 21.71 -25.95
C GLU M 409 -48.19 21.10 -24.97
N GLU M 410 -47.98 21.81 -23.87
CA GLU M 410 -47.12 21.35 -22.78
C GLU M 410 -47.68 20.18 -21.99
N VAL M 411 -48.97 20.22 -21.69
CA VAL M 411 -49.56 19.24 -20.80
C VAL M 411 -49.48 17.83 -21.34
N GLU M 412 -49.64 17.70 -22.65
CA GLU M 412 -49.66 16.39 -23.28
C GLU M 412 -48.32 15.68 -23.08
N ASP M 413 -47.23 16.44 -23.14
CA ASP M 413 -45.91 15.85 -23.20
C ASP M 413 -45.54 15.20 -21.88
N ILE M 414 -45.91 15.84 -20.79
CA ILE M 414 -45.63 15.26 -19.49
C ILE M 414 -46.37 13.94 -19.38
N LEU M 415 -47.59 13.92 -19.90
CA LEU M 415 -48.38 12.71 -19.89
C LEU M 415 -47.75 11.66 -20.78
N GLN M 416 -47.13 12.11 -21.87
CA GLN M 416 -46.44 11.19 -22.75
C GLN M 416 -45.32 10.54 -22.00
N GLU M 417 -44.63 11.31 -21.16
CA GLU M 417 -43.56 10.78 -20.35
C GLU M 417 -44.09 9.75 -19.37
N PHE M 418 -45.28 10.00 -18.82
CA PHE M 418 -45.90 9.02 -17.95
C PHE M 418 -46.16 7.76 -18.74
N VAL M 419 -46.73 7.89 -19.92
CA VAL M 419 -47.20 6.70 -20.60
C VAL M 419 -45.98 5.84 -20.77
N ASN M 420 -44.85 6.45 -21.07
CA ASN M 420 -43.63 5.70 -21.17
C ASN M 420 -43.28 5.06 -19.83
N LYS M 421 -43.44 5.82 -18.76
CA LYS M 421 -43.23 5.21 -17.44
C LYS M 421 -44.24 4.09 -17.19
N SER M 422 -45.12 3.87 -18.16
CA SER M 422 -46.14 2.83 -18.08
C SER M 422 -46.97 3.02 -16.83
N LEU M 423 -47.24 4.26 -16.48
CA LEU M 423 -48.05 4.56 -15.30
C LEU M 423 -49.38 5.19 -15.69
N LEU M 424 -49.68 5.18 -16.98
CA LEU M 424 -50.89 5.80 -17.50
C LEU M 424 -51.06 5.47 -18.97
N PHE M 425 -52.01 4.60 -19.27
CA PHE M 425 -52.20 4.11 -20.62
C PHE M 425 -52.73 5.14 -21.61
N CYS M 426 -52.17 5.09 -22.81
CA CYS M 426 -52.55 5.98 -23.90
C CYS M 426 -53.83 5.55 -24.60
N ASP M 427 -54.51 6.52 -25.22
CA ASP M 427 -55.67 6.24 -26.05
C ASP M 427 -55.68 7.11 -27.29
N ARG M 428 -55.14 6.59 -28.38
CA ARG M 428 -55.11 7.34 -29.62
C ARG M 428 -56.43 7.18 -30.37
N ASN M 429 -57.48 7.77 -29.82
CA ASN M 429 -58.76 7.82 -30.51
C ASN M 429 -58.81 9.17 -31.19
N GLY M 430 -58.59 9.17 -32.50
CA GLY M 430 -58.69 10.39 -33.28
C GLY M 430 -57.71 11.40 -32.72
N LYS M 431 -57.98 12.67 -32.96
CA LYS M 431 -57.14 13.74 -32.42
C LYS M 431 -57.19 13.66 -30.91
N SER M 432 -58.38 13.37 -30.39
CA SER M 432 -58.59 13.29 -28.95
C SER M 432 -57.78 12.18 -28.31
N PHE M 433 -57.32 12.45 -27.10
CA PHE M 433 -56.61 11.48 -26.30
C PHE M 433 -57.31 11.30 -24.96
N ARG M 434 -57.59 10.06 -24.61
CA ARG M 434 -58.09 9.76 -23.29
C ARG M 434 -57.04 8.88 -22.63
N TYR M 435 -56.51 9.37 -21.51
CA TYR M 435 -55.65 8.54 -20.69
C TYR M 435 -56.41 7.92 -19.53
N TYR M 436 -56.01 6.71 -19.15
CA TYR M 436 -56.69 5.99 -18.09
C TYR M 436 -55.78 4.94 -17.47
N LEU M 437 -56.24 4.34 -16.37
CA LEU M 437 -55.40 3.48 -15.56
C LEU M 437 -55.99 2.08 -15.42
N HIS M 438 -55.16 1.18 -14.93
CA HIS M 438 -55.61 -0.13 -14.51
C HIS M 438 -56.27 0.00 -13.15
N ASP M 439 -57.18 -0.92 -12.85
CA ASP M 439 -57.87 -0.92 -11.56
C ASP M 439 -56.86 -1.03 -10.43
N LEU M 440 -55.76 -1.73 -10.68
CA LEU M 440 -54.70 -1.90 -9.71
C LEU M 440 -53.95 -0.58 -9.50
N GLN M 441 -53.70 0.13 -10.60
CA GLN M 441 -53.00 1.41 -10.56
C GLN M 441 -53.81 2.43 -9.77
N VAL M 442 -55.13 2.42 -9.98
CA VAL M 442 -55.99 3.36 -9.29
C VAL M 442 -56.03 3.05 -7.80
N ASP M 443 -56.15 1.77 -7.48
CA ASP M 443 -56.24 1.33 -6.10
C ASP M 443 -54.98 1.70 -5.35
N PHE M 444 -53.84 1.58 -6.00
CA PHE M 444 -52.58 1.90 -5.35
C PHE M 444 -52.64 3.37 -4.96
N LEU M 445 -53.21 4.19 -5.84
CA LEU M 445 -53.18 5.63 -5.62
C LEU M 445 -53.90 6.01 -4.35
N THR M 446 -55.11 5.49 -4.19
CA THR M 446 -55.89 5.78 -3.00
C THR M 446 -55.17 5.21 -1.79
N GLU M 447 -54.51 4.08 -2.00
CA GLU M 447 -53.78 3.43 -0.92
C GLU M 447 -52.64 4.35 -0.44
N LYS M 448 -52.00 5.01 -1.40
CA LYS M 448 -50.85 5.87 -1.09
C LYS M 448 -51.10 7.39 -1.09
N ASN M 449 -52.27 7.83 -1.58
CA ASN M 449 -52.58 9.26 -1.63
C ASN M 449 -53.89 9.69 -1.00
N CYS M 450 -54.49 8.84 -0.18
CA CYS M 450 -55.86 9.06 0.26
C CYS M 450 -56.11 10.36 1.04
N SER M 451 -55.19 10.72 1.93
CA SER M 451 -55.38 11.92 2.74
C SER M 451 -55.45 13.18 1.88
N GLN M 452 -54.58 13.24 0.88
CA GLN M 452 -54.56 14.37 -0.05
C GLN M 452 -55.86 14.47 -0.85
N LEU M 453 -56.39 13.32 -1.25
CA LEU M 453 -57.45 13.27 -2.25
C LEU M 453 -58.68 14.07 -1.86
N GLN M 454 -59.08 13.99 -0.60
CA GLN M 454 -60.22 14.75 -0.12
C GLN M 454 -59.90 16.24 -0.26
N ASP M 455 -58.66 16.59 0.04
CA ASP M 455 -58.20 17.97 -0.03
C ASP M 455 -58.14 18.50 -1.46
N LEU M 456 -57.61 17.70 -2.37
CA LEU M 456 -57.52 18.10 -3.77
C LEU M 456 -58.89 18.20 -4.42
N HIS M 457 -59.78 17.28 -4.04
CA HIS M 457 -61.14 17.26 -4.60
C HIS M 457 -61.74 18.67 -4.61
N LYS M 458 -61.24 19.53 -3.73
CA LYS M 458 -61.73 20.89 -3.63
C LYS M 458 -60.89 21.83 -4.50
N LYS M 459 -59.71 21.37 -4.90
CA LYS M 459 -58.81 22.16 -5.73
C LYS M 459 -59.32 22.25 -7.17
N ILE M 460 -59.64 21.09 -7.74
CA ILE M 460 -60.14 21.04 -9.12
C ILE M 460 -61.37 21.92 -9.35
N ILE M 461 -62.30 21.91 -8.41
CA ILE M 461 -63.54 22.64 -8.59
C ILE M 461 -63.28 24.14 -8.69
N THR M 462 -62.40 24.65 -7.85
CA THR M 462 -62.16 26.09 -7.81
C THR M 462 -61.56 26.56 -9.13
N GLN M 463 -60.69 25.72 -9.69
CA GLN M 463 -60.08 26.00 -10.98
C GLN M 463 -61.15 26.05 -12.07
N PHE M 464 -62.11 25.13 -12.02
CA PHE M 464 -63.18 25.11 -12.99
C PHE M 464 -64.02 26.37 -12.85
N GLN M 465 -64.12 26.83 -11.60
CA GLN M 465 -64.81 28.08 -11.31
C GLN M 465 -64.05 29.26 -11.88
N ARG M 466 -62.73 29.16 -11.95
CA ARG M 466 -61.93 30.23 -12.53
C ARG M 466 -62.11 30.25 -14.03
N TYR M 467 -62.64 29.15 -14.56
CA TYR M 467 -63.04 29.11 -15.95
C TYR M 467 -64.54 28.98 -16.06
N HIS M 468 -65.01 27.99 -16.80
CA HIS M 468 -66.42 27.88 -17.13
C HIS M 468 -67.30 27.67 -15.91
N GLN M 469 -68.38 28.43 -15.83
CA GLN M 469 -69.45 28.17 -14.88
C GLN M 469 -70.35 27.08 -15.44
N PRO M 470 -71.04 26.33 -14.57
CA PRO M 470 -71.87 25.22 -15.07
C PRO M 470 -72.93 25.67 -16.07
N HIS M 471 -73.49 26.86 -15.86
CA HIS M 471 -74.39 27.43 -16.86
C HIS M 471 -73.62 27.91 -18.07
N THR M 472 -72.36 28.24 -17.84
CA THR M 472 -71.49 28.78 -18.89
C THR M 472 -70.90 27.62 -19.70
N LEU M 473 -71.21 26.40 -19.29
CA LEU M 473 -70.82 25.20 -20.03
C LEU M 473 -71.52 25.13 -21.39
N SER M 474 -70.85 24.52 -22.37
CA SER M 474 -71.39 24.44 -23.73
C SER M 474 -71.32 23.05 -24.37
N PRO M 475 -72.20 22.78 -25.32
CA PRO M 475 -72.27 21.45 -25.95
C PRO M 475 -71.06 21.08 -26.82
N ASP M 476 -70.45 22.07 -27.46
CA ASP M 476 -69.35 21.86 -28.40
C ASP M 476 -68.06 21.45 -27.70
N GLN M 477 -67.77 22.09 -26.59
CA GLN M 477 -66.54 21.83 -25.84
C GLN M 477 -66.39 20.34 -25.58
N GLU M 478 -65.20 19.81 -25.81
CA GLU M 478 -64.92 18.38 -25.62
C GLU M 478 -65.07 17.89 -24.17
N ASP M 479 -64.58 18.69 -23.23
CA ASP M 479 -64.49 18.30 -21.82
C ASP M 479 -65.84 18.17 -21.11
N CYS M 480 -66.85 18.86 -21.64
CA CYS M 480 -68.05 19.14 -20.86
C CYS M 480 -68.77 17.88 -20.38
N MET M 481 -68.81 16.85 -21.21
CA MET M 481 -69.55 15.65 -20.86
C MET M 481 -68.95 15.00 -19.62
N TYR M 482 -67.63 15.09 -19.52
CA TYR M 482 -66.95 14.60 -18.33
C TYR M 482 -67.38 15.39 -17.12
N TRP M 483 -67.55 16.67 -17.42
CA TRP M 483 -68.04 17.69 -16.53
C TRP M 483 -69.47 17.42 -16.11
N TYR M 484 -70.34 16.99 -17.03
CA TYR M 484 -71.67 16.61 -16.58
C TYR M 484 -71.42 15.38 -15.73
N ASN M 485 -70.88 14.37 -16.39
CA ASN M 485 -70.96 13.03 -15.88
C ASN M 485 -70.27 12.93 -14.57
N PHE M 486 -69.13 13.60 -14.46
CA PHE M 486 -68.37 13.50 -13.25
C PHE M 486 -68.16 14.75 -12.42
N LEU M 487 -68.55 15.94 -12.90
CA LEU M 487 -68.22 17.13 -12.08
C LEU M 487 -69.00 16.95 -10.82
N ALA M 488 -70.22 16.47 -11.02
CA ALA M 488 -71.11 16.14 -9.93
C ALA M 488 -70.29 15.34 -8.96
N TYR M 489 -69.45 14.46 -9.51
CA TYR M 489 -68.66 13.57 -8.66
C TYR M 489 -67.69 14.31 -7.73
N HIS M 490 -66.96 15.30 -8.25
CA HIS M 490 -65.87 15.89 -7.47
C HIS M 490 -66.29 16.63 -6.21
N MET M 491 -67.36 17.41 -6.35
CA MET M 491 -67.99 18.16 -5.28
C MET M 491 -68.36 17.27 -4.11
N ALA M 492 -68.66 16.02 -4.39
CA ALA M 492 -69.05 15.09 -3.34
C ALA M 492 -67.85 14.80 -2.45
N SER M 493 -66.72 14.51 -3.07
CA SER M 493 -65.49 14.29 -2.33
C SER M 493 -65.15 15.58 -1.60
N ALA M 494 -65.40 16.70 -2.26
CA ALA M 494 -65.02 17.99 -1.73
C ALA M 494 -65.65 18.05 -0.35
N LYS M 495 -66.84 17.47 -0.22
CA LYS M 495 -67.56 17.46 1.03
C LYS M 495 -68.29 18.78 1.22
N MET M 496 -68.25 19.62 0.18
CA MET M 496 -68.93 20.89 0.25
C MET M 496 -70.35 20.67 -0.22
N HIS M 497 -71.27 20.76 0.72
CA HIS M 497 -72.67 20.49 0.44
C HIS M 497 -73.42 21.71 -0.09
N LYS M 498 -73.02 22.89 0.36
CA LYS M 498 -73.64 24.12 -0.13
C LYS M 498 -73.29 24.32 -1.60
N GLU M 499 -72.06 24.00 -1.97
CA GLU M 499 -71.65 24.06 -3.36
C GLU M 499 -72.38 23.00 -4.17
N LEU M 500 -72.63 21.88 -3.52
CA LEU M 500 -73.32 20.78 -4.16
C LEU M 500 -74.74 21.24 -4.49
N CYS M 501 -75.29 22.04 -3.60
CA CYS M 501 -76.57 22.70 -3.83
C CYS M 501 -76.46 23.72 -4.95
N ALA M 502 -75.28 24.34 -5.04
CA ALA M 502 -75.05 25.34 -6.07
C ALA M 502 -75.04 24.70 -7.45
N LEU M 503 -74.72 23.41 -7.51
CA LEU M 503 -74.68 22.72 -8.79
C LEU M 503 -75.89 21.82 -9.05
N MET M 504 -75.95 20.69 -8.36
CA MET M 504 -76.89 19.63 -8.74
C MET M 504 -78.35 20.07 -8.69
N PHE M 505 -78.66 20.94 -7.74
CA PHE M 505 -80.02 21.39 -7.52
C PHE M 505 -80.52 22.13 -8.75
N SER M 506 -79.63 22.91 -9.35
CA SER M 506 -80.02 23.83 -10.41
C SER M 506 -80.83 23.09 -11.46
N LEU M 507 -82.08 23.48 -11.63
CA LEU M 507 -82.98 22.80 -12.53
C LEU M 507 -82.55 22.92 -13.99
N ASP M 508 -81.95 24.05 -14.33
CA ASP M 508 -81.47 24.26 -15.69
C ASP M 508 -80.30 23.34 -15.99
N TRP M 509 -79.50 23.07 -14.97
CA TRP M 509 -78.40 22.13 -15.08
C TRP M 509 -78.94 20.75 -15.36
N ILE M 510 -80.09 20.47 -14.73
CA ILE M 510 -80.81 19.24 -14.98
C ILE M 510 -81.30 19.22 -16.41
N LYS M 511 -81.66 20.39 -16.92
CA LYS M 511 -82.21 20.50 -18.26
C LYS M 511 -81.15 20.15 -19.29
N ALA M 512 -79.99 20.79 -19.17
CA ALA M 512 -78.91 20.51 -20.10
C ALA M 512 -78.41 19.09 -19.94
N LYS M 513 -78.38 18.60 -18.71
CA LYS M 513 -77.87 17.25 -18.47
C LYS M 513 -78.79 16.22 -19.10
N THR M 514 -80.09 16.47 -19.02
CA THR M 514 -81.09 15.58 -19.59
C THR M 514 -81.18 15.77 -21.09
N GLU M 515 -80.56 16.84 -21.59
CA GLU M 515 -80.57 17.13 -23.02
C GLU M 515 -79.65 16.20 -23.81
N LEU M 516 -78.44 15.96 -23.30
CA LEU M 516 -77.48 15.05 -23.95
C LEU M 516 -77.12 13.77 -23.16
N VAL M 517 -77.28 13.81 -21.84
CA VAL M 517 -77.03 12.69 -20.95
C VAL M 517 -78.18 11.70 -20.87
N GLY M 518 -79.40 12.24 -20.83
CA GLY M 518 -80.57 11.43 -20.58
C GLY M 518 -80.90 11.46 -19.10
N PRO M 519 -82.11 11.04 -18.75
CA PRO M 519 -82.61 11.16 -17.37
C PRO M 519 -82.26 10.00 -16.45
N ALA M 520 -81.24 9.22 -16.76
CA ALA M 520 -80.82 8.16 -15.86
C ALA M 520 -79.63 8.53 -14.99
N HIS M 521 -78.66 9.23 -15.56
CA HIS M 521 -77.46 9.53 -14.80
C HIS M 521 -77.77 10.38 -13.57
N LEU M 522 -78.69 11.32 -13.73
CA LEU M 522 -79.07 12.22 -12.65
C LEU M 522 -79.67 11.44 -11.49
N ILE M 523 -80.50 10.45 -11.81
CA ILE M 523 -81.09 9.61 -10.77
C ILE M 523 -80.02 8.85 -10.01
N HIS M 524 -79.03 8.33 -10.74
CA HIS M 524 -77.92 7.59 -10.13
C HIS M 524 -77.12 8.51 -9.23
N GLU M 525 -76.91 9.75 -9.68
CA GLU M 525 -76.19 10.74 -8.90
C GLU M 525 -76.94 11.07 -7.63
N PHE M 526 -78.27 11.13 -7.73
CA PHE M 526 -79.12 11.50 -6.61
C PHE M 526 -78.99 10.52 -5.45
N VAL M 527 -78.89 9.23 -5.76
CA VAL M 527 -78.75 8.24 -4.71
C VAL M 527 -77.45 8.49 -3.94
N GLU M 528 -76.40 8.81 -4.68
CA GLU M 528 -75.13 9.21 -4.08
C GLU M 528 -75.32 10.51 -3.33
N TYR M 529 -76.17 11.36 -3.90
CA TYR M 529 -76.42 12.71 -3.40
C TYR M 529 -77.00 12.72 -2.00
N ARG M 530 -77.87 11.75 -1.72
CA ARG M 530 -78.64 11.75 -0.48
C ARG M 530 -77.80 11.67 0.79
N HIS M 531 -76.79 10.80 0.79
CA HIS M 531 -75.87 10.68 1.90
C HIS M 531 -75.04 11.97 2.09
N ILE M 532 -74.63 12.55 0.97
CA ILE M 532 -73.70 13.68 0.96
C ILE M 532 -74.21 14.95 1.65
N LEU M 533 -75.48 15.27 1.47
CA LEU M 533 -76.02 16.53 1.97
C LEU M 533 -76.73 16.40 3.32
N ASP M 534 -78.05 16.59 3.33
CA ASP M 534 -78.81 16.57 4.57
C ASP M 534 -80.09 15.75 4.45
N GLU M 535 -80.56 15.20 5.57
CA GLU M 535 -81.77 14.42 5.59
C GLU M 535 -82.98 15.23 5.17
N LYS M 536 -83.04 16.48 5.64
CA LYS M 536 -84.15 17.36 5.32
C LYS M 536 -84.21 17.63 3.81
N ASP M 537 -83.04 17.86 3.22
CA ASP M 537 -82.94 18.01 1.77
C ASP M 537 -83.37 16.72 1.10
N CYS M 538 -82.94 15.61 1.68
CA CYS M 538 -83.27 14.28 1.18
C CYS M 538 -84.72 14.26 0.74
N ALA M 539 -85.57 14.93 1.51
CA ALA M 539 -86.97 15.07 1.17
C ALA M 539 -87.08 15.86 -0.12
N VAL M 540 -86.25 16.89 -0.24
CA VAL M 540 -86.24 17.70 -1.44
C VAL M 540 -85.85 16.80 -2.60
N SER M 541 -84.89 15.92 -2.34
CA SER M 541 -84.46 14.94 -3.33
C SER M 541 -85.61 13.95 -3.59
N GLU M 542 -86.37 13.66 -2.55
CA GLU M 542 -87.53 12.78 -2.69
C GLU M 542 -88.58 13.45 -3.55
N ASN M 543 -88.73 14.76 -3.39
CA ASN M 543 -89.67 15.54 -4.19
C ASN M 543 -89.23 15.62 -5.65
N PHE M 544 -87.92 15.72 -5.86
CA PHE M 544 -87.36 15.79 -7.20
C PHE M 544 -87.49 14.44 -7.91
N GLN M 545 -87.24 13.36 -7.19
CA GLN M 545 -87.35 12.03 -7.77
C GLN M 545 -88.81 11.83 -8.18
N GLU M 546 -89.71 12.31 -7.34
CA GLU M 546 -91.13 12.27 -7.65
C GLU M 546 -91.41 13.10 -8.88
N PHE M 547 -90.64 14.18 -9.05
CA PHE M 547 -90.78 15.03 -10.23
C PHE M 547 -90.22 14.32 -11.46
N LEU M 548 -89.32 13.37 -11.24
CA LEU M 548 -88.71 12.61 -12.32
C LEU M 548 -89.63 11.51 -12.81
N SER M 549 -90.36 10.90 -11.88
CA SER M 549 -91.30 9.83 -12.22
C SER M 549 -92.13 10.21 -13.43
N LEU M 550 -92.47 11.49 -13.54
CA LEU M 550 -93.26 11.98 -14.66
C LEU M 550 -92.37 12.28 -15.86
N ASN M 551 -91.07 12.44 -15.61
CA ASN M 551 -90.12 12.73 -16.66
C ASN M 551 -89.78 11.61 -17.66
N GLY M 552 -89.65 10.38 -17.17
CA GLY M 552 -89.14 9.32 -18.02
C GLY M 552 -89.94 8.96 -19.26
N HIS M 553 -91.26 8.94 -19.10
CA HIS M 553 -92.17 8.44 -20.14
C HIS M 553 -92.18 9.22 -21.46
N LEU M 554 -92.26 10.54 -21.37
CA LEU M 554 -92.33 11.38 -22.55
C LEU M 554 -91.23 12.42 -22.66
N LEU M 555 -90.46 12.60 -21.59
CA LEU M 555 -89.50 13.70 -21.49
C LEU M 555 -88.39 13.69 -22.55
N GLY M 556 -87.85 12.50 -22.83
CA GLY M 556 -86.75 12.36 -23.76
C GLY M 556 -87.02 12.64 -25.23
N ARG M 557 -88.18 12.19 -25.71
CA ARG M 557 -88.55 12.37 -27.10
C ARG M 557 -87.71 13.45 -27.78
N GLN M 558 -88.24 14.66 -27.84
CA GLN M 558 -87.55 15.79 -28.45
C GLN M 558 -88.15 17.12 -28.02
N PRO M 559 -89.36 17.41 -28.50
CA PRO M 559 -90.06 18.63 -28.10
C PRO M 559 -90.04 18.78 -26.58
N PHE M 560 -88.85 18.85 -26.01
CA PHE M 560 -88.69 18.96 -24.55
C PHE M 560 -89.70 19.94 -23.95
N PRO M 561 -90.97 19.59 -24.04
CA PRO M 561 -92.04 20.46 -23.51
C PRO M 561 -91.54 21.38 -22.39
N ASN M 562 -91.88 22.66 -22.46
CA ASN M 562 -91.47 23.60 -21.43
C ASN M 562 -91.74 23.06 -20.03
N ILE M 563 -90.76 22.33 -19.50
CA ILE M 563 -90.90 21.75 -18.16
C ILE M 563 -91.45 22.77 -17.17
N VAL M 564 -90.91 23.98 -17.20
CA VAL M 564 -91.35 25.03 -16.30
C VAL M 564 -92.87 25.10 -16.23
N GLN M 565 -93.54 24.65 -17.29
CA GLN M 565 -94.99 24.65 -17.35
C GLN M 565 -95.57 23.30 -16.89
N LEU M 566 -94.91 22.22 -17.28
CA LEU M 566 -95.35 20.88 -16.90
C LEU M 566 -94.93 20.55 -15.48
N GLY M 567 -94.07 21.38 -14.91
CA GLY M 567 -93.59 21.16 -13.55
C GLY M 567 -94.66 21.47 -12.51
N LEU M 568 -95.37 22.56 -12.71
CA LEU M 568 -96.42 22.97 -11.79
C LEU M 568 -97.54 21.94 -11.74
N CYS M 569 -97.22 20.73 -11.31
CA CYS M 569 -98.19 19.65 -11.22
C CYS M 569 -98.01 18.83 -9.95
N GLU M 570 -96.83 18.97 -9.34
CA GLU M 570 -96.52 18.24 -8.11
C GLU M 570 -97.42 18.68 -6.97
N PRO M 571 -97.49 17.86 -5.92
CA PRO M 571 -98.34 18.17 -4.76
C PRO M 571 -97.53 18.56 -3.54
N GLU M 572 -98.22 18.97 -2.48
CA GLU M 572 -97.57 19.38 -1.24
C GLU M 572 -96.90 20.74 -1.40
N THR M 573 -95.60 20.71 -1.72
CA THR M 573 -94.83 21.94 -1.89
C THR M 573 -93.34 21.65 -2.01
N SER M 574 -92.77 21.10 -0.95
CA SER M 574 -91.35 20.78 -0.93
C SER M 574 -90.51 21.92 -1.49
N GLU M 575 -89.36 21.58 -2.05
CA GLU M 575 -88.47 22.58 -2.62
C GLU M 575 -88.58 22.61 -4.14
N VAL M 576 -89.10 21.53 -4.72
CA VAL M 576 -89.26 21.44 -6.16
C VAL M 576 -90.46 22.26 -6.63
N TYR M 577 -91.54 22.22 -5.86
CA TYR M 577 -92.75 22.96 -6.20
C TYR M 577 -92.58 24.46 -5.95
N GLN M 578 -91.87 24.80 -4.87
CA GLN M 578 -91.64 26.18 -4.52
C GLN M 578 -90.90 26.84 -5.67
N GLN M 579 -89.94 26.14 -6.24
CA GLN M 579 -89.15 26.67 -7.34
C GLN M 579 -90.04 26.97 -8.55
N ALA M 580 -91.00 26.08 -8.79
CA ALA M 580 -91.82 26.13 -9.98
C ALA M 580 -92.76 27.32 -9.97
N LYS M 581 -93.40 27.58 -8.84
CA LYS M 581 -94.38 28.65 -8.79
C LYS M 581 -93.73 30.00 -9.07
N LEU M 582 -92.57 30.21 -8.47
CA LEU M 582 -91.84 31.46 -8.66
C LEU M 582 -91.41 31.62 -10.10
N GLN M 583 -90.94 30.51 -10.69
CA GLN M 583 -90.50 30.57 -12.08
C GLN M 583 -91.67 30.96 -12.95
N ALA M 584 -92.82 30.37 -12.64
CA ALA M 584 -94.03 30.61 -13.41
C ALA M 584 -94.44 32.07 -13.30
N LYS M 585 -94.33 32.62 -12.10
CA LYS M 585 -94.69 34.02 -11.87
C LYS M 585 -93.78 34.93 -12.68
N GLN M 586 -92.50 34.58 -12.74
CA GLN M 586 -91.53 35.32 -13.52
C GLN M 586 -91.86 35.27 -15.01
N GLU M 587 -92.24 34.09 -15.49
CA GLU M 587 -92.61 33.91 -16.88
C GLU M 587 -93.85 34.72 -17.23
N VAL M 588 -94.79 34.74 -16.28
CA VAL M 588 -96.15 35.22 -16.51
C VAL M 588 -96.26 36.69 -16.89
N ASP M 589 -95.50 37.55 -16.22
CA ASP M 589 -95.60 38.97 -16.51
C ASP M 589 -95.17 39.24 -17.95
N ASN M 590 -94.10 38.57 -18.37
CA ASN M 590 -93.62 38.68 -19.73
C ASN M 590 -94.62 38.15 -20.76
N GLY M 591 -95.26 37.04 -20.42
CA GLY M 591 -96.16 36.38 -21.35
C GLY M 591 -96.08 34.87 -21.20
N MET M 592 -96.33 34.14 -22.29
CA MET M 592 -96.24 32.68 -22.26
C MET M 592 -97.54 31.95 -21.89
N LEU M 593 -98.54 32.70 -21.46
CA LEU M 593 -99.91 32.21 -21.44
C LEU M 593 -100.00 30.86 -20.71
N TYR M 594 -99.25 30.71 -19.63
CA TYR M 594 -99.30 29.47 -18.87
C TYR M 594 -100.68 29.30 -18.25
N LEU M 595 -101.20 28.08 -18.25
CA LEU M 595 -102.48 27.85 -17.63
C LEU M 595 -102.31 27.17 -16.27
N GLU M 596 -102.81 27.81 -15.21
CA GLU M 596 -102.76 27.21 -13.89
C GLU M 596 -103.66 25.97 -13.80
N TRP M 597 -103.27 25.00 -12.98
CA TRP M 597 -104.11 23.82 -12.73
C TRP M 597 -104.54 23.74 -11.27
N ILE M 598 -105.85 23.64 -11.04
CA ILE M 598 -106.42 23.71 -9.69
C ILE M 598 -106.89 22.41 -9.00
N ASN M 599 -106.76 21.27 -9.66
CA ASN M 599 -107.27 20.00 -9.12
C ASN M 599 -106.29 18.88 -8.73
N LYS M 600 -105.00 19.18 -8.64
CA LYS M 600 -104.01 18.10 -8.52
C LYS M 600 -104.26 17.20 -7.31
N LYS M 601 -104.53 17.81 -6.16
CA LYS M 601 -104.71 17.05 -4.93
C LYS M 601 -105.94 16.16 -5.02
N ASN M 602 -106.83 16.50 -5.95
CA ASN M 602 -108.05 15.75 -6.17
C ASN M 602 -107.88 14.64 -7.21
N ILE M 603 -106.73 14.63 -7.89
CA ILE M 603 -106.50 13.75 -9.04
C ILE M 603 -105.10 13.14 -9.14
N THR M 604 -105.02 12.03 -9.88
CA THR M 604 -103.77 11.29 -10.14
C THR M 604 -103.27 10.46 -8.97
N ASN M 605 -103.35 9.13 -9.14
CA ASN M 605 -102.62 8.19 -8.30
C ASN M 605 -101.30 7.82 -8.96
N LEU M 606 -100.25 8.55 -8.61
CA LEU M 606 -98.98 8.48 -9.33
C LEU M 606 -98.29 7.12 -9.24
N SER M 607 -97.78 6.64 -10.37
CA SER M 607 -96.90 5.48 -10.40
C SER M 607 -95.50 5.86 -9.98
N ARG M 608 -94.76 4.93 -9.38
CA ARG M 608 -93.42 5.21 -8.91
C ARG M 608 -92.41 5.49 -10.03
N LEU M 609 -92.64 4.91 -11.20
CA LEU M 609 -91.69 5.08 -12.30
C LEU M 609 -92.31 4.74 -13.66
N VAL M 610 -91.79 5.35 -14.72
CA VAL M 610 -92.21 5.05 -16.08
C VAL M 610 -91.00 4.99 -17.01
N VAL M 611 -91.01 4.03 -17.94
CA VAL M 611 -89.91 3.89 -18.89
C VAL M 611 -90.46 3.74 -20.32
N ARG M 612 -89.83 4.48 -21.23
CA ARG M 612 -89.96 4.27 -22.63
C ARG M 612 -88.58 3.87 -23.09
N PRO M 613 -88.42 2.59 -23.40
CA PRO M 613 -87.21 2.06 -24.04
C PRO M 613 -87.21 2.24 -25.55
N HIS M 614 -88.38 2.21 -26.17
CA HIS M 614 -88.44 2.15 -27.62
C HIS M 614 -89.51 3.09 -28.20
N THR M 615 -89.18 3.76 -29.30
CA THR M 615 -90.18 4.54 -30.05
C THR M 615 -91.18 3.59 -30.71
N ASP M 616 -90.74 2.34 -30.86
CA ASP M 616 -91.52 1.29 -31.52
C ASP M 616 -92.15 0.34 -30.52
N ALA M 617 -93.38 -0.10 -30.80
CA ALA M 617 -94.22 -0.80 -29.82
C ALA M 617 -93.48 -1.96 -29.16
N VAL M 618 -93.62 -2.05 -27.84
CA VAL M 618 -93.01 -3.11 -27.06
C VAL M 618 -93.70 -4.46 -27.32
N TYR M 619 -92.95 -5.54 -27.35
CA TYR M 619 -93.59 -6.85 -27.44
C TYR M 619 -93.39 -7.78 -26.25
N HIS M 620 -92.27 -7.65 -25.55
CA HIS M 620 -92.07 -8.45 -24.35
C HIS M 620 -90.99 -7.85 -23.44
N ALA M 621 -91.08 -8.18 -22.15
CA ALA M 621 -90.12 -7.71 -21.17
C ALA M 621 -89.95 -8.74 -20.07
N CYS M 622 -88.78 -8.78 -19.44
CA CYS M 622 -88.53 -9.76 -18.38
C CYS M 622 -87.53 -9.27 -17.34
N PHE M 623 -87.81 -9.61 -16.08
CA PHE M 623 -86.91 -9.32 -14.96
C PHE M 623 -85.65 -10.18 -15.03
N SER M 624 -84.54 -9.62 -14.57
CA SER M 624 -83.36 -10.42 -14.29
C SER M 624 -83.72 -11.33 -13.13
N GLU M 625 -83.15 -12.53 -13.12
CA GLU M 625 -83.43 -13.48 -12.04
C GLU M 625 -82.98 -12.89 -10.72
N ASP M 626 -81.91 -12.10 -10.78
CA ASP M 626 -81.43 -11.36 -9.63
C ASP M 626 -82.39 -10.22 -9.26
N GLY M 627 -83.14 -9.75 -10.24
CA GLY M 627 -84.08 -8.66 -10.07
C GLY M 627 -83.43 -7.29 -10.21
N GLN M 628 -82.13 -7.29 -10.44
CA GLN M 628 -81.37 -6.05 -10.59
C GLN M 628 -81.66 -5.30 -11.88
N ARG M 629 -82.13 -6.01 -12.91
CA ARG M 629 -82.33 -5.37 -14.21
C ARG M 629 -83.47 -6.00 -15.01
N ILE M 630 -83.91 -5.30 -16.05
CA ILE M 630 -85.02 -5.74 -16.87
C ILE M 630 -84.71 -5.57 -18.36
N ALA M 631 -85.13 -6.53 -19.18
CA ALA M 631 -85.03 -6.39 -20.65
C ALA M 631 -86.41 -6.37 -21.34
N SER M 632 -86.64 -5.36 -22.18
CA SER M 632 -87.86 -5.25 -23.01
C SER M 632 -87.41 -5.24 -24.49
N CYS M 633 -88.18 -5.91 -25.35
CA CYS M 633 -88.03 -5.78 -26.81
C CYS M 633 -89.09 -4.82 -27.40
N GLY M 634 -89.43 -5.00 -28.67
CA GLY M 634 -90.41 -4.14 -29.33
C GLY M 634 -90.71 -4.49 -30.79
N ALA M 635 -91.59 -3.73 -31.44
CA ALA M 635 -91.93 -3.99 -32.83
C ALA M 635 -90.72 -3.77 -33.73
N ASP M 636 -89.88 -2.81 -33.37
CA ASP M 636 -88.70 -2.52 -34.16
C ASP M 636 -87.88 -3.80 -34.18
N LYS M 637 -87.88 -4.48 -33.04
CA LYS M 637 -87.17 -5.76 -32.90
C LYS M 637 -85.78 -5.63 -32.28
N THR M 638 -85.38 -4.40 -31.99
CA THR M 638 -84.22 -4.16 -31.14
C THR M 638 -84.68 -4.52 -29.74
N LEU M 639 -83.76 -4.98 -28.90
CA LEU M 639 -84.06 -5.27 -27.50
C LEU M 639 -83.18 -4.36 -26.65
N GLN M 640 -83.74 -3.72 -25.63
CA GLN M 640 -82.97 -2.86 -24.75
C GLN M 640 -82.95 -3.42 -23.34
N VAL M 641 -81.76 -3.50 -22.75
CA VAL M 641 -81.62 -4.11 -21.42
C VAL M 641 -81.27 -3.04 -20.38
N PHE M 642 -81.95 -2.97 -19.25
CA PHE M 642 -81.72 -1.83 -18.34
C PHE M 642 -81.74 -2.17 -16.84
N LYS M 643 -81.09 -1.35 -16.01
CA LYS M 643 -81.21 -1.58 -14.58
C LYS M 643 -82.23 -0.59 -14.07
N ALA M 644 -83.31 -1.12 -13.52
CA ALA M 644 -84.48 -0.30 -13.22
C ALA M 644 -84.32 0.79 -12.19
N GLU M 645 -83.66 0.47 -11.07
CA GLU M 645 -83.43 1.43 -10.00
C GLU M 645 -83.04 2.79 -10.57
N THR M 646 -81.75 3.03 -10.67
CA THR M 646 -81.25 4.31 -11.19
C THR M 646 -81.88 4.65 -12.54
N GLY M 647 -82.59 3.67 -13.11
CA GLY M 647 -83.25 3.86 -14.39
C GLY M 647 -82.34 4.51 -15.42
N GLU M 648 -81.28 3.80 -15.79
CA GLU M 648 -80.32 4.31 -16.77
C GLU M 648 -79.90 3.22 -17.75
N LYS M 649 -79.85 3.57 -19.03
CA LYS M 649 -79.46 2.63 -20.07
C LYS M 649 -78.24 1.81 -19.64
N LEU M 650 -78.39 0.49 -19.65
CA LEU M 650 -77.29 -0.40 -19.26
C LEU M 650 -76.93 -1.34 -20.40
N LEU M 651 -77.75 -1.35 -21.45
CA LEU M 651 -77.51 -2.22 -22.62
C LEU M 651 -78.21 -1.70 -23.88
N GLU M 652 -77.52 -1.74 -25.03
CA GLU M 652 -78.12 -1.44 -26.33
C GLU M 652 -77.89 -2.67 -27.23
N ILE M 653 -78.91 -3.14 -27.96
CA ILE M 653 -78.77 -4.30 -28.86
C ILE M 653 -79.06 -3.85 -30.30
N LYS M 654 -78.22 -4.21 -31.27
CA LYS M 654 -78.26 -3.46 -32.52
C LYS M 654 -79.53 -3.81 -33.29
N ALA M 655 -79.78 -5.11 -33.42
CA ALA M 655 -80.96 -5.60 -34.12
C ALA M 655 -81.25 -7.07 -33.83
N HIS M 656 -82.48 -7.48 -34.08
CA HIS M 656 -82.85 -8.89 -34.09
C HIS M 656 -83.52 -9.15 -35.42
N GLU M 657 -83.16 -10.23 -36.12
CA GLU M 657 -83.79 -10.47 -37.40
C GLU M 657 -85.28 -10.71 -37.19
N ASP M 658 -86.10 -10.04 -37.98
CA ASP M 658 -87.55 -10.15 -37.83
C ASP M 658 -87.98 -9.47 -36.54
N GLU M 659 -89.29 -9.23 -36.41
CA GLU M 659 -89.81 -8.56 -35.21
C GLU M 659 -89.68 -9.46 -33.98
N VAL M 660 -89.21 -8.92 -32.86
CA VAL M 660 -89.04 -9.72 -31.67
C VAL M 660 -90.38 -10.31 -31.28
N LEU M 661 -90.40 -11.58 -30.87
CA LEU M 661 -91.66 -12.13 -30.37
C LEU M 661 -91.68 -12.22 -28.83
N CYS M 662 -90.54 -12.58 -28.25
CA CYS M 662 -90.35 -12.54 -26.79
C CYS M 662 -88.89 -12.83 -26.45
N CYS M 663 -88.48 -12.48 -25.24
CA CYS M 663 -87.11 -12.68 -24.81
C CYS M 663 -87.07 -13.04 -23.33
N ALA M 664 -85.96 -13.59 -22.89
CA ALA M 664 -85.86 -13.99 -21.48
C ALA M 664 -84.42 -14.21 -21.01
N PHE M 665 -84.16 -13.88 -19.75
CA PHE M 665 -82.85 -14.10 -19.12
C PHE M 665 -82.59 -15.54 -18.76
N SER M 666 -81.31 -15.90 -18.72
CA SER M 666 -80.87 -17.18 -18.16
C SER M 666 -81.05 -17.16 -16.65
N THR M 667 -81.16 -18.35 -16.07
CA THR M 667 -81.44 -18.47 -14.64
C THR M 667 -80.38 -17.78 -13.78
N ASP M 668 -79.14 -17.75 -14.28
CA ASP M 668 -78.08 -17.01 -13.63
C ASP M 668 -77.84 -15.68 -14.31
N ASP M 669 -78.77 -15.29 -15.17
CA ASP M 669 -78.70 -14.02 -15.89
C ASP M 669 -77.42 -13.88 -16.69
N ARG M 670 -76.94 -14.99 -17.20
CA ARG M 670 -75.72 -15.02 -18.00
C ARG M 670 -76.03 -15.11 -19.49
N PHE M 671 -77.32 -15.22 -19.82
CA PHE M 671 -77.74 -15.35 -21.21
C PHE M 671 -79.11 -14.72 -21.43
N ILE M 672 -79.37 -14.35 -22.68
CA ILE M 672 -80.67 -13.79 -23.05
C ILE M 672 -81.16 -14.40 -24.36
N ALA M 673 -82.08 -15.34 -24.25
CA ALA M 673 -82.75 -15.89 -25.43
C ALA M 673 -83.64 -14.85 -26.06
N THR M 674 -83.74 -14.86 -27.38
CA THR M 674 -84.59 -13.91 -28.09
C THR M 674 -85.40 -14.60 -29.18
N CYS M 675 -86.72 -14.71 -28.98
CA CYS M 675 -87.60 -15.33 -29.95
C CYS M 675 -87.92 -14.35 -31.07
N SER M 676 -88.21 -14.88 -32.25
CA SER M 676 -88.51 -14.01 -33.41
C SER M 676 -89.27 -14.69 -34.53
N VAL M 677 -89.91 -13.87 -35.35
CA VAL M 677 -90.65 -14.33 -36.52
C VAL M 677 -89.72 -14.99 -37.54
N ASP M 678 -88.47 -14.55 -37.60
CA ASP M 678 -87.55 -15.10 -38.57
C ASP M 678 -87.36 -16.58 -38.26
N LYS M 679 -87.37 -16.88 -36.97
CA LYS M 679 -86.96 -18.17 -36.43
C LYS M 679 -85.49 -18.21 -36.05
N LYS M 680 -84.93 -17.05 -35.74
CA LYS M 680 -83.55 -16.97 -35.25
C LYS M 680 -83.53 -16.88 -33.73
N VAL M 681 -83.43 -18.01 -33.07
CA VAL M 681 -83.38 -18.01 -31.61
C VAL M 681 -81.99 -17.55 -31.19
N LYS M 682 -81.83 -16.23 -31.11
CA LYS M 682 -80.54 -15.61 -30.80
C LYS M 682 -80.32 -15.44 -29.30
N ILE M 683 -79.60 -16.39 -28.70
CA ILE M 683 -79.22 -16.30 -27.31
C ILE M 683 -77.91 -15.52 -27.17
N TRP M 684 -78.06 -14.20 -27.05
CA TRP M 684 -76.96 -13.28 -26.84
C TRP M 684 -76.48 -13.39 -25.39
N ASN M 685 -75.20 -13.08 -25.14
CA ASN M 685 -74.72 -13.01 -23.77
C ASN M 685 -75.37 -11.83 -23.05
N SER M 686 -75.66 -12.01 -21.76
CA SER M 686 -76.28 -10.96 -20.98
C SER M 686 -75.30 -9.91 -20.45
N MET M 687 -74.01 -10.20 -20.57
CA MET M 687 -73.00 -9.30 -20.04
C MET M 687 -72.24 -8.59 -21.15
N THR M 688 -71.46 -9.36 -21.90
CA THR M 688 -70.72 -8.82 -23.04
C THR M 688 -71.69 -8.31 -24.09
N GLY M 689 -72.85 -8.95 -24.16
CA GLY M 689 -73.89 -8.58 -25.10
C GLY M 689 -73.68 -9.25 -26.44
N GLU M 690 -72.56 -9.94 -26.57
CA GLU M 690 -72.24 -10.68 -27.78
C GLU M 690 -73.03 -11.98 -27.83
N LEU M 691 -73.34 -12.45 -29.04
CA LEU M 691 -74.10 -13.67 -29.21
C LEU M 691 -73.32 -14.87 -28.69
N VAL M 692 -74.02 -15.82 -28.10
CA VAL M 692 -73.42 -17.07 -27.68
C VAL M 692 -74.13 -18.25 -28.35
N HIS M 693 -75.34 -18.53 -27.89
CA HIS M 693 -76.11 -19.65 -28.44
C HIS M 693 -77.06 -19.20 -29.54
N THR M 694 -77.47 -20.14 -30.39
CA THR M 694 -78.44 -19.84 -31.42
C THR M 694 -79.15 -21.11 -31.86
N TYR M 695 -80.43 -21.01 -32.18
CA TYR M 695 -81.21 -22.21 -32.51
C TYR M 695 -82.34 -21.94 -33.51
N ASP M 696 -82.75 -22.99 -34.20
CA ASP M 696 -83.92 -22.96 -35.08
C ASP M 696 -84.42 -24.38 -35.33
N GLU M 697 -85.74 -24.55 -35.38
CA GLU M 697 -86.32 -25.87 -35.62
C GLU M 697 -87.79 -25.77 -35.99
N HIS M 698 -88.43 -24.70 -35.51
CA HIS M 698 -89.87 -24.53 -35.65
C HIS M 698 -90.33 -24.43 -37.10
N SER M 699 -91.45 -25.07 -37.40
CA SER M 699 -92.10 -24.93 -38.70
C SER M 699 -92.72 -23.56 -38.85
N GLU M 700 -93.03 -22.92 -37.72
CA GLU M 700 -93.69 -21.63 -37.72
C GLU M 700 -92.98 -20.66 -36.77
N GLN M 701 -93.53 -19.47 -36.61
CA GLN M 701 -92.96 -18.49 -35.71
C GLN M 701 -93.04 -18.97 -34.26
N VAL M 702 -91.98 -18.70 -33.49
CA VAL M 702 -91.90 -19.12 -32.10
C VAL M 702 -92.95 -18.42 -31.23
N ASN M 703 -93.58 -19.15 -30.31
CA ASN M 703 -94.52 -18.53 -29.38
C ASN M 703 -93.85 -18.10 -28.09
N CYS M 704 -92.85 -18.86 -27.65
CA CYS M 704 -92.21 -18.54 -26.37
C CYS M 704 -90.85 -19.20 -26.20
N CYS M 705 -90.00 -18.55 -25.42
CA CYS M 705 -88.68 -19.07 -25.09
C CYS M 705 -88.43 -18.91 -23.60
N HIS M 706 -87.69 -19.86 -23.03
CA HIS M 706 -87.35 -19.82 -21.61
C HIS M 706 -86.14 -20.69 -21.33
N PHE M 707 -85.24 -20.21 -20.49
CA PHE M 707 -84.15 -21.03 -19.97
C PHE M 707 -84.64 -21.91 -18.82
N THR M 708 -83.98 -23.03 -18.61
CA THR M 708 -84.36 -23.95 -17.55
C THR M 708 -84.21 -23.27 -16.19
N ASN M 709 -85.21 -23.42 -15.33
CA ASN M 709 -85.16 -22.86 -14.00
C ASN M 709 -84.08 -23.54 -13.14
N SER M 710 -83.78 -24.80 -13.47
CA SER M 710 -82.71 -25.51 -12.80
C SER M 710 -81.35 -24.90 -13.17
N SER M 711 -80.49 -24.75 -12.16
CA SER M 711 -79.14 -24.27 -12.38
C SER M 711 -78.32 -25.30 -13.15
N HIS M 712 -78.69 -26.57 -13.00
CA HIS M 712 -77.93 -27.66 -13.59
C HIS M 712 -78.26 -27.84 -15.07
N HIS M 713 -79.42 -28.43 -15.34
CA HIS M 713 -79.81 -28.71 -16.72
C HIS M 713 -79.96 -27.44 -17.52
N LEU M 714 -79.50 -27.48 -18.76
CA LEU M 714 -79.62 -26.34 -19.65
C LEU M 714 -80.49 -26.69 -20.84
N LEU M 715 -81.76 -26.30 -20.76
CA LEU M 715 -82.70 -26.64 -21.82
C LEU M 715 -83.44 -25.40 -22.29
N LEU M 716 -83.97 -25.48 -23.49
CA LEU M 716 -84.72 -24.35 -24.06
C LEU M 716 -86.04 -24.84 -24.63
N ALA M 717 -87.05 -24.93 -23.78
CA ALA M 717 -88.39 -25.22 -24.24
C ALA M 717 -88.91 -24.06 -25.06
N THR M 718 -89.51 -24.36 -26.21
CA THR M 718 -90.01 -23.31 -27.10
C THR M 718 -91.29 -23.73 -27.82
N GLY M 719 -92.37 -23.04 -27.51
CA GLY M 719 -93.61 -23.21 -28.24
C GLY M 719 -93.58 -22.43 -29.54
N SER M 720 -94.52 -22.71 -30.43
CA SER M 720 -94.59 -22.02 -31.72
C SER M 720 -95.93 -22.25 -32.41
N SER M 721 -96.19 -21.50 -33.48
CA SER M 721 -97.48 -21.52 -34.16
C SER M 721 -97.73 -22.87 -34.84
N ASP M 722 -96.67 -23.64 -35.03
CA ASP M 722 -96.77 -24.95 -35.67
C ASP M 722 -97.28 -26.01 -34.69
N CYS M 723 -97.49 -25.56 -33.44
CA CYS M 723 -98.04 -26.35 -32.33
C CYS M 723 -96.98 -27.23 -31.67
N PHE M 724 -95.97 -27.63 -32.43
CA PHE M 724 -94.89 -28.45 -31.88
C PHE M 724 -94.11 -27.72 -30.80
N LEU M 725 -93.87 -28.40 -29.69
CA LEU M 725 -92.89 -27.92 -28.72
C LEU M 725 -91.49 -28.27 -29.22
N LYS M 726 -90.51 -27.47 -28.85
CA LYS M 726 -89.12 -27.82 -29.10
C LYS M 726 -88.33 -27.70 -27.81
N LEU M 727 -88.02 -28.85 -27.21
CA LEU M 727 -87.18 -28.89 -26.02
C LEU M 727 -85.72 -28.96 -26.42
N TRP M 728 -85.10 -27.79 -26.55
CA TRP M 728 -83.69 -27.71 -26.91
C TRP M 728 -82.79 -28.19 -25.80
N ASP M 729 -81.68 -28.82 -26.17
CA ASP M 729 -80.60 -29.05 -25.23
C ASP M 729 -79.60 -27.93 -25.44
N LEU M 730 -79.50 -27.02 -24.48
CA LEU M 730 -78.69 -25.82 -24.67
C LEU M 730 -77.21 -26.16 -24.86
N ASN M 731 -76.80 -27.32 -24.37
CA ASN M 731 -75.43 -27.78 -24.54
C ASN M 731 -75.18 -28.36 -25.93
N GLN M 732 -76.24 -28.51 -26.72
CA GLN M 732 -76.11 -29.06 -28.07
C GLN M 732 -76.80 -28.20 -29.13
N LYS M 733 -76.21 -28.17 -30.32
CA LYS M 733 -76.72 -27.33 -31.40
C LYS M 733 -78.12 -27.76 -31.87
N GLU M 734 -78.41 -29.05 -31.76
CA GLU M 734 -79.71 -29.54 -32.18
C GLU M 734 -80.60 -29.92 -30.99
N CYS M 735 -81.90 -29.93 -31.23
CA CYS M 735 -82.92 -30.09 -30.19
C CYS M 735 -82.84 -31.41 -29.44
N ARG M 736 -82.97 -31.35 -28.12
CA ARG M 736 -83.01 -32.56 -27.31
C ARG M 736 -84.27 -33.38 -27.58
N ASN M 737 -85.37 -32.69 -27.87
CA ASN M 737 -86.64 -33.39 -28.13
C ASN M 737 -87.73 -32.52 -28.72
N THR M 738 -88.11 -32.82 -29.96
CA THR M 738 -89.35 -32.30 -30.53
C THR M 738 -90.53 -32.91 -29.78
N MET M 739 -91.55 -32.10 -29.48
CA MET M 739 -92.70 -32.60 -28.73
C MET M 739 -94.03 -32.14 -29.30
N PHE M 740 -94.55 -32.90 -30.25
CA PHE M 740 -95.93 -32.69 -30.68
C PHE M 740 -96.85 -33.12 -29.55
N GLY M 741 -97.92 -32.36 -29.34
CA GLY M 741 -98.85 -32.67 -28.28
C GLY M 741 -100.05 -31.75 -28.31
N HIS M 742 -99.80 -30.45 -28.32
CA HIS M 742 -100.88 -29.48 -28.37
C HIS M 742 -101.63 -29.59 -29.68
N THR M 743 -102.96 -29.55 -29.58
CA THR M 743 -103.81 -29.59 -30.77
C THR M 743 -103.94 -28.20 -31.37
N ASN M 744 -103.44 -27.20 -30.65
CA ASN M 744 -103.47 -25.81 -31.09
C ASN M 744 -102.14 -25.12 -30.79
N SER M 745 -101.95 -23.94 -31.38
CA SER M 745 -100.70 -23.21 -31.23
C SER M 745 -100.44 -22.89 -29.76
N VAL M 746 -99.19 -23.04 -29.34
CA VAL M 746 -98.81 -22.81 -27.95
C VAL M 746 -99.09 -21.37 -27.54
N ASN M 747 -99.70 -21.20 -26.37
CA ASN M 747 -99.97 -19.85 -25.86
C ASN M 747 -98.84 -19.32 -24.98
N HIS M 748 -98.21 -20.21 -24.25
CA HIS M 748 -97.13 -19.82 -23.33
C HIS M 748 -96.29 -21.04 -22.98
N CYS M 749 -95.08 -20.79 -22.47
CA CYS M 749 -94.18 -21.88 -22.10
C CYS M 749 -93.29 -21.52 -20.90
N ARG M 750 -93.17 -22.45 -19.97
CA ARG M 750 -92.31 -22.26 -18.80
C ARG M 750 -91.76 -23.60 -18.33
N PHE M 751 -90.50 -23.61 -17.88
CA PHE M 751 -89.99 -24.78 -17.19
C PHE M 751 -90.60 -24.94 -15.79
N SER M 752 -90.86 -26.18 -15.39
CA SER M 752 -91.38 -26.46 -14.05
C SER M 752 -90.24 -26.54 -13.05
N PRO M 753 -90.51 -26.20 -11.79
CA PRO M 753 -89.47 -26.22 -10.77
C PRO M 753 -88.76 -27.57 -10.74
N ASP M 754 -89.50 -28.62 -11.05
CA ASP M 754 -88.92 -29.92 -11.29
C ASP M 754 -88.48 -29.97 -12.75
N ASP M 755 -87.18 -29.86 -12.98
CA ASP M 755 -86.64 -29.77 -14.33
C ASP M 755 -86.93 -31.03 -15.14
N LYS M 756 -87.15 -32.14 -14.44
CA LYS M 756 -87.53 -33.40 -15.07
C LYS M 756 -88.87 -33.26 -15.78
N LEU M 757 -89.74 -32.43 -15.19
CA LEU M 757 -91.03 -32.09 -15.79
C LEU M 757 -90.93 -30.85 -16.67
N LEU M 758 -91.84 -30.75 -17.63
CA LEU M 758 -91.93 -29.56 -18.46
C LEU M 758 -93.37 -29.30 -18.87
N ALA M 759 -94.01 -28.37 -18.16
CA ALA M 759 -95.39 -27.99 -18.44
C ALA M 759 -95.49 -27.12 -19.68
N SER M 760 -96.65 -27.14 -20.32
CA SER M 760 -96.89 -26.29 -21.47
C SER M 760 -98.38 -25.99 -21.65
N CYS M 761 -98.67 -24.87 -22.31
CA CYS M 761 -100.06 -24.45 -22.52
C CYS M 761 -100.31 -24.10 -23.97
N SER M 762 -101.58 -24.12 -24.36
CA SER M 762 -101.98 -23.81 -25.72
C SER M 762 -103.47 -23.48 -25.83
N ALA M 763 -103.90 -23.08 -27.03
CA ALA M 763 -105.25 -22.57 -27.25
C ALA M 763 -106.33 -23.61 -26.96
N ASP M 764 -105.99 -24.88 -27.05
CA ASP M 764 -106.91 -25.94 -26.64
C ASP M 764 -107.20 -25.82 -25.16
N GLY M 765 -106.26 -25.23 -24.42
CA GLY M 765 -106.47 -24.86 -23.04
C GLY M 765 -106.02 -25.91 -22.05
N THR M 766 -105.91 -27.16 -22.52
CA THR M 766 -105.46 -28.24 -21.66
C THR M 766 -104.01 -28.02 -21.26
N LEU M 767 -103.71 -28.23 -19.98
CA LEU M 767 -102.33 -28.19 -19.50
C LEU M 767 -101.61 -29.42 -20.00
N LYS M 768 -100.30 -29.31 -20.23
CA LYS M 768 -99.54 -30.49 -20.60
C LYS M 768 -98.23 -30.60 -19.84
N LEU M 769 -98.25 -31.39 -18.77
CA LEU M 769 -97.07 -31.65 -17.97
C LEU M 769 -96.26 -32.79 -18.59
N TRP M 770 -95.36 -32.42 -19.48
CA TRP M 770 -94.51 -33.37 -20.20
C TRP M 770 -93.43 -33.94 -19.30
N ASP M 771 -93.00 -35.17 -19.58
CA ASP M 771 -91.86 -35.74 -18.88
C ASP M 771 -90.59 -35.55 -19.71
N ALA M 772 -89.86 -34.48 -19.43
CA ALA M 772 -88.69 -34.13 -20.23
C ALA M 772 -87.58 -35.17 -20.11
N THR M 773 -87.48 -35.82 -18.96
CA THR M 773 -86.44 -36.81 -18.71
C THR M 773 -86.56 -38.01 -19.64
N SER M 774 -87.79 -38.42 -19.91
CA SER M 774 -88.04 -39.53 -20.81
C SER M 774 -88.25 -39.07 -22.24
N ALA M 775 -88.25 -37.74 -22.42
CA ALA M 775 -88.58 -37.11 -23.69
C ALA M 775 -89.94 -37.57 -24.20
N ASN M 776 -90.86 -37.77 -23.26
CA ASN M 776 -92.18 -38.34 -23.55
C ASN M 776 -93.28 -37.71 -22.69
N GLU M 777 -94.53 -37.94 -23.09
CA GLU M 777 -95.69 -37.48 -22.33
C GLU M 777 -95.78 -38.16 -20.97
N ARG M 778 -96.19 -37.40 -19.96
CA ARG M 778 -96.45 -37.95 -18.64
C ARG M 778 -97.86 -37.63 -18.18
N LYS M 779 -98.19 -36.34 -18.18
CA LYS M 779 -99.50 -35.90 -17.73
C LYS M 779 -100.03 -34.75 -18.58
N SER M 780 -101.33 -34.59 -18.60
CA SER M 780 -101.97 -33.51 -19.36
C SER M 780 -103.43 -33.32 -18.92
N ILE M 781 -103.63 -32.41 -17.96
CA ILE M 781 -104.98 -32.12 -17.47
C ILE M 781 -105.86 -31.54 -18.57
N ASN M 782 -107.07 -32.05 -18.70
CA ASN M 782 -108.07 -31.44 -19.57
C ASN M 782 -108.69 -30.22 -18.90
N VAL M 783 -109.08 -29.23 -19.67
CA VAL M 783 -109.64 -28.01 -19.09
C VAL M 783 -110.98 -27.68 -19.73
N LYS M 784 -112.03 -28.29 -19.20
CA LYS M 784 -113.40 -27.93 -19.52
C LYS M 784 -114.06 -27.46 -18.23
N GLN M 785 -113.22 -27.18 -17.24
CA GLN M 785 -113.66 -26.83 -15.89
C GLN M 785 -114.44 -25.52 -15.88
N PHE M 786 -114.20 -24.70 -16.90
CA PHE M 786 -115.03 -23.52 -17.12
C PHE M 786 -116.36 -23.98 -17.71
N PHE M 787 -117.17 -24.63 -16.87
CA PHE M 787 -118.49 -25.08 -17.29
C PHE M 787 -119.40 -23.88 -17.49
N LEU M 788 -120.24 -23.95 -18.53
CA LEU M 788 -121.12 -22.84 -18.87
C LEU M 788 -122.22 -23.32 -19.81
N ASN M 789 -123.41 -23.52 -19.27
CA ASN M 789 -124.53 -24.06 -20.05
C ASN M 789 -125.30 -22.96 -20.78
N LEU M 790 -124.71 -22.44 -21.84
CA LEU M 790 -125.36 -21.43 -22.67
C LEU M 790 -126.27 -22.05 -23.72
N GLU M 791 -126.97 -21.19 -24.44
CA GLU M 791 -127.82 -21.59 -25.56
C GLU M 791 -126.98 -21.73 -26.83
N ASP M 792 -125.66 -21.56 -26.66
CA ASP M 792 -124.69 -21.70 -27.74
C ASP M 792 -124.73 -23.13 -28.27
N PRO M 793 -124.86 -23.28 -29.61
CA PRO M 793 -124.90 -24.60 -30.27
C PRO M 793 -123.69 -25.48 -29.97
N GLN M 794 -122.53 -24.88 -29.78
CA GLN M 794 -121.35 -25.62 -29.36
C GLN M 794 -121.62 -26.29 -28.02
N GLU M 795 -121.03 -27.46 -27.80
CA GLU M 795 -121.27 -28.23 -26.58
C GLU M 795 -120.60 -27.58 -25.38
N ASP M 796 -119.83 -28.37 -24.63
CA ASP M 796 -119.03 -27.82 -23.54
C ASP M 796 -118.00 -26.86 -24.10
N MET M 797 -117.80 -25.75 -23.42
CA MET M 797 -116.96 -24.67 -23.93
C MET M 797 -115.49 -25.09 -24.09
N GLU M 798 -114.88 -24.63 -25.17
CA GLU M 798 -113.48 -24.90 -25.44
C GLU M 798 -112.60 -23.84 -24.82
N VAL M 799 -112.12 -24.12 -23.60
CA VAL M 799 -111.33 -23.16 -22.84
C VAL M 799 -110.02 -22.84 -23.56
N ILE M 800 -109.62 -21.57 -23.53
CA ILE M 800 -108.39 -21.13 -24.17
C ILE M 800 -107.49 -20.46 -23.12
N VAL M 801 -106.71 -21.28 -22.41
CA VAL M 801 -105.79 -20.76 -21.40
C VAL M 801 -104.70 -19.91 -22.02
N LYS M 802 -104.34 -18.82 -21.34
CA LYS M 802 -103.26 -17.96 -21.81
C LYS M 802 -102.02 -18.08 -20.91
N CYS M 803 -102.02 -17.33 -19.82
CA CYS M 803 -100.87 -17.34 -18.91
C CYS M 803 -100.70 -18.71 -18.26
N CYS M 804 -99.45 -19.16 -18.14
CA CYS M 804 -99.14 -20.40 -17.46
C CYS M 804 -98.53 -20.11 -16.10
N SER M 805 -99.36 -19.59 -15.19
CA SER M 805 -98.90 -19.18 -13.87
C SER M 805 -98.46 -20.37 -13.01
N TRP M 806 -97.48 -20.15 -12.15
CA TRP M 806 -97.01 -21.18 -11.24
C TRP M 806 -97.21 -20.80 -9.78
N SER M 807 -97.40 -21.80 -8.94
CA SER M 807 -97.36 -21.60 -7.49
C SER M 807 -95.92 -21.27 -7.11
N ALA M 808 -95.74 -20.61 -5.97
CA ALA M 808 -94.40 -20.14 -5.59
C ALA M 808 -93.42 -21.31 -5.48
N ASP M 809 -93.92 -22.48 -5.09
CA ASP M 809 -93.13 -23.69 -5.14
C ASP M 809 -93.14 -24.32 -6.54
N GLY M 810 -94.13 -23.93 -7.34
CA GLY M 810 -94.27 -24.45 -8.69
C GLY M 810 -94.83 -25.86 -8.74
N ALA M 811 -95.36 -26.33 -7.62
CA ALA M 811 -95.86 -27.70 -7.51
C ALA M 811 -97.23 -27.86 -8.19
N ARG M 812 -97.86 -26.74 -8.51
CA ARG M 812 -99.18 -26.73 -9.11
C ARG M 812 -99.27 -25.60 -10.12
N ILE M 813 -100.18 -25.70 -11.09
CA ILE M 813 -100.25 -24.67 -12.12
C ILE M 813 -101.50 -23.81 -12.06
N MET M 814 -101.30 -22.55 -11.68
CA MET M 814 -102.31 -21.52 -11.82
C MET M 814 -102.45 -21.15 -13.30
N VAL M 815 -103.68 -20.86 -13.74
CA VAL M 815 -103.95 -20.48 -15.13
C VAL M 815 -105.13 -19.53 -15.15
N ALA M 816 -105.41 -18.95 -16.31
CA ALA M 816 -106.61 -18.12 -16.45
C ALA M 816 -107.10 -18.12 -17.89
N ALA M 817 -108.42 -18.15 -18.06
CA ALA M 817 -109.01 -18.13 -19.39
C ALA M 817 -110.47 -17.72 -19.35
N LYS M 818 -110.94 -17.14 -20.46
CA LYS M 818 -112.33 -16.74 -20.61
C LYS M 818 -112.80 -15.85 -19.45
N ASN M 819 -113.56 -16.43 -18.54
CA ASN M 819 -114.09 -15.68 -17.41
C ASN M 819 -113.57 -16.16 -16.06
N LYS M 820 -112.68 -17.15 -16.06
CA LYS M 820 -112.23 -17.74 -14.80
C LYS M 820 -110.74 -18.07 -14.77
N ILE M 821 -110.13 -17.74 -13.63
CA ILE M 821 -108.82 -18.27 -13.25
C ILE M 821 -109.04 -19.68 -12.71
N PHE M 822 -108.05 -20.55 -12.88
CA PHE M 822 -108.08 -21.89 -12.29
C PHE M 822 -106.75 -22.18 -11.60
N LEU M 823 -106.78 -23.10 -10.64
CA LEU M 823 -105.53 -23.57 -10.04
C LEU M 823 -105.50 -25.09 -10.13
N PHE M 824 -105.02 -25.59 -11.26
CA PHE M 824 -104.92 -27.03 -11.46
C PHE M 824 -103.77 -27.64 -10.69
N ASP M 825 -103.96 -28.88 -10.26
CA ASP M 825 -102.92 -29.67 -9.61
C ASP M 825 -102.43 -30.72 -10.59
N ILE M 826 -101.38 -30.38 -11.33
CA ILE M 826 -100.83 -31.26 -12.35
C ILE M 826 -100.23 -32.55 -11.78
N HIS M 827 -99.71 -32.49 -10.56
CA HIS M 827 -99.13 -33.67 -9.95
C HIS M 827 -100.19 -34.74 -9.67
N THR M 828 -101.43 -34.31 -9.42
CA THR M 828 -102.54 -35.23 -9.23
C THR M 828 -103.45 -35.27 -10.45
N SER M 829 -103.12 -34.46 -11.45
CA SER M 829 -103.88 -34.35 -12.68
C SER M 829 -105.35 -34.01 -12.42
N GLY M 830 -105.61 -33.07 -11.53
CA GLY M 830 -106.97 -32.66 -11.22
C GLY M 830 -107.10 -31.19 -10.85
N LEU M 831 -108.30 -30.66 -11.04
CA LEU M 831 -108.63 -29.28 -10.68
C LEU M 831 -108.61 -29.08 -9.18
N LEU M 832 -108.18 -27.90 -8.74
CA LEU M 832 -108.35 -27.49 -7.35
C LEU M 832 -108.98 -26.10 -7.27
N GLY M 833 -108.18 -25.07 -7.48
CA GLY M 833 -108.66 -23.71 -7.38
C GLY M 833 -109.43 -23.25 -8.61
N GLU M 834 -110.15 -22.14 -8.46
CA GLU M 834 -110.95 -21.59 -9.54
C GLU M 834 -111.42 -20.17 -9.19
N ILE M 835 -110.63 -19.18 -9.60
CA ILE M 835 -110.94 -17.79 -9.26
C ILE M 835 -111.66 -17.08 -10.41
N HIS M 836 -112.95 -16.87 -10.26
CA HIS M 836 -113.74 -16.21 -11.30
C HIS M 836 -113.28 -14.77 -11.50
N THR M 837 -113.24 -14.32 -12.75
CA THR M 837 -112.81 -12.96 -13.07
C THR M 837 -114.00 -12.00 -13.04
N GLY M 838 -113.71 -10.70 -13.08
CA GLY M 838 -114.76 -9.69 -13.04
C GLY M 838 -115.74 -9.77 -14.19
N HIS M 839 -117.03 -9.76 -13.84
CA HIS M 839 -118.11 -9.85 -14.83
C HIS M 839 -117.90 -11.01 -15.80
N HIS M 840 -118.19 -10.77 -17.07
CA HIS M 840 -118.05 -11.81 -18.09
C HIS M 840 -117.57 -11.24 -19.43
N SER M 841 -116.64 -11.96 -20.05
CA SER M 841 -116.07 -11.59 -21.33
C SER M 841 -115.15 -12.70 -21.82
N THR M 842 -113.90 -12.36 -22.08
CA THR M 842 -112.85 -13.32 -22.38
C THR M 842 -111.51 -12.69 -22.05
N ILE M 843 -110.72 -13.35 -21.22
CA ILE M 843 -109.47 -12.76 -20.72
C ILE M 843 -108.50 -12.46 -21.85
N GLN M 844 -107.93 -11.26 -21.82
CA GLN M 844 -106.88 -10.87 -22.76
C GLN M 844 -105.52 -11.01 -22.11
N TYR M 845 -105.49 -10.85 -20.79
CA TYR M 845 -104.25 -10.99 -20.03
C TYR M 845 -104.51 -11.32 -18.55
N CYS M 846 -103.54 -11.98 -17.92
CA CYS M 846 -103.66 -12.34 -16.51
C CYS M 846 -102.28 -12.54 -15.89
N ASP M 847 -102.21 -12.41 -14.57
CA ASP M 847 -100.94 -12.58 -13.85
C ASP M 847 -101.14 -12.88 -12.37
N PHE M 848 -100.87 -14.12 -11.97
CA PHE M 848 -100.86 -14.52 -10.57
C PHE M 848 -99.69 -13.94 -9.78
N SER M 849 -99.93 -13.58 -8.53
CA SER M 849 -98.88 -13.15 -7.62
C SER M 849 -98.72 -14.11 -6.45
N PRO M 850 -97.54 -14.73 -6.32
CA PRO M 850 -97.28 -15.69 -5.24
C PRO M 850 -97.43 -15.07 -3.84
N GLN M 851 -97.08 -13.80 -3.69
CA GLN M 851 -97.37 -13.07 -2.46
C GLN M 851 -98.84 -12.72 -2.34
N ASN M 852 -99.35 -12.75 -1.11
CA ASN M 852 -100.71 -12.31 -0.80
C ASN M 852 -101.80 -12.96 -1.66
N HIS M 853 -101.43 -14.01 -2.39
CA HIS M 853 -102.32 -14.68 -3.33
C HIS M 853 -102.96 -13.70 -4.31
N LEU M 854 -102.23 -12.65 -4.66
CA LEU M 854 -102.76 -11.62 -5.55
C LEU M 854 -102.82 -12.05 -7.01
N ALA M 855 -103.73 -11.41 -7.74
CA ALA M 855 -103.92 -11.66 -9.16
C ALA M 855 -104.13 -10.37 -9.93
N VAL M 856 -103.06 -9.82 -10.49
CA VAL M 856 -103.17 -8.66 -11.35
C VAL M 856 -103.60 -9.11 -12.73
N VAL M 857 -104.88 -8.95 -13.02
CA VAL M 857 -105.45 -9.46 -14.26
C VAL M 857 -105.99 -8.33 -15.13
N ALA M 858 -105.45 -8.23 -16.35
CA ALA M 858 -105.99 -7.34 -17.36
C ALA M 858 -107.02 -8.09 -18.20
N LEU M 859 -108.28 -8.02 -17.76
CA LEU M 859 -109.35 -8.76 -18.42
C LEU M 859 -109.51 -8.33 -19.88
N SER M 860 -110.01 -7.11 -20.08
CA SER M 860 -110.13 -6.54 -21.41
C SER M 860 -110.18 -5.02 -21.31
N GLN M 861 -109.69 -4.32 -22.34
CA GLN M 861 -109.66 -2.86 -22.30
C GLN M 861 -108.83 -2.37 -21.11
N TYR M 862 -107.62 -2.89 -20.99
CA TYR M 862 -106.72 -2.52 -19.92
C TYR M 862 -107.38 -2.58 -18.55
N CYS M 863 -108.31 -3.52 -18.37
CA CYS M 863 -108.98 -3.67 -17.09
C CYS M 863 -108.05 -4.43 -16.14
N VAL M 864 -107.01 -3.74 -15.70
CA VAL M 864 -105.96 -4.34 -14.89
C VAL M 864 -106.36 -4.35 -13.41
N GLU M 865 -107.32 -5.20 -13.08
CA GLU M 865 -107.80 -5.28 -11.70
C GLU M 865 -106.85 -6.08 -10.81
N LEU M 866 -106.79 -5.71 -9.54
CA LEU M 866 -106.05 -6.47 -8.55
C LEU M 866 -107.00 -7.34 -7.74
N TRP M 867 -107.08 -8.60 -8.13
CA TRP M 867 -107.87 -9.62 -7.46
C TRP M 867 -107.04 -10.34 -6.41
N ASN M 868 -107.68 -11.21 -5.64
CA ASN M 868 -106.96 -12.01 -4.66
C ASN M 868 -107.35 -13.48 -4.84
N THR M 869 -106.38 -14.30 -5.25
CA THR M 869 -106.65 -15.71 -5.58
C THR M 869 -107.00 -16.55 -4.37
N ASP M 870 -107.73 -17.64 -4.61
CA ASP M 870 -108.21 -18.57 -3.60
C ASP M 870 -109.28 -17.95 -2.72
N SER M 871 -108.98 -16.77 -2.16
CA SER M 871 -110.00 -15.98 -1.46
C SER M 871 -111.06 -15.53 -2.45
N ARG M 872 -110.67 -15.43 -3.73
CA ARG M 872 -111.59 -15.17 -4.83
C ARG M 872 -112.36 -13.86 -4.68
N SER M 873 -111.65 -12.80 -4.32
CA SER M 873 -112.22 -11.48 -4.24
C SER M 873 -111.21 -10.41 -4.67
N LYS M 874 -111.70 -9.39 -5.35
CA LYS M 874 -110.87 -8.28 -5.82
C LYS M 874 -110.28 -7.49 -4.65
N VAL M 875 -109.02 -7.08 -4.78
CA VAL M 875 -108.40 -6.23 -3.78
C VAL M 875 -108.59 -4.75 -4.13
N ALA M 876 -108.16 -4.35 -5.31
CA ALA M 876 -108.32 -2.95 -5.72
C ALA M 876 -108.19 -2.71 -7.22
N ASP M 877 -108.83 -1.65 -7.69
CA ASP M 877 -108.74 -1.26 -9.10
C ASP M 877 -107.40 -0.60 -9.39
N CYS M 878 -106.93 -0.73 -10.63
CA CYS M 878 -105.69 -0.10 -11.05
C CYS M 878 -105.86 0.61 -12.39
N ARG M 879 -106.43 1.81 -12.39
CA ARG M 879 -106.43 2.68 -13.57
C ARG M 879 -105.05 3.31 -13.91
N GLY M 880 -104.81 3.65 -15.19
CA GLY M 880 -103.56 4.24 -15.62
C GLY M 880 -102.67 3.77 -16.77
N HIS M 881 -103.09 2.80 -17.57
CA HIS M 881 -102.37 2.50 -18.82
C HIS M 881 -103.23 2.90 -20.03
N LEU M 882 -102.58 3.50 -21.03
CA LEU M 882 -103.22 3.98 -22.27
C LEU M 882 -102.83 3.00 -23.39
N SER M 883 -103.77 2.70 -24.30
CA SER M 883 -103.61 1.67 -25.37
C SER M 883 -104.10 0.26 -25.02
N TRP M 884 -104.78 0.13 -23.89
CA TRP M 884 -105.10 -1.19 -23.35
C TRP M 884 -103.78 -1.95 -23.11
N VAL M 885 -103.48 -2.28 -21.86
CA VAL M 885 -102.21 -2.91 -21.53
C VAL M 885 -101.74 -3.84 -22.63
N HIS M 886 -100.45 -4.15 -22.59
CA HIS M 886 -99.89 -5.15 -23.48
C HIS M 886 -99.23 -6.20 -22.62
N GLY M 887 -98.93 -5.86 -21.37
CA GLY M 887 -98.42 -6.89 -20.47
C GLY M 887 -97.92 -6.39 -19.12
N VAL M 888 -97.88 -7.31 -18.16
CA VAL M 888 -97.52 -7.03 -16.78
C VAL M 888 -96.76 -8.24 -16.21
N MET M 889 -95.81 -8.01 -15.31
CA MET M 889 -95.20 -9.12 -14.59
C MET M 889 -94.52 -8.65 -13.31
N PHE M 890 -94.62 -9.46 -12.26
CA PHE M 890 -94.09 -9.12 -10.95
C PHE M 890 -92.59 -9.26 -10.85
N SER M 891 -92.01 -8.52 -9.92
CA SER M 891 -90.60 -8.65 -9.56
C SER M 891 -90.37 -10.00 -8.92
N PRO M 892 -89.13 -10.54 -9.04
CA PRO M 892 -88.82 -11.80 -8.37
C PRO M 892 -89.03 -11.70 -6.87
N ASP M 893 -88.78 -10.52 -6.31
CA ASP M 893 -89.12 -10.25 -4.92
C ASP M 893 -90.64 -10.24 -4.73
N GLY M 894 -91.35 -9.89 -5.79
CA GLY M 894 -92.80 -9.83 -5.75
C GLY M 894 -93.30 -8.53 -5.15
N SER M 895 -92.37 -7.66 -4.79
CA SER M 895 -92.69 -6.39 -4.15
C SER M 895 -93.10 -5.34 -5.17
N SER M 896 -92.96 -5.66 -6.46
CA SER M 896 -93.28 -4.72 -7.53
C SER M 896 -93.57 -5.45 -8.83
N PHE M 897 -94.10 -4.72 -9.81
CA PHE M 897 -94.37 -5.31 -11.12
C PHE M 897 -94.29 -4.30 -12.26
N LEU M 898 -93.73 -4.73 -13.38
CA LEU M 898 -93.72 -3.93 -14.61
C LEU M 898 -95.07 -3.94 -15.28
N THR M 899 -95.37 -2.90 -16.06
CA THR M 899 -96.59 -2.87 -16.84
C THR M 899 -96.34 -2.40 -18.28
N SER M 900 -95.96 -3.33 -19.15
CA SER M 900 -95.81 -3.02 -20.57
C SER M 900 -97.16 -2.65 -21.15
N SER M 901 -97.19 -1.72 -22.10
CA SER M 901 -98.45 -1.26 -22.66
C SER M 901 -98.33 -0.87 -24.13
N ASP M 902 -99.48 -0.82 -24.81
CA ASP M 902 -99.50 -0.52 -26.23
C ASP M 902 -99.01 0.89 -26.55
N ASP M 903 -99.06 1.79 -25.58
CA ASP M 903 -98.64 3.16 -25.84
C ASP M 903 -97.18 3.12 -26.25
N GLN M 904 -96.48 2.11 -25.72
CA GLN M 904 -95.02 2.07 -25.60
C GLN M 904 -94.47 2.48 -24.22
N THR M 905 -95.19 2.12 -23.16
CA THR M 905 -94.95 2.61 -21.81
C THR M 905 -94.86 1.48 -20.79
N ILE M 906 -93.89 1.56 -19.90
CA ILE M 906 -93.74 0.58 -18.83
C ILE M 906 -93.78 1.26 -17.46
N ARG M 907 -94.86 1.04 -16.73
CA ARG M 907 -95.01 1.68 -15.44
C ARG M 907 -94.68 0.73 -14.30
N LEU M 908 -93.67 1.11 -13.53
CA LEU M 908 -93.33 0.45 -12.28
C LEU M 908 -94.40 0.71 -11.22
N TRP M 909 -94.65 -0.29 -10.38
CA TRP M 909 -95.62 -0.14 -9.30
C TRP M 909 -95.24 -0.90 -8.05
N GLU M 910 -95.39 -0.25 -6.90
CA GLU M 910 -95.23 -0.90 -5.61
C GLU M 910 -96.39 -1.84 -5.33
N THR M 911 -96.11 -2.96 -4.67
CA THR M 911 -97.14 -3.94 -4.33
C THR M 911 -98.20 -3.38 -3.38
N LYS M 912 -97.76 -2.59 -2.41
CA LYS M 912 -98.63 -2.05 -1.36
C LYS M 912 -99.73 -1.13 -1.90
N LYS M 913 -99.39 -0.31 -2.88
CA LYS M 913 -100.30 0.70 -3.39
C LYS M 913 -101.58 0.13 -4.00
N VAL M 914 -101.45 -0.99 -4.72
CA VAL M 914 -102.57 -1.57 -5.43
C VAL M 914 -103.72 -2.02 -4.52
N CYS M 915 -103.39 -2.59 -3.36
CA CYS M 915 -104.40 -3.11 -2.45
C CYS M 915 -105.33 -2.03 -1.92
N LYS M 916 -104.76 -0.87 -1.59
CA LYS M 916 -105.54 0.25 -1.06
C LYS M 916 -106.53 0.74 -2.11
N ASN M 917 -107.73 1.13 -1.68
CA ASN M 917 -108.75 1.55 -2.64
C ASN M 917 -108.52 2.98 -3.09
N SER M 918 -108.90 3.28 -4.33
CA SER M 918 -108.73 4.62 -4.88
C SER M 918 -109.85 4.96 -5.86
N ALA M 919 -111.07 5.05 -5.35
CA ALA M 919 -112.22 5.38 -6.18
C ALA M 919 -112.10 6.79 -6.74
N VAL M 920 -111.28 6.94 -7.78
CA VAL M 920 -111.06 8.24 -8.41
C VAL M 920 -111.05 8.13 -9.93
N MET M 921 -110.31 9.01 -10.58
CA MET M 921 -110.22 9.01 -12.04
C MET M 921 -111.60 8.91 -12.69
N LEU M 922 -112.23 10.06 -12.89
CA LEU M 922 -113.55 10.12 -13.51
C LEU M 922 -113.61 9.29 -14.80
N LYS M 923 -114.84 8.90 -15.15
CA LYS M 923 -115.14 8.09 -16.34
C LYS M 923 -114.79 8.85 -17.61
N GLN M 924 -114.41 8.11 -18.64
CA GLN M 924 -113.77 8.68 -19.82
C GLN M 924 -114.57 9.72 -20.60
N GLU M 925 -115.85 9.45 -20.82
CA GLU M 925 -116.70 10.38 -21.55
C GLU M 925 -117.70 11.04 -20.61
N VAL M 926 -117.68 12.36 -20.56
CA VAL M 926 -118.57 13.13 -19.71
C VAL M 926 -118.97 14.43 -20.38
N ASP M 927 -120.12 14.98 -19.96
CA ASP M 927 -120.56 16.27 -20.46
C ASP M 927 -120.49 17.28 -19.33
N VAL M 928 -119.87 18.44 -19.59
CA VAL M 928 -119.77 19.52 -18.61
C VAL M 928 -120.49 20.80 -19.08
N VAL M 929 -121.32 21.38 -18.20
CA VAL M 929 -122.06 22.61 -18.53
C VAL M 929 -121.57 23.80 -17.69
N PHE M 930 -121.21 24.89 -18.36
CA PHE M 930 -120.62 26.03 -17.68
C PHE M 930 -121.56 27.25 -17.54
N GLN M 931 -121.82 27.59 -16.29
CA GLN M 931 -122.78 28.61 -15.93
C GLN M 931 -122.19 29.87 -15.30
N GLU M 932 -120.90 30.10 -15.51
CA GLU M 932 -120.18 31.24 -14.93
C GLU M 932 -118.87 31.00 -14.12
N ASN M 933 -118.84 31.47 -12.87
CA ASN M 933 -117.71 31.42 -11.90
C ASN M 933 -117.24 30.05 -11.36
N GLU M 934 -118.17 29.10 -11.36
CA GLU M 934 -117.90 27.71 -11.04
C GLU M 934 -118.33 26.86 -12.23
N VAL M 935 -117.52 25.87 -12.61
CA VAL M 935 -117.82 24.96 -13.71
C VAL M 935 -118.10 23.57 -13.15
N MET M 936 -119.21 22.94 -13.58
CA MET M 936 -119.59 21.61 -13.09
C MET M 936 -119.37 20.57 -14.22
N VAL M 937 -118.69 19.47 -13.90
CA VAL M 937 -118.38 18.43 -14.88
C VAL M 937 -119.27 17.20 -14.66
N LEU M 938 -119.93 16.73 -15.71
CA LEU M 938 -120.74 15.53 -15.63
C LEU M 938 -119.84 14.33 -15.34
N ALA M 939 -120.32 13.42 -14.49
CA ALA M 939 -119.52 12.27 -14.10
C ALA M 939 -120.36 10.98 -14.03
N VAL M 940 -119.68 9.85 -14.19
CA VAL M 940 -120.31 8.54 -14.05
C VAL M 940 -119.71 7.86 -12.83
N ASP M 941 -120.58 7.38 -11.93
CA ASP M 941 -120.13 6.84 -10.65
C ASP M 941 -119.19 5.67 -10.89
N HIS M 942 -118.20 5.53 -10.01
CA HIS M 942 -117.21 4.47 -10.13
C HIS M 942 -117.87 3.10 -10.02
N ILE M 943 -119.02 3.06 -9.35
CA ILE M 943 -119.73 1.80 -9.18
C ILE M 943 -121.01 1.73 -10.03
N ARG M 944 -121.85 2.75 -9.94
CA ARG M 944 -123.17 2.69 -10.57
C ARG M 944 -123.48 3.88 -11.49
N ARG M 945 -124.18 4.88 -10.95
CA ARG M 945 -124.72 5.96 -11.78
C ARG M 945 -123.76 7.12 -11.94
N LEU M 946 -123.84 8.08 -11.01
CA LEU M 946 -123.08 9.32 -11.16
C LEU M 946 -122.89 10.11 -9.86
N GLN M 947 -121.91 11.00 -9.88
CA GLN M 947 -121.71 12.01 -8.84
C GLN M 947 -121.29 13.31 -9.51
N LEU M 948 -121.89 14.41 -9.07
CA LEU M 948 -121.52 15.70 -9.60
C LEU M 948 -120.59 16.35 -8.62
N ILE M 949 -119.34 16.50 -9.02
CA ILE M 949 -118.37 17.24 -8.22
C ILE M 949 -118.03 18.57 -8.88
N ASN M 950 -118.44 19.66 -8.25
CA ASN M 950 -118.08 20.98 -8.73
C ASN M 950 -116.59 21.20 -8.54
N GLY M 951 -116.00 22.03 -9.39
CA GLY M 951 -114.60 22.37 -9.24
C GLY M 951 -114.42 23.28 -8.04
N ARG M 952 -113.19 23.31 -7.53
CA ARG M 952 -112.85 24.14 -6.37
C ARG M 952 -113.70 23.84 -5.14
N THR M 953 -114.14 22.58 -5.01
CA THR M 953 -114.89 22.14 -3.83
C THR M 953 -114.94 20.62 -3.74
N GLY M 954 -115.25 20.14 -2.54
CA GLY M 954 -115.41 18.71 -2.30
C GLY M 954 -116.86 18.29 -2.30
N GLN M 955 -117.70 19.11 -2.92
CA GLN M 955 -119.14 18.91 -2.90
C GLN M 955 -119.61 17.85 -3.92
N ILE M 956 -119.51 16.59 -3.52
CA ILE M 956 -120.02 15.48 -4.33
C ILE M 956 -121.55 15.54 -4.41
N ASP M 957 -122.12 15.19 -5.56
CA ASP M 957 -123.57 15.16 -5.72
C ASP M 957 -124.00 13.83 -6.37
N TYR M 958 -124.07 12.79 -5.55
CA TYR M 958 -124.43 11.46 -6.00
C TYR M 958 -125.91 11.33 -6.34
N LEU M 959 -126.22 10.48 -7.32
CA LEU M 959 -127.60 10.18 -7.69
C LEU M 959 -127.74 8.70 -8.04
N THR M 960 -128.95 8.16 -7.93
CA THR M 960 -129.18 6.74 -8.19
C THR M 960 -130.03 6.44 -9.43
N GLU M 961 -129.57 5.44 -10.19
CA GLU M 961 -130.29 4.92 -11.35
C GLU M 961 -129.59 3.61 -11.76
N ALA M 962 -130.26 2.77 -12.52
CA ALA M 962 -129.64 1.52 -12.97
C ALA M 962 -128.67 1.79 -14.11
N GLN M 963 -127.54 2.41 -13.77
CA GLN M 963 -126.48 2.75 -14.71
C GLN M 963 -126.98 3.59 -15.89
N VAL M 964 -126.90 4.91 -15.74
CA VAL M 964 -127.29 5.81 -16.82
C VAL M 964 -126.37 5.66 -18.02
N SER M 965 -126.93 5.73 -19.22
CA SER M 965 -126.17 5.58 -20.45
C SER M 965 -125.50 6.90 -20.87
N CYS M 966 -126.22 7.99 -20.64
CA CYS M 966 -125.76 9.32 -21.00
C CYS M 966 -126.61 10.34 -20.25
N CYS M 967 -126.17 11.60 -20.20
CA CYS M 967 -126.89 12.60 -19.41
C CYS M 967 -126.91 13.98 -20.06
N CYS M 968 -127.91 14.78 -19.68
CA CYS M 968 -128.05 16.14 -20.18
C CYS M 968 -128.87 17.01 -19.24
N LEU M 969 -128.33 18.17 -18.88
CA LEU M 969 -129.08 19.15 -18.09
C LEU M 969 -130.05 19.96 -18.94
N SER M 970 -131.13 20.41 -18.31
CA SER M 970 -132.14 21.24 -18.96
C SER M 970 -131.66 22.68 -19.14
N PRO M 971 -132.23 23.37 -20.15
CA PRO M 971 -131.97 24.80 -20.33
C PRO M 971 -132.50 25.59 -19.12
N HIS M 972 -131.80 26.66 -18.75
CA HIS M 972 -132.16 27.46 -17.58
C HIS M 972 -132.26 26.61 -16.31
N LEU M 973 -131.42 25.58 -16.24
CA LEU M 973 -131.34 24.70 -15.08
C LEU M 973 -132.68 24.06 -14.72
N GLN M 974 -132.92 23.93 -13.42
CA GLN M 974 -134.20 23.46 -12.86
C GLN M 974 -134.52 21.99 -13.12
N TYR M 975 -133.71 21.33 -13.94
CA TYR M 975 -133.92 19.91 -14.22
C TYR M 975 -132.61 19.21 -14.54
N ILE M 976 -132.69 17.88 -14.59
CA ILE M 976 -131.57 17.03 -14.96
C ILE M 976 -132.14 15.88 -15.78
N ALA M 977 -131.34 15.27 -16.66
CA ALA M 977 -131.87 14.18 -17.48
C ALA M 977 -130.82 13.15 -17.84
N PHE M 978 -131.29 11.97 -18.21
CA PHE M 978 -130.40 10.88 -18.59
C PHE M 978 -131.07 9.89 -19.56
N GLY M 979 -130.24 9.23 -20.36
CA GLY M 979 -130.70 8.19 -21.27
C GLY M 979 -130.69 6.83 -20.62
N ASP M 980 -130.90 5.79 -21.42
CA ASP M 980 -130.94 4.42 -20.90
C ASP M 980 -130.56 3.43 -22.00
N GLU M 981 -130.23 2.21 -21.58
CA GLU M 981 -129.83 1.15 -22.50
C GLU M 981 -130.96 0.79 -23.46
N ASN M 982 -132.19 0.97 -23.02
CA ASN M 982 -133.36 0.76 -23.86
C ASN M 982 -133.68 1.97 -24.73
N GLY M 983 -132.93 3.04 -24.53
CA GLY M 983 -133.15 4.29 -25.23
C GLY M 983 -134.17 5.18 -24.55
N ALA M 984 -134.69 4.71 -23.41
CA ALA M 984 -135.59 5.50 -22.58
C ALA M 984 -134.84 6.69 -22.01
N ILE M 985 -135.50 7.84 -21.90
CA ILE M 985 -134.84 9.03 -21.40
C ILE M 985 -135.66 9.74 -20.33
N GLU M 986 -135.24 9.63 -19.08
CA GLU M 986 -135.87 10.32 -17.96
C GLU M 986 -135.37 11.76 -17.82
N ILE M 987 -136.23 12.63 -17.32
CA ILE M 987 -135.81 13.99 -16.97
C ILE M 987 -136.23 14.32 -15.53
N LEU M 988 -135.42 13.91 -14.57
CA LEU M 988 -135.70 14.18 -13.16
C LEU M 988 -135.69 15.68 -12.86
N GLU M 989 -136.69 16.15 -12.10
CA GLU M 989 -136.71 17.52 -11.65
C GLU M 989 -135.75 17.72 -10.48
N LEU M 990 -135.15 18.90 -10.38
CA LEU M 990 -134.27 19.21 -9.26
C LEU M 990 -135.05 19.51 -7.99
N VAL M 991 -136.17 20.19 -8.14
CA VAL M 991 -136.98 20.61 -7.00
C VAL M 991 -137.55 19.41 -6.25
N ASN M 992 -137.84 18.34 -6.97
CA ASN M 992 -138.41 17.15 -6.36
C ASN M 992 -138.01 15.88 -7.12
N ASN M 993 -137.46 14.93 -6.40
CA ASN M 993 -137.06 13.64 -6.97
C ASN M 993 -138.25 12.79 -7.42
N ARG M 994 -139.41 13.02 -6.83
CA ARG M 994 -140.61 12.26 -7.19
C ARG M 994 -141.09 12.53 -8.62
N ILE M 995 -140.86 13.75 -9.10
CA ILE M 995 -141.35 14.14 -10.42
C ILE M 995 -140.35 13.82 -11.53
N PHE M 996 -140.81 13.07 -12.52
CA PHE M 996 -139.99 12.69 -13.65
C PHE M 996 -140.86 12.30 -14.83
N GLN M 997 -140.29 12.32 -16.02
CA GLN M 997 -140.93 11.77 -17.21
C GLN M 997 -139.96 10.76 -17.79
N SER M 998 -140.43 9.58 -18.17
CA SER M 998 -139.56 8.57 -18.78
C SER M 998 -140.05 8.33 -20.21
N ARG M 999 -139.14 8.34 -21.17
CA ARG M 999 -139.55 8.12 -22.56
C ARG M 999 -139.00 6.79 -23.07
N PHE M 1000 -139.86 5.97 -23.64
CA PHE M 1000 -139.40 4.66 -24.13
C PHE M 1000 -139.30 4.71 -25.66
N GLN M 1001 -138.10 4.51 -26.19
CA GLN M 1001 -137.90 4.75 -27.61
C GLN M 1001 -136.54 4.19 -28.02
N HIS M 1002 -136.34 4.03 -29.33
CA HIS M 1002 -135.08 3.57 -29.93
C HIS M 1002 -134.83 2.09 -29.69
N LYS M 1003 -134.40 1.41 -30.74
CA LYS M 1003 -134.13 -0.02 -30.69
C LYS M 1003 -133.01 -0.36 -29.70
N LYS M 1004 -132.08 0.57 -29.54
CA LYS M 1004 -130.93 0.37 -28.66
C LYS M 1004 -130.74 1.57 -27.76
N THR M 1005 -129.53 1.71 -27.21
CA THR M 1005 -129.20 2.85 -26.37
C THR M 1005 -129.27 4.14 -27.19
N VAL M 1006 -129.85 5.18 -26.60
CA VAL M 1006 -129.99 6.47 -27.28
C VAL M 1006 -128.61 7.12 -27.54
N TRP M 1007 -128.46 7.72 -28.72
CA TRP M 1007 -127.24 8.42 -29.06
C TRP M 1007 -127.29 9.86 -28.55
N HIS M 1008 -127.25 10.80 -29.49
CA HIS M 1008 -127.23 12.22 -29.16
C HIS M 1008 -128.50 12.67 -28.47
N ILE M 1009 -128.36 13.55 -27.50
CA ILE M 1009 -129.49 14.14 -26.78
C ILE M 1009 -129.32 15.65 -26.69
N GLN M 1010 -130.36 16.40 -27.02
CA GLN M 1010 -130.27 17.85 -26.94
C GLN M 1010 -131.65 18.45 -26.69
N PHE M 1011 -131.67 19.54 -25.95
CA PHE M 1011 -132.90 20.22 -25.58
C PHE M 1011 -133.13 21.47 -26.42
N THR M 1012 -134.38 21.88 -26.57
CA THR M 1012 -134.72 23.09 -27.29
C THR M 1012 -134.40 24.32 -26.42
N ALA M 1013 -134.47 25.50 -27.02
CA ALA M 1013 -134.27 26.74 -26.27
C ALA M 1013 -135.34 26.87 -25.20
N ASP M 1014 -136.50 26.29 -25.45
CA ASP M 1014 -137.53 26.13 -24.44
C ASP M 1014 -137.08 25.10 -23.42
N GLU M 1015 -137.52 25.24 -22.18
CA GLU M 1015 -137.21 24.27 -21.15
C GLU M 1015 -137.83 22.92 -21.49
N LYS M 1016 -138.90 22.95 -22.28
CA LYS M 1016 -139.61 21.76 -22.72
C LYS M 1016 -138.97 21.13 -23.95
N THR M 1017 -139.47 19.93 -24.28
CA THR M 1017 -139.14 19.20 -25.51
C THR M 1017 -137.73 18.60 -25.53
N LEU M 1018 -137.66 17.31 -25.20
CA LEU M 1018 -136.46 16.50 -25.41
C LEU M 1018 -136.26 16.24 -26.90
N ILE M 1019 -135.00 16.16 -27.33
CA ILE M 1019 -134.72 15.69 -28.68
C ILE M 1019 -133.60 14.65 -28.58
N SER M 1020 -133.70 13.59 -29.36
CA SER M 1020 -132.75 12.49 -29.28
C SER M 1020 -132.67 11.69 -30.57
N SER M 1021 -131.71 10.76 -30.65
CA SER M 1021 -131.59 9.87 -31.79
C SER M 1021 -130.83 8.60 -31.40
N SER M 1022 -130.97 7.56 -32.21
CA SER M 1022 -130.23 6.31 -31.99
C SER M 1022 -130.22 5.46 -33.26
N ASP M 1023 -130.46 4.17 -33.10
CA ASP M 1023 -130.43 3.24 -34.22
C ASP M 1023 -131.56 3.50 -35.20
N ASP M 1024 -132.63 4.12 -34.74
CA ASP M 1024 -133.76 4.44 -35.60
C ASP M 1024 -133.37 5.44 -36.68
N ALA M 1025 -133.93 5.27 -37.88
CA ALA M 1025 -133.69 6.20 -38.98
C ALA M 1025 -134.23 7.58 -38.64
N GLU M 1026 -135.32 7.59 -37.88
CA GLU M 1026 -135.97 8.83 -37.47
C GLU M 1026 -135.19 9.54 -36.37
N ILE M 1027 -135.27 10.86 -36.34
CA ILE M 1027 -134.74 11.61 -35.22
C ILE M 1027 -135.85 11.91 -34.23
N GLN M 1028 -135.77 11.31 -33.06
CA GLN M 1028 -136.77 11.49 -32.02
C GLN M 1028 -136.86 12.94 -31.53
N VAL M 1029 -138.09 13.40 -31.36
CA VAL M 1029 -138.35 14.64 -30.63
C VAL M 1029 -139.49 14.36 -29.67
N TRP M 1030 -139.13 14.05 -28.43
CA TRP M 1030 -140.10 13.70 -27.41
C TRP M 1030 -140.24 14.82 -26.39
N ASN M 1031 -141.29 15.62 -26.54
CA ASN M 1031 -141.56 16.64 -25.54
C ASN M 1031 -141.94 15.94 -24.24
N TRP M 1032 -141.37 16.39 -23.13
CA TRP M 1032 -141.63 15.77 -21.84
C TRP M 1032 -142.86 16.39 -21.19
N GLN M 1033 -143.35 15.77 -20.11
CA GLN M 1033 -144.58 16.17 -19.44
C GLN M 1033 -145.77 15.99 -20.37
N LEU M 1034 -145.76 16.74 -21.47
CA LEU M 1034 -146.77 16.59 -22.51
C LEU M 1034 -146.67 15.22 -23.15
N ASP M 1035 -145.48 14.63 -23.05
CA ASP M 1035 -145.18 13.30 -23.59
C ASP M 1035 -145.40 13.23 -25.09
N LYS M 1036 -145.16 14.34 -25.78
CA LYS M 1036 -145.33 14.40 -27.23
C LYS M 1036 -144.23 13.62 -27.93
N CYS M 1037 -144.54 13.07 -29.10
CA CYS M 1037 -143.61 12.20 -29.80
C CYS M 1037 -143.45 12.56 -31.27
N ILE M 1038 -143.08 13.82 -31.56
CA ILE M 1038 -142.86 14.22 -32.94
C ILE M 1038 -141.61 13.50 -33.47
N PHE M 1039 -141.66 13.03 -34.71
CA PHE M 1039 -140.50 12.34 -35.28
C PHE M 1039 -139.97 13.04 -36.54
N LEU M 1040 -138.66 12.96 -36.72
CA LEU M 1040 -138.01 13.43 -37.94
C LEU M 1040 -137.76 12.24 -38.88
N ARG M 1041 -138.68 12.01 -39.80
CA ARG M 1041 -138.62 10.83 -40.66
C ARG M 1041 -137.62 11.03 -41.80
N GLY M 1042 -136.35 10.84 -41.51
CA GLY M 1042 -135.29 11.05 -42.48
C GLY M 1042 -135.05 9.93 -43.48
N HIS M 1043 -135.63 8.76 -43.22
CA HIS M 1043 -135.48 7.59 -44.09
C HIS M 1043 -134.01 7.23 -44.36
N GLN M 1044 -133.15 7.56 -43.40
CA GLN M 1044 -131.76 7.15 -43.40
C GLN M 1044 -131.59 5.76 -42.79
N GLU M 1045 -130.43 5.14 -43.00
CA GLU M 1045 -130.14 3.86 -42.34
C GLU M 1045 -130.15 4.16 -40.85
N THR M 1046 -129.55 5.30 -40.51
CA THR M 1046 -129.75 5.93 -39.22
C THR M 1046 -129.27 7.38 -39.37
N VAL M 1047 -129.73 8.26 -38.48
CA VAL M 1047 -129.11 9.58 -38.42
C VAL M 1047 -127.97 9.55 -37.41
N LYS M 1048 -126.78 9.95 -37.87
CA LYS M 1048 -125.58 9.86 -37.05
C LYS M 1048 -125.58 10.85 -35.90
N ASP M 1049 -125.94 12.11 -36.20
CA ASP M 1049 -125.92 13.14 -35.17
C ASP M 1049 -126.74 14.34 -35.60
N PHE M 1050 -127.05 15.22 -34.66
CA PHE M 1050 -127.81 16.43 -34.95
C PHE M 1050 -127.45 17.53 -33.96
N ARG M 1051 -127.71 18.77 -34.36
CA ARG M 1051 -127.43 19.93 -33.52
C ARG M 1051 -128.47 21.03 -33.71
N LEU M 1052 -128.61 21.88 -32.69
CA LEU M 1052 -129.50 23.04 -32.75
C LEU M 1052 -128.98 24.15 -33.66
N LEU M 1053 -129.89 24.74 -34.44
CA LEU M 1053 -129.58 25.95 -35.19
C LEU M 1053 -130.23 27.15 -34.50
N LYS M 1054 -129.76 28.35 -34.82
CA LYS M 1054 -130.25 29.56 -34.17
C LYS M 1054 -131.75 29.77 -34.43
N ASN M 1055 -132.21 29.30 -35.58
CA ASN M 1055 -133.63 29.37 -35.92
C ASN M 1055 -134.41 28.23 -35.26
N SER M 1056 -135.60 27.96 -35.80
CA SER M 1056 -136.37 26.81 -35.37
C SER M 1056 -135.84 25.56 -36.08
N ARG M 1057 -134.92 25.78 -37.01
CA ARG M 1057 -134.30 24.70 -37.76
C ARG M 1057 -133.45 23.79 -36.88
N LEU M 1058 -133.42 22.51 -37.22
CA LEU M 1058 -132.58 21.55 -36.49
C LEU M 1058 -131.62 20.83 -37.43
N LEU M 1059 -130.35 21.22 -37.39
CA LEU M 1059 -129.33 20.62 -38.26
C LEU M 1059 -129.12 19.15 -37.91
N SER M 1060 -128.80 18.34 -38.91
CA SER M 1060 -128.53 16.92 -38.71
C SER M 1060 -127.72 16.32 -39.83
N TRP M 1061 -127.14 15.15 -39.57
CA TRP M 1061 -126.44 14.39 -40.61
C TRP M 1061 -126.37 12.91 -40.24
N SER M 1062 -126.30 12.07 -41.27
CA SER M 1062 -126.35 10.62 -41.08
C SER M 1062 -125.14 9.92 -41.69
N PHE M 1063 -125.28 8.62 -41.88
CA PHE M 1063 -124.24 7.83 -42.51
C PHE M 1063 -124.24 7.92 -44.04
N ASP M 1064 -125.28 8.51 -44.61
CA ASP M 1064 -125.26 8.80 -46.04
C ASP M 1064 -124.54 10.12 -46.31
N GLY M 1065 -124.23 10.84 -45.23
CA GLY M 1065 -123.47 12.07 -45.34
C GLY M 1065 -124.30 13.27 -45.73
N THR M 1066 -125.61 13.08 -45.80
CA THR M 1066 -126.50 14.20 -46.05
C THR M 1066 -126.43 15.18 -44.89
N VAL M 1067 -126.34 16.47 -45.22
CA VAL M 1067 -126.38 17.51 -44.20
C VAL M 1067 -127.78 18.12 -44.21
N LYS M 1068 -128.70 17.43 -43.55
CA LYS M 1068 -130.08 17.85 -43.48
C LYS M 1068 -130.28 19.06 -42.57
N VAL M 1069 -131.22 19.92 -42.96
CA VAL M 1069 -131.63 21.02 -42.10
C VAL M 1069 -133.11 20.89 -41.82
N TRP M 1070 -133.42 20.32 -40.66
CA TRP M 1070 -134.80 20.06 -40.23
C TRP M 1070 -135.36 21.26 -39.46
N ASN M 1071 -136.27 20.96 -38.54
CA ASN M 1071 -136.81 21.96 -37.62
C ASN M 1071 -136.93 21.40 -36.20
N ILE M 1072 -136.76 22.26 -35.21
CA ILE M 1072 -136.86 21.85 -33.82
C ILE M 1072 -138.31 21.54 -33.46
N ILE M 1073 -138.49 20.67 -32.48
CA ILE M 1073 -139.81 20.24 -32.02
C ILE M 1073 -140.55 19.56 -33.18
N THR M 1074 -141.10 20.37 -34.09
CA THR M 1074 -141.77 19.85 -35.26
C THR M 1074 -140.76 19.34 -36.30
N GLY M 1075 -140.92 18.08 -36.70
CA GLY M 1075 -140.09 17.51 -37.74
C GLY M 1075 -140.46 18.06 -39.12
N ASN M 1076 -139.50 18.67 -39.78
CA ASN M 1076 -139.71 19.22 -41.12
C ASN M 1076 -138.39 19.53 -41.80
N LYS M 1077 -138.03 18.71 -42.79
CA LYS M 1077 -136.76 18.83 -43.47
C LYS M 1077 -136.79 19.99 -44.45
N GLU M 1078 -136.64 21.21 -43.93
CA GLU M 1078 -136.70 22.44 -44.73
C GLU M 1078 -135.61 22.69 -45.79
N LYS M 1079 -134.35 22.43 -45.43
CA LYS M 1079 -133.22 22.59 -46.36
C LYS M 1079 -132.45 21.26 -46.31
N ASP M 1080 -132.13 20.66 -47.45
CA ASP M 1080 -131.42 19.38 -47.44
C ASP M 1080 -130.08 19.47 -48.19
N PHE M 1081 -128.99 18.96 -47.61
CA PHE M 1081 -127.69 19.03 -48.26
C PHE M 1081 -127.02 17.65 -48.39
N VAL M 1082 -126.38 17.39 -49.54
CA VAL M 1082 -125.71 16.10 -49.73
C VAL M 1082 -124.21 16.38 -49.91
N CYS M 1083 -123.59 16.87 -48.84
CA CYS M 1083 -122.21 17.32 -48.89
C CYS M 1083 -121.22 16.17 -49.08
N HIS M 1084 -121.63 14.96 -48.69
CA HIS M 1084 -120.74 13.81 -48.79
C HIS M 1084 -121.49 12.54 -49.13
N GLN M 1085 -121.00 11.80 -50.12
CA GLN M 1085 -121.54 10.48 -50.41
C GLN M 1085 -121.23 9.55 -49.24
N GLY M 1086 -120.09 9.78 -48.60
CA GLY M 1086 -119.72 9.08 -47.38
C GLY M 1086 -120.29 9.80 -46.18
N THR M 1087 -120.07 9.24 -45.00
CA THR M 1087 -120.62 9.82 -43.77
C THR M 1087 -120.00 11.17 -43.48
N VAL M 1088 -120.80 12.08 -42.92
CA VAL M 1088 -120.27 13.34 -42.43
C VAL M 1088 -119.35 13.08 -41.25
N LEU M 1089 -118.05 13.23 -41.46
CA LEU M 1089 -117.09 12.87 -40.41
C LEU M 1089 -117.06 13.74 -39.14
N SER M 1090 -116.98 15.04 -39.31
CA SER M 1090 -117.13 16.02 -38.23
C SER M 1090 -117.75 17.16 -39.01
N CYS M 1091 -118.79 17.79 -38.48
CA CYS M 1091 -119.36 18.99 -39.11
C CYS M 1091 -119.42 20.01 -37.97
N ASP M 1092 -118.95 21.24 -38.20
CA ASP M 1092 -119.05 22.28 -37.18
C ASP M 1092 -119.86 23.44 -37.72
N ILE M 1093 -120.70 24.02 -36.85
CA ILE M 1093 -121.45 25.26 -37.14
C ILE M 1093 -120.90 26.46 -36.35
N SER M 1094 -120.78 27.61 -37.02
CA SER M 1094 -120.09 28.80 -36.48
C SER M 1094 -120.67 29.50 -35.23
N HIS M 1095 -121.99 29.62 -35.15
CA HIS M 1095 -122.69 30.18 -33.96
C HIS M 1095 -122.97 31.70 -33.90
N ASP M 1096 -122.51 32.48 -34.87
CA ASP M 1096 -123.02 33.83 -35.08
C ASP M 1096 -124.11 33.76 -36.14
N ALA M 1097 -125.25 34.40 -35.86
CA ALA M 1097 -126.44 34.30 -36.70
C ALA M 1097 -126.68 32.85 -37.14
N THR M 1098 -126.90 32.67 -38.44
CA THR M 1098 -126.87 31.35 -39.06
C THR M 1098 -126.15 31.51 -40.38
N LYS M 1099 -125.24 32.49 -40.40
CA LYS M 1099 -124.61 32.97 -41.62
C LYS M 1099 -123.73 31.92 -42.32
N PHE M 1100 -123.18 30.99 -41.56
CA PHE M 1100 -122.37 29.92 -42.13
C PHE M 1100 -122.42 28.60 -41.37
N SER M 1101 -122.09 27.54 -42.09
CA SER M 1101 -121.86 26.22 -41.50
C SER M 1101 -121.00 25.42 -42.48
N SER M 1102 -120.22 24.49 -41.98
CA SER M 1102 -119.32 23.73 -42.83
C SER M 1102 -119.07 22.33 -42.30
N THR M 1103 -118.62 21.46 -43.20
CA THR M 1103 -118.30 20.09 -42.85
C THR M 1103 -117.19 19.56 -43.74
N SER M 1104 -116.45 18.59 -43.21
CA SER M 1104 -115.43 17.88 -43.97
C SER M 1104 -115.51 16.41 -43.59
N ALA M 1105 -115.33 15.53 -44.57
CA ALA M 1105 -115.57 14.11 -44.34
C ALA M 1105 -114.73 13.22 -45.24
N ASP M 1106 -113.42 13.37 -45.16
CA ASP M 1106 -112.47 12.58 -45.94
C ASP M 1106 -112.80 12.70 -47.43
N LYS M 1107 -113.02 13.92 -47.87
CA LYS M 1107 -113.39 14.19 -49.25
C LYS M 1107 -113.12 15.64 -49.60
N THR M 1108 -114.04 16.52 -49.22
CA THR M 1108 -113.89 17.96 -49.44
C THR M 1108 -114.43 18.75 -48.25
N ALA M 1109 -113.81 19.88 -47.95
CA ALA M 1109 -114.28 20.73 -46.87
C ALA M 1109 -115.33 21.72 -47.37
N LYS M 1110 -116.57 21.26 -47.47
CA LYS M 1110 -117.66 22.10 -47.95
C LYS M 1110 -118.14 23.11 -46.90
N ILE M 1111 -118.63 24.25 -47.38
CA ILE M 1111 -119.14 25.33 -46.53
C ILE M 1111 -120.30 26.03 -47.23
N TRP M 1112 -121.30 26.41 -46.43
CA TRP M 1112 -122.56 26.94 -46.93
C TRP M 1112 -123.14 28.00 -46.00
N SER M 1113 -124.11 28.75 -46.50
CA SER M 1113 -124.81 29.76 -45.70
C SER M 1113 -126.27 29.38 -45.51
N PHE M 1114 -126.59 28.12 -45.78
CA PHE M 1114 -127.95 27.56 -45.70
C PHE M 1114 -128.92 28.09 -46.77
N ASP M 1115 -128.65 29.29 -47.29
CA ASP M 1115 -129.54 29.88 -48.28
C ASP M 1115 -129.59 29.05 -49.55
N LEU M 1116 -128.49 28.39 -49.89
CA LEU M 1116 -128.45 27.52 -51.06
C LEU M 1116 -128.57 26.05 -50.67
N LEU M 1117 -129.08 25.24 -51.59
CA LEU M 1117 -129.23 23.80 -51.36
C LEU M 1117 -127.89 23.09 -51.52
N LEU M 1118 -126.91 23.82 -52.03
CA LEU M 1118 -125.56 23.31 -52.18
C LEU M 1118 -124.59 24.27 -51.50
N PRO M 1119 -123.43 23.76 -51.03
CA PRO M 1119 -122.51 24.60 -50.27
C PRO M 1119 -121.96 25.77 -51.08
N LEU M 1120 -121.75 26.91 -50.42
CA LEU M 1120 -121.23 28.11 -51.08
C LEU M 1120 -119.82 27.91 -51.60
N HIS M 1121 -119.09 26.98 -51.00
CA HIS M 1121 -117.79 26.61 -51.54
C HIS M 1121 -117.45 25.18 -51.14
N GLU M 1122 -116.63 24.52 -51.95
CA GLU M 1122 -116.23 23.15 -51.70
C GLU M 1122 -114.71 23.08 -51.64
N LEU M 1123 -114.15 23.27 -50.44
CA LEU M 1123 -112.69 23.33 -50.31
C LEU M 1123 -112.06 22.02 -50.72
N ARG M 1124 -110.98 22.13 -51.50
CA ARG M 1124 -110.28 20.97 -52.03
C ARG M 1124 -108.77 21.17 -51.96
N GLY M 1125 -108.31 21.75 -50.85
CA GLY M 1125 -106.91 22.03 -50.67
C GLY M 1125 -106.12 20.88 -50.07
N HIS M 1126 -106.79 19.76 -49.81
CA HIS M 1126 -106.14 18.64 -49.14
C HIS M 1126 -106.41 17.32 -49.86
N ASN M 1127 -105.37 16.81 -50.54
CA ASN M 1127 -105.45 15.54 -51.25
C ASN M 1127 -105.60 14.36 -50.28
N GLY M 1128 -105.12 14.55 -49.06
CA GLY M 1128 -105.27 13.54 -48.02
C GLY M 1128 -106.63 13.64 -47.37
N CYS M 1129 -107.40 14.64 -47.79
CA CYS M 1129 -108.78 14.84 -47.35
C CYS M 1129 -108.90 15.23 -45.88
N VAL M 1130 -109.46 16.40 -45.63
CA VAL M 1130 -109.66 16.90 -44.26
C VAL M 1130 -110.65 16.05 -43.48
N ARG M 1131 -110.32 15.77 -42.21
CA ARG M 1131 -111.14 14.91 -41.36
C ARG M 1131 -112.17 15.66 -40.53
N CYS M 1132 -111.85 16.88 -40.13
CA CYS M 1132 -112.74 17.63 -39.25
C CYS M 1132 -112.50 19.14 -39.36
N SER M 1133 -113.47 19.92 -38.87
CA SER M 1133 -113.40 21.37 -38.99
C SER M 1133 -114.13 22.07 -37.85
N ALA M 1134 -113.72 23.31 -37.55
CA ALA M 1134 -114.37 24.10 -36.51
C ALA M 1134 -114.31 25.60 -36.83
N PHE M 1135 -115.44 26.30 -36.61
CA PHE M 1135 -115.52 27.74 -36.84
C PHE M 1135 -114.87 28.62 -35.79
N SER M 1136 -114.50 29.82 -36.23
CA SER M 1136 -113.94 30.85 -35.38
C SER M 1136 -114.94 31.33 -34.34
N VAL M 1137 -114.41 31.82 -33.23
CA VAL M 1137 -115.25 32.36 -32.18
C VAL M 1137 -115.75 33.74 -32.63
N ASP M 1138 -116.80 33.71 -33.44
CA ASP M 1138 -117.41 34.91 -34.02
C ASP M 1138 -116.41 35.78 -34.78
N SER M 1139 -115.59 35.14 -35.59
CA SER M 1139 -114.62 35.85 -36.44
C SER M 1139 -114.78 35.46 -37.91
N THR M 1140 -113.68 35.13 -38.57
CA THR M 1140 -113.72 34.73 -39.97
C THR M 1140 -112.80 33.54 -40.25
N LEU M 1141 -112.21 33.01 -39.18
CA LEU M 1141 -111.36 31.82 -39.28
C LEU M 1141 -112.19 30.55 -39.39
N LEU M 1142 -111.61 29.51 -39.97
CA LEU M 1142 -112.28 28.21 -40.04
C LEU M 1142 -111.26 27.07 -40.18
N ALA M 1143 -110.94 26.45 -39.05
CA ALA M 1143 -109.97 25.36 -39.03
C ALA M 1143 -110.47 24.15 -39.80
N THR M 1144 -109.54 23.42 -40.42
CA THR M 1144 -109.86 22.16 -41.07
C THR M 1144 -108.85 21.10 -40.63
N GLY M 1145 -109.26 20.25 -39.70
CA GLY M 1145 -108.40 19.26 -39.10
C GLY M 1145 -108.10 18.02 -39.91
N ASP M 1146 -106.84 17.63 -39.94
CA ASP M 1146 -106.40 16.43 -40.66
C ASP M 1146 -106.31 15.23 -39.72
N ASP M 1147 -106.24 14.03 -40.29
CA ASP M 1147 -106.16 12.80 -39.49
C ASP M 1147 -104.90 12.74 -38.65
N ASN M 1148 -103.84 13.39 -39.12
CA ASN M 1148 -102.57 13.41 -38.40
C ASN M 1148 -102.46 14.63 -37.48
N GLY M 1149 -103.61 15.28 -37.23
CA GLY M 1149 -103.66 16.39 -36.31
C GLY M 1149 -103.28 17.70 -36.97
N GLU M 1150 -102.95 17.63 -38.25
CA GLU M 1150 -102.64 18.83 -39.01
C GLU M 1150 -103.90 19.69 -39.12
N ILE M 1151 -103.71 21.00 -39.02
CA ILE M 1151 -104.82 21.93 -39.13
C ILE M 1151 -104.58 22.89 -40.27
N ARG M 1152 -105.59 23.12 -41.09
CA ARG M 1152 -105.49 24.13 -42.14
C ARG M 1152 -106.56 25.18 -41.94
N ILE M 1153 -106.15 26.37 -41.52
CA ILE M 1153 -107.09 27.46 -41.33
C ILE M 1153 -107.58 27.97 -42.69
N TRP M 1154 -108.85 28.31 -42.77
CA TRP M 1154 -109.43 28.84 -43.99
C TRP M 1154 -110.32 30.02 -43.67
N ASN M 1155 -110.11 31.14 -44.35
CA ASN M 1155 -110.93 32.32 -44.12
C ASN M 1155 -112.37 32.04 -44.51
N VAL M 1156 -113.32 32.53 -43.73
CA VAL M 1156 -114.73 32.31 -44.04
C VAL M 1156 -115.14 33.30 -45.13
N SER M 1157 -114.72 32.97 -46.36
CA SER M 1157 -115.03 33.75 -47.54
C SER M 1157 -114.73 32.88 -48.75
N ASN M 1158 -115.65 31.97 -49.05
CA ASN M 1158 -115.41 30.91 -50.04
C ASN M 1158 -114.19 30.09 -49.64
N GLY M 1159 -113.01 30.61 -49.98
CA GLY M 1159 -111.77 29.96 -49.61
C GLY M 1159 -110.59 30.54 -50.37
N GLU M 1160 -109.42 30.53 -49.73
CA GLU M 1160 -108.18 30.97 -50.35
C GLU M 1160 -107.02 30.27 -49.68
N LEU M 1161 -105.89 30.17 -50.38
CA LEU M 1161 -104.77 29.40 -49.88
C LEU M 1161 -104.10 30.08 -48.70
N LEU M 1162 -104.83 30.13 -47.58
CA LEU M 1162 -104.31 30.65 -46.33
C LEU M 1162 -103.21 29.75 -45.80
N HIS M 1163 -102.23 30.33 -45.12
CA HIS M 1163 -101.10 29.54 -44.66
C HIS M 1163 -101.70 28.50 -43.76
N LEU M 1164 -101.27 27.25 -43.93
CA LEU M 1164 -101.77 26.18 -43.08
C LEU M 1164 -101.34 26.45 -41.65
N CYS M 1165 -102.21 26.17 -40.70
CA CYS M 1165 -101.86 26.33 -39.30
C CYS M 1165 -100.69 25.39 -39.07
N ALA M 1166 -100.82 24.21 -39.67
CA ALA M 1166 -99.73 23.23 -39.73
C ALA M 1166 -99.22 22.85 -38.35
N PRO M 1167 -100.13 22.61 -37.41
CA PRO M 1167 -99.75 22.57 -36.00
C PRO M 1167 -98.67 21.53 -35.64
N LEU M 1168 -98.70 20.34 -36.22
CA LEU M 1168 -97.69 19.34 -35.92
C LEU M 1168 -96.86 18.95 -37.14
N SER M 1169 -95.54 19.06 -37.02
CA SER M 1169 -94.65 18.74 -38.14
C SER M 1169 -93.73 17.54 -37.88
N GLU M 1170 -92.97 17.60 -36.79
CA GLU M 1170 -92.07 16.52 -36.43
C GLU M 1170 -92.53 15.85 -35.13
N GLU M 1171 -92.61 14.52 -35.15
CA GLU M 1171 -93.06 13.78 -33.98
C GLU M 1171 -92.81 12.29 -34.18
N GLY M 1172 -93.70 11.65 -34.92
CA GLY M 1172 -93.58 10.24 -35.22
C GLY M 1172 -94.75 9.47 -34.67
N ALA M 1173 -94.55 8.19 -34.39
CA ALA M 1173 -95.61 7.33 -33.90
C ALA M 1173 -95.47 7.01 -32.41
N ALA M 1174 -94.57 7.76 -31.77
CA ALA M 1174 -94.29 7.60 -30.35
C ALA M 1174 -95.55 7.16 -29.60
N THR M 1175 -96.21 8.11 -28.94
CA THR M 1175 -97.39 7.75 -28.14
C THR M 1175 -98.31 8.94 -27.90
N HIS M 1176 -99.56 8.65 -27.54
CA HIS M 1176 -100.55 9.68 -27.27
C HIS M 1176 -100.50 10.77 -28.33
N GLY M 1177 -100.89 10.42 -29.55
CA GLY M 1177 -100.82 11.36 -30.67
C GLY M 1177 -101.95 11.24 -31.67
N GLY M 1178 -102.58 10.08 -31.75
CA GLY M 1178 -103.63 9.89 -32.75
C GLY M 1178 -104.92 10.68 -32.57
N TRP M 1179 -105.53 11.06 -33.69
CA TRP M 1179 -106.84 11.69 -33.70
C TRP M 1179 -106.80 13.22 -33.58
N VAL M 1180 -107.53 13.88 -34.47
CA VAL M 1180 -107.71 15.33 -34.41
C VAL M 1180 -109.10 15.61 -33.87
N THR M 1181 -109.30 15.30 -32.59
CA THR M 1181 -110.61 15.35 -31.96
C THR M 1181 -111.34 16.69 -32.00
N ASP M 1182 -110.64 17.76 -31.68
CA ASP M 1182 -111.29 19.06 -31.57
C ASP M 1182 -110.32 20.23 -31.71
N LEU M 1183 -110.88 21.39 -31.99
CA LEU M 1183 -110.14 22.64 -31.98
C LEU M 1183 -110.85 23.65 -31.10
N CYS M 1184 -110.11 24.25 -30.18
CA CYS M 1184 -110.64 25.31 -29.33
C CYS M 1184 -110.00 26.68 -29.57
N PHE M 1185 -110.59 27.46 -30.45
CA PHE M 1185 -110.10 28.81 -30.73
C PHE M 1185 -110.15 29.72 -29.51
N SER M 1186 -109.12 30.56 -29.36
CA SER M 1186 -109.09 31.57 -28.33
C SER M 1186 -110.09 32.68 -28.64
N PRO M 1187 -110.62 33.33 -27.60
CA PRO M 1187 -111.58 34.43 -27.83
C PRO M 1187 -110.96 35.52 -28.70
N ASP M 1188 -109.66 35.74 -28.55
CA ASP M 1188 -108.94 36.68 -29.40
C ASP M 1188 -108.94 36.20 -30.85
N GLY M 1189 -108.99 34.88 -31.01
CA GLY M 1189 -108.98 34.28 -32.33
C GLY M 1189 -107.56 34.15 -32.85
N LYS M 1190 -106.62 34.62 -32.06
CA LYS M 1190 -105.20 34.57 -32.42
C LYS M 1190 -104.58 33.23 -32.07
N MET M 1191 -105.33 32.39 -31.36
CA MET M 1191 -104.79 31.10 -30.92
C MET M 1191 -105.77 29.95 -31.15
N LEU M 1192 -105.23 28.82 -31.57
CA LEU M 1192 -106.01 27.60 -31.66
C LEU M 1192 -105.49 26.58 -30.65
N ILE M 1193 -106.38 26.12 -29.79
CA ILE M 1193 -106.07 25.07 -28.83
C ILE M 1193 -106.31 23.72 -29.50
N SER M 1194 -105.27 23.19 -30.14
CA SER M 1194 -105.33 21.85 -30.71
C SER M 1194 -105.29 20.82 -29.59
N ALA M 1195 -106.04 19.74 -29.76
CA ALA M 1195 -106.08 18.69 -28.76
C ALA M 1195 -106.16 17.32 -29.41
N GLY M 1196 -105.00 16.66 -29.50
CA GLY M 1196 -104.91 15.32 -30.04
C GLY M 1196 -104.24 14.38 -29.06
N GLY M 1197 -102.94 14.20 -29.21
CA GLY M 1197 -102.17 13.45 -28.25
C GLY M 1197 -102.01 14.27 -26.98
N TYR M 1198 -102.06 15.59 -27.14
CA TYR M 1198 -102.01 16.51 -26.01
C TYR M 1198 -102.34 17.92 -26.49
N ILE M 1199 -102.74 18.79 -25.57
CA ILE M 1199 -103.03 20.18 -25.92
C ILE M 1199 -101.80 20.92 -26.42
N LYS M 1200 -101.98 21.70 -27.48
CA LYS M 1200 -100.95 22.61 -27.98
C LYS M 1200 -101.60 23.88 -28.55
N TRP M 1201 -101.24 25.04 -28.00
CA TRP M 1201 -101.84 26.30 -28.44
C TRP M 1201 -101.13 26.83 -29.66
N TRP M 1202 -101.42 26.27 -30.83
CA TRP M 1202 -100.77 26.71 -32.06
C TRP M 1202 -101.24 28.10 -32.49
N ASN M 1203 -100.29 29.01 -32.67
CA ASN M 1203 -100.61 30.36 -33.12
C ASN M 1203 -101.29 30.27 -34.48
N VAL M 1204 -102.35 31.06 -34.66
CA VAL M 1204 -103.05 31.04 -35.93
C VAL M 1204 -102.12 31.57 -37.02
N VAL M 1205 -102.12 30.88 -38.16
CA VAL M 1205 -101.27 31.21 -39.30
C VAL M 1205 -99.79 31.29 -38.95
N THR M 1206 -99.05 30.26 -39.36
CA THR M 1206 -97.59 30.18 -39.20
C THR M 1206 -97.12 30.14 -37.74
N GLY M 1207 -96.45 29.05 -37.38
CA GLY M 1207 -95.85 28.92 -36.07
C GLY M 1207 -96.84 28.56 -34.97
N GLU M 1208 -96.37 28.64 -33.73
CA GLU M 1208 -97.21 28.33 -32.58
C GLU M 1208 -97.10 29.42 -31.50
N SER M 1209 -98.15 29.53 -30.70
CA SER M 1209 -98.14 30.39 -29.52
C SER M 1209 -97.80 29.55 -28.29
N SER M 1210 -98.78 29.34 -27.41
CA SER M 1210 -98.56 28.55 -26.20
C SER M 1210 -98.77 27.05 -26.46
N GLN M 1211 -97.84 26.44 -27.20
CA GLN M 1211 -97.89 25.02 -27.51
C GLN M 1211 -97.77 24.10 -26.30
N THR M 1212 -96.91 24.48 -25.36
CA THR M 1212 -96.46 23.66 -24.22
C THR M 1212 -97.36 22.53 -23.70
N PHE M 1213 -97.77 22.64 -22.44
CA PHE M 1213 -98.58 21.59 -21.83
C PHE M 1213 -97.98 20.18 -21.99
N TYR M 1214 -98.79 19.28 -22.51
CA TYR M 1214 -98.54 17.85 -22.51
C TYR M 1214 -99.44 17.21 -21.46
N THR M 1215 -100.49 16.54 -21.92
CA THR M 1215 -101.47 15.94 -21.02
C THR M 1215 -101.03 14.62 -20.42
N ASN M 1216 -101.49 14.33 -19.21
CA ASN M 1216 -101.19 13.04 -18.60
C ASN M 1216 -101.91 11.86 -19.25
N GLY M 1217 -103.22 12.01 -19.42
CA GLY M 1217 -104.06 11.01 -20.06
C GLY M 1217 -103.84 10.83 -21.55
N THR M 1218 -103.75 11.95 -22.25
CA THR M 1218 -103.69 11.98 -23.70
C THR M 1218 -105.11 11.79 -24.22
N ASN M 1219 -105.27 11.84 -25.54
CA ASN M 1219 -106.52 11.43 -26.18
C ASN M 1219 -107.81 12.12 -25.70
N LEU M 1220 -107.75 13.42 -25.46
CA LEU M 1220 -108.96 14.15 -25.12
C LEU M 1220 -109.91 14.12 -26.31
N LYS M 1221 -111.20 13.91 -26.04
CA LYS M 1221 -112.21 13.90 -27.09
C LYS M 1221 -113.27 15.00 -26.97
N LYS M 1222 -113.11 15.94 -26.04
CA LYS M 1222 -114.15 16.97 -25.90
C LYS M 1222 -113.59 18.36 -25.62
N ILE M 1223 -114.32 19.40 -26.03
CA ILE M 1223 -113.84 20.71 -25.70
C ILE M 1223 -114.93 21.52 -24.95
N HIS M 1224 -114.54 22.05 -23.81
CA HIS M 1224 -115.41 22.93 -23.03
C HIS M 1224 -114.71 24.27 -22.81
N VAL M 1225 -115.42 25.35 -23.11
CA VAL M 1225 -114.87 26.69 -22.90
C VAL M 1225 -115.85 27.58 -22.13
N SER M 1226 -115.33 28.31 -21.14
CA SER M 1226 -116.17 29.25 -20.40
C SER M 1226 -116.46 30.48 -21.27
N PRO M 1227 -117.66 31.05 -21.11
CA PRO M 1227 -118.03 32.23 -21.87
C PRO M 1227 -116.87 33.20 -21.91
N ASP M 1228 -116.27 33.41 -20.76
CA ASP M 1228 -115.06 34.21 -20.62
C ASP M 1228 -113.94 33.58 -21.45
N PHE M 1229 -113.91 32.26 -21.48
CA PHE M 1229 -112.87 31.53 -22.19
C PHE M 1229 -111.62 31.38 -21.33
N LYS M 1230 -111.70 31.84 -20.09
CA LYS M 1230 -110.57 31.75 -19.16
C LYS M 1230 -110.15 30.32 -18.82
N THR M 1231 -111.11 29.43 -18.59
CA THR M 1231 -110.83 28.06 -18.16
C THR M 1231 -111.42 26.96 -19.04
N TYR M 1232 -110.57 26.08 -19.47
CA TYR M 1232 -110.95 24.84 -20.12
C TYR M 1232 -110.26 23.71 -19.38
N VAL M 1233 -111.03 22.70 -19.00
CA VAL M 1233 -110.45 21.53 -18.33
C VAL M 1233 -110.71 20.34 -19.22
N THR M 1234 -109.69 19.52 -19.48
CA THR M 1234 -109.87 18.34 -20.32
C THR M 1234 -109.69 17.08 -19.46
N VAL M 1235 -110.56 16.10 -19.66
CA VAL M 1235 -110.28 14.76 -19.18
C VAL M 1235 -110.06 13.87 -20.41
N ASP M 1236 -108.85 13.31 -20.53
CA ASP M 1236 -108.53 12.47 -21.68
C ASP M 1236 -108.00 11.10 -21.27
N ASN M 1237 -108.53 10.05 -21.90
CA ASN M 1237 -108.02 8.70 -21.72
C ASN M 1237 -108.30 8.20 -20.32
N LEU M 1238 -109.18 8.91 -19.61
CA LEU M 1238 -109.54 8.53 -18.25
C LEU M 1238 -108.39 8.87 -17.30
N GLY M 1239 -107.44 9.66 -17.79
CA GLY M 1239 -106.30 10.03 -16.97
C GLY M 1239 -106.84 10.71 -15.74
N ILE M 1240 -107.85 11.53 -15.96
CA ILE M 1240 -108.57 12.29 -14.93
C ILE M 1240 -109.08 13.55 -15.61
N LEU M 1241 -109.75 14.41 -14.86
CA LEU M 1241 -110.14 15.72 -15.43
C LEU M 1241 -109.07 16.75 -14.99
N TYR M 1242 -108.57 17.57 -15.92
CA TYR M 1242 -107.56 18.60 -15.59
C TYR M 1242 -108.19 20.00 -15.80
N ILE M 1243 -108.09 20.91 -14.83
CA ILE M 1243 -108.67 22.26 -14.95
C ILE M 1243 -107.53 23.31 -15.10
N LEU M 1244 -107.69 24.24 -16.04
CA LEU M 1244 -106.70 25.30 -16.25
C LEU M 1244 -107.27 26.68 -15.92
N GLN M 1245 -106.52 27.46 -15.15
CA GLN M 1245 -106.94 28.81 -14.77
C GLN M 1245 -105.78 29.78 -14.83
N THR M 1246 -105.44 30.22 -16.04
CA THR M 1246 -104.33 31.16 -16.23
C THR M 1246 -104.40 32.30 -15.21
N LEU M 1247 -103.22 32.77 -14.79
CA LEU M 1247 -103.14 33.86 -13.83
C LEU M 1247 -102.76 35.17 -14.51
N GLU M 1248 -102.11 36.05 -13.75
CA GLU M 1248 -101.69 37.35 -14.29
C GLU M 1248 -100.33 37.25 -14.96
N GLY N 2 -103.38 -8.42 -56.43
CA GLY N 2 -102.71 -9.36 -55.51
C GLY N 2 -102.81 -10.82 -55.78
N ASP N 3 -101.89 -11.56 -55.20
CA ASP N 3 -101.95 -13.02 -55.16
C ASP N 3 -102.91 -13.53 -54.07
N VAL N 4 -104.09 -13.95 -54.53
CA VAL N 4 -105.17 -14.38 -53.65
C VAL N 4 -104.76 -15.56 -52.77
N GLU N 5 -103.98 -16.48 -53.34
CA GLU N 5 -103.54 -17.65 -52.61
C GLU N 5 -102.63 -17.25 -51.44
N LYS N 6 -101.69 -16.33 -51.68
CA LYS N 6 -100.82 -15.85 -50.60
C LYS N 6 -101.63 -15.05 -49.59
N GLY N 7 -102.56 -14.24 -50.12
CA GLY N 7 -103.47 -13.48 -49.27
C GLY N 7 -104.21 -14.40 -48.29
N LYS N 8 -104.69 -15.53 -48.81
CA LYS N 8 -105.35 -16.54 -47.99
C LYS N 8 -104.42 -17.01 -46.87
N LYS N 9 -103.19 -17.35 -47.23
CA LYS N 9 -102.19 -17.77 -46.24
C LYS N 9 -102.06 -16.72 -45.15
N ILE N 10 -101.91 -15.47 -45.60
CA ILE N 10 -101.76 -14.38 -44.62
C ILE N 10 -103.00 -14.28 -43.73
N PHE N 11 -104.18 -14.39 -44.33
CA PHE N 11 -105.40 -14.36 -43.53
C PHE N 11 -105.45 -15.47 -42.48
N VAL N 12 -105.09 -16.69 -42.92
CA VAL N 12 -105.09 -17.85 -42.07
C VAL N 12 -104.10 -17.64 -40.93
N GLN N 13 -102.90 -17.18 -41.27
CA GLN N 13 -101.83 -16.89 -40.29
C GLN N 13 -102.07 -15.75 -39.29
N LYS N 14 -102.62 -14.64 -39.78
CA LYS N 14 -102.64 -13.41 -39.06
C LYS N 14 -104.05 -12.85 -38.71
N CYS N 15 -105.11 -13.35 -39.32
CA CYS N 15 -106.45 -12.78 -39.08
C CYS N 15 -107.48 -13.77 -38.58
N ALA N 16 -107.32 -15.04 -38.95
CA ALA N 16 -108.31 -16.06 -38.68
C ALA N 16 -108.52 -16.34 -37.21
N GLN N 17 -107.49 -16.14 -36.41
CA GLN N 17 -107.64 -16.32 -34.98
C GLN N 17 -108.64 -15.34 -34.33
N CYS N 18 -108.93 -14.21 -34.98
CA CYS N 18 -109.94 -13.29 -34.46
C CYS N 18 -111.10 -12.99 -35.45
N HIS N 19 -111.06 -13.48 -36.68
CA HIS N 19 -112.12 -13.13 -37.61
C HIS N 19 -112.47 -14.18 -38.66
N THR N 20 -113.77 -14.36 -38.90
CA THR N 20 -114.23 -15.18 -40.03
C THR N 20 -114.55 -14.29 -41.24
N VAL N 21 -114.52 -14.88 -42.44
CA VAL N 21 -114.86 -14.19 -43.66
C VAL N 21 -116.10 -14.76 -44.35
N GLU N 22 -116.52 -15.97 -43.96
CA GLU N 22 -117.65 -16.64 -44.58
C GLU N 22 -118.98 -16.07 -44.07
N LYS N 23 -119.96 -16.13 -44.97
CA LYS N 23 -121.30 -15.71 -44.70
C LYS N 23 -121.88 -16.48 -43.56
N GLY N 24 -122.46 -15.76 -42.61
CA GLY N 24 -122.95 -16.37 -41.39
C GLY N 24 -121.87 -16.94 -40.48
N GLY N 25 -120.58 -16.79 -40.83
CA GLY N 25 -119.49 -17.16 -39.92
C GLY N 25 -119.65 -16.39 -38.60
N LYS N 26 -119.29 -17.04 -37.51
CA LYS N 26 -119.54 -16.50 -36.16
C LYS N 26 -118.64 -15.34 -35.85
N HIS N 27 -119.10 -14.46 -34.97
CA HIS N 27 -118.21 -13.44 -34.45
C HIS N 27 -117.24 -14.17 -33.51
N LYS N 28 -115.96 -13.92 -33.65
CA LYS N 28 -114.97 -14.40 -32.73
C LYS N 28 -114.56 -13.16 -31.91
N THR N 29 -113.29 -13.01 -31.55
CA THR N 29 -112.85 -11.80 -30.86
C THR N 29 -113.20 -10.56 -31.69
N GLY N 30 -112.98 -10.66 -32.99
CA GLY N 30 -113.39 -9.62 -33.93
C GLY N 30 -114.63 -9.97 -34.73
N PRO N 31 -115.22 -8.98 -35.38
CA PRO N 31 -116.40 -9.12 -36.20
C PRO N 31 -116.19 -9.95 -37.45
N ASN N 32 -117.25 -10.60 -37.89
CA ASN N 32 -117.24 -11.32 -39.17
C ASN N 32 -117.01 -10.28 -40.26
N LEU N 33 -116.16 -10.61 -41.21
CA LEU N 33 -115.78 -9.70 -42.27
C LEU N 33 -116.55 -9.92 -43.56
N HIS N 34 -117.51 -10.83 -43.60
CA HIS N 34 -118.29 -10.99 -44.84
C HIS N 34 -119.04 -9.68 -45.16
N GLY N 35 -118.97 -9.27 -46.42
CA GLY N 35 -119.59 -8.01 -46.88
C GLY N 35 -118.83 -6.76 -46.50
N LEU N 36 -117.55 -6.91 -46.12
CA LEU N 36 -116.76 -5.79 -45.63
C LEU N 36 -116.61 -4.63 -46.65
N PHE N 37 -116.36 -4.98 -47.89
CA PHE N 37 -116.04 -3.98 -48.91
C PHE N 37 -117.26 -3.16 -49.26
N GLY N 38 -117.08 -1.84 -49.23
CA GLY N 38 -118.18 -0.90 -49.50
C GLY N 38 -119.06 -0.67 -48.27
N ARG N 39 -118.63 -1.14 -47.12
CA ARG N 39 -119.42 -0.96 -45.90
C ARG N 39 -118.70 0.03 -45.01
N LYS N 40 -119.47 0.83 -44.29
CA LYS N 40 -118.90 1.79 -43.33
C LYS N 40 -118.35 1.10 -42.07
N THR N 41 -117.32 1.68 -41.46
CA THR N 41 -116.80 1.15 -40.21
C THR N 41 -117.89 0.91 -39.17
N GLY N 42 -117.73 -0.17 -38.40
CA GLY N 42 -118.56 -0.39 -37.22
C GLY N 42 -119.98 -0.84 -37.47
N GLN N 43 -120.21 -1.54 -38.57
CA GLN N 43 -121.59 -1.87 -38.94
C GLN N 43 -121.98 -3.34 -38.90
N ALA N 44 -121.07 -4.26 -38.62
CA ALA N 44 -121.47 -5.68 -38.58
C ALA N 44 -122.57 -5.75 -37.50
N PRO N 45 -123.82 -6.10 -37.87
CA PRO N 45 -124.82 -6.19 -36.83
C PRO N 45 -124.43 -7.34 -35.94
N GLY N 46 -124.71 -7.21 -34.66
CA GLY N 46 -124.34 -8.29 -33.73
C GLY N 46 -122.92 -8.27 -33.19
N PHE N 47 -122.09 -7.33 -33.64
CA PHE N 47 -120.81 -7.08 -32.99
C PHE N 47 -120.79 -5.76 -32.22
N THR N 48 -120.24 -5.81 -31.02
CA THR N 48 -120.09 -4.65 -30.14
C THR N 48 -118.73 -4.07 -30.34
N TYR N 49 -118.69 -2.93 -31.04
CA TYR N 49 -117.44 -2.28 -31.36
C TYR N 49 -117.06 -1.29 -30.27
N THR N 50 -115.81 -0.85 -30.26
CA THR N 50 -115.48 0.38 -29.54
C THR N 50 -116.17 1.56 -30.22
N ASP N 51 -116.37 2.63 -29.48
CA ASP N 51 -116.81 3.89 -30.02
C ASP N 51 -115.87 4.41 -31.11
N ALA N 52 -114.57 4.22 -30.94
CA ALA N 52 -113.62 4.65 -31.96
C ALA N 52 -113.91 3.96 -33.33
N ASN N 53 -113.98 2.64 -33.32
CA ASN N 53 -114.27 1.87 -34.54
C ASN N 53 -115.67 2.19 -35.03
N LYS N 54 -116.59 2.32 -34.10
CA LYS N 54 -117.99 2.62 -34.43
C LYS N 54 -118.18 4.00 -35.06
N ASN N 55 -117.30 4.94 -34.75
CA ASN N 55 -117.45 6.30 -35.26
C ASN N 55 -116.32 6.77 -36.16
N LYS N 56 -115.41 5.88 -36.58
CA LYS N 56 -114.36 6.29 -37.52
C LYS N 56 -114.92 6.96 -38.78
N GLY N 57 -116.08 6.51 -39.25
CA GLY N 57 -116.78 7.18 -40.33
C GLY N 57 -116.16 7.03 -41.71
N ILE N 58 -115.47 5.93 -41.98
CA ILE N 58 -114.96 5.66 -43.31
C ILE N 58 -115.59 4.41 -43.91
N THR N 59 -115.43 4.28 -45.24
CA THR N 59 -115.92 3.13 -45.98
C THR N 59 -114.77 2.20 -46.24
N TRP N 60 -114.95 0.92 -45.89
CA TRP N 60 -113.90 -0.07 -46.13
C TRP N 60 -113.79 -0.33 -47.61
N LYS N 61 -112.57 -0.20 -48.15
CA LYS N 61 -112.28 -0.49 -49.54
C LYS N 61 -110.79 -0.60 -49.58
N GLU N 62 -110.25 -0.79 -50.76
CA GLU N 62 -108.84 -1.09 -50.88
C GLU N 62 -107.93 -0.02 -50.29
N GLU N 63 -108.23 1.24 -50.61
CA GLU N 63 -107.42 2.39 -50.16
C GLU N 63 -107.43 2.43 -48.64
N THR N 64 -108.63 2.38 -48.05
CA THR N 64 -108.74 2.47 -46.59
C THR N 64 -108.13 1.26 -45.88
N LEU N 65 -108.34 0.07 -46.45
CA LEU N 65 -107.72 -1.14 -45.92
C LEU N 65 -106.18 -1.12 -46.00
N MET N 66 -105.64 -0.62 -47.13
CA MET N 66 -104.19 -0.51 -47.30
C MET N 66 -103.60 0.33 -46.18
N GLU N 67 -104.26 1.44 -45.85
CA GLU N 67 -103.78 2.31 -44.75
C GLU N 67 -104.02 1.67 -43.37
N TYR N 68 -105.24 1.21 -43.11
CA TYR N 68 -105.55 0.52 -41.84
C TYR N 68 -104.57 -0.59 -41.48
N LEU N 69 -104.43 -1.52 -42.44
CA LEU N 69 -103.64 -2.73 -42.20
C LEU N 69 -102.15 -2.49 -42.00
N GLU N 70 -101.66 -1.36 -42.47
CA GLU N 70 -100.29 -0.95 -42.19
C GLU N 70 -100.15 -0.63 -40.70
N ASN N 71 -101.19 -0.05 -40.09
CA ASN N 71 -101.08 0.28 -38.67
C ASN N 71 -102.45 0.61 -38.10
N PRO N 72 -103.19 -0.43 -37.70
CA PRO N 72 -104.55 -0.23 -37.19
C PRO N 72 -104.69 0.85 -36.11
N LYS N 73 -103.82 0.86 -35.11
CA LYS N 73 -103.98 1.79 -33.98
C LYS N 73 -103.91 3.25 -34.43
N LYS N 74 -102.98 3.53 -35.35
CA LYS N 74 -102.81 4.83 -35.92
C LYS N 74 -104.05 5.27 -36.72
N TYR N 75 -104.65 4.34 -37.50
CA TYR N 75 -105.84 4.67 -38.28
C TYR N 75 -107.10 4.77 -37.42
N ILE N 76 -107.22 3.93 -36.38
CA ILE N 76 -108.37 3.99 -35.45
C ILE N 76 -107.83 3.91 -34.02
N PRO N 77 -107.32 5.06 -33.53
CA PRO N 77 -106.78 5.12 -32.18
C PRO N 77 -107.84 4.69 -31.23
N GLY N 78 -107.44 3.86 -30.27
CA GLY N 78 -108.37 3.31 -29.32
C GLY N 78 -109.08 2.04 -29.80
N THR N 79 -108.84 1.57 -31.04
CA THR N 79 -109.41 0.26 -31.38
C THR N 79 -109.00 -0.83 -30.38
N LYS N 80 -109.90 -1.77 -30.12
CA LYS N 80 -109.49 -2.95 -29.28
C LYS N 80 -108.93 -4.12 -30.12
N MET N 81 -108.81 -3.92 -31.42
CA MET N 81 -108.12 -4.91 -32.25
C MET N 81 -106.63 -4.86 -31.96
N ILE N 82 -106.04 -5.98 -31.58
CA ILE N 82 -104.60 -6.11 -31.38
C ILE N 82 -103.97 -6.63 -32.69
N PHE N 83 -103.24 -5.75 -33.38
CA PHE N 83 -102.51 -6.12 -34.57
C PHE N 83 -101.46 -5.07 -34.85
N ALA N 84 -100.19 -5.47 -34.93
CA ALA N 84 -99.12 -4.45 -35.15
C ALA N 84 -99.30 -3.76 -36.50
N GLY N 85 -99.46 -4.57 -37.53
CA GLY N 85 -99.63 -4.08 -38.90
C GLY N 85 -98.74 -4.86 -39.85
N ILE N 86 -99.13 -4.88 -41.13
CA ILE N 86 -98.37 -5.55 -42.16
C ILE N 86 -97.53 -4.46 -42.85
N LYS N 87 -96.23 -4.49 -42.63
CA LYS N 87 -95.36 -3.40 -43.07
C LYS N 87 -95.11 -3.50 -44.58
N LYS N 88 -95.03 -4.71 -45.14
CA LYS N 88 -94.78 -4.87 -46.59
C LYS N 88 -96.03 -4.64 -47.44
N LYS N 89 -95.94 -3.76 -48.42
CA LYS N 89 -97.07 -3.45 -49.28
C LYS N 89 -97.57 -4.67 -50.06
N THR N 90 -96.65 -5.46 -50.59
CA THR N 90 -97.02 -6.64 -51.40
C THR N 90 -97.98 -7.58 -50.65
N GLU N 91 -97.59 -7.91 -49.42
CA GLU N 91 -98.38 -8.74 -48.52
C GLU N 91 -99.76 -8.11 -48.24
N ARG N 92 -99.78 -6.80 -47.98
CA ARG N 92 -101.03 -6.06 -47.81
C ARG N 92 -101.93 -6.18 -49.03
N GLU N 93 -101.34 -5.98 -50.20
CA GLU N 93 -102.11 -6.14 -51.46
C GLU N 93 -102.64 -7.55 -51.61
N ASP N 94 -101.79 -8.54 -51.31
CA ASP N 94 -102.22 -9.95 -51.40
C ASP N 94 -103.40 -10.25 -50.45
N LEU N 95 -103.26 -9.84 -49.20
CA LEU N 95 -104.29 -10.05 -48.19
C LEU N 95 -105.58 -9.35 -48.62
N ILE N 96 -105.44 -8.10 -49.05
CA ILE N 96 -106.61 -7.32 -49.46
C ILE N 96 -107.31 -7.96 -50.68
N ALA N 97 -106.50 -8.44 -51.64
CA ALA N 97 -107.07 -9.16 -52.76
C ALA N 97 -107.77 -10.44 -52.29
N TYR N 98 -107.16 -11.19 -51.37
CA TYR N 98 -107.86 -12.36 -50.86
C TYR N 98 -109.23 -11.96 -50.19
N LEU N 99 -109.18 -10.95 -49.31
CA LEU N 99 -110.41 -10.53 -48.60
C LEU N 99 -111.49 -10.05 -49.57
N LYS N 100 -111.06 -9.34 -50.60
CA LYS N 100 -112.02 -8.90 -51.60
C LYS N 100 -112.79 -10.07 -52.22
N LYS N 101 -112.09 -11.17 -52.48
CA LYS N 101 -112.73 -12.34 -53.02
C LYS N 101 -113.58 -13.03 -51.95
N ALA N 102 -112.94 -13.36 -50.83
CA ALA N 102 -113.60 -14.24 -49.89
C ALA N 102 -114.80 -13.57 -49.20
N THR N 103 -114.70 -12.27 -48.92
CA THR N 103 -115.79 -11.61 -48.18
C THR N 103 -117.00 -11.32 -49.03
N ASN N 104 -116.95 -11.60 -50.33
CA ASN N 104 -118.14 -11.50 -51.16
C ASN N 104 -118.72 -12.90 -51.38
N GLU N 105 -117.84 -13.82 -51.79
CA GLU N 105 -118.24 -15.20 -52.03
C GLU N 105 -119.46 -15.58 -51.20
#